data_8XAV
#
_entry.id   8XAV
#
_cell.length_a   1.00
_cell.length_b   1.00
_cell.length_c   1.00
_cell.angle_alpha   90.00
_cell.angle_beta   90.00
_cell.angle_gamma   90.00
#
_symmetry.space_group_name_H-M   'P 1'
#
loop_
_entity.id
_entity.type
_entity.pdbx_description
1 polymer 'ATP-binding protein'
2 polymer DUF4297
#
loop_
_entity_poly.entity_id
_entity_poly.type
_entity_poly.pdbx_seq_one_letter_code
_entity_poly.pdbx_strand_id
1 'polypeptide(L)'
;MSRNNDINAEVVSVSPNKLKISVDDLEEFKIAEEKLGVGSYLRVSDNQDVALLAIIDNFSIEVKESQKQKYMIEASPIGL
VKNGKFYRGGDSLALPPKKVEPAKLDEIISIYSDSIDINDRFTFSSLSLNTKVSVPVNGNRFFNKHIAIVGSTGSGKSHT
VAKILQKAVDEKQEGYKGLNNSHIIIFDIHSEYENAFPNSNVLNVDTLTLPYWLLNGDELEELFLDTEANDHNQRNVFRQ
AITLNKKIHFQGDPATKEIISFHSPYYFDINEVINYINNRNNERKNKDNEHIWSDEEGNFKFDNENAHRLFKENVTPDGS
SAGALNGKLLNFVDRLQSKIFDKRLDFILGEGSKSVTFKETLETLISYGKDKSNITILDVSGVPFEVLSICVSLISRLIF
EFGYHSKKIKRKSNENQDIPILIVYEEAHKYAPKSDLSKYRTSKEAIERIAKEGRKYGVTLLLASQRPSEISETIFSQCN
TFISMRLTNPDDQNYVKRLLPDTVGDITNLLPSLKEGEALIMGDSISIPSIVKIEKCTIPPSSIDIKYLDEWRKEWVDSE
FDKIIEQWSKS
;
A,B,C,D,E,F
2 'polypeptide(L)'
;MDRSAVDTIRGYCYQVDKTIIEIFSLPQMDDSIDIECIEDVDVYNDGHLTAIQCKYYESTDYNHSVISKPIRLMLSHFKD
NKEKGANYYLYGHYKSGQEKLTLPLKVDFFKSNFLTYTEKKIKHEYHIENGLTEEDLQAFLDRLVININAKSFDDQKKET
IQIIKNHFQCEDYEAEHYLYSNAFRKTYDISCNKKDRRIKKSDFVESINKSKVLFNIWFYQYEGRKEYLRKLKESFIRRS
VNTSPYARFFILEFQDKTDIKTVKDCIYKIQSNWSNLSKRTDRPYSPFLLFHGTSDANLYELKNQLFNEDLIFTDGYPFK
GSVFTPKMLIEGFSNKEIHFQFINDIDDFNETLNSINIRKEVYQFYTENCLDIPSQLPQVNIQVKDFADIKEIV
;
G,H,I,J,K,L,M,N,O,P,Q,R
#
# COMPACT_ATOMS: atom_id res chain seq x y z
N ASN A 5 41.62 1.80 -17.17
CA ASN A 5 40.85 0.93 -16.30
C ASN A 5 39.62 0.39 -17.03
N ASP A 6 39.31 -0.88 -16.80
CA ASP A 6 38.16 -1.48 -17.46
C ASP A 6 36.86 -0.89 -16.92
N ILE A 7 36.60 -1.07 -15.62
CA ILE A 7 35.43 -0.50 -14.98
C ILE A 7 35.89 0.32 -13.78
N ASN A 8 35.07 1.29 -13.38
CA ASN A 8 35.27 2.08 -12.18
C ASN A 8 33.95 2.06 -11.42
N ALA A 9 33.73 1.02 -10.64
CA ALA A 9 32.54 0.90 -9.81
C ALA A 9 32.90 1.24 -8.36
N GLU A 10 31.89 1.63 -7.60
CA GLU A 10 32.11 2.13 -6.25
C GLU A 10 30.83 2.06 -5.45
N VAL A 11 30.95 1.58 -4.21
CA VAL A 11 29.80 1.50 -3.31
C VAL A 11 29.48 2.91 -2.83
N VAL A 12 28.30 3.41 -3.17
CA VAL A 12 27.87 4.73 -2.75
C VAL A 12 26.87 4.70 -1.61
N SER A 13 26.31 3.54 -1.29
CA SER A 13 25.34 3.42 -0.21
C SER A 13 25.43 2.01 0.36
N VAL A 14 25.24 1.91 1.68
CA VAL A 14 25.29 0.63 2.38
C VAL A 14 24.02 0.47 3.21
N SER A 15 23.30 -0.60 2.96
CA SER A 15 22.16 -1.09 3.72
C SER A 15 22.60 -2.31 4.53
N PRO A 16 21.82 -2.72 5.54
CA PRO A 16 22.19 -3.93 6.30
C PRO A 16 22.33 -5.19 5.46
N ASN A 17 21.55 -5.35 4.40
CA ASN A 17 21.68 -6.51 3.51
C ASN A 17 21.62 -6.09 2.05
N LYS A 18 22.12 -4.91 1.72
CA LYS A 18 22.10 -4.40 0.35
C LYS A 18 23.26 -3.44 0.15
N LEU A 19 23.88 -3.50 -1.04
CA LEU A 19 24.87 -2.53 -1.47
C LEU A 19 24.40 -1.87 -2.76
N LYS A 20 24.63 -0.57 -2.86
CA LYS A 20 24.25 0.20 -4.04
C LYS A 20 25.52 0.77 -4.65
N ILE A 21 25.88 0.26 -5.83
CA ILE A 21 27.20 0.49 -6.43
C ILE A 21 27.01 1.27 -7.73
N SER A 22 27.76 2.36 -7.88
CA SER A 22 27.71 3.20 -9.07
C SER A 22 28.95 2.94 -9.91
N VAL A 23 28.74 2.51 -11.16
CA VAL A 23 29.83 2.34 -12.11
C VAL A 23 30.08 3.70 -12.76
N ASP A 24 31.25 4.27 -12.52
CA ASP A 24 31.54 5.61 -13.04
C ASP A 24 32.05 5.56 -14.48
N ASP A 25 33.03 4.70 -14.75
CA ASP A 25 33.59 4.56 -16.08
C ASP A 25 33.43 3.13 -16.56
N LEU A 26 33.00 2.98 -17.82
CA LEU A 26 32.85 1.68 -18.47
C LEU A 26 33.47 1.79 -19.85
N GLU A 27 34.58 1.10 -20.07
CA GLU A 27 35.41 1.29 -21.25
C GLU A 27 35.46 0.07 -22.16
N GLU A 28 35.55 -1.12 -21.58
CA GLU A 28 35.76 -2.35 -22.34
C GLU A 28 34.49 -2.80 -23.08
N PHE A 29 33.32 -2.67 -22.44
CA PHE A 29 31.97 -3.14 -22.80
C PHE A 29 31.72 -4.65 -22.67
N LYS A 30 32.68 -5.46 -22.17
CA LYS A 30 32.34 -6.87 -21.91
C LYS A 30 32.08 -7.22 -20.44
N ILE A 31 32.64 -6.49 -19.47
CA ILE A 31 32.28 -6.76 -18.08
C ILE A 31 30.81 -6.46 -17.83
N ALA A 32 30.27 -5.43 -18.47
CA ALA A 32 28.83 -5.18 -18.40
C ALA A 32 28.04 -6.35 -18.99
N GLU A 33 28.46 -6.86 -20.14
CA GLU A 33 27.74 -7.94 -20.79
C GLU A 33 27.86 -9.25 -20.02
N GLU A 34 29.04 -9.54 -19.46
CA GLU A 34 29.30 -10.85 -18.87
C GLU A 34 29.38 -10.83 -17.36
N LYS A 35 30.23 -9.98 -16.78
CA LYS A 35 30.52 -10.04 -15.35
C LYS A 35 29.68 -9.08 -14.51
N LEU A 36 28.80 -8.31 -15.14
CA LEU A 36 27.86 -7.45 -14.42
C LEU A 36 26.42 -7.83 -14.73
N GLY A 37 26.13 -9.13 -14.74
CA GLY A 37 24.78 -9.62 -14.92
C GLY A 37 24.00 -9.55 -13.62
N VAL A 38 22.88 -10.26 -13.58
CA VAL A 38 22.09 -10.27 -12.37
C VAL A 38 22.68 -11.24 -11.35
N GLY A 39 23.01 -12.45 -11.78
CA GLY A 39 23.59 -13.43 -10.89
C GLY A 39 25.09 -13.32 -10.68
N SER A 40 25.71 -12.25 -11.15
CA SER A 40 27.16 -12.12 -11.11
C SER A 40 27.64 -11.82 -9.69
N TYR A 41 28.95 -12.00 -9.49
CA TYR A 41 29.61 -11.75 -8.21
C TYR A 41 30.54 -10.55 -8.34
N LEU A 42 30.62 -9.75 -7.27
CA LEU A 42 31.53 -8.63 -7.20
C LEU A 42 32.31 -8.68 -5.89
N ARG A 43 33.55 -8.21 -5.96
CA ARG A 43 34.39 -8.03 -4.78
C ARG A 43 34.40 -6.56 -4.38
N VAL A 44 34.25 -6.29 -3.10
CA VAL A 44 34.14 -4.94 -2.56
C VAL A 44 35.27 -4.76 -1.57
N SER A 45 36.33 -4.05 -1.99
CA SER A 45 37.49 -3.85 -1.15
C SER A 45 38.31 -2.68 -1.65
N ASP A 46 39.16 -2.16 -0.77
CA ASP A 46 40.19 -1.21 -1.15
C ASP A 46 41.51 -1.88 -1.49
N ASN A 47 41.57 -3.21 -1.40
CA ASN A 47 42.82 -3.95 -1.61
C ASN A 47 42.48 -5.29 -2.23
N GLN A 48 43.52 -6.04 -2.57
CA GLN A 48 43.38 -7.36 -3.15
C GLN A 48 43.46 -8.47 -2.10
N ASP A 49 43.68 -8.13 -0.84
CA ASP A 49 43.85 -9.14 0.20
C ASP A 49 42.52 -9.65 0.72
N VAL A 50 41.75 -8.77 1.34
CA VAL A 50 40.48 -9.11 1.98
C VAL A 50 39.38 -8.36 1.25
N ALA A 51 38.40 -9.09 0.72
CA ALA A 51 37.32 -8.50 -0.05
C ALA A 51 35.98 -8.98 0.49
N LEU A 52 35.01 -8.08 0.49
CA LEU A 52 33.62 -8.41 0.84
C LEU A 52 32.91 -8.79 -0.46
N LEU A 53 32.67 -10.08 -0.65
CA LEU A 53 32.06 -10.55 -1.88
C LEU A 53 30.55 -10.37 -1.84
N ALA A 54 29.99 -9.87 -2.93
CA ALA A 54 28.57 -9.55 -3.01
C ALA A 54 28.02 -10.01 -4.36
N ILE A 55 26.75 -10.40 -4.37
CA ILE A 55 26.08 -10.81 -5.61
C ILE A 55 25.18 -9.67 -6.04
N ILE A 56 25.13 -9.41 -7.34
CA ILE A 56 24.26 -8.38 -7.89
C ILE A 56 22.80 -8.77 -7.70
N ASP A 57 21.94 -7.78 -7.52
CA ASP A 57 20.50 -8.00 -7.45
C ASP A 57 19.73 -7.20 -8.48
N ASN A 58 20.14 -5.97 -8.78
CA ASN A 58 19.41 -5.12 -9.69
C ASN A 58 20.36 -4.05 -10.22
N PHE A 59 19.98 -3.47 -11.36
CA PHE A 59 20.72 -2.36 -11.94
C PHE A 59 19.78 -1.53 -12.80
N SER A 60 20.15 -0.28 -13.02
CA SER A 60 19.32 0.64 -13.81
C SER A 60 20.24 1.63 -14.52
N ILE A 61 20.58 1.33 -15.77
CA ILE A 61 21.51 2.14 -16.55
C ILE A 61 20.69 3.24 -17.22
N GLU A 62 20.59 4.38 -16.54
CA GLU A 62 19.94 5.57 -17.08
C GLU A 62 20.95 6.40 -17.87
N VAL A 63 20.51 6.94 -19.00
CA VAL A 63 21.31 7.88 -19.77
C VAL A 63 20.47 9.12 -20.05
N LYS A 64 21.15 10.26 -20.14
CA LYS A 64 20.51 11.53 -20.44
C LYS A 64 21.32 12.26 -21.50
N GLU A 65 20.72 13.31 -22.07
CA GLU A 65 21.36 14.03 -23.17
C GLU A 65 22.58 14.79 -22.69
N SER A 66 22.46 15.53 -21.60
CA SER A 66 23.58 16.32 -21.08
C SER A 66 24.21 15.69 -19.85
N GLN A 67 23.45 14.92 -19.06
CA GLN A 67 23.98 14.33 -17.85
C GLN A 67 24.86 13.12 -18.18
N LYS A 68 25.74 12.78 -17.23
CA LYS A 68 26.55 11.58 -17.34
C LYS A 68 25.70 10.34 -17.13
N GLN A 69 26.10 9.24 -17.77
CA GLN A 69 25.41 7.97 -17.60
C GLN A 69 25.60 7.45 -16.17
N LYS A 70 24.50 7.07 -15.53
CA LYS A 70 24.57 6.44 -14.22
C LYS A 70 24.13 4.99 -14.37
N TYR A 71 24.83 4.10 -13.66
CA TYR A 71 24.66 2.66 -13.82
C TYR A 71 23.88 2.06 -12.66
N MET A 72 24.31 2.35 -11.42
CA MET A 72 23.61 2.06 -10.18
C MET A 72 23.33 0.56 -10.03
N ILE A 73 24.41 -0.21 -9.91
CA ILE A 73 24.30 -1.61 -9.56
C ILE A 73 23.89 -1.74 -8.10
N GLU A 74 22.79 -2.44 -7.85
CA GLU A 74 22.35 -2.73 -6.48
C GLU A 74 22.61 -4.20 -6.20
N ALA A 75 23.42 -4.45 -5.16
CA ALA A 75 23.91 -5.79 -4.83
C ALA A 75 23.66 -6.07 -3.35
N SER A 76 23.98 -7.29 -2.93
CA SER A 76 23.84 -7.70 -1.54
C SER A 76 25.05 -8.53 -1.13
N PRO A 77 25.64 -8.26 0.04
CA PRO A 77 26.80 -9.04 0.49
C PRO A 77 26.41 -10.46 0.85
N ILE A 78 27.19 -11.42 0.34
CA ILE A 78 27.01 -12.83 0.69
C ILE A 78 28.05 -13.33 1.69
N GLY A 79 29.21 -12.69 1.79
CA GLY A 79 30.23 -13.22 2.65
C GLY A 79 31.51 -12.42 2.69
N LEU A 80 32.62 -13.12 2.87
CA LEU A 80 33.90 -12.45 3.14
C LEU A 80 35.01 -13.38 2.69
N VAL A 81 35.74 -12.98 1.67
CA VAL A 81 36.93 -13.72 1.29
C VAL A 81 38.14 -13.09 2.00
N LYS A 82 39.10 -13.93 2.36
CA LYS A 82 40.30 -13.47 3.05
C LYS A 82 41.39 -14.50 2.80
N ASN A 83 42.44 -14.09 2.07
CA ASN A 83 43.62 -14.92 1.78
C ASN A 83 43.22 -16.21 1.06
N GLY A 84 42.26 -16.10 0.15
CA GLY A 84 41.82 -17.22 -0.64
C GLY A 84 40.77 -18.10 0.01
N LYS A 85 40.35 -17.79 1.23
CA LYS A 85 39.33 -18.58 1.91
C LYS A 85 38.11 -17.72 2.16
N PHE A 86 36.94 -18.25 1.83
CA PHE A 86 35.70 -17.49 1.81
C PHE A 86 34.87 -17.80 3.05
N TYR A 87 34.49 -16.77 3.79
CA TYR A 87 33.65 -16.90 4.97
C TYR A 87 32.28 -16.34 4.62
N ARG A 88 31.23 -17.14 4.83
CA ARG A 88 29.87 -16.66 4.61
C ARG A 88 29.47 -15.68 5.71
N GLY A 89 28.38 -14.96 5.44
CA GLY A 89 27.83 -14.02 6.38
C GLY A 89 27.48 -12.68 5.77
N GLY A 90 26.22 -12.27 5.90
CA GLY A 90 25.77 -10.99 5.40
C GLY A 90 25.95 -9.83 6.34
N ASP A 91 26.28 -10.10 7.60
CA ASP A 91 26.49 -9.05 8.60
C ASP A 91 27.95 -8.63 8.66
N SER A 92 28.51 -8.30 7.50
CA SER A 92 29.86 -7.76 7.38
C SER A 92 29.77 -6.39 6.73
N LEU A 93 30.48 -5.42 7.30
CA LEU A 93 30.35 -4.03 6.89
C LEU A 93 31.53 -3.60 6.02
N ALA A 94 31.22 -3.00 4.88
CA ALA A 94 32.21 -2.34 4.03
C ALA A 94 31.82 -0.86 3.96
N LEU A 95 32.60 -0.03 4.66
CA LEU A 95 32.26 1.39 4.79
C LEU A 95 32.47 2.11 3.46
N PRO A 96 31.44 2.77 2.92
CA PRO A 96 31.60 3.38 1.59
C PRO A 96 32.43 4.63 1.68
N PRO A 97 33.12 5.02 0.59
CA PRO A 97 33.20 4.32 -0.71
C PRO A 97 34.25 3.20 -0.72
N LYS A 98 33.97 2.14 -1.46
CA LYS A 98 34.92 1.04 -1.64
C LYS A 98 34.98 0.69 -3.12
N LYS A 99 36.18 0.40 -3.61
CA LYS A 99 36.38 0.10 -5.02
C LYS A 99 35.80 -1.26 -5.36
N VAL A 100 35.02 -1.33 -6.43
CA VAL A 100 34.30 -2.53 -6.82
C VAL A 100 34.75 -2.93 -8.22
N GLU A 101 35.17 -4.19 -8.36
CA GLU A 101 35.43 -4.85 -9.62
C GLU A 101 34.74 -6.19 -9.57
N PRO A 102 34.57 -6.87 -10.71
CA PRO A 102 34.06 -8.25 -10.68
C PRO A 102 34.99 -9.15 -9.88
N ALA A 103 34.40 -10.15 -9.23
CA ALA A 103 35.18 -11.11 -8.48
C ALA A 103 36.07 -11.91 -9.42
N LYS A 104 37.34 -12.09 -9.01
CA LYS A 104 38.29 -12.84 -9.80
C LYS A 104 37.91 -14.32 -9.82
N LEU A 105 38.49 -15.03 -10.80
CA LEU A 105 38.16 -16.44 -10.99
C LEU A 105 38.52 -17.27 -9.76
N ASP A 106 39.65 -16.97 -9.12
CA ASP A 106 40.05 -17.69 -7.92
C ASP A 106 39.11 -17.39 -6.74
N GLU A 107 38.50 -16.21 -6.72
CA GLU A 107 37.60 -15.88 -5.61
C GLU A 107 36.26 -16.59 -5.76
N ILE A 108 35.75 -16.71 -6.98
CA ILE A 108 34.50 -17.42 -7.20
C ILE A 108 34.66 -18.91 -6.95
N ILE A 109 35.82 -19.48 -7.32
CA ILE A 109 36.11 -20.86 -6.99
C ILE A 109 36.22 -21.05 -5.48
N SER A 110 36.77 -20.05 -4.79
CA SER A 110 36.91 -20.13 -3.34
C SER A 110 35.57 -20.05 -2.62
N ILE A 111 34.50 -19.60 -3.30
CA ILE A 111 33.17 -19.63 -2.71
C ILE A 111 32.72 -21.07 -2.48
N TYR A 112 32.96 -21.94 -3.47
CA TYR A 112 32.37 -23.27 -3.50
C TYR A 112 33.35 -24.36 -3.10
N SER A 113 34.60 -24.26 -3.52
CA SER A 113 35.57 -25.33 -3.26
C SER A 113 35.99 -25.36 -1.79
N ASP A 114 36.02 -24.21 -1.12
CA ASP A 114 36.55 -24.17 0.24
C ASP A 114 35.60 -24.81 1.26
N SER A 115 34.29 -24.63 1.07
CA SER A 115 33.34 -25.07 2.08
C SER A 115 33.19 -26.59 2.11
N ILE A 116 33.40 -27.25 0.98
CA ILE A 116 33.25 -28.69 0.86
C ILE A 116 34.62 -29.30 0.55
N ASP A 117 35.03 -30.26 1.37
CA ASP A 117 36.33 -30.91 1.16
C ASP A 117 36.27 -31.83 -0.06
N ILE A 118 37.45 -32.35 -0.42
CA ILE A 118 37.62 -33.08 -1.69
C ILE A 118 36.78 -34.35 -1.71
N ASN A 119 36.77 -35.10 -0.61
CA ASN A 119 36.04 -36.36 -0.56
C ASN A 119 34.53 -36.17 -0.56
N ASP A 120 34.04 -34.99 -0.16
CA ASP A 120 32.61 -34.72 -0.10
C ASP A 120 32.08 -33.93 -1.29
N ARG A 121 32.93 -33.60 -2.26
CA ARG A 121 32.50 -32.79 -3.39
C ARG A 121 31.75 -33.64 -4.40
N PHE A 122 30.58 -33.16 -4.81
CA PHE A 122 29.74 -33.83 -5.81
C PHE A 122 29.42 -32.80 -6.89
N THR A 123 30.15 -32.83 -7.99
CA THR A 123 30.01 -31.85 -9.05
C THR A 123 29.16 -32.41 -10.18
N PHE A 124 28.00 -31.80 -10.41
CA PHE A 124 27.15 -32.12 -11.54
C PHE A 124 26.81 -30.90 -12.37
N SER A 125 27.34 -29.73 -12.04
CA SER A 125 27.01 -28.51 -12.75
C SER A 125 28.14 -27.49 -12.56
N SER A 126 28.15 -26.50 -13.44
CA SER A 126 29.07 -25.37 -13.36
C SER A 126 28.26 -24.08 -13.37
N LEU A 127 28.92 -22.99 -12.94
CA LEU A 127 28.23 -21.71 -12.80
C LEU A 127 27.79 -21.20 -14.16
N SER A 128 26.58 -20.63 -14.21
CA SER A 128 26.01 -20.17 -15.48
C SER A 128 26.73 -18.94 -16.00
N LEU A 129 27.04 -17.99 -15.12
CA LEU A 129 27.70 -16.76 -15.53
C LEU A 129 29.22 -16.90 -15.61
N ASN A 130 29.77 -18.03 -15.16
CA ASN A 130 31.20 -18.29 -15.27
C ASN A 130 31.37 -19.80 -15.46
N THR A 131 31.51 -20.23 -16.72
CA THR A 131 31.55 -21.65 -17.03
C THR A 131 32.82 -22.33 -16.52
N LYS A 132 33.85 -21.58 -16.17
CA LYS A 132 35.06 -22.15 -15.62
C LYS A 132 34.95 -22.49 -14.14
N VAL A 133 33.88 -22.07 -13.48
CA VAL A 133 33.68 -22.31 -12.05
C VAL A 133 32.79 -23.53 -11.90
N SER A 134 33.38 -24.65 -11.51
CA SER A 134 32.58 -25.80 -11.11
C SER A 134 31.87 -25.50 -9.80
N VAL A 135 30.64 -26.01 -9.67
CA VAL A 135 29.86 -25.78 -8.46
C VAL A 135 29.61 -27.12 -7.78
N PRO A 136 30.48 -27.54 -6.87
CA PRO A 136 30.23 -28.78 -6.14
C PRO A 136 29.30 -28.56 -4.95
N VAL A 137 28.53 -29.59 -4.66
CA VAL A 137 27.69 -29.61 -3.47
C VAL A 137 28.26 -30.65 -2.52
N ASN A 138 27.88 -30.53 -1.25
CA ASN A 138 28.27 -31.53 -0.25
C ASN A 138 27.49 -32.80 -0.56
N GLY A 139 28.15 -33.75 -1.21
CA GLY A 139 27.46 -34.92 -1.73
C GLY A 139 26.87 -35.82 -0.66
N ASN A 140 27.46 -35.81 0.53
CA ASN A 140 26.81 -36.43 1.68
C ASN A 140 25.52 -35.70 2.03
N ARG A 141 25.61 -34.38 2.21
CA ARG A 141 24.44 -33.59 2.55
C ARG A 141 23.47 -33.43 1.39
N PHE A 142 23.93 -33.64 0.16
CA PHE A 142 23.06 -33.52 -1.01
C PHE A 142 21.97 -34.58 -1.00
N PHE A 143 22.34 -35.81 -0.67
CA PHE A 143 21.41 -36.94 -0.74
C PHE A 143 20.88 -37.38 0.62
N ASN A 144 21.62 -37.15 1.71
CA ASN A 144 21.11 -37.47 3.04
C ASN A 144 19.92 -36.57 3.38
N LYS A 145 20.00 -35.31 2.98
CA LYS A 145 18.82 -34.45 3.04
C LYS A 145 18.07 -34.55 1.73
N HIS A 146 16.75 -34.35 1.81
CA HIS A 146 15.90 -34.59 0.66
C HIS A 146 16.06 -33.50 -0.39
N ILE A 147 15.74 -33.85 -1.63
CA ILE A 147 15.95 -32.99 -2.79
C ILE A 147 14.60 -32.68 -3.43
N ALA A 148 14.43 -31.42 -3.83
CA ALA A 148 13.24 -30.98 -4.56
C ALA A 148 13.71 -30.33 -5.86
N ILE A 149 13.47 -31.01 -6.98
CA ILE A 149 13.82 -30.49 -8.30
C ILE A 149 12.55 -30.05 -9.00
N VAL A 150 12.47 -28.75 -9.32
CA VAL A 150 11.28 -28.18 -9.93
C VAL A 150 11.68 -27.37 -11.16
N GLY A 151 10.69 -27.13 -12.02
CA GLY A 151 10.88 -26.33 -13.21
C GLY A 151 9.76 -26.60 -14.20
N SER A 152 9.40 -25.60 -15.01
CA SER A 152 8.27 -25.74 -15.92
C SER A 152 8.57 -26.77 -17.01
N THR A 153 7.51 -27.26 -17.65
CA THR A 153 7.65 -28.32 -18.63
C THR A 153 8.32 -27.77 -19.89
N GLY A 154 9.37 -28.46 -20.34
CA GLY A 154 10.19 -27.97 -21.42
C GLY A 154 11.43 -27.22 -20.99
N SER A 155 11.63 -27.01 -19.69
CA SER A 155 12.83 -26.37 -19.18
C SER A 155 13.96 -27.36 -18.92
N GLY A 156 13.75 -28.65 -19.18
CA GLY A 156 14.79 -29.64 -18.97
C GLY A 156 14.93 -30.09 -17.53
N LYS A 157 13.84 -30.11 -16.77
CA LYS A 157 13.92 -30.56 -15.39
C LYS A 157 14.24 -32.05 -15.31
N SER A 158 13.64 -32.86 -16.18
CA SER A 158 13.95 -34.28 -16.24
C SER A 158 15.39 -34.52 -16.69
N HIS A 159 15.95 -33.61 -17.49
CA HIS A 159 17.37 -33.68 -17.81
C HIS A 159 18.22 -33.45 -16.58
N THR A 160 17.81 -32.51 -15.72
CA THR A 160 18.55 -32.24 -14.48
C THR A 160 18.49 -33.42 -13.54
N VAL A 161 17.31 -34.06 -13.42
CA VAL A 161 17.17 -35.24 -12.57
C VAL A 161 18.04 -36.38 -13.09
N ALA A 162 18.04 -36.59 -14.41
CA ALA A 162 18.81 -37.69 -14.99
C ALA A 162 20.32 -37.48 -14.84
N LYS A 163 20.78 -36.22 -14.98
CA LYS A 163 22.20 -35.93 -14.89
C LYS A 163 22.72 -36.17 -13.48
N ILE A 164 21.95 -35.79 -12.46
CA ILE A 164 22.34 -36.02 -11.07
C ILE A 164 22.43 -37.50 -10.77
N LEU A 165 21.45 -38.28 -11.24
CA LEU A 165 21.47 -39.72 -11.01
C LEU A 165 22.59 -40.40 -11.80
N GLN A 166 22.91 -39.89 -12.99
CA GLN A 166 24.04 -40.43 -13.73
C GLN A 166 25.36 -40.13 -13.02
N LYS A 167 25.48 -38.94 -12.43
CA LYS A 167 26.69 -38.60 -11.67
C LYS A 167 26.79 -39.44 -10.41
N ALA A 168 25.67 -39.69 -9.74
CA ALA A 168 25.68 -40.47 -8.50
C ALA A 168 25.97 -41.94 -8.75
N VAL A 169 25.69 -42.45 -9.95
CA VAL A 169 25.99 -43.84 -10.27
C VAL A 169 27.44 -44.00 -10.70
N ASP A 170 28.01 -43.00 -11.37
CA ASP A 170 29.43 -43.02 -11.71
C ASP A 170 30.31 -42.52 -10.56
N GLU A 171 29.74 -42.37 -9.37
CA GLU A 171 30.49 -41.93 -8.19
C GLU A 171 31.06 -43.16 -7.50
N LYS A 172 32.24 -43.58 -7.97
CA LYS A 172 32.95 -44.73 -7.41
C LYS A 172 34.30 -44.28 -6.88
N GLN A 173 34.63 -44.70 -5.66
CA GLN A 173 35.99 -44.58 -5.17
C GLN A 173 36.83 -45.69 -5.80
N GLU A 174 38.08 -45.37 -6.10
CA GLU A 174 38.93 -46.29 -6.85
C GLU A 174 39.30 -47.49 -5.98
N GLY A 175 39.35 -48.66 -6.59
CA GLY A 175 39.63 -49.88 -5.87
C GLY A 175 38.84 -51.08 -6.38
N TYR A 176 37.91 -50.83 -7.30
CA TYR A 176 37.08 -51.91 -7.83
C TYR A 176 36.61 -51.55 -9.22
N LYS A 177 36.12 -52.57 -9.94
CA LYS A 177 35.59 -52.42 -11.27
C LYS A 177 34.08 -52.60 -11.33
N GLY A 178 33.48 -53.16 -10.29
CA GLY A 178 32.07 -53.51 -10.31
C GLY A 178 31.13 -52.34 -10.17
N LEU A 179 29.92 -52.64 -9.71
CA LEU A 179 28.84 -51.68 -9.65
C LEU A 179 29.03 -50.70 -8.50
N ASN A 180 28.19 -49.67 -8.50
CA ASN A 180 28.19 -48.63 -7.48
C ASN A 180 27.09 -48.92 -6.45
N ASN A 181 27.33 -48.50 -5.21
CA ASN A 181 26.39 -48.71 -4.11
C ASN A 181 25.21 -47.74 -4.13
N SER A 182 25.09 -46.92 -5.18
CA SER A 182 23.91 -46.07 -5.32
C SER A 182 22.68 -46.94 -5.54
N HIS A 183 21.59 -46.59 -4.84
CA HIS A 183 20.34 -47.34 -4.89
C HIS A 183 19.24 -46.32 -5.13
N ILE A 184 18.94 -46.06 -6.40
CA ILE A 184 18.00 -45.02 -6.79
C ILE A 184 16.75 -45.68 -7.35
N ILE A 185 15.59 -45.25 -6.87
CA ILE A 185 14.31 -45.74 -7.35
C ILE A 185 13.58 -44.56 -8.01
N ILE A 186 13.16 -44.76 -9.26
CA ILE A 186 12.49 -43.73 -10.04
C ILE A 186 11.04 -44.16 -10.23
N PHE A 187 10.11 -43.31 -9.80
CA PHE A 187 8.70 -43.47 -10.15
C PHE A 187 8.46 -42.71 -11.45
N ASP A 188 8.52 -43.43 -12.56
CA ASP A 188 8.49 -42.82 -13.89
C ASP A 188 7.06 -42.91 -14.43
N ILE A 189 6.37 -41.77 -14.39
CA ILE A 189 5.01 -41.70 -14.93
C ILE A 189 5.00 -41.32 -16.40
N HIS A 190 6.04 -40.65 -16.89
CA HIS A 190 6.12 -40.26 -18.29
C HIS A 190 7.00 -41.19 -19.12
N SER A 191 7.58 -42.22 -18.51
CA SER A 191 8.40 -43.24 -19.18
C SER A 191 9.55 -42.63 -19.95
N GLU A 192 10.26 -41.70 -19.31
CA GLU A 192 11.32 -40.95 -19.98
C GLU A 192 12.71 -41.31 -19.49
N TYR A 193 12.86 -42.20 -18.51
CA TYR A 193 14.16 -42.52 -17.94
C TYR A 193 14.71 -43.87 -18.37
N GLU A 194 13.97 -44.63 -19.18
CA GLU A 194 14.52 -45.88 -19.71
C GLU A 194 15.67 -45.60 -20.67
N ASN A 195 15.52 -44.58 -21.52
CA ASN A 195 16.61 -44.21 -22.43
C ASN A 195 17.72 -43.48 -21.70
N ALA A 196 17.41 -42.82 -20.57
CA ALA A 196 18.44 -42.12 -19.81
C ALA A 196 19.43 -43.08 -19.18
N PHE A 197 18.95 -44.23 -18.69
CA PHE A 197 19.80 -45.20 -18.00
C PHE A 197 19.59 -46.56 -18.66
N PRO A 198 20.38 -46.88 -19.67
CA PRO A 198 20.16 -48.15 -20.40
C PRO A 198 20.57 -49.38 -19.60
N ASN A 199 21.52 -49.26 -18.69
CA ASN A 199 21.98 -50.41 -17.90
C ASN A 199 21.12 -50.66 -16.67
N SER A 200 20.11 -49.82 -16.42
CA SER A 200 19.25 -49.95 -15.27
C SER A 200 18.16 -51.01 -15.51
N ASN A 201 17.41 -51.28 -14.45
CA ASN A 201 16.27 -52.20 -14.51
C ASN A 201 14.98 -51.37 -14.57
N VAL A 202 14.18 -51.62 -15.61
CA VAL A 202 12.94 -50.89 -15.82
C VAL A 202 11.79 -51.87 -15.75
N LEU A 203 10.83 -51.61 -14.88
CA LEU A 203 9.65 -52.45 -14.70
C LEU A 203 8.39 -51.64 -15.00
N ASN A 204 7.52 -52.21 -15.81
CA ASN A 204 6.19 -51.68 -16.08
C ASN A 204 5.16 -52.68 -15.59
N VAL A 205 3.88 -52.43 -15.91
CA VAL A 205 2.79 -53.26 -15.41
C VAL A 205 2.89 -54.69 -15.91
N ASP A 206 3.45 -54.91 -17.09
CA ASP A 206 3.70 -56.27 -17.55
C ASP A 206 4.85 -56.91 -16.78
N THR A 207 5.86 -56.11 -16.42
CA THR A 207 7.03 -56.66 -15.73
C THR A 207 6.84 -56.68 -14.21
N LEU A 208 6.25 -55.63 -13.64
CA LEU A 208 6.08 -55.55 -12.20
C LEU A 208 5.02 -56.55 -11.73
N THR A 209 5.29 -57.19 -10.59
CA THR A 209 4.31 -58.02 -9.90
C THR A 209 4.37 -57.56 -8.45
N LEU A 210 3.49 -56.64 -8.09
CA LEU A 210 3.37 -56.18 -6.72
C LEU A 210 2.37 -57.05 -5.96
N PRO A 211 2.72 -57.57 -4.80
CA PRO A 211 1.74 -58.34 -4.03
C PRO A 211 0.68 -57.44 -3.42
N TYR A 212 -0.57 -57.87 -3.55
CA TYR A 212 -1.67 -57.16 -2.90
C TYR A 212 -1.63 -57.33 -1.39
N TRP A 213 -0.97 -58.39 -0.90
CA TRP A 213 -0.96 -58.72 0.52
C TRP A 213 0.19 -58.05 1.26
N LEU A 214 1.10 -57.38 0.54
CA LEU A 214 2.06 -56.49 1.17
C LEU A 214 1.48 -55.09 1.41
N LEU A 215 0.25 -54.86 0.96
CA LEU A 215 -0.44 -53.61 1.22
C LEU A 215 -0.87 -53.56 2.67
N ASN A 216 -0.76 -52.40 3.30
CA ASN A 216 -1.13 -52.27 4.71
C ASN A 216 -2.65 -52.09 4.84
N GLY A 217 -3.10 -51.73 6.05
CA GLY A 217 -4.52 -51.65 6.32
C GLY A 217 -5.23 -50.53 5.57
N ASP A 218 -4.64 -49.33 5.57
CA ASP A 218 -5.27 -48.22 4.86
C ASP A 218 -5.17 -48.37 3.36
N GLU A 219 -4.10 -49.01 2.87
CA GLU A 219 -3.98 -49.25 1.44
C GLU A 219 -4.99 -50.29 0.98
N LEU A 220 -5.25 -51.31 1.82
CA LEU A 220 -6.23 -52.33 1.47
C LEU A 220 -7.64 -51.75 1.44
N GLU A 221 -7.93 -50.81 2.34
CA GLU A 221 -9.23 -50.14 2.34
C GLU A 221 -9.41 -49.28 1.09
N GLU A 222 -8.34 -48.64 0.63
CA GLU A 222 -8.43 -47.75 -0.51
C GLU A 222 -8.65 -48.50 -1.81
N LEU A 223 -8.10 -49.72 -1.92
CA LEU A 223 -8.19 -50.47 -3.18
C LEU A 223 -9.58 -51.03 -3.41
N PHE A 224 -10.20 -51.55 -2.36
CA PHE A 224 -11.44 -52.31 -2.48
C PHE A 224 -12.66 -51.54 -2.01
N LEU A 225 -12.60 -50.95 -0.81
CA LEU A 225 -13.76 -50.26 -0.27
C LEU A 225 -14.01 -48.95 -1.00
N ASP A 226 -15.27 -48.52 -0.97
CA ASP A 226 -15.65 -47.19 -1.43
C ASP A 226 -15.86 -46.31 -0.21
N THR A 227 -15.14 -45.18 -0.17
CA THR A 227 -15.26 -44.27 0.96
C THR A 227 -16.62 -43.59 0.99
N GLU A 228 -17.20 -43.33 -0.18
CA GLU A 228 -18.53 -42.74 -0.24
C GLU A 228 -19.60 -43.73 0.23
N ALA A 229 -19.52 -44.97 -0.25
CA ALA A 229 -20.44 -46.02 0.19
C ALA A 229 -19.88 -46.72 1.42
N ASN A 230 -19.71 -45.93 2.49
CA ASN A 230 -19.06 -46.41 3.71
C ASN A 230 -20.13 -47.07 4.57
N ASP A 231 -20.46 -48.30 4.20
CA ASP A 231 -21.20 -49.18 5.09
C ASP A 231 -20.17 -49.77 6.05
N HIS A 232 -20.27 -49.40 7.33
CA HIS A 232 -19.30 -49.83 8.34
C HIS A 232 -19.25 -51.35 8.48
N ASN A 233 -20.38 -52.02 8.21
CA ASN A 233 -20.41 -53.47 8.26
C ASN A 233 -19.57 -54.10 7.16
N GLN A 234 -19.47 -53.44 6.00
CA GLN A 234 -18.63 -53.96 4.92
C GLN A 234 -17.15 -53.90 5.29
N ARG A 235 -16.75 -52.86 6.01
CA ARG A 235 -15.34 -52.70 6.36
C ARG A 235 -14.88 -53.74 7.37
N ASN A 236 -15.70 -53.99 8.41
CA ASN A 236 -15.27 -54.87 9.49
C ASN A 236 -15.23 -56.33 9.05
N VAL A 237 -16.09 -56.71 8.11
CA VAL A 237 -15.98 -58.05 7.52
C VAL A 237 -14.70 -58.16 6.70
N PHE A 238 -14.33 -57.07 6.02
CA PHE A 238 -13.10 -57.06 5.22
C PHE A 238 -11.87 -57.21 6.11
N ARG A 239 -11.90 -56.63 7.31
CA ARG A 239 -10.86 -56.92 8.30
C ARG A 239 -10.92 -58.38 8.73
N GLN A 240 -12.13 -58.87 9.00
CA GLN A 240 -12.30 -60.24 9.51
C GLN A 240 -11.91 -61.27 8.45
N ALA A 241 -12.25 -61.01 7.19
CA ALA A 241 -11.93 -61.96 6.12
C ALA A 241 -10.43 -62.03 5.88
N ILE A 242 -9.75 -60.88 5.85
CA ILE A 242 -8.34 -60.85 5.49
C ILE A 242 -7.48 -61.37 6.65
N THR A 243 -7.73 -60.89 7.87
CA THR A 243 -6.89 -61.24 9.01
C THR A 243 -6.96 -62.73 9.30
N LEU A 244 -8.16 -63.32 9.20
CA LEU A 244 -8.29 -64.76 9.37
C LEU A 244 -7.61 -65.52 8.23
N ASN A 245 -7.69 -64.99 7.00
CA ASN A 245 -7.03 -65.62 5.86
C ASN A 245 -5.50 -65.55 5.99
N LYS A 246 -4.97 -64.47 6.57
CA LYS A 246 -3.53 -64.37 6.77
C LYS A 246 -3.04 -65.39 7.78
N LYS A 247 -3.89 -65.80 8.73
CA LYS A 247 -3.48 -66.77 9.73
C LYS A 247 -3.38 -68.17 9.14
N ILE A 248 -4.36 -68.59 8.33
CA ILE A 248 -4.36 -69.95 7.81
C ILE A 248 -3.32 -70.13 6.71
N HIS A 249 -2.95 -69.05 6.02
CA HIS A 249 -1.90 -69.14 5.01
C HIS A 249 -0.50 -68.96 5.59
N PHE A 250 -0.42 -68.58 6.86
CA PHE A 250 0.86 -68.53 7.56
C PHE A 250 1.34 -69.95 7.86
N GLN A 251 2.57 -70.26 7.43
CA GLN A 251 3.20 -71.56 7.65
C GLN A 251 4.52 -71.48 8.40
N GLY A 252 4.87 -70.33 8.98
CA GLY A 252 6.12 -70.20 9.70
C GLY A 252 6.04 -70.59 11.17
N ASP A 253 6.71 -69.81 12.03
CA ASP A 253 6.72 -70.13 13.46
C ASP A 253 5.35 -69.85 14.08
N PRO A 254 4.77 -70.81 14.80
CA PRO A 254 3.39 -70.65 15.28
C PRO A 254 3.19 -69.53 16.30
N ALA A 255 4.27 -69.04 16.93
CA ALA A 255 4.13 -67.95 17.89
C ALA A 255 3.71 -66.64 17.22
N THR A 256 4.20 -66.41 15.99
CA THR A 256 3.89 -65.16 15.30
C THR A 256 2.47 -65.15 14.73
N LYS A 257 1.85 -66.32 14.58
CA LYS A 257 0.56 -66.43 13.90
C LYS A 257 -0.56 -65.74 14.69
N GLU A 258 -0.51 -65.83 16.02
CA GLU A 258 -1.58 -65.26 16.83
C GLU A 258 -1.54 -63.73 16.91
N ILE A 259 -0.42 -63.12 16.52
CA ILE A 259 -0.27 -61.67 16.55
C ILE A 259 -0.53 -61.07 15.17
N ILE A 260 -0.86 -61.92 14.18
CA ILE A 260 -1.22 -61.45 12.85
C ILE A 260 -2.44 -60.55 12.93
N SER A 261 -2.33 -59.36 12.33
CA SER A 261 -3.38 -58.37 12.31
C SER A 261 -3.75 -58.04 10.87
N PHE A 262 -4.62 -57.03 10.70
CA PHE A 262 -4.99 -56.59 9.37
C PHE A 262 -3.82 -55.90 8.68
N HIS A 263 -2.99 -55.17 9.43
CA HIS A 263 -1.89 -54.41 8.87
C HIS A 263 -0.64 -55.26 8.64
N SER A 264 -0.57 -56.45 9.23
CA SER A 264 0.62 -57.30 9.09
C SER A 264 0.73 -57.81 7.66
N PRO A 265 1.91 -57.73 7.04
CA PRO A 265 2.05 -58.06 5.61
C PRO A 265 2.33 -59.54 5.32
N TYR A 266 1.27 -60.34 5.34
CA TYR A 266 1.37 -61.77 5.09
C TYR A 266 0.41 -62.16 3.99
N TYR A 267 0.72 -63.27 3.34
CA TYR A 267 -0.06 -63.72 2.19
C TYR A 267 -1.46 -64.17 2.59
N PHE A 268 -2.44 -63.79 1.79
CA PHE A 268 -3.82 -64.23 1.92
C PHE A 268 -4.41 -64.36 0.53
N ASP A 269 -5.38 -65.27 0.39
CA ASP A 269 -6.03 -65.49 -0.90
C ASP A 269 -7.24 -64.56 -1.01
N ILE A 270 -7.19 -63.66 -1.99
CA ILE A 270 -8.28 -62.69 -2.16
C ILE A 270 -9.55 -63.39 -2.65
N ASN A 271 -9.40 -64.47 -3.43
CA ASN A 271 -10.57 -65.23 -3.87
C ASN A 271 -11.25 -65.90 -2.68
N GLU A 272 -10.46 -66.42 -1.74
CA GLU A 272 -11.02 -66.94 -0.49
C GLU A 272 -11.65 -65.82 0.33
N VAL A 273 -11.03 -64.64 0.35
CA VAL A 273 -11.61 -63.48 1.01
C VAL A 273 -12.92 -63.08 0.32
N ILE A 274 -12.96 -63.15 -1.01
CA ILE A 274 -14.19 -62.88 -1.74
C ILE A 274 -15.26 -63.92 -1.39
N ASN A 275 -14.87 -65.20 -1.36
CA ASN A 275 -15.84 -66.26 -1.08
C ASN A 275 -16.39 -66.18 0.34
N TYR A 276 -15.54 -65.85 1.33
CA TYR A 276 -16.03 -65.70 2.69
C TYR A 276 -16.99 -64.52 2.78
N ILE A 277 -16.65 -63.40 2.14
CA ILE A 277 -17.53 -62.23 2.15
C ILE A 277 -18.81 -62.52 1.37
N ASN A 278 -18.69 -63.27 0.26
CA ASN A 278 -19.88 -63.71 -0.46
C ASN A 278 -20.71 -64.66 0.39
N ASN A 279 -20.05 -65.54 1.15
CA ASN A 279 -20.77 -66.38 2.10
C ASN A 279 -21.44 -65.54 3.18
N ARG A 280 -20.72 -64.57 3.73
CA ARG A 280 -21.31 -63.69 4.75
C ARG A 280 -22.44 -62.83 4.19
N ASN A 281 -22.46 -62.61 2.87
CA ASN A 281 -23.62 -62.02 2.22
C ASN A 281 -24.79 -63.00 2.12
N ASN A 282 -24.53 -64.30 2.19
CA ASN A 282 -25.56 -65.33 2.11
C ASN A 282 -25.89 -65.93 3.47
N GLU A 283 -25.88 -65.11 4.52
CA GLU A 283 -26.02 -65.62 5.88
C GLU A 283 -27.44 -66.09 6.17
N ARG A 284 -27.54 -67.02 7.10
CA ARG A 284 -28.77 -67.43 7.76
C ARG A 284 -28.54 -67.30 9.25
N LYS A 285 -29.60 -67.36 10.05
CA LYS A 285 -29.43 -67.26 11.49
C LYS A 285 -30.56 -67.99 12.22
N ASN A 286 -30.33 -68.23 13.50
CA ASN A 286 -31.14 -69.10 14.35
C ASN A 286 -31.73 -68.29 15.52
N LYS A 287 -32.24 -69.03 16.51
CA LYS A 287 -32.84 -68.46 17.72
C LYS A 287 -31.91 -67.48 18.42
N ASP A 288 -30.69 -67.91 18.71
CA ASP A 288 -29.65 -67.08 19.30
C ASP A 288 -28.84 -66.29 18.28
N ASN A 289 -29.39 -66.13 17.06
CA ASN A 289 -28.79 -65.30 16.00
C ASN A 289 -27.38 -65.75 15.64
N GLU A 290 -27.18 -67.06 15.59
CA GLU A 290 -25.90 -67.69 15.29
C GLU A 290 -25.99 -68.43 13.96
N HIS A 291 -25.07 -68.12 13.05
CA HIS A 291 -25.18 -68.57 11.68
C HIS A 291 -24.79 -70.04 11.54
N ILE A 292 -25.63 -70.81 10.86
CA ILE A 292 -25.46 -72.25 10.70
C ILE A 292 -25.15 -72.53 9.24
N TRP A 293 -24.19 -73.42 9.01
CA TRP A 293 -23.73 -73.71 7.66
C TRP A 293 -23.58 -75.21 7.51
N SER A 294 -23.54 -75.67 6.25
CA SER A 294 -23.32 -77.08 5.94
C SER A 294 -22.38 -77.19 4.75
N ASP A 295 -21.47 -78.16 4.83
CA ASP A 295 -20.50 -78.39 3.77
C ASP A 295 -20.12 -79.87 3.79
N GLU A 296 -19.06 -80.21 3.05
CA GLU A 296 -18.59 -81.59 3.00
C GLU A 296 -18.08 -82.08 4.35
N GLU A 297 -17.52 -81.17 5.16
CA GLU A 297 -17.11 -81.54 6.51
C GLU A 297 -18.31 -81.86 7.38
N GLY A 298 -19.38 -81.09 7.25
CA GLY A 298 -20.59 -81.34 8.00
C GLY A 298 -21.27 -80.03 8.36
N ASN A 299 -22.37 -80.16 9.10
CA ASN A 299 -23.08 -79.00 9.60
C ASN A 299 -22.24 -78.30 10.68
N PHE A 300 -22.14 -76.97 10.59
CA PHE A 300 -21.27 -76.25 11.50
C PHE A 300 -21.82 -74.85 11.75
N LYS A 301 -21.33 -74.24 12.83
CA LYS A 301 -21.68 -72.90 13.25
C LYS A 301 -20.63 -71.90 12.77
N PHE A 302 -21.08 -70.69 12.45
CA PHE A 302 -20.14 -69.61 12.14
C PHE A 302 -19.56 -69.09 13.44
N ASP A 303 -18.33 -69.49 13.74
CA ASP A 303 -17.55 -68.97 14.86
C ASP A 303 -16.09 -69.15 14.52
N ASN A 304 -15.23 -68.62 15.39
CA ASN A 304 -13.80 -68.55 15.11
C ASN A 304 -13.16 -69.93 14.96
N GLU A 305 -13.76 -70.97 15.54
CA GLU A 305 -13.30 -72.32 15.28
C GLU A 305 -13.61 -72.72 13.83
N ASN A 306 -14.81 -72.39 13.35
CA ASN A 306 -15.25 -72.86 12.04
C ASN A 306 -15.35 -71.76 10.99
N ALA A 307 -14.89 -70.54 11.29
CA ALA A 307 -14.92 -69.46 10.30
C ALA A 307 -13.88 -69.67 9.20
N HIS A 308 -12.91 -70.56 9.41
CA HIS A 308 -11.85 -70.78 8.44
C HIS A 308 -12.33 -71.52 7.20
N ARG A 309 -13.43 -72.26 7.30
CA ARG A 309 -13.91 -73.04 6.16
C ARG A 309 -15.03 -72.35 5.39
N LEU A 310 -15.29 -71.07 5.67
CA LEU A 310 -16.09 -70.24 4.78
C LEU A 310 -15.30 -69.74 3.58
N PHE A 311 -13.97 -69.91 3.59
CA PHE A 311 -13.13 -69.40 2.52
C PHE A 311 -13.32 -70.15 1.20
N LYS A 312 -13.84 -71.37 1.24
CA LYS A 312 -14.15 -72.12 0.03
C LYS A 312 -15.60 -71.91 -0.36
N GLU A 313 -15.85 -71.82 -1.67
CA GLU A 313 -17.18 -71.49 -2.17
C GLU A 313 -18.18 -72.63 -2.04
N ASN A 314 -17.72 -73.86 -1.83
CA ASN A 314 -18.61 -75.02 -1.75
C ASN A 314 -19.19 -75.13 -0.34
N VAL A 315 -20.01 -74.13 0.01
CA VAL A 315 -20.59 -74.00 1.34
C VAL A 315 -22.01 -73.48 1.18
N THR A 316 -22.98 -74.14 1.83
CA THR A 316 -24.39 -73.81 1.69
C THR A 316 -25.00 -73.55 3.06
N PRO A 317 -25.69 -72.43 3.27
CA PRO A 317 -26.29 -72.14 4.57
C PRO A 317 -27.61 -72.84 4.78
N ASP A 318 -27.81 -73.32 6.02
CA ASP A 318 -29.11 -73.78 6.49
C ASP A 318 -29.54 -72.90 7.65
N GLY A 319 -30.76 -72.36 7.56
CA GLY A 319 -31.27 -71.53 8.64
C GLY A 319 -32.69 -71.09 8.32
N SER A 320 -33.33 -70.50 9.34
CA SER A 320 -34.73 -70.09 9.23
C SER A 320 -34.85 -68.63 8.81
N SER A 321 -34.29 -67.73 9.62
CA SER A 321 -34.41 -66.30 9.39
C SER A 321 -33.11 -65.73 8.81
N ALA A 322 -33.22 -64.52 8.29
CA ALA A 322 -32.09 -63.89 7.60
C ALA A 322 -30.99 -63.50 8.58
N GLY A 323 -29.75 -63.65 8.14
CA GLY A 323 -28.61 -63.32 8.97
C GLY A 323 -28.45 -61.83 9.18
N ALA A 324 -27.51 -61.48 10.05
CA ALA A 324 -27.24 -60.08 10.36
C ALA A 324 -26.74 -59.32 9.14
N LEU A 325 -25.89 -59.97 8.33
CA LEU A 325 -25.33 -59.34 7.15
C LEU A 325 -25.75 -60.04 5.86
N ASN A 326 -26.90 -60.72 5.87
CA ASN A 326 -27.42 -61.34 4.66
C ASN A 326 -27.98 -60.27 3.74
N GLY A 327 -27.39 -60.16 2.54
CA GLY A 327 -27.81 -59.14 1.58
C GLY A 327 -27.21 -57.78 1.79
N LYS A 328 -26.42 -57.58 2.85
CA LYS A 328 -25.77 -56.31 3.13
C LYS A 328 -24.38 -56.20 2.54
N LEU A 329 -23.87 -57.28 1.94
CA LEU A 329 -22.51 -57.32 1.41
C LEU A 329 -22.47 -57.63 -0.09
N LEU A 330 -23.62 -57.71 -0.75
CA LEU A 330 -23.63 -58.01 -2.18
C LEU A 330 -23.13 -56.82 -2.99
N ASN A 331 -23.31 -55.60 -2.47
CA ASN A 331 -22.64 -54.44 -3.03
C ASN A 331 -21.13 -54.56 -2.86
N PHE A 332 -20.70 -55.13 -1.74
CA PHE A 332 -19.28 -55.22 -1.43
C PHE A 332 -18.59 -56.29 -2.29
N VAL A 333 -19.28 -57.41 -2.54
CA VAL A 333 -18.71 -58.49 -3.32
C VAL A 333 -18.52 -58.06 -4.77
N ASP A 334 -19.52 -57.37 -5.34
CA ASP A 334 -19.47 -56.98 -6.74
C ASP A 334 -18.34 -56.00 -7.02
N ARG A 335 -18.01 -55.14 -6.06
CA ARG A 335 -16.87 -54.25 -6.21
C ARG A 335 -15.56 -55.03 -6.12
N LEU A 336 -15.51 -56.06 -5.28
CA LEU A 336 -14.30 -56.88 -5.17
C LEU A 336 -14.02 -57.66 -6.44
N GLN A 337 -15.07 -58.25 -7.04
CA GLN A 337 -14.87 -59.03 -8.25
C GLN A 337 -14.55 -58.14 -9.45
N SER A 338 -15.00 -56.88 -9.43
CA SER A 338 -14.61 -55.94 -10.47
C SER A 338 -13.13 -55.61 -10.38
N LYS A 339 -12.59 -55.48 -9.17
CA LYS A 339 -11.17 -55.20 -9.00
C LYS A 339 -10.31 -56.40 -9.35
N ILE A 340 -10.74 -57.60 -8.94
CA ILE A 340 -9.89 -58.79 -9.10
C ILE A 340 -9.80 -59.19 -10.57
N PHE A 341 -10.94 -59.17 -11.26
CA PHE A 341 -11.03 -59.61 -12.64
C PHE A 341 -10.68 -58.52 -13.64
N ASP A 342 -10.31 -57.34 -13.16
CA ASP A 342 -9.81 -56.28 -14.04
C ASP A 342 -8.45 -56.69 -14.58
N LYS A 343 -8.30 -56.69 -15.90
CA LYS A 343 -7.02 -57.07 -16.50
C LYS A 343 -5.99 -55.96 -16.42
N ARG A 344 -6.42 -54.71 -16.21
CA ARG A 344 -5.48 -53.62 -16.00
C ARG A 344 -4.89 -53.63 -14.61
N LEU A 345 -5.43 -54.45 -13.70
CA LEU A 345 -4.94 -54.57 -12.34
C LEU A 345 -4.24 -55.90 -12.09
N ASP A 346 -3.80 -56.56 -13.17
CA ASP A 346 -3.20 -57.89 -13.06
C ASP A 346 -1.84 -57.85 -12.40
N PHE A 347 -1.14 -56.72 -12.48
CA PHE A 347 0.19 -56.62 -11.87
C PHE A 347 0.12 -56.60 -10.35
N ILE A 348 -0.98 -56.11 -9.79
CA ILE A 348 -1.14 -56.06 -8.34
C ILE A 348 -2.09 -57.14 -7.84
N LEU A 349 -3.12 -57.51 -8.61
CA LEU A 349 -4.17 -58.39 -8.12
C LEU A 349 -4.27 -59.69 -8.92
N GLY A 350 -3.30 -60.01 -9.77
CA GLY A 350 -3.36 -61.17 -10.61
C GLY A 350 -2.86 -62.43 -9.93
N GLU A 351 -2.82 -63.51 -10.71
CA GLU A 351 -2.34 -64.80 -10.21
C GLU A 351 -0.84 -64.80 -9.95
N GLY A 352 -0.09 -63.93 -10.62
CA GLY A 352 1.33 -63.82 -10.33
C GLY A 352 1.64 -63.22 -8.98
N SER A 353 0.71 -62.44 -8.43
CA SER A 353 0.87 -61.92 -7.07
C SER A 353 0.74 -63.01 -6.02
N LYS A 354 0.08 -64.13 -6.35
CA LYS A 354 -0.01 -65.26 -5.43
C LYS A 354 1.35 -65.90 -5.24
N SER A 355 2.04 -66.22 -6.34
CA SER A 355 3.24 -67.02 -6.29
C SER A 355 4.46 -66.24 -5.81
N VAL A 356 4.51 -64.94 -6.07
CA VAL A 356 5.66 -64.13 -5.68
C VAL A 356 5.71 -64.01 -4.16
N THR A 357 6.94 -63.95 -3.62
CA THR A 357 7.15 -63.89 -2.19
C THR A 357 7.52 -62.47 -1.78
N PHE A 358 7.73 -62.29 -0.47
CA PHE A 358 8.11 -60.98 0.06
C PHE A 358 9.53 -60.64 -0.39
N LYS A 359 10.44 -61.61 -0.32
CA LYS A 359 11.84 -61.38 -0.65
C LYS A 359 12.02 -61.05 -2.13
N GLU A 360 11.30 -61.76 -3.01
CA GLU A 360 11.40 -61.50 -4.45
C GLU A 360 10.90 -60.09 -4.80
N THR A 361 9.88 -59.62 -4.09
CA THR A 361 9.40 -58.26 -4.30
C THR A 361 10.45 -57.22 -3.95
N LEU A 362 11.13 -57.40 -2.82
CA LEU A 362 12.11 -56.42 -2.39
C LEU A 362 13.36 -56.46 -3.25
N GLU A 363 13.72 -57.64 -3.78
CA GLU A 363 14.79 -57.70 -4.77
C GLU A 363 14.41 -56.96 -6.05
N THR A 364 13.12 -56.94 -6.40
CA THR A 364 12.68 -56.23 -7.58
C THR A 364 12.79 -54.72 -7.40
N LEU A 365 12.43 -54.20 -6.21
CA LEU A 365 12.27 -52.77 -6.03
C LEU A 365 13.61 -52.03 -5.99
N ILE A 366 14.63 -52.64 -5.39
CA ILE A 366 15.96 -52.02 -5.36
C ILE A 366 16.96 -52.76 -6.24
N SER A 367 16.47 -53.60 -7.16
CA SER A 367 17.28 -54.30 -8.15
C SER A 367 18.35 -55.19 -7.51
N TYR A 368 17.92 -55.96 -6.51
CA TYR A 368 18.83 -56.84 -5.79
C TYR A 368 18.65 -58.30 -6.19
N GLY A 369 18.00 -58.56 -7.33
CA GLY A 369 17.75 -59.91 -7.78
C GLY A 369 18.86 -60.48 -8.63
N LYS A 370 18.50 -61.18 -9.70
CA LYS A 370 19.53 -61.77 -10.57
C LYS A 370 20.22 -60.71 -11.42
N ASP A 371 19.54 -59.59 -11.69
CA ASP A 371 20.11 -58.49 -12.45
C ASP A 371 20.34 -57.32 -11.50
N LYS A 372 21.59 -57.09 -11.14
CA LYS A 372 21.94 -56.03 -10.20
C LYS A 372 22.11 -54.72 -10.95
N SER A 373 21.43 -53.68 -10.49
CA SER A 373 21.54 -52.38 -11.11
C SER A 373 21.38 -51.31 -10.04
N ASN A 374 22.01 -50.16 -10.27
CA ASN A 374 21.96 -49.07 -9.31
C ASN A 374 20.61 -48.36 -9.33
N ILE A 375 20.00 -48.24 -10.50
CA ILE A 375 18.74 -47.52 -10.68
C ILE A 375 17.64 -48.53 -11.01
N THR A 376 16.54 -48.45 -10.27
CA THR A 376 15.32 -49.17 -10.59
C THR A 376 14.28 -48.16 -11.05
N ILE A 377 13.83 -48.27 -12.29
CA ILE A 377 12.78 -47.42 -12.83
C ILE A 377 11.48 -48.20 -12.79
N LEU A 378 10.52 -47.71 -12.00
CA LEU A 378 9.17 -48.27 -11.98
C LEU A 378 8.33 -47.46 -12.94
N ASP A 379 8.08 -48.02 -14.13
CA ASP A 379 7.30 -47.32 -15.14
C ASP A 379 5.83 -47.42 -14.75
N VAL A 380 5.33 -46.38 -14.11
CA VAL A 380 3.95 -46.36 -13.61
C VAL A 380 3.02 -45.66 -14.61
N SER A 381 3.44 -45.52 -15.87
CA SER A 381 2.57 -44.96 -16.89
C SER A 381 1.43 -45.90 -17.23
N GLY A 382 1.68 -47.21 -17.24
CA GLY A 382 0.62 -48.17 -17.48
C GLY A 382 -0.25 -48.49 -16.29
N VAL A 383 0.12 -47.98 -15.11
CA VAL A 383 -0.69 -48.16 -13.90
C VAL A 383 -1.96 -47.34 -14.03
N PRO A 384 -3.13 -47.90 -13.74
CA PRO A 384 -4.36 -47.08 -13.68
C PRO A 384 -4.21 -45.94 -12.68
N PHE A 385 -4.76 -44.78 -13.06
CA PHE A 385 -4.57 -43.57 -12.26
C PHE A 385 -5.29 -43.65 -10.91
N GLU A 386 -6.39 -44.40 -10.83
CA GLU A 386 -7.12 -44.51 -9.58
C GLU A 386 -6.43 -45.42 -8.56
N VAL A 387 -5.51 -46.27 -9.01
CA VAL A 387 -4.68 -47.08 -8.13
C VAL A 387 -3.24 -46.63 -8.11
N LEU A 388 -2.93 -45.51 -8.79
CA LEU A 388 -1.56 -45.02 -8.88
C LEU A 388 -1.01 -44.64 -7.51
N SER A 389 -1.82 -43.98 -6.68
CA SER A 389 -1.38 -43.61 -5.34
C SER A 389 -1.16 -44.85 -4.47
N ILE A 390 -1.91 -45.91 -4.72
CA ILE A 390 -1.80 -47.12 -3.91
C ILE A 390 -0.48 -47.83 -4.18
N CYS A 391 -0.13 -47.99 -5.46
CA CYS A 391 1.10 -48.69 -5.81
C CYS A 391 2.32 -47.87 -5.44
N VAL A 392 2.22 -46.55 -5.54
CA VAL A 392 3.30 -45.67 -5.07
C VAL A 392 3.46 -45.79 -3.56
N SER A 393 2.35 -45.82 -2.83
CA SER A 393 2.43 -45.94 -1.37
C SER A 393 2.93 -47.31 -0.92
N LEU A 394 2.64 -48.36 -1.70
CA LEU A 394 3.14 -49.69 -1.36
C LEU A 394 4.65 -49.74 -1.46
N ILE A 395 5.21 -49.25 -2.56
CA ILE A 395 6.66 -49.31 -2.77
C ILE A 395 7.37 -48.34 -1.83
N SER A 396 6.78 -47.16 -1.60
CA SER A 396 7.39 -46.18 -0.71
C SER A 396 7.48 -46.69 0.73
N ARG A 397 6.39 -47.29 1.23
CA ARG A 397 6.38 -47.82 2.58
C ARG A 397 7.28 -49.04 2.70
N LEU A 398 7.31 -49.89 1.67
CA LEU A 398 8.15 -51.08 1.70
C LEU A 398 9.63 -50.72 1.76
N ILE A 399 10.02 -49.69 0.99
CA ILE A 399 11.42 -49.29 0.94
C ILE A 399 11.80 -48.58 2.24
N PHE A 400 10.90 -47.75 2.77
CA PHE A 400 11.12 -47.10 4.05
C PHE A 400 11.29 -48.12 5.18
N GLU A 401 10.40 -49.11 5.23
CA GLU A 401 10.51 -50.12 6.28
C GLU A 401 11.67 -51.07 6.05
N PHE A 402 12.11 -51.24 4.79
CA PHE A 402 13.39 -51.91 4.56
C PHE A 402 14.53 -51.06 5.10
N GLY A 403 14.47 -49.74 4.88
CA GLY A 403 15.47 -48.86 5.44
C GLY A 403 15.36 -48.72 6.94
N TYR A 404 14.14 -48.82 7.48
CA TYR A 404 13.97 -48.85 8.93
C TYR A 404 14.64 -50.08 9.52
N HIS A 405 14.63 -51.20 8.80
CA HIS A 405 15.28 -52.42 9.24
C HIS A 405 16.76 -52.45 8.87
N SER A 406 17.37 -51.28 8.70
CA SER A 406 18.82 -51.16 8.57
C SER A 406 19.47 -50.68 9.87
N LYS A 407 19.03 -49.52 10.39
CA LYS A 407 19.56 -49.04 11.67
C LYS A 407 19.19 -49.95 12.81
N LYS A 408 17.96 -50.48 12.82
CA LYS A 408 17.56 -51.45 13.83
C LYS A 408 18.40 -52.71 13.76
N ILE A 409 18.84 -53.08 12.56
CA ILE A 409 19.63 -54.29 12.40
C ILE A 409 21.08 -54.04 12.78
N LYS A 410 21.61 -52.87 12.42
CA LYS A 410 23.01 -52.53 12.63
C LYS A 410 23.25 -51.84 13.97
N ARG A 411 22.22 -51.65 14.78
CA ARG A 411 22.43 -51.24 16.17
C ARG A 411 23.16 -52.32 16.95
N LYS A 412 22.73 -53.57 16.79
CA LYS A 412 23.32 -54.72 17.46
C LYS A 412 24.43 -55.37 16.64
N SER A 413 24.77 -54.79 15.48
CA SER A 413 25.88 -55.27 14.68
C SER A 413 27.02 -54.27 14.56
N ASN A 414 26.71 -52.97 14.60
CA ASN A 414 27.71 -51.88 14.57
C ASN A 414 28.60 -51.98 13.33
N GLU A 415 27.98 -52.21 12.18
CA GLU A 415 28.69 -52.41 10.93
C GLU A 415 28.38 -51.27 9.96
N ASN A 416 29.37 -50.92 9.15
CA ASN A 416 29.30 -49.78 8.26
C ASN A 416 28.77 -50.11 6.87
N GLN A 417 28.38 -51.37 6.63
CA GLN A 417 27.89 -51.78 5.31
C GLN A 417 26.43 -51.34 5.19
N ASP A 418 26.24 -50.09 4.80
CA ASP A 418 24.93 -49.46 4.74
C ASP A 418 24.38 -49.48 3.32
N ILE A 419 23.06 -49.61 3.22
CA ILE A 419 22.37 -49.55 1.94
C ILE A 419 21.49 -48.29 1.96
N PRO A 420 21.95 -47.19 1.36
CA PRO A 420 21.11 -45.99 1.31
C PRO A 420 20.28 -45.92 0.04
N ILE A 421 19.01 -45.53 0.13
CA ILE A 421 18.12 -45.50 -1.01
C ILE A 421 17.59 -44.08 -1.20
N LEU A 422 17.69 -43.58 -2.43
CA LEU A 422 17.05 -42.32 -2.84
C LEU A 422 15.88 -42.66 -3.75
N ILE A 423 14.70 -42.20 -3.39
CA ILE A 423 13.49 -42.44 -4.18
C ILE A 423 13.20 -41.19 -4.99
N VAL A 424 13.24 -41.31 -6.32
CA VAL A 424 12.93 -40.19 -7.20
C VAL A 424 11.44 -40.23 -7.51
N TYR A 425 10.71 -39.21 -7.07
CA TYR A 425 9.28 -39.11 -7.29
C TYR A 425 9.07 -38.11 -8.42
N GLU A 426 9.14 -38.59 -9.66
CA GLU A 426 8.87 -37.73 -10.80
C GLU A 426 7.38 -37.49 -10.91
N GLU A 427 7.02 -36.22 -11.13
CA GLU A 427 5.65 -35.73 -10.98
C GLU A 427 5.11 -36.05 -9.58
N ALA A 428 5.78 -35.44 -8.60
CA ALA A 428 5.48 -35.73 -7.21
C ALA A 428 4.17 -35.11 -6.75
N HIS A 429 3.62 -34.14 -7.48
CA HIS A 429 2.43 -33.44 -7.01
C HIS A 429 1.16 -34.27 -7.15
N LYS A 430 1.19 -35.36 -7.91
CA LYS A 430 0.05 -36.26 -7.99
C LYS A 430 0.16 -37.45 -7.05
N TYR A 431 1.30 -37.60 -6.39
CA TYR A 431 1.48 -38.58 -5.33
C TYR A 431 1.24 -37.98 -3.95
N ALA A 432 1.84 -36.82 -3.69
CA ALA A 432 1.71 -36.11 -2.41
C ALA A 432 1.20 -34.71 -2.70
N PRO A 433 -0.11 -34.53 -2.83
CA PRO A 433 -0.66 -33.25 -3.26
C PRO A 433 -1.04 -32.33 -2.09
N LYS A 434 -1.29 -31.07 -2.45
CA LYS A 434 -1.79 -30.11 -1.46
C LYS A 434 -3.17 -30.49 -0.95
N SER A 435 -4.03 -30.99 -1.83
CA SER A 435 -5.39 -31.35 -1.45
C SER A 435 -5.38 -32.54 -0.50
N ASP A 436 -6.23 -32.48 0.53
CA ASP A 436 -6.33 -33.53 1.53
C ASP A 436 -7.43 -34.54 1.18
N LEU A 437 -7.65 -34.76 -0.12
CA LEU A 437 -8.62 -35.77 -0.55
C LEU A 437 -8.12 -37.16 -0.19
N SER A 438 -9.06 -38.03 0.21
CA SER A 438 -8.71 -39.37 0.68
C SER A 438 -8.26 -40.30 -0.44
N LYS A 439 -8.45 -39.91 -1.71
CA LYS A 439 -7.98 -40.74 -2.81
C LYS A 439 -6.46 -40.77 -2.87
N TYR A 440 -5.81 -39.65 -2.52
CA TYR A 440 -4.36 -39.55 -2.51
C TYR A 440 -3.76 -39.74 -1.12
N ARG A 441 -4.57 -40.15 -0.14
CA ARG A 441 -4.14 -40.14 1.26
C ARG A 441 -3.04 -41.15 1.53
N THR A 442 -3.09 -42.33 0.88
CA THR A 442 -2.10 -43.36 1.14
C THR A 442 -0.72 -42.96 0.61
N SER A 443 -0.67 -42.42 -0.60
CA SER A 443 0.62 -42.01 -1.16
C SER A 443 1.15 -40.73 -0.52
N LYS A 444 0.26 -39.83 -0.11
CA LYS A 444 0.70 -38.61 0.55
C LYS A 444 1.39 -38.90 1.87
N GLU A 445 0.82 -39.78 2.69
CA GLU A 445 1.38 -40.07 4.00
C GLU A 445 2.52 -41.06 3.96
N ALA A 446 2.67 -41.82 2.87
CA ALA A 446 3.85 -42.66 2.71
C ALA A 446 5.07 -41.82 2.35
N ILE A 447 4.88 -40.84 1.47
CA ILE A 447 5.94 -39.89 1.15
C ILE A 447 6.26 -39.01 2.35
N GLU A 448 5.23 -38.60 3.09
CA GLU A 448 5.42 -37.77 4.27
C GLU A 448 6.20 -38.52 5.36
N ARG A 449 5.99 -39.82 5.47
CA ARG A 449 6.80 -40.62 6.39
C ARG A 449 8.26 -40.64 5.97
N ILE A 450 8.52 -40.75 4.66
CA ILE A 450 9.90 -40.73 4.16
C ILE A 450 10.47 -39.32 4.25
N ALA A 451 9.64 -38.30 4.03
CA ALA A 451 10.11 -36.93 4.10
C ALA A 451 10.49 -36.53 5.51
N LYS A 452 9.73 -36.99 6.51
CA LYS A 452 9.96 -36.57 7.89
C LYS A 452 10.90 -37.51 8.64
N GLU A 453 10.71 -38.82 8.51
CA GLU A 453 11.48 -39.79 9.28
C GLU A 453 12.45 -40.60 8.43
N GLY A 454 12.49 -40.39 7.12
CA GLY A 454 13.21 -41.31 6.25
C GLY A 454 14.71 -41.19 6.30
N ARG A 455 15.23 -39.97 6.52
CA ARG A 455 16.66 -39.76 6.36
C ARG A 455 17.48 -40.42 7.47
N LYS A 456 16.90 -40.59 8.66
CA LYS A 456 17.64 -41.24 9.72
C LYS A 456 17.79 -42.74 9.49
N TYR A 457 16.90 -43.35 8.69
CA TYR A 457 17.01 -44.75 8.33
C TYR A 457 17.63 -44.98 6.97
N GLY A 458 18.18 -43.94 6.35
CA GLY A 458 18.81 -44.08 5.05
C GLY A 458 17.87 -44.38 3.91
N VAL A 459 16.67 -43.78 3.93
CA VAL A 459 15.77 -43.79 2.78
C VAL A 459 15.31 -42.34 2.60
N THR A 460 15.95 -41.63 1.68
CA THR A 460 15.57 -40.26 1.36
C THR A 460 14.85 -40.22 0.02
N LEU A 461 14.37 -39.04 -0.34
CA LEU A 461 13.53 -38.89 -1.52
C LEU A 461 13.97 -37.69 -2.34
N LEU A 462 13.73 -37.80 -3.65
CA LEU A 462 13.93 -36.70 -4.59
C LEU A 462 12.57 -36.41 -5.21
N LEU A 463 12.09 -35.17 -5.06
CA LEU A 463 10.79 -34.77 -5.58
C LEU A 463 11.00 -33.98 -6.87
N ALA A 464 10.61 -34.58 -7.99
CA ALA A 464 10.64 -33.93 -9.29
C ALA A 464 9.22 -33.61 -9.72
N SER A 465 8.98 -32.36 -10.11
CA SER A 465 7.63 -31.93 -10.46
C SER A 465 7.73 -30.66 -11.30
N GLN A 466 6.87 -30.56 -12.31
CA GLN A 466 6.77 -29.33 -13.10
C GLN A 466 5.69 -28.39 -12.59
N ARG A 467 4.91 -28.81 -11.60
CA ARG A 467 3.88 -27.96 -10.99
C ARG A 467 4.09 -27.97 -9.48
N PRO A 468 5.00 -27.13 -8.97
CA PRO A 468 5.33 -27.16 -7.54
C PRO A 468 4.17 -26.85 -6.61
N SER A 469 3.24 -25.97 -7.02
CA SER A 469 2.24 -25.44 -6.10
C SER A 469 1.27 -26.50 -5.60
N GLU A 470 1.07 -27.58 -6.36
CA GLU A 470 0.21 -28.66 -5.88
C GLU A 470 0.90 -29.58 -4.89
N ILE A 471 2.22 -29.55 -4.78
CA ILE A 471 2.90 -30.31 -3.74
C ILE A 471 2.56 -29.71 -2.38
N SER A 472 2.29 -30.57 -1.41
CA SER A 472 1.95 -30.12 -0.06
C SER A 472 3.15 -29.47 0.61
N GLU A 473 2.86 -28.43 1.41
CA GLU A 473 3.92 -27.69 2.09
C GLU A 473 4.62 -28.52 3.14
N THR A 474 3.91 -29.47 3.76
CA THR A 474 4.49 -30.27 4.84
C THR A 474 5.57 -31.21 4.34
N ILE A 475 5.54 -31.57 3.05
CA ILE A 475 6.49 -32.49 2.48
C ILE A 475 7.54 -31.76 1.65
N PHE A 476 7.14 -30.72 0.92
CA PHE A 476 8.08 -29.97 0.09
C PHE A 476 9.08 -29.20 0.95
N SER A 477 8.71 -28.81 2.16
CA SER A 477 9.62 -28.14 3.07
C SER A 477 10.62 -29.08 3.71
N GLN A 478 10.36 -30.39 3.70
CA GLN A 478 11.31 -31.35 4.23
C GLN A 478 12.52 -31.55 3.33
N CYS A 479 12.46 -31.08 2.09
CA CYS A 479 13.59 -31.14 1.18
C CYS A 479 14.51 -29.96 1.48
N ASN A 480 15.61 -30.23 2.18
CA ASN A 480 16.55 -29.16 2.52
C ASN A 480 17.24 -28.63 1.27
N THR A 481 17.62 -29.50 0.34
CA THR A 481 18.22 -29.10 -0.91
C THR A 481 17.13 -28.91 -1.96
N PHE A 482 17.14 -27.75 -2.60
CA PHE A 482 16.07 -27.37 -3.53
C PHE A 482 16.70 -26.92 -4.83
N ILE A 483 16.34 -27.57 -5.94
CA ILE A 483 16.84 -27.25 -7.27
C ILE A 483 15.68 -26.74 -8.11
N SER A 484 15.88 -25.61 -8.78
CA SER A 484 14.82 -24.96 -9.55
C SER A 484 15.29 -24.71 -10.96
N MET A 485 14.58 -25.29 -11.93
CA MET A 485 14.73 -24.94 -13.34
C MET A 485 13.85 -23.71 -13.61
N ARG A 486 13.63 -23.39 -14.89
CA ARG A 486 12.82 -22.22 -15.23
C ARG A 486 11.37 -22.44 -14.79
N LEU A 487 10.88 -21.52 -13.97
CA LEU A 487 9.52 -21.60 -13.41
C LEU A 487 8.75 -20.40 -13.92
N THR A 488 7.74 -20.65 -14.75
CA THR A 488 7.00 -19.58 -15.40
C THR A 488 5.64 -19.30 -14.78
N ASN A 489 5.12 -20.21 -13.95
CA ASN A 489 3.86 -19.97 -13.27
C ASN A 489 4.10 -19.19 -11.99
N PRO A 490 3.50 -18.00 -11.82
CA PRO A 490 3.67 -17.26 -10.56
C PRO A 490 3.11 -17.97 -9.35
N ASP A 491 2.08 -18.80 -9.53
CA ASP A 491 1.59 -19.62 -8.43
C ASP A 491 2.64 -20.64 -7.99
N ASP A 492 3.39 -21.18 -8.96
CA ASP A 492 4.54 -22.02 -8.61
C ASP A 492 5.69 -21.18 -8.09
N GLN A 493 5.84 -19.95 -8.57
CA GLN A 493 6.93 -19.09 -8.11
C GLN A 493 6.69 -18.62 -6.68
N ASN A 494 5.47 -18.18 -6.37
CA ASN A 494 5.17 -17.69 -5.03
C ASN A 494 5.14 -18.83 -4.02
N TYR A 495 4.75 -20.04 -4.46
CA TYR A 495 4.84 -21.21 -3.59
C TYR A 495 6.29 -21.53 -3.27
N VAL A 496 7.17 -21.45 -4.28
CA VAL A 496 8.59 -21.71 -4.08
C VAL A 496 9.20 -20.66 -3.16
N LYS A 497 8.87 -19.39 -3.39
CA LYS A 497 9.53 -18.28 -2.68
C LYS A 497 9.23 -18.30 -1.19
N ARG A 498 7.98 -18.62 -0.81
CA ARG A 498 7.62 -18.68 0.59
C ARG A 498 8.05 -19.98 1.27
N LEU A 499 8.36 -21.03 0.48
CA LEU A 499 8.86 -22.28 1.01
C LEU A 499 10.38 -22.35 0.99
N LEU A 500 11.04 -21.24 0.69
CA LEU A 500 12.45 -21.28 0.34
C LEU A 500 13.31 -21.39 1.59
N PRO A 501 14.51 -21.97 1.49
CA PRO A 501 15.47 -21.88 2.59
C PRO A 501 16.11 -20.50 2.70
N ASP A 502 17.10 -20.34 3.58
CA ASP A 502 17.78 -19.07 3.74
C ASP A 502 18.54 -18.72 2.47
N THR A 503 17.99 -17.79 1.70
CA THR A 503 18.48 -17.41 0.40
C THR A 503 19.24 -16.08 0.48
N VAL A 504 19.56 -15.53 -0.69
CA VAL A 504 20.16 -14.19 -0.78
C VAL A 504 19.12 -13.30 -1.44
N GLY A 505 19.49 -12.02 -1.65
CA GLY A 505 18.49 -10.96 -1.79
C GLY A 505 17.52 -11.14 -2.94
N ASP A 506 18.04 -11.30 -4.16
CA ASP A 506 17.18 -11.34 -5.34
C ASP A 506 17.60 -12.44 -6.30
N ILE A 507 17.95 -13.62 -5.76
CA ILE A 507 18.33 -14.71 -6.66
C ILE A 507 17.11 -15.50 -7.11
N THR A 508 16.03 -15.48 -6.35
CA THR A 508 14.84 -16.25 -6.69
C THR A 508 13.91 -15.52 -7.66
N ASN A 509 14.25 -14.29 -8.02
CA ASN A 509 13.52 -13.56 -9.05
C ASN A 509 13.96 -13.93 -10.46
N LEU A 510 14.98 -14.77 -10.59
CA LEU A 510 15.48 -15.21 -11.89
C LEU A 510 14.76 -16.43 -12.42
N LEU A 511 13.79 -16.97 -11.67
CA LEU A 511 13.08 -18.18 -12.08
C LEU A 511 12.34 -18.07 -13.41
N PRO A 512 11.58 -17.02 -13.73
CA PRO A 512 10.98 -16.97 -15.08
C PRO A 512 11.97 -16.69 -16.19
N SER A 513 13.15 -16.16 -15.87
CA SER A 513 14.11 -15.73 -16.88
C SER A 513 15.23 -16.73 -17.11
N LEU A 514 15.09 -17.96 -16.60
CA LEU A 514 16.15 -18.95 -16.78
C LEU A 514 16.15 -19.49 -18.21
N LYS A 515 17.34 -19.59 -18.80
CA LYS A 515 17.50 -20.17 -20.12
C LYS A 515 17.55 -21.69 -19.98
N GLU A 516 17.76 -22.38 -21.10
CA GLU A 516 17.73 -23.84 -21.11
C GLU A 516 18.99 -24.39 -20.43
N GLY A 517 18.79 -25.24 -19.43
CA GLY A 517 19.88 -25.85 -18.71
C GLY A 517 20.25 -25.17 -17.41
N GLU A 518 19.84 -23.92 -17.23
CA GLU A 518 20.16 -23.19 -16.01
C GLU A 518 19.29 -23.67 -14.85
N ALA A 519 19.90 -23.80 -13.68
CA ALA A 519 19.21 -24.26 -12.49
C ALA A 519 19.54 -23.35 -11.32
N LEU A 520 19.08 -23.73 -10.14
CA LEU A 520 19.26 -22.92 -8.94
C LEU A 520 19.19 -23.82 -7.71
N ILE A 521 20.33 -24.09 -7.09
CA ILE A 521 20.40 -24.93 -5.91
C ILE A 521 20.62 -24.06 -4.68
N MET A 522 19.85 -24.31 -3.63
CA MET A 522 20.15 -23.78 -2.31
C MET A 522 20.13 -24.92 -1.30
N GLY A 523 20.23 -24.60 -0.01
CA GLY A 523 20.20 -25.61 1.02
C GLY A 523 21.54 -25.76 1.72
N ASP A 524 21.57 -26.73 2.63
CA ASP A 524 22.78 -26.99 3.42
C ASP A 524 23.90 -27.62 2.59
N SER A 525 23.56 -28.30 1.50
CA SER A 525 24.56 -29.01 0.71
C SER A 525 25.43 -28.08 -0.12
N ILE A 526 24.93 -26.90 -0.49
CA ILE A 526 25.68 -25.96 -1.31
C ILE A 526 26.13 -24.81 -0.44
N SER A 527 27.26 -24.19 -0.82
CA SER A 527 27.79 -23.07 -0.05
C SER A 527 26.93 -21.82 -0.25
N ILE A 528 26.55 -21.52 -1.48
CA ILE A 528 25.83 -20.29 -1.79
C ILE A 528 24.70 -20.58 -2.77
N PRO A 529 23.47 -20.10 -2.50
CA PRO A 529 22.40 -20.13 -3.50
C PRO A 529 22.81 -19.45 -4.80
N SER A 530 22.87 -20.21 -5.90
CA SER A 530 23.44 -19.70 -7.13
C SER A 530 22.72 -20.26 -8.35
N ILE A 531 22.76 -19.48 -9.43
CA ILE A 531 22.33 -19.95 -10.75
C ILE A 531 23.50 -20.65 -11.41
N VAL A 532 23.36 -21.95 -11.65
CA VAL A 532 24.41 -22.73 -12.29
C VAL A 532 23.92 -23.11 -13.68
N LYS A 533 24.79 -23.74 -14.46
CA LYS A 533 24.38 -24.42 -15.68
C LYS A 533 24.64 -25.91 -15.50
N ILE A 534 23.58 -26.70 -15.56
CA ILE A 534 23.71 -28.15 -15.42
C ILE A 534 24.44 -28.72 -16.61
N GLU A 535 25.33 -29.67 -16.36
CA GLU A 535 26.07 -30.36 -17.42
C GLU A 535 25.10 -31.06 -18.35
N LYS A 536 25.35 -30.94 -19.65
CA LYS A 536 24.46 -31.50 -20.65
C LYS A 536 24.52 -33.02 -20.63
N CYS A 537 23.35 -33.66 -20.77
CA CYS A 537 23.25 -35.10 -20.70
C CYS A 537 23.73 -35.71 -22.02
N THR A 538 24.78 -36.53 -21.95
CA THR A 538 25.21 -37.28 -23.12
C THR A 538 24.22 -38.38 -23.46
N ILE A 539 23.53 -38.91 -22.46
CA ILE A 539 22.44 -39.87 -22.66
C ILE A 539 21.17 -39.21 -22.15
N PRO A 540 20.49 -38.40 -22.97
CA PRO A 540 19.39 -37.58 -22.45
C PRO A 540 18.18 -38.42 -22.13
N PRO A 541 17.37 -38.01 -21.16
CA PRO A 541 16.09 -38.69 -20.90
C PRO A 541 15.03 -38.26 -21.90
N SER A 542 14.62 -39.20 -22.75
CA SER A 542 13.60 -38.97 -23.75
C SER A 542 12.43 -39.91 -23.52
N SER A 543 11.23 -39.42 -23.83
CA SER A 543 10.03 -40.23 -23.77
C SER A 543 9.47 -40.41 -25.17
N ILE A 544 8.96 -41.61 -25.44
CA ILE A 544 8.33 -41.88 -26.74
C ILE A 544 6.96 -41.22 -26.70
N ASP A 545 6.86 -40.02 -27.24
CA ASP A 545 5.59 -39.33 -27.35
C ASP A 545 4.96 -39.72 -28.69
N ILE A 546 3.68 -40.10 -28.66
CA ILE A 546 2.99 -40.41 -29.90
C ILE A 546 2.87 -39.15 -30.73
N LYS A 547 3.38 -39.22 -31.96
CA LYS A 547 3.44 -38.06 -32.84
C LYS A 547 2.09 -37.91 -33.52
N TYR A 548 1.28 -36.96 -33.06
CA TYR A 548 -0.05 -36.82 -33.64
C TYR A 548 -0.04 -36.21 -35.03
N LEU A 549 0.78 -35.19 -35.28
CA LEU A 549 0.74 -34.59 -36.62
C LEU A 549 1.43 -35.49 -37.63
N ASP A 550 2.45 -36.24 -37.22
CA ASP A 550 3.09 -37.18 -38.14
C ASP A 550 2.15 -38.32 -38.52
N GLU A 551 1.42 -38.87 -37.54
CA GLU A 551 0.52 -39.97 -37.83
C GLU A 551 -0.79 -39.51 -38.46
N TRP A 552 -1.24 -38.29 -38.19
CA TRP A 552 -2.47 -37.81 -38.78
C TRP A 552 -2.28 -37.39 -40.23
N ARG A 553 -1.03 -37.13 -40.62
CA ARG A 553 -0.71 -36.77 -42.00
C ARG A 553 -0.70 -37.97 -42.92
N LYS A 554 -0.65 -39.18 -42.36
CA LYS A 554 -0.59 -40.39 -43.16
C LYS A 554 -1.95 -40.70 -43.77
N GLU A 555 -1.96 -41.70 -44.65
CA GLU A 555 -3.20 -42.17 -45.25
C GLU A 555 -4.06 -42.85 -44.18
N TRP A 556 -5.37 -42.87 -44.42
CA TRP A 556 -6.33 -43.49 -43.51
C TRP A 556 -5.98 -44.95 -43.27
N VAL A 557 -5.69 -45.29 -42.02
CA VAL A 557 -5.33 -46.66 -41.67
C VAL A 557 -6.59 -47.50 -41.70
N ASP A 558 -6.67 -48.43 -42.64
CA ASP A 558 -7.85 -49.28 -42.81
C ASP A 558 -7.64 -50.71 -42.33
N SER A 559 -6.41 -51.23 -42.41
CA SER A 559 -6.17 -52.60 -41.98
C SER A 559 -6.22 -52.74 -40.47
N GLU A 560 -5.69 -51.76 -39.74
CA GLU A 560 -5.56 -51.86 -38.29
C GLU A 560 -6.77 -51.18 -37.63
N PHE A 561 -7.89 -51.84 -37.78
CA PHE A 561 -9.06 -51.61 -36.94
C PHE A 561 -9.62 -52.91 -36.39
N ASP A 562 -9.63 -53.98 -37.19
CA ASP A 562 -10.09 -55.28 -36.72
C ASP A 562 -9.09 -55.95 -35.80
N LYS A 563 -7.80 -55.59 -35.91
CA LYS A 563 -6.81 -56.11 -34.97
C LYS A 563 -7.06 -55.58 -33.56
N ILE A 564 -7.65 -54.39 -33.44
CA ILE A 564 -7.93 -53.81 -32.14
C ILE A 564 -9.21 -54.38 -31.54
N ILE A 565 -10.25 -54.54 -32.37
CA ILE A 565 -11.55 -54.98 -31.88
C ILE A 565 -11.51 -56.45 -31.45
N GLU A 566 -10.89 -57.31 -32.26
CA GLU A 566 -10.84 -58.73 -31.91
C GLU A 566 -9.86 -59.03 -30.78
N GLN A 567 -8.88 -58.16 -30.52
CA GLN A 567 -8.07 -58.31 -29.32
C GLN A 567 -8.82 -57.87 -28.07
N TRP A 568 -9.78 -56.95 -28.23
CA TRP A 568 -10.62 -56.54 -27.11
C TRP A 568 -11.43 -57.71 -26.56
N SER A 569 -11.98 -58.53 -27.45
CA SER A 569 -12.82 -59.66 -27.06
C SER A 569 -12.00 -60.93 -26.78
N LYS A 570 -10.68 -60.78 -26.62
CA LYS A 570 -9.75 -61.88 -26.32
C LYS A 570 -9.78 -62.96 -27.40
N SER A 571 -9.34 -62.60 -28.60
CA SER A 571 -9.28 -63.55 -29.70
C SER A 571 -8.01 -63.39 -30.54
N ASN B 5 -18.27 40.49 6.72
CA ASN B 5 -18.76 39.15 6.45
C ASN B 5 -18.42 38.20 7.60
N ASP B 6 -19.36 37.32 7.93
CA ASP B 6 -19.12 36.33 8.97
C ASP B 6 -18.11 35.29 8.51
N ILE B 7 -18.39 34.65 7.38
CA ILE B 7 -17.51 33.63 6.81
C ILE B 7 -17.21 34.01 5.37
N ASN B 8 -15.98 33.72 4.93
CA ASN B 8 -15.57 33.87 3.53
C ASN B 8 -14.97 32.54 3.10
N ALA B 9 -15.82 31.62 2.69
CA ALA B 9 -15.39 30.32 2.20
C ALA B 9 -15.61 30.24 0.69
N GLU B 10 -14.92 29.31 0.06
CA GLU B 10 -14.90 29.25 -1.40
C GLU B 10 -14.45 27.86 -1.84
N VAL B 11 -15.11 27.32 -2.87
CA VAL B 11 -14.71 26.06 -3.46
C VAL B 11 -13.44 26.29 -4.27
N VAL B 12 -12.39 25.55 -3.94
CA VAL B 12 -11.13 25.65 -4.68
C VAL B 12 -10.83 24.38 -5.47
N SER B 13 -11.54 23.29 -5.23
CA SER B 13 -11.33 22.04 -5.95
C SER B 13 -12.65 21.31 -6.07
N VAL B 14 -12.84 20.64 -7.21
CA VAL B 14 -14.03 19.84 -7.46
C VAL B 14 -13.61 18.45 -7.90
N SER B 15 -14.07 17.44 -7.18
CA SER B 15 -13.95 16.03 -7.48
C SER B 15 -15.34 15.50 -7.85
N PRO B 16 -15.43 14.31 -8.48
CA PRO B 16 -16.75 13.75 -8.78
C PRO B 16 -17.67 13.59 -7.58
N ASN B 17 -17.14 13.28 -6.40
CA ASN B 17 -17.97 13.18 -5.21
C ASN B 17 -17.31 13.86 -4.01
N LYS B 18 -16.59 14.94 -4.24
CA LYS B 18 -15.89 15.65 -3.17
C LYS B 18 -15.74 17.11 -3.56
N LEU B 19 -15.88 18.00 -2.57
CA LEU B 19 -15.57 19.42 -2.72
C LEU B 19 -14.53 19.82 -1.69
N LYS B 20 -13.60 20.67 -2.10
CA LYS B 20 -12.55 21.17 -1.23
C LYS B 20 -12.75 22.68 -1.09
N ILE B 21 -13.08 23.12 0.12
CA ILE B 21 -13.53 24.49 0.37
C ILE B 21 -12.50 25.16 1.26
N SER B 22 -11.99 26.31 0.83
CA SER B 22 -11.03 27.09 1.60
C SER B 22 -11.73 28.28 2.23
N VAL B 23 -11.74 28.33 3.56
CA VAL B 23 -12.28 29.48 4.28
C VAL B 23 -11.19 30.54 4.34
N ASP B 24 -11.42 31.67 3.69
CA ASP B 24 -10.43 32.73 3.61
C ASP B 24 -10.47 33.65 4.81
N ASP B 25 -11.66 34.13 5.18
CA ASP B 25 -11.85 35.01 6.32
C ASP B 25 -12.85 34.38 7.28
N LEU B 26 -12.50 34.32 8.56
CA LEU B 26 -13.38 33.82 9.61
C LEU B 26 -13.39 34.87 10.72
N GLU B 27 -14.52 35.53 10.90
CA GLU B 27 -14.60 36.69 11.77
C GLU B 27 -15.49 36.46 12.99
N GLU B 28 -16.64 35.81 12.81
CA GLU B 28 -17.58 35.66 13.92
C GLU B 28 -17.07 34.68 14.96
N PHE B 29 -16.40 33.62 14.53
CA PHE B 29 -15.76 32.54 15.30
C PHE B 29 -16.76 31.57 15.94
N LYS B 30 -18.06 31.80 15.84
CA LYS B 30 -19.04 30.78 16.21
C LYS B 30 -19.55 30.01 15.01
N ILE B 31 -19.26 30.48 13.79
CA ILE B 31 -19.57 29.71 12.59
C ILE B 31 -18.74 28.44 12.56
N ALA B 32 -17.47 28.53 12.94
CA ALA B 32 -16.61 27.35 12.97
C ALA B 32 -17.07 26.36 14.03
N GLU B 33 -17.44 26.85 15.21
CA GLU B 33 -17.82 25.97 16.32
C GLU B 33 -19.12 25.24 16.04
N GLU B 34 -20.11 25.94 15.49
CA GLU B 34 -21.45 25.40 15.36
C GLU B 34 -21.81 24.98 13.94
N LYS B 35 -21.41 25.76 12.93
CA LYS B 35 -21.88 25.55 11.58
C LYS B 35 -20.85 24.94 10.64
N LEU B 36 -19.61 24.74 11.09
CA LEU B 36 -18.58 24.09 10.29
C LEU B 36 -18.09 22.81 10.96
N GLY B 37 -19.02 22.05 11.53
CA GLY B 37 -18.69 20.76 12.10
C GLY B 37 -18.52 19.71 11.02
N VAL B 38 -18.28 18.47 11.46
CA VAL B 38 -18.10 17.39 10.50
C VAL B 38 -19.43 17.04 9.84
N GLY B 39 -20.50 16.94 10.61
CA GLY B 39 -21.79 16.64 10.04
C GLY B 39 -22.57 17.83 9.52
N SER B 40 -21.96 19.01 9.46
CA SER B 40 -22.67 20.22 9.08
C SER B 40 -22.95 20.26 7.59
N TYR B 41 -23.86 21.15 7.20
CA TYR B 41 -24.25 21.33 5.81
C TYR B 41 -23.78 22.69 5.30
N LEU B 42 -23.36 22.74 4.04
CA LEU B 42 -22.98 23.98 3.39
C LEU B 42 -23.74 24.12 2.08
N ARG B 43 -24.03 25.37 1.73
CA ARG B 43 -24.61 25.71 0.44
C ARG B 43 -23.52 26.28 -0.45
N VAL B 44 -23.48 25.83 -1.71
CA VAL B 44 -22.42 26.16 -2.65
C VAL B 44 -23.09 26.82 -3.85
N SER B 45 -23.03 28.14 -3.93
CA SER B 45 -23.66 28.87 -5.02
C SER B 45 -23.07 30.27 -5.12
N ASP B 46 -23.29 30.89 -6.27
CA ASP B 46 -23.02 32.31 -6.46
C ASP B 46 -24.24 33.18 -6.18
N ASN B 47 -25.37 32.56 -5.83
CA ASN B 47 -26.61 33.29 -5.62
C ASN B 47 -27.39 32.60 -4.49
N GLN B 48 -28.49 33.22 -4.10
CA GLN B 48 -29.35 32.67 -3.05
C GLN B 48 -30.50 31.87 -3.61
N ASP B 49 -30.62 31.77 -4.93
CA ASP B 49 -31.77 31.08 -5.54
C ASP B 49 -31.54 29.58 -5.60
N VAL B 50 -30.55 29.14 -6.37
CA VAL B 50 -30.23 27.74 -6.58
C VAL B 50 -28.87 27.46 -5.98
N ALA B 51 -28.80 26.51 -5.06
CA ALA B 51 -27.57 26.19 -4.36
C ALA B 51 -27.31 24.69 -4.40
N LEU B 52 -26.05 24.33 -4.53
CA LEU B 52 -25.61 22.94 -4.45
C LEU B 52 -25.28 22.65 -2.99
N LEU B 53 -26.16 21.93 -2.31
CA LEU B 53 -25.96 21.65 -0.89
C LEU B 53 -25.00 20.50 -0.71
N ALA B 54 -24.05 20.68 0.21
CA ALA B 54 -22.99 19.71 0.43
C ALA B 54 -22.80 19.50 1.93
N ILE B 55 -22.47 18.26 2.32
CA ILE B 55 -22.19 17.95 3.71
C ILE B 55 -20.67 17.90 3.88
N ILE B 56 -20.20 18.31 5.05
CA ILE B 56 -18.78 18.35 5.33
C ILE B 56 -18.28 16.93 5.59
N ASP B 57 -17.02 16.68 5.26
CA ASP B 57 -16.36 15.41 5.55
C ASP B 57 -15.10 15.56 6.37
N ASN B 58 -14.30 16.59 6.11
CA ASN B 58 -13.01 16.73 6.78
C ASN B 58 -12.58 18.20 6.71
N PHE B 59 -11.66 18.56 7.60
CA PHE B 59 -11.06 19.89 7.60
C PHE B 59 -9.70 19.81 8.27
N SER B 60 -8.84 20.78 7.95
CA SER B 60 -7.49 20.83 8.51
C SER B 60 -7.07 22.30 8.62
N ILE B 61 -7.24 22.86 9.81
CA ILE B 61 -6.93 24.27 10.06
C ILE B 61 -5.45 24.36 10.44
N GLU B 62 -4.60 24.54 9.43
CA GLU B 62 -3.18 24.77 9.64
C GLU B 62 -2.91 26.25 9.84
N VAL B 63 -2.03 26.57 10.79
CA VAL B 63 -1.56 27.93 10.98
C VAL B 63 -0.05 27.93 10.95
N LYS B 64 0.53 29.05 10.51
CA LYS B 64 1.97 29.22 10.45
C LYS B 64 2.32 30.60 11.00
N GLU B 65 3.60 30.80 11.28
CA GLU B 65 4.04 32.05 11.89
C GLU B 65 3.90 33.23 10.94
N SER B 66 4.35 33.07 9.70
CA SER B 66 4.28 34.15 8.72
C SER B 66 3.17 33.95 7.69
N GLN B 67 2.81 32.70 7.40
CA GLN B 67 1.79 32.43 6.39
C GLN B 67 0.40 32.69 6.95
N LYS B 68 -0.55 32.87 6.03
CA LYS B 68 -1.95 33.02 6.40
C LYS B 68 -2.53 31.68 6.84
N GLN B 69 -3.52 31.74 7.72
CA GLN B 69 -4.20 30.53 8.17
C GLN B 69 -5.00 29.91 7.03
N LYS B 70 -4.83 28.62 6.82
CA LYS B 70 -5.60 27.90 5.81
C LYS B 70 -6.52 26.91 6.53
N TYR B 71 -7.76 26.83 6.07
CA TYR B 71 -8.81 26.07 6.75
C TYR B 71 -9.11 24.76 6.04
N MET B 72 -9.36 24.84 4.73
CA MET B 72 -9.39 23.71 3.80
C MET B 72 -10.46 22.68 4.20
N ILE B 73 -11.71 23.13 4.18
CA ILE B 73 -12.84 22.23 4.43
C ILE B 73 -13.00 21.30 3.23
N GLU B 74 -13.06 20.00 3.51
CA GLU B 74 -13.32 19.00 2.48
C GLU B 74 -14.74 18.47 2.65
N ALA B 75 -15.58 18.72 1.65
CA ALA B 75 -17.00 18.40 1.69
C ALA B 75 -17.37 17.52 0.50
N SER B 76 -18.62 17.06 0.48
CA SER B 76 -19.13 16.24 -0.62
C SER B 76 -20.55 16.68 -0.94
N PRO B 77 -20.89 16.87 -2.22
CA PRO B 77 -22.25 17.29 -2.58
C PRO B 77 -23.26 16.18 -2.30
N ILE B 78 -24.34 16.54 -1.60
CA ILE B 78 -25.41 15.58 -1.31
C ILE B 78 -26.63 15.79 -2.20
N GLY B 79 -26.80 16.98 -2.78
CA GLY B 79 -27.99 17.23 -3.57
C GLY B 79 -28.05 18.60 -4.18
N LEU B 80 -29.25 19.12 -4.34
CA LEU B 80 -29.45 20.37 -5.07
C LEU B 80 -30.74 21.00 -4.58
N VAL B 81 -30.65 22.18 -3.98
CA VAL B 81 -31.83 22.96 -3.62
C VAL B 81 -32.12 23.94 -4.73
N LYS B 82 -33.40 24.21 -4.96
CA LYS B 82 -33.83 25.15 -6.00
C LYS B 82 -35.22 25.65 -5.64
N ASN B 83 -35.32 26.95 -5.35
CA ASN B 83 -36.58 27.63 -5.00
C ASN B 83 -37.23 26.99 -3.78
N GLY B 84 -36.41 26.61 -2.81
CA GLY B 84 -36.89 26.03 -1.58
C GLY B 84 -37.17 24.54 -1.62
N LYS B 85 -36.97 23.88 -2.76
CA LYS B 85 -37.20 22.45 -2.88
C LYS B 85 -35.87 21.75 -3.18
N PHE B 86 -35.60 20.68 -2.44
CA PHE B 86 -34.30 20.02 -2.46
C PHE B 86 -34.36 18.76 -3.32
N TYR B 87 -33.45 18.67 -4.28
CA TYR B 87 -33.30 17.50 -5.14
C TYR B 87 -32.03 16.78 -4.74
N ARG B 88 -32.14 15.48 -4.45
CA ARG B 88 -30.96 14.68 -4.18
C ARG B 88 -30.14 14.44 -5.46
N GLY B 89 -28.90 14.03 -5.26
CA GLY B 89 -28.03 13.69 -6.36
C GLY B 89 -26.63 14.23 -6.19
N GLY B 90 -25.63 13.34 -6.25
CA GLY B 90 -24.25 13.74 -6.15
C GLY B 90 -23.59 14.10 -7.46
N ASP B 91 -24.24 13.80 -8.58
CA ASP B 91 -23.70 14.11 -9.90
C ASP B 91 -24.17 15.46 -10.39
N SER B 92 -23.99 16.49 -9.57
CA SER B 92 -24.28 17.87 -9.92
C SER B 92 -23.00 18.68 -9.80
N LEU B 93 -22.73 19.51 -10.78
CA LEU B 93 -21.45 20.19 -10.89
C LEU B 93 -21.58 21.66 -10.49
N ALA B 94 -20.68 22.10 -9.60
CA ALA B 94 -20.52 23.51 -9.26
C ALA B 94 -19.11 23.91 -9.66
N LEU B 95 -18.99 24.68 -10.74
CA LEU B 95 -17.68 25.01 -11.29
C LEU B 95 -16.96 25.99 -10.37
N PRO B 96 -15.74 25.69 -9.92
CA PRO B 96 -15.07 26.57 -8.97
C PRO B 96 -14.56 27.81 -9.65
N PRO B 97 -14.43 28.93 -8.93
CA PRO B 97 -14.77 29.14 -7.51
C PRO B 97 -16.25 29.42 -7.30
N LYS B 98 -16.80 28.99 -6.17
CA LYS B 98 -18.17 29.27 -5.79
C LYS B 98 -18.22 29.70 -4.34
N LYS B 99 -19.06 30.68 -4.03
CA LYS B 99 -19.15 31.19 -2.68
C LYS B 99 -19.81 30.16 -1.77
N VAL B 100 -19.18 29.89 -0.63
CA VAL B 100 -19.65 28.87 0.30
C VAL B 100 -19.96 29.54 1.64
N GLU B 101 -21.16 29.30 2.14
CA GLU B 101 -21.58 29.69 3.47
C GLU B 101 -22.33 28.52 4.07
N PRO B 102 -22.46 28.46 5.39
CA PRO B 102 -23.30 27.43 6.01
C PRO B 102 -24.74 27.53 5.53
N ALA B 103 -25.38 26.39 5.37
CA ALA B 103 -26.74 26.33 4.85
C ALA B 103 -27.70 26.99 5.83
N LYS B 104 -28.60 27.82 5.29
CA LYS B 104 -29.58 28.49 6.11
C LYS B 104 -30.62 27.51 6.62
N LEU B 105 -31.39 27.94 7.63
CA LEU B 105 -32.31 27.06 8.32
C LEU B 105 -33.38 26.51 7.40
N ASP B 106 -33.89 27.33 6.48
CA ASP B 106 -34.94 26.87 5.57
C ASP B 106 -34.42 25.85 4.56
N GLU B 107 -33.14 25.89 4.22
CA GLU B 107 -32.60 24.90 3.27
C GLU B 107 -32.42 23.55 3.93
N ILE B 108 -32.00 23.53 5.20
CA ILE B 108 -31.80 22.27 5.91
C ILE B 108 -33.15 21.61 6.19
N ILE B 109 -34.18 22.41 6.50
CA ILE B 109 -35.53 21.88 6.66
C ILE B 109 -36.03 21.32 5.33
N SER B 110 -35.70 22.00 4.22
CA SER B 110 -36.13 21.54 2.90
C SER B 110 -35.46 20.24 2.47
N ILE B 111 -34.37 19.84 3.13
CA ILE B 111 -33.77 18.54 2.87
C ILE B 111 -34.72 17.42 3.28
N TYR B 112 -35.35 17.56 4.44
CA TYR B 112 -36.09 16.48 5.09
C TYR B 112 -37.59 16.61 4.91
N SER B 113 -38.12 17.84 5.01
CA SER B 113 -39.56 18.04 4.98
C SER B 113 -40.14 17.84 3.58
N ASP B 114 -39.37 18.18 2.53
CA ASP B 114 -39.93 18.14 1.19
C ASP B 114 -40.09 16.72 0.66
N SER B 115 -39.16 15.83 1.03
CA SER B 115 -39.16 14.49 0.46
C SER B 115 -40.30 13.63 0.99
N ILE B 116 -40.75 13.89 2.21
CA ILE B 116 -41.80 13.11 2.86
C ILE B 116 -42.98 14.04 3.11
N ASP B 117 -44.15 13.67 2.61
CA ASP B 117 -45.34 14.49 2.77
C ASP B 117 -45.84 14.44 4.21
N ILE B 118 -46.84 15.29 4.50
CA ILE B 118 -47.28 15.52 5.87
C ILE B 118 -47.88 14.27 6.49
N ASN B 119 -48.70 13.54 5.73
CA ASN B 119 -49.34 12.34 6.25
C ASN B 119 -48.39 11.17 6.39
N ASP B 120 -47.16 11.27 5.88
CA ASP B 120 -46.20 10.19 5.96
C ASP B 120 -45.01 10.51 6.86
N ARG B 121 -45.00 11.67 7.51
CA ARG B 121 -43.87 12.09 8.33
C ARG B 121 -43.94 11.44 9.71
N PHE B 122 -42.82 10.85 10.14
CA PHE B 122 -42.69 10.24 11.46
C PHE B 122 -41.46 10.85 12.12
N THR B 123 -41.68 11.81 13.01
CA THR B 123 -40.60 12.55 13.66
C THR B 123 -40.36 11.99 15.05
N PHE B 124 -39.17 11.43 15.27
CA PHE B 124 -38.75 10.99 16.58
C PHE B 124 -37.40 11.57 16.98
N SER B 125 -36.82 12.44 16.16
CA SER B 125 -35.50 12.99 16.43
C SER B 125 -35.34 14.31 15.68
N SER B 126 -34.36 15.10 16.13
CA SER B 126 -33.99 16.34 15.47
C SER B 126 -32.50 16.30 15.17
N LEU B 127 -32.08 17.18 14.26
CA LEU B 127 -30.68 17.19 13.82
C LEU B 127 -29.75 17.56 14.97
N SER B 128 -28.61 16.87 15.04
CA SER B 128 -27.68 17.10 16.15
C SER B 128 -26.99 18.44 16.04
N LEU B 129 -26.56 18.82 14.83
CA LEU B 129 -25.85 20.07 14.64
C LEU B 129 -26.79 21.26 14.47
N ASN B 130 -28.10 21.02 14.34
CA ASN B 130 -29.08 22.10 14.25
C ASN B 130 -30.36 21.58 14.93
N THR B 131 -30.53 21.93 16.21
CA THR B 131 -31.64 21.40 16.99
C THR B 131 -32.99 21.92 16.53
N LYS B 132 -33.03 23.00 15.75
CA LYS B 132 -34.28 23.51 15.22
C LYS B 132 -34.78 22.74 14.00
N VAL B 133 -33.97 21.83 13.47
CA VAL B 133 -34.33 21.05 12.28
C VAL B 133 -34.86 19.71 12.76
N SER B 134 -36.17 19.51 12.68
CA SER B 134 -36.74 18.20 12.88
C SER B 134 -36.35 17.29 11.72
N VAL B 135 -36.11 16.02 12.02
CA VAL B 135 -35.72 15.05 10.99
C VAL B 135 -36.80 13.99 10.89
N PRO B 136 -37.81 14.17 10.04
CA PRO B 136 -38.82 13.12 9.86
C PRO B 136 -38.36 12.06 8.88
N VAL B 137 -38.81 10.84 9.14
CA VAL B 137 -38.58 9.72 8.23
C VAL B 137 -39.92 9.35 7.62
N ASN B 138 -39.84 8.64 6.49
CA ASN B 138 -41.05 8.14 5.85
C ASN B 138 -41.60 7.03 6.74
N GLY B 139 -42.64 7.36 7.52
CA GLY B 139 -43.11 6.46 8.56
C GLY B 139 -43.69 5.17 8.04
N ASN B 140 -44.28 5.20 6.84
CA ASN B 140 -44.67 3.95 6.18
C ASN B 140 -43.43 3.13 5.85
N ARG B 141 -42.45 3.75 5.20
CA ARG B 141 -41.23 3.05 4.81
C ARG B 141 -40.31 2.76 6.00
N PHE B 142 -40.49 3.48 7.11
CA PHE B 142 -39.69 3.24 8.30
C PHE B 142 -39.93 1.86 8.87
N PHE B 143 -41.20 1.46 8.96
CA PHE B 143 -41.57 0.21 9.61
C PHE B 143 -41.90 -0.92 8.64
N ASN B 144 -42.35 -0.61 7.41
CA ASN B 144 -42.60 -1.65 6.42
C ASN B 144 -41.29 -2.31 6.03
N LYS B 145 -40.23 -1.53 5.87
CA LYS B 145 -38.90 -2.09 5.78
C LYS B 145 -38.34 -2.30 7.17
N HIS B 146 -37.36 -3.20 7.27
CA HIS B 146 -36.86 -3.60 8.58
C HIS B 146 -35.86 -2.58 9.12
N ILE B 147 -35.75 -2.56 10.45
CA ILE B 147 -34.95 -1.56 11.16
C ILE B 147 -33.84 -2.27 11.92
N ALA B 148 -32.64 -1.70 11.87
CA ALA B 148 -31.49 -2.16 12.64
C ALA B 148 -30.99 -1.02 13.50
N ILE B 149 -31.21 -1.11 14.81
CA ILE B 149 -30.81 -0.06 15.74
C ILE B 149 -29.63 -0.59 16.54
N VAL B 150 -28.43 -0.14 16.17
CA VAL B 150 -27.21 -0.63 16.80
C VAL B 150 -26.53 0.52 17.54
N GLY B 151 -25.48 0.17 18.28
CA GLY B 151 -24.72 1.13 19.05
C GLY B 151 -24.26 0.54 20.37
N SER B 152 -23.03 0.85 20.78
CA SER B 152 -22.39 0.18 21.90
C SER B 152 -23.11 0.47 23.21
N THR B 153 -22.79 -0.33 24.23
CA THR B 153 -23.49 -0.23 25.51
C THR B 153 -23.13 1.06 26.22
N GLY B 154 -24.15 1.69 26.81
CA GLY B 154 -23.99 2.98 27.44
C GLY B 154 -24.23 4.17 26.54
N SER B 155 -24.43 3.95 25.25
CA SER B 155 -24.72 5.04 24.32
C SER B 155 -26.20 5.39 24.25
N GLY B 156 -27.04 4.65 24.96
CA GLY B 156 -28.47 4.90 24.90
C GLY B 156 -29.18 4.27 23.72
N LYS B 157 -28.76 3.07 23.32
CA LYS B 157 -29.44 2.37 22.23
C LYS B 157 -30.85 1.98 22.63
N SER B 158 -31.02 1.48 23.86
CA SER B 158 -32.35 1.15 24.36
C SER B 158 -33.21 2.39 24.55
N HIS B 159 -32.59 3.55 24.77
CA HIS B 159 -33.33 4.81 24.75
C HIS B 159 -33.90 5.09 23.36
N THR B 160 -33.10 4.82 22.32
CA THR B 160 -33.53 5.10 20.96
C THR B 160 -34.67 4.16 20.53
N VAL B 161 -34.59 2.90 20.94
CA VAL B 161 -35.61 1.92 20.54
C VAL B 161 -36.96 2.26 21.16
N ALA B 162 -36.99 2.57 22.46
CA ALA B 162 -38.25 2.83 23.13
C ALA B 162 -38.88 4.15 22.70
N LYS B 163 -38.05 5.15 22.37
CA LYS B 163 -38.58 6.41 21.89
C LYS B 163 -39.29 6.24 20.55
N ILE B 164 -38.77 5.36 19.69
CA ILE B 164 -39.42 5.08 18.42
C ILE B 164 -40.77 4.39 18.65
N LEU B 165 -40.82 3.42 19.56
CA LEU B 165 -42.07 2.72 19.82
C LEU B 165 -43.05 3.58 20.61
N GLN B 166 -42.55 4.52 21.41
CA GLN B 166 -43.44 5.45 22.09
C GLN B 166 -44.11 6.41 21.12
N LYS B 167 -43.35 6.88 20.12
CA LYS B 167 -43.96 7.72 19.09
C LYS B 167 -44.89 6.92 18.20
N ALA B 168 -44.58 5.65 17.95
CA ALA B 168 -45.47 4.81 17.16
C ALA B 168 -46.74 4.48 17.92
N VAL B 169 -46.66 4.33 19.24
CA VAL B 169 -47.85 4.10 20.05
C VAL B 169 -48.73 5.35 20.07
N ASP B 170 -48.11 6.52 20.21
CA ASP B 170 -48.84 7.79 20.21
C ASP B 170 -49.13 8.31 18.81
N GLU B 171 -48.98 7.47 17.79
CA GLU B 171 -49.29 7.86 16.40
C GLU B 171 -50.77 7.61 16.14
N LYS B 172 -51.59 8.46 16.74
CA LYS B 172 -53.05 8.37 16.63
C LYS B 172 -53.56 9.50 15.74
N GLN B 173 -54.35 9.14 14.74
CA GLN B 173 -55.03 10.17 13.96
C GLN B 173 -56.24 10.68 14.73
N GLU B 174 -56.69 11.89 14.35
CA GLU B 174 -57.77 12.54 15.06
C GLU B 174 -59.09 11.83 14.79
N GLY B 175 -59.85 11.58 15.85
CA GLY B 175 -61.15 10.95 15.70
C GLY B 175 -61.53 9.96 16.79
N TYR B 176 -60.55 9.45 17.55
CA TYR B 176 -60.83 8.45 18.56
C TYR B 176 -59.94 8.68 19.78
N LYS B 177 -60.40 8.17 20.92
CA LYS B 177 -59.65 8.26 22.17
C LYS B 177 -59.10 6.93 22.63
N GLY B 178 -59.35 5.84 21.91
CA GLY B 178 -58.85 4.53 22.27
C GLY B 178 -57.44 4.30 21.78
N LEU B 179 -57.00 3.05 21.89
CA LEU B 179 -55.70 2.67 21.39
C LEU B 179 -55.70 2.62 19.87
N ASN B 180 -54.53 2.85 19.28
CA ASN B 180 -54.37 2.79 17.84
C ASN B 180 -54.04 1.36 17.43
N ASN B 181 -53.64 1.17 16.17
CA ASN B 181 -53.38 -0.14 15.62
C ASN B 181 -51.90 -0.51 15.66
N SER B 182 -51.14 0.09 16.56
CA SER B 182 -49.74 -0.29 16.72
C SER B 182 -49.64 -1.67 17.35
N HIS B 183 -48.75 -2.51 16.81
CA HIS B 183 -48.52 -3.86 17.32
C HIS B 183 -47.02 -4.08 17.38
N ILE B 184 -46.46 -3.94 18.58
CA ILE B 184 -45.02 -4.05 18.80
C ILE B 184 -44.76 -5.22 19.74
N ILE B 185 -43.88 -6.12 19.33
CA ILE B 185 -43.44 -7.24 20.15
C ILE B 185 -41.98 -7.05 20.46
N ILE B 186 -41.63 -7.04 21.75
CA ILE B 186 -40.26 -6.84 22.20
C ILE B 186 -39.77 -8.11 22.85
N PHE B 187 -38.65 -8.64 22.34
CA PHE B 187 -37.95 -9.75 23.00
C PHE B 187 -36.94 -9.11 23.96
N ASP B 188 -37.39 -8.86 25.18
CA ASP B 188 -36.61 -8.13 26.17
C ASP B 188 -35.86 -9.13 27.04
N ILE B 189 -34.55 -9.21 26.87
CA ILE B 189 -33.73 -10.12 27.64
C ILE B 189 -33.06 -9.43 28.82
N HIS B 190 -32.80 -8.12 28.73
CA HIS B 190 -32.24 -7.37 29.83
C HIS B 190 -33.29 -6.74 30.72
N SER B 191 -34.58 -6.93 30.41
CA SER B 191 -35.71 -6.48 31.23
C SER B 191 -35.69 -4.97 31.45
N GLU B 192 -35.56 -4.22 30.35
CA GLU B 192 -35.48 -2.77 30.40
C GLU B 192 -36.80 -2.07 30.10
N TYR B 193 -37.65 -2.66 29.26
CA TYR B 193 -38.82 -1.96 28.76
C TYR B 193 -40.07 -2.17 29.61
N GLU B 194 -39.96 -2.85 30.75
CA GLU B 194 -41.08 -2.90 31.69
C GLU B 194 -41.42 -1.51 32.22
N ASN B 195 -40.41 -0.74 32.59
CA ASN B 195 -40.61 0.62 33.05
C ASN B 195 -40.65 1.64 31.93
N ALA B 196 -40.26 1.26 30.71
CA ALA B 196 -40.37 2.18 29.57
C ALA B 196 -41.82 2.34 29.13
N PHE B 197 -42.56 1.25 29.08
CA PHE B 197 -43.98 1.26 28.70
C PHE B 197 -44.80 0.71 29.85
N PRO B 198 -45.34 1.56 30.73
CA PRO B 198 -46.15 1.04 31.83
C PRO B 198 -47.51 0.52 31.38
N ASN B 199 -48.05 1.05 30.29
CA ASN B 199 -49.32 0.56 29.74
C ASN B 199 -49.05 -0.45 28.64
N SER B 200 -48.57 -1.61 29.06
CA SER B 200 -48.23 -2.69 28.14
C SER B 200 -48.52 -4.02 28.84
N ASN B 201 -48.15 -5.12 28.19
CA ASN B 201 -48.34 -6.46 28.72
C ASN B 201 -46.97 -7.14 28.75
N VAL B 202 -46.36 -7.16 29.93
CA VAL B 202 -45.03 -7.73 30.10
C VAL B 202 -45.17 -9.18 30.53
N LEU B 203 -44.44 -10.07 29.86
CA LEU B 203 -44.63 -11.51 29.99
C LEU B 203 -43.29 -12.17 30.32
N ASN B 204 -43.10 -12.54 31.58
CA ASN B 204 -41.93 -13.29 32.00
C ASN B 204 -42.25 -14.78 31.98
N VAL B 205 -41.34 -15.61 32.50
CA VAL B 205 -41.56 -17.05 32.49
C VAL B 205 -42.66 -17.45 33.45
N ASP B 206 -42.92 -16.64 34.48
CA ASP B 206 -44.00 -16.93 35.40
C ASP B 206 -45.37 -16.57 34.84
N THR B 207 -45.41 -15.78 33.77
CA THR B 207 -46.66 -15.37 33.15
C THR B 207 -46.87 -15.94 31.75
N LEU B 208 -45.81 -15.99 30.94
CA LEU B 208 -45.93 -16.54 29.60
C LEU B 208 -46.12 -18.06 29.64
N THR B 209 -47.02 -18.55 28.79
CA THR B 209 -47.24 -19.99 28.64
C THR B 209 -47.16 -20.29 27.14
N LEU B 210 -46.02 -20.83 26.72
CA LEU B 210 -45.83 -21.21 25.32
C LEU B 210 -46.07 -22.69 25.18
N PRO B 211 -47.01 -23.12 24.34
CA PRO B 211 -47.25 -24.56 24.16
C PRO B 211 -46.09 -25.23 23.45
N TYR B 212 -45.70 -26.41 23.95
CA TYR B 212 -44.66 -27.19 23.31
C TYR B 212 -45.14 -27.78 21.99
N TRP B 213 -46.45 -28.01 21.85
CA TRP B 213 -46.98 -28.62 20.64
C TRP B 213 -47.11 -27.64 19.48
N LEU B 214 -46.95 -26.34 19.74
CA LEU B 214 -46.90 -25.37 18.66
C LEU B 214 -45.54 -25.28 18.00
N LEU B 215 -44.52 -25.94 18.56
CA LEU B 215 -43.23 -26.04 17.92
C LEU B 215 -43.34 -26.92 16.67
N ASN B 216 -42.58 -26.57 15.65
CA ASN B 216 -42.56 -27.35 14.41
C ASN B 216 -41.58 -28.51 14.55
N GLY B 217 -41.26 -29.15 13.43
CA GLY B 217 -40.34 -30.28 13.47
C GLY B 217 -38.93 -29.89 13.86
N ASP B 218 -38.47 -28.70 13.43
CA ASP B 218 -37.12 -28.28 13.74
C ASP B 218 -36.97 -27.91 15.21
N GLU B 219 -37.96 -27.20 15.77
CA GLU B 219 -37.86 -26.78 17.16
C GLU B 219 -38.11 -27.91 18.14
N LEU B 220 -38.99 -28.86 17.80
CA LEU B 220 -39.22 -30.01 18.67
C LEU B 220 -37.99 -30.90 18.76
N GLU B 221 -37.28 -31.08 17.63
CA GLU B 221 -36.03 -31.82 17.65
C GLU B 221 -34.96 -31.08 18.43
N GLU B 222 -34.91 -29.76 18.28
CA GLU B 222 -33.87 -28.96 18.92
C GLU B 222 -34.01 -28.95 20.44
N LEU B 223 -35.24 -29.13 20.95
CA LEU B 223 -35.47 -29.12 22.39
C LEU B 223 -35.18 -30.49 23.01
N PHE B 224 -35.29 -31.56 22.23
CA PHE B 224 -35.32 -32.90 22.79
C PHE B 224 -34.29 -33.86 22.24
N LEU B 225 -33.78 -33.64 21.03
CA LEU B 225 -32.76 -34.51 20.47
C LEU B 225 -31.39 -34.07 20.94
N ASP B 226 -30.47 -35.03 21.02
CA ASP B 226 -29.07 -34.73 21.30
C ASP B 226 -28.31 -34.69 19.97
N THR B 227 -27.66 -33.56 19.69
CA THR B 227 -26.92 -33.42 18.44
C THR B 227 -25.72 -34.35 18.39
N GLU B 228 -24.98 -34.46 19.50
CA GLU B 228 -23.85 -35.38 19.56
C GLU B 228 -24.30 -36.83 19.48
N ALA B 229 -25.41 -37.17 20.14
CA ALA B 229 -26.00 -38.50 20.05
C ALA B 229 -27.05 -38.54 18.93
N ASN B 230 -26.56 -38.27 17.70
CA ASN B 230 -27.43 -38.19 16.53
C ASN B 230 -27.80 -39.61 16.08
N ASP B 231 -28.80 -40.16 16.75
CA ASP B 231 -29.30 -41.50 16.44
C ASP B 231 -30.49 -41.38 15.50
N HIS B 232 -30.44 -42.13 14.39
CA HIS B 232 -31.56 -42.15 13.46
C HIS B 232 -32.78 -42.81 14.09
N ASN B 233 -32.58 -43.80 14.96
CA ASN B 233 -33.70 -44.42 15.64
C ASN B 233 -34.34 -43.49 16.66
N GLN B 234 -33.52 -42.68 17.34
CA GLN B 234 -34.08 -41.71 18.28
C GLN B 234 -34.77 -40.57 17.55
N ARG B 235 -34.23 -40.17 16.39
CA ARG B 235 -34.85 -39.12 15.60
C ARG B 235 -36.20 -39.56 15.04
N ASN B 236 -36.26 -40.77 14.46
CA ASN B 236 -37.43 -41.19 13.71
C ASN B 236 -38.59 -41.62 14.61
N VAL B 237 -38.30 -42.23 15.76
CA VAL B 237 -39.35 -42.61 16.70
C VAL B 237 -40.04 -41.38 17.26
N PHE B 238 -39.27 -40.30 17.47
CA PHE B 238 -39.83 -39.05 17.98
C PHE B 238 -40.85 -38.45 17.01
N ARG B 239 -40.71 -38.71 15.71
CA ARG B 239 -41.73 -38.28 14.76
C ARG B 239 -42.98 -39.13 14.89
N GLN B 240 -42.82 -40.45 14.97
CA GLN B 240 -43.98 -41.35 15.05
C GLN B 240 -44.68 -41.24 16.40
N ALA B 241 -43.93 -40.94 17.46
CA ALA B 241 -44.56 -40.78 18.77
C ALA B 241 -45.42 -39.52 18.83
N ILE B 242 -45.03 -38.47 18.13
CA ILE B 242 -45.71 -37.19 18.22
C ILE B 242 -46.82 -37.07 17.19
N THR B 243 -46.53 -37.44 15.93
CA THR B 243 -47.51 -37.27 14.85
C THR B 243 -48.73 -38.16 15.07
N LEU B 244 -48.53 -39.39 15.56
CA LEU B 244 -49.67 -40.23 15.89
C LEU B 244 -50.44 -39.69 17.09
N ASN B 245 -49.72 -39.10 18.06
CA ASN B 245 -50.39 -38.50 19.22
C ASN B 245 -51.18 -37.26 18.84
N LYS B 246 -50.70 -36.51 17.85
CA LYS B 246 -51.44 -35.35 17.37
C LYS B 246 -52.74 -35.75 16.69
N LYS B 247 -52.77 -36.95 16.11
CA LYS B 247 -53.98 -37.42 15.43
C LYS B 247 -55.06 -37.81 16.44
N ILE B 248 -54.67 -38.40 17.56
CA ILE B 248 -55.64 -38.90 18.54
C ILE B 248 -56.34 -37.74 19.23
N HIS B 249 -55.58 -36.73 19.66
CA HIS B 249 -56.14 -35.60 20.38
C HIS B 249 -56.95 -34.67 19.50
N PHE B 250 -56.89 -34.82 18.18
CA PHE B 250 -57.74 -34.05 17.28
C PHE B 250 -59.14 -34.62 17.37
N GLN B 251 -60.12 -33.76 17.69
CA GLN B 251 -61.51 -34.19 17.85
C GLN B 251 -62.47 -33.40 16.98
N GLY B 252 -61.98 -32.50 16.12
CA GLY B 252 -62.85 -31.70 15.29
C GLY B 252 -63.22 -32.37 13.99
N ASP B 253 -62.97 -31.70 12.88
CA ASP B 253 -63.31 -32.25 11.57
C ASP B 253 -62.37 -33.41 11.23
N PRO B 254 -62.90 -34.58 10.89
CA PRO B 254 -62.03 -35.74 10.61
C PRO B 254 -61.28 -35.64 9.29
N ALA B 255 -61.57 -34.66 8.44
CA ALA B 255 -60.94 -34.60 7.12
C ALA B 255 -59.47 -34.20 7.21
N THR B 256 -59.09 -33.45 8.24
CA THR B 256 -57.69 -33.04 8.42
C THR B 256 -56.99 -33.85 9.50
N LYS B 257 -57.61 -34.90 10.02
CA LYS B 257 -56.98 -35.71 11.07
C LYS B 257 -55.83 -36.54 10.51
N GLU B 258 -56.01 -37.14 9.34
CA GLU B 258 -54.98 -37.98 8.75
C GLU B 258 -54.00 -37.20 7.90
N ILE B 259 -54.20 -35.88 7.75
CA ILE B 259 -53.25 -35.03 7.03
C ILE B 259 -52.18 -34.49 7.98
N ILE B 260 -52.30 -34.76 9.28
CA ILE B 260 -51.36 -34.26 10.27
C ILE B 260 -49.99 -34.87 10.06
N SER B 261 -48.97 -34.00 9.97
CA SER B 261 -47.57 -34.38 9.86
C SER B 261 -46.85 -34.00 11.15
N PHE B 262 -45.52 -34.15 11.14
CA PHE B 262 -44.73 -33.80 12.31
C PHE B 262 -44.71 -32.29 12.55
N HIS B 263 -44.66 -31.50 11.48
CA HIS B 263 -44.58 -30.05 11.59
C HIS B 263 -45.94 -29.39 11.79
N SER B 264 -47.03 -30.15 11.70
CA SER B 264 -48.35 -29.59 11.89
C SER B 264 -48.57 -29.17 13.34
N PRO B 265 -49.17 -28.00 13.59
CA PRO B 265 -49.33 -27.45 14.94
C PRO B 265 -50.63 -27.82 15.65
N TYR B 266 -50.71 -29.07 16.11
CA TYR B 266 -51.82 -29.51 16.94
C TYR B 266 -51.30 -30.12 18.24
N TYR B 267 -52.19 -30.24 19.21
CA TYR B 267 -51.81 -30.62 20.57
C TYR B 267 -51.52 -32.11 20.65
N PHE B 268 -50.43 -32.47 21.34
CA PHE B 268 -50.14 -33.83 21.72
C PHE B 268 -49.72 -33.85 23.18
N ASP B 269 -49.94 -34.99 23.84
CA ASP B 269 -49.56 -35.16 25.24
C ASP B 269 -48.14 -35.71 25.29
N ILE B 270 -47.20 -34.88 25.76
CA ILE B 270 -45.80 -35.29 25.78
C ILE B 270 -45.53 -36.32 26.87
N ASN B 271 -46.38 -36.37 27.91
CA ASN B 271 -46.26 -37.44 28.89
C ASN B 271 -46.61 -38.79 28.28
N GLU B 272 -47.54 -38.80 27.33
CA GLU B 272 -47.81 -40.02 26.58
C GLU B 272 -46.70 -40.32 25.57
N VAL B 273 -46.09 -39.27 25.01
CA VAL B 273 -44.99 -39.46 24.07
C VAL B 273 -43.79 -40.08 24.78
N ILE B 274 -43.49 -39.64 26.01
CA ILE B 274 -42.46 -40.29 26.82
C ILE B 274 -42.83 -41.73 27.11
N ASN B 275 -44.10 -41.98 27.44
CA ASN B 275 -44.56 -43.34 27.71
C ASN B 275 -44.51 -44.21 26.46
N TYR B 276 -44.70 -43.63 25.28
CA TYR B 276 -44.59 -44.40 24.05
C TYR B 276 -43.15 -44.82 23.80
N ILE B 277 -42.21 -43.88 23.90
CA ILE B 277 -40.80 -44.18 23.64
C ILE B 277 -40.25 -45.10 24.73
N ASN B 278 -40.67 -44.91 25.98
CA ASN B 278 -40.26 -45.82 27.06
C ASN B 278 -40.80 -47.23 26.82
N ASN B 279 -42.01 -47.34 26.27
CA ASN B 279 -42.52 -48.66 25.88
C ASN B 279 -41.72 -49.26 24.75
N ARG B 280 -41.25 -48.43 23.80
CA ARG B 280 -40.42 -48.93 22.72
C ARG B 280 -39.05 -49.38 23.21
N ASN B 281 -38.58 -48.87 24.36
CA ASN B 281 -37.44 -49.47 25.03
C ASN B 281 -37.74 -50.87 25.53
N ASN B 282 -38.99 -51.13 25.93
CA ASN B 282 -39.40 -52.44 26.41
C ASN B 282 -39.88 -53.34 25.28
N GLU B 283 -39.38 -53.13 24.07
CA GLU B 283 -39.84 -53.87 22.91
C GLU B 283 -39.39 -55.32 22.99
N ARG B 284 -40.37 -56.22 22.87
CA ARG B 284 -40.13 -57.65 22.68
C ARG B 284 -40.54 -58.01 21.26
N LYS B 285 -40.15 -59.21 20.83
CA LYS B 285 -40.56 -59.68 19.52
C LYS B 285 -40.60 -61.19 19.51
N ASN B 286 -41.42 -61.72 18.60
CA ASN B 286 -41.61 -63.15 18.43
C ASN B 286 -40.81 -63.63 17.22
N LYS B 287 -41.09 -64.87 16.79
CA LYS B 287 -40.44 -65.44 15.61
C LYS B 287 -40.75 -64.66 14.35
N ASP B 288 -41.89 -63.98 14.30
CA ASP B 288 -42.35 -63.24 13.13
C ASP B 288 -41.90 -61.78 13.14
N ASN B 289 -41.02 -61.41 14.07
CA ASN B 289 -40.53 -60.03 14.23
C ASN B 289 -41.67 -59.04 14.44
N GLU B 290 -42.67 -59.44 15.21
CA GLU B 290 -43.82 -58.60 15.54
C GLU B 290 -43.87 -58.38 17.04
N HIS B 291 -43.95 -57.11 17.44
CA HIS B 291 -43.95 -56.76 18.86
C HIS B 291 -45.34 -56.97 19.44
N ILE B 292 -45.43 -57.76 20.50
CA ILE B 292 -46.70 -58.11 21.14
C ILE B 292 -46.72 -57.46 22.52
N TRP B 293 -47.85 -56.82 22.86
CA TRP B 293 -48.01 -56.13 24.12
C TRP B 293 -49.31 -56.58 24.77
N SER B 294 -49.36 -56.45 26.10
CA SER B 294 -50.52 -56.85 26.88
C SER B 294 -50.98 -55.68 27.73
N ASP B 295 -52.29 -55.40 27.69
CA ASP B 295 -52.89 -54.37 28.54
C ASP B 295 -54.19 -54.95 29.09
N GLU B 296 -55.03 -54.07 29.67
CA GLU B 296 -56.28 -54.51 30.29
C GLU B 296 -57.25 -55.08 29.27
N GLU B 297 -57.24 -54.57 28.03
CA GLU B 297 -58.16 -55.09 27.02
C GLU B 297 -57.74 -56.47 26.53
N GLY B 298 -56.44 -56.67 26.31
CA GLY B 298 -55.95 -57.96 25.88
C GLY B 298 -54.65 -57.82 25.10
N ASN B 299 -54.18 -58.95 24.59
CA ASN B 299 -52.95 -58.98 23.81
C ASN B 299 -53.17 -58.37 22.44
N PHE B 300 -52.15 -57.68 21.93
CA PHE B 300 -52.24 -57.05 20.63
C PHE B 300 -50.84 -56.94 20.01
N LYS B 301 -50.82 -56.83 18.69
CA LYS B 301 -49.59 -56.67 17.92
C LYS B 301 -49.21 -55.19 17.88
N PHE B 302 -48.02 -54.91 17.34
CA PHE B 302 -47.58 -53.53 17.13
C PHE B 302 -47.80 -53.17 15.66
N ASP B 303 -48.93 -52.53 15.38
CA ASP B 303 -49.23 -52.01 14.05
C ASP B 303 -49.84 -50.62 14.24
N ASN B 304 -50.14 -49.96 13.13
CA ASN B 304 -50.71 -48.62 13.18
C ASN B 304 -52.09 -48.58 13.83
N GLU B 305 -52.80 -49.71 13.86
CA GLU B 305 -54.12 -49.73 14.47
C GLU B 305 -54.01 -49.98 15.97
N ASN B 306 -52.88 -50.53 16.42
CA ASN B 306 -52.57 -50.67 17.84
C ASN B 306 -51.36 -49.85 18.25
N ALA B 307 -50.98 -48.84 17.46
CA ALA B 307 -49.90 -47.96 17.88
C ALA B 307 -50.38 -46.90 18.86
N HIS B 308 -51.69 -46.68 18.96
CA HIS B 308 -52.25 -45.64 19.81
C HIS B 308 -52.32 -46.03 21.27
N ARG B 309 -52.24 -47.32 21.59
CA ARG B 309 -52.45 -47.80 22.95
C ARG B 309 -51.15 -47.98 23.73
N LEU B 310 -50.01 -47.65 23.14
CA LEU B 310 -48.74 -47.64 23.85
C LEU B 310 -48.49 -46.32 24.57
N PHE B 311 -49.44 -45.38 24.48
CA PHE B 311 -49.26 -44.05 25.04
C PHE B 311 -49.46 -44.00 26.55
N LYS B 312 -50.04 -45.04 27.13
CA LYS B 312 -50.18 -45.13 28.58
C LYS B 312 -49.16 -46.13 29.13
N GLU B 313 -48.73 -45.89 30.37
CA GLU B 313 -47.69 -46.69 31.00
C GLU B 313 -48.14 -48.09 31.39
N ASN B 314 -49.45 -48.36 31.39
CA ASN B 314 -49.97 -49.67 31.78
C ASN B 314 -49.99 -50.63 30.59
N VAL B 315 -48.79 -50.93 30.09
CA VAL B 315 -48.60 -51.87 28.99
C VAL B 315 -47.48 -52.82 29.38
N THR B 316 -47.78 -54.12 29.35
CA THR B 316 -46.78 -55.14 29.67
C THR B 316 -46.40 -55.86 28.39
N PRO B 317 -45.14 -55.77 27.95
CA PRO B 317 -44.74 -56.43 26.70
C PRO B 317 -44.69 -57.95 26.86
N ASP B 318 -45.03 -58.64 25.78
CA ASP B 318 -45.00 -60.10 25.73
C ASP B 318 -44.14 -60.54 24.56
N GLY B 319 -43.15 -61.38 24.82
CA GLY B 319 -42.28 -61.86 23.77
C GLY B 319 -41.13 -62.66 24.35
N SER B 320 -40.28 -63.11 23.44
CA SER B 320 -39.13 -63.95 23.80
C SER B 320 -37.80 -63.29 23.46
N SER B 321 -37.61 -62.86 22.22
CA SER B 321 -36.32 -62.34 21.78
C SER B 321 -36.25 -60.83 21.93
N ALA B 322 -35.06 -60.29 21.70
CA ALA B 322 -34.82 -58.86 21.85
C ALA B 322 -35.45 -58.10 20.68
N GLY B 323 -36.13 -57.00 21.00
CA GLY B 323 -36.78 -56.20 19.99
C GLY B 323 -35.79 -55.36 19.19
N ALA B 324 -36.34 -54.61 18.24
CA ALA B 324 -35.50 -53.78 17.38
C ALA B 324 -34.89 -52.60 18.13
N LEU B 325 -35.59 -52.08 19.13
CA LEU B 325 -35.13 -50.93 19.89
C LEU B 325 -35.14 -51.22 21.38
N ASN B 326 -34.78 -52.45 21.76
CA ASN B 326 -34.72 -52.83 23.18
C ASN B 326 -33.47 -52.20 23.79
N GLY B 327 -33.66 -51.08 24.48
CA GLY B 327 -32.57 -50.42 25.17
C GLY B 327 -31.85 -49.34 24.40
N LYS B 328 -32.16 -49.16 23.11
CA LYS B 328 -31.49 -48.13 22.33
C LYS B 328 -32.10 -46.75 22.52
N LEU B 329 -33.28 -46.65 23.14
CA LEU B 329 -33.94 -45.38 23.37
C LEU B 329 -33.90 -44.94 24.83
N LEU B 330 -33.17 -45.67 25.69
CA LEU B 330 -33.12 -45.29 27.10
C LEU B 330 -32.26 -44.04 27.29
N ASN B 331 -31.33 -43.79 26.36
CA ASN B 331 -30.68 -42.49 26.29
C ASN B 331 -31.69 -41.39 25.97
N PHE B 332 -32.67 -41.69 25.12
CA PHE B 332 -33.70 -40.71 24.77
C PHE B 332 -34.67 -40.47 25.92
N VAL B 333 -35.14 -41.53 26.58
CA VAL B 333 -36.19 -41.40 27.59
C VAL B 333 -35.69 -40.60 28.79
N ASP B 334 -34.47 -40.88 29.25
CA ASP B 334 -33.91 -40.15 30.37
C ASP B 334 -33.58 -38.70 30.01
N ARG B 335 -33.39 -38.40 28.73
CA ARG B 335 -33.18 -37.02 28.31
C ARG B 335 -34.53 -36.29 28.22
N LEU B 336 -35.60 -37.00 27.86
CA LEU B 336 -36.91 -36.39 27.76
C LEU B 336 -37.45 -36.01 29.13
N GLN B 337 -37.27 -36.88 30.13
CA GLN B 337 -37.72 -36.58 31.48
C GLN B 337 -36.89 -35.49 32.15
N SER B 338 -35.69 -35.21 31.65
CA SER B 338 -34.91 -34.11 32.18
C SER B 338 -35.39 -32.75 31.67
N LYS B 339 -36.31 -32.72 30.72
CA LYS B 339 -36.85 -31.49 30.16
C LYS B 339 -38.26 -31.19 30.64
N ILE B 340 -39.16 -32.18 30.61
CA ILE B 340 -40.54 -31.95 31.00
C ILE B 340 -40.65 -31.76 32.51
N PHE B 341 -39.79 -32.46 33.28
CA PHE B 341 -39.71 -32.28 34.72
C PHE B 341 -38.78 -31.15 35.14
N ASP B 342 -38.14 -30.47 34.20
CA ASP B 342 -37.33 -29.31 34.53
C ASP B 342 -38.24 -28.15 34.95
N LYS B 343 -38.01 -27.61 36.14
CA LYS B 343 -38.86 -26.52 36.63
C LYS B 343 -38.60 -25.22 35.90
N ARG B 344 -37.43 -25.04 35.30
CA ARG B 344 -37.16 -23.85 34.51
C ARG B 344 -37.85 -23.89 33.16
N LEU B 345 -38.30 -25.06 32.71
CA LEU B 345 -39.09 -25.21 31.51
C LEU B 345 -40.57 -25.42 31.82
N ASP B 346 -41.03 -24.95 32.97
CA ASP B 346 -42.43 -25.09 33.35
C ASP B 346 -43.34 -24.27 32.45
N PHE B 347 -42.83 -23.16 31.91
CA PHE B 347 -43.64 -22.31 31.06
C PHE B 347 -43.83 -22.91 29.66
N ILE B 348 -42.94 -23.79 29.23
CA ILE B 348 -43.07 -24.43 27.92
C ILE B 348 -43.45 -25.91 28.00
N LEU B 349 -43.28 -26.56 29.15
CA LEU B 349 -43.54 -27.99 29.25
C LEU B 349 -44.33 -28.36 30.49
N GLY B 350 -44.96 -27.38 31.13
CA GLY B 350 -45.77 -27.62 32.31
C GLY B 350 -47.21 -27.95 31.97
N GLU B 351 -48.03 -27.99 33.02
CA GLU B 351 -49.45 -28.29 32.84
C GLU B 351 -50.21 -27.10 32.25
N GLY B 352 -49.65 -25.89 32.31
CA GLY B 352 -50.28 -24.76 31.67
C GLY B 352 -50.31 -24.86 30.16
N SER B 353 -49.28 -25.45 29.57
CA SER B 353 -49.27 -25.67 28.12
C SER B 353 -50.23 -26.76 27.70
N LYS B 354 -50.67 -27.61 28.63
CA LYS B 354 -51.66 -28.64 28.29
C LYS B 354 -53.04 -28.03 28.06
N SER B 355 -53.42 -27.07 28.91
CA SER B 355 -54.78 -26.53 28.88
C SER B 355 -54.93 -25.33 27.96
N VAL B 356 -53.85 -24.58 27.70
CA VAL B 356 -53.94 -23.43 26.82
C VAL B 356 -54.08 -23.91 25.38
N THR B 357 -54.71 -23.08 24.54
CA THR B 357 -55.00 -23.43 23.16
C THR B 357 -54.28 -22.47 22.22
N PHE B 358 -54.55 -22.64 20.93
CA PHE B 358 -53.89 -21.82 19.91
C PHE B 358 -54.36 -20.37 19.96
N LYS B 359 -55.65 -20.15 20.20
CA LYS B 359 -56.19 -18.80 20.18
C LYS B 359 -55.70 -17.97 21.35
N GLU B 360 -55.71 -18.53 22.56
CA GLU B 360 -55.24 -17.79 23.73
C GLU B 360 -53.73 -17.57 23.69
N THR B 361 -52.99 -18.46 23.03
CA THR B 361 -51.56 -18.27 22.86
C THR B 361 -51.28 -17.06 21.96
N LEU B 362 -52.00 -16.98 20.84
CA LEU B 362 -51.79 -15.85 19.93
C LEU B 362 -52.39 -14.56 20.46
N GLU B 363 -53.46 -14.64 21.26
CA GLU B 363 -53.97 -13.46 21.95
C GLU B 363 -52.97 -12.93 22.97
N THR B 364 -52.19 -13.84 23.57
CA THR B 364 -51.18 -13.43 24.53
C THR B 364 -49.99 -12.75 23.84
N LEU B 365 -49.63 -13.23 22.64
CA LEU B 365 -48.38 -12.79 22.01
C LEU B 365 -48.49 -11.37 21.45
N ILE B 366 -49.64 -11.01 20.86
CA ILE B 366 -49.83 -9.67 20.32
C ILE B 366 -50.80 -8.85 21.17
N SER B 367 -51.03 -9.27 22.42
CA SER B 367 -51.87 -8.54 23.38
C SER B 367 -53.28 -8.33 22.87
N TYR B 368 -53.87 -9.38 22.30
CA TYR B 368 -55.23 -9.34 21.78
C TYR B 368 -56.22 -10.02 22.72
N GLY B 369 -55.83 -10.27 23.96
CA GLY B 369 -56.68 -10.93 24.93
C GLY B 369 -57.62 -10.00 25.65
N LYS B 370 -57.76 -10.17 26.97
CA LYS B 370 -58.70 -9.37 27.73
C LYS B 370 -58.18 -7.95 27.97
N ASP B 371 -56.87 -7.77 28.08
CA ASP B 371 -56.27 -6.47 28.30
C ASP B 371 -55.46 -6.12 27.05
N LYS B 372 -56.09 -5.39 26.13
CA LYS B 372 -55.45 -5.07 24.86
C LYS B 372 -54.39 -3.98 25.05
N SER B 373 -53.25 -4.16 24.39
CA SER B 373 -52.17 -3.20 24.48
C SER B 373 -51.42 -3.17 23.15
N ASN B 374 -50.85 -2.01 22.84
CA ASN B 374 -50.13 -1.86 21.57
C ASN B 374 -48.78 -2.55 21.62
N ILE B 375 -48.17 -2.68 22.80
CA ILE B 375 -46.83 -3.22 22.95
C ILE B 375 -46.91 -4.43 23.85
N THR B 376 -46.39 -5.56 23.37
CA THR B 376 -46.27 -6.79 24.15
C THR B 376 -44.79 -7.05 24.39
N ILE B 377 -44.36 -6.94 25.64
CA ILE B 377 -42.97 -7.12 26.02
C ILE B 377 -42.79 -8.55 26.51
N LEU B 378 -41.97 -9.32 25.81
CA LEU B 378 -41.69 -10.71 26.18
C LEU B 378 -40.40 -10.71 26.99
N ASP B 379 -40.55 -10.75 28.31
CA ASP B 379 -39.39 -10.76 29.22
C ASP B 379 -38.75 -12.14 29.17
N VAL B 380 -37.73 -12.28 28.34
CA VAL B 380 -37.04 -13.55 28.18
C VAL B 380 -35.78 -13.63 29.03
N SER B 381 -35.71 -12.83 30.10
CA SER B 381 -34.56 -12.90 31.01
C SER B 381 -34.55 -14.21 31.79
N GLY B 382 -35.73 -14.68 32.20
CA GLY B 382 -35.82 -15.93 32.94
C GLY B 382 -35.77 -17.17 32.10
N VAL B 383 -35.83 -17.04 30.78
CA VAL B 383 -35.74 -18.20 29.89
C VAL B 383 -34.32 -18.75 29.95
N PRO B 384 -34.13 -20.06 30.07
CA PRO B 384 -32.78 -20.63 29.96
C PRO B 384 -32.18 -20.38 28.59
N PHE B 385 -30.85 -20.19 28.58
CA PHE B 385 -30.15 -19.79 27.35
C PHE B 385 -30.13 -20.91 26.32
N GLU B 386 -30.16 -22.16 26.75
CA GLU B 386 -30.14 -23.27 25.80
C GLU B 386 -31.49 -23.49 25.12
N VAL B 387 -32.57 -22.93 25.67
CA VAL B 387 -33.89 -22.97 25.05
C VAL B 387 -34.34 -21.59 24.61
N LEU B 388 -33.50 -20.56 24.78
CA LEU B 388 -33.90 -19.19 24.44
C LEU B 388 -34.11 -19.01 22.94
N SER B 389 -33.25 -19.62 22.11
CA SER B 389 -33.42 -19.55 20.67
C SER B 389 -34.68 -20.27 20.22
N ILE B 390 -35.04 -21.35 20.90
CA ILE B 390 -36.25 -22.09 20.57
C ILE B 390 -37.49 -21.26 20.88
N CYS B 391 -37.50 -20.60 22.04
CA CYS B 391 -38.64 -19.79 22.44
C CYS B 391 -38.79 -18.58 21.53
N VAL B 392 -37.67 -17.99 21.11
CA VAL B 392 -37.73 -16.88 20.16
C VAL B 392 -38.25 -17.35 18.81
N SER B 393 -37.76 -18.51 18.34
CA SER B 393 -38.18 -19.03 17.05
C SER B 393 -39.64 -19.48 17.06
N LEU B 394 -40.14 -19.94 18.21
CA LEU B 394 -41.55 -20.32 18.30
C LEU B 394 -42.46 -19.10 18.13
N ILE B 395 -42.15 -18.02 18.83
CA ILE B 395 -42.95 -16.80 18.74
C ILE B 395 -42.75 -16.13 17.38
N SER B 396 -41.51 -16.14 16.87
CA SER B 396 -41.23 -15.49 15.59
C SER B 396 -41.96 -16.18 14.44
N ARG B 397 -41.97 -17.52 14.43
CA ARG B 397 -42.66 -18.23 13.36
C ARG B 397 -44.17 -18.14 13.51
N LEU B 398 -44.68 -18.13 14.74
CA LEU B 398 -46.11 -18.00 14.97
C LEU B 398 -46.62 -16.64 14.53
N ILE B 399 -45.87 -15.58 14.82
CA ILE B 399 -46.30 -14.23 14.45
C ILE B 399 -46.20 -14.03 12.94
N PHE B 400 -45.13 -14.54 12.32
CA PHE B 400 -44.98 -14.45 10.87
C PHE B 400 -46.09 -15.22 10.15
N GLU B 401 -46.39 -16.43 10.61
CA GLU B 401 -47.47 -17.19 9.98
C GLU B 401 -48.83 -16.63 10.32
N PHE B 402 -48.96 -15.92 11.45
CA PHE B 402 -50.18 -15.15 11.68
C PHE B 402 -50.31 -14.04 10.65
N GLY B 403 -49.20 -13.40 10.30
CA GLY B 403 -49.24 -12.38 9.26
C GLY B 403 -49.45 -12.95 7.88
N TYR B 404 -49.02 -14.20 7.65
CA TYR B 404 -49.31 -14.86 6.38
C TYR B 404 -50.81 -15.12 6.25
N HIS B 405 -51.41 -15.73 7.28
CA HIS B 405 -52.84 -15.99 7.24
C HIS B 405 -53.68 -14.73 7.38
N SER B 406 -53.08 -13.62 7.80
CA SER B 406 -53.77 -12.33 7.74
C SER B 406 -53.94 -11.88 6.30
N LYS B 407 -52.87 -11.92 5.51
CA LYS B 407 -52.88 -11.33 4.17
C LYS B 407 -53.71 -12.16 3.21
N LYS B 408 -53.51 -13.48 3.19
CA LYS B 408 -54.16 -14.32 2.19
C LYS B 408 -55.65 -14.52 2.48
N ILE B 409 -56.10 -14.22 3.69
CA ILE B 409 -57.53 -14.06 3.91
C ILE B 409 -58.03 -12.77 3.27
N LYS B 410 -57.30 -11.67 3.51
CA LYS B 410 -57.68 -10.37 2.96
C LYS B 410 -57.33 -10.25 1.48
N ARG B 411 -56.45 -11.11 0.97
CA ARG B 411 -56.18 -11.13 -0.47
C ARG B 411 -57.42 -11.58 -1.25
N LYS B 412 -58.13 -12.57 -0.73
CA LYS B 412 -59.36 -13.06 -1.35
C LYS B 412 -60.62 -12.41 -0.78
N SER B 413 -60.46 -11.43 0.11
CA SER B 413 -61.58 -10.69 0.65
C SER B 413 -61.57 -9.20 0.33
N ASN B 414 -60.40 -8.64 0.01
CA ASN B 414 -60.23 -7.23 -0.39
C ASN B 414 -60.72 -6.27 0.70
N GLU B 415 -60.15 -6.41 1.89
CA GLU B 415 -60.45 -5.54 3.02
C GLU B 415 -59.17 -4.89 3.52
N ASN B 416 -59.31 -3.66 4.00
CA ASN B 416 -58.17 -2.86 4.45
C ASN B 416 -57.99 -2.88 5.96
N GLN B 417 -58.77 -3.68 6.68
CA GLN B 417 -58.61 -3.82 8.13
C GLN B 417 -57.41 -4.71 8.38
N ASP B 418 -56.25 -4.10 8.63
CA ASP B 418 -54.97 -4.79 8.62
C ASP B 418 -54.33 -4.78 10.00
N ILE B 419 -53.55 -5.81 10.27
CA ILE B 419 -52.78 -5.91 11.52
C ILE B 419 -51.31 -5.98 11.16
N PRO B 420 -50.60 -4.86 11.14
CA PRO B 420 -49.14 -4.88 10.94
C PRO B 420 -48.40 -5.00 12.26
N ILE B 421 -47.39 -5.85 12.28
CA ILE B 421 -46.70 -6.24 13.51
C ILE B 421 -45.22 -5.90 13.38
N LEU B 422 -44.69 -5.20 14.38
CA LEU B 422 -43.26 -5.00 14.53
C LEU B 422 -42.73 -5.90 15.63
N ILE B 423 -41.62 -6.60 15.35
CA ILE B 423 -40.98 -7.47 16.32
C ILE B 423 -39.63 -6.86 16.67
N VAL B 424 -39.47 -6.43 17.92
CA VAL B 424 -38.22 -5.85 18.37
C VAL B 424 -37.33 -6.96 18.92
N TYR B 425 -36.21 -7.20 18.24
CA TYR B 425 -35.25 -8.21 18.66
C TYR B 425 -34.09 -7.52 19.35
N GLU B 426 -34.27 -7.22 20.63
CA GLU B 426 -33.17 -6.69 21.42
C GLU B 426 -32.16 -7.80 21.69
N GLU B 427 -30.88 -7.44 21.58
CA GLU B 427 -29.74 -8.37 21.60
C GLU B 427 -29.92 -9.44 20.53
N ALA B 428 -30.04 -8.97 19.28
CA ALA B 428 -30.41 -9.83 18.17
C ALA B 428 -29.32 -10.80 17.75
N HIS B 429 -28.06 -10.52 18.11
CA HIS B 429 -26.98 -11.45 17.81
C HIS B 429 -27.11 -12.74 18.60
N LYS B 430 -27.78 -12.70 19.75
CA LYS B 430 -28.09 -13.91 20.50
C LYS B 430 -28.99 -14.84 19.71
N TYR B 431 -29.97 -14.28 19.01
CA TYR B 431 -30.99 -15.07 18.33
C TYR B 431 -30.56 -15.46 16.92
N ALA B 432 -29.93 -14.54 16.19
CA ALA B 432 -29.51 -14.77 14.81
C ALA B 432 -28.01 -14.51 14.70
N PRO B 433 -27.18 -15.47 15.08
CA PRO B 433 -25.74 -15.24 15.10
C PRO B 433 -25.10 -15.49 13.74
N LYS B 434 -23.89 -14.92 13.60
CA LYS B 434 -23.08 -15.14 12.40
C LYS B 434 -22.64 -16.59 12.28
N SER B 435 -22.33 -17.22 13.41
CA SER B 435 -21.89 -18.60 13.41
C SER B 435 -23.00 -19.52 12.94
N ASP B 436 -22.64 -20.56 12.20
CA ASP B 436 -23.59 -21.53 11.68
C ASP B 436 -23.79 -22.71 12.64
N LEU B 437 -23.64 -22.46 13.93
CA LEU B 437 -23.85 -23.49 14.94
C LEU B 437 -25.32 -23.90 14.97
N SER B 438 -25.55 -25.20 15.20
CA SER B 438 -26.89 -25.76 15.05
C SER B 438 -27.83 -25.35 16.18
N LYS B 439 -27.31 -24.94 17.33
CA LYS B 439 -28.18 -24.64 18.47
C LYS B 439 -29.03 -23.40 18.23
N TYR B 440 -28.47 -22.38 17.58
CA TYR B 440 -29.21 -21.17 17.27
C TYR B 440 -29.79 -21.18 15.85
N ARG B 441 -29.73 -22.32 15.17
CA ARG B 441 -30.20 -22.39 13.79
C ARG B 441 -31.72 -22.23 13.71
N THR B 442 -32.45 -22.67 14.74
CA THR B 442 -33.90 -22.53 14.76
C THR B 442 -34.31 -21.07 14.80
N SER B 443 -33.67 -20.27 15.66
CA SER B 443 -34.00 -18.85 15.74
C SER B 443 -33.36 -18.03 14.63
N LYS B 444 -32.30 -18.54 13.99
CA LYS B 444 -31.68 -17.81 12.90
C LYS B 444 -32.56 -17.82 11.66
N GLU B 445 -33.12 -18.98 11.31
CA GLU B 445 -33.95 -19.09 10.12
C GLU B 445 -35.37 -18.56 10.35
N ALA B 446 -35.81 -18.45 11.61
CA ALA B 446 -37.11 -17.85 11.87
C ALA B 446 -37.05 -16.34 11.69
N ILE B 447 -35.97 -15.71 12.15
CA ILE B 447 -35.77 -14.28 11.95
C ILE B 447 -35.49 -13.99 10.48
N GLU B 448 -34.71 -14.86 9.82
CA GLU B 448 -34.40 -14.70 8.40
C GLU B 448 -35.66 -14.79 7.55
N ARG B 449 -36.58 -15.67 7.93
CA ARG B 449 -37.88 -15.76 7.24
C ARG B 449 -38.65 -14.46 7.38
N ILE B 450 -38.63 -13.86 8.57
CA ILE B 450 -39.26 -12.56 8.76
C ILE B 450 -38.47 -11.46 8.04
N ALA B 451 -37.14 -11.60 8.00
CA ALA B 451 -36.31 -10.57 7.39
C ALA B 451 -36.49 -10.52 5.87
N LYS B 452 -36.69 -11.67 5.25
CA LYS B 452 -36.77 -11.73 3.79
C LYS B 452 -38.22 -11.63 3.30
N GLU B 453 -39.07 -12.56 3.72
CA GLU B 453 -40.45 -12.64 3.23
C GLU B 453 -41.44 -11.91 4.11
N GLY B 454 -41.00 -11.33 5.24
CA GLY B 454 -41.94 -10.87 6.24
C GLY B 454 -42.65 -9.57 5.92
N ARG B 455 -42.02 -8.70 5.12
CA ARG B 455 -42.61 -7.38 4.89
C ARG B 455 -43.84 -7.44 4.00
N LYS B 456 -44.01 -8.50 3.21
CA LYS B 456 -45.21 -8.63 2.40
C LYS B 456 -46.38 -9.22 3.17
N TYR B 457 -46.14 -9.79 4.35
CA TYR B 457 -47.22 -10.32 5.18
C TYR B 457 -47.48 -9.46 6.42
N GLY B 458 -46.90 -8.27 6.49
CA GLY B 458 -47.15 -7.40 7.61
C GLY B 458 -46.45 -7.77 8.90
N VAL B 459 -45.38 -8.55 8.82
CA VAL B 459 -44.59 -8.93 9.99
C VAL B 459 -43.16 -8.49 9.70
N THR B 460 -42.76 -7.33 10.25
CA THR B 460 -41.42 -6.82 10.09
C THR B 460 -40.70 -6.80 11.44
N LEU B 461 -39.38 -6.72 11.39
CA LEU B 461 -38.56 -6.89 12.59
C LEU B 461 -37.72 -5.65 12.87
N LEU B 462 -37.30 -5.53 14.12
CA LEU B 462 -36.40 -4.48 14.57
C LEU B 462 -35.25 -5.16 15.30
N LEU B 463 -34.05 -5.10 14.72
CA LEU B 463 -32.88 -5.74 15.29
C LEU B 463 -32.12 -4.72 16.13
N ALA B 464 -32.07 -4.94 17.44
CA ALA B 464 -31.34 -4.09 18.36
C ALA B 464 -30.19 -4.88 18.96
N SER B 465 -28.98 -4.31 18.90
CA SER B 465 -27.80 -5.00 19.42
C SER B 465 -26.73 -3.97 19.73
N GLN B 466 -26.05 -4.17 20.86
CA GLN B 466 -24.86 -3.37 21.15
C GLN B 466 -23.63 -3.88 20.41
N ARG B 467 -23.66 -5.12 19.93
CA ARG B 467 -22.53 -5.73 19.24
C ARG B 467 -23.08 -6.34 17.96
N PRO B 468 -23.06 -5.60 16.85
CA PRO B 468 -23.63 -6.10 15.59
C PRO B 468 -22.79 -7.16 14.91
N SER B 469 -21.53 -7.38 15.32
CA SER B 469 -20.62 -8.17 14.52
C SER B 469 -20.99 -9.64 14.43
N GLU B 470 -21.79 -10.17 15.35
CA GLU B 470 -22.33 -11.51 15.18
C GLU B 470 -23.68 -11.54 14.49
N ILE B 471 -24.30 -10.40 14.19
CA ILE B 471 -25.53 -10.46 13.40
C ILE B 471 -25.18 -10.92 11.99
N SER B 472 -25.92 -11.91 11.49
CA SER B 472 -25.61 -12.50 10.19
C SER B 472 -25.92 -11.50 9.07
N GLU B 473 -25.03 -11.44 8.09
CA GLU B 473 -25.18 -10.50 6.98
C GLU B 473 -26.37 -10.82 6.10
N THR B 474 -26.87 -12.05 6.13
CA THR B 474 -28.08 -12.39 5.38
C THR B 474 -29.34 -11.79 6.00
N ILE B 475 -29.28 -11.39 7.28
CA ILE B 475 -30.41 -10.81 7.97
C ILE B 475 -30.22 -9.33 8.23
N PHE B 476 -28.99 -8.92 8.59
CA PHE B 476 -28.72 -7.51 8.86
C PHE B 476 -28.85 -6.65 7.61
N SER B 477 -28.53 -7.21 6.44
CA SER B 477 -28.69 -6.47 5.20
C SER B 477 -30.15 -6.30 4.80
N GLN B 478 -31.04 -7.18 5.28
CA GLN B 478 -32.46 -7.03 4.98
C GLN B 478 -33.07 -5.81 5.67
N CYS B 479 -32.42 -5.29 6.71
CA CYS B 479 -32.87 -4.06 7.37
C CYS B 479 -32.49 -2.89 6.47
N ASN B 480 -33.47 -2.39 5.72
CA ASN B 480 -33.22 -1.25 4.83
C ASN B 480 -32.92 0.01 5.62
N THR B 481 -33.66 0.25 6.69
CA THR B 481 -33.44 1.39 7.55
C THR B 481 -32.50 1.00 8.67
N PHE B 482 -31.42 1.76 8.83
CA PHE B 482 -30.36 1.41 9.78
C PHE B 482 -30.08 2.60 10.68
N ILE B 483 -30.20 2.38 12.00
CA ILE B 483 -29.94 3.41 13.00
C ILE B 483 -28.73 2.99 13.82
N SER B 484 -27.79 3.91 14.01
CA SER B 484 -26.55 3.61 14.72
C SER B 484 -26.33 4.62 15.84
N MET B 485 -26.19 4.11 17.06
CA MET B 485 -25.72 4.91 18.19
C MET B 485 -24.19 4.90 18.17
N ARG B 486 -23.55 5.33 19.26
CA ARG B 486 -22.09 5.35 19.29
C ARG B 486 -21.55 3.93 19.25
N LEU B 487 -20.69 3.67 18.26
CA LEU B 487 -20.10 2.35 18.04
C LEU B 487 -18.60 2.47 18.22
N THR B 488 -18.06 1.82 19.24
CA THR B 488 -16.68 2.01 19.62
C THR B 488 -15.76 0.86 19.22
N ASN B 489 -16.31 -0.31 18.88
CA ASN B 489 -15.44 -1.40 18.43
C ASN B 489 -15.23 -1.30 16.92
N PRO B 490 -13.98 -1.29 16.44
CA PRO B 490 -13.75 -1.32 14.99
C PRO B 490 -14.30 -2.56 14.29
N ASP B 491 -14.39 -3.69 14.97
CA ASP B 491 -15.01 -4.87 14.36
C ASP B 491 -16.50 -4.65 14.12
N ASP B 492 -17.18 -3.97 15.05
CA ASP B 492 -18.55 -3.56 14.81
C ASP B 492 -18.63 -2.47 13.76
N GLN B 493 -17.63 -1.58 13.73
CA GLN B 493 -17.65 -0.47 12.78
C GLN B 493 -17.43 -0.95 11.35
N ASN B 494 -16.46 -1.84 11.16
CA ASN B 494 -16.17 -2.34 9.82
C ASN B 494 -17.28 -3.26 9.31
N TYR B 495 -17.95 -3.97 10.22
CA TYR B 495 -19.11 -4.76 9.83
C TYR B 495 -20.26 -3.86 9.36
N VAL B 496 -20.47 -2.73 10.06
CA VAL B 496 -21.49 -1.77 9.66
C VAL B 496 -21.14 -1.15 8.31
N LYS B 497 -19.89 -0.74 8.13
CA LYS B 497 -19.50 0.06 6.97
C LYS B 497 -19.63 -0.73 5.68
N ARG B 498 -19.31 -2.03 5.70
CA ARG B 498 -19.45 -2.86 4.51
C ARG B 498 -20.88 -3.35 4.29
N LEU B 499 -21.72 -3.32 5.32
CA LEU B 499 -23.14 -3.68 5.20
C LEU B 499 -24.02 -2.47 4.97
N LEU B 500 -23.43 -1.30 4.73
CA LEU B 500 -24.18 -0.05 4.80
C LEU B 500 -24.99 0.14 3.51
N PRO B 501 -26.10 0.88 3.57
CA PRO B 501 -26.78 1.32 2.33
C PRO B 501 -26.02 2.43 1.62
N ASP B 502 -26.63 3.00 0.58
CA ASP B 502 -26.01 4.09 -0.16
C ASP B 502 -25.91 5.32 0.73
N THR B 503 -24.70 5.60 1.19
CA THR B 503 -24.41 6.65 2.15
C THR B 503 -23.77 7.85 1.44
N VAL B 504 -23.28 8.80 2.23
CA VAL B 504 -22.51 9.93 1.73
C VAL B 504 -21.08 9.73 2.23
N GLY B 505 -20.19 10.68 1.90
CA GLY B 505 -18.76 10.39 1.84
C GLY B 505 -18.15 9.93 3.15
N ASP B 506 -18.33 10.72 4.22
CA ASP B 506 -17.63 10.43 5.48
C ASP B 506 -18.58 10.59 6.67
N ILE B 507 -19.83 10.17 6.51
CA ILE B 507 -20.76 10.31 7.63
C ILE B 507 -20.66 9.12 8.58
N THR B 508 -20.16 7.97 8.11
CA THR B 508 -20.07 6.77 8.91
C THR B 508 -18.78 6.71 9.72
N ASN B 509 -17.88 7.68 9.55
CA ASN B 509 -16.68 7.79 10.38
C ASN B 509 -16.96 8.45 11.71
N LEU B 510 -18.17 8.95 11.93
CA LEU B 510 -18.55 9.60 13.17
C LEU B 510 -19.03 8.63 14.24
N LEU B 511 -19.07 7.32 13.94
CA LEU B 511 -19.57 6.33 14.87
C LEU B 511 -18.81 6.26 16.19
N PRO B 512 -17.46 6.26 16.26
CA PRO B 512 -16.82 6.28 17.57
C PRO B 512 -16.94 7.60 18.31
N SER B 513 -17.25 8.70 17.61
CA SER B 513 -17.24 10.03 18.19
C SER B 513 -18.64 10.53 18.54
N LEU B 514 -19.64 9.66 18.54
CA LEU B 514 -21.00 10.10 18.85
C LEU B 514 -21.15 10.35 20.34
N LYS B 515 -21.76 11.49 20.67
CA LYS B 515 -22.04 11.82 22.07
C LYS B 515 -23.32 11.12 22.51
N GLU B 516 -23.78 11.43 23.72
CA GLU B 516 -24.94 10.75 24.28
C GLU B 516 -26.22 11.23 23.59
N GLY B 517 -26.98 10.29 23.04
CA GLY B 517 -28.22 10.57 22.37
C GLY B 517 -28.13 10.73 20.87
N GLU B 518 -26.94 10.95 20.33
CA GLU B 518 -26.78 11.11 18.90
C GLU B 518 -26.91 9.77 18.19
N ALA B 519 -27.57 9.79 17.03
CA ALA B 519 -27.78 8.60 16.24
C ALA B 519 -27.49 8.91 14.78
N LEU B 520 -27.72 7.92 13.91
CA LEU B 520 -27.42 8.03 12.49
C LEU B 520 -28.35 7.10 11.73
N ILE B 521 -29.32 7.67 11.00
CA ILE B 521 -30.26 6.89 10.21
C ILE B 521 -29.94 7.05 8.73
N MET B 522 -29.89 5.94 8.01
CA MET B 522 -29.93 5.95 6.56
C MET B 522 -31.03 5.03 6.08
N GLY B 523 -31.08 4.78 4.78
CA GLY B 523 -32.09 3.90 4.21
C GLY B 523 -33.07 4.67 3.35
N ASP B 524 -34.06 3.92 2.85
CA ASP B 524 -35.08 4.50 1.98
C ASP B 524 -36.05 5.39 2.72
N SER B 525 -36.20 5.20 4.04
CA SER B 525 -37.18 5.95 4.80
C SER B 525 -36.76 7.38 5.08
N ILE B 526 -35.46 7.68 5.05
CA ILE B 526 -34.96 9.02 5.33
C ILE B 526 -34.44 9.62 4.03
N SER B 527 -34.48 10.95 3.95
CA SER B 527 -34.02 11.64 2.74
C SER B 527 -32.51 11.61 2.63
N ILE B 528 -31.81 11.88 3.73
CA ILE B 528 -30.36 11.99 3.71
C ILE B 528 -29.78 11.27 4.93
N PRO B 529 -28.78 10.40 4.76
CA PRO B 529 -28.02 9.88 5.90
C PRO B 529 -27.44 10.98 6.77
N SER B 530 -27.87 11.07 8.02
CA SER B 530 -27.55 12.23 8.85
C SER B 530 -27.35 11.83 10.30
N ILE B 531 -26.54 12.62 11.00
CA ILE B 531 -26.40 12.51 12.45
C ILE B 531 -27.47 13.37 13.09
N VAL B 532 -28.39 12.73 13.82
CA VAL B 532 -29.47 13.43 14.48
C VAL B 532 -29.25 13.35 15.99
N LYS B 533 -30.11 14.02 16.75
CA LYS B 533 -30.20 13.82 18.19
C LYS B 533 -31.59 13.27 18.49
N ILE B 534 -31.64 12.07 19.07
CA ILE B 534 -32.91 11.44 19.40
C ILE B 534 -33.58 12.20 20.53
N GLU B 535 -34.90 12.34 20.43
CA GLU B 535 -35.68 12.97 21.49
C GLU B 535 -35.52 12.22 22.80
N LYS B 536 -35.29 12.96 23.88
CA LYS B 536 -35.01 12.36 25.17
C LYS B 536 -36.25 11.67 25.73
N CYS B 537 -36.04 10.48 26.30
CA CYS B 537 -37.15 9.69 26.82
C CYS B 537 -37.61 10.26 28.15
N THR B 538 -38.89 10.64 28.21
CA THR B 538 -39.48 11.03 29.49
C THR B 538 -39.73 9.81 30.37
N ILE B 539 -39.90 8.64 29.77
CA ILE B 539 -40.04 7.38 30.50
C ILE B 539 -38.94 6.44 30.00
N PRO B 540 -37.71 6.56 30.50
CA PRO B 540 -36.59 5.82 29.91
C PRO B 540 -36.62 4.35 30.30
N PRO B 541 -36.00 3.49 29.48
CA PRO B 541 -35.82 2.09 29.89
C PRO B 541 -34.78 1.92 30.96
N SER B 542 -35.19 1.49 32.15
CA SER B 542 -34.28 1.20 33.24
C SER B 542 -34.43 -0.25 33.64
N SER B 543 -33.33 -0.99 33.63
CA SER B 543 -33.34 -2.37 34.08
C SER B 543 -32.96 -2.42 35.55
N ILE B 544 -33.57 -3.35 36.27
CA ILE B 544 -33.24 -3.54 37.67
C ILE B 544 -31.94 -4.32 37.71
N ASP B 545 -30.82 -3.61 37.78
CA ASP B 545 -29.51 -4.22 37.92
C ASP B 545 -29.22 -4.41 39.39
N ILE B 546 -28.84 -5.62 39.78
CA ILE B 546 -28.42 -5.86 41.16
C ILE B 546 -27.14 -5.06 41.41
N LYS B 547 -27.17 -4.21 42.43
CA LYS B 547 -26.06 -3.33 42.72
C LYS B 547 -25.11 -4.04 43.67
N TYR B 548 -23.96 -4.50 43.15
CA TYR B 548 -23.08 -5.31 43.96
C TYR B 548 -22.35 -4.50 45.02
N LEU B 549 -21.85 -3.31 44.68
CA LEU B 549 -21.12 -2.53 45.67
C LEU B 549 -22.05 -1.99 46.74
N ASP B 550 -23.32 -1.76 46.40
CA ASP B 550 -24.29 -1.37 47.41
C ASP B 550 -24.59 -2.53 48.35
N GLU B 551 -24.80 -3.73 47.79
CA GLU B 551 -25.15 -4.87 48.62
C GLU B 551 -23.93 -5.44 49.36
N TRP B 552 -22.76 -5.41 48.72
CA TRP B 552 -21.57 -5.96 49.37
C TRP B 552 -21.10 -5.08 50.52
N ARG B 553 -21.42 -3.78 50.46
CA ARG B 553 -21.06 -2.87 51.54
C ARG B 553 -21.87 -3.11 52.80
N LYS B 554 -22.99 -3.81 52.70
CA LYS B 554 -23.84 -4.07 53.85
C LYS B 554 -23.20 -5.09 54.78
N GLU B 555 -23.80 -5.24 55.95
CA GLU B 555 -23.37 -6.24 56.92
C GLU B 555 -23.65 -7.63 56.38
N TRP B 556 -22.89 -8.62 56.86
CA TRP B 556 -23.02 -10.00 56.44
C TRP B 556 -24.44 -10.51 56.68
N VAL B 557 -25.14 -10.82 55.59
CA VAL B 557 -26.52 -11.27 55.69
C VAL B 557 -26.53 -12.71 56.20
N ASP B 558 -27.09 -12.90 57.40
CA ASP B 558 -27.10 -14.21 58.04
C ASP B 558 -28.46 -14.89 57.99
N SER B 559 -29.55 -14.12 57.97
CA SER B 559 -30.88 -14.71 57.98
C SER B 559 -31.27 -15.28 56.63
N GLU B 560 -30.86 -14.62 55.54
CA GLU B 560 -31.32 -14.98 54.20
C GLU B 560 -30.37 -15.97 53.54
N PHE B 561 -30.11 -17.06 54.25
CA PHE B 561 -29.43 -18.21 53.68
C PHE B 561 -30.22 -19.49 53.80
N ASP B 562 -30.84 -19.75 54.96
CA ASP B 562 -31.65 -20.94 55.13
C ASP B 562 -32.97 -20.86 54.38
N LYS B 563 -33.46 -19.64 54.12
CA LYS B 563 -34.64 -19.49 53.28
C LYS B 563 -34.37 -19.89 51.85
N ILE B 564 -33.13 -19.71 51.37
CA ILE B 564 -32.77 -20.13 50.03
C ILE B 564 -32.63 -21.65 49.95
N ILE B 565 -32.02 -22.25 50.97
CA ILE B 565 -31.74 -23.69 50.93
C ILE B 565 -33.03 -24.49 51.07
N GLU B 566 -33.92 -24.09 51.98
CA GLU B 566 -35.15 -24.84 52.18
C GLU B 566 -36.12 -24.68 51.01
N GLN B 567 -36.04 -23.55 50.30
CA GLN B 567 -36.84 -23.38 49.08
C GLN B 567 -36.29 -24.20 47.92
N TRP B 568 -34.99 -24.51 47.93
CA TRP B 568 -34.41 -25.37 46.91
C TRP B 568 -35.01 -26.78 46.97
N SER B 569 -35.22 -27.31 48.18
CA SER B 569 -35.74 -28.65 48.38
C SER B 569 -37.27 -28.69 48.40
N LYS B 570 -37.92 -27.61 47.96
CA LYS B 570 -39.38 -27.47 47.88
C LYS B 570 -40.04 -27.64 49.25
N SER B 571 -39.75 -26.70 50.14
CA SER B 571 -40.36 -26.71 51.47
C SER B 571 -40.79 -25.32 51.92
N ASN C 5 14.12 9.54 -41.96
CA ASN C 5 13.96 8.76 -40.74
C ASN C 5 12.55 8.92 -40.16
N ASP C 6 11.68 7.97 -40.49
CA ASP C 6 10.29 8.04 -40.06
C ASP C 6 10.18 7.88 -38.54
N ILE C 7 10.96 6.99 -37.95
CA ILE C 7 10.94 6.73 -36.51
C ILE C 7 12.33 7.01 -35.95
N ASN C 8 12.37 7.76 -34.84
CA ASN C 8 13.61 8.03 -34.11
C ASN C 8 13.35 7.73 -32.64
N ALA C 9 13.53 6.48 -32.26
CA ALA C 9 13.37 6.04 -30.88
C ALA C 9 14.71 5.59 -30.33
N GLU C 10 14.82 5.60 -28.99
CA GLU C 10 16.11 5.41 -28.37
C GLU C 10 15.93 4.91 -26.94
N VAL C 11 16.77 3.97 -26.53
CA VAL C 11 16.76 3.48 -25.16
C VAL C 11 17.35 4.55 -24.24
N VAL C 12 16.63 4.86 -23.16
CA VAL C 12 17.12 5.79 -22.16
C VAL C 12 17.34 5.13 -20.80
N SER C 13 16.80 3.95 -20.56
CA SER C 13 17.04 3.23 -19.31
C SER C 13 16.98 1.73 -19.58
N VAL C 14 17.81 1.00 -18.85
CA VAL C 14 17.90 -0.45 -19.01
C VAL C 14 17.78 -1.10 -17.64
N SER C 15 16.80 -1.97 -17.48
CA SER C 15 16.64 -2.83 -16.33
C SER C 15 17.08 -4.24 -16.69
N PRO C 16 17.15 -5.16 -15.71
CA PRO C 16 17.36 -6.58 -16.07
C PRO C 16 16.36 -7.14 -17.05
N ASN C 17 15.08 -6.77 -16.94
CA ASN C 17 14.06 -7.30 -17.84
C ASN C 17 13.11 -6.20 -18.26
N LYS C 18 13.62 -4.99 -18.46
CA LYS C 18 12.80 -3.87 -18.87
C LYS C 18 13.66 -2.83 -19.55
N LEU C 19 13.12 -2.21 -20.61
CA LEU C 19 13.80 -1.14 -21.32
C LEU C 19 12.88 0.08 -21.36
N LYS C 20 13.49 1.26 -21.37
CA LYS C 20 12.77 2.52 -21.52
C LYS C 20 13.13 3.10 -22.88
N ILE C 21 12.17 3.12 -23.79
CA ILE C 21 12.38 3.62 -25.14
C ILE C 21 11.81 5.02 -25.24
N SER C 22 12.63 5.97 -25.68
CA SER C 22 12.22 7.36 -25.83
C SER C 22 12.11 7.70 -27.31
N VAL C 23 10.88 7.87 -27.79
CA VAL C 23 10.65 8.25 -29.17
C VAL C 23 10.88 9.75 -29.30
N ASP C 24 11.72 10.15 -30.24
CA ASP C 24 12.13 11.55 -30.37
C ASP C 24 11.42 12.31 -31.48
N ASP C 25 11.11 11.69 -32.62
CA ASP C 25 10.52 12.42 -33.73
C ASP C 25 9.10 11.97 -34.07
N LEU C 26 8.90 10.70 -34.43
CA LEU C 26 7.66 10.20 -35.04
C LEU C 26 7.22 11.08 -36.21
N GLU C 27 8.00 11.01 -37.29
CA GLU C 27 7.66 11.77 -38.49
C GLU C 27 6.58 11.08 -39.33
N GLU C 28 6.43 9.76 -39.19
CA GLU C 28 5.48 9.02 -40.02
C GLU C 28 4.04 9.23 -39.56
N PHE C 29 3.81 9.17 -38.24
CA PHE C 29 2.52 9.20 -37.53
C PHE C 29 1.65 7.98 -37.78
N LYS C 30 2.06 7.03 -38.62
CA LYS C 30 1.35 5.77 -38.75
C LYS C 30 2.07 4.62 -38.06
N ILE C 31 3.39 4.74 -37.89
CA ILE C 31 4.19 3.71 -37.22
C ILE C 31 3.73 3.54 -35.78
N ALA C 32 3.33 4.64 -35.13
CA ALA C 32 2.85 4.57 -33.76
C ALA C 32 1.56 3.76 -33.63
N GLU C 33 0.68 3.82 -34.64
CA GLU C 33 -0.60 3.13 -34.54
C GLU C 33 -0.43 1.62 -34.66
N GLU C 34 0.38 1.15 -35.61
CA GLU C 34 0.51 -0.29 -35.82
C GLU C 34 1.71 -0.88 -35.09
N LYS C 35 2.86 -0.22 -35.12
CA LYS C 35 4.12 -0.82 -34.71
C LYS C 35 4.63 -0.34 -33.36
N LEU C 36 4.00 0.65 -32.74
CA LEU C 36 4.40 1.08 -31.40
C LEU C 36 3.30 0.86 -30.37
N GLY C 37 2.34 -0.01 -30.67
CA GLY C 37 1.34 -0.37 -29.68
C GLY C 37 1.84 -1.40 -28.70
N VAL C 38 1.01 -1.67 -27.68
CA VAL C 38 1.37 -2.65 -26.67
C VAL C 38 1.29 -4.04 -27.26
N GLY C 39 2.37 -4.81 -27.13
CA GLY C 39 2.50 -6.11 -27.74
C GLY C 39 3.30 -6.13 -29.02
N SER C 40 3.61 -4.97 -29.58
CA SER C 40 4.45 -4.90 -30.78
C SER C 40 5.91 -5.09 -30.41
N TYR C 41 6.71 -5.41 -31.42
CA TYR C 41 8.11 -5.78 -31.23
C TYR C 41 9.00 -4.64 -31.70
N LEU C 42 9.98 -4.27 -30.87
CA LEU C 42 10.96 -3.26 -31.21
C LEU C 42 12.30 -3.91 -31.51
N ARG C 43 13.16 -3.16 -32.18
CA ARG C 43 14.46 -3.63 -32.63
C ARG C 43 15.53 -2.77 -31.95
N VAL C 44 16.17 -3.32 -30.93
CA VAL C 44 17.15 -2.59 -30.13
C VAL C 44 18.53 -3.01 -30.62
N SER C 45 19.19 -2.13 -31.37
CA SER C 45 20.51 -2.41 -31.90
C SER C 45 21.19 -1.11 -32.30
N ASP C 46 22.43 -1.23 -32.77
CA ASP C 46 23.16 -0.10 -33.36
C ASP C 46 23.94 -0.51 -34.60
N ASN C 47 23.71 -1.71 -35.12
CA ASN C 47 24.62 -2.31 -36.11
C ASN C 47 23.93 -3.01 -37.27
N GLN C 48 22.61 -3.19 -37.27
CA GLN C 48 21.80 -3.84 -38.29
C GLN C 48 22.12 -5.32 -38.47
N ASP C 49 23.05 -5.89 -37.70
CA ASP C 49 23.39 -7.31 -37.78
C ASP C 49 22.90 -8.08 -36.57
N VAL C 50 23.27 -7.67 -35.37
CA VAL C 50 22.90 -8.34 -34.13
C VAL C 50 22.02 -7.40 -33.31
N ALA C 51 20.81 -7.86 -32.99
CA ALA C 51 19.81 -6.97 -32.41
C ALA C 51 19.12 -7.62 -31.22
N LEU C 52 18.93 -6.82 -30.16
CA LEU C 52 17.98 -7.19 -29.12
C LEU C 52 16.55 -7.00 -29.64
N LEU C 53 15.69 -7.96 -29.32
CA LEU C 53 14.28 -7.90 -29.69
C LEU C 53 13.46 -7.71 -28.42
N ALA C 54 12.61 -6.69 -28.40
CA ALA C 54 11.84 -6.33 -27.22
C ALA C 54 10.38 -6.12 -27.58
N ILE C 55 9.49 -6.60 -26.71
CA ILE C 55 8.04 -6.45 -26.89
C ILE C 55 7.56 -5.31 -26.00
N ILE C 56 6.67 -4.49 -26.53
CA ILE C 56 6.17 -3.33 -25.81
C ILE C 56 5.15 -3.79 -24.77
N ASP C 57 5.36 -3.38 -23.51
CA ASP C 57 4.45 -3.69 -22.42
C ASP C 57 3.50 -2.54 -22.11
N ASN C 58 3.99 -1.31 -22.11
CA ASN C 58 3.20 -0.15 -21.71
C ASN C 58 3.90 1.10 -22.23
N PHE C 59 3.12 2.06 -22.71
CA PHE C 59 3.67 3.30 -23.23
C PHE C 59 2.97 4.49 -22.57
N SER C 60 3.52 5.67 -22.79
CA SER C 60 2.96 6.91 -22.25
C SER C 60 3.46 8.08 -23.08
N ILE C 61 2.54 8.82 -23.69
CA ILE C 61 2.87 9.98 -24.50
C ILE C 61 2.46 11.21 -23.71
N GLU C 62 3.47 11.97 -23.24
CA GLU C 62 3.24 13.19 -22.48
C GLU C 62 3.47 14.38 -23.39
N VAL C 63 2.47 15.25 -23.52
CA VAL C 63 2.57 16.44 -24.32
C VAL C 63 2.29 17.65 -23.44
N LYS C 64 3.16 18.65 -23.51
CA LYS C 64 3.08 19.83 -22.68
C LYS C 64 2.97 21.07 -23.55
N GLU C 65 2.54 22.17 -22.92
CA GLU C 65 2.24 23.39 -23.66
C GLU C 65 3.47 24.00 -24.30
N SER C 66 4.61 23.99 -23.61
CA SER C 66 5.85 24.60 -24.12
C SER C 66 6.94 23.58 -24.43
N GLN C 67 7.00 22.48 -23.69
CA GLN C 67 8.11 21.53 -23.83
C GLN C 67 7.86 20.61 -25.00
N LYS C 68 8.80 19.67 -25.19
CA LYS C 68 8.72 18.69 -26.26
C LYS C 68 7.78 17.56 -25.90
N GLN C 69 7.36 16.81 -26.92
CA GLN C 69 6.53 15.64 -26.70
C GLN C 69 7.34 14.53 -26.03
N LYS C 70 6.82 14.01 -24.92
CA LYS C 70 7.51 12.97 -24.15
C LYS C 70 6.83 11.64 -24.43
N TYR C 71 7.25 10.98 -25.50
CA TYR C 71 6.79 9.63 -25.81
C TYR C 71 7.75 8.67 -25.12
N MET C 72 7.24 7.91 -24.16
CA MET C 72 8.02 6.93 -23.42
C MET C 72 7.42 5.55 -23.67
N ILE C 73 8.26 4.61 -24.09
CA ILE C 73 7.84 3.24 -24.34
C ILE C 73 8.60 2.32 -23.40
N GLU C 74 7.86 1.52 -22.62
CA GLU C 74 8.44 0.56 -21.70
C GLU C 74 8.33 -0.83 -22.33
N ALA C 75 9.48 -1.40 -22.69
CA ALA C 75 9.54 -2.69 -23.35
C ALA C 75 10.43 -3.65 -22.57
N SER C 76 10.19 -4.94 -22.77
CA SER C 76 10.97 -5.99 -22.13
C SER C 76 11.62 -6.85 -23.20
N PRO C 77 12.93 -7.10 -23.11
CA PRO C 77 13.59 -7.96 -24.11
C PRO C 77 13.09 -9.39 -24.03
N ILE C 78 12.96 -10.03 -25.19
CA ILE C 78 12.60 -11.43 -25.27
C ILE C 78 13.71 -12.30 -25.84
N GLY C 79 14.64 -11.73 -26.61
CA GLY C 79 15.69 -12.55 -27.18
C GLY C 79 16.60 -11.73 -28.06
N LEU C 80 17.43 -12.44 -28.82
CA LEU C 80 18.46 -11.83 -29.65
C LEU C 80 18.39 -12.38 -31.06
N VAL C 81 18.55 -11.50 -32.04
CA VAL C 81 18.62 -11.87 -33.45
C VAL C 81 20.05 -11.66 -33.91
N LYS C 82 20.67 -12.71 -34.45
CA LYS C 82 22.02 -12.62 -35.00
C LYS C 82 21.97 -13.07 -36.45
N ASN C 83 22.14 -12.10 -37.35
CA ASN C 83 22.05 -12.23 -38.82
C ASN C 83 20.93 -13.18 -39.26
N GLY C 84 19.71 -12.86 -38.83
CA GLY C 84 18.53 -13.55 -39.29
C GLY C 84 18.06 -14.72 -38.45
N LYS C 85 18.81 -15.11 -37.43
CA LYS C 85 18.42 -16.22 -36.57
C LYS C 85 18.14 -15.71 -35.17
N PHE C 86 17.01 -16.11 -34.61
CA PHE C 86 16.54 -15.61 -33.31
C PHE C 86 16.94 -16.58 -32.22
N TYR C 87 17.58 -16.06 -31.17
CA TYR C 87 17.94 -16.82 -29.99
C TYR C 87 17.13 -16.32 -28.81
N ARG C 88 16.46 -17.25 -28.12
CA ARG C 88 15.56 -16.91 -27.03
C ARG C 88 16.35 -16.65 -25.75
N GLY C 89 15.62 -16.31 -24.68
CA GLY C 89 16.28 -16.05 -23.41
C GLY C 89 16.92 -14.68 -23.37
N GLY C 90 16.12 -13.62 -23.42
CA GLY C 90 16.67 -12.29 -23.58
C GLY C 90 17.13 -11.67 -22.28
N ASP C 91 18.43 -11.75 -22.03
CA ASP C 91 19.04 -11.11 -20.88
C ASP C 91 20.39 -10.48 -21.23
N SER C 92 20.77 -10.47 -22.51
CA SER C 92 22.01 -9.82 -22.93
C SER C 92 21.90 -8.32 -22.72
N LEU C 93 22.95 -7.73 -22.17
CA LEU C 93 22.93 -6.32 -21.80
C LEU C 93 23.08 -5.44 -23.04
N ALA C 94 22.07 -4.64 -23.32
CA ALA C 94 22.13 -3.62 -24.36
C ALA C 94 22.45 -2.30 -23.66
N LEU C 95 23.69 -1.86 -23.79
CA LEU C 95 24.14 -0.67 -23.08
C LEU C 95 23.56 0.58 -23.74
N PRO C 96 22.81 1.40 -23.01
CA PRO C 96 22.14 2.54 -23.62
C PRO C 96 23.12 3.66 -23.92
N PRO C 97 22.80 4.55 -24.88
CA PRO C 97 21.61 4.58 -25.75
C PRO C 97 21.73 3.65 -26.95
N LYS C 98 20.60 3.29 -27.56
CA LYS C 98 20.61 2.40 -28.71
C LYS C 98 19.47 2.78 -29.64
N LYS C 99 19.71 2.65 -30.95
CA LYS C 99 18.68 2.95 -31.94
C LYS C 99 17.56 1.92 -31.85
N VAL C 100 16.32 2.41 -31.80
CA VAL C 100 15.14 1.55 -31.68
C VAL C 100 14.28 1.76 -32.92
N GLU C 101 14.00 0.68 -33.61
CA GLU C 101 13.10 0.64 -34.77
C GLU C 101 12.06 -0.44 -34.52
N PRO C 102 10.91 -0.35 -35.19
CA PRO C 102 10.01 -1.51 -35.21
C PRO C 102 10.68 -2.70 -35.89
N ALA C 103 10.41 -3.89 -35.36
CA ALA C 103 10.98 -5.10 -35.93
C ALA C 103 10.35 -5.36 -37.29
N LYS C 104 11.19 -5.67 -38.28
CA LYS C 104 10.68 -5.93 -39.62
C LYS C 104 10.01 -7.30 -39.68
N LEU C 105 9.38 -7.57 -40.83
CA LEU C 105 8.57 -8.77 -40.99
C LEU C 105 9.41 -10.04 -40.90
N ASP C 106 10.67 -9.98 -41.37
CA ASP C 106 11.53 -11.15 -41.33
C ASP C 106 11.93 -11.53 -39.91
N GLU C 107 12.10 -10.53 -39.03
CA GLU C 107 12.52 -10.83 -37.66
C GLU C 107 11.38 -11.42 -36.84
N ILE C 108 10.17 -10.89 -36.99
CA ILE C 108 9.04 -11.37 -36.21
C ILE C 108 8.65 -12.78 -36.64
N ILE C 109 8.81 -13.10 -37.92
CA ILE C 109 8.65 -14.48 -38.37
C ILE C 109 9.70 -15.37 -37.73
N SER C 110 10.94 -14.87 -37.63
CA SER C 110 12.04 -15.65 -37.04
C SER C 110 11.85 -15.89 -35.55
N ILE C 111 10.94 -15.17 -34.89
CA ILE C 111 10.60 -15.47 -33.51
C ILE C 111 9.92 -16.83 -33.41
N TYR C 112 9.01 -17.11 -34.35
CA TYR C 112 8.11 -18.26 -34.25
C TYR C 112 8.47 -19.39 -35.21
N SER C 113 8.99 -19.07 -36.39
CA SER C 113 9.17 -20.08 -37.43
C SER C 113 10.32 -21.02 -37.13
N ASP C 114 11.48 -20.49 -36.73
CA ASP C 114 12.67 -21.32 -36.64
C ASP C 114 12.73 -22.19 -35.39
N SER C 115 11.97 -21.85 -34.35
CA SER C 115 11.99 -22.64 -33.13
C SER C 115 11.36 -24.02 -33.33
N ILE C 116 10.32 -24.10 -34.15
CA ILE C 116 9.67 -25.35 -34.50
C ILE C 116 10.23 -25.82 -35.83
N ASP C 117 10.49 -27.13 -35.95
CA ASP C 117 10.98 -27.69 -37.20
C ASP C 117 9.95 -27.50 -38.31
N ILE C 118 10.44 -27.35 -39.54
CA ILE C 118 9.58 -27.03 -40.67
C ILE C 118 8.62 -28.18 -40.96
N ASN C 119 9.05 -29.42 -40.70
CA ASN C 119 8.21 -30.58 -40.98
C ASN C 119 6.96 -30.61 -40.10
N ASP C 120 7.08 -30.29 -38.82
CA ASP C 120 5.97 -30.43 -37.88
C ASP C 120 5.38 -29.08 -37.44
N ARG C 121 5.35 -28.10 -38.35
CA ARG C 121 4.65 -26.85 -38.07
C ARG C 121 3.16 -27.04 -38.34
N PHE C 122 2.34 -26.66 -37.37
CA PHE C 122 0.88 -26.65 -37.51
C PHE C 122 0.42 -25.22 -37.31
N THR C 123 0.08 -24.55 -38.40
CA THR C 123 -0.32 -23.15 -38.37
C THR C 123 -1.83 -23.06 -38.57
N PHE C 124 -2.51 -22.41 -37.62
CA PHE C 124 -3.92 -22.12 -37.76
C PHE C 124 -4.24 -20.68 -37.37
N SER C 125 -3.24 -19.87 -37.05
CA SER C 125 -3.45 -18.51 -36.61
C SER C 125 -2.24 -17.68 -36.99
N SER C 126 -2.46 -16.36 -37.09
CA SER C 126 -1.41 -15.40 -37.31
C SER C 126 -1.33 -14.45 -36.12
N LEU C 127 -0.25 -13.68 -36.06
CA LEU C 127 -0.05 -12.73 -34.98
C LEU C 127 -1.12 -11.64 -35.03
N SER C 128 -1.61 -11.25 -33.84
CA SER C 128 -2.66 -10.24 -33.78
C SER C 128 -2.12 -8.86 -34.15
N LEU C 129 -0.92 -8.52 -33.67
CA LEU C 129 -0.36 -7.20 -33.96
C LEU C 129 0.20 -7.09 -35.37
N ASN C 130 0.43 -8.23 -36.04
CA ASN C 130 0.95 -8.23 -37.41
C ASN C 130 0.44 -9.49 -38.08
N THR C 131 -0.62 -9.35 -38.88
CA THR C 131 -1.29 -10.51 -39.47
C THR C 131 -0.46 -11.24 -40.52
N LYS C 132 0.63 -10.65 -40.99
CA LYS C 132 1.50 -11.34 -41.94
C LYS C 132 2.43 -12.35 -41.26
N VAL C 133 2.53 -12.33 -39.94
CA VAL C 133 3.36 -13.27 -39.21
C VAL C 133 2.49 -14.45 -38.81
N SER C 134 2.58 -15.54 -39.57
CA SER C 134 1.92 -16.77 -39.18
C SER C 134 2.60 -17.35 -37.95
N VAL C 135 1.80 -17.82 -37.01
CA VAL C 135 2.33 -18.35 -35.75
C VAL C 135 2.13 -19.85 -35.72
N PRO C 136 3.17 -20.64 -35.99
CA PRO C 136 3.02 -22.10 -35.93
C PRO C 136 3.15 -22.61 -34.51
N VAL C 137 2.56 -23.78 -34.29
CA VAL C 137 2.77 -24.53 -33.06
C VAL C 137 3.35 -25.88 -33.46
N ASN C 138 4.00 -26.52 -32.50
CA ASN C 138 4.53 -27.87 -32.72
C ASN C 138 3.34 -28.82 -32.85
N GLY C 139 3.01 -29.20 -34.08
CA GLY C 139 1.81 -29.97 -34.33
C GLY C 139 1.84 -31.35 -33.73
N ASN C 140 3.05 -31.93 -33.59
CA ASN C 140 3.16 -33.13 -32.78
C ASN C 140 2.84 -32.83 -31.32
N ARG C 141 3.47 -31.78 -30.76
CA ARG C 141 3.27 -31.44 -29.36
C ARG C 141 1.89 -30.88 -29.09
N PHE C 142 1.23 -30.32 -30.11
CA PHE C 142 -0.06 -29.67 -29.91
C PHE C 142 -1.14 -30.66 -29.48
N PHE C 143 -1.17 -31.82 -30.12
CA PHE C 143 -2.28 -32.74 -29.92
C PHE C 143 -2.01 -33.90 -28.96
N ASN C 144 -0.76 -34.35 -28.79
CA ASN C 144 -0.55 -35.54 -27.94
C ASN C 144 -0.74 -35.16 -26.49
N LYS C 145 -0.43 -33.93 -26.15
CA LYS C 145 -0.83 -33.35 -24.88
C LYS C 145 -2.19 -32.68 -25.06
N HIS C 146 -2.89 -32.53 -23.94
CA HIS C 146 -4.28 -32.10 -24.01
C HIS C 146 -4.38 -30.59 -24.22
N ILE C 147 -5.43 -30.19 -24.93
CA ILE C 147 -5.67 -28.79 -25.28
C ILE C 147 -6.88 -28.30 -24.52
N ALA C 148 -6.79 -27.09 -23.97
CA ALA C 148 -7.89 -26.46 -23.26
C ALA C 148 -8.18 -25.12 -23.93
N ILE C 149 -9.23 -25.10 -24.75
CA ILE C 149 -9.65 -23.88 -25.41
C ILE C 149 -10.73 -23.23 -24.56
N VAL C 150 -10.44 -22.05 -24.03
CA VAL C 150 -11.31 -21.39 -23.06
C VAL C 150 -11.60 -19.98 -23.53
N GLY C 151 -12.84 -19.52 -23.30
CA GLY C 151 -13.24 -18.19 -23.66
C GLY C 151 -14.74 -18.00 -23.64
N SER C 152 -15.20 -16.84 -23.18
CA SER C 152 -16.61 -16.60 -22.96
C SER C 152 -17.37 -16.50 -24.29
N THR C 153 -18.70 -16.45 -24.17
CA THR C 153 -19.56 -16.36 -25.35
C THR C 153 -19.40 -15.00 -26.01
N GLY C 154 -19.41 -14.98 -27.34
CA GLY C 154 -19.16 -13.79 -28.11
C GLY C 154 -17.71 -13.59 -28.50
N SER C 155 -16.83 -14.51 -28.14
CA SER C 155 -15.43 -14.44 -28.54
C SER C 155 -15.13 -15.31 -29.77
N GLY C 156 -16.09 -16.09 -30.23
CA GLY C 156 -15.81 -17.04 -31.30
C GLY C 156 -14.90 -18.18 -30.88
N LYS C 157 -15.11 -18.70 -29.68
CA LYS C 157 -14.30 -19.84 -29.20
C LYS C 157 -14.58 -21.08 -30.03
N SER C 158 -15.85 -21.32 -30.38
CA SER C 158 -16.19 -22.48 -31.19
C SER C 158 -15.66 -22.35 -32.60
N HIS C 159 -15.46 -21.11 -33.08
CA HIS C 159 -14.77 -20.91 -34.36
C HIS C 159 -13.31 -21.32 -34.27
N THR C 160 -12.67 -21.02 -33.12
CA THR C 160 -11.29 -21.45 -32.92
C THR C 160 -11.18 -22.97 -32.87
N VAL C 161 -12.14 -23.62 -32.21
CA VAL C 161 -12.17 -25.09 -32.17
C VAL C 161 -12.38 -25.65 -33.57
N ALA C 162 -13.32 -25.09 -34.33
CA ALA C 162 -13.63 -25.60 -35.66
C ALA C 162 -12.49 -25.34 -36.65
N LYS C 163 -11.75 -24.25 -36.47
CA LYS C 163 -10.65 -23.94 -37.40
C LYS C 163 -9.49 -24.91 -37.22
N ILE C 164 -9.21 -25.31 -35.98
CA ILE C 164 -8.09 -26.23 -35.72
C ILE C 164 -8.37 -27.59 -36.32
N LEU C 165 -9.59 -28.11 -36.15
CA LEU C 165 -9.91 -29.43 -36.67
C LEU C 165 -10.06 -29.42 -38.19
N GLN C 166 -10.46 -28.29 -38.77
CA GLN C 166 -10.43 -28.16 -40.22
C GLN C 166 -9.00 -28.16 -40.75
N LYS C 167 -8.09 -27.48 -40.03
CA LYS C 167 -6.70 -27.48 -40.45
C LYS C 167 -6.02 -28.82 -40.16
N ALA C 168 -6.48 -29.53 -39.13
CA ALA C 168 -5.95 -30.86 -38.85
C ALA C 168 -6.45 -31.88 -39.87
N VAL C 169 -7.69 -31.72 -40.35
CA VAL C 169 -8.21 -32.60 -41.38
C VAL C 169 -7.50 -32.34 -42.71
N ASP C 170 -7.31 -31.06 -43.05
CA ASP C 170 -6.63 -30.71 -44.29
C ASP C 170 -5.12 -30.98 -44.24
N GLU C 171 -4.58 -31.26 -43.07
CA GLU C 171 -3.15 -31.58 -42.93
C GLU C 171 -2.91 -33.00 -43.42
N LYS C 172 -2.16 -33.13 -44.51
CA LYS C 172 -1.83 -34.44 -45.07
C LYS C 172 -0.50 -34.34 -45.79
N GLN C 173 0.15 -35.49 -45.92
CA GLN C 173 1.38 -35.59 -46.71
C GLN C 173 1.04 -35.95 -48.14
N GLU C 174 1.92 -35.56 -49.06
CA GLU C 174 1.68 -35.79 -50.48
C GLU C 174 1.81 -37.27 -50.81
N GLY C 175 0.88 -37.77 -51.63
CA GLY C 175 0.91 -39.16 -52.02
C GLY C 175 -0.47 -39.80 -52.18
N TYR C 176 -1.51 -39.11 -51.69
CA TYR C 176 -2.87 -39.61 -51.81
C TYR C 176 -3.82 -38.44 -51.95
N LYS C 177 -5.01 -38.74 -52.46
CA LYS C 177 -5.96 -37.68 -52.81
C LYS C 177 -6.59 -37.06 -51.56
N GLY C 178 -7.01 -37.88 -50.61
CA GLY C 178 -7.65 -37.34 -49.44
C GLY C 178 -7.94 -38.39 -48.39
N LEU C 179 -8.71 -37.97 -47.37
CA LEU C 179 -9.09 -38.79 -46.22
C LEU C 179 -7.86 -39.28 -45.47
N ASN C 180 -7.17 -38.33 -44.85
CA ASN C 180 -5.99 -38.65 -44.06
C ASN C 180 -6.39 -39.35 -42.76
N ASN C 181 -5.38 -39.63 -41.93
CA ASN C 181 -5.56 -40.44 -40.73
C ASN C 181 -5.93 -39.61 -39.50
N SER C 182 -6.60 -38.47 -39.69
CA SER C 182 -7.11 -37.70 -38.56
C SER C 182 -8.36 -38.36 -38.01
N HIS C 183 -8.42 -38.50 -36.69
CA HIS C 183 -9.58 -39.08 -36.01
C HIS C 183 -9.98 -38.16 -34.87
N ILE C 184 -11.00 -37.35 -35.09
CA ILE C 184 -11.45 -36.34 -34.14
C ILE C 184 -12.90 -36.63 -33.76
N ILE C 185 -13.18 -36.60 -32.47
CA ILE C 185 -14.52 -36.83 -31.94
C ILE C 185 -14.97 -35.58 -31.20
N ILE C 186 -16.16 -35.08 -31.54
CA ILE C 186 -16.69 -33.86 -30.94
C ILE C 186 -17.96 -34.20 -30.18
N PHE C 187 -18.01 -33.81 -28.91
CA PHE C 187 -19.22 -33.90 -28.10
C PHE C 187 -19.97 -32.58 -28.27
N ASP C 188 -20.78 -32.51 -29.32
CA ASP C 188 -21.48 -31.28 -29.67
C ASP C 188 -22.80 -31.23 -28.92
N ILE C 189 -22.87 -30.36 -27.90
CA ILE C 189 -24.09 -30.21 -27.11
C ILE C 189 -24.92 -29.00 -27.56
N HIS C 190 -24.31 -28.04 -28.26
CA HIS C 190 -25.04 -26.89 -28.78
C HIS C 190 -25.36 -27.03 -30.26
N SER C 191 -24.97 -28.15 -30.89
CA SER C 191 -25.14 -28.39 -32.33
C SER C 191 -24.49 -27.30 -33.18
N GLU C 192 -23.34 -26.80 -32.71
CA GLU C 192 -22.65 -25.73 -33.40
C GLU C 192 -21.93 -26.21 -34.65
N TYR C 193 -21.34 -27.41 -34.60
CA TYR C 193 -20.48 -27.90 -35.65
C TYR C 193 -21.22 -28.74 -36.69
N GLU C 194 -22.53 -28.53 -36.84
CA GLU C 194 -23.28 -29.18 -37.91
C GLU C 194 -22.82 -28.69 -39.27
N ASN C 195 -22.73 -27.37 -39.45
CA ASN C 195 -22.36 -26.78 -40.72
C ASN C 195 -20.91 -26.28 -40.73
N ALA C 196 -20.08 -26.77 -39.82
CA ALA C 196 -18.65 -26.49 -39.85
C ALA C 196 -17.86 -27.57 -40.57
N PHE C 197 -18.30 -28.82 -40.48
CA PHE C 197 -17.66 -29.95 -41.16
C PHE C 197 -18.74 -30.70 -41.91
N PRO C 198 -19.03 -30.31 -43.16
CA PRO C 198 -20.08 -30.99 -43.93
C PRO C 198 -19.79 -32.46 -44.20
N ASN C 199 -18.51 -32.83 -44.35
CA ASN C 199 -18.13 -34.22 -44.58
C ASN C 199 -17.78 -34.86 -43.24
N SER C 200 -18.82 -35.30 -42.53
CA SER C 200 -18.67 -35.91 -41.22
C SER C 200 -19.83 -36.87 -40.98
N ASN C 201 -19.79 -37.55 -39.84
CA ASN C 201 -20.84 -38.47 -39.43
C ASN C 201 -21.50 -37.87 -38.18
N VAL C 202 -22.59 -37.14 -38.39
CA VAL C 202 -23.32 -36.53 -37.29
C VAL C 202 -24.20 -37.59 -36.64
N LEU C 203 -24.18 -37.62 -35.31
CA LEU C 203 -24.89 -38.66 -34.53
C LEU C 203 -25.73 -37.97 -33.47
N ASN C 204 -26.99 -37.66 -33.80
CA ASN C 204 -27.93 -37.17 -32.81
C ASN C 204 -28.67 -38.37 -32.22
N VAL C 205 -29.74 -38.10 -31.45
CA VAL C 205 -30.47 -39.15 -30.76
C VAL C 205 -31.15 -40.09 -31.75
N ASP C 206 -31.63 -39.55 -32.87
CA ASP C 206 -32.36 -40.35 -33.84
C ASP C 206 -31.46 -41.36 -34.56
N THR C 207 -30.16 -41.08 -34.68
CA THR C 207 -29.25 -41.95 -35.40
C THR C 207 -28.26 -42.69 -34.52
N LEU C 208 -27.91 -42.15 -33.35
CA LEU C 208 -26.98 -42.85 -32.46
C LEU C 208 -27.64 -44.06 -31.84
N THR C 209 -26.87 -45.15 -31.73
CA THR C 209 -27.32 -46.39 -31.11
C THR C 209 -26.28 -46.79 -30.08
N LEU C 210 -26.41 -46.26 -28.87
CA LEU C 210 -25.51 -46.61 -27.78
C LEU C 210 -26.07 -47.79 -27.01
N PRO C 211 -25.39 -48.93 -27.00
CA PRO C 211 -25.91 -50.08 -26.25
C PRO C 211 -25.80 -49.86 -24.75
N TYR C 212 -26.88 -50.17 -24.03
CA TYR C 212 -26.91 -50.01 -22.59
C TYR C 212 -26.02 -51.02 -21.88
N TRP C 213 -25.74 -52.17 -22.52
CA TRP C 213 -24.97 -53.21 -21.86
C TRP C 213 -23.47 -52.94 -21.86
N LEU C 214 -23.00 -51.93 -22.60
CA LEU C 214 -21.62 -51.52 -22.51
C LEU C 214 -21.36 -50.57 -21.34
N LEU C 215 -22.40 -50.12 -20.65
CA LEU C 215 -22.23 -49.37 -19.41
C LEU C 215 -21.71 -50.28 -18.31
N ASN C 216 -20.89 -49.71 -17.43
CA ASN C 216 -20.35 -50.47 -16.32
C ASN C 216 -21.39 -50.53 -15.19
N GLY C 217 -20.96 -51.02 -14.01
CA GLY C 217 -21.87 -51.12 -12.89
C GLY C 217 -22.33 -49.79 -12.35
N ASP C 218 -21.46 -48.78 -12.38
CA ASP C 218 -21.82 -47.47 -11.84
C ASP C 218 -22.81 -46.74 -12.76
N GLU C 219 -22.62 -46.86 -14.08
CA GLU C 219 -23.52 -46.20 -15.02
C GLU C 219 -24.88 -46.87 -15.07
N LEU C 220 -24.93 -48.20 -14.86
CA LEU C 220 -26.23 -48.87 -14.75
C LEU C 220 -26.94 -48.48 -13.46
N GLU C 221 -26.18 -48.16 -12.41
CA GLU C 221 -26.74 -47.78 -11.12
C GLU C 221 -27.04 -46.29 -11.02
N GLU C 222 -26.95 -45.56 -12.13
CA GLU C 222 -27.30 -44.15 -12.16
C GLU C 222 -28.31 -43.83 -13.25
N LEU C 223 -28.20 -44.49 -14.41
CA LEU C 223 -29.22 -44.40 -15.45
C LEU C 223 -30.55 -44.95 -14.93
N PHE C 224 -30.57 -46.22 -14.55
CA PHE C 224 -31.80 -46.89 -14.16
C PHE C 224 -32.29 -46.52 -12.77
N LEU C 225 -31.42 -45.97 -11.93
CA LEU C 225 -31.68 -45.88 -10.51
C LEU C 225 -32.00 -44.46 -10.09
N ASP C 226 -32.89 -44.32 -9.11
CA ASP C 226 -33.14 -43.03 -8.49
C ASP C 226 -32.02 -42.67 -7.52
N THR C 227 -32.07 -41.43 -7.02
CA THR C 227 -30.93 -40.89 -6.29
C THR C 227 -30.91 -41.34 -4.83
N GLU C 228 -32.02 -41.19 -4.11
CA GLU C 228 -31.99 -41.35 -2.66
C GLU C 228 -33.02 -42.32 -2.09
N ALA C 229 -34.10 -42.64 -2.79
CA ALA C 229 -35.20 -43.41 -2.22
C ALA C 229 -35.13 -44.89 -2.60
N ASN C 230 -33.93 -45.46 -2.69
CA ASN C 230 -33.73 -46.86 -3.01
C ASN C 230 -33.24 -47.59 -1.77
N ASP C 231 -33.84 -48.74 -1.48
CA ASP C 231 -33.47 -49.55 -0.33
C ASP C 231 -32.35 -50.51 -0.68
N HIS C 232 -31.70 -51.05 0.36
CA HIS C 232 -30.55 -51.93 0.15
C HIS C 232 -30.95 -53.26 -0.45
N ASN C 233 -32.12 -53.79 -0.07
CA ASN C 233 -32.59 -55.05 -0.65
C ASN C 233 -33.11 -54.86 -2.07
N GLN C 234 -33.44 -53.63 -2.46
CA GLN C 234 -33.96 -53.35 -3.79
C GLN C 234 -32.86 -52.94 -4.76
N ARG C 235 -31.75 -52.39 -4.25
CA ARG C 235 -30.53 -52.30 -5.04
C ARG C 235 -30.00 -53.68 -5.44
N ASN C 236 -30.16 -54.68 -4.56
CA ASN C 236 -29.46 -55.95 -4.75
C ASN C 236 -30.05 -56.76 -5.90
N VAL C 237 -31.37 -56.72 -6.10
CA VAL C 237 -31.99 -57.48 -7.17
C VAL C 237 -31.58 -56.94 -8.54
N PHE C 238 -31.22 -55.66 -8.60
CA PHE C 238 -30.69 -55.08 -9.83
C PHE C 238 -29.37 -55.74 -10.24
N ARG C 239 -28.50 -55.97 -9.26
CA ARG C 239 -27.21 -56.60 -9.57
C ARG C 239 -27.36 -58.07 -9.92
N GLN C 240 -28.19 -58.80 -9.18
CA GLN C 240 -28.34 -60.23 -9.43
C GLN C 240 -29.03 -60.52 -10.75
N ALA C 241 -29.94 -59.64 -11.17
CA ALA C 241 -30.60 -59.84 -12.46
C ALA C 241 -29.65 -59.56 -13.61
N ILE C 242 -28.85 -58.49 -13.52
CA ILE C 242 -27.99 -58.09 -14.62
C ILE C 242 -26.79 -59.01 -14.74
N THR C 243 -26.13 -59.32 -13.62
CA THR C 243 -24.92 -60.14 -13.65
C THR C 243 -25.21 -61.55 -14.14
N LEU C 244 -26.34 -62.12 -13.73
CA LEU C 244 -26.70 -63.45 -14.22
C LEU C 244 -27.13 -63.42 -15.67
N ASN C 245 -27.77 -62.32 -16.11
CA ASN C 245 -28.14 -62.18 -17.52
C ASN C 245 -26.90 -62.07 -18.41
N LYS C 246 -25.84 -61.41 -17.92
CA LYS C 246 -24.61 -61.33 -18.69
C LYS C 246 -23.94 -62.69 -18.83
N LYS C 247 -24.11 -63.56 -17.84
CA LYS C 247 -23.53 -64.90 -17.91
C LYS C 247 -24.31 -65.79 -18.88
N ILE C 248 -25.65 -65.67 -18.88
CA ILE C 248 -26.49 -66.52 -19.73
C ILE C 248 -26.25 -66.20 -21.20
N HIS C 249 -26.19 -64.92 -21.55
CA HIS C 249 -26.02 -64.52 -22.94
C HIS C 249 -24.58 -64.65 -23.44
N PHE C 250 -23.64 -65.02 -22.57
CA PHE C 250 -22.27 -65.24 -23.02
C PHE C 250 -22.16 -66.49 -23.87
N GLN C 251 -21.27 -66.43 -24.87
CA GLN C 251 -21.04 -67.54 -25.77
C GLN C 251 -19.61 -68.08 -25.72
N GLY C 252 -18.72 -67.46 -24.95
CA GLY C 252 -17.34 -67.87 -24.90
C GLY C 252 -17.11 -69.02 -23.94
N ASP C 253 -15.83 -69.21 -23.59
CA ASP C 253 -15.43 -70.28 -22.71
C ASP C 253 -15.86 -70.01 -21.26
N PRO C 254 -16.00 -71.06 -20.45
CA PRO C 254 -16.36 -70.85 -19.04
C PRO C 254 -15.33 -70.09 -18.22
N ALA C 255 -14.07 -70.00 -18.68
CA ALA C 255 -13.04 -69.32 -17.90
C ALA C 255 -13.34 -67.83 -17.75
N THR C 256 -13.83 -67.20 -18.82
CA THR C 256 -14.22 -65.80 -18.75
C THR C 256 -15.64 -65.65 -18.19
N LYS C 257 -16.42 -66.73 -18.20
CA LYS C 257 -17.76 -66.70 -17.62
C LYS C 257 -17.73 -66.40 -16.12
N GLU C 258 -16.76 -66.98 -15.39
CA GLU C 258 -16.64 -66.69 -13.97
C GLU C 258 -16.04 -65.32 -13.67
N ILE C 259 -15.44 -64.65 -14.66
CA ILE C 259 -14.93 -63.30 -14.41
C ILE C 259 -15.97 -62.23 -14.70
N ILE C 260 -17.15 -62.62 -15.20
CA ILE C 260 -18.22 -61.68 -15.48
C ILE C 260 -18.80 -61.17 -14.16
N SER C 261 -18.85 -59.84 -14.01
CA SER C 261 -19.40 -59.18 -12.83
C SER C 261 -20.43 -58.16 -13.26
N PHE C 262 -21.01 -57.46 -12.29
CA PHE C 262 -21.95 -56.39 -12.57
C PHE C 262 -21.26 -55.20 -13.24
N HIS C 263 -20.01 -54.93 -12.87
CA HIS C 263 -19.22 -53.86 -13.47
C HIS C 263 -18.45 -54.32 -14.70
N SER C 264 -18.88 -55.41 -15.34
CA SER C 264 -18.24 -55.95 -16.52
C SER C 264 -19.12 -55.75 -17.74
N PRO C 265 -18.77 -54.84 -18.66
CA PRO C 265 -19.67 -54.53 -19.78
C PRO C 265 -19.84 -55.64 -20.80
N TYR C 266 -20.68 -56.62 -20.51
CA TYR C 266 -21.09 -57.62 -21.48
C TYR C 266 -22.59 -57.51 -21.74
N TYR C 267 -23.04 -58.22 -22.77
CA TYR C 267 -24.42 -58.09 -23.22
C TYR C 267 -25.40 -58.73 -22.23
N PHE C 268 -26.51 -58.03 -22.00
CA PHE C 268 -27.61 -58.58 -21.22
C PHE C 268 -28.92 -57.96 -21.73
N ASP C 269 -30.01 -58.70 -21.53
CA ASP C 269 -31.32 -58.27 -21.99
C ASP C 269 -32.04 -57.54 -20.87
N ILE C 270 -32.35 -56.26 -21.08
CA ILE C 270 -33.00 -55.47 -20.05
C ILE C 270 -34.48 -55.85 -19.90
N ASN C 271 -35.09 -56.43 -20.94
CA ASN C 271 -36.46 -56.91 -20.79
C ASN C 271 -36.52 -58.15 -19.89
N GLU C 272 -35.51 -59.01 -20.00
CA GLU C 272 -35.45 -60.17 -19.11
C GLU C 272 -35.01 -59.77 -17.71
N VAL C 273 -34.24 -58.70 -17.58
CA VAL C 273 -33.88 -58.18 -16.27
C VAL C 273 -35.13 -57.68 -15.55
N ILE C 274 -36.02 -56.98 -16.27
CA ILE C 274 -37.30 -56.56 -15.72
C ILE C 274 -38.15 -57.78 -15.37
N ASN C 275 -38.18 -58.79 -16.25
CA ASN C 275 -38.99 -59.97 -16.02
C ASN C 275 -38.52 -60.77 -14.83
N TYR C 276 -37.21 -60.76 -14.54
CA TYR C 276 -36.70 -61.34 -13.31
C TYR C 276 -37.21 -60.57 -12.09
N ILE C 277 -37.07 -59.25 -12.12
CA ILE C 277 -37.42 -58.43 -10.96
C ILE C 277 -38.94 -58.37 -10.78
N ASN C 278 -39.69 -58.36 -11.88
CA ASN C 278 -41.15 -58.42 -11.80
C ASN C 278 -41.60 -59.75 -11.21
N ASN C 279 -40.89 -60.84 -11.55
CA ASN C 279 -41.18 -62.13 -10.92
C ASN C 279 -40.84 -62.10 -9.43
N ARG C 280 -39.64 -61.62 -9.08
CA ARG C 280 -39.20 -61.58 -7.69
C ARG C 280 -40.07 -60.69 -6.82
N ASN C 281 -40.75 -59.71 -7.42
CA ASN C 281 -41.76 -58.95 -6.69
C ASN C 281 -42.97 -59.80 -6.35
N ASN C 282 -43.24 -60.85 -7.12
CA ASN C 282 -44.43 -61.68 -6.93
C ASN C 282 -44.11 -63.04 -6.31
N GLU C 283 -42.92 -63.21 -5.74
CA GLU C 283 -42.53 -64.52 -5.23
C GLU C 283 -43.30 -64.86 -3.97
N ARG C 284 -43.60 -66.15 -3.82
CA ARG C 284 -44.30 -66.68 -2.65
C ARG C 284 -43.52 -67.86 -2.12
N LYS C 285 -42.99 -67.73 -0.92
CA LYS C 285 -42.27 -68.82 -0.29
C LYS C 285 -43.26 -69.76 0.40
N ASN C 286 -42.89 -71.04 0.46
CA ASN C 286 -43.70 -72.04 1.13
C ASN C 286 -43.21 -72.22 2.57
N LYS C 287 -43.68 -73.27 3.24
CA LYS C 287 -43.58 -73.39 4.70
C LYS C 287 -42.14 -73.48 5.19
N ASP C 288 -41.21 -73.92 4.36
CA ASP C 288 -39.81 -74.03 4.78
C ASP C 288 -38.95 -72.90 4.22
N ASN C 289 -39.59 -71.79 3.81
CA ASN C 289 -38.91 -70.56 3.37
C ASN C 289 -38.00 -70.81 2.17
N GLU C 290 -38.55 -71.46 1.15
CA GLU C 290 -37.90 -71.60 -0.15
C GLU C 290 -38.92 -71.30 -1.24
N HIS C 291 -38.45 -70.68 -2.31
CA HIS C 291 -39.33 -70.20 -3.37
C HIS C 291 -39.58 -71.29 -4.40
N ILE C 292 -40.85 -71.54 -4.69
CA ILE C 292 -41.28 -72.56 -5.65
C ILE C 292 -42.01 -71.85 -6.78
N TRP C 293 -41.68 -72.21 -8.01
CA TRP C 293 -42.27 -71.58 -9.19
C TRP C 293 -42.80 -72.68 -10.12
N SER C 294 -43.40 -72.25 -11.23
CA SER C 294 -43.89 -73.19 -12.23
C SER C 294 -43.78 -72.54 -13.61
N ASP C 295 -43.14 -73.25 -14.54
CA ASP C 295 -43.09 -72.86 -15.93
C ASP C 295 -43.92 -73.81 -16.77
N GLU C 296 -43.86 -73.64 -18.09
CA GLU C 296 -44.48 -74.61 -18.99
C GLU C 296 -43.73 -75.94 -19.02
N GLU C 297 -42.49 -75.96 -18.53
CA GLU C 297 -41.66 -77.16 -18.52
C GLU C 297 -41.56 -77.82 -17.16
N GLY C 298 -42.24 -77.29 -16.15
CA GLY C 298 -42.33 -77.95 -14.85
C GLY C 298 -42.00 -77.01 -13.70
N ASN C 299 -42.36 -77.47 -12.51
CA ASN C 299 -42.08 -76.75 -11.27
C ASN C 299 -40.62 -76.94 -10.87
N PHE C 300 -40.11 -75.99 -10.09
CA PHE C 300 -38.70 -76.06 -9.69
C PHE C 300 -38.51 -75.33 -8.36
N LYS C 301 -37.25 -75.22 -7.96
CA LYS C 301 -36.82 -74.47 -6.79
C LYS C 301 -35.97 -73.30 -7.24
N PHE C 302 -36.22 -72.11 -6.68
CA PHE C 302 -35.44 -70.93 -7.00
C PHE C 302 -34.12 -70.96 -6.25
N ASP C 303 -33.03 -71.25 -6.96
CA ASP C 303 -31.69 -71.25 -6.37
C ASP C 303 -30.75 -70.44 -7.23
N ASN C 304 -29.44 -70.54 -6.96
CA ASN C 304 -28.43 -69.89 -7.78
C ASN C 304 -28.31 -70.48 -9.17
N GLU C 305 -28.87 -71.66 -9.41
CA GLU C 305 -28.80 -72.31 -10.72
C GLU C 305 -30.04 -71.96 -11.54
N ASN C 306 -31.24 -72.19 -10.99
CA ASN C 306 -32.49 -71.96 -11.70
C ASN C 306 -33.00 -70.53 -11.56
N ALA C 307 -32.11 -69.57 -11.30
CA ALA C 307 -32.49 -68.17 -11.34
C ALA C 307 -32.54 -67.61 -12.76
N HIS C 308 -31.91 -68.28 -13.72
CA HIS C 308 -31.92 -67.85 -15.12
C HIS C 308 -33.23 -68.11 -15.82
N ARG C 309 -34.12 -68.89 -15.21
CA ARG C 309 -35.41 -69.24 -15.78
C ARG C 309 -36.57 -68.54 -15.07
N LEU C 310 -36.27 -67.44 -14.40
CA LEU C 310 -37.25 -66.41 -14.04
C LEU C 310 -37.24 -65.26 -15.04
N PHE C 311 -36.46 -65.36 -16.11
CA PHE C 311 -36.36 -64.28 -17.09
C PHE C 311 -37.54 -64.24 -18.06
N LYS C 312 -38.46 -65.19 -18.00
CA LYS C 312 -39.61 -65.24 -18.90
C LYS C 312 -40.84 -64.64 -18.23
N GLU C 313 -41.75 -64.13 -19.05
CA GLU C 313 -42.94 -63.46 -18.53
C GLU C 313 -43.95 -64.47 -18.00
N ASN C 314 -44.05 -65.63 -18.64
CA ASN C 314 -45.07 -66.63 -18.29
C ASN C 314 -44.54 -67.61 -17.23
N VAL C 315 -44.13 -67.04 -16.10
CA VAL C 315 -43.65 -67.80 -14.96
C VAL C 315 -44.59 -67.54 -13.80
N THR C 316 -45.17 -68.60 -13.24
CA THR C 316 -46.18 -68.49 -12.19
C THR C 316 -45.61 -68.95 -10.86
N PRO C 317 -45.71 -68.14 -9.81
CA PRO C 317 -45.21 -68.54 -8.50
C PRO C 317 -46.14 -69.53 -7.82
N ASP C 318 -45.55 -70.36 -6.95
CA ASP C 318 -46.28 -71.29 -6.11
C ASP C 318 -45.85 -71.09 -4.66
N GLY C 319 -46.83 -70.89 -3.78
CA GLY C 319 -46.50 -70.70 -2.38
C GLY C 319 -47.75 -70.36 -1.59
N SER C 320 -47.53 -70.07 -0.31
CA SER C 320 -48.61 -69.75 0.62
C SER C 320 -48.57 -68.31 1.10
N SER C 321 -47.44 -67.87 1.65
CA SER C 321 -47.27 -66.53 2.20
C SER C 321 -46.40 -65.69 1.27
N ALA C 322 -46.18 -64.45 1.69
CA ALA C 322 -45.35 -63.53 0.91
C ALA C 322 -43.88 -63.94 0.98
N GLY C 323 -43.16 -63.67 -0.11
CA GLY C 323 -41.76 -64.00 -0.21
C GLY C 323 -40.88 -62.97 0.47
N ALA C 324 -39.58 -63.08 0.20
CA ALA C 324 -38.61 -62.17 0.79
C ALA C 324 -38.75 -60.75 0.24
N LEU C 325 -39.03 -60.64 -1.06
CA LEU C 325 -39.18 -59.33 -1.70
C LEU C 325 -40.56 -59.16 -2.31
N ASN C 326 -41.57 -59.78 -1.71
CA ASN C 326 -42.94 -59.64 -2.18
C ASN C 326 -43.46 -58.27 -1.77
N GLY C 327 -43.75 -57.43 -2.77
CA GLY C 327 -44.22 -56.08 -2.51
C GLY C 327 -43.14 -55.05 -2.31
N LYS C 328 -41.87 -55.45 -2.26
CA LYS C 328 -40.77 -54.53 -2.06
C LYS C 328 -40.10 -54.11 -3.37
N LEU C 329 -40.63 -54.54 -4.51
CA LEU C 329 -40.00 -54.24 -5.80
C LEU C 329 -40.94 -53.52 -6.76
N LEU C 330 -42.15 -53.16 -6.34
CA LEU C 330 -43.05 -52.40 -7.19
C LEU C 330 -42.55 -50.98 -7.44
N ASN C 331 -41.69 -50.46 -6.57
CA ASN C 331 -40.97 -49.23 -6.88
C ASN C 331 -40.02 -49.39 -8.05
N PHE C 332 -39.59 -50.63 -8.33
CA PHE C 332 -38.49 -50.88 -9.25
C PHE C 332 -38.94 -51.34 -10.63
N VAL C 333 -39.97 -52.18 -10.71
CA VAL C 333 -40.51 -52.55 -12.03
C VAL C 333 -41.14 -51.35 -12.70
N ASP C 334 -41.76 -50.44 -11.93
CA ASP C 334 -42.31 -49.23 -12.50
C ASP C 334 -41.21 -48.28 -12.95
N ARG C 335 -40.10 -48.21 -12.20
CA ARG C 335 -39.02 -47.29 -12.54
C ARG C 335 -38.23 -47.80 -13.75
N LEU C 336 -37.99 -49.10 -13.83
CA LEU C 336 -37.29 -49.65 -14.98
C LEU C 336 -38.13 -49.53 -16.25
N GLN C 337 -39.44 -49.78 -16.15
CA GLN C 337 -40.31 -49.65 -17.31
C GLN C 337 -40.50 -48.20 -17.73
N SER C 338 -40.34 -47.26 -16.80
CA SER C 338 -40.41 -45.85 -17.15
C SER C 338 -39.20 -45.38 -17.95
N LYS C 339 -38.15 -46.19 -18.04
CA LYS C 339 -36.96 -45.83 -18.79
C LYS C 339 -36.79 -46.62 -20.09
N ILE C 340 -37.28 -47.85 -20.15
CA ILE C 340 -37.18 -48.64 -21.38
C ILE C 340 -38.08 -48.06 -22.45
N PHE C 341 -39.33 -47.75 -22.12
CA PHE C 341 -40.29 -47.22 -23.07
C PHE C 341 -40.28 -45.71 -23.14
N ASP C 342 -39.35 -45.06 -22.45
CA ASP C 342 -39.12 -43.63 -22.64
C ASP C 342 -38.53 -43.41 -24.04
N LYS C 343 -39.26 -42.66 -24.88
CA LYS C 343 -38.83 -42.48 -26.27
C LYS C 343 -37.62 -41.56 -26.38
N ARG C 344 -37.34 -40.74 -25.37
CA ARG C 344 -36.12 -39.95 -25.35
C ARG C 344 -34.89 -40.79 -25.03
N LEU C 345 -35.08 -41.98 -24.46
CA LEU C 345 -34.00 -42.92 -24.20
C LEU C 345 -33.98 -44.05 -25.21
N ASP C 346 -34.56 -43.85 -26.39
CA ASP C 346 -34.58 -44.90 -27.40
C ASP C 346 -33.20 -45.12 -28.01
N PHE C 347 -32.35 -44.10 -28.01
CA PHE C 347 -30.99 -44.27 -28.51
C PHE C 347 -30.12 -45.08 -27.57
N ILE C 348 -30.46 -45.14 -26.28
CA ILE C 348 -29.70 -45.92 -25.33
C ILE C 348 -30.44 -47.19 -24.89
N LEU C 349 -31.78 -47.18 -24.87
CA LEU C 349 -32.55 -48.29 -24.33
C LEU C 349 -33.57 -48.84 -25.31
N GLY C 350 -33.44 -48.52 -26.60
CA GLY C 350 -34.35 -49.02 -27.60
C GLY C 350 -34.02 -50.43 -28.04
N GLU C 351 -34.81 -50.93 -28.99
CA GLU C 351 -34.58 -52.25 -29.54
C GLU C 351 -33.33 -52.31 -30.41
N GLY C 352 -32.92 -51.17 -30.97
CA GLY C 352 -31.69 -51.14 -31.76
C GLY C 352 -30.44 -51.38 -30.92
N SER C 353 -30.46 -50.93 -29.66
CA SER C 353 -29.30 -51.14 -28.79
C SER C 353 -29.12 -52.61 -28.43
N LYS C 354 -30.20 -53.38 -28.44
CA LYS C 354 -30.09 -54.81 -28.18
C LYS C 354 -29.48 -55.54 -29.37
N SER C 355 -29.90 -55.18 -30.59
CA SER C 355 -29.44 -55.87 -31.79
C SER C 355 -28.11 -55.35 -32.31
N VAL C 356 -27.59 -54.25 -31.77
CA VAL C 356 -26.31 -53.72 -32.22
C VAL C 356 -25.20 -54.57 -31.63
N THR C 357 -24.06 -54.59 -32.32
CA THR C 357 -22.88 -55.31 -31.85
C THR C 357 -21.86 -54.34 -31.27
N PHE C 358 -20.85 -54.91 -30.61
CA PHE C 358 -19.80 -54.08 -30.02
C PHE C 358 -18.94 -53.42 -31.10
N LYS C 359 -18.66 -54.14 -32.18
CA LYS C 359 -17.85 -53.57 -33.25
C LYS C 359 -18.62 -52.49 -34.00
N GLU C 360 -19.92 -52.70 -34.21
CA GLU C 360 -20.74 -51.69 -34.89
C GLU C 360 -20.88 -50.42 -34.07
N THR C 361 -20.86 -50.54 -32.74
CA THR C 361 -20.88 -49.37 -31.88
C THR C 361 -19.60 -48.55 -32.05
N LEU C 362 -18.44 -49.22 -32.07
CA LEU C 362 -17.19 -48.49 -32.19
C LEU C 362 -16.92 -48.01 -33.62
N GLU C 363 -17.47 -48.70 -34.62
CA GLU C 363 -17.43 -48.18 -35.99
C GLU C 363 -18.22 -46.89 -36.08
N THR C 364 -19.33 -46.80 -35.35
CA THR C 364 -20.12 -45.59 -35.30
C THR C 364 -19.37 -44.45 -34.61
N LEU C 365 -18.63 -44.77 -33.54
CA LEU C 365 -18.04 -43.73 -32.70
C LEU C 365 -16.83 -43.06 -33.35
N ILE C 366 -16.01 -43.79 -34.09
CA ILE C 366 -14.83 -43.21 -34.71
C ILE C 366 -14.92 -43.22 -36.24
N SER C 367 -16.14 -43.37 -36.77
CA SER C 367 -16.43 -43.28 -38.20
C SER C 367 -15.62 -44.31 -39.02
N TYR C 368 -15.61 -45.55 -38.53
CA TYR C 368 -14.94 -46.64 -39.21
C TYR C 368 -15.94 -47.61 -39.84
N GLY C 369 -17.17 -47.18 -40.05
CA GLY C 369 -18.19 -48.00 -40.69
C GLY C 369 -18.16 -47.90 -42.19
N LYS C 370 -19.35 -47.97 -42.80
CA LYS C 370 -19.44 -47.85 -44.25
C LYS C 370 -19.15 -46.42 -44.71
N ASP C 371 -19.48 -45.43 -43.88
CA ASP C 371 -19.21 -44.03 -44.17
C ASP C 371 -18.03 -43.58 -43.31
N LYS C 372 -16.86 -43.46 -43.93
CA LYS C 372 -15.64 -43.11 -43.21
C LYS C 372 -15.43 -41.60 -43.26
N SER C 373 -15.17 -41.01 -42.10
CA SER C 373 -14.94 -39.57 -42.00
C SER C 373 -13.87 -39.32 -40.96
N ASN C 374 -13.14 -38.22 -41.14
CA ASN C 374 -12.08 -37.86 -40.20
C ASN C 374 -12.63 -37.32 -38.89
N ILE C 375 -13.81 -36.70 -38.92
CA ILE C 375 -14.42 -36.09 -37.75
C ILE C 375 -15.77 -36.74 -37.51
N THR C 376 -15.99 -37.23 -36.29
CA THR C 376 -17.26 -37.78 -35.88
C THR C 376 -17.96 -36.78 -34.97
N ILE C 377 -19.21 -36.45 -35.29
CA ILE C 377 -19.98 -35.45 -34.56
C ILE C 377 -20.99 -36.17 -33.69
N LEU C 378 -20.88 -36.01 -32.38
CA LEU C 378 -21.85 -36.57 -31.44
C LEU C 378 -22.78 -35.43 -31.00
N ASP C 379 -23.91 -35.32 -31.70
CA ASP C 379 -24.91 -34.30 -31.39
C ASP C 379 -25.68 -34.75 -30.16
N VAL C 380 -25.22 -34.32 -28.99
CA VAL C 380 -25.85 -34.68 -27.73
C VAL C 380 -26.79 -33.57 -27.23
N SER C 381 -27.24 -32.71 -28.13
CA SER C 381 -28.18 -31.66 -27.75
C SER C 381 -29.53 -32.25 -27.34
N GLY C 382 -30.00 -33.27 -28.07
CA GLY C 382 -31.25 -33.91 -27.73
C GLY C 382 -31.17 -34.95 -26.64
N VAL C 383 -29.96 -35.29 -26.20
CA VAL C 383 -29.79 -36.25 -25.11
C VAL C 383 -30.28 -35.61 -23.81
N PRO C 384 -31.10 -36.30 -23.02
CA PRO C 384 -31.53 -35.75 -21.73
C PRO C 384 -30.37 -35.50 -20.79
N PHE C 385 -30.49 -34.44 -19.99
CA PHE C 385 -29.41 -34.01 -19.13
C PHE C 385 -29.15 -34.97 -17.97
N GLU C 386 -30.15 -35.76 -17.57
CA GLU C 386 -29.91 -36.73 -16.50
C GLU C 386 -29.07 -37.90 -17.00
N VAL C 387 -29.13 -38.19 -18.30
CA VAL C 387 -28.37 -39.28 -18.90
C VAL C 387 -27.24 -38.77 -19.77
N LEU C 388 -27.04 -37.45 -19.84
CA LEU C 388 -25.96 -36.89 -20.66
C LEU C 388 -24.59 -37.32 -20.15
N SER C 389 -24.39 -37.30 -18.84
CA SER C 389 -23.11 -37.72 -18.27
C SER C 389 -22.89 -39.21 -18.43
N ILE C 390 -23.97 -39.99 -18.51
CA ILE C 390 -23.84 -41.43 -18.70
C ILE C 390 -23.38 -41.73 -20.12
N CYS C 391 -23.94 -41.04 -21.11
CA CYS C 391 -23.59 -41.29 -22.50
C CYS C 391 -22.24 -40.69 -22.86
N VAL C 392 -21.87 -39.56 -22.24
CA VAL C 392 -20.53 -39.01 -22.44
C VAL C 392 -19.49 -39.96 -21.86
N SER C 393 -19.73 -40.46 -20.64
CA SER C 393 -18.77 -41.36 -19.99
C SER C 393 -18.70 -42.71 -20.69
N LEU C 394 -19.81 -43.19 -21.24
CA LEU C 394 -19.79 -44.45 -21.99
C LEU C 394 -18.91 -44.33 -23.22
N ILE C 395 -19.08 -43.24 -23.98
CA ILE C 395 -18.28 -43.03 -25.19
C ILE C 395 -16.83 -42.73 -24.82
N SER C 396 -16.63 -41.89 -23.79
CA SER C 396 -15.27 -41.51 -23.38
C SER C 396 -14.47 -42.72 -22.90
N ARG C 397 -15.12 -43.62 -22.15
CA ARG C 397 -14.44 -44.84 -21.75
C ARG C 397 -14.16 -45.72 -22.96
N LEU C 398 -15.16 -45.88 -23.85
CA LEU C 398 -15.02 -46.78 -25.00
C LEU C 398 -13.91 -46.33 -25.94
N ILE C 399 -13.77 -45.02 -26.13
CA ILE C 399 -12.69 -44.52 -26.98
C ILE C 399 -11.34 -44.72 -26.30
N PHE C 400 -11.29 -44.60 -24.96
CA PHE C 400 -10.02 -44.70 -24.24
C PHE C 400 -9.44 -46.10 -24.34
N GLU C 401 -10.24 -47.13 -24.03
CA GLU C 401 -9.71 -48.48 -24.14
C GLU C 401 -9.70 -49.01 -25.56
N PHE C 402 -10.20 -48.24 -26.54
CA PHE C 402 -9.81 -48.49 -27.92
C PHE C 402 -8.34 -48.18 -28.11
N GLY C 403 -7.90 -47.01 -27.63
CA GLY C 403 -6.49 -46.65 -27.73
C GLY C 403 -5.61 -47.43 -26.78
N TYR C 404 -6.16 -47.84 -25.63
CA TYR C 404 -5.42 -48.74 -24.75
C TYR C 404 -5.18 -50.09 -25.43
N HIS C 405 -6.21 -50.62 -26.10
CA HIS C 405 -6.05 -51.86 -26.85
C HIS C 405 -5.44 -51.64 -28.22
N SER C 406 -5.27 -50.38 -28.64
CA SER C 406 -4.63 -50.11 -29.93
C SER C 406 -3.15 -50.40 -29.89
N LYS C 407 -2.50 -50.19 -28.74
CA LYS C 407 -1.07 -50.46 -28.61
C LYS C 407 -0.81 -51.61 -27.63
N LYS C 408 -1.77 -52.51 -27.47
CA LYS C 408 -1.48 -53.84 -26.95
C LYS C 408 -1.23 -54.86 -28.06
N ILE C 409 -1.76 -54.63 -29.26
CA ILE C 409 -1.38 -55.40 -30.42
C ILE C 409 -0.07 -54.90 -31.03
N LYS C 410 0.35 -53.68 -30.70
CA LYS C 410 1.66 -53.20 -31.13
C LYS C 410 2.79 -53.97 -30.47
N ARG C 411 2.51 -54.60 -29.33
CA ARG C 411 3.50 -55.48 -28.71
C ARG C 411 3.68 -56.77 -29.49
N LYS C 412 2.64 -57.24 -30.20
CA LYS C 412 2.81 -58.39 -31.08
C LYS C 412 3.06 -57.98 -32.52
N SER C 413 2.23 -57.10 -33.09
CA SER C 413 2.34 -56.80 -34.51
C SER C 413 3.58 -55.95 -34.81
N ASN C 414 3.87 -54.97 -33.96
CA ASN C 414 5.02 -54.06 -34.10
C ASN C 414 5.00 -53.35 -35.46
N GLU C 415 3.88 -52.66 -35.71
CA GLU C 415 3.70 -51.89 -36.93
C GLU C 415 3.59 -50.41 -36.59
N ASN C 416 4.16 -49.56 -37.44
CA ASN C 416 4.17 -48.13 -37.18
C ASN C 416 2.81 -47.48 -37.38
N GLN C 417 1.88 -48.16 -38.04
CA GLN C 417 0.54 -47.64 -38.20
C GLN C 417 -0.20 -47.65 -36.86
N ASP C 418 -1.07 -46.67 -36.66
CA ASP C 418 -1.82 -46.52 -35.42
C ASP C 418 -3.02 -45.62 -35.69
N ILE C 419 -3.90 -45.53 -34.69
CA ILE C 419 -5.05 -44.65 -34.72
C ILE C 419 -4.94 -43.69 -33.53
N PRO C 420 -4.46 -42.47 -33.75
CA PRO C 420 -4.55 -41.44 -32.70
C PRO C 420 -5.89 -40.72 -32.76
N ILE C 421 -6.49 -40.51 -31.58
CA ILE C 421 -7.85 -40.00 -31.48
C ILE C 421 -7.84 -38.74 -30.62
N LEU C 422 -8.47 -37.69 -31.11
CA LEU C 422 -8.74 -36.48 -30.33
C LEU C 422 -10.22 -36.44 -29.98
N ILE C 423 -10.52 -36.11 -28.73
CA ILE C 423 -11.89 -35.96 -28.26
C ILE C 423 -12.13 -34.50 -27.88
N VAL C 424 -13.06 -33.86 -28.58
CA VAL C 424 -13.38 -32.47 -28.31
C VAL C 424 -14.55 -32.43 -27.33
N TYR C 425 -14.32 -31.85 -26.15
CA TYR C 425 -15.33 -31.74 -25.10
C TYR C 425 -15.83 -30.31 -25.07
N GLU C 426 -16.80 -30.00 -25.93
CA GLU C 426 -17.47 -28.72 -25.86
C GLU C 426 -18.35 -28.66 -24.62
N GLU C 427 -18.27 -27.53 -23.89
CA GLU C 427 -18.83 -27.38 -22.56
C GLU C 427 -18.32 -28.49 -21.63
N ALA C 428 -17.01 -28.52 -21.47
CA ALA C 428 -16.37 -29.57 -20.68
C ALA C 428 -16.67 -29.47 -19.20
N HIS C 429 -17.08 -28.28 -18.72
CA HIS C 429 -17.51 -28.14 -17.33
C HIS C 429 -18.82 -28.86 -17.05
N LYS C 430 -19.61 -29.14 -18.09
CA LYS C 430 -20.88 -29.84 -17.90
C LYS C 430 -20.65 -31.32 -17.61
N TYR C 431 -19.64 -31.93 -18.23
CA TYR C 431 -19.36 -33.34 -18.01
C TYR C 431 -18.33 -33.59 -16.92
N ALA C 432 -17.36 -32.70 -16.77
CA ALA C 432 -16.29 -32.86 -15.78
C ALA C 432 -16.26 -31.60 -14.92
N PRO C 433 -17.17 -31.46 -13.97
CA PRO C 433 -17.25 -30.24 -13.16
C PRO C 433 -16.30 -30.28 -11.97
N LYS C 434 -16.10 -29.10 -11.37
CA LYS C 434 -15.33 -29.01 -10.15
C LYS C 434 -16.06 -29.65 -8.97
N SER C 435 -17.37 -29.53 -8.94
CA SER C 435 -18.17 -30.01 -7.81
C SER C 435 -18.29 -31.53 -7.82
N ASP C 436 -18.20 -32.12 -6.63
CA ASP C 436 -18.19 -33.58 -6.48
C ASP C 436 -19.58 -34.05 -6.04
N LEU C 437 -20.49 -34.14 -7.01
CA LEU C 437 -21.74 -34.85 -6.82
C LEU C 437 -21.71 -36.19 -7.53
N SER C 438 -22.69 -37.03 -7.20
CA SER C 438 -22.76 -38.36 -7.80
C SER C 438 -23.32 -38.33 -9.22
N LYS C 439 -24.15 -37.34 -9.56
CA LYS C 439 -24.76 -37.30 -10.88
C LYS C 439 -23.77 -36.93 -11.97
N TYR C 440 -22.62 -36.35 -11.60
CA TYR C 440 -21.54 -36.09 -12.53
C TYR C 440 -20.34 -36.98 -12.28
N ARG C 441 -20.43 -37.93 -11.33
CA ARG C 441 -19.31 -38.80 -11.00
C ARG C 441 -19.11 -39.89 -12.04
N THR C 442 -20.05 -40.04 -12.97
CA THR C 442 -19.83 -40.97 -14.08
C THR C 442 -18.86 -40.38 -15.10
N SER C 443 -19.14 -39.16 -15.56
CA SER C 443 -18.38 -38.56 -16.65
C SER C 443 -17.09 -37.90 -16.19
N LYS C 444 -16.85 -37.79 -14.87
CA LYS C 444 -15.64 -37.15 -14.39
C LYS C 444 -14.41 -38.01 -14.66
N GLU C 445 -14.41 -39.24 -14.13
CA GLU C 445 -13.24 -40.11 -14.28
C GLU C 445 -13.12 -40.72 -15.67
N ALA C 446 -14.17 -40.70 -16.48
CA ALA C 446 -14.00 -41.09 -17.89
C ALA C 446 -13.18 -40.05 -18.63
N ILE C 447 -13.46 -38.77 -18.39
CA ILE C 447 -12.62 -37.69 -18.91
C ILE C 447 -11.27 -37.69 -18.20
N GLU C 448 -11.26 -37.96 -16.89
CA GLU C 448 -10.02 -37.89 -16.12
C GLU C 448 -9.06 -39.02 -16.49
N ARG C 449 -9.59 -40.20 -16.81
CA ARG C 449 -8.73 -41.30 -17.26
C ARG C 449 -8.06 -40.95 -18.58
N ILE C 450 -8.80 -40.30 -19.48
CA ILE C 450 -8.20 -39.79 -20.70
C ILE C 450 -7.22 -38.66 -20.38
N ALA C 451 -7.51 -37.86 -19.36
CA ALA C 451 -6.63 -36.75 -18.99
C ALA C 451 -5.29 -37.23 -18.46
N LYS C 452 -5.28 -38.25 -17.60
CA LYS C 452 -4.03 -38.75 -17.05
C LYS C 452 -3.34 -39.72 -18.00
N GLU C 453 -4.00 -40.83 -18.31
CA GLU C 453 -3.38 -41.95 -19.00
C GLU C 453 -3.54 -41.89 -20.51
N GLY C 454 -4.20 -40.87 -21.05
CA GLY C 454 -4.57 -40.88 -22.45
C GLY C 454 -3.46 -40.50 -23.42
N ARG C 455 -2.46 -39.75 -22.95
CA ARG C 455 -1.34 -39.41 -23.84
C ARG C 455 -0.53 -40.65 -24.20
N LYS C 456 -0.41 -41.60 -23.27
CA LYS C 456 0.31 -42.83 -23.56
C LYS C 456 -0.38 -43.67 -24.62
N TYR C 457 -1.70 -43.82 -24.52
CA TYR C 457 -2.43 -44.77 -25.34
C TYR C 457 -3.01 -44.15 -26.61
N GLY C 458 -2.69 -42.89 -26.89
CA GLY C 458 -3.13 -42.29 -28.13
C GLY C 458 -4.58 -41.87 -28.17
N VAL C 459 -5.17 -41.53 -27.03
CA VAL C 459 -6.51 -40.96 -26.95
C VAL C 459 -6.40 -39.73 -26.08
N THR C 460 -6.32 -38.55 -26.69
CA THR C 460 -6.23 -37.31 -25.96
C THR C 460 -7.49 -36.48 -26.15
N LEU C 461 -7.63 -35.45 -25.32
CA LEU C 461 -8.87 -34.70 -25.23
C LEU C 461 -8.66 -33.21 -25.43
N LEU C 462 -9.68 -32.56 -25.98
CA LEU C 462 -9.75 -31.12 -26.14
C LEU C 462 -10.90 -30.58 -25.29
N LEU C 463 -10.60 -29.63 -24.42
CA LEU C 463 -11.61 -28.99 -23.56
C LEU C 463 -11.98 -27.63 -24.14
N ALA C 464 -13.23 -27.51 -24.59
CA ALA C 464 -13.80 -26.25 -25.01
C ALA C 464 -14.91 -25.87 -24.04
N SER C 465 -14.81 -24.67 -23.45
CA SER C 465 -15.79 -24.25 -22.46
C SER C 465 -15.81 -22.73 -22.40
N GLN C 466 -17.02 -22.18 -22.26
CA GLN C 466 -17.18 -20.75 -22.03
C GLN C 466 -17.16 -20.39 -20.55
N ARG C 467 -17.20 -21.37 -19.66
CA ARG C 467 -17.16 -21.15 -18.22
C ARG C 467 -16.09 -22.07 -17.67
N PRO C 468 -14.81 -21.67 -17.74
CA PRO C 468 -13.72 -22.59 -17.37
C PRO C 468 -13.58 -22.82 -15.88
N SER C 469 -14.09 -21.92 -15.03
CA SER C 469 -13.83 -22.01 -13.60
C SER C 469 -14.51 -23.22 -12.95
N GLU C 470 -15.51 -23.81 -13.60
CA GLU C 470 -16.14 -25.01 -13.06
C GLU C 470 -15.47 -26.30 -13.50
N ILE C 471 -14.49 -26.25 -14.41
CA ILE C 471 -13.77 -27.47 -14.79
C ILE C 471 -12.86 -27.88 -13.65
N SER C 472 -12.82 -29.19 -13.37
CA SER C 472 -11.96 -29.71 -12.33
C SER C 472 -10.49 -29.52 -12.68
N GLU C 473 -9.71 -29.15 -11.68
CA GLU C 473 -8.27 -28.93 -11.87
C GLU C 473 -7.49 -30.23 -11.97
N THR C 474 -8.11 -31.37 -11.67
CA THR C 474 -7.50 -32.66 -11.94
C THR C 474 -7.58 -33.05 -13.41
N ILE C 475 -8.33 -32.30 -14.22
CA ILE C 475 -8.42 -32.50 -15.65
C ILE C 475 -7.86 -31.32 -16.42
N PHE C 476 -8.16 -30.10 -15.96
CA PHE C 476 -7.71 -28.88 -16.65
C PHE C 476 -6.20 -28.71 -16.58
N SER C 477 -5.57 -29.14 -15.49
CA SER C 477 -4.12 -29.01 -15.36
C SER C 477 -3.36 -30.10 -16.11
N GLN C 478 -4.03 -31.17 -16.53
CA GLN C 478 -3.38 -32.17 -17.37
C GLN C 478 -3.22 -31.66 -18.79
N CYS C 479 -3.96 -30.62 -19.18
CA CYS C 479 -3.73 -29.98 -20.47
C CYS C 479 -2.39 -29.24 -20.44
N ASN C 480 -1.64 -29.38 -21.53
CA ASN C 480 -0.37 -28.68 -21.65
C ASN C 480 -0.42 -27.50 -22.61
N THR C 481 -1.39 -27.46 -23.52
CA THR C 481 -1.59 -26.34 -24.42
C THR C 481 -2.90 -25.65 -24.09
N PHE C 482 -2.88 -24.32 -24.05
CA PHE C 482 -4.02 -23.53 -23.62
C PHE C 482 -4.26 -22.41 -24.62
N ILE C 483 -5.40 -22.44 -25.29
CA ILE C 483 -5.82 -21.37 -26.19
C ILE C 483 -6.91 -20.59 -25.47
N SER C 484 -6.56 -19.43 -24.93
CA SER C 484 -7.46 -18.63 -24.12
C SER C 484 -8.06 -17.53 -25.00
N MET C 485 -9.37 -17.61 -25.20
CA MET C 485 -10.11 -16.60 -25.93
C MET C 485 -10.43 -15.45 -24.97
N ARG C 486 -11.35 -14.58 -25.36
CA ARG C 486 -11.75 -13.47 -24.50
C ARG C 486 -12.49 -14.01 -23.28
N LEU C 487 -11.91 -13.84 -22.10
CA LEU C 487 -12.51 -14.27 -20.84
C LEU C 487 -12.86 -13.03 -20.02
N THR C 488 -14.14 -12.89 -19.68
CA THR C 488 -14.64 -11.69 -19.02
C THR C 488 -15.09 -11.91 -17.58
N ASN C 489 -15.43 -13.14 -17.20
CA ASN C 489 -15.78 -13.43 -15.81
C ASN C 489 -14.51 -13.44 -14.97
N PRO C 490 -14.41 -12.62 -13.92
CA PRO C 490 -13.19 -12.64 -13.10
C PRO C 490 -12.94 -13.94 -12.38
N ASP C 491 -13.99 -14.73 -12.10
CA ASP C 491 -13.79 -16.06 -11.54
C ASP C 491 -13.14 -16.99 -12.56
N ASP C 492 -13.47 -16.82 -13.85
CA ASP C 492 -12.81 -17.61 -14.89
C ASP C 492 -11.38 -17.14 -15.13
N GLN C 493 -11.14 -15.83 -15.01
CA GLN C 493 -9.81 -15.29 -15.24
C GLN C 493 -8.85 -15.75 -14.15
N ASN C 494 -9.27 -15.64 -12.87
CA ASN C 494 -8.41 -16.05 -11.77
C ASN C 494 -8.17 -17.55 -11.75
N TYR C 495 -9.14 -18.33 -12.22
CA TYR C 495 -8.93 -19.76 -12.37
C TYR C 495 -7.92 -20.06 -13.46
N VAL C 496 -7.99 -19.33 -14.57
CA VAL C 496 -7.10 -19.60 -15.70
C VAL C 496 -5.67 -19.19 -15.38
N LYS C 497 -5.49 -17.99 -14.80
CA LYS C 497 -4.15 -17.47 -14.51
C LYS C 497 -3.39 -18.36 -13.54
N ARG C 498 -4.09 -19.00 -12.60
CA ARG C 498 -3.43 -19.87 -11.65
C ARG C 498 -2.98 -21.18 -12.30
N LEU C 499 -3.74 -21.68 -13.28
CA LEU C 499 -3.43 -22.95 -13.91
C LEU C 499 -2.68 -22.83 -15.22
N LEU C 500 -2.35 -21.61 -15.65
CA LEU C 500 -1.57 -21.47 -16.88
C LEU C 500 -0.10 -21.78 -16.64
N PRO C 501 0.59 -22.33 -17.65
CA PRO C 501 2.02 -22.63 -17.46
C PRO C 501 2.90 -21.39 -17.39
N ASP C 502 2.48 -20.29 -18.02
CA ASP C 502 3.31 -19.09 -18.15
C ASP C 502 2.41 -17.88 -17.90
N THR C 503 2.99 -16.68 -18.06
CA THR C 503 2.25 -15.43 -18.05
C THR C 503 2.78 -14.51 -19.14
N VAL C 504 1.98 -13.50 -19.48
CA VAL C 504 2.31 -12.57 -20.55
C VAL C 504 2.87 -11.29 -19.92
N GLY C 505 2.35 -10.91 -18.76
CA GLY C 505 2.76 -9.71 -18.06
C GLY C 505 1.65 -8.70 -17.85
N ASP C 506 0.57 -8.78 -18.64
CA ASP C 506 -0.58 -7.91 -18.46
C ASP C 506 -1.86 -8.76 -18.62
N ILE C 507 -1.79 -10.02 -18.20
CA ILE C 507 -2.86 -10.98 -18.46
C ILE C 507 -4.11 -10.67 -17.66
N THR C 508 -4.00 -9.91 -16.57
CA THR C 508 -5.18 -9.52 -15.81
C THR C 508 -6.05 -8.55 -16.60
N ASN C 509 -5.42 -7.60 -17.30
CA ASN C 509 -6.16 -6.63 -18.10
C ASN C 509 -6.45 -7.17 -19.50
N LEU C 510 -5.63 -8.10 -19.99
CA LEU C 510 -5.71 -8.51 -21.39
C LEU C 510 -6.92 -9.40 -21.65
N LEU C 511 -7.22 -10.32 -20.74
CA LEU C 511 -8.24 -11.34 -21.00
C LEU C 511 -9.64 -10.80 -21.28
N PRO C 512 -10.17 -9.77 -20.59
CA PRO C 512 -11.43 -9.18 -21.08
C PRO C 512 -11.25 -8.35 -22.35
N SER C 513 -10.04 -7.95 -22.70
CA SER C 513 -9.81 -7.04 -23.81
C SER C 513 -9.62 -7.74 -25.15
N LEU C 514 -9.65 -9.07 -25.19
CA LEU C 514 -9.49 -9.78 -26.45
C LEU C 514 -10.73 -9.62 -27.31
N LYS C 515 -10.54 -9.45 -28.61
CA LYS C 515 -11.63 -9.28 -29.55
C LYS C 515 -12.12 -10.63 -30.04
N GLU C 516 -13.01 -10.63 -31.02
CA GLU C 516 -13.45 -11.88 -31.64
C GLU C 516 -12.36 -12.42 -32.54
N GLY C 517 -11.97 -13.67 -32.31
CA GLY C 517 -10.90 -14.30 -33.03
C GLY C 517 -9.52 -14.07 -32.41
N GLU C 518 -9.36 -13.03 -31.62
CA GLU C 518 -8.10 -12.81 -30.92
C GLU C 518 -7.97 -13.80 -29.77
N ALA C 519 -6.95 -14.65 -29.84
CA ALA C 519 -6.80 -15.74 -28.89
C ALA C 519 -5.38 -15.74 -28.35
N LEU C 520 -5.22 -16.36 -27.18
CA LEU C 520 -3.93 -16.44 -26.52
C LEU C 520 -3.54 -17.91 -26.39
N ILE C 521 -2.55 -18.33 -27.17
CA ILE C 521 -2.01 -19.68 -27.08
C ILE C 521 -0.76 -19.64 -26.20
N MET C 522 -0.67 -20.59 -25.27
CA MET C 522 0.43 -20.65 -24.33
C MET C 522 0.59 -22.08 -23.86
N GLY C 523 1.76 -22.66 -24.11
CA GLY C 523 1.97 -24.05 -23.75
C GLY C 523 3.25 -24.59 -24.37
N ASP C 524 3.33 -25.92 -24.43
CA ASP C 524 4.55 -26.57 -24.88
C ASP C 524 4.73 -26.50 -26.40
N SER C 525 3.63 -26.61 -27.16
CA SER C 525 3.74 -26.64 -28.62
C SER C 525 4.18 -25.30 -29.18
N ILE C 526 3.78 -24.20 -28.55
CA ILE C 526 4.16 -22.87 -29.00
C ILE C 526 5.49 -22.52 -28.35
N SER C 527 6.25 -21.65 -29.02
CA SER C 527 7.56 -21.26 -28.50
C SER C 527 7.43 -20.30 -27.33
N ILE C 528 6.83 -19.14 -27.56
CA ILE C 528 6.56 -18.17 -26.51
C ILE C 528 5.04 -18.03 -26.37
N PRO C 529 4.53 -17.65 -25.20
CA PRO C 529 3.11 -17.29 -25.11
C PRO C 529 2.83 -16.05 -25.95
N SER C 530 2.07 -16.22 -27.03
CA SER C 530 1.88 -15.16 -28.01
C SER C 530 0.40 -14.88 -28.20
N ILE C 531 0.12 -13.68 -28.69
CA ILE C 531 -1.24 -13.19 -28.88
C ILE C 531 -1.57 -13.34 -30.35
N VAL C 532 -2.51 -14.24 -30.67
CA VAL C 532 -2.75 -14.62 -32.05
C VAL C 532 -4.15 -14.19 -32.46
N LYS C 533 -4.37 -14.19 -33.77
CA LYS C 533 -5.69 -14.06 -34.36
C LYS C 533 -5.95 -15.34 -35.16
N ILE C 534 -6.96 -16.11 -34.74
CA ILE C 534 -7.26 -17.37 -35.39
C ILE C 534 -7.76 -17.12 -36.81
N GLU C 535 -7.45 -18.05 -37.70
CA GLU C 535 -7.83 -17.93 -39.10
C GLU C 535 -9.35 -17.89 -39.25
N LYS C 536 -9.82 -17.08 -40.19
CA LYS C 536 -11.25 -16.91 -40.39
C LYS C 536 -11.85 -18.18 -40.96
N CYS C 537 -12.95 -18.63 -40.36
CA CYS C 537 -13.59 -19.88 -40.78
C CYS C 537 -14.39 -19.63 -42.05
N THR C 538 -13.91 -20.19 -43.16
CA THR C 538 -14.65 -20.12 -44.41
C THR C 538 -15.97 -20.89 -44.30
N ILE C 539 -15.94 -22.02 -43.59
CA ILE C 539 -17.15 -22.79 -43.30
C ILE C 539 -17.38 -22.71 -41.80
N PRO C 540 -17.99 -21.63 -41.30
CA PRO C 540 -18.03 -21.39 -39.85
C PRO C 540 -19.02 -22.31 -39.15
N PRO C 541 -18.79 -22.61 -37.88
CA PRO C 541 -19.81 -23.32 -37.10
C PRO C 541 -20.97 -22.40 -36.77
N SER C 542 -22.18 -22.89 -36.98
CA SER C 542 -23.38 -22.12 -36.69
C SER C 542 -24.45 -23.06 -36.15
N SER C 543 -24.83 -22.86 -34.90
CA SER C 543 -25.93 -23.60 -34.32
C SER C 543 -27.25 -23.04 -34.82
N ILE C 544 -28.17 -23.93 -35.17
CA ILE C 544 -29.51 -23.49 -35.56
C ILE C 544 -30.23 -23.17 -34.25
N ASP C 545 -30.46 -21.89 -34.02
CA ASP C 545 -31.15 -21.43 -32.83
C ASP C 545 -32.43 -20.71 -33.24
N ILE C 546 -33.37 -20.67 -32.30
CA ILE C 546 -34.69 -20.13 -32.60
C ILE C 546 -34.68 -18.63 -32.40
N LYS C 547 -35.06 -17.90 -33.44
CA LYS C 547 -35.10 -16.45 -33.42
C LYS C 547 -36.47 -16.09 -32.86
N TYR C 548 -36.52 -15.78 -31.56
CA TYR C 548 -37.81 -15.59 -30.88
C TYR C 548 -38.60 -14.42 -31.44
N LEU C 549 -38.02 -13.23 -31.51
CA LEU C 549 -38.84 -12.11 -31.94
C LEU C 549 -38.73 -11.88 -33.44
N ASP C 550 -37.90 -12.64 -34.15
CA ASP C 550 -38.15 -12.77 -35.58
C ASP C 550 -39.37 -13.62 -35.82
N GLU C 551 -39.72 -14.44 -34.84
CA GLU C 551 -40.97 -15.19 -34.83
C GLU C 551 -42.06 -14.50 -34.03
N TRP C 552 -41.72 -13.71 -33.00
CA TRP C 552 -42.75 -13.09 -32.18
C TRP C 552 -43.36 -11.86 -32.86
N ARG C 553 -42.62 -11.19 -33.75
CA ARG C 553 -43.23 -10.15 -34.58
C ARG C 553 -44.22 -10.72 -35.57
N LYS C 554 -44.08 -12.00 -35.92
CA LYS C 554 -45.01 -12.64 -36.85
C LYS C 554 -46.41 -12.68 -36.25
N GLU C 555 -47.41 -12.65 -37.13
CA GLU C 555 -48.80 -12.70 -36.69
C GLU C 555 -49.08 -14.02 -36.00
N TRP C 556 -49.92 -13.97 -34.96
CA TRP C 556 -50.21 -15.10 -34.11
C TRP C 556 -50.87 -16.19 -34.96
N VAL C 557 -50.18 -17.30 -35.17
CA VAL C 557 -50.65 -18.36 -36.05
C VAL C 557 -51.01 -19.57 -35.20
N ASP C 558 -52.25 -20.04 -35.34
CA ASP C 558 -52.76 -21.15 -34.57
C ASP C 558 -52.83 -22.46 -35.35
N SER C 559 -52.28 -22.49 -36.57
CA SER C 559 -52.34 -23.70 -37.38
C SER C 559 -51.44 -24.80 -36.82
N GLU C 560 -50.31 -24.42 -36.21
CA GLU C 560 -49.37 -25.41 -35.70
C GLU C 560 -49.90 -26.13 -34.47
N PHE C 561 -50.67 -25.43 -33.64
CA PHE C 561 -50.97 -25.92 -32.29
C PHE C 561 -51.77 -27.23 -32.32
N ASP C 562 -52.62 -27.41 -33.33
CA ASP C 562 -53.33 -28.67 -33.45
C ASP C 562 -52.43 -29.79 -33.96
N LYS C 563 -51.42 -29.46 -34.76
CA LYS C 563 -50.48 -30.49 -35.22
C LYS C 563 -49.53 -30.93 -34.12
N ILE C 564 -49.25 -30.05 -33.15
CA ILE C 564 -48.37 -30.41 -32.05
C ILE C 564 -49.05 -31.42 -31.13
N ILE C 565 -50.33 -31.20 -30.82
CA ILE C 565 -51.07 -32.11 -29.95
C ILE C 565 -51.27 -33.46 -30.62
N GLU C 566 -51.51 -33.45 -31.94
CA GLU C 566 -51.65 -34.70 -32.67
C GLU C 566 -50.32 -35.44 -32.80
N GLN C 567 -49.19 -34.73 -32.69
CA GLN C 567 -47.89 -35.41 -32.63
C GLN C 567 -47.64 -35.97 -31.23
N TRP C 568 -48.00 -35.20 -30.20
CA TRP C 568 -47.86 -35.65 -28.82
C TRP C 568 -48.71 -36.89 -28.56
N SER C 569 -49.94 -36.90 -29.06
CA SER C 569 -50.79 -38.08 -28.95
C SER C 569 -50.51 -39.10 -30.04
N LYS C 570 -49.62 -38.79 -30.98
CA LYS C 570 -49.28 -39.65 -32.12
C LYS C 570 -50.52 -40.03 -32.93
N SER C 571 -51.37 -39.04 -33.18
CA SER C 571 -52.60 -39.25 -33.94
C SER C 571 -52.42 -38.86 -35.40
N ASN D 5 7.52 31.06 31.68
CA ASN D 5 6.90 29.98 30.93
C ASN D 5 7.84 28.78 30.81
N ASP D 6 7.65 27.81 31.70
CA ASP D 6 8.46 26.58 31.65
C ASP D 6 8.17 25.77 30.40
N ILE D 7 6.91 25.72 29.99
CA ILE D 7 6.49 25.02 28.77
C ILE D 7 5.81 26.03 27.86
N ASN D 8 6.23 26.06 26.59
CA ASN D 8 5.64 26.93 25.58
C ASN D 8 5.27 26.07 24.39
N ALA D 9 4.07 25.50 24.43
CA ALA D 9 3.55 24.67 23.35
C ALA D 9 2.34 25.36 22.72
N GLU D 10 2.05 24.98 21.48
CA GLU D 10 1.05 25.71 20.71
C GLU D 10 0.49 24.81 19.62
N VAL D 11 -0.82 24.91 19.39
CA VAL D 11 -1.47 24.17 18.32
C VAL D 11 -1.12 24.81 16.99
N VAL D 12 -0.70 23.99 16.03
CA VAL D 12 -0.45 24.46 14.68
C VAL D 12 -1.40 23.86 13.65
N SER D 13 -2.09 22.77 13.98
CA SER D 13 -3.03 22.16 13.05
C SER D 13 -4.15 21.51 13.84
N VAL D 14 -5.36 21.56 13.29
CA VAL D 14 -6.55 21.02 13.93
C VAL D 14 -7.27 20.13 12.93
N SER D 15 -7.46 18.87 13.29
CA SER D 15 -8.29 17.93 12.57
C SER D 15 -9.61 17.75 13.32
N PRO D 16 -10.57 17.00 12.74
CA PRO D 16 -11.77 16.65 13.52
C PRO D 16 -11.48 15.92 14.82
N ASN D 17 -10.49 15.03 14.85
CA ASN D 17 -10.18 14.28 16.05
C ASN D 17 -8.68 14.18 16.25
N LYS D 18 -7.94 15.24 15.90
CA LYS D 18 -6.49 15.23 16.03
C LYS D 18 -6.00 16.67 16.11
N LEU D 19 -5.00 16.90 16.96
CA LEU D 19 -4.37 18.20 17.11
C LEU D 19 -2.87 18.05 16.91
N LYS D 20 -2.24 19.09 16.37
CA LYS D 20 -0.80 19.14 16.18
C LYS D 20 -0.24 20.19 17.12
N ILE D 21 0.49 19.76 18.15
CA ILE D 21 1.02 20.65 19.17
C ILE D 21 2.50 20.87 18.88
N SER D 22 2.90 22.14 18.80
CA SER D 22 4.28 22.53 18.54
C SER D 22 4.87 23.12 19.81
N VAL D 23 5.77 22.37 20.46
CA VAL D 23 6.47 22.86 21.62
C VAL D 23 7.61 23.76 21.13
N ASP D 24 7.66 24.99 21.64
CA ASP D 24 8.57 25.99 21.11
C ASP D 24 9.81 26.21 21.97
N ASP D 25 9.71 26.17 23.29
CA ASP D 25 10.85 26.43 24.16
C ASP D 25 11.29 25.19 24.94
N LEU D 26 10.41 24.62 25.75
CA LEU D 26 10.68 23.48 26.64
C LEU D 26 11.91 23.76 27.51
N GLU D 27 11.74 24.75 28.39
CA GLU D 27 12.84 25.20 29.24
C GLU D 27 13.10 24.24 30.40
N GLU D 28 12.04 23.63 30.95
CA GLU D 28 12.16 22.86 32.19
C GLU D 28 13.03 21.62 32.01
N PHE D 29 12.90 20.93 30.87
CA PHE D 29 13.54 19.66 30.51
C PHE D 29 13.11 18.49 31.38
N LYS D 30 12.13 18.68 32.28
CA LYS D 30 11.50 17.57 32.99
C LYS D 30 10.03 17.42 32.64
N ILE D 31 9.41 18.48 32.13
CA ILE D 31 8.00 18.44 31.73
C ILE D 31 7.79 17.44 30.60
N ALA D 32 8.76 17.37 29.68
CA ALA D 32 8.66 16.44 28.55
C ALA D 32 8.71 14.99 28.98
N GLU D 33 9.43 14.69 30.07
CA GLU D 33 9.58 13.29 30.49
C GLU D 33 8.29 12.74 31.06
N GLU D 34 7.62 13.48 31.95
CA GLU D 34 6.43 12.98 32.62
C GLU D 34 5.13 13.45 31.97
N LYS D 35 5.09 14.69 31.49
CA LYS D 35 3.84 15.30 31.08
C LYS D 35 3.67 15.46 29.58
N LEU D 36 4.70 15.18 28.78
CA LEU D 36 4.56 15.22 27.32
C LEU D 36 4.81 13.86 26.69
N GLY D 37 4.71 12.78 27.47
CA GLY D 37 4.78 11.45 26.91
C GLY D 37 3.48 11.03 26.27
N VAL D 38 3.51 9.88 25.60
CA VAL D 38 2.32 9.34 24.96
C VAL D 38 1.35 8.85 26.02
N GLY D 39 0.12 9.32 25.96
CA GLY D 39 -0.88 9.04 26.96
C GLY D 39 -1.09 10.14 27.98
N SER D 40 -0.22 11.14 28.00
CA SER D 40 -0.38 12.27 28.90
C SER D 40 -1.43 13.23 28.35
N TYR D 41 -1.92 14.10 29.24
CA TYR D 41 -3.03 15.00 28.94
C TYR D 41 -2.54 16.43 28.80
N LEU D 42 -3.05 17.13 27.80
CA LEU D 42 -2.69 18.51 27.53
C LEU D 42 -3.88 19.43 27.77
N ARG D 43 -3.58 20.72 27.93
CA ARG D 43 -4.58 21.75 28.23
C ARG D 43 -4.63 22.72 27.05
N VAL D 44 -5.60 22.52 26.16
CA VAL D 44 -5.73 23.34 24.96
C VAL D 44 -6.72 24.46 25.26
N SER D 45 -6.19 25.66 25.50
CA SER D 45 -7.04 26.82 25.79
C SER D 45 -6.25 28.09 25.57
N ASP D 46 -6.98 29.20 25.43
CA ASP D 46 -6.41 30.54 25.47
C ASP D 46 -6.79 31.28 26.75
N ASN D 47 -7.46 30.60 27.68
CA ASN D 47 -7.89 31.19 28.93
C ASN D 47 -7.90 30.11 30.01
N GLN D 48 -7.87 30.55 31.27
CA GLN D 48 -7.78 29.62 32.39
C GLN D 48 -9.11 28.93 32.69
N ASP D 49 -10.23 29.47 32.22
CA ASP D 49 -11.53 28.97 32.62
C ASP D 49 -11.94 27.71 31.83
N VAL D 50 -12.05 27.84 30.51
CA VAL D 50 -12.59 26.78 29.65
C VAL D 50 -11.46 26.23 28.79
N ALA D 51 -11.29 24.91 28.82
CA ALA D 51 -10.16 24.29 28.15
C ALA D 51 -10.55 22.98 27.49
N LEU D 52 -10.06 22.78 26.27
CA LEU D 52 -10.05 21.45 25.67
C LEU D 52 -9.01 20.58 26.36
N LEU D 53 -9.32 19.31 26.54
CA LEU D 53 -8.38 18.32 27.02
C LEU D 53 -8.06 17.34 25.90
N ALA D 54 -6.77 17.13 25.64
CA ALA D 54 -6.32 16.23 24.60
C ALA D 54 -5.28 15.28 25.17
N ILE D 55 -5.36 14.01 24.76
CA ILE D 55 -4.40 12.99 25.17
C ILE D 55 -3.38 12.82 24.06
N ILE D 56 -2.11 12.71 24.44
CA ILE D 56 -1.03 12.60 23.47
C ILE D 56 -1.02 11.20 22.88
N ASP D 57 -1.05 11.11 21.55
CA ASP D 57 -1.00 9.84 20.84
C ASP D 57 0.40 9.50 20.34
N ASN D 58 1.11 10.48 19.80
CA ASN D 58 2.40 10.25 19.17
C ASN D 58 3.13 11.59 19.07
N PHE D 59 4.43 11.56 19.30
CA PHE D 59 5.25 12.77 19.20
C PHE D 59 6.47 12.52 18.34
N SER D 60 7.17 13.61 18.00
CA SER D 60 8.37 13.53 17.18
C SER D 60 9.21 14.78 17.43
N ILE D 61 10.45 14.59 17.85
CA ILE D 61 11.36 15.70 18.13
C ILE D 61 12.47 15.63 17.08
N GLU D 62 12.32 16.42 16.02
CA GLU D 62 13.32 16.50 14.96
C GLU D 62 14.29 17.62 15.32
N VAL D 63 15.60 17.31 15.27
CA VAL D 63 16.64 18.28 15.58
C VAL D 63 17.64 18.32 14.42
N LYS D 64 17.98 19.53 13.98
CA LYS D 64 18.87 19.72 12.85
C LYS D 64 20.08 20.53 13.29
N GLU D 65 21.09 20.54 12.42
CA GLU D 65 22.37 21.18 12.76
C GLU D 65 22.23 22.69 12.89
N SER D 66 21.48 23.33 11.99
CA SER D 66 21.36 24.79 11.95
C SER D 66 20.01 25.31 12.39
N GLN D 67 18.93 24.60 12.07
CA GLN D 67 17.59 25.09 12.34
C GLN D 67 17.22 24.86 13.80
N LYS D 68 16.01 25.27 14.16
CA LYS D 68 15.49 25.11 15.51
C LYS D 68 14.99 23.70 15.75
N GLN D 69 14.86 23.34 17.03
CA GLN D 69 14.24 22.08 17.40
C GLN D 69 12.74 22.14 17.17
N LYS D 70 12.22 21.23 16.34
CA LYS D 70 10.79 21.17 16.06
C LYS D 70 10.19 19.99 16.84
N TYR D 71 9.73 20.29 18.04
CA TYR D 71 9.03 19.31 18.88
C TYR D 71 7.57 19.30 18.46
N MET D 72 7.14 18.21 17.85
CA MET D 72 5.78 18.07 17.34
C MET D 72 5.05 17.02 18.15
N ILE D 73 3.87 17.38 18.68
CA ILE D 73 3.06 16.48 19.46
C ILE D 73 1.71 16.32 18.77
N GLU D 74 1.33 15.07 18.49
CA GLU D 74 0.04 14.75 17.90
C GLU D 74 -0.89 14.26 19.00
N ALA D 75 -1.93 15.05 19.28
CA ALA D 75 -2.87 14.75 20.35
C ALA D 75 -4.29 14.74 19.80
N SER D 76 -5.17 14.00 20.48
CA SER D 76 -6.57 13.91 20.11
C SER D 76 -7.44 14.41 21.25
N PRO D 77 -8.37 15.32 21.00
CA PRO D 77 -9.24 15.82 22.08
C PRO D 77 -10.16 14.73 22.63
N ILE D 78 -10.34 14.74 23.94
CA ILE D 78 -11.25 13.81 24.59
C ILE D 78 -12.46 14.50 25.20
N GLY D 79 -12.38 15.79 25.53
CA GLY D 79 -13.51 16.44 26.15
C GLY D 79 -13.19 17.89 26.48
N LEU D 80 -14.06 18.47 27.30
CA LEU D 80 -14.02 19.88 27.63
C LEU D 80 -14.15 20.08 29.12
N VAL D 81 -13.34 20.98 29.67
CA VAL D 81 -13.44 21.40 31.06
C VAL D 81 -13.95 22.83 31.09
N LYS D 82 -15.04 23.06 31.81
CA LYS D 82 -15.58 24.39 32.03
C LYS D 82 -15.62 24.64 33.52
N ASN D 83 -14.73 25.54 33.98
CA ASN D 83 -14.49 25.91 35.39
C ASN D 83 -14.55 24.70 36.33
N GLY D 84 -13.69 23.72 36.06
CA GLY D 84 -13.49 22.60 36.95
C GLY D 84 -14.38 21.40 36.72
N LYS D 85 -15.31 21.45 35.77
CA LYS D 85 -16.18 20.33 35.47
C LYS D 85 -15.89 19.81 34.08
N PHE D 86 -15.65 18.50 33.97
CA PHE D 86 -15.25 17.89 32.70
C PHE D 86 -16.47 17.36 31.97
N TYR D 87 -16.58 17.70 30.69
CA TYR D 87 -17.65 17.24 29.82
C TYR D 87 -17.04 16.42 28.69
N ARG D 88 -17.55 15.21 28.50
CA ARG D 88 -16.98 14.26 27.56
C ARG D 88 -17.45 14.58 26.14
N GLY D 89 -17.03 13.74 25.19
CA GLY D 89 -17.39 13.94 23.80
C GLY D 89 -16.65 15.10 23.17
N GLY D 90 -15.33 14.95 23.00
CA GLY D 90 -14.53 16.07 22.55
C GLY D 90 -14.54 16.27 21.05
N ASP D 91 -15.37 17.22 20.61
CA ASP D 91 -15.42 17.60 19.20
C ASP D 91 -15.59 19.11 19.04
N SER D 92 -15.55 19.88 20.13
CA SER D 92 -15.63 21.33 20.04
C SER D 92 -14.41 21.88 19.34
N LEU D 93 -14.63 22.82 18.43
CA LEU D 93 -13.55 23.32 17.59
C LEU D 93 -12.69 24.30 18.36
N ALA D 94 -11.41 23.95 18.49
CA ALA D 94 -10.40 24.84 19.07
C ALA D 94 -9.66 25.48 17.90
N LEU D 95 -9.97 26.74 17.62
CA LEU D 95 -9.38 27.40 16.46
C LEU D 95 -7.93 27.75 16.74
N PRO D 96 -6.99 27.28 15.94
CA PRO D 96 -5.56 27.49 16.24
C PRO D 96 -5.15 28.93 15.92
N PRO D 97 -4.09 29.44 16.54
CA PRO D 97 -3.22 28.81 17.56
C PRO D 97 -3.80 28.86 18.96
N LYS D 98 -3.33 28.01 19.86
CA LYS D 98 -3.82 27.99 21.24
C LYS D 98 -2.69 27.58 22.16
N LYS D 99 -2.66 28.17 23.35
CA LYS D 99 -1.66 27.83 24.34
C LYS D 99 -1.90 26.42 24.86
N VAL D 100 -0.84 25.61 24.89
CA VAL D 100 -0.92 24.23 25.33
C VAL D 100 -0.03 24.07 26.55
N GLU D 101 -0.61 23.59 27.64
CA GLU D 101 0.08 23.28 28.88
C GLU D 101 -0.27 21.85 29.26
N PRO D 102 0.58 21.18 30.04
CA PRO D 102 0.15 19.95 30.69
C PRO D 102 -1.01 20.22 31.64
N ALA D 103 -1.98 19.31 31.64
CA ALA D 103 -3.12 19.45 32.54
C ALA D 103 -2.66 19.26 33.98
N LYS D 104 -3.12 20.13 34.87
CA LYS D 104 -2.74 20.02 36.27
C LYS D 104 -3.50 18.85 36.91
N LEU D 105 -3.19 18.64 38.19
CA LEU D 105 -3.71 17.47 38.89
C LEU D 105 -5.23 17.50 39.03
N ASP D 106 -5.82 18.70 39.08
CA ASP D 106 -7.26 18.81 39.30
C ASP D 106 -8.08 18.47 38.06
N GLU D 107 -7.58 18.75 36.86
CA GLU D 107 -8.37 18.43 35.67
C GLU D 107 -8.36 16.94 35.39
N ILE D 108 -7.19 16.29 35.54
CA ILE D 108 -7.07 14.88 35.22
C ILE D 108 -7.87 14.03 36.20
N ILE D 109 -7.97 14.46 37.45
CA ILE D 109 -8.91 13.84 38.38
C ILE D 109 -10.34 14.01 37.90
N SER D 110 -10.68 15.23 37.44
CA SER D 110 -12.03 15.52 36.98
C SER D 110 -12.42 14.76 35.72
N ILE D 111 -11.44 14.20 34.98
CA ILE D 111 -11.76 13.31 33.88
C ILE D 111 -12.41 12.03 34.41
N TYR D 112 -11.92 11.52 35.53
CA TYR D 112 -12.34 10.23 36.05
C TYR D 112 -13.27 10.32 37.26
N SER D 113 -13.20 11.42 38.02
CA SER D 113 -13.93 11.47 39.29
C SER D 113 -15.42 11.79 39.08
N ASP D 114 -15.73 12.89 38.41
CA ASP D 114 -17.09 13.40 38.43
C ASP D 114 -18.07 12.57 37.59
N SER D 115 -17.57 11.73 36.68
CA SER D 115 -18.45 10.89 35.88
C SER D 115 -19.11 9.80 36.72
N ILE D 116 -18.40 9.29 37.72
CA ILE D 116 -18.91 8.25 38.61
C ILE D 116 -19.33 8.91 39.92
N ASP D 117 -20.47 8.49 40.44
CA ASP D 117 -21.00 9.09 41.68
C ASP D 117 -20.08 8.79 42.86
N ILE D 118 -20.16 9.68 43.87
CA ILE D 118 -19.29 9.58 45.04
C ILE D 118 -19.60 8.31 45.82
N ASN D 119 -20.89 7.97 45.96
CA ASN D 119 -21.30 6.83 46.77
C ASN D 119 -20.83 5.50 46.18
N ASP D 120 -20.96 5.33 44.87
CA ASP D 120 -20.67 4.06 44.23
C ASP D 120 -19.30 4.01 43.55
N ARG D 121 -18.32 4.73 44.10
CA ARG D 121 -16.97 4.69 43.55
C ARG D 121 -16.23 3.47 44.09
N PHE D 122 -15.53 2.77 43.21
CA PHE D 122 -14.70 1.63 43.57
C PHE D 122 -13.33 1.83 42.96
N THR D 123 -12.34 2.17 43.79
CA THR D 123 -11.00 2.50 43.34
C THR D 123 -10.04 1.39 43.74
N PHE D 124 -9.35 0.81 42.74
CA PHE D 124 -8.30 -0.16 43.01
C PHE D 124 -7.06 0.12 42.17
N SER D 125 -7.01 1.25 41.48
CA SER D 125 -5.89 1.57 40.60
C SER D 125 -5.78 3.07 40.46
N SER D 126 -4.59 3.52 40.07
CA SER D 126 -4.34 4.91 39.74
C SER D 126 -3.84 5.00 38.31
N LEU D 127 -3.81 6.22 37.77
CA LEU D 127 -3.36 6.45 36.41
C LEU D 127 -1.88 6.10 36.26
N SER D 128 -1.54 5.45 35.15
CA SER D 128 -0.15 5.03 34.93
C SER D 128 0.75 6.23 34.67
N LEU D 129 0.27 7.20 33.88
CA LEU D 129 1.07 8.37 33.57
C LEU D 129 1.13 9.37 34.72
N ASN D 130 0.20 9.30 35.67
CA ASN D 130 0.19 10.21 36.82
C ASN D 130 -0.43 9.46 37.99
N THR D 131 0.43 8.95 38.88
CA THR D 131 -0.01 8.07 39.97
C THR D 131 -0.88 8.79 41.01
N LYS D 132 -0.89 10.12 41.03
CA LYS D 132 -1.75 10.85 41.95
C LYS D 132 -3.21 10.87 41.50
N VAL D 133 -3.50 10.50 40.26
CA VAL D 133 -4.86 10.45 39.75
C VAL D 133 -5.38 9.04 40.00
N SER D 134 -6.18 8.88 41.05
CA SER D 134 -6.87 7.61 41.26
C SER D 134 -7.95 7.45 40.20
N VAL D 135 -8.06 6.23 39.65
CA VAL D 135 -9.02 5.97 38.59
C VAL D 135 -10.14 5.09 39.13
N PRO D 136 -11.31 5.65 39.42
CA PRO D 136 -12.42 4.84 39.93
C PRO D 136 -13.21 4.21 38.81
N VAL D 137 -13.92 3.14 39.17
CA VAL D 137 -14.89 2.51 38.30
C VAL D 137 -16.23 2.49 39.03
N ASN D 138 -17.30 2.36 38.26
CA ASN D 138 -18.63 2.20 38.84
C ASN D 138 -18.70 0.84 39.52
N GLY D 139 -18.68 0.85 40.87
CA GLY D 139 -18.57 -0.39 41.62
C GLY D 139 -19.77 -1.31 41.46
N ASN D 140 -20.97 -0.75 41.31
CA ASN D 140 -22.12 -1.57 40.95
C ASN D 140 -21.94 -2.17 39.56
N ARG D 141 -21.64 -1.32 38.57
CA ARG D 141 -21.44 -1.79 37.20
C ARG D 141 -20.24 -2.71 37.05
N PHE D 142 -19.26 -2.61 37.94
CA PHE D 142 -18.05 -3.41 37.83
C PHE D 142 -18.34 -4.89 38.00
N PHE D 143 -19.15 -5.26 38.98
CA PHE D 143 -19.31 -6.66 39.36
C PHE D 143 -20.55 -7.34 38.79
N ASN D 144 -21.70 -6.68 38.72
CA ASN D 144 -22.89 -7.36 38.21
C ASN D 144 -22.80 -7.62 36.72
N LYS D 145 -21.95 -6.89 36.01
CA LYS D 145 -21.58 -7.19 34.65
C LYS D 145 -20.18 -7.79 34.68
N HIS D 146 -20.01 -8.92 33.99
CA HIS D 146 -18.88 -9.80 34.24
C HIS D 146 -17.54 -9.15 33.90
N ILE D 147 -16.50 -9.58 34.62
CA ILE D 147 -15.14 -9.06 34.47
C ILE D 147 -14.31 -10.12 33.78
N ALA D 148 -13.48 -9.69 32.82
CA ALA D 148 -12.52 -10.57 32.18
C ALA D 148 -11.14 -9.94 32.35
N ILE D 149 -10.35 -10.49 33.27
CA ILE D 149 -8.99 -10.02 33.54
C ILE D 149 -8.04 -10.89 32.74
N VAL D 150 -7.30 -10.27 31.81
CA VAL D 150 -6.44 -10.99 30.89
C VAL D 150 -5.05 -10.38 30.93
N GLY D 151 -4.03 -11.23 30.79
CA GLY D 151 -2.66 -10.78 30.80
C GLY D 151 -1.68 -11.93 30.92
N SER D 152 -0.59 -11.88 30.17
CA SER D 152 0.34 -12.99 30.09
C SER D 152 1.14 -13.12 31.39
N THR D 153 1.85 -14.24 31.52
CA THR D 153 2.64 -14.51 32.71
C THR D 153 3.82 -13.54 32.80
N GLY D 154 4.14 -13.13 34.01
CA GLY D 154 5.16 -12.12 34.23
C GLY D 154 4.65 -10.70 34.26
N SER D 155 3.33 -10.50 34.13
CA SER D 155 2.75 -9.16 34.21
C SER D 155 2.11 -8.87 35.56
N GLY D 156 1.85 -9.89 36.38
CA GLY D 156 1.18 -9.68 37.63
C GLY D 156 -0.33 -9.63 37.51
N LYS D 157 -0.92 -10.48 36.67
CA LYS D 157 -2.37 -10.49 36.50
C LYS D 157 -3.06 -10.98 37.77
N SER D 158 -2.50 -12.00 38.42
CA SER D 158 -3.08 -12.50 39.66
C SER D 158 -2.97 -11.49 40.80
N HIS D 159 -1.98 -10.59 40.73
CA HIS D 159 -1.91 -9.49 41.68
C HIS D 159 -3.07 -8.51 41.48
N THR D 160 -3.44 -8.27 40.22
CA THR D 160 -4.59 -7.42 39.92
C THR D 160 -5.89 -8.06 40.40
N VAL D 161 -6.02 -9.38 40.21
CA VAL D 161 -7.20 -10.10 40.69
C VAL D 161 -7.27 -10.05 42.21
N ALA D 162 -6.15 -10.27 42.89
CA ALA D 162 -6.15 -10.27 44.35
C ALA D 162 -6.38 -8.88 44.92
N LYS D 163 -5.95 -7.83 44.22
CA LYS D 163 -6.14 -6.47 44.70
C LYS D 163 -7.61 -6.06 44.65
N ILE D 164 -8.33 -6.49 43.62
CA ILE D 164 -9.74 -6.14 43.49
C ILE D 164 -10.56 -6.79 44.59
N LEU D 165 -10.32 -8.07 44.86
CA LEU D 165 -11.09 -8.77 45.88
C LEU D 165 -10.71 -8.32 47.29
N GLN D 166 -9.44 -7.95 47.50
CA GLN D 166 -9.07 -7.31 48.76
C GLN D 166 -9.76 -5.96 48.91
N LYS D 167 -9.86 -5.19 47.83
CA LYS D 167 -10.61 -3.93 47.87
C LYS D 167 -12.10 -4.17 48.05
N ALA D 168 -12.62 -5.28 47.51
CA ALA D 168 -14.04 -5.58 47.64
C ALA D 168 -14.37 -6.01 49.07
N VAL D 169 -13.48 -6.77 49.71
CA VAL D 169 -13.70 -7.18 51.09
C VAL D 169 -13.58 -5.98 52.03
N ASP D 170 -12.57 -5.14 51.82
CA ASP D 170 -12.40 -3.95 52.65
C ASP D 170 -13.44 -2.87 52.39
N GLU D 171 -14.22 -2.99 51.32
CA GLU D 171 -15.29 -2.04 51.03
C GLU D 171 -16.47 -2.33 51.93
N LYS D 172 -16.79 -1.40 52.83
CA LYS D 172 -17.92 -1.55 53.72
C LYS D 172 -18.45 -0.18 54.09
N GLN D 173 -19.71 -0.15 54.50
CA GLN D 173 -20.31 1.09 55.01
C GLN D 173 -20.13 1.15 56.52
N GLU D 174 -20.12 2.37 57.04
CA GLU D 174 -19.89 2.58 58.46
C GLU D 174 -21.09 2.11 59.28
N GLY D 175 -20.81 1.42 60.39
CA GLY D 175 -21.86 0.92 61.25
C GLY D 175 -21.58 -0.42 61.87
N TYR D 176 -20.57 -1.13 61.38
CA TYR D 176 -20.20 -2.43 61.93
C TYR D 176 -18.69 -2.60 61.82
N LYS D 177 -18.16 -3.52 62.64
CA LYS D 177 -16.72 -3.65 62.75
C LYS D 177 -16.11 -4.32 61.52
N GLY D 178 -16.73 -5.38 61.03
CA GLY D 178 -16.17 -6.08 59.89
C GLY D 178 -17.07 -7.17 59.36
N LEU D 179 -16.50 -7.95 58.43
CA LEU D 179 -17.18 -9.05 57.74
C LEU D 179 -18.42 -8.55 57.00
N ASN D 180 -18.16 -7.77 55.95
CA ASN D 180 -19.23 -7.24 55.11
C ASN D 180 -19.84 -8.35 54.26
N ASN D 181 -20.78 -7.97 53.40
CA ASN D 181 -21.57 -8.92 52.63
C ASN D 181 -20.93 -9.28 51.29
N SER D 182 -19.61 -9.21 51.19
CA SER D 182 -18.93 -9.67 49.98
C SER D 182 -18.88 -11.19 49.97
N HIS D 183 -19.22 -11.79 48.82
CA HIS D 183 -19.19 -13.24 48.64
C HIS D 183 -18.45 -13.54 47.34
N ILE D 184 -17.18 -13.92 47.46
CA ILE D 184 -16.30 -14.14 46.32
C ILE D 184 -15.82 -15.58 46.37
N ILE D 185 -15.88 -16.26 45.23
CA ILE D 185 -15.42 -17.64 45.10
C ILE D 185 -14.31 -17.68 44.06
N ILE D 186 -13.17 -18.27 44.41
CA ILE D 186 -12.02 -18.35 43.54
C ILE D 186 -11.74 -19.81 43.21
N PHE D 187 -11.65 -20.11 41.92
CA PHE D 187 -11.21 -21.43 41.45
C PHE D 187 -9.69 -21.36 41.27
N ASP D 188 -8.97 -21.60 42.36
CA ASP D 188 -7.52 -21.46 42.38
C ASP D 188 -6.89 -22.78 41.92
N ILE D 189 -6.36 -22.79 40.70
CA ILE D 189 -5.73 -23.99 40.17
C ILE D 189 -4.20 -23.93 40.30
N HIS D 190 -3.62 -22.75 40.48
CA HIS D 190 -2.19 -22.62 40.70
C HIS D 190 -1.82 -22.42 42.16
N SER D 191 -2.82 -22.41 43.05
CA SER D 191 -2.64 -22.17 44.50
C SER D 191 -1.96 -20.83 44.76
N GLU D 192 -2.29 -19.83 43.94
CA GLU D 192 -1.66 -18.52 44.07
C GLU D 192 -2.22 -17.76 45.27
N TYR D 193 -3.53 -17.81 45.49
CA TYR D 193 -4.20 -16.96 46.47
C TYR D 193 -4.26 -17.60 47.85
N GLU D 194 -3.33 -18.49 48.18
CA GLU D 194 -3.25 -19.03 49.53
C GLU D 194 -2.86 -17.94 50.53
N ASN D 195 -1.81 -17.19 50.22
CA ASN D 195 -1.30 -16.14 51.11
C ASN D 195 -1.64 -14.74 50.62
N ALA D 196 -2.68 -14.62 49.79
CA ALA D 196 -3.22 -13.32 49.43
C ALA D 196 -4.40 -12.90 50.29
N PHE D 197 -5.19 -13.87 50.75
CA PHE D 197 -6.32 -13.63 51.65
C PHE D 197 -6.17 -14.59 52.81
N PRO D 198 -5.45 -14.19 53.87
CA PRO D 198 -5.26 -15.09 55.02
C PRO D 198 -6.55 -15.44 55.74
N ASN D 199 -7.53 -14.55 55.76
CA ASN D 199 -8.82 -14.81 56.40
C ASN D 199 -9.79 -15.31 55.34
N SER D 200 -9.72 -16.61 55.07
CA SER D 200 -10.54 -17.24 54.05
C SER D 200 -10.73 -18.71 54.41
N ASN D 201 -11.53 -19.41 53.61
CA ASN D 201 -11.77 -20.84 53.76
C ASN D 201 -11.20 -21.54 52.55
N VAL D 202 -9.94 -21.96 52.66
CA VAL D 202 -9.26 -22.67 51.58
C VAL D 202 -9.74 -24.11 51.54
N LEU D 203 -10.05 -24.60 50.34
CA LEU D 203 -10.63 -25.92 50.14
C LEU D 203 -9.80 -26.66 49.09
N ASN D 204 -8.81 -27.42 49.54
CA ASN D 204 -8.07 -28.31 48.66
C ASN D 204 -8.74 -29.68 48.67
N VAL D 205 -8.08 -30.68 48.09
CA VAL D 205 -8.67 -32.01 47.96
C VAL D 205 -8.85 -32.66 49.33
N ASP D 206 -7.92 -32.41 50.26
CA ASP D 206 -7.97 -33.04 51.57
C ASP D 206 -9.13 -32.55 52.42
N THR D 207 -9.63 -31.34 52.16
CA THR D 207 -10.71 -30.76 52.97
C THR D 207 -12.02 -30.60 52.23
N LEU D 208 -12.02 -30.47 50.91
CA LEU D 208 -13.26 -30.34 50.16
C LEU D 208 -14.01 -31.66 50.15
N THR D 209 -15.34 -31.57 50.28
CA THR D 209 -16.22 -32.74 50.25
C THR D 209 -17.32 -32.45 49.24
N LEU D 210 -17.06 -32.74 47.97
CA LEU D 210 -18.05 -32.56 46.92
C LEU D 210 -18.85 -33.84 46.75
N PRO D 211 -20.15 -33.84 47.00
CA PRO D 211 -20.94 -35.07 46.83
C PRO D 211 -21.10 -35.41 45.35
N TYR D 212 -20.91 -36.69 45.04
CA TYR D 212 -21.05 -37.15 43.67
C TYR D 212 -22.50 -37.15 43.21
N TRP D 213 -23.45 -37.24 44.13
CA TRP D 213 -24.85 -37.34 43.75
C TRP D 213 -25.47 -36.00 43.37
N LEU D 214 -24.76 -34.90 43.59
CA LEU D 214 -25.22 -33.61 43.07
C LEU D 214 -24.83 -33.38 41.63
N LEU D 215 -24.01 -34.26 41.05
CA LEU D 215 -23.74 -34.21 39.61
C LEU D 215 -24.98 -34.62 38.82
N ASN D 216 -25.16 -34.01 37.66
CA ASN D 216 -26.29 -34.34 36.80
C ASN D 216 -25.98 -35.60 35.99
N GLY D 217 -26.82 -35.90 35.00
CA GLY D 217 -26.63 -37.09 34.19
C GLY D 217 -25.38 -37.03 33.32
N ASP D 218 -25.05 -35.84 32.81
CA ASP D 218 -23.89 -35.71 31.95
C ASP D 218 -22.58 -35.84 32.73
N GLU D 219 -22.54 -35.27 33.93
CA GLU D 219 -21.31 -35.35 34.74
C GLU D 219 -21.11 -36.75 35.30
N LEU D 220 -22.19 -37.48 35.59
CA LEU D 220 -22.05 -38.87 35.98
C LEU D 220 -21.58 -39.73 34.81
N GLU D 221 -21.97 -39.36 33.59
CA GLU D 221 -21.59 -40.09 32.39
C GLU D 221 -20.24 -39.64 31.82
N GLU D 222 -19.49 -38.86 32.56
CA GLU D 222 -18.15 -38.48 32.15
C GLU D 222 -17.11 -38.77 33.22
N LEU D 223 -17.48 -38.56 34.49
CA LEU D 223 -16.63 -38.99 35.60
C LEU D 223 -16.42 -40.50 35.59
N PHE D 224 -17.52 -41.25 35.67
CA PHE D 224 -17.46 -42.70 35.81
C PHE D 224 -17.16 -43.42 34.49
N LEU D 225 -17.31 -42.74 33.36
CA LEU D 225 -17.41 -43.41 32.08
C LEU D 225 -16.16 -43.17 31.25
N ASP D 226 -15.78 -44.18 30.47
CA ASP D 226 -14.72 -44.02 29.49
C ASP D 226 -15.25 -43.28 28.26
N THR D 227 -14.33 -42.90 27.38
CA THR D 227 -14.69 -41.97 26.30
C THR D 227 -15.33 -42.69 25.11
N GLU D 228 -14.67 -43.72 24.57
CA GLU D 228 -15.09 -44.29 23.29
C GLU D 228 -15.37 -45.79 23.32
N ALA D 229 -14.89 -46.53 24.31
CA ALA D 229 -14.97 -47.99 24.31
C ALA D 229 -16.18 -48.52 25.07
N ASN D 230 -17.29 -47.79 25.06
CA ASN D 230 -18.45 -48.11 25.88
C ASN D 230 -19.62 -48.48 24.99
N ASP D 231 -20.27 -49.60 25.29
CA ASP D 231 -21.36 -50.11 24.47
C ASP D 231 -22.70 -49.52 24.93
N HIS D 232 -23.71 -49.68 24.07
CA HIS D 232 -25.02 -49.09 24.34
C HIS D 232 -25.77 -49.84 25.43
N ASN D 233 -25.66 -51.17 25.46
CA ASN D 233 -26.33 -51.96 26.49
C ASN D 233 -25.66 -51.82 27.84
N GLN D 234 -24.40 -51.41 27.85
CA GLN D 234 -23.65 -51.20 29.08
C GLN D 234 -23.76 -49.75 29.59
N ARG D 235 -23.98 -48.79 28.69
CA ARG D 235 -24.42 -47.46 29.11
C ARG D 235 -25.73 -47.50 29.88
N ASN D 236 -26.64 -48.41 29.50
CA ASN D 236 -28.01 -48.35 30.01
C ASN D 236 -28.09 -48.78 31.47
N VAL D 237 -27.31 -49.78 31.87
CA VAL D 237 -27.34 -50.25 33.25
C VAL D 237 -26.81 -49.20 34.22
N PHE D 238 -25.96 -48.28 33.73
CA PHE D 238 -25.54 -47.14 34.56
C PHE D 238 -26.71 -46.25 34.93
N ARG D 239 -27.60 -45.97 33.97
CA ARG D 239 -28.74 -45.10 34.26
C ARG D 239 -29.78 -45.82 35.12
N GLN D 240 -30.08 -47.09 34.82
CA GLN D 240 -31.10 -47.82 35.57
C GLN D 240 -30.69 -48.05 37.02
N ALA D 241 -29.39 -48.20 37.28
CA ALA D 241 -28.93 -48.35 38.65
C ALA D 241 -29.01 -47.03 39.41
N ILE D 242 -28.60 -45.94 38.78
CA ILE D 242 -28.53 -44.66 39.47
C ILE D 242 -29.92 -44.07 39.67
N THR D 243 -30.74 -44.07 38.62
CA THR D 243 -32.06 -43.45 38.69
C THR D 243 -32.96 -44.15 39.70
N LEU D 244 -32.92 -45.48 39.74
CA LEU D 244 -33.75 -46.19 40.69
C LEU D 244 -33.19 -46.12 42.11
N ASN D 245 -31.87 -45.92 42.25
CA ASN D 245 -31.29 -45.66 43.57
C ASN D 245 -31.78 -44.34 44.15
N LYS D 246 -31.91 -43.32 43.30
CA LYS D 246 -32.31 -41.99 43.78
C LYS D 246 -33.76 -41.99 44.29
N LYS D 247 -34.59 -42.91 43.80
CA LYS D 247 -35.98 -42.95 44.21
C LYS D 247 -36.15 -43.51 45.63
N ILE D 248 -35.41 -44.57 45.96
CA ILE D 248 -35.56 -45.19 47.28
C ILE D 248 -35.00 -44.29 48.37
N HIS D 249 -33.83 -43.68 48.13
CA HIS D 249 -33.23 -42.82 49.13
C HIS D 249 -33.96 -41.49 49.30
N PHE D 250 -34.89 -41.17 48.40
CA PHE D 250 -35.78 -40.05 48.63
C PHE D 250 -36.71 -40.31 49.81
N GLN D 251 -36.99 -39.27 50.58
CA GLN D 251 -37.87 -39.36 51.74
C GLN D 251 -39.12 -38.49 51.60
N GLY D 252 -39.28 -37.78 50.49
CA GLY D 252 -40.40 -36.89 50.29
C GLY D 252 -41.63 -37.61 49.77
N ASP D 253 -42.57 -36.79 49.30
CA ASP D 253 -43.83 -37.31 48.77
C ASP D 253 -43.61 -38.02 47.43
N PRO D 254 -44.46 -39.00 47.09
CA PRO D 254 -44.30 -39.70 45.80
C PRO D 254 -44.48 -38.84 44.57
N ALA D 255 -45.06 -37.63 44.69
CA ALA D 255 -45.26 -36.78 43.52
C ALA D 255 -43.92 -36.34 42.91
N THR D 256 -42.95 -35.98 43.75
CA THR D 256 -41.63 -35.63 43.27
C THR D 256 -40.79 -36.87 42.98
N LYS D 257 -41.12 -37.99 43.62
CA LYS D 257 -40.48 -39.27 43.30
C LYS D 257 -40.67 -39.67 41.85
N GLU D 258 -41.81 -39.30 41.25
CA GLU D 258 -42.06 -39.61 39.84
C GLU D 258 -41.27 -38.72 38.89
N ILE D 259 -40.81 -37.54 39.35
CA ILE D 259 -40.04 -36.66 38.48
C ILE D 259 -38.54 -36.89 38.60
N ILE D 260 -38.11 -37.81 39.45
CA ILE D 260 -36.70 -38.12 39.60
C ILE D 260 -36.20 -38.84 38.35
N SER D 261 -35.16 -38.29 37.73
CA SER D 261 -34.57 -38.85 36.53
C SER D 261 -33.07 -39.07 36.76
N PHE D 262 -32.40 -39.56 35.73
CA PHE D 262 -30.94 -39.74 35.80
C PHE D 262 -30.23 -38.40 35.87
N HIS D 263 -30.78 -37.38 35.20
CA HIS D 263 -30.21 -36.04 35.20
C HIS D 263 -30.75 -35.19 36.35
N SER D 264 -31.27 -35.82 37.41
CA SER D 264 -31.84 -35.12 38.54
C SER D 264 -30.94 -35.30 39.76
N PRO D 265 -30.23 -34.26 40.22
CA PRO D 265 -29.26 -34.43 41.31
C PRO D 265 -29.88 -34.72 42.67
N TYR D 266 -30.26 -35.97 42.91
CA TYR D 266 -30.65 -36.43 44.23
C TYR D 266 -29.67 -37.49 44.73
N TYR D 267 -29.79 -37.81 46.02
CA TYR D 267 -28.83 -38.71 46.65
C TYR D 267 -29.00 -40.15 46.17
N PHE D 268 -27.86 -40.81 45.92
CA PHE D 268 -27.85 -42.23 45.61
C PHE D 268 -26.53 -42.81 46.12
N ASP D 269 -26.56 -44.11 46.41
CA ASP D 269 -25.40 -44.81 46.96
C ASP D 269 -24.62 -45.44 45.82
N ILE D 270 -23.35 -45.05 45.65
CA ILE D 270 -22.56 -45.56 44.54
C ILE D 270 -22.05 -46.97 44.80
N ASN D 271 -21.96 -47.40 46.07
CA ASN D 271 -21.61 -48.78 46.35
C ASN D 271 -22.74 -49.73 45.98
N GLU D 272 -23.99 -49.29 46.19
CA GLU D 272 -25.13 -50.09 45.77
C GLU D 272 -25.29 -50.07 44.25
N VAL D 273 -24.93 -48.97 43.60
CA VAL D 273 -24.97 -48.90 42.14
C VAL D 273 -23.99 -49.91 41.54
N ILE D 274 -22.80 -50.02 42.12
CA ILE D 274 -21.86 -51.07 41.72
C ILE D 274 -22.45 -52.45 41.99
N ASN D 275 -23.07 -52.62 43.16
CA ASN D 275 -23.64 -53.92 43.53
C ASN D 275 -24.78 -54.33 42.60
N TYR D 276 -25.52 -53.36 42.08
CA TYR D 276 -26.53 -53.65 41.06
C TYR D 276 -25.86 -54.16 39.78
N ILE D 277 -24.85 -53.43 39.31
CA ILE D 277 -24.20 -53.77 38.04
C ILE D 277 -23.37 -55.04 38.18
N ASN D 278 -22.76 -55.25 39.35
CA ASN D 278 -22.06 -56.49 39.61
C ASN D 278 -23.02 -57.68 39.63
N ASN D 279 -24.22 -57.48 40.19
CA ASN D 279 -25.23 -58.53 40.16
C ASN D 279 -25.71 -58.78 38.73
N ARG D 280 -26.05 -57.71 38.00
CA ARG D 280 -26.55 -57.83 36.64
C ARG D 280 -25.51 -58.43 35.70
N ASN D 281 -24.22 -58.31 36.03
CA ASN D 281 -23.19 -59.01 35.29
C ASN D 281 -23.26 -60.51 35.50
N ASN D 282 -23.82 -60.96 36.63
CA ASN D 282 -23.89 -62.37 36.98
C ASN D 282 -25.28 -62.97 36.83
N GLU D 283 -26.19 -62.29 36.13
CA GLU D 283 -27.57 -62.76 36.07
C GLU D 283 -27.69 -63.99 35.17
N ARG D 284 -28.59 -64.89 35.55
CA ARG D 284 -28.87 -66.11 34.80
C ARG D 284 -30.38 -66.19 34.58
N LYS D 285 -30.78 -66.27 33.31
CA LYS D 285 -32.18 -66.35 32.96
C LYS D 285 -32.62 -67.81 32.84
N ASN D 286 -33.91 -68.04 33.04
CA ASN D 286 -34.50 -69.37 32.93
C ASN D 286 -35.04 -69.58 31.51
N LYS D 287 -35.85 -70.62 31.33
CA LYS D 287 -36.37 -70.97 30.01
C LYS D 287 -37.34 -69.93 29.48
N ASP D 288 -38.00 -69.19 30.36
CA ASP D 288 -38.87 -68.09 29.97
C ASP D 288 -38.13 -66.76 29.88
N ASN D 289 -36.80 -66.78 30.02
CA ASN D 289 -35.93 -65.60 29.93
C ASN D 289 -36.29 -64.54 30.96
N GLU D 290 -36.70 -64.99 32.15
CA GLU D 290 -36.93 -64.12 33.30
C GLU D 290 -35.88 -64.41 34.35
N HIS D 291 -35.32 -63.35 34.93
CA HIS D 291 -34.21 -63.48 35.86
C HIS D 291 -34.74 -63.73 37.27
N ILE D 292 -34.55 -64.93 37.78
CA ILE D 292 -34.91 -65.30 39.14
C ILE D 292 -33.67 -65.21 40.02
N TRP D 293 -33.83 -64.62 41.19
CA TRP D 293 -32.74 -64.43 42.14
C TRP D 293 -33.11 -65.05 43.48
N SER D 294 -32.24 -64.87 44.47
CA SER D 294 -32.50 -65.37 45.81
C SER D 294 -31.76 -64.51 46.82
N ASP D 295 -32.48 -63.99 47.81
CA ASP D 295 -31.91 -63.27 48.92
C ASP D 295 -32.04 -64.10 50.19
N GLU D 296 -31.67 -63.49 51.32
CA GLU D 296 -31.93 -64.10 52.62
C GLU D 296 -33.41 -64.08 52.97
N GLU D 297 -34.20 -63.23 52.31
CA GLU D 297 -35.63 -63.11 52.56
C GLU D 297 -36.47 -63.91 51.57
N GLY D 298 -35.86 -64.60 50.62
CA GLY D 298 -36.57 -65.44 49.69
C GLY D 298 -36.28 -65.08 48.24
N ASN D 299 -36.73 -65.97 47.35
CA ASN D 299 -36.56 -65.80 45.93
C ASN D 299 -37.54 -64.76 45.38
N PHE D 300 -37.20 -64.19 44.23
CA PHE D 300 -38.07 -63.23 43.56
C PHE D 300 -37.80 -63.29 42.07
N LYS D 301 -38.50 -62.44 41.33
CA LYS D 301 -38.28 -62.24 39.91
C LYS D 301 -37.79 -60.82 39.68
N PHE D 302 -36.77 -60.68 38.82
CA PHE D 302 -36.20 -59.37 38.54
C PHE D 302 -37.13 -58.60 37.61
N ASP D 303 -37.90 -57.68 38.17
CA ASP D 303 -38.75 -56.80 37.37
C ASP D 303 -38.58 -55.36 37.83
N ASN D 304 -39.45 -54.46 37.37
CA ASN D 304 -39.29 -53.04 37.64
C ASN D 304 -39.51 -52.68 39.11
N GLU D 305 -40.17 -53.54 39.88
CA GLU D 305 -40.39 -53.28 41.30
C GLU D 305 -39.37 -53.96 42.20
N ASN D 306 -38.92 -55.16 41.86
CA ASN D 306 -37.93 -55.88 42.64
C ASN D 306 -36.50 -55.65 42.17
N ALA D 307 -36.29 -54.67 41.28
CA ALA D 307 -34.94 -54.29 40.90
C ALA D 307 -34.20 -53.59 42.03
N HIS D 308 -34.93 -53.10 43.03
CA HIS D 308 -34.34 -52.39 44.15
C HIS D 308 -33.61 -53.30 45.13
N ARG D 309 -33.79 -54.62 45.02
CA ARG D 309 -33.17 -55.56 45.96
C ARG D 309 -32.00 -56.31 45.33
N LEU D 310 -31.45 -55.79 44.24
CA LEU D 310 -30.16 -56.21 43.73
C LEU D 310 -29.02 -55.34 44.24
N PHE D 311 -29.31 -54.40 45.15
CA PHE D 311 -28.31 -53.47 45.65
C PHE D 311 -27.46 -54.06 46.77
N LYS D 312 -27.74 -55.27 47.23
CA LYS D 312 -26.99 -55.91 48.29
C LYS D 312 -25.96 -56.87 47.71
N GLU D 313 -24.85 -57.02 48.43
CA GLU D 313 -23.77 -57.89 47.96
C GLU D 313 -24.13 -59.36 48.05
N ASN D 314 -24.91 -59.75 49.05
CA ASN D 314 -25.24 -61.15 49.29
C ASN D 314 -26.52 -61.56 48.55
N VAL D 315 -26.57 -61.32 47.25
CA VAL D 315 -27.68 -61.72 46.40
C VAL D 315 -27.15 -62.76 45.41
N THR D 316 -27.73 -63.96 45.45
CA THR D 316 -27.24 -65.10 44.69
C THR D 316 -28.14 -65.36 43.50
N PRO D 317 -27.62 -65.33 42.27
CA PRO D 317 -28.43 -65.67 41.11
C PRO D 317 -28.67 -67.16 40.99
N ASP D 318 -29.76 -67.52 40.33
CA ASP D 318 -30.03 -68.90 39.94
C ASP D 318 -30.63 -68.94 38.54
N GLY D 319 -30.43 -70.06 37.87
CA GLY D 319 -30.88 -70.21 36.50
C GLY D 319 -30.13 -71.32 35.80
N SER D 320 -30.26 -71.33 34.48
CA SER D 320 -29.65 -72.36 33.64
C SER D 320 -28.57 -71.78 32.74
N SER D 321 -28.90 -70.78 31.93
CA SER D 321 -27.99 -70.21 30.94
C SER D 321 -27.61 -68.79 31.32
N ALA D 322 -26.80 -68.17 30.47
CA ALA D 322 -26.35 -66.80 30.69
C ALA D 322 -27.51 -65.82 30.48
N GLY D 323 -27.48 -64.73 31.23
CA GLY D 323 -28.51 -63.72 31.15
C GLY D 323 -28.30 -62.77 29.98
N ALA D 324 -29.07 -61.69 29.99
CA ALA D 324 -28.99 -60.70 28.92
C ALA D 324 -27.68 -59.94 28.95
N LEU D 325 -27.17 -59.64 30.15
CA LEU D 325 -25.91 -58.91 30.30
C LEU D 325 -24.89 -59.72 31.08
N ASN D 326 -24.91 -61.04 30.94
CA ASN D 326 -23.93 -61.90 31.60
C ASN D 326 -22.61 -61.80 30.87
N GLY D 327 -21.60 -61.24 31.53
CA GLY D 327 -20.30 -61.04 30.94
C GLY D 327 -20.14 -59.75 30.17
N LYS D 328 -21.21 -58.98 29.98
CA LYS D 328 -21.15 -57.71 29.28
C LYS D 328 -20.99 -56.52 30.21
N LEU D 329 -20.96 -56.74 31.52
CA LEU D 329 -20.81 -55.67 32.49
C LEU D 329 -19.57 -55.82 33.36
N LEU D 330 -18.74 -56.84 33.14
CA LEU D 330 -17.54 -57.01 33.93
C LEU D 330 -16.49 -55.95 33.59
N ASN D 331 -16.57 -55.38 32.38
CA ASN D 331 -15.79 -54.19 32.07
C ASN D 331 -16.20 -53.01 32.95
N PHE D 332 -17.47 -52.97 33.35
CA PHE D 332 -18.03 -51.83 34.07
C PHE D 332 -17.82 -51.88 35.58
N VAL D 333 -17.87 -53.07 36.19
CA VAL D 333 -17.62 -53.16 37.62
C VAL D 333 -16.18 -52.81 37.94
N ASP D 334 -15.25 -53.17 37.05
CA ASP D 334 -13.85 -52.82 37.24
C ASP D 334 -13.59 -51.34 37.07
N ARG D 335 -14.28 -50.70 36.12
CA ARG D 335 -14.08 -49.27 35.88
C ARG D 335 -14.69 -48.43 36.99
N LEU D 336 -15.86 -48.83 37.49
CA LEU D 336 -16.47 -48.10 38.61
C LEU D 336 -15.67 -48.27 39.89
N GLN D 337 -15.16 -49.47 40.13
CA GLN D 337 -14.36 -49.71 41.35
C GLN D 337 -13.00 -49.02 41.26
N SER D 338 -12.50 -48.78 40.06
CA SER D 338 -11.25 -48.05 39.91
C SER D 338 -11.38 -46.58 40.24
N LYS D 339 -12.61 -46.07 40.38
CA LYS D 339 -12.84 -44.66 40.68
C LYS D 339 -13.30 -44.41 42.11
N ILE D 340 -14.05 -45.35 42.70
CA ILE D 340 -14.48 -45.20 44.09
C ILE D 340 -13.29 -45.27 45.03
N PHE D 341 -12.43 -46.25 44.82
CA PHE D 341 -11.28 -46.49 45.68
C PHE D 341 -10.04 -45.73 45.21
N ASP D 342 -10.16 -44.90 44.19
CA ASP D 342 -9.09 -43.99 43.83
C ASP D 342 -8.96 -42.92 44.91
N LYS D 343 -7.80 -42.87 45.56
CA LYS D 343 -7.61 -41.95 46.67
C LYS D 343 -7.52 -40.50 46.21
N ARG D 344 -7.23 -40.25 44.93
CA ARG D 344 -7.27 -38.89 44.40
C ARG D 344 -8.68 -38.42 44.16
N LEU D 345 -9.65 -39.33 44.10
CA LEU D 345 -11.07 -39.00 43.99
C LEU D 345 -11.81 -39.16 45.31
N ASP D 346 -11.09 -39.10 46.43
CA ASP D 346 -11.71 -39.24 47.74
C ASP D 346 -12.61 -38.03 48.04
N PHE D 347 -12.19 -36.84 47.61
CA PHE D 347 -12.99 -35.63 47.84
C PHE D 347 -14.31 -35.64 47.08
N ILE D 348 -14.42 -36.43 46.01
CA ILE D 348 -15.66 -36.52 45.27
C ILE D 348 -16.36 -37.87 45.44
N LEU D 349 -15.61 -38.95 45.70
CA LEU D 349 -16.19 -40.29 45.75
C LEU D 349 -15.88 -41.03 47.04
N GLY D 350 -15.44 -40.35 48.09
CA GLY D 350 -15.14 -41.00 49.35
C GLY D 350 -16.38 -41.20 50.20
N GLU D 351 -16.16 -41.73 51.40
CA GLU D 351 -17.25 -41.94 52.34
C GLU D 351 -17.79 -40.64 52.91
N GLY D 352 -16.99 -39.57 52.91
CA GLY D 352 -17.47 -38.28 53.38
C GLY D 352 -18.52 -37.67 52.46
N SER D 353 -18.41 -37.91 51.15
CA SER D 353 -19.39 -37.38 50.22
C SER D 353 -20.75 -38.04 50.37
N LYS D 354 -20.78 -39.28 50.87
CA LYS D 354 -22.05 -39.94 51.11
C LYS D 354 -22.74 -39.38 52.35
N SER D 355 -21.97 -39.11 53.41
CA SER D 355 -22.54 -38.65 54.67
C SER D 355 -22.77 -37.14 54.69
N VAL D 356 -22.26 -36.39 53.72
CA VAL D 356 -22.46 -34.95 53.68
C VAL D 356 -23.88 -34.66 53.23
N THR D 357 -24.40 -33.50 53.63
CA THR D 357 -25.73 -33.07 53.26
C THR D 357 -25.65 -32.00 52.18
N PHE D 358 -26.82 -31.68 51.61
CA PHE D 358 -26.87 -30.68 50.55
C PHE D 358 -26.60 -29.28 51.09
N LYS D 359 -27.10 -28.99 52.30
CA LYS D 359 -26.87 -27.68 52.90
C LYS D 359 -25.41 -27.53 53.34
N GLU D 360 -24.81 -28.60 53.85
CA GLU D 360 -23.41 -28.54 54.28
C GLU D 360 -22.46 -28.35 53.10
N THR D 361 -22.83 -28.86 51.92
CA THR D 361 -22.03 -28.63 50.72
C THR D 361 -22.04 -27.16 50.34
N LEU D 362 -23.22 -26.53 50.38
CA LEU D 362 -23.31 -25.12 49.99
C LEU D 362 -22.79 -24.19 51.07
N GLU D 363 -22.87 -24.60 52.34
CA GLU D 363 -22.20 -23.84 53.39
C GLU D 363 -20.69 -23.85 53.19
N THR D 364 -20.16 -24.96 52.68
CA THR D 364 -18.74 -25.06 52.37
C THR D 364 -18.37 -24.16 51.20
N LEU D 365 -19.24 -24.08 50.18
CA LEU D 365 -18.89 -23.42 48.93
C LEU D 365 -18.88 -21.90 49.05
N ILE D 366 -19.79 -21.31 49.82
CA ILE D 366 -19.86 -19.86 49.95
C ILE D 366 -19.51 -19.40 51.36
N SER D 367 -18.86 -20.27 52.14
CA SER D 367 -18.35 -19.96 53.48
C SER D 367 -19.46 -19.49 54.42
N TYR D 368 -20.57 -20.23 54.41
CA TYR D 368 -21.69 -19.95 55.31
C TYR D 368 -21.79 -20.98 56.43
N GLY D 369 -20.73 -21.72 56.69
CA GLY D 369 -20.69 -22.69 57.76
C GLY D 369 -20.31 -22.08 59.08
N LYS D 370 -19.57 -22.85 59.88
CA LYS D 370 -19.13 -22.36 61.19
C LYS D 370 -18.05 -21.30 61.04
N ASP D 371 -17.23 -21.39 59.99
CA ASP D 371 -16.17 -20.42 59.71
C ASP D 371 -16.63 -19.56 58.54
N LYS D 372 -17.14 -18.37 58.85
CA LYS D 372 -17.65 -17.48 57.82
C LYS D 372 -16.53 -16.59 57.31
N SER D 373 -16.45 -16.48 55.98
CA SER D 373 -15.44 -15.66 55.33
C SER D 373 -16.02 -15.04 54.08
N ASN D 374 -15.50 -13.88 53.71
CA ASN D 374 -15.97 -13.19 52.51
C ASN D 374 -15.49 -13.85 51.23
N ILE D 375 -14.33 -14.50 51.27
CA ILE D 375 -13.73 -15.13 50.10
C ILE D 375 -13.56 -16.62 50.38
N THR D 376 -14.07 -17.45 49.48
CA THR D 376 -13.88 -18.89 49.55
C THR D 376 -12.87 -19.30 48.49
N ILE D 377 -11.84 -20.05 48.92
CA ILE D 377 -10.76 -20.46 48.04
C ILE D 377 -10.94 -21.93 47.71
N LEU D 378 -11.13 -22.23 46.43
CA LEU D 378 -11.24 -23.61 45.95
C LEU D 378 -9.89 -23.99 45.35
N ASP D 379 -9.04 -24.60 46.15
CA ASP D 379 -7.72 -25.04 45.71
C ASP D 379 -7.90 -26.32 44.90
N VAL D 380 -8.03 -26.16 43.59
CA VAL D 380 -8.23 -27.27 42.69
C VAL D 380 -6.92 -27.70 42.03
N SER D 381 -5.77 -27.34 42.62
CA SER D 381 -4.49 -27.75 42.08
C SER D 381 -4.30 -29.25 42.19
N GLY D 382 -4.70 -29.84 43.31
CA GLY D 382 -4.59 -31.28 43.49
C GLY D 382 -5.70 -32.10 42.84
N VAL D 383 -6.73 -31.43 42.32
CA VAL D 383 -7.81 -32.13 41.64
C VAL D 383 -7.29 -32.70 40.33
N PRO D 384 -7.56 -33.98 40.02
CA PRO D 384 -7.13 -34.54 38.73
C PRO D 384 -7.77 -33.83 37.56
N PHE D 385 -6.99 -33.74 36.46
CA PHE D 385 -7.41 -32.94 35.31
C PHE D 385 -8.58 -33.56 34.55
N GLU D 386 -8.76 -34.88 34.62
CA GLU D 386 -9.91 -35.49 33.95
C GLU D 386 -11.21 -35.17 34.69
N VAL D 387 -11.14 -34.93 35.99
CA VAL D 387 -12.31 -34.60 36.80
C VAL D 387 -12.35 -33.14 37.19
N LEU D 388 -11.39 -32.34 36.73
CA LEU D 388 -11.36 -30.92 37.06
C LEU D 388 -12.56 -30.19 36.47
N SER D 389 -12.92 -30.49 35.21
CA SER D 389 -14.07 -29.85 34.60
C SER D 389 -15.37 -30.32 35.22
N ILE D 390 -15.38 -31.54 35.77
CA ILE D 390 -16.58 -32.05 36.44
C ILE D 390 -16.81 -31.29 37.75
N CYS D 391 -15.74 -31.06 38.51
CA CYS D 391 -15.87 -30.40 39.80
C CYS D 391 -16.08 -28.90 39.65
N VAL D 392 -15.49 -28.28 38.62
CA VAL D 392 -15.76 -26.88 38.35
C VAL D 392 -17.22 -26.68 37.94
N SER D 393 -17.73 -27.55 37.07
CA SER D 393 -19.11 -27.44 36.62
C SER D 393 -20.11 -27.76 37.73
N LEU D 394 -19.76 -28.68 38.63
CA LEU D 394 -20.64 -29.00 39.74
C LEU D 394 -20.79 -27.80 40.68
N ILE D 395 -19.68 -27.14 41.00
CA ILE D 395 -19.73 -25.98 41.88
C ILE D 395 -20.37 -24.80 41.16
N SER D 396 -20.04 -24.60 39.88
CA SER D 396 -20.59 -23.47 39.12
C SER D 396 -22.10 -23.59 38.96
N ARG D 397 -22.60 -24.81 38.76
CA ARG D 397 -24.04 -24.99 38.73
C ARG D 397 -24.66 -24.80 40.10
N LEU D 398 -24.00 -25.31 41.15
CA LEU D 398 -24.52 -25.18 42.50
C LEU D 398 -24.59 -23.72 42.96
N ILE D 399 -23.61 -22.91 42.56
CA ILE D 399 -23.63 -21.50 42.94
C ILE D 399 -24.66 -20.74 42.11
N PHE D 400 -24.84 -21.10 40.83
CA PHE D 400 -25.79 -20.38 39.97
C PHE D 400 -27.22 -20.57 40.44
N GLU D 401 -27.62 -21.81 40.71
CA GLU D 401 -28.98 -22.04 41.20
C GLU D 401 -29.12 -21.74 42.68
N PHE D 402 -28.04 -21.39 43.38
CA PHE D 402 -28.20 -20.69 44.65
C PHE D 402 -28.73 -19.28 44.40
N GLY D 403 -28.14 -18.56 43.46
CA GLY D 403 -28.62 -17.24 43.13
C GLY D 403 -29.95 -17.24 42.39
N TYR D 404 -30.20 -18.30 41.61
CA TYR D 404 -31.51 -18.46 40.97
C TYR D 404 -32.59 -18.67 42.01
N HIS D 405 -32.32 -19.48 43.04
CA HIS D 405 -33.26 -19.66 44.13
C HIS D 405 -33.15 -18.55 45.18
N SER D 406 -32.14 -17.69 45.08
CA SER D 406 -32.03 -16.57 46.00
C SER D 406 -33.12 -15.53 45.74
N LYS D 407 -33.55 -15.37 44.50
CA LYS D 407 -34.62 -14.43 44.17
C LYS D 407 -35.87 -15.14 43.66
N LYS D 408 -36.08 -16.37 44.10
CA LYS D 408 -37.42 -16.97 44.08
C LYS D 408 -38.10 -16.89 45.44
N ILE D 409 -37.33 -16.59 46.49
CA ILE D 409 -37.92 -16.22 47.77
C ILE D 409 -38.17 -14.72 47.87
N LYS D 410 -37.50 -13.91 47.05
CA LYS D 410 -37.81 -12.48 46.97
C LYS D 410 -39.23 -12.24 46.46
N ARG D 411 -39.76 -13.16 45.65
CA ARG D 411 -41.15 -13.07 45.22
C ARG D 411 -42.12 -13.13 46.39
N LYS D 412 -41.80 -13.93 47.42
CA LYS D 412 -42.65 -14.03 48.61
C LYS D 412 -42.17 -13.18 49.78
N SER D 413 -40.87 -13.23 50.09
CA SER D 413 -40.37 -12.50 51.25
C SER D 413 -40.33 -11.00 50.99
N ASN D 414 -39.88 -10.59 49.79
CA ASN D 414 -39.74 -9.18 49.40
C ASN D 414 -38.86 -8.39 50.38
N GLU D 415 -37.65 -8.90 50.61
CA GLU D 415 -36.68 -8.26 51.49
C GLU D 415 -35.46 -7.85 50.67
N ASN D 416 -34.90 -6.69 51.02
CA ASN D 416 -33.75 -6.15 50.30
C ASN D 416 -32.45 -6.88 50.60
N GLN D 417 -32.40 -7.67 51.67
CA GLN D 417 -31.20 -8.43 51.98
C GLN D 417 -31.02 -9.56 50.98
N ASP D 418 -29.80 -9.74 50.49
CA ASP D 418 -29.54 -10.72 49.44
C ASP D 418 -28.07 -11.12 49.48
N ILE D 419 -27.75 -12.16 48.73
CA ILE D 419 -26.38 -12.68 48.63
C ILE D 419 -25.95 -12.58 47.17
N PRO D 420 -25.21 -11.54 46.81
CA PRO D 420 -24.55 -11.50 45.49
C PRO D 420 -23.20 -12.20 45.53
N ILE D 421 -22.94 -13.02 44.50
CA ILE D 421 -21.78 -13.89 44.48
C ILE D 421 -20.95 -13.60 43.24
N LEU D 422 -19.64 -13.43 43.44
CA LEU D 422 -18.68 -13.35 42.36
C LEU D 422 -17.87 -14.65 42.31
N ILE D 423 -17.70 -15.20 41.11
CA ILE D 423 -16.91 -16.41 40.90
C ILE D 423 -15.66 -16.03 40.10
N VAL D 424 -14.49 -16.26 40.67
CA VAL D 424 -13.24 -15.97 40.00
C VAL D 424 -12.75 -17.26 39.32
N TYR D 425 -12.62 -17.20 38.01
CA TYR D 425 -12.19 -18.35 37.21
C TYR D 425 -10.76 -18.10 36.75
N GLU D 426 -9.79 -18.46 37.60
CA GLU D 426 -8.40 -18.42 37.20
C GLU D 426 -8.12 -19.54 36.19
N GLU D 427 -7.41 -19.20 35.13
CA GLU D 427 -7.25 -20.05 33.95
C GLU D 427 -8.61 -20.48 33.41
N ALA D 428 -9.41 -19.48 33.01
CA ALA D 428 -10.75 -19.71 32.53
C ALA D 428 -10.80 -20.45 31.20
N HIS D 429 -9.70 -20.39 30.43
CA HIS D 429 -9.61 -21.17 29.20
C HIS D 429 -9.53 -22.67 29.47
N LYS D 430 -9.11 -23.07 30.67
CA LYS D 430 -9.01 -24.49 30.99
C LYS D 430 -10.39 -25.10 31.20
N TYR D 431 -11.31 -24.37 31.82
CA TYR D 431 -12.65 -24.88 32.08
C TYR D 431 -13.64 -24.55 30.96
N ALA D 432 -13.50 -23.40 30.32
CA ALA D 432 -14.40 -22.97 29.25
C ALA D 432 -13.57 -22.64 28.01
N PRO D 433 -13.13 -23.66 27.28
CA PRO D 433 -12.26 -23.42 26.13
C PRO D 433 -13.07 -23.10 24.87
N LYS D 434 -12.34 -22.66 23.84
CA LYS D 434 -12.94 -22.42 22.54
C LYS D 434 -13.32 -23.72 21.85
N SER D 435 -12.54 -24.77 22.08
CA SER D 435 -12.72 -26.04 21.38
C SER D 435 -13.88 -26.84 21.96
N ASP D 436 -14.68 -27.42 21.08
CA ASP D 436 -15.91 -28.12 21.45
C ASP D 436 -15.63 -29.63 21.52
N LEU D 437 -14.83 -30.03 22.50
CA LEU D 437 -14.73 -31.45 22.83
C LEU D 437 -15.70 -31.80 23.96
N SER D 438 -15.88 -33.10 24.15
CA SER D 438 -16.79 -33.59 25.18
C SER D 438 -16.19 -33.52 26.57
N LYS D 439 -14.86 -33.57 26.68
CA LYS D 439 -14.22 -33.55 28.00
C LYS D 439 -14.36 -32.20 28.69
N TYR D 440 -14.50 -31.13 27.91
CA TYR D 440 -14.75 -29.80 28.45
C TYR D 440 -16.19 -29.37 28.31
N ARG D 441 -17.07 -30.25 27.80
CA ARG D 441 -18.46 -29.89 27.58
C ARG D 441 -19.24 -29.87 28.89
N THR D 442 -18.68 -30.36 29.98
CA THR D 442 -19.33 -30.24 31.27
C THR D 442 -19.20 -28.82 31.81
N SER D 443 -17.97 -28.30 31.85
CA SER D 443 -17.70 -27.01 32.48
C SER D 443 -17.97 -25.82 31.58
N LYS D 444 -18.27 -26.05 30.30
CA LYS D 444 -18.51 -24.94 29.40
C LYS D 444 -19.85 -24.26 29.69
N GLU D 445 -20.94 -25.01 29.66
CA GLU D 445 -22.26 -24.43 29.87
C GLU D 445 -22.56 -24.11 31.33
N ALA D 446 -21.81 -24.66 32.28
CA ALA D 446 -21.94 -24.20 33.65
C ALA D 446 -21.40 -22.79 33.81
N ILE D 447 -20.25 -22.51 33.20
CA ILE D 447 -19.73 -21.15 33.12
C ILE D 447 -20.60 -20.30 32.20
N GLU D 448 -21.09 -20.89 31.09
CA GLU D 448 -21.89 -20.13 30.14
C GLU D 448 -23.24 -19.74 30.71
N ARG D 449 -23.85 -20.61 31.53
CA ARG D 449 -25.11 -20.26 32.17
C ARG D 449 -24.94 -19.09 33.12
N ILE D 450 -23.81 -19.04 33.84
CA ILE D 450 -23.48 -17.88 34.64
C ILE D 450 -23.17 -16.68 33.75
N ALA D 451 -22.59 -16.93 32.57
CA ALA D 451 -22.27 -15.83 31.66
C ALA D 451 -23.51 -15.17 31.09
N LYS D 452 -24.51 -15.96 30.68
CA LYS D 452 -25.72 -15.38 30.08
C LYS D 452 -26.70 -14.94 31.16
N GLU D 453 -27.18 -15.88 31.97
CA GLU D 453 -28.28 -15.64 32.88
C GLU D 453 -27.85 -15.21 34.27
N GLY D 454 -26.54 -15.13 34.53
CA GLY D 454 -26.08 -14.91 35.88
C GLY D 454 -26.18 -13.49 36.40
N ARG D 455 -26.27 -12.51 35.50
CA ARG D 455 -26.44 -11.13 35.95
C ARG D 455 -27.81 -10.93 36.59
N LYS D 456 -28.83 -11.60 36.06
CA LYS D 456 -30.18 -11.46 36.62
C LYS D 456 -30.26 -12.04 38.03
N TYR D 457 -29.67 -13.20 38.24
CA TYR D 457 -29.83 -13.94 39.49
C TYR D 457 -28.76 -13.64 40.53
N GLY D 458 -27.88 -12.67 40.26
CA GLY D 458 -26.91 -12.28 41.25
C GLY D 458 -25.74 -13.22 41.43
N VAL D 459 -25.36 -13.96 40.38
CA VAL D 459 -24.16 -14.78 40.39
C VAL D 459 -23.40 -14.44 39.10
N THR D 460 -22.42 -13.55 39.19
CA THR D 460 -21.60 -13.19 38.06
C THR D 460 -20.19 -13.73 38.22
N LEU D 461 -19.41 -13.70 37.14
CA LEU D 461 -18.13 -14.38 37.11
C LEU D 461 -17.00 -13.42 36.76
N LEU D 462 -15.80 -13.77 37.23
CA LEU D 462 -14.57 -13.09 36.88
C LEU D 462 -13.69 -14.09 36.12
N LEU D 463 -13.28 -13.71 34.91
CA LEU D 463 -12.47 -14.57 34.05
C LEU D 463 -11.02 -14.11 34.11
N ALA D 464 -10.17 -14.92 34.72
CA ALA D 464 -8.73 -14.65 34.80
C ALA D 464 -7.99 -15.69 33.99
N SER D 465 -7.16 -15.24 33.05
CA SER D 465 -6.45 -16.17 32.18
C SER D 465 -5.22 -15.49 31.62
N GLN D 466 -4.13 -16.26 31.52
CA GLN D 466 -2.93 -15.78 30.83
C GLN D 466 -2.94 -16.12 29.35
N ARG D 467 -3.87 -16.94 28.89
CA ARG D 467 -3.99 -17.32 27.49
C ARG D 467 -5.45 -17.07 27.09
N PRO D 468 -5.80 -15.82 26.76
CA PRO D 468 -7.22 -15.50 26.53
C PRO D 468 -7.78 -16.04 25.23
N SER D 469 -6.94 -16.32 24.22
CA SER D 469 -7.44 -16.67 22.90
C SER D 469 -8.16 -18.01 22.86
N GLU D 470 -7.97 -18.86 23.87
CA GLU D 470 -8.69 -20.13 23.92
C GLU D 470 -10.01 -20.04 24.66
N ILE D 471 -10.33 -18.91 25.28
CA ILE D 471 -11.63 -18.76 25.92
C ILE D 471 -12.71 -18.62 24.84
N SER D 472 -13.84 -19.29 25.06
CA SER D 472 -14.94 -19.22 24.12
C SER D 472 -15.54 -17.82 24.08
N GLU D 473 -15.86 -17.36 22.88
CA GLU D 473 -16.44 -16.03 22.70
C GLU D 473 -17.90 -15.97 23.10
N THR D 474 -18.55 -17.12 23.35
CA THR D 474 -19.89 -17.13 23.93
C THR D 474 -19.87 -16.87 25.43
N ILE D 475 -18.68 -16.83 26.04
CA ILE D 475 -18.52 -16.49 27.45
C ILE D 475 -17.71 -15.21 27.63
N PHE D 476 -16.65 -15.04 26.84
CA PHE D 476 -15.79 -13.87 26.96
C PHE D 476 -16.50 -12.59 26.56
N SER D 477 -17.41 -12.67 25.58
CA SER D 477 -18.13 -11.47 25.14
C SER D 477 -19.28 -11.11 26.06
N GLN D 478 -19.71 -12.02 26.95
CA GLN D 478 -20.72 -11.67 27.93
C GLN D 478 -20.15 -10.79 29.04
N CYS D 479 -18.83 -10.78 29.21
CA CYS D 479 -18.20 -9.83 30.11
C CYS D 479 -18.34 -8.42 29.54
N ASN D 480 -18.66 -7.46 30.42
CA ASN D 480 -18.77 -6.08 30.00
C ASN D 480 -17.63 -5.21 30.49
N THR D 481 -16.84 -5.68 31.45
CA THR D 481 -15.65 -4.98 31.90
C THR D 481 -14.42 -5.85 31.59
N PHE D 482 -13.42 -5.23 30.96
CA PHE D 482 -12.22 -5.94 30.52
C PHE D 482 -11.00 -5.25 31.10
N ILE D 483 -10.29 -5.93 31.99
CA ILE D 483 -9.01 -5.46 32.51
C ILE D 483 -7.92 -6.25 31.82
N SER D 484 -7.07 -5.56 31.07
CA SER D 484 -6.07 -6.22 30.24
C SER D 484 -4.67 -5.82 30.72
N MET D 485 -3.90 -6.82 31.15
CA MET D 485 -2.50 -6.63 31.49
C MET D 485 -1.64 -6.82 30.25
N ARG D 486 -0.33 -6.99 30.45
CA ARG D 486 0.59 -7.19 29.34
C ARG D 486 0.28 -8.47 28.59
N LEU D 487 -0.17 -8.32 27.34
CA LEU D 487 -0.47 -9.45 26.47
C LEU D 487 0.55 -9.46 25.34
N THR D 488 1.35 -10.51 25.28
CA THR D 488 2.47 -10.58 24.37
C THR D 488 2.28 -11.58 23.23
N ASN D 489 1.33 -12.50 23.35
CA ASN D 489 1.02 -13.42 22.26
C ASN D 489 0.12 -12.72 21.24
N PRO D 490 0.54 -12.62 19.98
CA PRO D 490 -0.31 -11.94 18.98
C PRO D 490 -1.64 -12.61 18.73
N ASP D 491 -1.74 -13.92 18.96
CA ASP D 491 -3.04 -14.58 18.87
C ASP D 491 -3.96 -14.14 20.02
N ASP D 492 -3.39 -13.87 21.19
CA ASP D 492 -4.19 -13.35 22.29
C ASP D 492 -4.54 -11.88 22.07
N GLN D 493 -3.64 -11.11 21.46
CA GLN D 493 -3.90 -9.70 21.21
C GLN D 493 -5.03 -9.53 20.19
N ASN D 494 -4.96 -10.26 19.08
CA ASN D 494 -5.99 -10.15 18.04
C ASN D 494 -7.33 -10.67 18.53
N TYR D 495 -7.33 -11.67 19.42
CA TYR D 495 -8.58 -12.12 20.03
C TYR D 495 -9.19 -11.06 20.93
N VAL D 496 -8.34 -10.37 21.72
CA VAL D 496 -8.84 -9.41 22.69
C VAL D 496 -9.38 -8.18 21.99
N LYS D 497 -8.62 -7.65 21.01
CA LYS D 497 -8.99 -6.41 20.33
C LYS D 497 -10.31 -6.54 19.58
N ARG D 498 -10.60 -7.74 19.05
CA ARG D 498 -11.86 -7.96 18.36
C ARG D 498 -13.04 -7.97 19.32
N LEU D 499 -12.84 -8.47 20.54
CA LEU D 499 -13.91 -8.57 21.53
C LEU D 499 -13.93 -7.42 22.52
N LEU D 500 -13.02 -6.45 22.41
CA LEU D 500 -13.06 -5.30 23.29
C LEU D 500 -14.20 -4.35 22.88
N PRO D 501 -14.81 -3.66 23.85
CA PRO D 501 -15.87 -2.72 23.50
C PRO D 501 -15.37 -1.47 22.81
N ASP D 502 -14.13 -1.07 23.06
CA ASP D 502 -13.58 0.19 22.56
C ASP D 502 -12.14 -0.07 22.11
N THR D 503 -11.45 1.00 21.74
CA THR D 503 -10.02 0.97 21.44
C THR D 503 -9.39 2.23 22.00
N VAL D 504 -8.26 2.09 22.68
CA VAL D 504 -7.53 3.24 23.21
C VAL D 504 -6.36 3.52 22.24
N GLY D 505 -6.58 4.54 21.41
CA GLY D 505 -5.56 5.09 20.51
C GLY D 505 -5.00 4.04 19.56
N ASP D 506 -3.69 3.85 19.66
CA ASP D 506 -3.03 2.68 19.11
C ASP D 506 -2.90 1.63 20.21
N ILE D 507 -3.38 0.42 19.92
CA ILE D 507 -3.41 -0.64 20.92
C ILE D 507 -2.56 -1.84 20.52
N THR D 508 -2.30 -2.03 19.22
CA THR D 508 -1.51 -3.17 18.75
C THR D 508 -0.10 -3.16 19.31
N ASN D 509 0.54 -1.99 19.32
CA ASN D 509 1.88 -1.85 19.86
C ASN D 509 1.84 -1.83 21.39
N LEU D 510 0.77 -1.29 21.98
CA LEU D 510 0.73 -0.99 23.41
C LEU D 510 0.64 -2.26 24.26
N LEU D 511 -0.15 -3.24 23.82
CA LEU D 511 -0.42 -4.42 24.65
C LEU D 511 0.82 -5.23 25.05
N PRO D 512 1.82 -5.48 24.19
CA PRO D 512 3.07 -6.06 24.71
C PRO D 512 3.90 -5.09 25.53
N SER D 513 3.63 -3.78 25.46
CA SER D 513 4.45 -2.77 26.12
C SER D 513 4.00 -2.47 27.54
N LEU D 514 2.96 -3.14 28.04
CA LEU D 514 2.50 -2.90 29.40
C LEU D 514 3.48 -3.50 30.40
N LYS D 515 3.70 -2.77 31.49
CA LYS D 515 4.66 -3.19 32.51
C LYS D 515 3.97 -4.09 33.54
N GLU D 516 4.71 -4.45 34.59
CA GLU D 516 4.13 -5.18 35.71
C GLU D 516 3.28 -4.22 36.54
N GLY D 517 2.01 -4.57 36.74
CA GLY D 517 1.07 -3.70 37.42
C GLY D 517 0.35 -2.75 36.50
N GLU D 518 0.90 -2.46 35.32
CA GLU D 518 0.19 -1.65 34.35
C GLU D 518 -0.92 -2.49 33.70
N ALA D 519 -2.13 -1.97 33.74
CA ALA D 519 -3.29 -2.67 33.22
C ALA D 519 -4.14 -1.72 32.39
N LEU D 520 -4.98 -2.30 31.55
CA LEU D 520 -5.92 -1.56 30.71
C LEU D 520 -7.34 -1.97 31.06
N ILE D 521 -8.07 -1.08 31.74
CA ILE D 521 -9.48 -1.30 32.04
C ILE D 521 -10.31 -0.61 30.97
N MET D 522 -11.35 -1.30 30.50
CA MET D 522 -12.20 -0.79 29.44
C MET D 522 -13.54 -1.49 29.51
N GLY D 523 -14.61 -0.71 29.63
CA GLY D 523 -15.94 -1.29 29.74
C GLY D 523 -16.94 -0.27 30.24
N ASP D 524 -18.05 -0.79 30.76
CA ASP D 524 -19.17 0.05 31.16
C ASP D 524 -18.92 0.77 32.48
N SER D 525 -18.24 0.10 33.41
CA SER D 525 -18.04 0.68 34.74
C SER D 525 -17.10 1.88 34.70
N ILE D 526 -16.09 1.84 33.86
CA ILE D 526 -15.14 2.95 33.74
C ILE D 526 -15.73 3.99 32.80
N SER D 527 -15.32 5.24 32.99
CA SER D 527 -15.84 6.33 32.16
C SER D 527 -15.21 6.30 30.77
N ILE D 528 -13.89 6.45 30.70
CA ILE D 528 -13.16 6.29 29.45
C ILE D 528 -12.26 5.06 29.58
N PRO D 529 -11.96 4.36 28.48
CA PRO D 529 -10.93 3.31 28.54
C PRO D 529 -9.57 3.92 28.86
N SER D 530 -9.02 3.60 30.01
CA SER D 530 -7.82 4.27 30.51
C SER D 530 -6.74 3.27 30.86
N ILE D 531 -5.51 3.77 30.88
CA ILE D 531 -4.32 2.98 31.20
C ILE D 531 -3.97 3.24 32.65
N VAL D 532 -4.02 2.19 33.47
CA VAL D 532 -3.93 2.35 34.91
C VAL D 532 -2.72 1.62 35.46
N LYS D 533 -2.36 1.98 36.69
CA LYS D 533 -1.43 1.23 37.52
C LYS D 533 -2.24 0.67 38.69
N ILE D 534 -2.37 -0.66 38.73
CA ILE D 534 -3.09 -1.29 39.82
C ILE D 534 -2.32 -1.11 41.12
N GLU D 535 -3.06 -0.96 42.22
CA GLU D 535 -2.46 -0.77 43.54
C GLU D 535 -1.58 -1.95 43.91
N LYS D 536 -0.41 -1.64 44.46
CA LYS D 536 0.48 -2.68 44.96
C LYS D 536 -0.15 -3.33 46.17
N CYS D 537 -0.38 -4.63 46.09
CA CYS D 537 -1.05 -5.36 47.16
C CYS D 537 -0.03 -5.79 48.20
N THR D 538 -0.28 -5.40 49.46
CA THR D 538 0.65 -5.67 50.54
C THR D 538 0.72 -7.17 50.86
N ILE D 539 -0.40 -7.87 50.75
CA ILE D 539 -0.45 -9.32 50.94
C ILE D 539 -0.57 -9.95 49.55
N PRO D 540 0.53 -10.28 48.88
CA PRO D 540 0.46 -10.65 47.48
C PRO D 540 0.20 -12.13 47.28
N PRO D 541 -0.46 -12.51 46.18
CA PRO D 541 -0.61 -13.93 45.88
C PRO D 541 0.71 -14.54 45.46
N SER D 542 1.08 -15.65 46.10
CA SER D 542 2.29 -16.37 45.74
C SER D 542 2.04 -17.85 45.93
N SER D 543 2.38 -18.63 44.90
CA SER D 543 2.24 -20.07 44.96
C SER D 543 3.53 -20.70 45.47
N ILE D 544 3.37 -21.78 46.24
CA ILE D 544 4.53 -22.53 46.68
C ILE D 544 4.92 -23.40 45.49
N ASP D 545 6.04 -23.06 44.86
CA ASP D 545 6.57 -23.79 43.73
C ASP D 545 7.95 -24.30 44.07
N ILE D 546 8.27 -25.49 43.56
CA ILE D 546 9.53 -26.13 43.89
C ILE D 546 10.64 -25.42 43.13
N LYS D 547 11.58 -24.83 43.85
CA LYS D 547 12.69 -24.11 43.24
C LYS D 547 13.67 -25.17 42.75
N TYR D 548 13.54 -25.57 41.48
CA TYR D 548 14.31 -26.69 40.95
C TYR D 548 15.81 -26.45 41.05
N LEU D 549 16.29 -25.28 40.62
CA LEU D 549 17.73 -25.04 40.65
C LEU D 549 18.26 -24.96 42.07
N ASP D 550 17.46 -24.45 43.01
CA ASP D 550 17.88 -24.41 44.41
C ASP D 550 17.98 -25.82 44.98
N GLU D 551 16.98 -26.66 44.70
CA GLU D 551 17.04 -28.03 45.18
C GLU D 551 18.03 -28.88 44.39
N TRP D 552 18.26 -28.57 43.12
CA TRP D 552 19.20 -29.37 42.33
C TRP D 552 20.65 -29.06 42.71
N ARG D 553 20.92 -27.83 43.16
CA ARG D 553 22.28 -27.43 43.47
C ARG D 553 22.82 -28.11 44.71
N LYS D 554 21.96 -28.46 45.67
CA LYS D 554 22.45 -29.02 46.92
C LYS D 554 22.84 -30.48 46.73
N GLU D 555 23.26 -31.11 47.84
CA GLU D 555 23.75 -32.49 47.79
C GLU D 555 22.63 -33.46 47.42
N TRP D 556 23.03 -34.54 46.74
CA TRP D 556 22.15 -35.64 46.37
C TRP D 556 21.48 -36.22 47.60
N VAL D 557 20.16 -36.06 47.72
CA VAL D 557 19.43 -36.52 48.90
C VAL D 557 19.07 -37.98 48.69
N ASP D 558 19.43 -38.81 49.66
CA ASP D 558 19.15 -40.24 49.61
C ASP D 558 18.28 -40.74 50.76
N SER D 559 18.15 -39.96 51.84
CA SER D 559 17.28 -40.36 52.93
C SER D 559 15.82 -40.27 52.55
N GLU D 560 15.47 -39.34 51.65
CA GLU D 560 14.07 -39.11 51.31
C GLU D 560 13.47 -40.26 50.50
N PHE D 561 14.27 -40.88 49.62
CA PHE D 561 13.71 -41.78 48.61
C PHE D 561 13.09 -43.01 49.26
N ASP D 562 13.70 -43.53 50.33
CA ASP D 562 13.11 -44.67 51.02
C ASP D 562 11.85 -44.27 51.77
N LYS D 563 11.73 -43.00 52.18
CA LYS D 563 10.51 -42.53 52.83
C LYS D 563 9.36 -42.43 51.83
N ILE D 564 9.67 -42.05 50.58
CA ILE D 564 8.64 -41.90 49.56
C ILE D 564 8.04 -43.26 49.19
N ILE D 565 8.88 -44.28 49.05
CA ILE D 565 8.40 -45.61 48.68
C ILE D 565 7.55 -46.20 49.80
N GLU D 566 7.95 -46.00 51.05
CA GLU D 566 7.14 -46.49 52.17
C GLU D 566 5.85 -45.70 52.33
N GLN D 567 5.79 -44.47 51.81
CA GLN D 567 4.53 -43.74 51.76
C GLN D 567 3.63 -44.27 50.66
N TRP D 568 4.22 -44.58 49.50
CA TRP D 568 3.47 -45.13 48.37
C TRP D 568 2.86 -46.48 48.74
N SER D 569 3.61 -47.34 49.42
CA SER D 569 3.10 -48.61 49.90
C SER D 569 2.35 -48.48 51.22
N LYS D 570 2.31 -47.27 51.80
CA LYS D 570 1.67 -46.98 53.09
C LYS D 570 2.20 -47.90 54.19
N SER D 571 3.52 -48.07 54.23
CA SER D 571 4.17 -48.92 55.22
C SER D 571 4.66 -48.08 56.39
N ASN E 5 -14.04 28.56 -27.70
CA ASN E 5 -15.48 28.41 -27.91
C ASN E 5 -16.16 27.81 -26.68
N ASP E 6 -17.30 27.14 -26.90
CA ASP E 6 -18.08 26.61 -25.79
C ASP E 6 -17.32 25.54 -25.01
N ILE E 7 -16.63 24.65 -25.72
CA ILE E 7 -15.69 23.72 -25.09
C ILE E 7 -14.37 23.79 -25.84
N ASN E 8 -13.27 23.90 -25.09
CA ASN E 8 -11.92 23.83 -25.64
C ASN E 8 -11.15 22.82 -24.79
N ALA E 9 -11.29 21.55 -25.13
CA ALA E 9 -10.66 20.46 -24.41
C ALA E 9 -9.79 19.67 -25.36
N GLU E 10 -8.70 19.11 -24.84
CA GLU E 10 -7.76 18.39 -25.67
C GLU E 10 -6.99 17.37 -24.83
N VAL E 11 -6.52 16.33 -25.51
CA VAL E 11 -5.80 15.25 -24.84
C VAL E 11 -4.35 15.68 -24.66
N VAL E 12 -3.87 15.61 -23.41
CA VAL E 12 -2.49 15.95 -23.08
C VAL E 12 -1.67 14.73 -22.70
N SER E 13 -2.30 13.56 -22.59
CA SER E 13 -1.60 12.34 -22.20
C SER E 13 -2.37 11.13 -22.70
N VAL E 14 -1.63 10.14 -23.22
CA VAL E 14 -2.21 8.90 -23.69
C VAL E 14 -1.51 7.74 -23.01
N SER E 15 -2.29 6.90 -22.33
CA SER E 15 -1.91 5.59 -21.85
C SER E 15 -2.54 4.54 -22.75
N PRO E 16 -2.15 3.26 -22.60
CA PRO E 16 -2.82 2.20 -23.39
C PRO E 16 -4.32 2.10 -23.15
N ASN E 17 -4.79 2.40 -21.95
CA ASN E 17 -6.23 2.35 -21.67
C ASN E 17 -6.65 3.53 -20.81
N LYS E 18 -6.06 4.70 -21.05
CA LYS E 18 -6.39 5.88 -20.26
C LYS E 18 -6.06 7.13 -21.07
N LEU E 19 -6.97 8.09 -21.07
CA LEU E 19 -6.76 9.40 -21.68
C LEU E 19 -6.83 10.47 -20.59
N LYS E 20 -6.06 11.53 -20.78
CA LYS E 20 -6.01 12.65 -19.84
C LYS E 20 -6.36 13.91 -20.64
N ILE E 21 -7.56 14.44 -20.41
CA ILE E 21 -8.09 15.56 -21.18
C ILE E 21 -8.00 16.82 -20.35
N SER E 22 -7.41 17.87 -20.92
CA SER E 22 -7.31 19.18 -20.28
C SER E 22 -8.31 20.12 -20.93
N VAL E 23 -9.25 20.63 -20.13
CA VAL E 23 -10.20 21.64 -20.58
C VAL E 23 -9.58 23.01 -20.36
N ASP E 24 -9.55 23.82 -21.42
CA ASP E 24 -8.79 25.06 -21.40
C ASP E 24 -9.65 26.31 -21.28
N ASP E 25 -10.80 26.39 -21.94
CA ASP E 25 -11.64 27.58 -21.89
C ASP E 25 -12.95 27.31 -21.15
N LEU E 26 -13.77 26.40 -21.69
CA LEU E 26 -15.11 26.07 -21.19
C LEU E 26 -15.93 27.36 -20.98
N GLU E 27 -16.25 28.00 -22.11
CA GLU E 27 -16.99 29.24 -22.05
C GLU E 27 -18.45 29.00 -21.67
N GLU E 28 -19.08 28.00 -22.28
CA GLU E 28 -20.46 27.65 -21.95
C GLU E 28 -20.44 26.73 -20.74
N PHE E 29 -20.99 27.21 -19.62
CA PHE E 29 -21.00 26.44 -18.39
C PHE E 29 -21.98 25.28 -18.44
N LYS E 30 -22.92 25.30 -19.39
CA LYS E 30 -23.94 24.27 -19.47
C LYS E 30 -23.35 22.93 -19.93
N ILE E 31 -22.26 22.96 -20.69
CA ILE E 31 -21.64 21.74 -21.18
C ILE E 31 -21.06 20.92 -20.03
N ALA E 32 -20.43 21.59 -19.06
CA ALA E 32 -19.74 20.89 -17.99
C ALA E 32 -20.69 20.16 -17.07
N GLU E 33 -21.93 20.64 -16.93
CA GLU E 33 -22.86 20.06 -15.96
C GLU E 33 -23.35 18.69 -16.41
N GLU E 34 -23.72 18.53 -17.68
CA GLU E 34 -24.31 17.28 -18.15
C GLU E 34 -23.44 16.50 -19.13
N LYS E 35 -22.50 17.14 -19.82
CA LYS E 35 -21.73 16.47 -20.85
C LYS E 35 -20.30 16.17 -20.45
N LEU E 36 -19.80 16.74 -19.35
CA LEU E 36 -18.46 16.45 -18.85
C LEU E 36 -18.50 15.68 -17.54
N GLY E 37 -19.63 15.07 -17.20
CA GLY E 37 -19.71 14.29 -15.99
C GLY E 37 -19.07 12.93 -16.14
N VAL E 38 -18.92 12.24 -15.00
CA VAL E 38 -18.33 10.92 -15.00
C VAL E 38 -19.30 9.92 -15.61
N GLY E 39 -18.83 9.15 -16.58
CA GLY E 39 -19.67 8.25 -17.34
C GLY E 39 -20.18 8.80 -18.64
N SER E 40 -20.08 10.12 -18.86
CA SER E 40 -20.42 10.69 -20.14
C SER E 40 -19.32 10.40 -21.15
N TYR E 41 -19.70 10.46 -22.43
CA TYR E 41 -18.83 10.05 -23.52
C TYR E 41 -18.28 11.26 -24.25
N LEU E 42 -16.97 11.27 -24.46
CA LEU E 42 -16.30 12.28 -25.25
C LEU E 42 -15.85 11.69 -26.58
N ARG E 43 -15.79 12.54 -27.60
CA ARG E 43 -15.24 12.17 -28.89
C ARG E 43 -13.87 12.85 -29.02
N VAL E 44 -12.89 12.09 -29.52
CA VAL E 44 -11.49 12.50 -29.52
C VAL E 44 -10.99 12.41 -30.95
N SER E 45 -10.73 13.56 -31.57
CA SER E 45 -10.31 13.59 -32.96
C SER E 45 -9.72 14.95 -33.28
N ASP E 46 -9.08 15.03 -34.45
CA ASP E 46 -8.72 16.28 -35.09
C ASP E 46 -9.56 16.57 -36.31
N ASN E 47 -10.45 15.64 -36.70
CA ASN E 47 -11.35 15.81 -37.83
C ASN E 47 -12.76 15.47 -37.37
N GLN E 48 -13.73 15.64 -38.26
CA GLN E 48 -15.13 15.51 -37.93
C GLN E 48 -15.75 14.20 -38.42
N ASP E 49 -14.95 13.26 -38.89
CA ASP E 49 -15.51 12.01 -39.43
C ASP E 49 -14.92 10.77 -38.77
N VAL E 50 -13.64 10.81 -38.40
CA VAL E 50 -12.97 9.68 -37.76
C VAL E 50 -12.56 10.11 -36.36
N ALA E 51 -13.05 9.39 -35.35
CA ALA E 51 -12.86 9.82 -33.98
C ALA E 51 -12.75 8.64 -33.04
N LEU E 52 -11.98 8.84 -31.97
CA LEU E 52 -12.07 7.98 -30.80
C LEU E 52 -13.31 8.31 -29.99
N LEU E 53 -13.77 7.34 -29.21
CA LEU E 53 -14.79 7.57 -28.20
C LEU E 53 -14.23 7.21 -26.84
N ALA E 54 -14.39 8.12 -25.88
CA ALA E 54 -13.84 7.94 -24.55
C ALA E 54 -14.91 8.24 -23.51
N ILE E 55 -15.04 7.38 -22.52
CA ILE E 55 -15.96 7.57 -21.41
C ILE E 55 -15.19 8.15 -20.23
N ILE E 56 -15.76 9.16 -19.59
CA ILE E 56 -15.07 9.85 -18.50
C ILE E 56 -15.10 8.99 -17.25
N ASP E 57 -13.93 8.72 -16.69
CA ASP E 57 -13.82 7.98 -15.44
C ASP E 57 -13.61 8.88 -14.24
N ASN E 58 -12.94 10.02 -14.41
CA ASN E 58 -12.66 10.94 -13.32
C ASN E 58 -12.38 12.32 -13.89
N PHE E 59 -12.51 13.32 -13.03
CA PHE E 59 -12.17 14.69 -13.40
C PHE E 59 -11.76 15.45 -12.14
N SER E 60 -11.10 16.59 -12.34
CA SER E 60 -10.63 17.38 -11.22
C SER E 60 -10.51 18.83 -11.69
N ILE E 61 -11.41 19.69 -11.22
CA ILE E 61 -11.36 21.11 -11.56
C ILE E 61 -10.59 21.82 -10.47
N GLU E 62 -9.35 22.21 -10.78
CA GLU E 62 -8.48 22.91 -9.85
C GLU E 62 -8.46 24.39 -10.21
N VAL E 63 -8.70 25.24 -9.21
CA VAL E 63 -8.68 26.68 -9.42
C VAL E 63 -7.76 27.31 -8.38
N LYS E 64 -7.18 28.45 -8.72
CA LYS E 64 -6.26 29.14 -7.83
C LYS E 64 -6.32 30.63 -8.11
N GLU E 65 -5.68 31.41 -7.24
CA GLU E 65 -5.79 32.87 -7.29
C GLU E 65 -5.15 33.45 -8.55
N SER E 66 -3.92 33.05 -8.84
CA SER E 66 -3.14 33.70 -9.90
C SER E 66 -3.21 32.97 -11.23
N GLN E 67 -3.14 31.64 -11.21
CA GLN E 67 -3.12 30.86 -12.43
C GLN E 67 -4.54 30.56 -12.91
N LYS E 68 -4.64 30.08 -14.15
CA LYS E 68 -5.92 29.77 -14.75
C LYS E 68 -6.48 28.48 -14.16
N GLN E 69 -7.76 28.22 -14.46
CA GLN E 69 -8.44 27.05 -13.94
C GLN E 69 -7.88 25.78 -14.57
N LYS E 70 -7.57 24.80 -13.73
CA LYS E 70 -6.99 23.53 -14.16
C LYS E 70 -8.10 22.48 -14.15
N TYR E 71 -8.82 22.38 -15.27
CA TYR E 71 -9.88 21.39 -15.44
C TYR E 71 -9.26 20.21 -16.18
N MET E 72 -9.04 19.11 -15.49
CA MET E 72 -8.38 17.94 -16.03
C MET E 72 -9.33 16.75 -15.95
N ILE E 73 -9.45 16.02 -17.05
CA ILE E 73 -10.42 14.94 -17.19
C ILE E 73 -9.69 13.64 -17.47
N GLU E 74 -9.98 12.60 -16.69
CA GLU E 74 -9.52 11.25 -16.96
C GLU E 74 -10.59 10.50 -17.72
N ALA E 75 -10.24 9.97 -18.89
CA ALA E 75 -11.16 9.20 -19.72
C ALA E 75 -10.45 7.94 -20.22
N SER E 76 -11.26 6.98 -20.65
CA SER E 76 -10.75 5.72 -21.19
C SER E 76 -11.38 5.46 -22.54
N PRO E 77 -10.59 5.19 -23.59
CA PRO E 77 -11.17 4.89 -24.90
C PRO E 77 -11.96 3.59 -24.87
N ILE E 78 -13.07 3.58 -25.62
CA ILE E 78 -13.92 2.40 -25.67
C ILE E 78 -14.05 1.89 -27.10
N GLY E 79 -13.87 2.77 -28.07
CA GLY E 79 -14.12 2.38 -29.44
C GLY E 79 -13.68 3.42 -30.44
N LEU E 80 -14.32 3.37 -31.60
CA LEU E 80 -13.88 4.12 -32.78
C LEU E 80 -15.09 4.47 -33.64
N VAL E 81 -15.20 5.73 -34.02
CA VAL E 81 -16.28 6.14 -34.93
C VAL E 81 -15.64 6.50 -36.26
N LYS E 82 -15.91 5.70 -37.28
CA LYS E 82 -15.51 5.98 -38.66
C LYS E 82 -16.76 6.24 -39.48
N ASN E 83 -16.99 7.51 -39.82
CA ASN E 83 -18.06 7.95 -40.72
C ASN E 83 -19.44 7.53 -40.22
N GLY E 84 -19.69 7.76 -38.93
CA GLY E 84 -20.98 7.47 -38.34
C GLY E 84 -21.17 6.04 -37.86
N LYS E 85 -20.19 5.17 -38.03
CA LYS E 85 -20.28 3.77 -37.60
C LYS E 85 -19.31 3.55 -36.45
N PHE E 86 -19.80 2.93 -35.38
CA PHE E 86 -19.01 2.73 -34.18
C PHE E 86 -18.43 1.31 -34.18
N TYR E 87 -17.11 1.22 -34.03
CA TYR E 87 -16.42 -0.05 -33.93
C TYR E 87 -15.74 -0.13 -32.57
N ARG E 88 -16.02 -1.20 -31.82
CA ARG E 88 -15.50 -1.34 -30.48
C ARG E 88 -14.01 -1.68 -30.51
N GLY E 89 -13.37 -1.51 -29.34
CA GLY E 89 -11.95 -1.75 -29.22
C GLY E 89 -11.18 -0.50 -28.86
N GLY E 90 -10.64 -0.47 -27.65
CA GLY E 90 -9.93 0.71 -27.16
C GLY E 90 -8.43 0.65 -27.40
N ASP E 91 -8.00 -0.21 -28.31
CA ASP E 91 -6.58 -0.34 -28.64
C ASP E 91 -6.11 0.64 -29.70
N SER E 92 -7.02 1.44 -30.26
CA SER E 92 -6.62 2.43 -31.25
C SER E 92 -5.86 3.58 -30.58
N LEU E 93 -4.82 4.05 -31.25
CA LEU E 93 -3.94 5.08 -30.72
C LEU E 93 -4.27 6.43 -31.32
N ALA E 94 -4.38 7.45 -30.47
CA ALA E 94 -4.56 8.83 -30.88
C ALA E 94 -3.41 9.63 -30.27
N LEU E 95 -2.44 10.00 -31.11
CA LEU E 95 -1.29 10.74 -30.61
C LEU E 95 -1.69 12.15 -30.19
N PRO E 96 -1.27 12.62 -29.02
CA PRO E 96 -1.69 13.94 -28.56
C PRO E 96 -0.97 15.04 -29.34
N PRO E 97 -1.53 16.24 -29.41
CA PRO E 97 -2.84 16.66 -28.86
C PRO E 97 -3.98 16.40 -29.82
N LYS E 98 -5.11 15.94 -29.29
CA LYS E 98 -6.33 15.73 -30.05
C LYS E 98 -7.45 16.51 -29.38
N LYS E 99 -8.11 17.37 -30.14
CA LYS E 99 -9.14 18.23 -29.56
C LYS E 99 -10.35 17.40 -29.15
N VAL E 100 -10.98 17.80 -28.05
CA VAL E 100 -12.01 17.00 -27.40
C VAL E 100 -13.26 17.84 -27.25
N GLU E 101 -14.37 17.34 -27.78
CA GLU E 101 -15.71 17.87 -27.59
C GLU E 101 -16.63 16.72 -27.20
N PRO E 102 -17.70 16.99 -26.45
CA PRO E 102 -18.61 15.92 -26.05
C PRO E 102 -19.27 15.23 -27.24
N ALA E 103 -19.49 13.93 -27.08
CA ALA E 103 -20.06 13.12 -28.15
C ALA E 103 -21.51 13.52 -28.41
N LYS E 104 -21.90 13.47 -29.68
CA LYS E 104 -23.25 13.83 -30.07
C LYS E 104 -24.23 12.74 -29.65
N LEU E 105 -25.52 13.07 -29.75
CA LEU E 105 -26.57 12.12 -29.35
C LEU E 105 -26.57 10.89 -30.26
N ASP E 106 -26.33 11.09 -31.56
CA ASP E 106 -26.27 9.97 -32.48
C ASP E 106 -25.01 9.12 -32.30
N GLU E 107 -23.94 9.71 -31.75
CA GLU E 107 -22.71 8.94 -31.55
C GLU E 107 -22.82 8.02 -30.34
N ILE E 108 -23.43 8.51 -29.26
CA ILE E 108 -23.63 7.68 -28.07
C ILE E 108 -24.66 6.59 -28.35
N ILE E 109 -25.68 6.91 -29.17
CA ILE E 109 -26.65 5.91 -29.59
C ILE E 109 -25.97 4.83 -30.43
N SER E 110 -25.00 5.23 -31.25
CA SER E 110 -24.26 4.27 -32.08
C SER E 110 -23.36 3.36 -31.26
N ILE E 111 -23.06 3.71 -30.00
CA ILE E 111 -22.30 2.81 -29.15
C ILE E 111 -23.10 1.56 -28.82
N TYR E 112 -24.38 1.72 -28.52
CA TYR E 112 -25.22 0.64 -28.03
C TYR E 112 -26.18 0.09 -29.08
N SER E 113 -26.12 0.57 -30.32
CA SER E 113 -27.05 0.14 -31.35
C SER E 113 -26.39 -0.30 -32.65
N ASP E 114 -25.11 -0.02 -32.87
CA ASP E 114 -24.45 -0.40 -34.11
C ASP E 114 -23.91 -1.83 -34.09
N SER E 115 -23.74 -2.42 -32.91
CA SER E 115 -23.41 -3.83 -32.82
C SER E 115 -24.62 -4.71 -33.08
N ILE E 116 -25.80 -4.13 -33.18
CA ILE E 116 -27.06 -4.85 -33.37
C ILE E 116 -27.65 -4.46 -34.71
N ASP E 117 -28.19 -5.43 -35.43
CA ASP E 117 -28.93 -5.13 -36.65
C ASP E 117 -30.22 -4.41 -36.30
N ILE E 118 -30.68 -3.57 -37.24
CA ILE E 118 -31.86 -2.73 -37.00
C ILE E 118 -33.10 -3.59 -36.82
N ASN E 119 -33.18 -4.70 -37.57
CA ASN E 119 -34.26 -5.67 -37.38
C ASN E 119 -34.12 -6.40 -36.05
N ASP E 120 -32.91 -6.44 -35.48
CA ASP E 120 -32.61 -7.27 -34.32
C ASP E 120 -32.57 -6.49 -33.00
N ARG E 121 -33.03 -5.24 -32.98
CA ARG E 121 -33.03 -4.46 -31.74
C ARG E 121 -34.34 -4.64 -31.00
N PHE E 122 -34.23 -4.90 -29.69
CA PHE E 122 -35.37 -4.98 -28.79
C PHE E 122 -35.06 -4.10 -27.58
N THR E 123 -35.70 -2.94 -27.50
CA THR E 123 -35.40 -1.94 -26.49
C THR E 123 -36.46 -1.95 -25.40
N PHE E 124 -36.01 -2.06 -24.15
CA PHE E 124 -36.88 -1.91 -22.99
C PHE E 124 -36.32 -0.93 -21.96
N SER E 125 -35.19 -0.29 -22.26
CA SER E 125 -34.52 0.57 -21.29
C SER E 125 -33.64 1.56 -22.01
N SER E 126 -33.26 2.61 -21.29
CA SER E 126 -32.33 3.62 -21.75
C SER E 126 -31.17 3.71 -20.77
N LEU E 127 -30.11 4.42 -21.19
CA LEU E 127 -28.92 4.56 -20.35
C LEU E 127 -29.24 5.32 -19.07
N SER E 128 -28.64 4.88 -17.96
CA SER E 128 -28.87 5.51 -16.67
C SER E 128 -28.31 6.93 -16.63
N LEU E 129 -27.15 7.14 -17.24
CA LEU E 129 -26.51 8.45 -17.25
C LEU E 129 -26.96 9.32 -18.42
N ASN E 130 -27.71 8.77 -19.37
CA ASN E 130 -28.25 9.55 -20.49
C ASN E 130 -29.55 8.88 -20.92
N THR E 131 -30.67 9.39 -20.42
CA THR E 131 -31.97 8.78 -20.73
C THR E 131 -32.40 8.99 -22.17
N LYS E 132 -31.77 9.92 -22.89
CA LYS E 132 -32.07 10.12 -24.30
C LYS E 132 -31.47 9.03 -25.18
N VAL E 133 -30.52 8.26 -24.67
CA VAL E 133 -29.88 7.18 -25.42
C VAL E 133 -30.50 5.87 -24.98
N SER E 134 -31.20 5.20 -25.89
CA SER E 134 -31.73 3.88 -25.61
C SER E 134 -30.60 2.86 -25.62
N VAL E 135 -30.79 1.78 -24.86
CA VAL E 135 -29.81 0.71 -24.82
C VAL E 135 -30.48 -0.56 -25.33
N PRO E 136 -30.42 -0.84 -26.63
CA PRO E 136 -30.98 -2.10 -27.14
C PRO E 136 -30.08 -3.28 -26.80
N VAL E 137 -30.70 -4.45 -26.70
CA VAL E 137 -29.99 -5.70 -26.68
C VAL E 137 -30.20 -6.36 -28.05
N ASN E 138 -29.43 -7.41 -28.33
CA ASN E 138 -29.74 -8.20 -29.51
C ASN E 138 -31.05 -8.94 -29.25
N GLY E 139 -32.02 -8.72 -30.12
CA GLY E 139 -33.35 -9.24 -29.94
C GLY E 139 -33.43 -10.75 -29.91
N ASN E 140 -32.96 -11.39 -30.99
CA ASN E 140 -33.01 -12.85 -31.10
C ASN E 140 -32.30 -13.52 -29.94
N ARG E 141 -31.10 -13.03 -29.60
CA ARG E 141 -30.29 -13.66 -28.57
C ARG E 141 -30.79 -13.39 -27.16
N PHE E 142 -31.86 -12.61 -27.00
CA PHE E 142 -32.35 -12.27 -25.67
C PHE E 142 -33.22 -13.39 -25.09
N PHE E 143 -34.22 -13.85 -25.83
CA PHE E 143 -35.18 -14.80 -25.28
C PHE E 143 -34.85 -16.27 -25.53
N ASN E 144 -34.16 -16.62 -26.60
CA ASN E 144 -33.85 -18.05 -26.80
C ASN E 144 -32.79 -18.52 -25.82
N LYS E 145 -31.96 -17.62 -25.33
CA LYS E 145 -31.13 -17.91 -24.18
C LYS E 145 -31.86 -17.43 -22.93
N HIS E 146 -31.66 -18.13 -21.82
CA HIS E 146 -32.44 -17.87 -20.62
C HIS E 146 -31.99 -16.56 -19.96
N ILE E 147 -32.93 -15.93 -19.26
CA ILE E 147 -32.74 -14.61 -18.66
C ILE E 147 -32.93 -14.72 -17.16
N ALA E 148 -32.08 -14.02 -16.41
CA ALA E 148 -32.18 -13.94 -14.96
C ALA E 148 -32.31 -12.47 -14.57
N ILE E 149 -33.50 -12.10 -14.07
CA ILE E 149 -33.78 -10.74 -13.63
C ILE E 149 -33.87 -10.76 -12.11
N VAL E 150 -32.84 -10.26 -11.44
CA VAL E 150 -32.72 -10.39 -9.99
C VAL E 150 -32.55 -9.00 -9.38
N GLY E 151 -33.23 -8.76 -8.26
CA GLY E 151 -33.15 -7.48 -7.58
C GLY E 151 -33.73 -7.58 -6.19
N SER E 152 -33.45 -6.56 -5.39
CA SER E 152 -33.90 -6.52 -4.01
C SER E 152 -35.36 -6.06 -3.93
N THR E 153 -35.85 -5.89 -2.70
CA THR E 153 -37.25 -5.52 -2.48
C THR E 153 -37.47 -4.05 -2.80
N GLY E 154 -38.51 -3.77 -3.58
CA GLY E 154 -38.82 -2.40 -3.92
C GLY E 154 -37.91 -1.78 -4.95
N SER E 155 -37.04 -2.57 -5.58
CA SER E 155 -36.11 -2.07 -6.57
C SER E 155 -36.68 -2.10 -7.98
N GLY E 156 -37.94 -2.51 -8.13
CA GLY E 156 -38.54 -2.58 -9.46
C GLY E 156 -38.23 -3.84 -10.23
N LYS E 157 -37.91 -4.93 -9.53
CA LYS E 157 -37.68 -6.20 -10.22
C LYS E 157 -38.95 -6.69 -10.90
N SER E 158 -40.10 -6.59 -10.23
CA SER E 158 -41.36 -6.95 -10.86
C SER E 158 -41.76 -5.94 -11.92
N HIS E 159 -41.31 -4.69 -11.79
CA HIS E 159 -41.58 -3.70 -12.82
C HIS E 159 -40.72 -3.96 -14.06
N THR E 160 -39.47 -4.38 -13.87
CA THR E 160 -38.60 -4.67 -14.99
C THR E 160 -39.08 -5.89 -15.77
N VAL E 161 -39.55 -6.92 -15.05
CA VAL E 161 -40.08 -8.12 -15.72
C VAL E 161 -41.33 -7.77 -16.51
N ALA E 162 -42.25 -7.00 -15.90
CA ALA E 162 -43.51 -6.68 -16.56
C ALA E 162 -43.29 -5.78 -17.78
N LYS E 163 -42.33 -4.85 -17.70
CA LYS E 163 -42.06 -3.97 -18.82
C LYS E 163 -41.50 -4.74 -20.02
N ILE E 164 -40.62 -5.71 -19.77
CA ILE E 164 -40.00 -6.47 -20.86
C ILE E 164 -41.03 -7.30 -21.61
N LEU E 165 -41.94 -7.95 -20.88
CA LEU E 165 -43.01 -8.69 -21.54
C LEU E 165 -44.01 -7.78 -22.21
N GLN E 166 -44.17 -6.55 -21.71
CA GLN E 166 -45.08 -5.60 -22.35
C GLN E 166 -44.57 -5.18 -23.72
N LYS E 167 -43.25 -4.99 -23.86
CA LYS E 167 -42.69 -4.72 -25.18
C LYS E 167 -42.68 -5.95 -26.07
N ALA E 168 -42.72 -7.15 -25.48
CA ALA E 168 -42.80 -8.37 -26.28
C ALA E 168 -44.15 -8.51 -26.97
N VAL E 169 -45.23 -8.20 -26.25
CA VAL E 169 -46.55 -8.19 -26.88
C VAL E 169 -46.66 -7.02 -27.85
N ASP E 170 -45.99 -5.91 -27.57
CA ASP E 170 -45.99 -4.77 -28.47
C ASP E 170 -45.02 -4.95 -29.64
N GLU E 171 -44.24 -6.04 -29.65
CA GLU E 171 -43.32 -6.32 -30.74
C GLU E 171 -44.10 -6.95 -31.88
N LYS E 172 -44.38 -6.16 -32.91
CA LYS E 172 -45.27 -6.57 -33.99
C LYS E 172 -44.64 -6.25 -35.33
N GLN E 173 -44.81 -7.17 -36.28
CA GLN E 173 -44.52 -6.85 -37.68
C GLN E 173 -45.60 -5.92 -38.20
N GLU E 174 -45.19 -4.94 -39.01
CA GLU E 174 -46.11 -3.90 -39.48
C GLU E 174 -46.87 -4.39 -40.71
N GLY E 175 -47.63 -5.46 -40.50
CA GLY E 175 -48.46 -6.01 -41.55
C GLY E 175 -49.89 -6.28 -41.13
N TYR E 176 -50.16 -6.23 -39.82
CA TYR E 176 -51.42 -6.76 -39.31
C TYR E 176 -51.84 -6.00 -38.07
N LYS E 177 -53.08 -6.22 -37.66
CA LYS E 177 -53.60 -5.86 -36.36
C LYS E 177 -53.92 -7.14 -35.60
N GLY E 178 -54.07 -7.00 -34.29
CA GLY E 178 -54.36 -8.16 -33.45
C GLY E 178 -53.12 -8.74 -32.79
N LEU E 179 -53.34 -9.93 -32.22
CA LEU E 179 -52.30 -10.60 -31.46
C LEU E 179 -51.11 -11.00 -32.33
N ASN E 180 -49.91 -10.87 -31.78
CA ASN E 180 -48.70 -11.37 -32.39
C ASN E 180 -48.36 -12.73 -31.79
N ASN E 181 -47.28 -13.33 -32.28
CA ASN E 181 -46.95 -14.72 -31.93
C ASN E 181 -46.16 -14.82 -30.63
N SER E 182 -46.22 -13.81 -29.77
CA SER E 182 -45.57 -13.89 -28.48
C SER E 182 -46.31 -14.85 -27.56
N HIS E 183 -45.55 -15.63 -26.79
CA HIS E 183 -46.11 -16.64 -25.89
C HIS E 183 -45.34 -16.57 -24.58
N ILE E 184 -45.94 -15.96 -23.56
CA ILE E 184 -45.28 -15.80 -22.27
C ILE E 184 -46.14 -16.45 -21.19
N ILE E 185 -45.52 -17.28 -20.37
CA ILE E 185 -46.17 -17.94 -19.24
C ILE E 185 -45.54 -17.42 -17.96
N ILE E 186 -46.36 -16.91 -17.05
CA ILE E 186 -45.87 -16.33 -15.81
C ILE E 186 -46.37 -17.17 -14.63
N PHE E 187 -45.45 -17.60 -13.78
CA PHE E 187 -45.79 -18.28 -12.53
C PHE E 187 -45.85 -17.22 -11.44
N ASP E 188 -47.05 -16.67 -11.23
CA ASP E 188 -47.27 -15.56 -10.29
C ASP E 188 -47.64 -16.14 -8.94
N ILE E 189 -46.76 -15.94 -7.95
CA ILE E 189 -47.00 -16.47 -6.60
C ILE E 189 -47.53 -15.36 -5.70
N HIS E 190 -47.20 -14.12 -6.03
CA HIS E 190 -47.62 -12.98 -5.21
C HIS E 190 -48.75 -12.16 -5.84
N SER E 191 -49.30 -12.64 -6.96
CA SER E 191 -50.49 -12.06 -7.59
C SER E 191 -50.28 -10.59 -7.97
N GLU E 192 -49.21 -10.33 -8.72
CA GLU E 192 -48.85 -8.96 -9.08
C GLU E 192 -49.01 -8.64 -10.56
N TYR E 193 -48.97 -9.63 -11.45
CA TYR E 193 -48.98 -9.39 -12.88
C TYR E 193 -50.37 -9.43 -13.50
N GLU E 194 -51.41 -9.62 -12.69
CA GLU E 194 -52.77 -9.51 -13.21
C GLU E 194 -53.08 -8.07 -13.62
N ASN E 195 -52.63 -7.10 -12.82
CA ASN E 195 -52.87 -5.70 -13.13
C ASN E 195 -52.02 -5.27 -14.32
N ALA E 196 -50.75 -5.72 -14.35
CA ALA E 196 -49.81 -5.27 -15.37
C ALA E 196 -50.18 -5.73 -16.77
N PHE E 197 -50.93 -6.82 -16.90
CA PHE E 197 -51.41 -7.30 -18.20
C PHE E 197 -52.91 -7.51 -18.11
N PRO E 198 -53.69 -6.45 -18.36
CA PRO E 198 -55.15 -6.58 -18.21
C PRO E 198 -55.83 -7.40 -19.29
N ASN E 199 -55.19 -7.59 -20.45
CA ASN E 199 -55.77 -8.34 -21.55
C ASN E 199 -55.31 -9.80 -21.55
N SER E 200 -54.70 -10.27 -20.47
CA SER E 200 -54.14 -11.60 -20.40
C SER E 200 -55.18 -12.59 -19.87
N ASN E 201 -54.76 -13.83 -19.65
CA ASN E 201 -55.61 -14.88 -19.08
C ASN E 201 -55.01 -15.26 -17.73
N VAL E 202 -55.48 -14.59 -16.69
CA VAL E 202 -55.02 -14.88 -15.33
C VAL E 202 -55.73 -16.13 -14.83
N LEU E 203 -54.95 -17.09 -14.32
CA LEU E 203 -55.47 -18.39 -13.90
C LEU E 203 -55.10 -18.62 -12.44
N ASN E 204 -56.04 -18.37 -11.53
CA ASN E 204 -55.89 -18.76 -10.14
C ASN E 204 -56.52 -20.14 -9.96
N VAL E 205 -56.66 -20.59 -8.71
CA VAL E 205 -57.18 -21.92 -8.44
C VAL E 205 -58.67 -22.03 -8.74
N ASP E 206 -59.37 -20.91 -8.88
CA ASP E 206 -60.81 -20.96 -9.14
C ASP E 206 -61.11 -21.35 -10.59
N THR E 207 -60.24 -20.98 -11.53
CA THR E 207 -60.48 -21.28 -12.93
C THR E 207 -59.52 -22.30 -13.53
N LEU E 208 -58.37 -22.53 -12.89
CA LEU E 208 -57.44 -23.53 -13.40
C LEU E 208 -57.98 -24.93 -13.18
N THR E 209 -57.88 -25.77 -14.22
CA THR E 209 -58.25 -27.18 -14.13
C THR E 209 -57.07 -28.02 -14.64
N LEU E 210 -56.14 -28.28 -13.74
CA LEU E 210 -54.99 -29.11 -14.06
C LEU E 210 -55.38 -30.58 -13.92
N PRO E 211 -55.24 -31.40 -14.96
CA PRO E 211 -55.58 -32.82 -14.83
C PRO E 211 -54.54 -33.54 -13.97
N TYR E 212 -55.04 -34.28 -12.98
CA TYR E 212 -54.17 -35.03 -12.08
C TYR E 212 -53.49 -36.20 -12.78
N TRP E 213 -54.07 -36.71 -13.86
CA TRP E 213 -53.53 -37.89 -14.52
C TRP E 213 -52.34 -37.59 -15.41
N LEU E 214 -52.01 -36.32 -15.64
CA LEU E 214 -50.79 -35.96 -16.34
C LEU E 214 -49.58 -35.89 -15.44
N LEU E 215 -49.76 -36.07 -14.13
CA LEU E 215 -48.63 -36.19 -13.23
C LEU E 215 -47.93 -37.53 -13.43
N ASN E 216 -46.63 -37.55 -13.22
CA ASN E 216 -45.86 -38.78 -13.35
C ASN E 216 -45.94 -39.57 -12.04
N GLY E 217 -45.10 -40.59 -11.91
CA GLY E 217 -45.11 -41.40 -10.71
C GLY E 217 -44.64 -40.66 -9.47
N ASP E 218 -43.64 -39.79 -9.63
CA ASP E 218 -43.10 -39.06 -8.48
C ASP E 218 -44.09 -38.03 -7.97
N GLU E 219 -44.78 -37.33 -8.86
CA GLU E 219 -45.69 -36.27 -8.43
C GLU E 219 -47.00 -36.84 -7.88
N LEU E 220 -47.40 -38.04 -8.32
CA LEU E 220 -48.57 -38.68 -7.74
C LEU E 220 -48.31 -39.19 -6.33
N GLU E 221 -47.05 -39.42 -5.97
CA GLU E 221 -46.68 -39.87 -4.64
C GLU E 221 -46.36 -38.73 -3.69
N GLU E 222 -46.55 -37.48 -4.11
CA GLU E 222 -46.51 -36.34 -3.22
C GLU E 222 -47.85 -35.65 -3.07
N LEU E 223 -48.70 -35.71 -4.10
CA LEU E 223 -50.07 -35.21 -3.99
C LEU E 223 -50.92 -36.09 -3.07
N PHE E 224 -50.66 -37.39 -3.06
CA PHE E 224 -51.51 -38.34 -2.37
C PHE E 224 -50.85 -39.07 -1.22
N LEU E 225 -49.54 -39.25 -1.26
CA LEU E 225 -48.84 -40.17 -0.35
C LEU E 225 -48.04 -39.40 0.68
N ASP E 226 -48.11 -39.85 1.93
CA ASP E 226 -47.26 -39.34 3.00
C ASP E 226 -45.96 -40.13 3.02
N THR E 227 -44.84 -39.40 3.12
CA THR E 227 -43.52 -40.02 3.04
C THR E 227 -42.96 -40.39 4.41
N GLU E 228 -43.42 -39.76 5.48
CA GLU E 228 -42.88 -40.06 6.80
C GLU E 228 -43.34 -41.43 7.29
N ALA E 229 -44.62 -41.72 7.15
CA ALA E 229 -45.15 -43.04 7.51
C ALA E 229 -45.22 -43.90 6.24
N ASN E 230 -44.04 -44.31 5.78
CA ASN E 230 -43.92 -45.07 4.55
C ASN E 230 -44.30 -46.51 4.80
N ASP E 231 -45.45 -46.93 4.27
CA ASP E 231 -45.91 -48.30 4.34
C ASP E 231 -45.86 -48.88 2.93
N HIS E 232 -45.15 -50.01 2.77
CA HIS E 232 -45.04 -50.63 1.45
C HIS E 232 -46.36 -51.24 1.02
N ASN E 233 -47.20 -51.67 1.98
CA ASN E 233 -48.53 -52.16 1.64
C ASN E 233 -49.41 -51.03 1.12
N GLN E 234 -49.33 -49.86 1.73
CA GLN E 234 -50.09 -48.71 1.24
C GLN E 234 -49.56 -48.21 -0.09
N ARG E 235 -48.24 -48.23 -0.26
CA ARG E 235 -47.63 -47.69 -1.47
C ARG E 235 -47.82 -48.61 -2.68
N ASN E 236 -47.90 -49.92 -2.45
CA ASN E 236 -48.06 -50.85 -3.57
C ASN E 236 -49.46 -50.79 -4.15
N VAL E 237 -50.48 -50.80 -3.29
CA VAL E 237 -51.87 -50.77 -3.75
C VAL E 237 -52.18 -49.45 -4.45
N PHE E 238 -51.56 -48.36 -4.01
CA PHE E 238 -51.67 -47.09 -4.71
C PHE E 238 -51.11 -47.16 -6.12
N ARG E 239 -50.11 -48.03 -6.34
CA ARG E 239 -49.50 -48.11 -7.66
C ARG E 239 -50.31 -49.00 -8.61
N GLN E 240 -50.72 -50.19 -8.14
CA GLN E 240 -51.44 -51.12 -9.01
C GLN E 240 -52.81 -50.60 -9.41
N ALA E 241 -53.44 -49.80 -8.54
CA ALA E 241 -54.75 -49.23 -8.88
C ALA E 241 -54.63 -48.20 -10.00
N ILE E 242 -53.47 -47.58 -10.15
CA ILE E 242 -53.29 -46.50 -11.12
C ILE E 242 -52.78 -47.02 -12.46
N THR E 243 -51.76 -47.89 -12.45
CA THR E 243 -51.21 -48.37 -13.72
C THR E 243 -52.19 -49.29 -14.44
N LEU E 244 -53.07 -49.97 -13.71
CA LEU E 244 -54.11 -50.77 -14.35
C LEU E 244 -55.24 -49.88 -14.86
N ASN E 245 -55.55 -48.80 -14.15
CA ASN E 245 -56.52 -47.83 -14.65
C ASN E 245 -56.02 -47.15 -15.90
N LYS E 246 -54.73 -46.84 -15.96
CA LYS E 246 -54.16 -46.20 -17.15
C LYS E 246 -54.21 -47.11 -18.36
N LYS E 247 -54.05 -48.42 -18.16
CA LYS E 247 -54.15 -49.36 -19.27
C LYS E 247 -55.59 -49.46 -19.79
N ILE E 248 -56.56 -49.51 -18.87
CA ILE E 248 -57.94 -49.78 -19.24
C ILE E 248 -58.55 -48.60 -19.99
N HIS E 249 -58.32 -47.38 -19.50
CA HIS E 249 -58.89 -46.19 -20.12
C HIS E 249 -58.12 -45.75 -21.36
N PHE E 250 -57.05 -46.45 -21.72
CA PHE E 250 -56.30 -46.15 -22.93
C PHE E 250 -57.09 -46.64 -24.14
N GLN E 251 -57.38 -45.74 -25.07
CA GLN E 251 -58.18 -46.04 -26.26
C GLN E 251 -57.33 -46.01 -27.53
N GLY E 252 -56.10 -46.48 -27.44
CA GLY E 252 -55.23 -46.50 -28.60
C GLY E 252 -55.09 -47.89 -29.21
N ASP E 253 -53.92 -48.48 -29.06
CA ASP E 253 -53.61 -49.81 -29.58
C ASP E 253 -52.98 -50.66 -28.49
N PRO E 254 -53.08 -52.00 -28.60
CA PRO E 254 -52.47 -52.86 -27.56
C PRO E 254 -50.96 -52.77 -27.47
N ALA E 255 -50.28 -52.27 -28.51
CA ALA E 255 -48.82 -52.15 -28.46
C ALA E 255 -48.38 -51.12 -27.42
N THR E 256 -49.06 -49.96 -27.39
CA THR E 256 -48.76 -48.93 -26.40
C THR E 256 -49.40 -49.28 -25.04
N LYS E 257 -50.35 -50.23 -25.03
CA LYS E 257 -50.97 -50.66 -23.79
C LYS E 257 -49.96 -51.34 -22.86
N GLU E 258 -49.02 -52.11 -23.43
CA GLU E 258 -48.02 -52.77 -22.60
C GLU E 258 -46.94 -51.84 -22.11
N ILE E 259 -46.70 -50.71 -22.80
CA ILE E 259 -45.67 -49.77 -22.36
C ILE E 259 -46.20 -48.78 -21.34
N ILE E 260 -47.48 -48.88 -20.97
CA ILE E 260 -48.06 -48.00 -19.97
C ILE E 260 -47.48 -48.35 -18.60
N SER E 261 -46.99 -47.34 -17.89
CA SER E 261 -46.39 -47.53 -16.58
C SER E 261 -47.05 -46.57 -15.59
N PHE E 262 -46.67 -46.73 -14.31
CA PHE E 262 -47.17 -45.84 -13.28
C PHE E 262 -46.61 -44.44 -13.43
N HIS E 263 -45.44 -44.30 -14.04
CA HIS E 263 -44.81 -43.00 -14.24
C HIS E 263 -45.15 -42.37 -15.59
N SER E 264 -46.06 -42.99 -16.35
CA SER E 264 -46.45 -42.47 -17.66
C SER E 264 -47.73 -41.66 -17.55
N PRO E 265 -47.82 -40.51 -18.19
CA PRO E 265 -48.99 -39.63 -18.02
C PRO E 265 -50.20 -39.97 -18.89
N TYR E 266 -50.99 -40.95 -18.45
CA TYR E 266 -52.18 -41.36 -19.16
C TYR E 266 -53.38 -41.18 -18.23
N TYR E 267 -54.57 -41.11 -18.82
CA TYR E 267 -55.77 -40.79 -18.06
C TYR E 267 -56.19 -41.97 -17.19
N PHE E 268 -56.31 -41.74 -15.89
CA PHE E 268 -56.83 -42.73 -14.96
C PHE E 268 -57.86 -42.07 -14.06
N ASP E 269 -58.83 -42.87 -13.61
CA ASP E 269 -59.92 -42.37 -12.77
C ASP E 269 -59.54 -42.54 -11.31
N ILE E 270 -59.46 -41.41 -10.59
CA ILE E 270 -59.09 -41.46 -9.18
C ILE E 270 -60.22 -42.07 -8.34
N ASN E 271 -61.48 -41.85 -8.75
CA ASN E 271 -62.60 -42.43 -8.02
C ASN E 271 -62.63 -43.95 -8.20
N GLU E 272 -62.27 -44.44 -9.38
CA GLU E 272 -62.12 -45.88 -9.57
C GLU E 272 -60.90 -46.41 -8.83
N VAL E 273 -59.85 -45.60 -8.70
CA VAL E 273 -58.69 -45.97 -7.90
C VAL E 273 -59.10 -46.11 -6.44
N ILE E 274 -59.96 -45.21 -5.96
CA ILE E 274 -60.43 -45.25 -4.57
C ILE E 274 -61.24 -46.52 -4.33
N ASN E 275 -62.10 -46.89 -5.29
CA ASN E 275 -62.91 -48.10 -5.14
C ASN E 275 -62.05 -49.35 -5.13
N TYR E 276 -60.99 -49.37 -5.95
CA TYR E 276 -60.07 -50.51 -5.96
C TYR E 276 -59.36 -50.65 -4.62
N ILE E 277 -58.85 -49.54 -4.08
CA ILE E 277 -58.13 -49.57 -2.81
C ILE E 277 -59.09 -49.90 -1.67
N ASN E 278 -60.32 -49.39 -1.74
CA ASN E 278 -61.33 -49.76 -0.74
C ASN E 278 -61.71 -51.22 -0.86
N ASN E 279 -61.70 -51.78 -2.07
CA ASN E 279 -61.92 -53.21 -2.23
C ASN E 279 -60.77 -54.02 -1.64
N ARG E 280 -59.52 -53.54 -1.81
CA ARG E 280 -58.38 -54.23 -1.22
C ARG E 280 -58.43 -54.21 0.30
N ASN E 281 -59.11 -53.23 0.88
CA ASN E 281 -59.37 -53.25 2.31
C ASN E 281 -60.43 -54.27 2.71
N ASN E 282 -61.25 -54.71 1.76
CA ASN E 282 -62.32 -55.68 2.03
C ASN E 282 -61.97 -57.07 1.48
N GLU E 283 -60.69 -57.39 1.42
CA GLU E 283 -60.25 -58.66 0.85
C GLU E 283 -60.69 -59.83 1.72
N ARG E 284 -61.04 -60.94 1.08
CA ARG E 284 -61.52 -62.13 1.78
C ARG E 284 -61.00 -63.36 1.04
N LYS E 285 -60.24 -64.19 1.73
CA LYS E 285 -59.66 -65.39 1.14
C LYS E 285 -60.57 -66.59 1.35
N ASN E 286 -60.51 -67.53 0.41
CA ASN E 286 -61.31 -68.74 0.45
C ASN E 286 -60.52 -69.86 1.15
N LYS E 287 -60.95 -71.10 0.93
CA LYS E 287 -60.21 -72.25 1.45
C LYS E 287 -58.85 -72.40 0.78
N ASP E 288 -58.69 -71.91 -0.45
CA ASP E 288 -57.43 -72.01 -1.17
C ASP E 288 -56.50 -70.83 -0.89
N ASN E 289 -56.86 -69.97 0.08
CA ASN E 289 -56.10 -68.78 0.46
C ASN E 289 -55.90 -67.83 -0.72
N GLU E 290 -56.93 -67.70 -1.54
CA GLU E 290 -56.97 -66.87 -2.73
C GLU E 290 -58.26 -66.06 -2.74
N HIS E 291 -58.16 -64.80 -3.18
CA HIS E 291 -59.24 -63.85 -3.00
C HIS E 291 -60.33 -64.07 -4.04
N ILE E 292 -61.56 -64.28 -3.57
CA ILE E 292 -62.72 -64.52 -4.42
C ILE E 292 -63.72 -63.40 -4.18
N TRP E 293 -64.23 -62.82 -5.26
CA TRP E 293 -65.20 -61.72 -5.19
C TRP E 293 -66.43 -62.05 -6.02
N SER E 294 -67.52 -61.36 -5.70
CA SER E 294 -68.82 -61.57 -6.34
C SER E 294 -69.36 -60.26 -6.88
N ASP E 295 -69.66 -60.23 -8.17
CA ASP E 295 -70.26 -59.07 -8.82
C ASP E 295 -71.60 -59.48 -9.44
N GLU E 296 -72.18 -58.55 -10.23
CA GLU E 296 -73.49 -58.81 -10.81
C GLU E 296 -73.45 -59.91 -11.87
N GLU E 297 -72.34 -60.01 -12.63
CA GLU E 297 -72.14 -61.14 -13.53
C GLU E 297 -71.39 -62.28 -12.84
N GLY E 298 -71.93 -62.72 -11.71
CA GLY E 298 -71.42 -63.91 -11.05
C GLY E 298 -70.22 -63.64 -10.17
N ASN E 299 -69.50 -64.72 -9.88
CA ASN E 299 -68.33 -64.69 -9.03
C ASN E 299 -67.06 -64.77 -9.89
N PHE E 300 -65.95 -64.30 -9.31
CA PHE E 300 -64.68 -64.29 -10.03
C PHE E 300 -63.52 -64.35 -9.04
N LYS E 301 -62.34 -64.60 -9.58
CA LYS E 301 -61.11 -64.72 -8.80
C LYS E 301 -60.18 -63.56 -9.13
N PHE E 302 -59.45 -63.10 -8.10
CA PHE E 302 -58.57 -61.95 -8.23
C PHE E 302 -57.40 -62.27 -9.16
N ASP E 303 -57.35 -61.61 -10.31
CA ASP E 303 -56.38 -61.95 -11.33
C ASP E 303 -55.96 -60.68 -12.06
N ASN E 304 -54.80 -60.75 -12.72
CA ASN E 304 -54.25 -59.60 -13.42
C ASN E 304 -55.12 -59.20 -14.61
N GLU E 305 -55.68 -60.19 -15.33
CA GLU E 305 -56.61 -59.89 -16.42
C GLU E 305 -58.01 -59.58 -15.94
N ASN E 306 -58.29 -59.82 -14.65
CA ASN E 306 -59.65 -59.75 -14.12
C ASN E 306 -59.88 -58.55 -13.21
N ALA E 307 -58.82 -57.93 -12.70
CA ALA E 307 -58.91 -56.84 -11.73
C ALA E 307 -59.52 -55.56 -12.28
N HIS E 308 -59.92 -55.56 -13.56
CA HIS E 308 -60.69 -54.46 -14.13
C HIS E 308 -62.08 -54.34 -13.51
N ARG E 309 -62.58 -55.39 -12.88
CA ARG E 309 -63.94 -55.40 -12.33
C ARG E 309 -63.99 -54.97 -10.87
N LEU E 310 -62.86 -54.59 -10.28
CA LEU E 310 -62.83 -54.13 -8.89
C LEU E 310 -63.03 -52.64 -8.75
N PHE E 311 -63.21 -51.92 -9.86
CA PHE E 311 -63.42 -50.48 -9.79
C PHE E 311 -64.87 -50.10 -9.51
N LYS E 312 -65.79 -51.05 -9.60
CA LYS E 312 -67.18 -50.80 -9.25
C LYS E 312 -67.35 -50.84 -7.74
N GLU E 313 -68.28 -50.03 -7.24
CA GLU E 313 -68.58 -50.04 -5.81
C GLU E 313 -69.53 -51.18 -5.43
N ASN E 314 -70.22 -51.76 -6.40
CA ASN E 314 -71.23 -52.80 -6.14
C ASN E 314 -70.64 -54.20 -6.35
N VAL E 315 -69.63 -54.50 -5.55
CA VAL E 315 -68.99 -55.81 -5.56
C VAL E 315 -68.82 -56.28 -4.11
N THR E 316 -69.16 -57.55 -3.85
CA THR E 316 -69.14 -58.08 -2.50
C THR E 316 -68.02 -59.08 -2.32
N PRO E 317 -67.39 -59.13 -1.14
CA PRO E 317 -66.33 -60.12 -0.89
C PRO E 317 -66.93 -61.49 -0.63
N ASP E 318 -66.53 -62.48 -1.42
CA ASP E 318 -67.01 -63.86 -1.27
C ASP E 318 -65.87 -64.68 -0.67
N GLY E 319 -65.77 -64.66 0.66
CA GLY E 319 -64.72 -65.40 1.32
C GLY E 319 -64.98 -65.49 2.81
N SER E 320 -64.12 -66.24 3.49
CA SER E 320 -64.24 -66.47 4.92
C SER E 320 -63.08 -65.85 5.70
N SER E 321 -61.84 -66.20 5.37
CA SER E 321 -60.70 -65.68 6.10
C SER E 321 -60.38 -64.26 5.67
N ALA E 322 -59.79 -63.50 6.60
CA ALA E 322 -59.43 -62.12 6.34
C ALA E 322 -58.31 -62.04 5.30
N GLY E 323 -58.40 -61.04 4.42
CA GLY E 323 -57.48 -60.92 3.31
C GLY E 323 -56.12 -60.41 3.72
N ALA E 324 -55.23 -60.31 2.72
CA ALA E 324 -53.86 -59.86 2.97
C ALA E 324 -53.81 -58.38 3.32
N LEU E 325 -54.75 -57.58 2.79
CA LEU E 325 -54.80 -56.16 3.06
C LEU E 325 -56.12 -55.76 3.72
N ASN E 326 -56.75 -56.71 4.42
CA ASN E 326 -58.03 -56.45 5.07
C ASN E 326 -57.80 -55.73 6.39
N GLY E 327 -58.27 -54.49 6.48
CA GLY E 327 -58.22 -53.71 7.69
C GLY E 327 -57.03 -52.80 7.84
N LYS E 328 -55.96 -53.02 7.09
CA LYS E 328 -54.76 -52.20 7.17
C LYS E 328 -54.73 -51.10 6.12
N LEU E 329 -55.80 -50.94 5.34
CA LEU E 329 -55.90 -49.87 4.37
C LEU E 329 -57.02 -48.89 4.69
N LEU E 330 -57.59 -48.94 5.90
CA LEU E 330 -58.67 -48.03 6.25
C LEU E 330 -58.17 -46.60 6.42
N ASN E 331 -56.99 -46.43 7.03
CA ASN E 331 -56.40 -45.10 7.14
C ASN E 331 -55.88 -44.58 5.80
N PHE E 332 -55.61 -45.47 4.86
CA PHE E 332 -55.15 -45.05 3.54
C PHE E 332 -56.26 -44.37 2.75
N VAL E 333 -57.44 -44.99 2.71
CA VAL E 333 -58.56 -44.42 1.97
C VAL E 333 -59.03 -43.12 2.63
N ASP E 334 -58.96 -43.06 3.96
CA ASP E 334 -59.31 -41.83 4.66
C ASP E 334 -58.36 -40.69 4.31
N ARG E 335 -57.10 -41.01 4.02
CA ARG E 335 -56.17 -39.99 3.56
C ARG E 335 -56.45 -39.60 2.10
N LEU E 336 -56.72 -40.59 1.26
CA LEU E 336 -56.88 -40.33 -0.17
C LEU E 336 -58.19 -39.60 -0.46
N GLN E 337 -59.27 -39.98 0.22
CA GLN E 337 -60.54 -39.28 0.02
C GLN E 337 -60.50 -37.86 0.58
N SER E 338 -59.65 -37.61 1.59
CA SER E 338 -59.50 -36.26 2.11
C SER E 338 -58.84 -35.32 1.12
N LYS E 339 -58.10 -35.86 0.15
CA LYS E 339 -57.42 -35.02 -0.84
C LYS E 339 -58.31 -34.68 -2.03
N ILE E 340 -59.19 -35.60 -2.43
CA ILE E 340 -60.02 -35.38 -3.62
C ILE E 340 -61.10 -34.33 -3.33
N PHE E 341 -61.82 -34.48 -2.23
CA PHE E 341 -62.84 -33.52 -1.85
C PHE E 341 -62.28 -32.36 -1.04
N ASP E 342 -60.96 -32.19 -1.02
CA ASP E 342 -60.37 -30.97 -0.47
C ASP E 342 -60.68 -29.80 -1.40
N LYS E 343 -61.18 -28.70 -0.82
CA LYS E 343 -61.55 -27.55 -1.64
C LYS E 343 -60.32 -26.81 -2.16
N ARG E 344 -59.19 -26.90 -1.45
CA ARG E 344 -57.97 -26.29 -1.94
C ARG E 344 -57.38 -27.07 -3.11
N LEU E 345 -57.67 -28.37 -3.19
CA LEU E 345 -57.16 -29.24 -4.26
C LEU E 345 -58.20 -29.51 -5.33
N ASP E 346 -59.32 -28.76 -5.35
CA ASP E 346 -60.35 -28.96 -6.35
C ASP E 346 -59.88 -28.57 -7.75
N PHE E 347 -58.89 -27.68 -7.86
CA PHE E 347 -58.37 -27.29 -9.16
C PHE E 347 -57.54 -28.40 -9.81
N ILE E 348 -57.09 -29.39 -9.04
CA ILE E 348 -56.43 -30.55 -9.60
C ILE E 348 -57.19 -31.85 -9.34
N LEU E 349 -58.14 -31.88 -8.42
CA LEU E 349 -58.84 -33.12 -8.08
C LEU E 349 -60.35 -32.96 -8.10
N GLY E 350 -60.86 -31.94 -8.79
CA GLY E 350 -62.29 -31.76 -8.92
C GLY E 350 -62.90 -32.64 -9.99
N GLU E 351 -64.20 -32.46 -10.19
CA GLU E 351 -64.89 -33.18 -11.25
C GLU E 351 -64.43 -32.73 -12.63
N GLY E 352 -64.10 -31.45 -12.78
CA GLY E 352 -63.59 -30.95 -14.04
C GLY E 352 -62.21 -31.45 -14.39
N SER E 353 -61.42 -31.87 -13.40
CA SER E 353 -60.10 -32.41 -13.68
C SER E 353 -60.17 -33.78 -14.32
N LYS E 354 -61.25 -34.53 -14.07
CA LYS E 354 -61.44 -35.81 -14.73
C LYS E 354 -61.94 -35.62 -16.16
N SER E 355 -62.79 -34.62 -16.39
CA SER E 355 -63.45 -34.44 -17.68
C SER E 355 -62.68 -33.55 -18.64
N VAL E 356 -61.58 -32.94 -18.20
CA VAL E 356 -60.80 -32.08 -19.09
C VAL E 356 -59.97 -32.94 -20.02
N THR E 357 -60.04 -32.64 -21.31
CA THR E 357 -59.23 -33.39 -22.27
C THR E 357 -57.80 -32.88 -22.27
N PHE E 358 -56.91 -33.68 -22.86
CA PHE E 358 -55.49 -33.35 -22.87
C PHE E 358 -55.19 -32.17 -23.79
N LYS E 359 -55.95 -32.03 -24.87
CA LYS E 359 -55.71 -30.95 -25.83
C LYS E 359 -56.07 -29.59 -25.23
N GLU E 360 -57.22 -29.50 -24.56
CA GLU E 360 -57.66 -28.23 -24.01
C GLU E 360 -56.96 -27.88 -22.70
N THR E 361 -56.25 -28.82 -22.09
CA THR E 361 -55.38 -28.50 -20.95
C THR E 361 -54.28 -27.54 -21.38
N LEU E 362 -53.63 -27.82 -22.51
CA LEU E 362 -52.61 -26.93 -23.04
C LEU E 362 -53.21 -25.69 -23.68
N GLU E 363 -54.48 -25.73 -24.10
CA GLU E 363 -55.16 -24.52 -24.53
C GLU E 363 -55.32 -23.55 -23.36
N THR E 364 -55.59 -24.08 -22.17
CA THR E 364 -55.66 -23.25 -20.98
C THR E 364 -54.29 -22.71 -20.60
N LEU E 365 -53.25 -23.54 -20.71
CA LEU E 365 -51.93 -23.16 -20.23
C LEU E 365 -51.23 -22.16 -21.15
N ILE E 366 -51.48 -22.24 -22.46
CA ILE E 366 -50.79 -21.40 -23.44
C ILE E 366 -51.71 -20.31 -23.97
N SER E 367 -52.96 -20.25 -23.51
CA SER E 367 -54.00 -19.33 -24.00
C SER E 367 -54.21 -19.50 -25.50
N TYR E 368 -54.43 -20.75 -25.89
CA TYR E 368 -54.81 -21.11 -27.25
C TYR E 368 -56.26 -21.56 -27.34
N GLY E 369 -57.06 -21.31 -26.31
CA GLY E 369 -58.44 -21.74 -26.27
C GLY E 369 -59.39 -20.77 -26.94
N LYS E 370 -60.55 -20.53 -26.33
CA LYS E 370 -61.53 -19.66 -26.97
C LYS E 370 -61.13 -18.19 -26.90
N ASP E 371 -60.41 -17.79 -25.85
CA ASP E 371 -59.89 -16.43 -25.70
C ASP E 371 -58.38 -16.49 -25.84
N LYS E 372 -57.89 -16.21 -27.04
CA LYS E 372 -56.45 -16.27 -27.29
C LYS E 372 -55.76 -15.08 -26.63
N SER E 373 -54.59 -15.33 -26.05
CA SER E 373 -53.82 -14.27 -25.40
C SER E 373 -52.34 -14.57 -25.53
N ASN E 374 -51.55 -13.51 -25.66
CA ASN E 374 -50.10 -13.66 -25.74
C ASN E 374 -49.49 -14.07 -24.41
N ILE E 375 -50.09 -13.62 -23.30
CA ILE E 375 -49.52 -13.80 -21.98
C ILE E 375 -50.50 -14.58 -21.12
N THR E 376 -50.02 -15.65 -20.49
CA THR E 376 -50.81 -16.45 -19.56
C THR E 376 -50.18 -16.34 -18.17
N ILE E 377 -50.95 -15.83 -17.21
CA ILE E 377 -50.51 -15.74 -15.83
C ILE E 377 -51.16 -16.89 -15.05
N LEU E 378 -50.33 -17.77 -14.50
CA LEU E 378 -50.80 -18.82 -13.61
C LEU E 378 -50.62 -18.31 -12.19
N ASP E 379 -51.69 -17.74 -11.63
CA ASP E 379 -51.67 -17.22 -10.27
C ASP E 379 -51.68 -18.39 -9.30
N VAL E 380 -50.52 -18.74 -8.78
CA VAL E 380 -50.38 -19.90 -7.91
C VAL E 380 -50.35 -19.49 -6.44
N SER E 381 -50.90 -18.32 -6.11
CA SER E 381 -51.00 -17.91 -4.71
C SER E 381 -51.94 -18.81 -3.94
N GLY E 382 -53.05 -19.24 -4.57
CA GLY E 382 -53.98 -20.15 -3.91
C GLY E 382 -53.53 -21.59 -3.85
N VAL E 383 -52.48 -21.95 -4.57
CA VAL E 383 -51.98 -23.32 -4.53
C VAL E 383 -51.25 -23.56 -3.21
N PRO E 384 -51.59 -24.61 -2.46
CA PRO E 384 -50.86 -24.89 -1.22
C PRO E 384 -49.43 -25.34 -1.49
N PHE E 385 -48.58 -25.13 -0.47
CA PHE E 385 -47.18 -25.54 -0.57
C PHE E 385 -47.00 -27.05 -0.70
N GLU E 386 -47.96 -27.85 -0.22
CA GLU E 386 -47.83 -29.30 -0.34
C GLU E 386 -47.93 -29.76 -1.78
N VAL E 387 -48.65 -29.01 -2.63
CA VAL E 387 -48.80 -29.34 -4.04
C VAL E 387 -48.25 -28.24 -4.94
N LEU E 388 -47.54 -27.25 -4.37
CA LEU E 388 -46.97 -26.18 -5.18
C LEU E 388 -45.88 -26.68 -6.09
N SER E 389 -44.98 -27.52 -5.58
CA SER E 389 -43.94 -28.11 -6.43
C SER E 389 -44.55 -29.10 -7.42
N ILE E 390 -45.64 -29.75 -7.06
CA ILE E 390 -46.28 -30.71 -7.95
C ILE E 390 -46.91 -30.00 -9.14
N CYS E 391 -47.59 -28.88 -8.89
CA CYS E 391 -48.31 -28.17 -9.94
C CYS E 391 -47.38 -27.39 -10.85
N VAL E 392 -46.32 -26.80 -10.29
CA VAL E 392 -45.34 -26.09 -11.10
C VAL E 392 -44.59 -27.05 -12.01
N SER E 393 -44.20 -28.21 -11.48
CA SER E 393 -43.52 -29.21 -12.29
C SER E 393 -44.45 -29.83 -13.33
N LEU E 394 -45.75 -29.87 -13.05
CA LEU E 394 -46.71 -30.37 -14.03
C LEU E 394 -46.79 -29.44 -15.24
N ILE E 395 -46.91 -28.14 -14.99
CA ILE E 395 -47.03 -27.18 -16.08
C ILE E 395 -45.69 -27.06 -16.84
N SER E 396 -44.59 -27.04 -16.09
CA SER E 396 -43.27 -26.87 -16.71
C SER E 396 -42.92 -28.07 -17.60
N ARG E 397 -43.26 -29.27 -17.17
CA ARG E 397 -43.07 -30.45 -18.01
C ARG E 397 -43.99 -30.43 -19.22
N LEU E 398 -45.24 -29.98 -19.03
CA LEU E 398 -46.20 -29.91 -20.12
C LEU E 398 -45.78 -28.92 -21.19
N ILE E 399 -45.28 -27.75 -20.79
CA ILE E 399 -44.87 -26.75 -21.76
C ILE E 399 -43.59 -27.20 -22.47
N PHE E 400 -42.66 -27.83 -21.74
CA PHE E 400 -41.40 -28.27 -22.34
C PHE E 400 -41.62 -29.33 -23.40
N GLU E 401 -42.44 -30.35 -23.09
CA GLU E 401 -42.73 -31.36 -24.10
C GLU E 401 -43.68 -30.85 -25.17
N PHE E 402 -44.40 -29.74 -24.93
CA PHE E 402 -45.12 -29.08 -26.01
C PHE E 402 -44.15 -28.52 -27.04
N GLY E 403 -43.09 -27.85 -26.59
CA GLY E 403 -42.07 -27.38 -27.51
C GLY E 403 -41.18 -28.48 -28.03
N TYR E 404 -40.97 -29.53 -27.22
CA TYR E 404 -40.20 -30.69 -27.68
C TYR E 404 -40.91 -31.41 -28.81
N HIS E 405 -42.23 -31.60 -28.68
CA HIS E 405 -43.00 -32.20 -29.76
C HIS E 405 -43.34 -31.21 -30.87
N SER E 406 -43.13 -29.91 -30.63
CA SER E 406 -43.26 -28.92 -31.69
C SER E 406 -42.06 -28.94 -32.64
N LYS E 407 -40.96 -29.56 -32.23
CA LYS E 407 -39.77 -29.64 -33.07
C LYS E 407 -39.63 -31.00 -33.74
N LYS E 408 -40.40 -32.00 -33.32
CA LYS E 408 -40.50 -33.23 -34.08
C LYS E 408 -41.33 -33.08 -35.33
N ILE E 409 -42.26 -32.13 -35.36
CA ILE E 409 -43.04 -31.90 -36.57
C ILE E 409 -42.33 -31.00 -37.55
N LYS E 410 -41.31 -30.27 -37.12
CA LYS E 410 -40.74 -29.26 -37.99
C LYS E 410 -39.80 -29.89 -39.00
N ARG E 411 -39.09 -30.95 -38.60
CA ARG E 411 -38.19 -31.65 -39.49
C ARG E 411 -38.92 -32.52 -40.52
N LYS E 412 -40.18 -32.88 -40.27
CA LYS E 412 -40.96 -33.62 -41.25
C LYS E 412 -41.82 -32.71 -42.13
N SER E 413 -42.56 -31.79 -41.54
CA SER E 413 -43.44 -30.92 -42.31
C SER E 413 -42.69 -29.84 -43.07
N ASN E 414 -41.43 -29.57 -42.71
CA ASN E 414 -40.50 -28.72 -43.46
C ASN E 414 -40.99 -27.28 -43.59
N GLU E 415 -41.75 -26.79 -42.63
CA GLU E 415 -42.20 -25.40 -42.58
C GLU E 415 -41.27 -24.60 -41.68
N ASN E 416 -41.22 -23.29 -41.89
CA ASN E 416 -40.39 -22.44 -41.04
C ASN E 416 -41.15 -21.86 -39.85
N GLN E 417 -42.46 -22.07 -39.76
CA GLN E 417 -43.27 -21.48 -38.70
C GLN E 417 -43.18 -22.31 -37.43
N ASP E 418 -43.03 -21.64 -36.28
CA ASP E 418 -42.94 -22.36 -35.02
C ASP E 418 -43.40 -21.47 -33.88
N ILE E 419 -43.58 -22.11 -32.73
CA ILE E 419 -44.18 -21.50 -31.54
C ILE E 419 -43.14 -21.42 -30.43
N PRO E 420 -42.50 -20.26 -30.23
CA PRO E 420 -41.57 -20.11 -29.10
C PRO E 420 -42.30 -19.65 -27.84
N ILE E 421 -41.84 -20.15 -26.69
CA ILE E 421 -42.50 -19.89 -25.41
C ILE E 421 -41.45 -19.47 -24.38
N LEU E 422 -41.71 -18.35 -23.71
CA LEU E 422 -40.95 -17.94 -22.53
C LEU E 422 -41.77 -18.22 -21.29
N ILE E 423 -41.11 -18.76 -20.26
CA ILE E 423 -41.76 -19.06 -18.98
C ILE E 423 -41.13 -18.17 -17.92
N VAL E 424 -41.92 -17.26 -17.35
CA VAL E 424 -41.44 -16.37 -16.31
C VAL E 424 -41.61 -17.07 -14.98
N TYR E 425 -40.50 -17.39 -14.32
CA TYR E 425 -40.52 -18.00 -12.99
C TYR E 425 -40.26 -16.90 -11.97
N GLU E 426 -41.33 -16.18 -11.62
CA GLU E 426 -41.22 -15.17 -10.59
C GLU E 426 -41.10 -15.83 -9.22
N GLU E 427 -40.16 -15.33 -8.42
CA GLU E 427 -39.67 -15.99 -7.20
C GLU E 427 -39.21 -17.41 -7.51
N ALA E 428 -38.20 -17.49 -8.39
CA ALA E 428 -37.70 -18.77 -8.87
C ALA E 428 -36.94 -19.55 -7.81
N HIS E 429 -36.51 -18.88 -6.72
CA HIS E 429 -35.82 -19.59 -5.65
C HIS E 429 -36.76 -20.53 -4.91
N LYS E 430 -38.06 -20.25 -4.92
CA LYS E 430 -39.02 -21.15 -4.29
C LYS E 430 -39.17 -22.44 -5.11
N TYR E 431 -39.32 -22.31 -6.42
CA TYR E 431 -39.51 -23.49 -7.26
C TYR E 431 -38.20 -24.23 -7.52
N ALA E 432 -37.07 -23.53 -7.55
CA ALA E 432 -35.77 -24.14 -7.81
C ALA E 432 -34.79 -23.73 -6.71
N PRO E 433 -34.86 -24.38 -5.54
CA PRO E 433 -33.99 -23.99 -4.44
C PRO E 433 -32.57 -24.51 -4.61
N LYS E 434 -31.65 -23.90 -3.86
CA LYS E 434 -30.31 -24.45 -3.73
C LYS E 434 -30.33 -25.81 -3.04
N SER E 435 -31.11 -25.92 -1.97
CA SER E 435 -31.14 -27.15 -1.19
C SER E 435 -31.81 -28.28 -1.97
N ASP E 436 -31.32 -29.50 -1.75
CA ASP E 436 -31.84 -30.69 -2.42
C ASP E 436 -32.91 -31.40 -1.62
N LEU E 437 -33.68 -30.66 -0.82
CA LEU E 437 -34.79 -31.25 -0.07
C LEU E 437 -35.87 -31.72 -1.03
N SER E 438 -36.52 -32.83 -0.67
CA SER E 438 -37.47 -33.49 -1.56
C SER E 438 -38.79 -32.74 -1.69
N LYS E 439 -39.03 -31.71 -0.87
CA LYS E 439 -40.27 -30.94 -0.98
C LYS E 439 -40.36 -30.19 -2.30
N TYR E 440 -39.25 -29.59 -2.75
CA TYR E 440 -39.20 -28.91 -4.04
C TYR E 440 -38.34 -29.66 -5.04
N ARG E 441 -38.28 -30.99 -4.93
CA ARG E 441 -37.44 -31.79 -5.83
C ARG E 441 -38.04 -31.87 -7.23
N THR E 442 -39.35 -32.11 -7.32
CA THR E 442 -39.97 -32.33 -8.63
C THR E 442 -40.00 -31.04 -9.45
N SER E 443 -40.24 -29.91 -8.80
CA SER E 443 -40.26 -28.64 -9.51
C SER E 443 -38.86 -28.17 -9.90
N LYS E 444 -37.82 -28.64 -9.21
CA LYS E 444 -36.47 -28.24 -9.54
C LYS E 444 -36.00 -28.88 -10.84
N GLU E 445 -36.28 -30.17 -11.03
CA GLU E 445 -35.85 -30.84 -12.26
C GLU E 445 -36.67 -30.42 -13.45
N ALA E 446 -37.91 -29.95 -13.23
CA ALA E 446 -38.71 -29.44 -14.34
C ALA E 446 -38.13 -28.14 -14.88
N ILE E 447 -37.71 -27.24 -13.98
CA ILE E 447 -37.03 -26.02 -14.40
C ILE E 447 -35.66 -26.35 -14.99
N GLU E 448 -34.97 -27.33 -14.40
CA GLU E 448 -33.65 -27.72 -14.89
C GLU E 448 -33.73 -28.36 -16.28
N ARG E 449 -34.82 -29.07 -16.57
CA ARG E 449 -35.02 -29.60 -17.92
C ARG E 449 -35.19 -28.47 -18.93
N ILE E 450 -35.95 -27.44 -18.56
CA ILE E 450 -36.16 -26.30 -19.44
C ILE E 450 -34.88 -25.47 -19.57
N ALA E 451 -34.13 -25.34 -18.47
CA ALA E 451 -32.92 -24.51 -18.48
C ALA E 451 -31.83 -25.10 -19.36
N LYS E 452 -31.70 -26.43 -19.37
CA LYS E 452 -30.65 -27.07 -20.16
C LYS E 452 -31.14 -27.48 -21.55
N GLU E 453 -32.23 -28.25 -21.61
CA GLU E 453 -32.69 -28.82 -22.86
C GLU E 453 -33.65 -27.92 -23.63
N GLY E 454 -34.31 -26.98 -22.95
CA GLY E 454 -35.36 -26.21 -23.59
C GLY E 454 -34.90 -25.14 -24.55
N ARG E 455 -33.61 -24.83 -24.57
CA ARG E 455 -33.08 -23.88 -25.56
C ARG E 455 -33.22 -24.43 -26.97
N LYS E 456 -32.99 -25.73 -27.14
CA LYS E 456 -33.11 -26.34 -28.46
C LYS E 456 -34.57 -26.44 -28.91
N TYR E 457 -35.48 -26.73 -27.97
CA TYR E 457 -36.86 -27.07 -28.30
C TYR E 457 -37.80 -25.88 -28.26
N GLY E 458 -37.29 -24.67 -28.06
CA GLY E 458 -38.13 -23.49 -28.09
C GLY E 458 -38.97 -23.26 -26.87
N VAL E 459 -38.54 -23.71 -25.70
CA VAL E 459 -39.17 -23.39 -24.43
C VAL E 459 -38.05 -22.91 -23.52
N THR E 460 -37.93 -21.60 -23.36
CA THR E 460 -36.94 -21.01 -22.48
C THR E 460 -37.62 -20.33 -21.30
N LEU E 461 -36.82 -19.86 -20.36
CA LEU E 461 -37.34 -19.38 -19.10
C LEU E 461 -36.73 -18.05 -18.70
N LEU E 462 -37.49 -17.29 -17.93
CA LEU E 462 -37.04 -16.04 -17.32
C LEU E 462 -37.06 -16.24 -15.81
N LEU E 463 -35.87 -16.21 -15.19
CA LEU E 463 -35.76 -16.43 -13.76
C LEU E 463 -35.82 -15.08 -13.06
N ALA E 464 -36.99 -14.76 -12.52
CA ALA E 464 -37.18 -13.54 -11.73
C ALA E 464 -37.21 -13.93 -10.26
N SER E 465 -36.21 -13.48 -9.51
CA SER E 465 -36.12 -13.85 -8.10
C SER E 465 -35.71 -12.65 -7.27
N GLN E 466 -36.36 -12.48 -6.13
CA GLN E 466 -35.97 -11.44 -5.19
C GLN E 466 -34.68 -11.79 -4.48
N ARG E 467 -34.38 -13.09 -4.34
CA ARG E 467 -33.21 -13.59 -3.62
C ARG E 467 -32.47 -14.54 -4.55
N PRO E 468 -31.54 -14.03 -5.37
CA PRO E 468 -30.84 -14.88 -6.35
C PRO E 468 -29.96 -15.95 -5.72
N SER E 469 -29.49 -15.75 -4.49
CA SER E 469 -28.53 -16.69 -3.90
C SER E 469 -29.14 -18.03 -3.53
N GLU E 470 -30.47 -18.17 -3.57
CA GLU E 470 -31.11 -19.44 -3.26
C GLU E 470 -31.57 -20.20 -4.49
N ILE E 471 -31.26 -19.73 -5.70
CA ILE E 471 -31.50 -20.52 -6.90
C ILE E 471 -30.37 -21.51 -7.09
N SER E 472 -30.66 -22.63 -7.75
CA SER E 472 -29.64 -23.63 -8.01
C SER E 472 -28.61 -23.10 -9.00
N GLU E 473 -27.34 -23.46 -8.75
CA GLU E 473 -26.27 -23.04 -9.64
C GLU E 473 -26.37 -23.70 -11.01
N THR E 474 -26.91 -24.92 -11.06
CA THR E 474 -27.06 -25.62 -12.34
C THR E 474 -28.19 -25.03 -13.19
N ILE E 475 -29.06 -24.23 -12.58
CA ILE E 475 -30.15 -23.58 -13.31
C ILE E 475 -29.85 -22.11 -13.58
N PHE E 476 -29.27 -21.42 -12.60
CA PHE E 476 -28.96 -19.99 -12.74
C PHE E 476 -27.85 -19.75 -13.76
N SER E 477 -26.94 -20.71 -13.93
CA SER E 477 -25.86 -20.56 -14.88
C SER E 477 -26.26 -20.90 -16.31
N GLN E 478 -27.40 -21.55 -16.52
CA GLN E 478 -27.88 -21.78 -17.88
C GLN E 478 -28.40 -20.51 -18.52
N CYS E 479 -28.70 -19.49 -17.72
CA CYS E 479 -29.04 -18.19 -18.27
C CYS E 479 -27.80 -17.55 -18.91
N ASN E 480 -28.03 -16.79 -19.98
CA ASN E 480 -26.97 -16.08 -20.67
C ASN E 480 -27.07 -14.57 -20.52
N THR E 481 -28.27 -14.02 -20.60
CA THR E 481 -28.51 -12.60 -20.36
C THR E 481 -28.92 -12.42 -18.91
N PHE E 482 -28.28 -11.46 -18.23
CA PHE E 482 -28.51 -11.25 -16.81
C PHE E 482 -28.89 -9.79 -16.58
N ILE E 483 -29.95 -9.58 -15.81
CA ILE E 483 -30.46 -8.26 -15.50
C ILE E 483 -30.41 -8.13 -13.98
N SER E 484 -29.39 -7.43 -13.49
CA SER E 484 -29.13 -7.31 -12.07
C SER E 484 -29.56 -5.93 -11.59
N MET E 485 -30.63 -5.89 -10.79
CA MET E 485 -31.03 -4.68 -10.10
C MET E 485 -30.27 -4.58 -8.78
N ARG E 486 -30.74 -3.71 -7.88
CA ARG E 486 -30.12 -3.52 -6.58
C ARG E 486 -30.15 -4.82 -5.78
N LEU E 487 -29.04 -5.14 -5.13
CA LEU E 487 -28.90 -6.34 -4.31
C LEU E 487 -28.27 -5.95 -2.99
N THR E 488 -29.08 -5.90 -1.93
CA THR E 488 -28.58 -5.49 -0.62
C THR E 488 -27.90 -6.64 0.13
N ASN E 489 -28.33 -7.88 -0.12
CA ASN E 489 -27.77 -9.03 0.59
C ASN E 489 -26.41 -9.37 0.01
N PRO E 490 -25.34 -9.37 0.81
CA PRO E 490 -24.03 -9.80 0.28
C PRO E 490 -23.97 -11.26 -0.13
N ASP E 491 -24.87 -12.09 0.40
CA ASP E 491 -25.00 -13.46 -0.11
C ASP E 491 -25.52 -13.44 -1.55
N ASP E 492 -26.45 -12.52 -1.85
CA ASP E 492 -26.92 -12.36 -3.22
C ASP E 492 -25.82 -11.83 -4.12
N GLN E 493 -25.01 -10.88 -3.62
CA GLN E 493 -24.00 -10.24 -4.46
C GLN E 493 -22.87 -11.19 -4.79
N ASN E 494 -22.41 -11.98 -3.82
CA ASN E 494 -21.35 -12.94 -4.07
C ASN E 494 -21.81 -14.06 -5.00
N TYR E 495 -23.09 -14.44 -4.89
CA TYR E 495 -23.64 -15.42 -5.82
C TYR E 495 -23.75 -14.86 -7.24
N VAL E 496 -24.22 -13.62 -7.37
CA VAL E 496 -24.45 -13.04 -8.68
C VAL E 496 -23.12 -12.73 -9.37
N LYS E 497 -22.17 -12.13 -8.64
CA LYS E 497 -20.90 -11.73 -9.24
C LYS E 497 -20.08 -12.93 -9.70
N ARG E 498 -20.15 -14.04 -8.97
CA ARG E 498 -19.40 -15.23 -9.35
C ARG E 498 -19.98 -15.88 -10.60
N LEU E 499 -21.32 -15.91 -10.71
CA LEU E 499 -21.98 -16.57 -11.82
C LEU E 499 -22.23 -15.65 -13.01
N LEU E 500 -21.77 -14.40 -12.95
CA LEU E 500 -22.09 -13.43 -13.98
C LEU E 500 -21.12 -13.59 -15.15
N PRO E 501 -21.61 -13.43 -16.39
CA PRO E 501 -20.73 -13.71 -17.55
C PRO E 501 -19.62 -12.70 -17.77
N ASP E 502 -19.86 -11.42 -17.48
CA ASP E 502 -18.89 -10.35 -17.68
C ASP E 502 -18.64 -9.68 -16.32
N THR E 503 -17.96 -8.53 -16.36
CA THR E 503 -17.79 -7.71 -15.17
C THR E 503 -17.82 -6.23 -15.57
N VAL E 504 -18.16 -5.38 -14.60
CA VAL E 504 -18.14 -3.94 -14.76
C VAL E 504 -17.27 -3.40 -13.63
N GLY E 505 -16.84 -2.12 -13.77
CA GLY E 505 -15.66 -1.63 -13.07
C GLY E 505 -15.73 -1.70 -11.55
N ASP E 506 -16.86 -1.30 -10.97
CA ASP E 506 -17.03 -1.29 -9.52
C ASP E 506 -18.33 -1.98 -9.12
N ILE E 507 -18.52 -3.19 -9.64
CA ILE E 507 -19.73 -3.98 -9.42
C ILE E 507 -19.93 -4.36 -7.96
N THR E 508 -18.85 -4.41 -7.16
CA THR E 508 -18.99 -4.75 -5.75
C THR E 508 -19.68 -3.63 -4.97
N ASN E 509 -19.43 -2.38 -5.36
CA ASN E 509 -20.01 -1.23 -4.66
C ASN E 509 -21.30 -0.71 -5.28
N LEU E 510 -21.57 -1.03 -6.55
CA LEU E 510 -22.76 -0.50 -7.20
C LEU E 510 -23.98 -1.40 -7.06
N LEU E 511 -23.78 -2.70 -6.85
CA LEU E 511 -24.92 -3.60 -6.64
C LEU E 511 -25.76 -3.23 -5.41
N PRO E 512 -25.21 -2.82 -4.26
CA PRO E 512 -26.06 -2.17 -3.26
C PRO E 512 -26.58 -0.80 -3.70
N SER E 513 -25.83 -0.09 -4.54
CA SER E 513 -26.09 1.32 -4.80
C SER E 513 -26.97 1.56 -6.02
N LEU E 514 -27.50 0.52 -6.64
CA LEU E 514 -28.40 0.70 -7.77
C LEU E 514 -29.72 1.30 -7.30
N LYS E 515 -30.17 2.36 -7.97
CA LYS E 515 -31.36 3.07 -7.55
C LYS E 515 -32.61 2.37 -8.06
N GLU E 516 -33.76 3.02 -7.91
CA GLU E 516 -35.03 2.42 -8.30
C GLU E 516 -35.15 2.40 -9.82
N GLY E 517 -35.40 1.22 -10.38
CA GLY E 517 -35.50 1.07 -11.82
C GLY E 517 -34.18 0.96 -12.55
N GLU E 518 -33.07 0.98 -11.83
CA GLU E 518 -31.75 0.86 -12.46
C GLU E 518 -31.28 -0.58 -12.42
N ALA E 519 -30.89 -1.10 -13.57
CA ALA E 519 -30.46 -2.48 -13.73
C ALA E 519 -29.10 -2.51 -14.41
N LEU E 520 -28.63 -3.72 -14.72
CA LEU E 520 -27.38 -3.91 -15.43
C LEU E 520 -27.60 -5.03 -16.44
N ILE E 521 -27.88 -4.67 -17.69
CA ILE E 521 -28.12 -5.66 -18.73
C ILE E 521 -26.78 -6.11 -19.29
N MET E 522 -26.57 -7.42 -19.34
CA MET E 522 -25.24 -7.98 -19.58
C MET E 522 -25.38 -9.43 -19.98
N GLY E 523 -24.55 -9.84 -20.95
CA GLY E 523 -24.63 -11.18 -21.48
C GLY E 523 -24.45 -11.28 -22.98
N ASP E 524 -25.10 -12.26 -23.60
CA ASP E 524 -24.92 -12.51 -25.03
C ASP E 524 -25.63 -11.47 -25.87
N SER E 525 -26.81 -11.02 -25.44
CA SER E 525 -27.63 -10.13 -26.26
C SER E 525 -27.10 -8.70 -26.27
N ILE E 526 -26.40 -8.27 -25.23
CA ILE E 526 -25.91 -6.90 -25.15
C ILE E 526 -24.39 -6.93 -25.07
N SER E 527 -23.74 -6.25 -26.01
CA SER E 527 -22.28 -6.36 -26.15
C SER E 527 -21.56 -5.66 -25.02
N ILE E 528 -22.01 -4.46 -24.64
CA ILE E 528 -21.35 -3.67 -23.59
C ILE E 528 -22.19 -3.80 -22.32
N PRO E 529 -21.67 -4.45 -21.26
CA PRO E 529 -22.40 -4.48 -19.99
C PRO E 529 -22.53 -3.08 -19.41
N SER E 530 -23.76 -2.57 -19.39
CA SER E 530 -24.02 -1.17 -19.09
C SER E 530 -25.08 -1.04 -18.01
N ILE E 531 -25.04 0.09 -17.30
CA ILE E 531 -26.04 0.41 -16.29
C ILE E 531 -27.16 1.19 -16.98
N VAL E 532 -28.36 0.63 -16.97
CA VAL E 532 -29.48 1.20 -17.69
C VAL E 532 -30.54 1.64 -16.69
N LYS E 533 -31.52 2.38 -17.20
CA LYS E 533 -32.74 2.70 -16.46
C LYS E 533 -33.91 2.09 -17.23
N ILE E 534 -34.63 1.16 -16.59
CA ILE E 534 -35.73 0.47 -17.24
C ILE E 534 -36.87 1.44 -17.51
N GLU E 535 -37.54 1.26 -18.64
CA GLU E 535 -38.65 2.13 -19.03
C GLU E 535 -39.77 2.07 -18.00
N LYS E 536 -40.38 3.22 -17.74
CA LYS E 536 -41.39 3.33 -16.70
C LYS E 536 -42.66 2.59 -17.12
N CYS E 537 -43.21 1.79 -16.21
CA CYS E 537 -44.39 0.99 -16.49
C CYS E 537 -45.63 1.88 -16.48
N THR E 538 -46.25 2.06 -17.64
CA THR E 538 -47.53 2.77 -17.68
C THR E 538 -48.66 1.94 -17.07
N ILE E 539 -48.50 0.62 -17.02
CA ILE E 539 -49.40 -0.28 -16.30
C ILE E 539 -48.56 -1.03 -15.28
N PRO E 540 -48.36 -0.49 -14.08
CA PRO E 540 -47.44 -1.12 -13.14
C PRO E 540 -48.07 -2.36 -12.50
N PRO E 541 -47.25 -3.30 -12.04
CA PRO E 541 -47.79 -4.47 -11.35
C PRO E 541 -48.37 -4.10 -9.99
N SER E 542 -49.14 -5.03 -9.44
CA SER E 542 -49.71 -4.88 -8.09
C SER E 542 -48.57 -4.95 -7.09
N SER E 543 -48.15 -3.81 -6.59
CA SER E 543 -47.03 -3.76 -5.64
C SER E 543 -47.45 -4.33 -4.30
N ILE E 544 -46.50 -5.00 -3.64
CA ILE E 544 -46.72 -5.56 -2.31
C ILE E 544 -45.99 -4.69 -1.31
N ASP E 545 -46.76 -4.03 -0.45
CA ASP E 545 -46.28 -3.19 0.64
C ASP E 545 -47.45 -2.90 1.58
N ILE E 546 -47.12 -2.57 2.82
CA ILE E 546 -48.09 -2.14 3.80
C ILE E 546 -47.63 -0.80 4.36
N LYS E 547 -48.42 0.23 4.13
CA LYS E 547 -48.14 1.55 4.69
C LYS E 547 -48.39 1.47 6.18
N TYR E 548 -47.32 1.23 6.95
CA TYR E 548 -47.46 0.90 8.37
C TYR E 548 -48.07 2.05 9.15
N LEU E 549 -47.54 3.27 8.96
CA LEU E 549 -48.05 4.41 9.69
C LEU E 549 -49.49 4.75 9.30
N ASP E 550 -49.85 4.51 8.04
CA ASP E 550 -51.25 4.66 7.63
C ASP E 550 -52.14 3.64 8.34
N GLU E 551 -51.67 2.39 8.45
CA GLU E 551 -52.44 1.37 9.14
C GLU E 551 -52.37 1.56 10.66
N TRP E 552 -51.21 1.98 11.19
CA TRP E 552 -51.07 2.09 12.63
C TRP E 552 -51.82 3.30 13.18
N ARG E 553 -52.01 4.33 12.37
CA ARG E 553 -52.79 5.49 12.80
C ARG E 553 -54.27 5.16 12.93
N LYS E 554 -54.74 4.07 12.31
CA LYS E 554 -56.11 3.62 12.52
C LYS E 554 -56.28 3.16 13.95
N GLU E 555 -57.52 3.23 14.44
CA GLU E 555 -57.80 2.73 15.77
C GLU E 555 -57.69 1.20 15.81
N TRP E 556 -57.73 0.67 17.03
CA TRP E 556 -57.39 -0.74 17.27
C TRP E 556 -58.35 -1.67 16.53
N VAL E 557 -57.80 -2.46 15.61
CA VAL E 557 -58.62 -3.36 14.80
C VAL E 557 -59.08 -4.52 15.67
N ASP E 558 -60.39 -4.68 15.80
CA ASP E 558 -61.00 -5.72 16.62
C ASP E 558 -61.65 -6.83 15.81
N SER E 559 -62.28 -6.49 14.68
CA SER E 559 -63.07 -7.48 13.95
C SER E 559 -62.20 -8.49 13.22
N GLU E 560 -61.14 -8.03 12.56
CA GLU E 560 -60.33 -8.90 11.70
C GLU E 560 -59.16 -9.51 12.48
N PHE E 561 -59.48 -10.17 13.58
CA PHE E 561 -58.51 -11.00 14.30
C PHE E 561 -58.96 -12.44 14.46
N ASP E 562 -60.23 -12.67 14.81
CA ASP E 562 -60.73 -14.03 14.98
C ASP E 562 -60.92 -14.74 13.65
N LYS E 563 -60.98 -14.00 12.54
CA LYS E 563 -61.04 -14.63 11.23
C LYS E 563 -59.72 -15.32 10.90
N ILE E 564 -58.60 -14.72 11.33
CA ILE E 564 -57.28 -15.29 11.06
C ILE E 564 -57.08 -16.57 11.86
N ILE E 565 -57.61 -16.61 13.09
CA ILE E 565 -57.41 -17.77 13.96
C ILE E 565 -58.19 -18.97 13.44
N GLU E 566 -59.43 -18.75 12.99
CA GLU E 566 -60.31 -19.85 12.60
C GLU E 566 -59.89 -20.51 11.29
N GLN E 567 -59.18 -19.79 10.42
CA GLN E 567 -58.75 -20.36 9.14
C GLN E 567 -57.40 -21.06 9.23
N TRP E 568 -56.68 -20.88 10.33
CA TRP E 568 -55.40 -21.56 10.55
C TRP E 568 -55.62 -23.06 10.75
N ASN F 5 36.54 11.97 17.77
CA ASN F 5 37.17 10.78 18.32
C ASN F 5 36.78 9.54 17.52
N ASP F 6 36.88 8.37 18.16
CA ASP F 6 36.63 7.10 17.47
C ASP F 6 35.18 7.00 17.00
N ILE F 7 34.24 7.40 17.84
CA ILE F 7 32.83 7.50 17.46
C ILE F 7 32.30 8.85 17.92
N ASN F 8 31.63 9.56 17.00
CA ASN F 8 30.89 10.77 17.30
C ASN F 8 29.51 10.61 16.67
N ALA F 9 28.61 9.95 17.40
CA ALA F 9 27.25 9.70 16.95
C ALA F 9 26.29 10.31 17.96
N GLU F 10 25.16 10.80 17.46
CA GLU F 10 24.20 11.44 18.34
C GLU F 10 22.80 11.29 17.77
N VAL F 11 21.81 11.37 18.67
CA VAL F 11 20.42 11.23 18.30
C VAL F 11 19.92 12.54 17.69
N VAL F 12 19.37 12.45 16.49
CA VAL F 12 18.81 13.61 15.80
C VAL F 12 17.29 13.58 15.78
N SER F 13 16.66 12.48 16.16
CA SER F 13 15.21 12.36 16.13
C SER F 13 14.76 11.34 17.17
N VAL F 14 13.68 11.67 17.86
CA VAL F 14 13.08 10.78 18.86
C VAL F 14 11.62 10.56 18.51
N SER F 15 11.24 9.30 18.35
CA SER F 15 9.88 8.84 18.29
C SER F 15 9.53 8.16 19.61
N PRO F 16 8.25 7.83 19.84
CA PRO F 16 7.91 7.05 21.06
C PRO F 16 8.62 5.71 21.17
N ASN F 17 8.91 5.05 20.05
CA ASN F 17 9.61 3.78 20.09
C ASN F 17 10.66 3.68 18.98
N LYS F 18 11.31 4.80 18.65
CA LYS F 18 12.29 4.80 17.57
C LYS F 18 13.28 5.95 17.79
N LEU F 19 14.56 5.66 17.63
CA LEU F 19 15.62 6.65 17.68
C LEU F 19 16.33 6.72 16.34
N LYS F 20 16.75 7.91 15.94
CA LYS F 20 17.46 8.13 14.70
C LYS F 20 18.83 8.70 15.06
N ILE F 21 19.88 7.92 14.87
CA ILE F 21 21.23 8.27 15.29
C ILE F 21 22.06 8.64 14.07
N SER F 22 22.69 9.80 14.11
CA SER F 22 23.56 10.28 13.03
C SER F 22 25.01 10.14 13.47
N VAL F 23 25.74 9.25 12.80
CA VAL F 23 27.18 9.14 13.02
C VAL F 23 27.89 10.21 12.20
N ASP F 24 28.71 11.03 12.85
CA ASP F 24 29.26 12.21 12.21
C ASP F 24 30.71 12.06 11.79
N ASP F 25 31.57 11.45 12.61
CA ASP F 25 32.99 11.35 12.30
C ASP F 25 33.41 9.92 11.99
N LEU F 26 33.24 9.00 12.94
CA LEU F 26 33.62 7.58 12.82
C LEU F 26 35.08 7.45 12.36
N GLU F 27 35.98 7.87 13.25
CA GLU F 27 37.42 7.80 12.93
C GLU F 27 37.90 6.36 12.95
N GLU F 28 37.58 5.61 14.00
CA GLU F 28 37.98 4.22 14.12
C GLU F 28 37.00 3.35 13.34
N PHE F 29 37.47 2.75 12.25
CA PHE F 29 36.61 1.94 11.40
C PHE F 29 36.23 0.62 12.05
N LYS F 30 36.97 0.20 13.08
CA LYS F 30 36.72 -1.08 13.73
C LYS F 30 35.42 -1.06 14.52
N ILE F 31 35.00 0.12 14.99
CA ILE F 31 33.77 0.24 15.77
C ILE F 31 32.56 -0.09 14.90
N ALA F 32 32.55 0.38 13.66
CA ALA F 32 31.39 0.23 12.80
C ALA F 32 31.15 -1.22 12.39
N GLU F 33 32.21 -2.04 12.35
CA GLU F 33 32.07 -3.40 11.85
C GLU F 33 31.32 -4.29 12.83
N GLU F 34 31.65 -4.22 14.13
CA GLU F 34 31.02 -5.10 15.10
C GLU F 34 30.06 -4.40 16.06
N LYS F 35 30.27 -3.11 16.35
CA LYS F 35 29.49 -2.45 17.38
C LYS F 35 28.36 -1.58 16.83
N LEU F 36 28.35 -1.30 15.53
CA LEU F 36 27.28 -0.53 14.90
C LEU F 36 26.42 -1.37 13.98
N GLY F 37 26.47 -2.70 14.11
CA GLY F 37 25.65 -3.56 13.30
C GLY F 37 24.22 -3.61 13.79
N VAL F 38 23.36 -4.23 12.97
CA VAL F 38 21.95 -4.37 13.32
C VAL F 38 21.81 -5.40 14.42
N GLY F 39 21.14 -5.01 15.51
CA GLY F 39 21.01 -5.85 16.69
C GLY F 39 22.00 -5.53 17.78
N SER F 40 23.04 -4.75 17.49
CA SER F 40 23.96 -4.30 18.52
C SER F 40 23.31 -3.19 19.33
N TYR F 41 23.84 -3.00 20.54
CA TYR F 41 23.23 -2.11 21.52
C TYR F 41 24.05 -0.84 21.66
N LEU F 42 23.37 0.30 21.61
CA LEU F 42 23.98 1.61 21.82
C LEU F 42 23.53 2.17 23.17
N ARG F 43 24.37 3.00 23.75
CA ARG F 43 24.02 3.76 24.94
C ARG F 43 23.80 5.20 24.55
N VAL F 44 22.74 5.80 25.07
CA VAL F 44 22.26 7.12 24.66
C VAL F 44 22.19 8.00 25.91
N SER F 45 23.11 8.94 26.02
CA SER F 45 23.18 9.81 27.20
C SER F 45 24.02 11.03 26.88
N ASP F 46 23.93 12.02 27.77
CA ASP F 46 24.88 13.12 27.82
C ASP F 46 25.83 13.00 29.00
N ASN F 47 25.67 11.97 29.83
CA ASN F 47 26.52 11.73 31.00
C ASN F 47 26.93 10.27 31.01
N GLN F 48 27.78 9.90 31.97
CA GLN F 48 28.39 8.59 32.00
C GLN F 48 27.78 7.67 33.06
N ASP F 49 26.66 8.04 33.66
CA ASP F 49 26.08 7.20 34.70
C ASP F 49 24.61 6.84 34.44
N VAL F 50 23.85 7.73 33.82
CA VAL F 50 22.45 7.49 33.50
C VAL F 50 22.29 7.53 32.00
N ALA F 51 21.83 6.43 31.41
CA ALA F 51 21.80 6.31 29.96
C ALA F 51 20.60 5.50 29.51
N LEU F 52 20.14 5.79 28.29
CA LEU F 52 19.25 4.91 27.56
C LEU F 52 20.04 3.75 26.96
N LEU F 53 19.33 2.68 26.65
CA LEU F 53 19.88 1.59 25.85
C LEU F 53 19.01 1.38 24.63
N ALA F 54 19.63 1.35 23.45
CA ALA F 54 18.92 1.22 22.20
C ALA F 54 19.57 0.15 21.35
N ILE F 55 18.75 -0.72 20.76
CA ILE F 55 19.21 -1.78 19.86
C ILE F 55 19.03 -1.29 18.44
N ILE F 56 20.08 -1.43 17.61
CA ILE F 56 20.01 -0.96 16.24
C ILE F 56 19.09 -1.85 15.42
N ASP F 57 18.09 -1.24 14.78
CA ASP F 57 17.20 -1.94 13.88
C ASP F 57 17.58 -1.80 12.41
N ASN F 58 18.13 -0.65 12.04
CA ASN F 58 18.51 -0.39 10.65
C ASN F 58 19.57 0.69 10.63
N PHE F 59 20.28 0.76 9.51
CA PHE F 59 21.26 1.81 9.30
C PHE F 59 21.40 2.05 7.79
N SER F 60 22.00 3.18 7.44
CA SER F 60 22.19 3.53 6.03
C SER F 60 23.39 4.47 5.94
N ILE F 61 24.48 3.99 5.37
CA ILE F 61 25.68 4.80 5.19
C ILE F 61 25.65 5.35 3.78
N GLU F 62 25.22 6.60 3.65
CA GLU F 62 25.12 7.27 2.36
C GLU F 62 26.33 8.16 2.16
N VAL F 63 27.02 7.99 1.04
CA VAL F 63 28.20 8.80 0.73
C VAL F 63 27.99 9.44 -0.64
N LYS F 64 28.60 10.60 -0.83
CA LYS F 64 28.45 11.35 -2.07
C LYS F 64 29.75 12.08 -2.36
N GLU F 65 29.79 12.70 -3.56
CA GLU F 65 31.04 13.25 -4.07
C GLU F 65 31.51 14.45 -3.26
N SER F 66 30.64 15.42 -3.03
CA SER F 66 31.04 16.67 -2.40
C SER F 66 30.67 16.77 -0.93
N GLN F 67 29.55 16.18 -0.53
CA GLN F 67 29.10 16.24 0.85
C GLN F 67 29.76 15.17 1.69
N LYS F 68 29.67 15.35 3.01
CA LYS F 68 30.25 14.40 3.95
C LYS F 68 29.40 13.13 4.00
N GLN F 69 29.97 12.09 4.61
CA GLN F 69 29.31 10.80 4.67
C GLN F 69 28.09 10.87 5.59
N LYS F 70 26.96 10.36 5.10
CA LYS F 70 25.70 10.39 5.84
C LYS F 70 25.46 9.01 6.43
N TYR F 71 26.00 8.79 7.62
CA TYR F 71 25.82 7.53 8.34
C TYR F 71 24.67 7.76 9.32
N MET F 72 23.53 7.15 9.04
CA MET F 72 22.31 7.34 9.81
C MET F 72 21.83 6.00 10.33
N ILE F 73 21.52 5.93 11.62
CA ILE F 73 21.21 4.68 12.31
C ILE F 73 19.80 4.76 12.90
N GLU F 74 18.99 3.76 12.59
CA GLU F 74 17.70 3.57 13.25
C GLU F 74 17.87 2.63 14.45
N ALA F 75 17.44 3.08 15.62
CA ALA F 75 17.50 2.28 16.83
C ALA F 75 16.20 2.44 17.61
N SER F 76 15.94 1.48 18.49
CA SER F 76 14.74 1.50 19.31
C SER F 76 15.14 1.35 20.77
N PRO F 77 14.68 2.24 21.65
CA PRO F 77 15.01 2.10 23.08
C PRO F 77 14.40 0.85 23.69
N ILE F 78 15.16 0.21 24.58
CA ILE F 78 14.68 -0.96 25.30
C ILE F 78 14.66 -0.77 26.80
N GLY F 79 15.49 0.10 27.35
CA GLY F 79 15.56 0.22 28.79
C GLY F 79 16.37 1.41 29.23
N LEU F 80 16.87 1.33 30.46
CA LEU F 80 17.53 2.45 31.09
C LEU F 80 18.62 1.94 32.03
N VAL F 81 19.81 2.52 31.93
CA VAL F 81 20.89 2.15 32.84
C VAL F 81 21.07 3.31 33.81
N LYS F 82 20.71 3.09 35.07
CA LYS F 82 20.98 4.03 36.16
C LYS F 82 22.07 3.45 37.04
N ASN F 83 23.29 4.00 36.94
CA ASN F 83 24.42 3.68 37.81
C ASN F 83 24.77 2.19 37.78
N GLY F 84 24.82 1.64 36.56
CA GLY F 84 25.19 0.25 36.37
C GLY F 84 24.06 -0.74 36.49
N LYS F 85 22.85 -0.30 36.81
CA LYS F 85 21.69 -1.18 36.92
C LYS F 85 20.74 -0.90 35.77
N PHE F 86 20.29 -1.97 35.11
CA PHE F 86 19.45 -1.86 33.91
C PHE F 86 18.00 -2.10 34.28
N TYR F 87 17.14 -1.14 33.91
CA TYR F 87 15.70 -1.25 34.13
C TYR F 87 15.01 -1.22 32.77
N ARG F 88 14.17 -2.21 32.52
CA ARG F 88 13.49 -2.32 31.23
C ARG F 88 12.41 -1.25 31.09
N GLY F 89 11.98 -1.05 29.86
CA GLY F 89 10.98 -0.04 29.55
C GLY F 89 11.49 1.03 28.62
N GLY F 90 10.96 1.06 27.39
CA GLY F 90 11.42 2.01 26.39
C GLY F 90 10.59 3.28 26.32
N ASP F 91 9.81 3.54 27.36
CA ASP F 91 8.99 4.75 27.42
C ASP F 91 9.74 5.95 27.97
N SER F 92 10.99 5.77 28.41
CA SER F 92 11.78 6.89 28.90
C SER F 92 12.17 7.81 27.74
N LEU F 93 12.12 9.11 27.99
CA LEU F 93 12.36 10.12 26.97
C LEU F 93 13.77 10.68 27.11
N ALA F 94 14.50 10.74 26.00
CA ALA F 94 15.80 11.38 25.93
C ALA F 94 15.70 12.48 24.87
N LEU F 95 15.63 13.73 25.32
CA LEU F 95 15.46 14.85 24.40
C LEU F 95 16.73 15.04 23.57
N PRO F 96 16.62 15.22 22.25
CA PRO F 96 17.80 15.34 21.42
C PRO F 96 18.44 16.70 21.60
N PRO F 97 19.75 16.83 21.31
CA PRO F 97 20.69 15.79 20.90
C PRO F 97 21.33 15.08 22.09
N LYS F 98 21.50 13.77 21.97
CA LYS F 98 22.15 12.97 23.00
C LYS F 98 23.26 12.17 22.33
N LYS F 99 24.49 12.29 22.86
CA LYS F 99 25.62 11.62 22.24
C LYS F 99 25.48 10.10 22.38
N VAL F 100 25.96 9.39 21.38
CA VAL F 100 25.75 7.95 21.27
C VAL F 100 27.10 7.28 21.08
N GLU F 101 27.41 6.33 21.96
CA GLU F 101 28.56 5.46 21.86
C GLU F 101 28.07 4.03 22.03
N PRO F 102 28.80 3.05 21.48
CA PRO F 102 28.40 1.65 21.66
C PRO F 102 28.41 1.24 23.12
N ALA F 103 27.45 0.39 23.48
CA ALA F 103 27.32 -0.05 24.87
C ALA F 103 28.49 -0.95 25.26
N LYS F 104 28.92 -0.81 26.51
CA LYS F 104 30.03 -1.61 27.01
C LYS F 104 29.58 -3.06 27.21
N LEU F 105 30.58 -3.93 27.45
CA LEU F 105 30.30 -5.35 27.63
C LEU F 105 29.48 -5.59 28.90
N ASP F 106 29.75 -4.84 29.96
CA ASP F 106 29.00 -4.98 31.19
C ASP F 106 27.57 -4.44 31.08
N GLU F 107 27.34 -3.48 30.18
CA GLU F 107 25.98 -2.94 30.02
C GLU F 107 25.09 -3.92 29.27
N ILE F 108 25.61 -4.54 28.20
CA ILE F 108 24.83 -5.53 27.47
C ILE F 108 24.59 -6.78 28.31
N ILE F 109 25.57 -7.15 29.14
CA ILE F 109 25.39 -8.25 30.08
C ILE F 109 24.28 -7.91 31.09
N SER F 110 24.23 -6.64 31.52
CA SER F 110 23.21 -6.20 32.47
C SER F 110 21.81 -6.19 31.86
N ILE F 111 21.69 -6.24 30.53
CA ILE F 111 20.37 -6.35 29.92
C ILE F 111 19.74 -7.70 30.24
N TYR F 112 20.54 -8.77 30.17
CA TYR F 112 20.02 -10.13 30.27
C TYR F 112 20.31 -10.79 31.61
N SER F 113 20.98 -10.09 32.53
CA SER F 113 21.35 -10.69 33.80
C SER F 113 20.88 -9.92 35.03
N ASP F 114 20.40 -8.68 34.87
CA ASP F 114 19.93 -7.91 36.01
C ASP F 114 18.49 -8.18 36.37
N SER F 115 17.70 -8.73 35.45
CA SER F 115 16.33 -9.13 35.76
C SER F 115 16.28 -10.42 36.56
N ILE F 116 17.39 -11.14 36.66
CA ILE F 116 17.48 -12.40 37.39
C ILE F 116 18.47 -12.24 38.53
N ASP F 117 18.14 -12.80 39.68
CA ASP F 117 19.05 -12.79 40.81
C ASP F 117 20.29 -13.62 40.51
N ILE F 118 21.41 -13.25 41.13
CA ILE F 118 22.69 -13.91 40.88
C ILE F 118 22.63 -15.37 41.32
N ASN F 119 21.93 -15.64 42.41
CA ASN F 119 21.72 -17.01 42.85
C ASN F 119 20.78 -17.78 41.93
N ASP F 120 20.00 -17.08 41.10
CA ASP F 120 18.96 -17.71 40.29
C ASP F 120 19.37 -17.94 38.84
N ARG F 121 20.51 -17.43 38.40
CA ARG F 121 20.89 -17.53 37.00
C ARG F 121 21.33 -18.94 36.63
N PHE F 122 20.87 -19.40 35.47
CA PHE F 122 21.27 -20.70 34.90
C PHE F 122 21.60 -20.45 33.43
N THR F 123 22.89 -20.45 33.09
CA THR F 123 23.33 -20.09 31.75
C THR F 123 23.68 -21.35 30.97
N PHE F 124 23.09 -21.50 29.79
CA PHE F 124 23.46 -22.54 28.85
C PHE F 124 23.74 -21.99 27.45
N SER F 125 23.69 -20.68 27.27
CA SER F 125 23.82 -20.10 25.94
C SER F 125 24.29 -18.65 26.07
N SER F 126 24.77 -18.11 24.96
CA SER F 126 25.16 -16.72 24.84
C SER F 126 24.40 -16.10 23.68
N LEU F 127 24.44 -14.76 23.60
CA LEU F 127 23.73 -14.05 22.54
C LEU F 127 24.31 -14.39 21.17
N SER F 128 23.42 -14.51 20.19
CA SER F 128 23.84 -14.86 18.83
C SER F 128 24.64 -13.74 18.19
N LEU F 129 24.25 -12.49 18.43
CA LEU F 129 24.94 -11.34 17.87
C LEU F 129 26.12 -10.87 18.71
N ASN F 130 26.27 -11.41 19.93
CA ASN F 130 27.41 -11.07 20.77
C ASN F 130 27.68 -12.29 21.66
N THR F 131 28.63 -13.13 21.26
CA THR F 131 28.90 -14.36 21.99
C THR F 131 29.58 -14.09 23.34
N LYS F 132 30.12 -12.89 23.55
CA LYS F 132 30.72 -12.54 24.83
C LYS F 132 29.67 -12.25 25.90
N VAL F 133 28.42 -12.07 25.53
CA VAL F 133 27.35 -11.78 26.47
C VAL F 133 26.52 -13.03 26.68
N SER F 134 26.53 -13.56 27.90
CA SER F 134 25.72 -14.71 28.24
C SER F 134 24.26 -14.30 28.41
N VAL F 135 23.36 -15.24 28.15
CA VAL F 135 21.94 -15.01 28.30
C VAL F 135 21.41 -15.96 29.36
N PRO F 136 21.41 -15.57 30.63
CA PRO F 136 20.89 -16.47 31.68
C PRO F 136 19.38 -16.55 31.66
N VAL F 137 18.87 -17.63 32.25
CA VAL F 137 17.45 -17.79 32.52
C VAL F 137 17.28 -18.00 34.02
N ASN F 138 16.08 -17.72 34.51
CA ASN F 138 15.76 -17.99 35.90
C ASN F 138 15.72 -19.49 36.11
N GLY F 139 16.77 -20.03 36.75
CA GLY F 139 16.95 -21.47 36.82
C GLY F 139 15.87 -22.19 37.59
N ASN F 140 15.32 -21.57 38.63
CA ASN F 140 14.13 -22.11 39.26
C ASN F 140 12.96 -22.10 38.28
N ARG F 141 12.68 -20.95 37.69
CA ARG F 141 11.56 -20.81 36.77
C ARG F 141 11.79 -21.49 35.43
N PHE F 142 13.03 -21.86 35.11
CA PHE F 142 13.29 -22.59 33.88
C PHE F 142 12.75 -24.01 33.95
N PHE F 143 12.99 -24.70 35.06
CA PHE F 143 12.71 -26.12 35.15
C PHE F 143 11.39 -26.47 35.83
N ASN F 144 10.95 -25.67 36.82
CA ASN F 144 9.72 -26.02 37.53
C ASN F 144 8.48 -25.85 36.65
N LYS F 145 8.57 -25.01 35.63
CA LYS F 145 7.59 -25.00 34.55
C LYS F 145 8.19 -25.73 33.35
N HIS F 146 7.31 -26.34 32.57
CA HIS F 146 7.74 -27.28 31.54
C HIS F 146 8.45 -26.58 30.39
N ILE F 147 9.33 -27.32 29.72
CA ILE F 147 10.21 -26.78 28.69
C ILE F 147 9.87 -27.46 27.37
N ALA F 148 9.83 -26.68 26.29
CA ALA F 148 9.60 -27.20 24.94
C ALA F 148 10.78 -26.79 24.07
N ILE F 149 11.59 -27.78 23.67
CA ILE F 149 12.75 -27.55 22.81
C ILE F 149 12.43 -28.17 21.46
N VAL F 150 12.21 -27.34 20.45
CA VAL F 150 11.75 -27.79 19.15
C VAL F 150 12.70 -27.24 18.07
N GLY F 151 13.02 -28.08 17.09
CA GLY F 151 13.91 -27.68 16.01
C GLY F 151 13.85 -28.67 14.87
N SER F 152 14.37 -28.25 13.73
CA SER F 152 14.34 -29.06 12.52
C SER F 152 15.49 -30.06 12.52
N THR F 153 15.68 -30.73 11.38
CA THR F 153 16.71 -31.75 11.26
C THR F 153 18.10 -31.14 11.14
N GLY F 154 19.02 -31.62 11.97
CA GLY F 154 20.39 -31.13 11.93
C GLY F 154 20.59 -29.75 12.51
N SER F 155 19.59 -29.19 13.17
CA SER F 155 19.67 -27.84 13.72
C SER F 155 20.24 -27.82 15.14
N GLY F 156 20.64 -28.97 15.68
CA GLY F 156 21.16 -29.00 17.03
C GLY F 156 20.12 -29.06 18.12
N LYS F 157 18.93 -29.59 17.81
CA LYS F 157 17.90 -29.74 18.84
C LYS F 157 18.34 -30.74 19.90
N SER F 158 18.92 -31.86 19.48
CA SER F 158 19.45 -32.82 20.43
C SER F 158 20.70 -32.29 21.12
N HIS F 159 21.43 -31.39 20.46
CA HIS F 159 22.58 -30.76 21.09
C HIS F 159 22.15 -29.76 22.15
N THR F 160 21.07 -29.01 21.88
CA THR F 160 20.56 -28.05 22.85
C THR F 160 20.01 -28.75 24.08
N VAL F 161 19.32 -29.88 23.89
CA VAL F 161 18.79 -30.65 25.01
C VAL F 161 19.93 -31.19 25.86
N ALA F 162 20.94 -31.77 25.22
CA ALA F 162 22.04 -32.40 25.96
C ALA F 162 22.88 -31.37 26.70
N LYS F 163 23.08 -30.19 26.10
CA LYS F 163 23.86 -29.14 26.76
C LYS F 163 23.16 -28.62 28.01
N ILE F 164 21.83 -28.46 27.95
CA ILE F 164 21.07 -27.92 29.08
C ILE F 164 21.13 -28.86 30.27
N LEU F 165 20.97 -30.16 30.02
CA LEU F 165 21.07 -31.13 31.11
C LEU F 165 22.50 -31.28 31.61
N GLN F 166 23.50 -31.04 30.75
CA GLN F 166 24.89 -31.10 31.18
C GLN F 166 25.21 -30.00 32.18
N LYS F 167 24.68 -28.80 31.97
CA LYS F 167 24.86 -27.74 32.96
C LYS F 167 24.03 -27.98 34.21
N ALA F 168 22.96 -28.77 34.11
CA ALA F 168 22.16 -29.09 35.30
C ALA F 168 22.93 -30.00 36.25
N VAL F 169 23.64 -31.00 35.72
CA VAL F 169 24.50 -31.82 36.56
C VAL F 169 25.70 -31.03 37.04
N ASP F 170 26.18 -30.07 36.24
CA ASP F 170 27.30 -29.24 36.65
C ASP F 170 26.90 -28.11 37.58
N GLU F 171 25.60 -27.89 37.78
CA GLU F 171 25.13 -26.84 38.71
C GLU F 171 25.16 -27.41 40.11
N LYS F 172 26.26 -27.18 40.82
CA LYS F 172 26.46 -27.75 42.15
C LYS F 172 26.74 -26.65 43.15
N GLN F 173 26.26 -26.84 44.37
CA GLN F 173 26.62 -25.97 45.47
C GLN F 173 28.01 -26.32 45.99
N GLU F 174 28.63 -25.35 46.64
CA GLU F 174 29.97 -25.56 47.17
C GLU F 174 29.92 -26.30 48.49
N GLY F 175 31.07 -26.84 48.90
CA GLY F 175 31.18 -27.61 50.12
C GLY F 175 31.00 -29.09 49.98
N TYR F 176 30.84 -29.61 48.75
CA TYR F 176 30.68 -31.04 48.56
C TYR F 176 31.26 -31.44 47.21
N LYS F 177 31.62 -32.71 47.10
CA LYS F 177 32.02 -33.33 45.85
C LYS F 177 31.10 -34.51 45.56
N GLY F 178 31.17 -35.00 44.32
CA GLY F 178 30.34 -36.12 43.92
C GLY F 178 29.06 -35.70 43.22
N LEU F 179 28.02 -36.52 43.35
CA LEU F 179 26.76 -36.25 42.66
C LEU F 179 26.03 -35.09 43.30
N ASN F 180 25.42 -34.25 42.45
CA ASN F 180 24.52 -33.21 42.91
C ASN F 180 23.09 -33.75 42.87
N ASN F 181 22.13 -32.93 43.30
CA ASN F 181 20.76 -33.37 43.47
C ASN F 181 19.91 -33.22 42.21
N SER F 182 20.53 -33.30 41.04
CA SER F 182 19.77 -33.28 39.80
C SER F 182 19.21 -34.66 39.49
N HIS F 183 17.96 -34.70 39.01
CA HIS F 183 17.30 -35.96 38.65
C HIS F 183 16.63 -35.75 37.29
N ILE F 184 17.28 -36.20 36.23
CA ILE F 184 16.80 -36.03 34.87
C ILE F 184 16.58 -37.40 34.25
N ILE F 185 15.41 -37.58 33.63
CA ILE F 185 15.05 -38.82 32.95
C ILE F 185 14.82 -38.51 31.48
N ILE F 186 15.45 -39.28 30.61
CA ILE F 186 15.38 -39.07 29.17
C ILE F 186 14.75 -40.29 28.52
N PHE F 187 13.70 -40.06 27.72
CA PHE F 187 13.10 -41.11 26.89
C PHE F 187 13.77 -41.05 25.53
N ASP F 188 14.84 -41.83 25.38
CA ASP F 188 15.66 -41.81 24.17
C ASP F 188 15.15 -42.88 23.21
N ILE F 189 14.60 -42.44 22.08
CA ILE F 189 14.02 -43.34 21.09
C ILE F 189 15.04 -43.61 20.00
N HIS F 190 15.93 -42.64 19.75
CA HIS F 190 16.94 -42.76 18.71
C HIS F 190 18.33 -43.09 19.24
N SER F 191 18.46 -43.29 20.56
CA SER F 191 19.71 -43.72 21.21
C SER F 191 20.85 -42.75 20.94
N GLU F 192 20.63 -41.47 21.26
CA GLU F 192 21.62 -40.44 21.01
C GLU F 192 22.28 -39.88 22.26
N TYR F 193 21.65 -40.03 23.43
CA TYR F 193 22.14 -39.40 24.66
C TYR F 193 23.00 -40.32 25.50
N GLU F 194 23.26 -41.55 25.04
CA GLU F 194 24.21 -42.41 25.75
C GLU F 194 25.62 -41.84 25.67
N ASN F 195 25.99 -41.32 24.50
CA ASN F 195 27.33 -40.74 24.32
C ASN F 195 27.43 -39.43 25.09
N ALA F 196 26.38 -38.60 25.03
CA ALA F 196 26.42 -37.27 25.62
C ALA F 196 26.53 -37.28 27.14
N PHE F 197 26.09 -38.35 27.79
CA PHE F 197 26.21 -38.50 29.24
C PHE F 197 26.86 -39.84 29.53
N PRO F 198 28.20 -39.89 29.56
CA PRO F 198 28.89 -41.18 29.74
C PRO F 198 28.80 -41.72 31.16
N ASN F 199 28.53 -40.89 32.16
CA ASN F 199 28.44 -41.32 33.55
C ASN F 199 27.02 -41.62 33.98
N SER F 200 26.09 -41.75 33.03
CA SER F 200 24.68 -41.95 33.33
C SER F 200 24.36 -43.44 33.40
N ASN F 201 23.09 -43.76 33.57
CA ASN F 201 22.58 -45.13 33.58
C ASN F 201 21.68 -45.32 32.36
N VAL F 202 22.28 -45.75 31.26
CA VAL F 202 21.52 -46.00 30.03
C VAL F 202 20.80 -47.33 30.16
N LEU F 203 19.50 -47.32 29.89
CA LEU F 203 18.65 -48.50 30.08
C LEU F 203 17.96 -48.83 28.75
N ASN F 204 18.52 -49.79 28.02
CA ASN F 204 17.85 -50.36 26.86
C ASN F 204 17.05 -51.58 27.31
N VAL F 205 16.52 -52.34 26.35
CA VAL F 205 15.67 -53.48 26.68
C VAL F 205 16.46 -54.64 27.29
N ASP F 206 17.79 -54.63 27.15
CA ASP F 206 18.59 -55.72 27.70
C ASP F 206 18.73 -55.63 29.21
N THR F 207 18.73 -54.42 29.78
CA THR F 207 18.90 -54.23 31.21
C THR F 207 17.65 -53.72 31.92
N LEU F 208 16.70 -53.13 31.20
CA LEU F 208 15.48 -52.63 31.83
C LEU F 208 14.61 -53.80 32.27
N THR F 209 14.11 -53.72 33.50
CA THR F 209 13.19 -54.72 34.05
C THR F 209 11.97 -53.94 34.53
N LEU F 210 11.01 -53.74 33.62
CA LEU F 210 9.76 -53.08 33.97
C LEU F 210 8.74 -54.13 34.41
N PRO F 211 8.23 -54.05 35.64
CA PRO F 211 7.24 -55.05 36.08
C PRO F 211 5.92 -54.85 35.36
N TYR F 212 5.40 -55.94 34.80
CA TYR F 212 4.14 -55.90 34.08
C TYR F 212 2.95 -55.64 35.00
N TRP F 213 3.07 -55.98 36.29
CA TRP F 213 1.95 -55.85 37.20
C TRP F 213 1.70 -54.43 37.67
N LEU F 214 2.61 -53.49 37.37
CA LEU F 214 2.37 -52.09 37.66
C LEU F 214 1.56 -51.39 36.58
N LEU F 215 1.27 -52.09 35.47
CA LEU F 215 0.36 -51.55 34.46
C LEU F 215 -1.07 -51.56 35.00
N ASN F 216 -1.85 -50.58 34.54
CA ASN F 216 -3.25 -50.50 34.94
C ASN F 216 -4.08 -51.40 34.03
N GLY F 217 -5.41 -51.27 34.12
CA GLY F 217 -6.29 -52.10 33.31
C GLY F 217 -6.20 -51.80 31.83
N ASP F 218 -5.99 -50.54 31.49
CA ASP F 218 -5.92 -50.15 30.08
C ASP F 218 -4.64 -50.65 29.43
N GLU F 219 -3.51 -50.54 30.14
CA GLU F 219 -2.23 -50.93 29.56
C GLU F 219 -2.05 -52.44 29.52
N LEU F 220 -2.68 -53.16 30.44
CA LEU F 220 -2.66 -54.62 30.39
C LEU F 220 -3.48 -55.16 29.23
N GLU F 221 -4.43 -54.38 28.73
CA GLU F 221 -5.30 -54.81 27.64
C GLU F 221 -4.79 -54.36 26.27
N GLU F 222 -3.63 -53.70 26.21
CA GLU F 222 -2.94 -53.45 24.96
C GLU F 222 -1.66 -54.25 24.82
N LEU F 223 -1.04 -54.62 25.94
CA LEU F 223 0.10 -55.52 25.91
C LEU F 223 -0.32 -56.95 25.55
N PHE F 224 -1.51 -57.36 25.96
CA PHE F 224 -1.94 -58.74 25.86
C PHE F 224 -3.11 -58.98 24.92
N LEU F 225 -3.99 -58.01 24.76
CA LEU F 225 -5.28 -58.22 24.10
C LEU F 225 -5.33 -57.53 22.75
N ASP F 226 -5.86 -58.23 21.76
CA ASP F 226 -6.14 -57.65 20.45
C ASP F 226 -7.51 -56.99 20.46
N THR F 227 -7.57 -55.76 19.95
CA THR F 227 -8.81 -54.99 19.99
C THR F 227 -9.69 -55.21 18.77
N GLU F 228 -9.14 -55.69 17.65
CA GLU F 228 -9.94 -55.87 16.45
C GLU F 228 -10.89 -57.05 16.59
N ALA F 229 -10.39 -58.17 17.09
CA ALA F 229 -11.23 -59.35 17.34
C ALA F 229 -11.65 -59.36 18.81
N ASN F 230 -12.53 -58.42 19.14
CA ASN F 230 -12.98 -58.23 20.51
C ASN F 230 -13.99 -59.31 20.86
N ASP F 231 -13.59 -60.24 21.72
CA ASP F 231 -14.47 -61.28 22.24
C ASP F 231 -14.66 -61.03 23.73
N HIS F 232 -15.92 -60.92 24.16
CA HIS F 232 -16.21 -60.65 25.56
C HIS F 232 -15.89 -61.85 26.44
N ASN F 233 -15.96 -63.06 25.87
CA ASN F 233 -15.51 -64.25 26.60
C ASN F 233 -14.01 -64.21 26.84
N GLN F 234 -13.25 -63.79 25.84
CA GLN F 234 -11.81 -63.61 26.04
C GLN F 234 -11.51 -62.40 26.90
N ARG F 235 -12.38 -61.38 26.85
CA ARG F 235 -12.15 -60.15 27.61
C ARG F 235 -12.39 -60.37 29.10
N ASN F 236 -13.38 -61.22 29.43
CA ASN F 236 -13.74 -61.41 30.84
C ASN F 236 -12.72 -62.28 31.56
N VAL F 237 -12.39 -63.44 30.99
CA VAL F 237 -11.50 -64.40 31.64
C VAL F 237 -10.11 -63.81 31.84
N PHE F 238 -9.68 -62.93 30.94
CA PHE F 238 -8.43 -62.20 31.14
C PHE F 238 -8.49 -61.33 32.39
N ARG F 239 -9.61 -60.64 32.59
CA ARG F 239 -9.69 -59.71 33.73
C ARG F 239 -9.85 -60.44 35.05
N GLN F 240 -10.74 -61.45 35.11
CA GLN F 240 -11.01 -62.12 36.37
C GLN F 240 -9.83 -62.95 36.85
N ALA F 241 -8.98 -63.42 35.92
CA ALA F 241 -7.77 -64.13 36.33
C ALA F 241 -6.77 -63.17 36.99
N ILE F 242 -6.83 -61.89 36.66
CA ILE F 242 -5.85 -60.93 37.13
C ILE F 242 -6.29 -60.26 38.43
N THR F 243 -7.55 -59.83 38.53
CA THR F 243 -8.00 -59.15 39.74
C THR F 243 -8.09 -60.12 40.92
N LEU F 244 -8.30 -61.41 40.66
CA LEU F 244 -8.25 -62.40 41.73
C LEU F 244 -6.82 -62.71 42.12
N ASN F 245 -5.90 -62.71 41.15
CA ASN F 245 -4.49 -62.94 41.45
C ASN F 245 -3.90 -61.76 42.21
N LYS F 246 -4.35 -60.54 41.92
CA LYS F 246 -3.89 -59.38 42.67
C LYS F 246 -4.35 -59.42 44.12
N LYS F 247 -5.55 -59.95 44.38
CA LYS F 247 -6.03 -60.07 45.75
C LYS F 247 -5.23 -61.11 46.53
N ILE F 248 -4.90 -62.23 45.88
CA ILE F 248 -4.30 -63.36 46.59
C ILE F 248 -2.86 -63.05 46.99
N HIS F 249 -2.07 -62.48 46.08
CA HIS F 249 -0.69 -62.17 46.36
C HIS F 249 -0.52 -60.90 47.18
N PHE F 250 -1.61 -60.25 47.57
CA PHE F 250 -1.54 -59.04 48.38
C PHE F 250 -1.27 -59.44 49.84
N GLN F 251 -0.25 -58.83 50.44
CA GLN F 251 0.20 -59.17 51.78
C GLN F 251 0.01 -58.01 52.75
N GLY F 252 -1.09 -57.27 52.62
CA GLY F 252 -1.40 -56.20 53.54
C GLY F 252 -2.45 -56.58 54.57
N ASP F 253 -3.62 -55.96 54.48
CA ASP F 253 -4.73 -56.24 55.39
C ASP F 253 -6.04 -56.34 54.62
N PRO F 254 -7.03 -57.04 55.19
CA PRO F 254 -8.34 -57.17 54.50
C PRO F 254 -9.17 -55.89 54.43
N ALA F 255 -8.63 -54.75 54.84
CA ALA F 255 -9.30 -53.47 54.58
C ALA F 255 -9.18 -53.09 53.11
N THR F 256 -7.95 -53.01 52.61
CA THR F 256 -7.66 -52.63 51.23
C THR F 256 -7.57 -53.82 50.28
N LYS F 257 -7.90 -55.04 50.73
CA LYS F 257 -7.98 -56.17 49.81
C LYS F 257 -9.18 -56.07 48.88
N GLU F 258 -10.32 -55.62 49.40
CA GLU F 258 -11.53 -55.50 48.59
C GLU F 258 -11.48 -54.32 47.63
N ILE F 259 -10.60 -53.35 47.86
CA ILE F 259 -10.48 -52.23 46.92
C ILE F 259 -9.59 -52.57 45.75
N ILE F 260 -9.00 -53.77 45.73
CA ILE F 260 -8.18 -54.20 44.61
C ILE F 260 -9.07 -54.42 43.39
N SER F 261 -8.69 -53.79 42.28
CA SER F 261 -9.44 -53.86 41.03
C SER F 261 -8.51 -54.27 39.90
N PHE F 262 -9.08 -54.37 38.69
CA PHE F 262 -8.27 -54.69 37.52
C PHE F 262 -7.37 -53.53 37.13
N HIS F 263 -7.79 -52.30 37.42
CA HIS F 263 -7.03 -51.11 37.06
C HIS F 263 -6.18 -50.60 38.23
N SER F 264 -5.90 -51.44 39.21
CA SER F 264 -5.07 -51.06 40.36
C SER F 264 -3.76 -51.82 40.29
N PRO F 265 -2.62 -51.14 40.17
CA PRO F 265 -1.32 -51.82 40.16
C PRO F 265 -1.02 -52.58 41.45
N TYR F 266 -1.01 -53.91 41.33
CA TYR F 266 -0.58 -54.81 42.40
C TYR F 266 0.04 -56.03 41.75
N TYR F 267 0.86 -56.74 42.51
CA TYR F 267 1.63 -57.85 41.93
C TYR F 267 0.71 -59.05 41.67
N PHE F 268 0.64 -59.45 40.41
CA PHE F 268 -0.07 -60.66 40.01
C PHE F 268 0.85 -61.51 39.16
N ASP F 269 0.68 -62.82 39.23
CA ASP F 269 1.52 -63.76 38.50
C ASP F 269 0.90 -64.05 37.14
N ILE F 270 1.62 -63.71 36.07
CA ILE F 270 1.10 -63.93 34.73
C ILE F 270 1.05 -65.42 34.40
N ASN F 271 2.00 -66.20 34.92
CA ASN F 271 2.01 -67.64 34.68
C ASN F 271 0.83 -68.32 35.37
N GLU F 272 0.47 -67.85 36.57
CA GLU F 272 -0.74 -68.34 37.21
C GLU F 272 -1.99 -67.88 36.46
N VAL F 273 -1.96 -66.66 35.91
CA VAL F 273 -3.07 -66.19 35.08
C VAL F 273 -3.22 -67.06 33.85
N ILE F 274 -2.10 -67.46 33.25
CA ILE F 274 -2.11 -68.35 32.09
C ILE F 274 -2.72 -69.69 32.45
N ASN F 275 -2.35 -70.23 33.61
CA ASN F 275 -2.89 -71.50 34.06
C ASN F 275 -4.39 -71.41 34.31
N TYR F 276 -4.85 -70.29 34.86
CA TYR F 276 -6.29 -70.10 35.09
C TYR F 276 -7.05 -70.06 33.77
N ILE F 277 -6.54 -69.30 32.79
CA ILE F 277 -7.22 -69.17 31.51
C ILE F 277 -7.18 -70.48 30.73
N ASN F 278 -6.05 -71.19 30.79
CA ASN F 278 -5.96 -72.51 30.16
C ASN F 278 -6.89 -73.52 30.83
N ASN F 279 -7.11 -73.38 32.14
CA ASN F 279 -8.06 -74.26 32.83
C ASN F 279 -9.50 -73.87 32.55
N ARG F 280 -9.78 -72.58 32.32
CA ARG F 280 -11.12 -72.19 31.88
C ARG F 280 -11.44 -72.77 30.51
N ASN F 281 -10.42 -73.03 29.69
CA ASN F 281 -10.61 -73.76 28.45
C ASN F 281 -10.90 -75.24 28.67
N ASN F 282 -10.63 -75.76 29.87
CA ASN F 282 -10.86 -77.16 30.20
C ASN F 282 -12.06 -77.34 31.12
N GLU F 283 -13.04 -76.43 31.04
CA GLU F 283 -14.18 -76.48 31.93
C GLU F 283 -15.06 -77.68 31.63
N ARG F 284 -15.64 -78.25 32.69
CA ARG F 284 -16.48 -79.44 32.57
C ARG F 284 -17.61 -79.35 33.58
N LYS F 285 -18.84 -79.37 33.10
CA LYS F 285 -20.01 -79.21 33.97
C LYS F 285 -20.53 -80.58 34.43
N ASN F 286 -21.15 -80.58 35.60
CA ASN F 286 -21.71 -81.79 36.20
C ASN F 286 -23.18 -81.94 35.80
N LYS F 287 -23.90 -82.82 36.49
CA LYS F 287 -25.33 -82.96 36.28
C LYS F 287 -26.09 -81.70 36.69
N ASP F 288 -25.54 -80.93 37.62
CA ASP F 288 -26.15 -79.68 38.06
C ASP F 288 -25.74 -78.50 37.20
N ASN F 289 -25.00 -78.75 36.11
CA ASN F 289 -24.52 -77.73 35.17
C ASN F 289 -23.66 -76.67 35.87
N GLU F 290 -22.84 -77.11 36.82
CA GLU F 290 -21.86 -76.26 37.47
C GLU F 290 -20.51 -76.93 37.40
N HIS F 291 -19.46 -76.11 37.28
CA HIS F 291 -18.13 -76.61 36.97
C HIS F 291 -17.50 -77.19 38.23
N ILE F 292 -17.12 -78.47 38.16
CA ILE F 292 -16.51 -79.20 39.26
C ILE F 292 -15.09 -79.58 38.86
N TRP F 293 -14.15 -79.44 39.78
CA TRP F 293 -12.75 -79.74 39.52
C TRP F 293 -12.18 -80.60 40.64
N SER F 294 -11.06 -81.26 40.33
CA SER F 294 -10.41 -82.18 41.24
C SER F 294 -8.94 -81.81 41.39
N ASP F 295 -8.51 -81.56 42.62
CA ASP F 295 -7.11 -81.27 42.91
C ASP F 295 -6.57 -82.31 43.90
N GLU F 296 -5.35 -82.07 44.39
CA GLU F 296 -4.71 -83.03 45.27
C GLU F 296 -5.40 -83.13 46.63
N GLU F 297 -5.94 -82.02 47.13
CA GLU F 297 -6.80 -82.06 48.33
C GLU F 297 -8.27 -82.24 47.94
N GLY F 298 -8.54 -83.30 47.20
CA GLY F 298 -9.91 -83.69 46.92
C GLY F 298 -10.53 -82.92 45.76
N ASN F 299 -11.86 -82.96 45.73
CA ASN F 299 -12.63 -82.30 44.69
C ASN F 299 -13.23 -81.00 45.21
N PHE F 300 -13.54 -80.09 44.28
CA PHE F 300 -14.14 -78.82 44.65
C PHE F 300 -15.00 -78.32 43.50
N LYS F 301 -15.90 -77.39 43.82
CA LYS F 301 -16.76 -76.73 42.84
C LYS F 301 -16.24 -75.33 42.56
N PHE F 302 -16.59 -74.81 41.38
CA PHE F 302 -16.20 -73.47 41.00
C PHE F 302 -16.95 -72.44 41.84
N ASP F 303 -16.19 -71.62 42.57
CA ASP F 303 -16.78 -70.61 43.45
C ASP F 303 -15.82 -69.45 43.57
N ASN F 304 -16.35 -68.29 43.98
CA ASN F 304 -15.55 -67.08 44.08
C ASN F 304 -14.50 -67.17 45.17
N GLU F 305 -14.84 -67.75 46.32
CA GLU F 305 -13.89 -67.93 47.40
C GLU F 305 -12.93 -69.09 47.15
N ASN F 306 -13.21 -69.92 46.14
CA ASN F 306 -12.50 -71.17 45.92
C ASN F 306 -11.54 -71.12 44.74
N ALA F 307 -11.74 -70.18 43.81
CA ALA F 307 -10.97 -70.12 42.56
C ALA F 307 -9.48 -69.79 42.76
N HIS F 308 -9.06 -69.58 44.01
CA HIS F 308 -7.64 -69.46 44.33
C HIS F 308 -6.86 -70.72 44.05
N ARG F 309 -7.51 -71.88 44.05
CA ARG F 309 -6.86 -73.16 43.86
C ARG F 309 -6.71 -73.54 42.39
N LEU F 310 -7.21 -72.72 41.47
CA LEU F 310 -7.22 -73.07 40.06
C LEU F 310 -5.98 -72.58 39.32
N PHE F 311 -5.07 -71.88 40.00
CA PHE F 311 -3.82 -71.44 39.37
C PHE F 311 -2.79 -72.55 39.25
N LYS F 312 -2.99 -73.68 39.93
CA LYS F 312 -2.09 -74.81 39.77
C LYS F 312 -2.34 -75.51 38.45
N GLU F 313 -1.28 -76.05 37.87
CA GLU F 313 -1.41 -76.81 36.62
C GLU F 313 -1.92 -78.22 36.89
N ASN F 314 -1.66 -78.75 38.09
CA ASN F 314 -2.01 -80.14 38.41
C ASN F 314 -3.42 -80.22 39.01
N VAL F 315 -4.40 -79.86 38.17
CA VAL F 315 -5.81 -79.96 38.54
C VAL F 315 -6.55 -80.56 37.35
N THR F 316 -7.45 -81.51 37.63
CA THR F 316 -8.16 -82.21 36.57
C THR F 316 -9.64 -81.82 36.54
N PRO F 317 -10.25 -81.75 35.36
CA PRO F 317 -11.68 -81.42 35.28
C PRO F 317 -12.53 -82.64 35.65
N ASP F 318 -13.39 -82.47 36.66
CA ASP F 318 -14.28 -83.53 37.11
C ASP F 318 -15.70 -83.20 36.63
N GLY F 319 -15.98 -83.61 35.39
CA GLY F 319 -17.29 -83.34 34.83
C GLY F 319 -17.50 -84.14 33.56
N SER F 320 -18.71 -84.03 33.03
CA SER F 320 -19.10 -84.77 31.82
C SER F 320 -19.38 -83.83 30.65
N SER F 321 -20.29 -82.87 30.82
CA SER F 321 -20.65 -81.97 29.73
C SER F 321 -19.58 -80.90 29.54
N ALA F 322 -19.48 -80.40 28.31
CA ALA F 322 -18.51 -79.36 27.98
C ALA F 322 -18.88 -78.05 28.69
N GLY F 323 -17.85 -77.34 29.14
CA GLY F 323 -18.04 -76.14 29.93
C GLY F 323 -18.47 -74.94 29.10
N ALA F 324 -18.68 -73.82 29.81
CA ALA F 324 -19.13 -72.60 29.15
C ALA F 324 -18.03 -71.98 28.30
N LEU F 325 -16.76 -72.23 28.65
CA LEU F 325 -15.63 -71.71 27.89
C LEU F 325 -14.72 -72.82 27.39
N ASN F 326 -15.25 -74.03 27.25
CA ASN F 326 -14.45 -75.19 26.82
C ASN F 326 -14.25 -75.13 25.31
N GLY F 327 -13.00 -74.96 24.88
CA GLY F 327 -12.65 -74.98 23.48
C GLY F 327 -12.61 -73.63 22.80
N LYS F 328 -13.22 -72.60 23.40
CA LYS F 328 -13.25 -71.27 22.81
C LYS F 328 -12.16 -70.36 23.34
N LEU F 329 -11.27 -70.86 24.21
CA LEU F 329 -10.16 -70.09 24.73
C LEU F 329 -8.81 -70.64 24.29
N LEU F 330 -8.78 -71.55 23.31
CA LEU F 330 -7.52 -72.15 22.89
C LEU F 330 -6.67 -71.15 22.12
N ASN F 331 -7.30 -70.33 21.26
CA ASN F 331 -6.56 -69.29 20.57
C ASN F 331 -6.16 -68.14 21.51
N PHE F 332 -6.84 -68.01 22.64
CA PHE F 332 -6.49 -66.96 23.60
C PHE F 332 -5.17 -67.26 24.30
N VAL F 333 -5.01 -68.50 24.78
CA VAL F 333 -3.78 -68.88 25.46
C VAL F 333 -2.61 -68.90 24.49
N ASP F 334 -2.85 -69.29 23.24
CA ASP F 334 -1.80 -69.27 22.24
C ASP F 334 -1.33 -67.85 21.93
N ARG F 335 -2.23 -66.87 22.00
CA ARG F 335 -1.82 -65.48 21.87
C ARG F 335 -1.09 -65.00 23.11
N LEU F 336 -1.61 -65.33 24.30
CA LEU F 336 -1.04 -64.80 25.54
C LEU F 336 0.33 -65.40 25.83
N GLN F 337 0.49 -66.70 25.60
CA GLN F 337 1.78 -67.34 25.88
C GLN F 337 2.87 -66.86 24.93
N SER F 338 2.51 -66.49 23.70
CA SER F 338 3.52 -65.99 22.77
C SER F 338 4.03 -64.61 23.16
N LYS F 339 3.25 -63.85 23.94
CA LYS F 339 3.71 -62.55 24.40
C LYS F 339 4.72 -62.66 25.54
N ILE F 340 4.54 -63.64 26.43
CA ILE F 340 5.41 -63.77 27.60
C ILE F 340 6.79 -64.26 27.19
N PHE F 341 6.83 -65.33 26.37
CA PHE F 341 8.11 -65.84 25.87
C PHE F 341 8.57 -65.14 24.61
N ASP F 342 7.98 -63.99 24.27
CA ASP F 342 8.54 -63.14 23.23
C ASP F 342 9.83 -62.53 23.74
N LYS F 343 10.89 -62.64 22.95
CA LYS F 343 12.18 -62.11 23.35
C LYS F 343 12.23 -60.59 23.31
N ARG F 344 11.39 -59.97 22.48
CA ARG F 344 11.31 -58.50 22.47
C ARG F 344 10.58 -57.98 23.70
N LEU F 345 9.70 -58.79 24.28
CA LEU F 345 8.94 -58.39 25.46
C LEU F 345 9.50 -58.96 26.75
N ASP F 346 10.72 -59.51 26.72
CA ASP F 346 11.33 -60.07 27.92
C ASP F 346 11.65 -59.02 28.95
N PHE F 347 11.84 -57.76 28.55
CA PHE F 347 12.11 -56.70 29.50
C PHE F 347 10.88 -56.31 30.31
N ILE F 348 9.69 -56.70 29.87
CA ILE F 348 8.48 -56.50 30.66
C ILE F 348 7.80 -57.81 31.05
N LEU F 349 8.12 -58.93 30.39
CA LEU F 349 7.45 -60.20 30.66
C LEU F 349 8.43 -61.33 30.91
N GLY F 350 9.66 -61.03 31.32
CA GLY F 350 10.63 -62.04 31.64
C GLY F 350 10.45 -62.58 33.05
N GLU F 351 11.36 -63.48 33.41
CA GLU F 351 11.37 -64.02 34.77
C GLU F 351 11.73 -62.94 35.80
N GLY F 352 12.62 -62.03 35.42
CA GLY F 352 12.99 -60.94 36.32
C GLY F 352 11.89 -59.93 36.55
N SER F 353 10.92 -59.83 35.63
CA SER F 353 9.81 -58.90 35.82
C SER F 353 8.86 -59.39 36.91
N LYS F 354 8.81 -60.69 37.16
CA LYS F 354 8.03 -61.21 38.27
C LYS F 354 8.75 -61.01 39.59
N SER F 355 10.07 -61.16 39.60
CA SER F 355 10.85 -61.15 40.83
C SER F 355 11.33 -59.76 41.25
N VAL F 356 11.11 -58.74 40.43
CA VAL F 356 11.55 -57.40 40.78
C VAL F 356 10.58 -56.81 41.79
N THR F 357 11.13 -56.26 42.88
CA THR F 357 10.28 -55.61 43.86
C THR F 357 9.89 -54.22 43.39
N PHE F 358 8.88 -53.65 44.05
CA PHE F 358 8.36 -52.36 43.65
C PHE F 358 9.32 -51.23 43.97
N LYS F 359 10.09 -51.36 45.05
CA LYS F 359 11.02 -50.30 45.46
C LYS F 359 12.17 -50.18 44.48
N GLU F 360 12.79 -51.31 44.11
CA GLU F 360 13.94 -51.27 43.22
C GLU F 360 13.57 -51.01 41.77
N THR F 361 12.28 -51.08 41.42
CA THR F 361 11.84 -50.65 40.11
C THR F 361 12.07 -49.15 39.93
N LEU F 362 11.69 -48.36 40.93
CA LEU F 362 11.96 -46.93 40.89
C LEU F 362 13.41 -46.59 41.17
N GLU F 363 14.16 -47.50 41.81
CA GLU F 363 15.61 -47.32 41.91
C GLU F 363 16.25 -47.41 40.54
N THR F 364 15.73 -48.29 39.68
CA THR F 364 16.21 -48.36 38.31
C THR F 364 15.82 -47.12 37.51
N LEU F 365 14.58 -46.65 37.69
CA LEU F 365 14.05 -45.57 36.86
C LEU F 365 14.65 -44.22 37.21
N ILE F 366 14.99 -43.99 38.47
CA ILE F 366 15.48 -42.70 38.95
C ILE F 366 16.98 -42.73 39.23
N SER F 367 17.63 -43.90 39.03
CA SER F 367 19.04 -44.14 39.35
C SER F 367 19.31 -43.86 40.84
N TYR F 368 18.52 -44.53 41.68
CA TYR F 368 18.71 -44.52 43.12
C TYR F 368 19.19 -45.86 43.66
N GLY F 369 19.61 -46.76 42.78
CA GLY F 369 20.02 -48.09 43.19
C GLY F 369 21.46 -48.16 43.66
N LYS F 370 22.19 -49.19 43.23
CA LYS F 370 23.56 -49.35 43.69
C LYS F 370 24.49 -48.34 43.04
N ASP F 371 24.21 -47.95 41.80
CA ASP F 371 24.99 -46.95 41.08
C ASP F 371 24.10 -45.73 40.90
N LYS F 372 24.23 -44.76 41.80
CA LYS F 372 23.46 -43.53 41.68
C LYS F 372 23.94 -42.70 40.51
N SER F 373 22.99 -42.07 39.82
CA SER F 373 23.32 -41.19 38.70
C SER F 373 22.30 -40.06 38.64
N ASN F 374 22.79 -38.88 38.25
CA ASN F 374 21.90 -37.73 38.12
C ASN F 374 20.97 -37.86 36.91
N ILE F 375 21.41 -38.56 35.87
CA ILE F 375 20.69 -38.64 34.60
C ILE F 375 20.43 -40.11 34.30
N THR F 376 19.17 -40.44 34.00
CA THR F 376 18.78 -41.78 33.61
C THR F 376 18.23 -41.75 32.19
N ILE F 377 18.88 -42.47 31.30
CA ILE F 377 18.44 -42.57 29.90
C ILE F 377 17.72 -43.88 29.72
N LEU F 378 16.44 -43.81 29.36
CA LEU F 378 15.65 -44.99 29.00
C LEU F 378 15.70 -45.13 27.48
N ASP F 379 16.66 -45.91 26.99
CA ASP F 379 16.81 -46.14 25.56
C ASP F 379 15.68 -47.07 25.11
N VAL F 380 14.64 -46.49 24.54
CA VAL F 380 13.46 -47.25 24.14
C VAL F 380 13.47 -47.57 22.64
N SER F 381 14.65 -47.59 22.02
CA SER F 381 14.75 -47.97 20.63
C SER F 381 14.39 -49.43 20.43
N GLY F 382 14.78 -50.30 21.37
CA GLY F 382 14.44 -51.71 21.28
C GLY F 382 13.02 -52.05 21.64
N VAL F 383 12.28 -51.12 22.22
CA VAL F 383 10.88 -51.36 22.57
C VAL F 383 10.04 -51.35 21.31
N PRO F 384 9.22 -52.37 21.07
CA PRO F 384 8.34 -52.37 19.90
C PRO F 384 7.24 -51.32 20.03
N PHE F 385 6.74 -50.89 18.87
CA PHE F 385 5.65 -49.90 18.85
C PHE F 385 4.36 -50.41 19.47
N GLU F 386 4.15 -51.74 19.49
CA GLU F 386 2.94 -52.27 20.09
C GLU F 386 2.89 -52.04 21.59
N VAL F 387 4.06 -51.98 22.23
CA VAL F 387 4.17 -51.75 23.66
C VAL F 387 4.95 -50.48 23.99
N LEU F 388 5.24 -49.65 22.98
CA LEU F 388 5.96 -48.40 23.22
C LEU F 388 5.12 -47.41 24.02
N SER F 389 3.85 -47.27 23.67
CA SER F 389 2.96 -46.42 24.45
C SER F 389 2.68 -47.03 25.82
N ILE F 390 2.73 -48.35 25.93
CA ILE F 390 2.48 -49.02 27.20
C ILE F 390 3.62 -48.75 28.17
N CYS F 391 4.87 -48.84 27.68
CA CYS F 391 6.03 -48.71 28.55
C CYS F 391 6.31 -47.26 28.91
N VAL F 392 6.10 -46.33 27.97
CA VAL F 392 6.29 -44.92 28.26
C VAL F 392 5.28 -44.43 29.29
N SER F 393 4.01 -44.85 29.13
CA SER F 393 2.99 -44.47 30.10
C SER F 393 3.20 -45.14 31.45
N LEU F 394 3.83 -46.33 31.47
CA LEU F 394 4.13 -46.98 32.73
C LEU F 394 5.16 -46.20 33.53
N ILE F 395 6.24 -45.77 32.87
CA ILE F 395 7.29 -45.03 33.56
C ILE F 395 6.80 -43.63 33.94
N SER F 396 6.06 -42.98 33.03
CA SER F 396 5.59 -41.62 33.27
C SER F 396 4.60 -41.57 34.44
N ARG F 397 3.73 -42.58 34.54
CA ARG F 397 2.83 -42.66 35.68
C ARG F 397 3.60 -42.97 36.96
N LEU F 398 4.61 -43.83 36.88
CA LEU F 398 5.41 -44.19 38.05
C LEU F 398 6.17 -43.00 38.59
N ILE F 399 6.78 -42.21 37.70
CA ILE F 399 7.55 -41.05 38.15
C ILE F 399 6.62 -39.96 38.68
N PHE F 400 5.44 -39.80 38.08
CA PHE F 400 4.49 -38.77 38.52
C PHE F 400 3.98 -39.07 39.93
N GLU F 401 3.52 -40.30 40.17
CA GLU F 401 3.09 -40.65 41.52
C GLU F 401 4.26 -40.83 42.48
N PHE F 402 5.48 -40.95 42.00
CA PHE F 402 6.64 -40.84 42.88
C PHE F 402 6.73 -39.45 43.46
N GLY F 403 6.61 -38.42 42.61
CA GLY F 403 6.62 -37.06 43.10
C GLY F 403 5.32 -36.65 43.76
N TYR F 404 4.20 -37.26 43.35
CA TYR F 404 2.93 -37.02 44.03
C TYR F 404 2.95 -37.54 45.45
N HIS F 405 3.51 -38.73 45.67
CA HIS F 405 3.67 -39.25 47.02
C HIS F 405 4.89 -38.66 47.72
N SER F 406 5.73 -37.92 47.00
CA SER F 406 6.82 -37.19 47.62
C SER F 406 6.39 -35.89 48.26
N LYS F 407 5.14 -35.47 48.04
CA LYS F 407 4.62 -34.24 48.64
C LYS F 407 3.55 -34.51 49.68
N LYS F 408 3.08 -35.75 49.80
CA LYS F 408 2.15 -36.11 50.87
C LYS F 408 2.84 -36.25 52.22
N ILE F 409 4.17 -36.38 52.22
CA ILE F 409 4.90 -36.59 53.46
C ILE F 409 5.58 -35.29 53.92
N LYS F 410 5.91 -34.41 52.99
CA LYS F 410 6.65 -33.22 53.40
C LYS F 410 5.76 -32.19 54.06
N ARG F 411 4.43 -32.31 53.90
CA ARG F 411 3.51 -31.55 54.73
C ARG F 411 3.40 -32.15 56.13
N LYS F 412 3.62 -33.45 56.27
CA LYS F 412 3.55 -34.07 57.59
C LYS F 412 4.91 -34.09 58.28
N SER F 413 6.00 -34.32 57.54
CA SER F 413 7.33 -34.35 58.13
C SER F 413 7.93 -32.97 58.30
N ASN F 414 7.39 -31.96 57.61
CA ASN F 414 7.76 -30.55 57.74
C ASN F 414 9.23 -30.27 57.40
N GLU F 415 9.85 -31.13 56.61
CA GLU F 415 11.21 -30.92 56.15
C GLU F 415 11.22 -30.27 54.77
N ASN F 416 12.26 -29.48 54.50
CA ASN F 416 12.36 -28.73 53.26
C ASN F 416 13.06 -29.49 52.14
N GLN F 417 13.55 -30.71 52.41
CA GLN F 417 14.19 -31.51 51.39
C GLN F 417 13.15 -32.12 50.46
N ASP F 418 13.46 -32.16 49.17
CA ASP F 418 12.56 -32.76 48.19
C ASP F 418 13.36 -33.21 46.98
N ILE F 419 12.72 -34.06 46.17
CA ILE F 419 13.38 -34.62 44.99
C ILE F 419 12.64 -34.14 43.75
N PRO F 420 13.15 -33.12 43.05
CA PRO F 420 12.56 -32.71 41.77
C PRO F 420 13.08 -33.57 40.63
N ILE F 421 12.21 -33.81 39.66
CA ILE F 421 12.53 -34.67 38.53
C ILE F 421 12.11 -33.98 37.24
N LEU F 422 13.05 -33.90 36.28
CA LEU F 422 12.75 -33.47 34.92
C LEU F 422 12.72 -34.70 34.02
N ILE F 423 11.68 -34.79 33.19
CA ILE F 423 11.53 -35.90 32.26
C ILE F 423 11.68 -35.36 30.84
N VAL F 424 12.74 -35.81 30.16
CA VAL F 424 12.99 -35.37 28.79
C VAL F 424 12.26 -36.32 27.85
N TYR F 425 11.23 -35.80 27.19
CA TYR F 425 10.48 -36.58 26.20
C TYR F 425 11.02 -36.23 24.82
N GLU F 426 12.11 -36.87 24.45
CA GLU F 426 12.67 -36.69 23.12
C GLU F 426 11.79 -37.39 22.10
N GLU F 427 11.54 -36.69 20.99
CA GLU F 427 10.50 -37.04 20.02
C GLU F 427 9.14 -37.20 20.71
N ALA F 428 8.70 -36.11 21.32
CA ALA F 428 7.47 -36.13 22.11
C ALA F 428 6.22 -36.24 21.26
N HIS F 429 6.31 -35.98 19.96
CA HIS F 429 5.16 -36.14 19.09
C HIS F 429 4.77 -37.60 18.93
N LYS F 430 5.73 -38.52 19.08
CA LYS F 430 5.40 -39.95 19.04
C LYS F 430 4.63 -40.36 20.28
N TYR F 431 5.08 -39.94 21.46
CA TYR F 431 4.41 -40.33 22.70
C TYR F 431 3.13 -39.55 22.94
N ALA F 432 3.05 -38.30 22.50
CA ALA F 432 1.88 -37.45 22.69
C ALA F 432 1.45 -36.87 21.35
N PRO F 433 0.75 -37.64 20.53
CA PRO F 433 0.35 -37.16 19.21
C PRO F 433 -0.82 -36.19 19.28
N LYS F 434 -0.98 -35.44 18.19
CA LYS F 434 -2.20 -34.65 18.00
C LYS F 434 -3.42 -35.55 17.86
N SER F 435 -3.29 -36.63 17.08
CA SER F 435 -4.41 -37.51 16.81
C SER F 435 -4.81 -38.29 18.05
N ASP F 436 -6.11 -38.52 18.20
CA ASP F 436 -6.66 -39.24 19.35
C ASP F 436 -6.81 -40.73 19.09
N LEU F 437 -5.95 -41.30 18.24
CA LEU F 437 -5.98 -42.73 17.98
C LEU F 437 -5.54 -43.49 19.23
N SER F 438 -6.15 -44.67 19.43
CA SER F 438 -5.97 -45.43 20.66
C SER F 438 -4.60 -46.10 20.77
N LYS F 439 -3.80 -46.10 19.70
CA LYS F 439 -2.48 -46.71 19.77
C LYS F 439 -1.54 -45.95 20.72
N TYR F 440 -1.60 -44.62 20.71
CA TYR F 440 -0.82 -43.79 21.62
C TYR F 440 -1.71 -43.09 22.64
N ARG F 441 -2.83 -43.72 23.01
CA ARG F 441 -3.76 -43.09 23.95
C ARG F 441 -3.22 -43.11 25.37
N THR F 442 -2.66 -44.24 25.80
CA THR F 442 -2.22 -44.37 27.19
C THR F 442 -1.00 -43.50 27.47
N SER F 443 -0.08 -43.40 26.51
CA SER F 443 1.10 -42.57 26.70
C SER F 443 0.77 -41.08 26.61
N LYS F 444 -0.35 -40.71 25.97
CA LYS F 444 -0.71 -39.30 25.86
C LYS F 444 -1.23 -38.76 27.19
N GLU F 445 -2.07 -39.53 27.88
CA GLU F 445 -2.62 -39.06 29.14
C GLU F 445 -1.59 -39.10 30.26
N ALA F 446 -0.56 -39.95 30.13
CA ALA F 446 0.51 -39.97 31.12
C ALA F 446 1.35 -38.71 31.05
N ILE F 447 1.68 -38.26 29.84
CA ILE F 447 2.37 -36.99 29.65
C ILE F 447 1.46 -35.83 30.03
N GLU F 448 0.17 -35.94 29.69
CA GLU F 448 -0.78 -34.87 30.01
C GLU F 448 -1.02 -34.77 31.51
N ARG F 449 -0.91 -35.88 32.24
CA ARG F 449 -0.95 -35.82 33.70
C ARG F 449 0.24 -35.04 34.26
N ILE F 450 1.42 -35.29 33.71
CA ILE F 450 2.63 -34.60 34.18
C ILE F 450 2.62 -33.14 33.73
N ALA F 451 2.10 -32.87 32.53
CA ALA F 451 2.10 -31.50 32.01
C ALA F 451 1.19 -30.59 32.81
N LYS F 452 0.05 -31.10 33.27
CA LYS F 452 -0.90 -30.28 34.00
C LYS F 452 -0.69 -30.38 35.52
N GLU F 453 -0.69 -31.60 36.06
CA GLU F 453 -0.64 -31.78 37.51
C GLU F 453 0.76 -31.87 38.07
N GLY F 454 1.76 -32.20 37.25
CA GLY F 454 3.09 -32.46 37.75
C GLY F 454 3.88 -31.26 38.19
N ARG F 455 3.44 -30.05 37.84
CA ARG F 455 4.11 -28.84 38.29
C ARG F 455 4.01 -28.69 39.80
N LYS F 456 2.85 -29.03 40.36
CA LYS F 456 2.66 -28.94 41.80
C LYS F 456 3.47 -30.00 42.55
N TYR F 457 3.57 -31.20 41.99
CA TYR F 457 4.13 -32.34 42.70
C TYR F 457 5.62 -32.54 42.43
N GLY F 458 6.26 -31.60 41.76
CA GLY F 458 7.70 -31.69 41.57
C GLY F 458 8.16 -32.69 40.52
N VAL F 459 7.32 -32.98 39.53
CA VAL F 459 7.70 -33.80 38.38
C VAL F 459 7.29 -33.02 37.14
N THR F 460 8.25 -32.36 36.50
CA THR F 460 8.00 -31.62 35.27
C THR F 460 8.65 -32.33 34.09
N LEU F 461 8.41 -31.80 32.90
CA LEU F 461 8.83 -32.48 31.68
C LEU F 461 9.48 -31.51 30.71
N LEU F 462 10.36 -32.06 29.88
CA LEU F 462 11.01 -31.33 28.79
C LEU F 462 10.55 -31.97 27.48
N LEU F 463 9.79 -31.21 26.71
CA LEU F 463 9.26 -31.71 25.43
C LEU F 463 10.26 -31.39 24.33
N ALA F 464 11.05 -32.39 23.95
CA ALA F 464 11.98 -32.27 22.82
C ALA F 464 11.37 -32.99 21.62
N SER F 465 11.00 -32.23 20.60
CA SER F 465 10.36 -32.83 19.43
C SER F 465 10.91 -32.22 18.17
N GLN F 466 11.22 -33.09 17.19
CA GLN F 466 11.76 -32.62 15.93
C GLN F 466 10.66 -31.99 15.09
N ARG F 467 9.42 -32.39 15.31
CA ARG F 467 8.25 -31.89 14.59
C ARG F 467 7.22 -31.42 15.60
N PRO F 468 7.26 -30.13 15.99
CA PRO F 468 6.35 -29.64 17.04
C PRO F 468 4.88 -29.67 16.67
N SER F 469 4.53 -29.66 15.39
CA SER F 469 3.12 -29.51 15.00
C SER F 469 2.29 -30.76 15.28
N GLU F 470 2.90 -31.88 15.64
CA GLU F 470 2.16 -33.09 15.94
C GLU F 470 2.04 -33.38 17.43
N ILE F 471 2.51 -32.49 18.30
CA ILE F 471 2.25 -32.64 19.73
C ILE F 471 0.85 -32.13 20.02
N SER F 472 0.25 -32.65 21.08
CA SER F 472 -1.08 -32.20 21.50
C SER F 472 -1.02 -30.76 21.99
N GLU F 473 -2.05 -29.99 21.64
CA GLU F 473 -2.13 -28.60 22.10
C GLU F 473 -2.34 -28.52 23.60
N THR F 474 -3.03 -29.50 24.18
CA THR F 474 -3.26 -29.51 25.63
C THR F 474 -2.00 -29.82 26.41
N ILE F 475 -0.97 -30.35 25.75
CA ILE F 475 0.29 -30.67 26.41
C ILE F 475 1.37 -29.65 26.08
N PHE F 476 1.44 -29.22 24.81
CA PHE F 476 2.46 -28.26 24.40
C PHE F 476 2.22 -26.88 24.99
N SER F 477 0.98 -26.54 25.33
CA SER F 477 0.68 -25.25 25.92
C SER F 477 0.90 -25.23 27.43
N GLN F 478 1.06 -26.39 28.07
CA GLN F 478 1.40 -26.40 29.49
C GLN F 478 2.84 -26.01 29.75
N CYS F 479 3.68 -26.06 28.72
CA CYS F 479 5.04 -25.53 28.83
C CYS F 479 4.99 -24.01 28.96
N ASN F 480 5.95 -23.47 29.70
CA ASN F 480 6.06 -22.02 29.85
C ASN F 480 7.32 -21.46 29.21
N THR F 481 8.44 -22.16 29.31
CA THR F 481 9.66 -21.76 28.64
C THR F 481 9.78 -22.53 27.33
N PHE F 482 10.02 -21.81 26.24
CA PHE F 482 10.01 -22.39 24.90
C PHE F 482 11.34 -22.10 24.23
N ILE F 483 11.94 -23.14 23.66
CA ILE F 483 13.25 -23.08 23.04
C ILE F 483 13.05 -23.46 21.58
N SER F 484 12.98 -22.48 20.70
CA SER F 484 12.65 -22.69 19.30
C SER F 484 13.90 -22.57 18.46
N MET F 485 14.35 -23.69 17.89
CA MET F 485 15.42 -23.69 16.91
C MET F 485 14.83 -23.51 15.53
N ARG F 486 15.62 -23.80 14.49
CA ARG F 486 15.17 -23.66 13.11
C ARG F 486 13.98 -24.59 12.83
N LEU F 487 12.98 -24.06 12.14
CA LEU F 487 11.78 -24.82 11.79
C LEU F 487 11.49 -24.59 10.31
N THR F 488 11.74 -25.61 9.48
CA THR F 488 11.54 -25.49 8.05
C THR F 488 10.09 -25.74 7.64
N ASN F 489 9.39 -26.60 8.36
CA ASN F 489 8.01 -26.94 8.03
C ASN F 489 7.10 -25.78 8.41
N PRO F 490 6.34 -25.21 7.47
CA PRO F 490 5.38 -24.15 7.84
C PRO F 490 4.25 -24.65 8.74
N ASP F 491 3.96 -25.96 8.74
CA ASP F 491 3.03 -26.49 9.73
C ASP F 491 3.62 -26.39 11.14
N ASP F 492 4.94 -26.60 11.27
CA ASP F 492 5.60 -26.43 12.54
C ASP F 492 5.60 -24.96 12.97
N GLN F 493 5.81 -24.05 12.01
CA GLN F 493 5.93 -22.63 12.34
C GLN F 493 4.60 -22.04 12.78
N ASN F 494 3.52 -22.39 12.07
CA ASN F 494 2.20 -21.89 12.44
C ASN F 494 1.74 -22.46 13.78
N TYR F 495 2.12 -23.71 14.07
CA TYR F 495 1.81 -24.28 15.38
C TYR F 495 2.60 -23.61 16.49
N VAL F 496 3.89 -23.36 16.26
CA VAL F 496 4.73 -22.79 17.31
C VAL F 496 4.37 -21.33 17.57
N LYS F 497 4.19 -20.54 16.50
CA LYS F 497 3.94 -19.11 16.66
C LYS F 497 2.60 -18.84 17.34
N ARG F 498 1.59 -19.68 17.06
CA ARG F 498 0.29 -19.50 17.70
C ARG F 498 0.34 -19.86 19.18
N LEU F 499 1.09 -20.89 19.53
CA LEU F 499 1.17 -21.36 20.92
C LEU F 499 2.30 -20.70 21.70
N LEU F 500 3.04 -19.79 21.08
CA LEU F 500 4.19 -19.19 21.74
C LEU F 500 3.73 -18.11 22.70
N PRO F 501 4.34 -18.00 23.89
CA PRO F 501 3.81 -17.07 24.91
C PRO F 501 4.03 -15.61 24.56
N ASP F 502 5.11 -15.27 23.86
CA ASP F 502 5.47 -13.91 23.50
C ASP F 502 5.66 -13.89 21.98
N THR F 503 6.07 -12.75 21.45
CA THR F 503 6.50 -12.66 20.06
C THR F 503 7.79 -11.85 19.97
N VAL F 504 8.54 -12.08 18.91
CA VAL F 504 9.75 -11.35 18.59
C VAL F 504 9.59 -10.81 17.17
N GLY F 505 10.37 -9.79 16.84
CA GLY F 505 10.29 -9.21 15.51
C GLY F 505 10.65 -10.21 14.44
N ASP F 506 9.99 -10.07 13.27
CA ASP F 506 10.19 -10.81 12.00
C ASP F 506 10.31 -12.33 12.20
N ILE F 507 9.62 -12.86 13.21
CA ILE F 507 9.69 -14.27 13.59
C ILE F 507 9.19 -15.19 12.49
N THR F 508 8.33 -14.69 11.60
CA THR F 508 7.81 -15.51 10.51
C THR F 508 8.90 -15.92 9.53
N ASN F 509 9.81 -14.99 9.20
CA ASN F 509 10.92 -15.29 8.32
C ASN F 509 12.17 -15.77 9.05
N LEU F 510 12.21 -15.59 10.38
CA LEU F 510 13.41 -15.88 11.15
C LEU F 510 13.45 -17.31 11.67
N LEU F 511 12.28 -17.92 11.91
CA LEU F 511 12.23 -19.34 12.27
C LEU F 511 12.81 -20.26 11.18
N PRO F 512 12.54 -20.08 9.88
CA PRO F 512 13.34 -20.85 8.89
C PRO F 512 14.80 -20.47 8.87
N SER F 513 15.14 -19.23 9.22
CA SER F 513 16.48 -18.68 9.02
C SER F 513 17.40 -18.89 10.21
N LEU F 514 16.97 -19.62 11.23
CA LEU F 514 17.82 -19.85 12.39
C LEU F 514 18.97 -20.79 12.02
N LYS F 515 20.18 -20.44 12.44
CA LYS F 515 21.38 -21.16 12.04
C LYS F 515 21.56 -22.40 12.91
N GLU F 516 22.71 -23.06 12.74
CA GLU F 516 23.02 -24.26 13.53
C GLU F 516 23.37 -23.86 14.95
N GLY F 517 22.64 -24.40 15.92
CA GLY F 517 22.83 -24.05 17.30
C GLY F 517 22.18 -22.76 17.73
N GLU F 518 21.45 -22.09 16.83
CA GLU F 518 20.77 -20.85 17.16
C GLU F 518 19.34 -21.15 17.59
N ALA F 519 18.96 -20.67 18.76
CA ALA F 519 17.64 -20.88 19.32
C ALA F 519 17.02 -19.54 19.65
N LEU F 520 15.81 -19.58 20.21
CA LEU F 520 15.09 -18.39 20.64
C LEU F 520 14.58 -18.69 22.05
N ILE F 521 15.30 -18.18 23.06
CA ILE F 521 15.02 -18.54 24.44
C ILE F 521 13.97 -17.58 24.98
N MET F 522 12.83 -18.12 25.43
CA MET F 522 11.69 -17.26 25.69
C MET F 522 10.70 -17.98 26.61
N GLY F 523 10.04 -17.21 27.46
CA GLY F 523 9.12 -17.76 28.44
C GLY F 523 9.10 -17.05 29.78
N ASP F 524 8.76 -17.77 30.85
CA ASP F 524 8.67 -17.16 32.18
C ASP F 524 10.04 -16.91 32.76
N SER F 525 11.01 -17.79 32.49
CA SER F 525 12.32 -17.71 33.14
C SER F 525 13.16 -16.57 32.60
N ILE F 526 12.91 -16.12 31.38
CA ILE F 526 13.72 -15.09 30.73
C ILE F 526 12.81 -13.92 30.35
N SER F 527 13.22 -12.71 30.73
CA SER F 527 12.37 -11.54 30.55
C SER F 527 12.30 -11.11 29.09
N ILE F 528 13.43 -11.11 28.39
CA ILE F 528 13.53 -10.57 27.04
C ILE F 528 13.67 -11.75 26.08
N PRO F 529 12.68 -12.01 25.19
CA PRO F 529 12.87 -12.98 24.12
C PRO F 529 14.06 -12.65 23.24
N SER F 530 15.08 -13.49 23.26
CA SER F 530 16.34 -13.21 22.57
C SER F 530 16.75 -14.42 21.75
N ILE F 531 17.39 -14.14 20.61
CA ILE F 531 17.98 -15.18 19.78
C ILE F 531 19.38 -15.45 20.30
N VAL F 532 19.61 -16.67 20.77
CA VAL F 532 20.84 -17.04 21.43
C VAL F 532 21.59 -18.06 20.58
N LYS F 533 22.85 -18.30 20.95
CA LYS F 533 23.63 -19.40 20.42
C LYS F 533 23.93 -20.34 21.56
N ILE F 534 23.45 -21.58 21.45
CA ILE F 534 23.62 -22.55 22.53
C ILE F 534 25.08 -22.93 22.64
N GLU F 535 25.53 -23.15 23.88
CA GLU F 535 26.92 -23.49 24.15
C GLU F 535 27.29 -24.80 23.47
N LYS F 536 28.52 -24.85 22.93
CA LYS F 536 28.95 -25.98 22.13
C LYS F 536 29.15 -27.20 23.02
N CYS F 537 28.62 -28.33 22.59
CA CYS F 537 28.68 -29.57 23.37
C CYS F 537 30.09 -30.15 23.27
N THR F 538 30.81 -30.16 24.40
CA THR F 538 32.09 -30.83 24.44
C THR F 538 31.94 -32.35 24.43
N ILE F 539 30.76 -32.86 24.80
CA ILE F 539 30.41 -34.27 24.64
C ILE F 539 29.15 -34.32 23.78
N PRO F 540 29.27 -34.34 22.46
CA PRO F 540 28.09 -34.23 21.61
C PRO F 540 27.30 -35.53 21.62
N PRO F 541 25.99 -35.46 21.35
CA PRO F 541 25.20 -36.69 21.27
C PRO F 541 25.53 -37.48 20.01
N SER F 542 25.07 -38.74 20.01
CA SER F 542 25.23 -39.60 18.84
C SER F 542 24.34 -39.08 17.71
N SER F 543 24.95 -38.37 16.76
CA SER F 543 24.19 -37.79 15.67
C SER F 543 23.68 -38.87 14.72
N ILE F 544 22.49 -38.64 14.17
CA ILE F 544 21.89 -39.55 13.22
C ILE F 544 21.95 -38.92 11.83
N ASP F 545 22.70 -39.58 10.95
CA ASP F 545 22.86 -39.21 9.55
C ASP F 545 23.54 -40.36 8.82
N ILE F 546 23.36 -40.40 7.50
CA ILE F 546 24.03 -41.36 6.65
C ILE F 546 24.75 -40.57 5.57
N LYS F 547 26.08 -40.64 5.56
CA LYS F 547 26.85 -39.99 4.53
C LYS F 547 26.67 -40.75 3.22
N TYR F 548 25.71 -40.32 2.40
CA TYR F 548 25.33 -41.08 1.21
C TYR F 548 26.49 -41.23 0.24
N LEU F 549 27.19 -40.12 -0.06
CA LEU F 549 28.28 -40.17 -1.02
C LEU F 549 29.43 -41.03 -0.53
N ASP F 550 29.67 -41.05 0.79
CA ASP F 550 30.64 -41.98 1.34
C ASP F 550 30.16 -43.43 1.24
N GLU F 551 28.88 -43.67 1.50
CA GLU F 551 28.37 -45.04 1.44
C GLU F 551 28.16 -45.50 0.01
N TRP F 552 27.77 -44.60 -0.89
CA TRP F 552 27.44 -45.01 -2.25
C TRP F 552 28.69 -45.36 -3.06
N ARG F 553 29.88 -44.99 -2.59
CA ARG F 553 31.12 -45.33 -3.29
C ARG F 553 31.65 -46.72 -2.96
N LYS F 554 31.10 -47.40 -1.95
CA LYS F 554 31.69 -48.64 -1.44
C LYS F 554 31.12 -49.85 -2.17
N GLU F 555 31.64 -50.07 -3.39
CA GLU F 555 31.36 -51.26 -4.22
C GLU F 555 29.85 -51.41 -4.43
N TRP F 556 29.28 -52.58 -4.15
CA TRP F 556 27.84 -52.83 -4.15
C TRP F 556 27.59 -53.70 -2.92
N VAL F 557 26.98 -53.12 -1.89
CA VAL F 557 26.76 -53.85 -0.65
C VAL F 557 25.72 -54.94 -0.88
N ASP F 558 26.14 -56.19 -0.74
CA ASP F 558 25.28 -57.34 -1.03
C ASP F 558 25.07 -58.25 0.16
N SER F 559 26.09 -58.44 0.99
CA SER F 559 25.99 -59.38 2.11
C SER F 559 24.99 -58.91 3.18
N GLU F 560 24.71 -57.62 3.26
CA GLU F 560 23.76 -57.11 4.24
C GLU F 560 22.32 -57.09 3.77
N PHE F 561 22.08 -57.22 2.46
CA PHE F 561 20.71 -57.24 1.97
C PHE F 561 19.95 -58.46 2.47
N ASP F 562 20.59 -59.63 2.45
CA ASP F 562 19.94 -60.84 2.94
C ASP F 562 19.74 -60.80 4.45
N LYS F 563 20.59 -60.05 5.17
CA LYS F 563 20.41 -59.89 6.61
C LYS F 563 19.11 -59.16 6.93
N ILE F 564 18.77 -58.15 6.13
CA ILE F 564 17.58 -57.34 6.39
C ILE F 564 16.31 -58.14 6.12
N ILE F 565 16.33 -58.99 5.08
CA ILE F 565 15.14 -59.70 4.64
C ILE F 565 14.65 -60.68 5.70
N GLU F 566 15.58 -61.43 6.30
CA GLU F 566 15.19 -62.48 7.24
C GLU F 566 14.63 -61.92 8.55
N GLN F 567 15.04 -60.70 8.94
CA GLN F 567 14.64 -60.21 10.25
C GLN F 567 13.25 -59.63 10.22
N TRP F 568 12.80 -59.14 9.05
CA TRP F 568 11.46 -58.56 8.86
C TRP F 568 10.33 -59.45 9.37
N LYS G 151 24.18 -6.63 70.40
CA LYS G 151 24.21 -5.47 69.53
C LYS G 151 25.56 -5.35 68.81
N SER G 152 25.64 -5.91 67.61
CA SER G 152 26.84 -5.82 66.79
C SER G 152 26.87 -4.49 66.07
N PHE G 153 27.76 -4.35 65.08
CA PHE G 153 27.87 -3.10 64.33
C PHE G 153 26.60 -2.81 63.54
N ASP G 154 26.01 -3.83 62.92
CA ASP G 154 24.84 -3.61 62.07
C ASP G 154 23.63 -3.19 62.89
N ASP G 155 23.45 -3.76 64.07
CA ASP G 155 22.31 -3.40 64.92
C ASP G 155 22.41 -1.97 65.41
N GLN G 156 23.62 -1.44 65.57
CA GLN G 156 23.82 -0.05 65.95
C GLN G 156 23.78 0.89 64.75
N LYS G 157 23.64 0.38 63.54
CA LYS G 157 23.72 1.23 62.36
C LYS G 157 22.38 1.88 62.03
N LYS G 158 21.31 1.07 61.94
CA LYS G 158 20.01 1.61 61.56
C LYS G 158 19.42 2.50 62.64
N GLU G 159 19.67 2.19 63.91
CA GLU G 159 19.11 3.00 64.99
C GLU G 159 19.74 4.39 65.03
N THR G 160 21.05 4.47 64.74
CA THR G 160 21.72 5.77 64.72
C THR G 160 21.30 6.61 63.52
N ILE G 161 21.00 5.96 62.40
CA ILE G 161 20.43 6.67 61.25
C ILE G 161 19.03 7.17 61.59
N GLN G 162 18.24 6.35 62.27
CA GLN G 162 16.84 6.69 62.52
C GLN G 162 16.70 7.79 63.56
N ILE G 163 17.56 7.81 64.59
CA ILE G 163 17.40 8.78 65.68
C ILE G 163 17.70 10.19 65.19
N ILE G 164 18.65 10.36 64.26
CA ILE G 164 19.00 11.67 63.75
C ILE G 164 17.97 12.17 62.73
N LYS G 165 17.16 11.26 62.16
CA LYS G 165 16.23 11.62 61.11
C LYS G 165 15.14 12.56 61.61
N ASN G 166 14.37 12.11 62.62
CA ASN G 166 13.36 12.98 63.20
C ASN G 166 13.93 13.99 64.17
N HIS G 167 15.22 13.88 64.52
CA HIS G 167 15.87 14.88 65.35
C HIS G 167 15.98 16.21 64.62
N PHE G 168 16.44 16.18 63.38
CA PHE G 168 16.46 17.36 62.53
C PHE G 168 15.17 17.54 61.75
N GLN G 169 14.32 16.50 61.69
CA GLN G 169 13.07 16.49 60.95
C GLN G 169 13.28 16.84 59.48
N CYS G 170 14.08 16.01 58.81
CA CYS G 170 14.45 16.21 57.42
C CYS G 170 14.05 14.99 56.61
N GLU G 171 14.43 15.00 55.33
CA GLU G 171 14.02 13.98 54.38
C GLU G 171 15.01 12.80 54.41
N ASP G 172 14.92 11.90 53.44
CA ASP G 172 15.52 10.58 53.55
C ASP G 172 17.03 10.59 53.35
N TYR G 173 17.51 10.99 52.16
CA TYR G 173 18.91 10.70 51.82
C TYR G 173 19.91 11.57 52.56
N GLU G 174 19.46 12.64 53.23
CA GLU G 174 20.40 13.39 54.08
C GLU G 174 20.76 12.59 55.33
N ALA G 175 19.84 11.75 55.81
CA ALA G 175 20.10 10.99 57.04
C ALA G 175 21.21 9.97 56.85
N GLU G 176 21.42 9.48 55.64
CA GLU G 176 22.43 8.44 55.41
C GLU G 176 23.83 9.03 55.27
N HIS G 177 23.97 10.17 54.58
CA HIS G 177 25.29 10.67 54.24
C HIS G 177 25.56 12.11 54.66
N TYR G 178 24.55 12.87 55.08
CA TYR G 178 24.74 14.29 55.36
C TYR G 178 24.74 14.63 56.84
N LEU G 179 23.87 14.01 57.63
CA LEU G 179 23.94 14.21 59.08
C LEU G 179 24.75 13.12 59.78
N TYR G 180 24.41 11.85 59.56
CA TYR G 180 25.03 10.76 60.29
C TYR G 180 26.52 10.62 59.96
N SER G 181 26.88 10.84 58.70
CA SER G 181 28.30 10.81 58.34
C SER G 181 29.06 11.97 58.98
N ASN G 182 28.42 13.13 59.07
CA ASN G 182 29.04 14.27 59.75
C ASN G 182 28.98 14.14 61.26
N ALA G 183 27.93 13.53 61.80
CA ALA G 183 27.83 13.37 63.25
C ALA G 183 28.83 12.32 63.76
N PHE G 184 29.16 11.33 62.93
CA PHE G 184 30.13 10.32 63.34
C PHE G 184 31.52 10.91 63.52
N ARG G 185 31.89 11.85 62.64
CA ARG G 185 33.21 12.45 62.73
C ARG G 185 33.32 13.40 63.92
N LYS G 186 32.31 14.24 64.12
CA LYS G 186 32.39 15.25 65.19
C LYS G 186 32.31 14.63 66.58
N THR G 187 31.58 13.53 66.73
CA THR G 187 31.60 12.79 67.99
C THR G 187 32.98 12.18 68.24
N TYR G 188 33.62 11.68 67.18
CA TYR G 188 34.98 11.16 67.33
C TYR G 188 35.97 12.29 67.48
N ASP G 189 35.74 13.43 66.81
CA ASP G 189 36.64 14.58 66.96
C ASP G 189 36.58 15.19 68.36
N ILE G 190 35.49 14.96 69.10
CA ILE G 190 35.43 15.35 70.51
C ILE G 190 35.84 14.22 71.45
N SER G 191 35.89 12.97 70.95
CA SER G 191 36.28 11.84 71.78
C SER G 191 37.79 11.65 71.82
N CYS G 192 38.48 11.85 70.71
CA CYS G 192 39.93 11.77 70.69
C CYS G 192 40.60 13.05 71.17
N ASN G 193 39.83 14.10 71.45
CA ASN G 193 40.38 15.28 72.11
C ASN G 193 40.72 14.91 73.55
N LYS G 194 41.98 15.10 73.92
CA LYS G 194 42.45 14.74 75.25
C LYS G 194 42.21 15.84 76.28
N LYS G 195 41.62 16.96 75.87
CA LYS G 195 41.35 18.08 76.77
C LYS G 195 39.87 18.26 77.09
N ASP G 196 38.97 17.84 76.20
CA ASP G 196 37.54 18.02 76.39
C ASP G 196 36.81 16.76 75.98
N ARG G 197 36.08 16.15 76.92
CA ARG G 197 35.23 15.01 76.60
C ARG G 197 33.80 15.25 77.10
N ARG G 198 33.67 16.01 78.19
CA ARG G 198 32.35 16.39 78.68
C ARG G 198 31.72 17.40 77.73
N ILE G 199 30.48 17.15 77.33
CA ILE G 199 29.84 17.95 76.30
C ILE G 199 28.32 17.89 76.51
N LYS G 200 27.68 19.06 76.43
CA LYS G 200 26.23 19.13 76.35
C LYS G 200 25.83 19.09 74.88
N LYS G 201 24.77 18.33 74.58
CA LYS G 201 24.39 18.06 73.20
C LYS G 201 23.80 19.28 72.49
N SER G 202 23.43 20.34 73.23
CA SER G 202 22.73 21.47 72.62
C SER G 202 23.60 22.21 71.60
N ASP G 203 24.87 22.42 71.92
CA ASP G 203 25.77 23.08 70.98
C ASP G 203 26.29 22.12 69.92
N PHE G 204 26.18 20.82 70.14
CA PHE G 204 26.65 19.84 69.16
C PHE G 204 25.71 19.76 67.96
N VAL G 205 24.41 19.99 68.18
CA VAL G 205 23.43 19.89 67.11
C VAL G 205 23.62 21.01 66.08
N GLU G 206 23.78 22.25 66.56
CA GLU G 206 23.89 23.40 65.67
C GLU G 206 25.24 23.52 64.99
N SER G 207 26.24 22.75 65.43
CA SER G 207 27.57 22.81 64.85
C SER G 207 27.71 21.92 63.61
N ILE G 208 27.09 20.74 63.63
CA ILE G 208 27.22 19.80 62.52
C ILE G 208 26.23 20.05 61.40
N ASN G 209 25.28 20.96 61.58
CA ASN G 209 24.27 21.23 60.55
C ASN G 209 24.73 22.31 59.57
N LYS G 210 25.92 22.12 59.01
CA LYS G 210 26.43 22.96 57.94
C LYS G 210 26.34 22.21 56.62
N SER G 211 26.16 22.95 55.54
CA SER G 211 25.98 22.35 54.21
C SER G 211 27.33 21.86 53.66
N LYS G 212 27.87 20.83 54.33
CA LYS G 212 29.15 20.24 53.99
C LYS G 212 29.09 18.76 54.29
N VAL G 213 29.58 17.95 53.36
CA VAL G 213 29.74 16.51 53.56
C VAL G 213 31.21 16.28 53.86
N LEU G 214 31.56 16.33 55.14
CA LEU G 214 32.95 16.15 55.53
C LEU G 214 33.37 14.69 55.41
N PHE G 215 34.67 14.49 55.24
CA PHE G 215 35.22 13.17 54.97
C PHE G 215 35.15 12.27 56.20
N ASN G 216 34.85 10.99 55.97
CA ASN G 216 34.87 9.96 57.01
C ASN G 216 35.93 8.95 56.63
N ILE G 217 37.01 8.89 57.41
CA ILE G 217 38.15 8.04 57.09
C ILE G 217 37.78 6.57 57.32
N TRP G 218 36.95 6.28 58.32
CA TRP G 218 36.64 4.89 58.64
C TRP G 218 35.67 4.27 57.65
N PHE G 219 34.71 5.05 57.15
CA PHE G 219 33.85 4.57 56.08
C PHE G 219 34.62 4.42 54.78
N TYR G 220 35.68 5.22 54.60
CA TYR G 220 36.62 4.99 53.51
C TYR G 220 37.34 3.65 53.68
N GLN G 221 37.71 3.32 54.93
CA GLN G 221 38.40 2.06 55.18
C GLN G 221 37.45 0.86 55.14
N TYR G 222 36.20 1.03 55.55
CA TYR G 222 35.24 -0.07 55.54
C TYR G 222 34.87 -0.38 54.10
N GLU G 223 34.24 0.58 53.42
CA GLU G 223 33.67 0.31 52.11
C GLU G 223 34.73 0.22 51.02
N GLY G 224 35.86 0.88 51.19
CA GLY G 224 36.85 0.96 50.14
C GLY G 224 36.64 2.17 49.25
N ARG G 225 37.66 2.47 48.45
CA ARG G 225 37.60 3.67 47.63
C ARG G 225 36.67 3.51 46.43
N LYS G 226 36.32 2.28 46.06
CA LYS G 226 35.31 2.09 45.02
C LYS G 226 33.93 2.42 45.57
N GLU G 227 33.64 1.92 46.78
CA GLU G 227 32.27 1.90 47.28
C GLU G 227 31.89 3.17 48.02
N TYR G 228 32.85 3.79 48.72
CA TYR G 228 32.59 5.06 49.40
C TYR G 228 32.29 6.17 48.41
N LEU G 229 33.06 6.27 47.32
CA LEU G 229 32.78 7.29 46.32
C LEU G 229 31.52 6.96 45.52
N ARG G 230 31.15 5.67 45.47
CA ARG G 230 29.92 5.31 44.78
C ARG G 230 28.69 5.77 45.56
N LYS G 231 28.72 5.66 46.89
CA LYS G 231 27.60 6.16 47.70
C LYS G 231 27.50 7.68 47.63
N LEU G 232 28.63 8.36 47.44
CA LEU G 232 28.62 9.80 47.24
C LEU G 232 28.01 10.18 45.89
N LYS G 233 28.15 9.30 44.89
CA LYS G 233 27.66 9.62 43.55
C LYS G 233 26.14 9.56 43.49
N GLU G 234 25.54 8.52 44.06
CA GLU G 234 24.09 8.37 43.99
C GLU G 234 23.34 9.21 45.01
N SER G 235 24.03 9.94 45.89
CA SER G 235 23.39 10.82 46.86
C SER G 235 23.32 12.26 46.40
N PHE G 236 24.45 12.88 46.10
CA PHE G 236 24.52 14.30 45.77
C PHE G 236 24.89 14.58 44.33
N ILE G 237 25.20 13.56 43.55
CA ILE G 237 25.56 13.73 42.14
C ILE G 237 24.46 13.03 41.33
N ARG G 238 23.23 13.11 41.81
CA ARG G 238 22.09 12.51 41.14
C ARG G 238 21.88 13.15 39.78
N ARG G 239 21.89 12.31 38.73
CA ARG G 239 21.73 12.77 37.37
C ARG G 239 20.54 12.06 36.73
N SER G 240 19.98 12.69 35.71
CA SER G 240 18.89 12.11 34.94
C SER G 240 19.39 11.80 33.53
N VAL G 241 18.46 11.34 32.69
CA VAL G 241 18.79 11.09 31.30
C VAL G 241 19.04 12.40 30.58
N ASN G 242 18.19 13.39 30.81
CA ASN G 242 18.28 14.69 30.16
C ASN G 242 18.84 15.69 31.16
N THR G 243 20.06 16.15 30.92
CA THR G 243 20.71 17.14 31.78
C THR G 243 20.28 18.53 31.32
N SER G 244 19.68 19.29 32.23
CA SER G 244 19.15 20.60 31.89
C SER G 244 20.30 21.60 31.71
N PRO G 245 20.10 22.61 30.86
CA PRO G 245 21.14 23.65 30.71
C PRO G 245 21.21 24.59 31.90
N TYR G 246 21.72 24.10 33.02
CA TYR G 246 21.91 24.92 34.21
C TYR G 246 23.35 25.41 34.31
N ALA G 247 23.53 26.51 35.03
CA ALA G 247 24.85 27.08 35.26
C ALA G 247 25.47 26.34 36.45
N ARG G 248 26.18 25.27 36.15
CA ARG G 248 26.79 24.43 37.17
C ARG G 248 28.20 24.91 37.45
N PHE G 249 28.48 25.23 38.71
CA PHE G 249 29.77 25.75 39.15
C PHE G 249 30.50 24.64 39.89
N PHE G 250 31.68 24.29 39.41
CA PHE G 250 32.50 23.23 39.99
C PHE G 250 33.70 23.87 40.69
N ILE G 251 33.67 23.86 42.01
CA ILE G 251 34.72 24.47 42.83
C ILE G 251 35.58 23.35 43.40
N LEU G 252 36.85 23.32 43.01
CA LEU G 252 37.78 22.26 43.39
C LEU G 252 38.98 22.85 44.10
N GLU G 253 39.42 22.19 45.16
CA GLU G 253 40.60 22.60 45.92
C GLU G 253 41.86 22.19 45.17
N PHE G 254 42.55 23.18 44.60
CA PHE G 254 43.85 22.96 43.97
C PHE G 254 44.94 23.26 44.98
N GLN G 255 45.86 22.33 45.16
CA GLN G 255 47.05 22.57 45.96
C GLN G 255 48.27 22.02 45.24
N ASP G 256 49.44 22.36 45.79
CA ASP G 256 50.70 21.92 45.23
C ASP G 256 50.96 20.44 45.46
N LYS G 257 50.26 19.81 46.42
CA LYS G 257 50.49 18.39 46.68
C LYS G 257 49.96 17.51 45.56
N THR G 258 48.98 17.98 44.80
CA THR G 258 48.43 17.26 43.67
C THR G 258 49.02 17.83 42.38
N ASP G 259 49.54 16.95 41.53
CA ASP G 259 50.11 17.38 40.26
C ASP G 259 49.00 17.83 39.32
N ILE G 260 49.40 18.61 38.31
CA ILE G 260 48.44 19.19 37.36
C ILE G 260 47.79 18.11 36.52
N LYS G 261 48.52 17.01 36.25
CA LYS G 261 48.00 15.95 35.39
C LYS G 261 46.77 15.27 35.99
N THR G 262 46.76 15.08 37.32
CA THR G 262 45.58 14.50 37.96
C THR G 262 44.43 15.49 38.06
N VAL G 263 44.70 16.79 37.89
CA VAL G 263 43.64 17.78 37.81
C VAL G 263 43.05 17.83 36.40
N LYS G 264 43.88 17.58 35.39
CA LYS G 264 43.41 17.70 34.00
C LYS G 264 42.39 16.63 33.65
N ASP G 265 42.62 15.38 34.09
CA ASP G 265 41.66 14.33 33.82
C ASP G 265 40.37 14.53 34.60
N CYS G 266 40.45 15.19 35.76
CA CYS G 266 39.23 15.58 36.46
C CYS G 266 38.47 16.65 35.69
N ILE G 267 39.20 17.59 35.07
CA ILE G 267 38.57 18.62 34.27
C ILE G 267 37.94 18.03 33.00
N TYR G 268 38.65 17.10 32.36
CA TYR G 268 38.10 16.43 31.18
C TYR G 268 36.86 15.62 31.51
N LYS G 269 36.83 14.99 32.70
CA LYS G 269 35.65 14.23 33.10
C LYS G 269 34.48 15.14 33.42
N ILE G 270 34.75 16.27 34.09
CA ILE G 270 33.70 17.24 34.38
C ILE G 270 33.17 17.86 33.09
N GLN G 271 34.06 18.22 32.16
CA GLN G 271 33.65 18.86 30.92
C GLN G 271 32.86 17.90 30.03
N SER G 272 33.26 16.63 29.98
CA SER G 272 32.56 15.69 29.11
C SER G 272 31.20 15.30 29.68
N ASN G 273 31.07 15.20 31.00
CA ASN G 273 29.83 14.72 31.60
C ASN G 273 28.79 15.83 31.74
N TRP G 274 29.22 17.05 32.04
CA TRP G 274 28.32 18.13 32.41
C TRP G 274 28.15 19.17 31.31
N SER G 275 28.42 18.81 30.05
CA SER G 275 28.24 19.73 28.94
C SER G 275 27.61 19.00 27.77
N ASN G 276 26.90 19.76 26.94
CA ASN G 276 26.36 19.27 25.67
C ASN G 276 26.64 20.36 24.63
N LEU G 277 27.80 20.27 24.00
CA LEU G 277 28.22 21.23 22.98
C LEU G 277 27.98 20.71 21.57
N SER G 278 26.96 19.87 21.39
CA SER G 278 26.59 19.44 20.05
C SER G 278 26.11 20.64 19.25
N LYS G 279 26.53 20.70 17.99
CA LYS G 279 26.22 21.87 17.16
C LYS G 279 24.73 21.91 16.79
N ARG G 280 24.03 20.79 16.91
CA ARG G 280 22.61 20.71 16.63
C ARG G 280 21.72 21.24 17.76
N THR G 281 22.25 21.42 18.97
CA THR G 281 21.37 21.82 20.05
C THR G 281 21.06 23.32 19.97
N ASP G 282 19.96 23.69 20.62
CA ASP G 282 19.56 25.09 20.72
C ASP G 282 19.80 25.68 22.10
N ARG G 283 20.08 24.85 23.10
CA ARG G 283 20.39 25.30 24.45
C ARG G 283 21.69 24.63 24.91
N PRO G 284 22.84 25.09 24.42
CA PRO G 284 24.11 24.51 24.88
C PRO G 284 24.43 24.97 26.29
N TYR G 285 25.22 24.14 26.97
CA TYR G 285 25.64 24.45 28.33
C TYR G 285 27.04 23.91 28.57
N SER G 286 27.82 24.65 29.34
CA SER G 286 29.20 24.29 29.69
C SER G 286 29.41 24.47 31.19
N PRO G 287 30.22 23.61 31.80
CA PRO G 287 30.47 23.74 33.24
C PRO G 287 31.35 24.93 33.56
N PHE G 288 31.13 25.50 34.73
CA PHE G 288 31.97 26.56 35.27
C PHE G 288 32.97 25.94 36.24
N LEU G 289 34.25 26.22 36.02
CA LEU G 289 35.32 25.62 36.80
C LEU G 289 35.97 26.68 37.68
N LEU G 290 36.06 26.39 38.98
CA LEU G 290 36.68 27.29 39.94
C LEU G 290 37.76 26.54 40.70
N PHE G 291 38.92 27.16 40.86
CA PHE G 291 40.02 26.60 41.62
C PHE G 291 40.52 27.64 42.61
N HIS G 292 40.97 27.16 43.77
CA HIS G 292 41.39 28.05 44.84
C HIS G 292 42.37 27.33 45.75
N GLY G 293 43.01 28.09 46.63
CA GLY G 293 43.96 27.52 47.56
C GLY G 293 45.30 27.15 46.95
N THR G 294 45.65 27.73 45.81
CA THR G 294 46.92 27.45 45.16
C THR G 294 47.51 28.75 44.62
N SER G 295 48.81 28.70 44.33
CA SER G 295 49.47 29.81 43.66
C SER G 295 48.97 29.93 42.23
N ASP G 296 48.95 31.17 41.73
CA ASP G 296 48.50 31.42 40.37
C ASP G 296 49.45 30.86 39.32
N ALA G 297 50.72 30.65 39.68
CA ALA G 297 51.67 30.05 38.74
C ALA G 297 51.28 28.62 38.40
N ASN G 298 50.81 27.86 39.40
CA ASN G 298 50.27 26.54 39.12
C ASN G 298 48.94 26.62 38.38
N LEU G 299 48.16 27.67 38.64
CA LEU G 299 46.89 27.85 37.95
C LEU G 299 47.12 28.27 36.49
N TYR G 300 48.04 29.20 36.26
CA TYR G 300 48.27 29.68 34.90
C TYR G 300 48.90 28.61 34.02
N GLU G 301 49.80 27.81 34.60
CA GLU G 301 50.41 26.71 33.85
C GLU G 301 49.38 25.64 33.50
N LEU G 302 48.46 25.34 34.43
CA LEU G 302 47.40 24.38 34.16
C LEU G 302 46.48 24.87 33.04
N LYS G 303 46.17 26.17 33.04
CA LYS G 303 45.35 26.74 31.98
C LYS G 303 46.07 26.71 30.63
N ASN G 304 47.40 26.74 30.62
CA ASN G 304 48.13 26.72 29.37
C ASN G 304 48.09 25.36 28.70
N GLN G 305 48.25 24.28 29.48
CA GLN G 305 48.20 22.95 28.88
C GLN G 305 46.78 22.55 28.52
N LEU G 306 45.78 23.10 29.21
CA LEU G 306 44.39 22.90 28.79
C LEU G 306 44.14 23.54 27.43
N PHE G 307 44.67 24.74 27.21
CA PHE G 307 44.49 25.41 25.94
C PHE G 307 45.29 24.76 24.82
N ASN G 308 46.44 24.17 25.16
CA ASN G 308 47.28 23.52 24.16
C ASN G 308 46.73 22.18 23.69
N GLU G 309 45.81 21.58 24.45
CA GLU G 309 45.19 20.32 24.07
C GLU G 309 43.77 20.51 23.56
N ASP G 310 43.50 21.67 22.95
CA ASP G 310 42.23 21.98 22.28
C ASP G 310 41.03 21.93 23.24
N LEU G 311 41.24 22.31 24.50
CA LEU G 311 40.14 22.51 25.44
C LEU G 311 39.96 24.02 25.59
N ILE G 312 39.19 24.60 24.67
CA ILE G 312 39.02 26.04 24.62
C ILE G 312 38.09 26.48 25.75
N PHE G 313 38.55 27.46 26.53
CA PHE G 313 37.78 27.96 27.66
C PHE G 313 37.84 29.48 27.65
N THR G 314 37.19 30.09 28.64
CA THR G 314 37.25 31.52 28.84
C THR G 314 37.23 31.82 30.34
N ASP G 315 37.74 33.00 30.70
CA ASP G 315 37.78 33.42 32.09
C ASP G 315 37.18 34.81 32.32
N GLY G 316 36.64 35.44 31.29
CA GLY G 316 36.24 36.83 31.39
C GLY G 316 37.35 37.81 31.13
N TYR G 317 38.55 37.33 30.79
CA TYR G 317 39.69 38.19 30.44
C TYR G 317 40.04 37.88 28.98
N PRO G 318 39.37 38.53 28.03
CA PRO G 318 39.57 38.19 26.61
C PRO G 318 40.90 38.65 26.05
N PHE G 319 41.60 39.56 26.72
CA PHE G 319 42.90 40.02 26.24
C PHE G 319 43.76 40.37 27.44
N LYS G 320 45.03 40.68 27.16
CA LYS G 320 45.98 41.00 28.22
C LYS G 320 45.67 42.39 28.79
N GLY G 321 45.61 42.47 30.11
CA GLY G 321 45.28 43.71 30.78
C GLY G 321 43.80 44.02 30.86
N SER G 322 42.95 43.09 30.43
CA SER G 322 41.51 43.31 30.48
C SER G 322 40.99 43.23 31.91
N VAL G 323 39.98 44.05 32.20
CA VAL G 323 39.23 43.85 33.43
C VAL G 323 38.37 42.60 33.30
N PHE G 324 37.88 42.10 34.44
CA PHE G 324 37.05 40.90 34.44
C PHE G 324 35.68 41.23 33.86
N THR G 325 35.40 40.68 32.68
CA THR G 325 34.11 40.89 32.04
C THR G 325 33.27 39.64 32.25
N PRO G 326 32.26 39.67 33.13
CA PRO G 326 31.44 38.47 33.35
C PRO G 326 30.63 38.05 32.16
N LYS G 327 30.31 38.98 31.24
CA LYS G 327 29.51 38.67 30.06
C LYS G 327 30.22 37.71 29.11
N MET G 328 31.56 37.70 29.13
CA MET G 328 32.30 36.68 28.39
C MET G 328 32.02 35.29 28.93
N LEU G 329 31.85 35.16 30.24
CA LEU G 329 31.53 33.87 30.84
C LEU G 329 30.11 33.43 30.51
N ILE G 330 29.17 34.36 30.48
CA ILE G 330 27.78 34.01 30.15
C ILE G 330 27.65 33.64 28.68
N GLU G 331 28.39 34.33 27.81
CA GLU G 331 28.30 34.04 26.39
C GLU G 331 28.93 32.69 26.05
N GLY G 332 29.91 32.24 26.84
CA GLY G 332 30.49 30.92 26.67
C GLY G 332 29.63 29.79 27.19
N PHE G 333 28.60 30.11 27.97
CA PHE G 333 27.65 29.09 28.42
C PHE G 333 26.83 28.56 27.26
N SER G 334 26.40 29.46 26.36
CA SER G 334 25.64 29.08 25.18
C SER G 334 26.52 28.93 23.94
N ASN G 335 27.83 29.05 24.08
CA ASN G 335 28.74 28.99 22.94
C ASN G 335 29.25 27.57 22.78
N LYS G 336 29.14 27.04 21.56
CA LYS G 336 29.48 25.64 21.32
C LYS G 336 30.99 25.38 21.18
N GLU G 337 31.79 26.38 20.79
CA GLU G 337 33.23 26.14 20.68
C GLU G 337 33.99 26.45 21.97
N ILE G 338 33.31 26.87 23.02
CA ILE G 338 33.93 27.09 24.33
C ILE G 338 33.53 25.92 25.21
N HIS G 339 34.52 25.14 25.64
CA HIS G 339 34.24 23.88 26.32
C HIS G 339 33.79 24.08 27.75
N PHE G 340 34.39 25.03 28.47
CA PHE G 340 34.03 25.30 29.85
C PHE G 340 34.46 26.72 30.19
N GLN G 341 34.19 27.12 31.43
CA GLN G 341 34.60 28.42 31.94
C GLN G 341 35.55 28.24 33.12
N PHE G 342 36.70 28.91 33.05
CA PHE G 342 37.72 28.84 34.09
C PHE G 342 37.61 30.12 34.93
N ILE G 343 36.80 30.06 35.98
CA ILE G 343 36.65 31.21 36.87
C ILE G 343 37.93 31.37 37.67
N ASN G 344 38.57 32.54 37.56
CA ASN G 344 39.92 32.70 38.07
C ASN G 344 39.95 32.78 39.59
N ASP G 345 39.12 33.64 40.18
CA ASP G 345 39.16 33.89 41.61
C ASP G 345 37.75 33.82 42.19
N ILE G 346 37.69 33.87 43.53
CA ILE G 346 36.41 33.87 44.24
C ILE G 346 35.66 35.17 43.97
N ASP G 347 36.38 36.28 43.83
CA ASP G 347 35.75 37.56 43.53
C ASP G 347 35.09 37.53 42.16
N ASP G 348 35.72 36.88 41.18
CA ASP G 348 35.10 36.71 39.87
C ASP G 348 33.92 35.73 39.93
N PHE G 349 33.95 34.80 40.88
CA PHE G 349 32.84 33.87 41.05
C PHE G 349 31.57 34.56 41.53
N ASN G 350 31.72 35.49 42.48
CA ASN G 350 30.56 36.20 43.00
C ASN G 350 29.99 37.19 41.99
N GLU G 351 30.86 37.77 41.14
CA GLU G 351 30.37 38.67 40.10
C GLU G 351 29.63 37.92 39.00
N THR G 352 30.03 36.67 38.73
CA THR G 352 29.34 35.87 37.73
C THR G 352 27.96 35.45 38.20
N LEU G 353 27.79 35.25 39.51
CA LEU G 353 26.49 34.82 40.04
C LEU G 353 25.42 35.88 39.85
N ASN G 354 25.78 37.15 39.97
CA ASN G 354 24.81 38.23 39.83
C ASN G 354 24.38 38.44 38.37
N SER G 355 25.16 37.96 37.42
CA SER G 355 24.87 38.15 36.00
C SER G 355 24.15 36.97 35.36
N ILE G 356 23.79 35.95 36.14
CA ILE G 356 23.11 34.77 35.63
C ILE G 356 21.68 34.78 36.14
N ASN G 357 20.71 34.66 35.22
CA ASN G 357 19.30 34.57 35.58
C ASN G 357 18.76 33.15 35.57
N ILE G 358 19.44 32.23 34.88
CA ILE G 358 19.01 30.84 34.83
C ILE G 358 19.43 30.12 36.10
N ARG G 359 18.95 28.89 36.29
CA ARG G 359 19.19 28.15 37.53
C ARG G 359 20.67 27.84 37.71
N LYS G 360 21.22 28.24 38.85
CA LYS G 360 22.60 27.95 39.18
C LYS G 360 22.69 26.68 40.03
N GLU G 361 23.80 25.97 39.89
CA GLU G 361 24.11 24.82 40.72
C GLU G 361 25.58 24.89 41.12
N VAL G 362 25.88 24.45 42.34
CA VAL G 362 27.24 24.49 42.89
C VAL G 362 27.62 23.09 43.32
N TYR G 363 28.77 22.61 42.82
CA TYR G 363 29.33 21.32 43.20
C TYR G 363 30.75 21.56 43.69
N GLN G 364 30.92 21.67 45.00
CA GLN G 364 32.22 21.91 45.60
C GLN G 364 32.84 20.60 46.05
N PHE G 365 34.08 20.37 45.65
CA PHE G 365 34.84 19.20 46.06
C PHE G 365 36.18 19.66 46.60
N TYR G 366 36.31 19.69 47.92
CA TYR G 366 37.50 20.21 48.59
C TYR G 366 38.13 19.11 49.45
N THR G 367 39.27 19.43 50.04
CA THR G 367 39.96 18.52 50.93
C THR G 367 40.11 19.07 52.34
N GLU G 368 40.57 20.31 52.48
CA GLU G 368 40.70 20.94 53.78
C GLU G 368 39.87 22.21 53.93
N ASN G 369 39.97 23.15 53.00
CA ASN G 369 39.26 24.42 53.11
C ASN G 369 38.12 24.47 52.10
N CYS G 370 36.98 25.00 52.54
CA CYS G 370 35.78 25.09 51.72
C CYS G 370 35.31 26.54 51.67
N LEU G 371 35.04 27.02 50.47
CA LEU G 371 34.59 28.41 50.31
C LEU G 371 33.14 28.56 50.73
N ASP G 372 32.79 29.78 51.16
CA ASP G 372 31.45 30.08 51.65
C ASP G 372 30.60 30.61 50.51
N ILE G 373 29.99 29.70 49.77
CA ILE G 373 29.00 30.09 48.74
C ILE G 373 27.75 30.62 49.43
N PRO G 374 27.12 31.67 48.91
CA PRO G 374 25.84 32.13 49.49
C PRO G 374 24.77 31.04 49.46
N SER G 375 23.92 31.05 50.48
CA SER G 375 23.16 29.86 50.87
C SER G 375 21.91 29.62 50.03
N GLN G 376 21.43 30.60 49.26
CA GLN G 376 20.21 30.36 48.50
C GLN G 376 20.44 29.50 47.26
N LEU G 377 21.69 29.37 46.83
CA LEU G 377 21.99 28.51 45.70
C LEU G 377 21.93 27.04 46.11
N PRO G 378 21.58 26.14 45.18
CA PRO G 378 21.71 24.71 45.47
C PRO G 378 23.16 24.26 45.48
N GLN G 379 23.69 23.95 46.66
CA GLN G 379 25.09 23.61 46.82
C GLN G 379 25.28 22.13 47.07
N VAL G 380 26.43 21.61 46.63
CA VAL G 380 26.90 20.28 46.99
C VAL G 380 28.35 20.45 47.41
N ASN G 381 28.62 20.35 48.71
CA ASN G 381 29.97 20.45 49.25
C ASN G 381 30.37 19.09 49.78
N ILE G 382 31.34 18.46 49.12
CA ILE G 382 31.81 17.13 49.47
C ILE G 382 33.31 17.22 49.76
N GLN G 383 33.71 16.81 50.96
CA GLN G 383 35.12 16.78 51.33
C GLN G 383 35.69 15.42 50.98
N VAL G 384 36.78 15.43 50.21
CA VAL G 384 37.39 14.20 49.71
C VAL G 384 38.77 14.05 50.31
N LYS G 385 39.28 12.81 50.29
CA LYS G 385 40.61 12.54 50.81
C LYS G 385 41.69 13.04 49.85
N ASP G 386 41.48 12.83 48.55
CA ASP G 386 42.46 13.21 47.54
C ASP G 386 41.74 13.76 46.32
N PHE G 387 42.50 14.47 45.48
CA PHE G 387 41.92 15.06 44.27
C PHE G 387 41.52 14.00 43.25
N ALA G 388 42.19 12.84 43.28
CA ALA G 388 41.84 11.76 42.36
C ALA G 388 40.46 11.18 42.64
N ASP G 389 39.94 11.35 43.85
CA ASP G 389 38.60 10.90 44.18
C ASP G 389 37.51 11.77 43.56
N ILE G 390 37.83 13.01 43.20
CA ILE G 390 36.83 13.92 42.63
C ILE G 390 36.38 13.43 41.26
N LYS G 391 37.30 12.85 40.48
CA LYS G 391 36.97 12.35 39.15
C LYS G 391 35.95 11.22 39.21
N GLU G 392 36.10 10.31 40.18
CA GLU G 392 35.20 9.17 40.30
C GLU G 392 33.85 9.53 40.91
N ILE G 393 33.68 10.74 41.43
CA ILE G 393 32.42 11.17 42.01
C ILE G 393 31.56 11.92 40.99
N VAL G 394 32.17 12.84 40.24
CA VAL G 394 31.44 13.64 39.26
C VAL G 394 30.99 12.78 38.07
N LYS H 151 -38.75 32.12 56.50
CA LYS H 151 -38.68 30.66 56.46
C LYS H 151 -37.24 30.19 56.56
N SER H 152 -36.98 28.99 56.04
CA SER H 152 -35.62 28.49 55.94
C SER H 152 -34.87 29.25 54.84
N PHE H 153 -33.54 29.09 54.85
CA PHE H 153 -32.71 29.76 53.86
C PHE H 153 -32.99 29.23 52.46
N ASP H 154 -33.16 27.92 52.32
CA ASP H 154 -33.43 27.34 51.01
C ASP H 154 -34.87 27.58 50.56
N ASP H 155 -35.81 27.66 51.51
CA ASP H 155 -37.23 27.69 51.18
C ASP H 155 -37.62 28.95 50.40
N GLN H 156 -37.12 30.10 50.82
CA GLN H 156 -37.44 31.35 50.14
C GLN H 156 -36.50 31.65 48.98
N LYS H 157 -35.50 30.81 48.73
CA LYS H 157 -34.59 31.06 47.62
C LYS H 157 -35.25 30.80 46.28
N LYS H 158 -36.03 29.72 46.17
CA LYS H 158 -36.74 29.48 44.92
C LYS H 158 -38.00 30.33 44.79
N GLU H 159 -38.45 30.94 45.88
CA GLU H 159 -39.65 31.77 45.83
C GLU H 159 -39.34 33.17 45.35
N THR H 160 -38.28 33.78 45.90
CA THR H 160 -38.02 35.20 45.67
C THR H 160 -37.60 35.48 44.23
N ILE H 161 -36.90 34.55 43.58
CA ILE H 161 -36.50 34.78 42.20
C ILE H 161 -37.66 34.61 41.23
N GLN H 162 -38.76 33.98 41.67
CA GLN H 162 -39.86 33.69 40.77
C GLN H 162 -40.66 34.94 40.41
N ILE H 163 -40.78 35.89 41.34
CA ILE H 163 -41.48 37.14 41.03
C ILE H 163 -40.66 37.98 40.07
N ILE H 164 -39.34 38.01 40.25
CA ILE H 164 -38.48 38.83 39.39
C ILE H 164 -38.29 38.20 38.02
N LYS H 165 -38.48 36.88 37.89
CA LYS H 165 -38.19 36.20 36.63
C LYS H 165 -39.21 36.58 35.55
N ASN H 166 -40.50 36.51 35.86
CA ASN H 166 -41.50 36.81 34.85
C ASN H 166 -41.78 38.29 34.72
N HIS H 167 -41.33 39.10 35.67
CA HIS H 167 -41.57 40.54 35.60
C HIS H 167 -40.69 41.20 34.55
N PHE H 168 -39.44 40.78 34.46
CA PHE H 168 -38.48 41.38 33.54
C PHE H 168 -38.21 40.53 32.31
N GLN H 169 -38.59 39.24 32.34
CA GLN H 169 -38.49 38.31 31.21
C GLN H 169 -37.06 38.18 30.70
N CYS H 170 -36.14 37.87 31.62
CA CYS H 170 -34.74 37.67 31.29
C CYS H 170 -34.33 36.24 31.63
N GLU H 171 -33.04 35.94 31.44
CA GLU H 171 -32.53 34.60 31.66
C GLU H 171 -32.28 34.36 33.15
N ASP H 172 -31.66 33.22 33.47
CA ASP H 172 -31.45 32.85 34.87
C ASP H 172 -30.39 33.74 35.53
N TYR H 173 -29.27 33.95 34.85
CA TYR H 173 -28.20 34.76 35.43
C TYR H 173 -28.54 36.25 35.40
N GLU H 174 -29.45 36.67 34.53
CA GLU H 174 -29.88 38.05 34.51
C GLU H 174 -30.98 38.34 35.52
N ALA H 175 -31.50 37.33 36.21
CA ALA H 175 -32.53 37.51 37.22
C ALA H 175 -32.07 37.08 38.61
N GLU H 176 -31.58 35.84 38.75
CA GLU H 176 -31.19 35.34 40.06
C GLU H 176 -29.88 35.96 40.51
N HIS H 177 -28.98 36.25 39.57
CA HIS H 177 -27.64 36.73 39.88
C HIS H 177 -27.51 38.23 39.75
N TYR H 178 -28.33 38.84 38.91
CA TYR H 178 -28.22 40.24 38.53
C TYR H 178 -29.27 41.12 39.20
N LEU H 179 -30.51 40.64 39.29
CA LEU H 179 -31.60 41.41 39.87
C LEU H 179 -31.95 40.98 41.29
N TYR H 180 -31.95 39.67 41.56
CA TYR H 180 -32.25 39.19 42.90
C TYR H 180 -31.14 39.54 43.89
N SER H 181 -29.88 39.55 43.43
CA SER H 181 -28.77 39.90 44.30
C SER H 181 -28.85 41.37 44.73
N ASN H 182 -29.18 42.26 43.79
CA ASN H 182 -29.30 43.67 44.14
C ASN H 182 -30.54 43.96 44.97
N ALA H 183 -31.58 43.11 44.87
CA ALA H 183 -32.79 43.32 45.65
C ALA H 183 -32.59 43.01 47.12
N PHE H 184 -31.58 42.21 47.46
CA PHE H 184 -31.37 41.83 48.85
C PHE H 184 -30.74 42.98 49.63
N ARG H 185 -29.82 43.73 49.01
CA ARG H 185 -29.16 44.83 49.70
C ARG H 185 -30.13 45.97 50.01
N LYS H 186 -30.89 46.42 49.02
CA LYS H 186 -31.76 47.56 49.24
C LYS H 186 -32.99 47.21 50.08
N THR H 187 -33.30 45.92 50.22
CA THR H 187 -34.18 45.50 51.31
C THR H 187 -33.51 45.74 52.66
N TYR H 188 -32.23 45.37 52.77
CA TYR H 188 -31.48 45.56 54.01
C TYR H 188 -31.08 47.02 54.21
N ASP H 189 -30.91 47.78 53.11
CA ASP H 189 -30.48 49.17 53.23
C ASP H 189 -31.55 50.04 53.90
N ILE H 190 -32.83 49.70 53.74
CA ILE H 190 -33.89 50.41 54.43
C ILE H 190 -34.28 49.72 55.74
N SER H 191 -33.95 48.44 55.91
CA SER H 191 -34.22 47.77 57.18
C SER H 191 -33.27 48.26 58.27
N CYS H 192 -32.02 48.53 57.91
CA CYS H 192 -31.04 49.03 58.86
C CYS H 192 -31.07 50.55 59.03
N ASN H 193 -31.97 51.24 58.31
CA ASN H 193 -32.16 52.66 58.52
C ASN H 193 -32.78 52.90 59.89
N LYS H 194 -32.25 53.88 60.62
CA LYS H 194 -32.58 54.02 62.03
C LYS H 194 -34.01 54.55 62.23
N LYS H 195 -34.43 55.50 61.40
CA LYS H 195 -35.71 56.16 61.54
C LYS H 195 -36.74 55.72 60.53
N ASP H 196 -36.43 55.79 59.23
CA ASP H 196 -37.39 55.40 58.18
C ASP H 196 -37.10 53.94 57.84
N ARG H 197 -37.84 53.04 58.49
CA ARG H 197 -37.63 51.60 58.32
C ARG H 197 -38.53 51.02 57.24
N ARG H 198 -39.75 51.49 57.13
CA ARG H 198 -40.72 51.01 56.14
C ARG H 198 -40.88 52.07 55.06
N ILE H 199 -40.61 51.69 53.82
CA ILE H 199 -40.72 52.59 52.68
C ILE H 199 -41.74 52.00 51.70
N LYS H 200 -42.22 52.86 50.80
CA LYS H 200 -43.02 52.40 49.67
C LYS H 200 -42.10 51.85 48.58
N LYS H 201 -42.52 50.73 47.98
CA LYS H 201 -41.70 50.01 47.02
C LYS H 201 -42.04 50.36 45.57
N SER H 202 -42.74 51.48 45.35
CA SER H 202 -43.07 51.91 44.00
C SER H 202 -41.81 52.27 43.21
N ASP H 203 -40.86 52.93 43.85
CA ASP H 203 -39.58 53.27 43.22
C ASP H 203 -38.49 52.25 43.50
N PHE H 204 -38.85 51.06 44.01
CA PHE H 204 -37.85 50.04 44.29
C PHE H 204 -37.50 49.22 43.04
N VAL H 205 -38.45 49.03 42.12
CA VAL H 205 -38.25 48.09 41.01
C VAL H 205 -37.35 48.65 39.92
N GLU H 206 -37.04 49.94 39.92
CA GLU H 206 -36.09 50.52 38.98
C GLU H 206 -34.74 50.80 39.61
N SER H 207 -34.66 50.77 40.93
CA SER H 207 -33.37 50.93 41.61
C SER H 207 -32.45 49.74 41.33
N ILE H 208 -33.00 48.53 41.27
CA ILE H 208 -32.16 47.34 41.19
C ILE H 208 -31.93 46.86 39.76
N ASN H 209 -32.50 47.55 38.76
CA ASN H 209 -32.27 47.20 37.35
C ASN H 209 -31.20 48.10 36.73
N LYS H 210 -30.23 48.53 37.54
CA LYS H 210 -29.10 49.27 37.01
C LYS H 210 -28.19 48.31 36.24
N SER H 211 -27.27 48.89 35.46
CA SER H 211 -26.30 48.07 34.74
C SER H 211 -25.34 47.35 35.69
N LYS H 212 -25.18 47.89 36.89
CA LYS H 212 -24.21 47.40 37.88
C LYS H 212 -24.67 46.07 38.49
N VAL H 213 -23.71 45.34 39.04
CA VAL H 213 -23.99 44.16 39.86
C VAL H 213 -23.34 44.49 41.21
N LEU H 214 -24.17 44.82 42.20
CA LEU H 214 -23.66 45.30 43.46
C LEU H 214 -23.15 44.14 44.33
N PHE H 215 -22.33 44.50 45.31
CA PHE H 215 -21.85 43.56 46.30
C PHE H 215 -23.00 43.04 47.15
N ASN H 216 -22.91 41.79 47.58
CA ASN H 216 -23.79 41.23 48.59
C ASN H 216 -22.92 40.68 49.71
N ILE H 217 -22.84 41.42 50.83
CA ILE H 217 -22.00 41.02 51.95
C ILE H 217 -22.52 39.76 52.61
N TRP H 218 -23.84 39.56 52.62
CA TRP H 218 -24.41 38.33 53.18
C TRP H 218 -24.17 37.13 52.26
N PHE H 219 -24.02 37.37 50.96
CA PHE H 219 -23.53 36.32 50.06
C PHE H 219 -22.02 36.16 50.12
N TYR H 220 -21.32 37.08 50.78
CA TYR H 220 -19.90 36.89 51.05
C TYR H 220 -19.68 36.09 52.33
N GLN H 221 -20.45 36.38 53.38
CA GLN H 221 -20.19 35.79 54.69
C GLN H 221 -20.63 34.33 54.75
N TYR H 222 -21.69 33.97 54.03
CA TYR H 222 -22.25 32.63 54.14
C TYR H 222 -21.38 31.63 53.37
N GLU H 223 -21.25 31.82 52.05
CA GLU H 223 -20.58 30.84 51.21
C GLU H 223 -19.08 31.03 51.12
N GLY H 224 -18.53 32.12 51.66
CA GLY H 224 -17.10 32.35 51.62
C GLY H 224 -16.65 32.92 50.28
N ARG H 225 -15.35 33.21 50.21
CA ARG H 225 -14.80 33.86 49.02
C ARG H 225 -14.55 32.89 47.88
N LYS H 226 -14.41 31.59 48.15
CA LYS H 226 -14.13 30.65 47.07
C LYS H 226 -15.36 30.44 46.20
N GLU H 227 -16.53 30.26 46.84
CA GLU H 227 -17.76 30.06 46.07
C GLU H 227 -18.22 31.34 45.41
N TYR H 228 -18.20 32.45 46.16
CA TYR H 228 -18.82 33.70 45.69
C TYR H 228 -18.10 34.28 44.48
N LEU H 229 -16.76 34.26 44.49
CA LEU H 229 -16.03 34.75 43.32
C LEU H 229 -16.15 33.80 42.14
N ARG H 230 -16.24 32.50 42.41
CA ARG H 230 -16.58 31.53 41.36
C ARG H 230 -18.03 31.73 40.91
N LYS H 231 -18.92 32.08 41.83
CA LYS H 231 -20.33 32.28 41.49
C LYS H 231 -20.50 33.50 40.59
N LEU H 232 -19.68 34.55 40.81
CA LEU H 232 -19.69 35.73 39.95
C LEU H 232 -19.01 35.44 38.62
N LYS H 233 -17.95 34.61 38.63
CA LYS H 233 -17.22 34.30 37.41
C LYS H 233 -18.08 33.53 36.42
N GLU H 234 -18.83 32.54 36.90
CA GLU H 234 -19.62 31.70 36.01
C GLU H 234 -20.85 32.41 35.46
N SER H 235 -21.31 33.48 36.12
CA SER H 235 -22.55 34.13 35.73
C SER H 235 -22.37 35.04 34.52
N PHE H 236 -21.50 36.05 34.65
CA PHE H 236 -21.41 37.12 33.66
C PHE H 236 -20.16 37.04 32.79
N ILE H 237 -19.17 36.22 33.18
CA ILE H 237 -17.89 36.16 32.48
C ILE H 237 -17.74 34.76 31.89
N ARG H 238 -18.86 34.22 31.38
CA ARG H 238 -18.88 32.93 30.69
C ARG H 238 -17.86 32.89 29.57
N ARG H 239 -16.85 32.04 29.71
CA ARG H 239 -15.78 31.96 28.73
C ARG H 239 -16.09 30.88 27.70
N SER H 240 -15.53 31.07 26.51
CA SER H 240 -15.62 30.09 25.44
C SER H 240 -14.25 29.49 25.20
N VAL H 241 -14.23 28.40 24.42
CA VAL H 241 -12.96 27.80 24.03
C VAL H 241 -12.18 28.74 23.14
N ASN H 242 -12.85 29.32 22.15
CA ASN H 242 -12.24 30.24 21.20
C ASN H 242 -12.61 31.66 21.60
N THR H 243 -11.66 32.39 22.15
CA THR H 243 -11.89 33.78 22.54
C THR H 243 -11.71 34.66 21.31
N SER H 244 -12.80 35.30 20.87
CA SER H 244 -12.78 36.10 19.66
C SER H 244 -11.98 37.38 19.88
N PRO H 245 -11.33 37.90 18.84
CA PRO H 245 -10.57 39.15 18.98
C PRO H 245 -11.47 40.38 19.15
N TYR H 246 -12.02 40.55 20.35
CA TYR H 246 -12.85 41.69 20.66
C TYR H 246 -12.07 42.71 21.47
N ALA H 247 -12.42 43.98 21.30
CA ALA H 247 -11.79 45.08 22.04
C ALA H 247 -12.34 45.08 23.45
N ARG H 248 -11.66 44.36 24.34
CA ARG H 248 -12.13 44.20 25.72
C ARG H 248 -11.53 45.29 26.60
N PHE H 249 -12.38 46.01 27.31
CA PHE H 249 -11.98 47.11 28.17
C PHE H 249 -12.16 46.68 29.62
N PHE H 250 -11.09 46.76 30.40
CA PHE H 250 -11.10 46.37 31.81
C PHE H 250 -10.90 47.62 32.66
N ILE H 251 -11.98 48.08 33.27
CA ILE H 251 -11.99 49.30 34.05
C ILE H 251 -12.03 48.91 35.52
N LEU H 252 -10.96 49.21 36.25
CA LEU H 252 -10.80 48.79 37.63
C LEU H 252 -10.64 50.01 38.51
N GLU H 253 -11.37 50.05 39.63
CA GLU H 253 -11.26 51.16 40.56
C GLU H 253 -9.96 51.05 41.33
N PHE H 254 -9.18 52.13 41.34
CA PHE H 254 -7.89 52.18 42.00
C PHE H 254 -7.99 53.18 43.16
N GLN H 255 -7.73 52.72 44.37
CA GLN H 255 -7.73 53.56 45.55
C GLN H 255 -6.42 53.36 46.31
N ASP H 256 -6.11 54.31 47.19
CA ASP H 256 -4.84 54.32 47.90
C ASP H 256 -4.75 53.24 48.97
N LYS H 257 -5.87 52.62 49.36
CA LYS H 257 -5.80 51.50 50.29
C LYS H 257 -5.31 50.21 49.63
N THR H 258 -5.23 50.20 48.30
CA THR H 258 -4.77 49.04 47.55
C THR H 258 -3.26 49.08 47.39
N ASP H 259 -2.60 47.96 47.70
CA ASP H 259 -1.17 47.85 47.50
C ASP H 259 -0.84 47.78 46.00
N ILE H 260 0.30 48.35 45.63
CA ILE H 260 0.71 48.38 44.23
C ILE H 260 1.09 46.99 43.73
N LYS H 261 1.40 46.04 44.62
CA LYS H 261 1.79 44.71 44.18
C LYS H 261 0.59 43.91 43.68
N THR H 262 -0.53 43.97 44.39
CA THR H 262 -1.69 43.16 44.04
C THR H 262 -2.43 43.69 42.81
N VAL H 263 -2.16 44.93 42.40
CA VAL H 263 -2.73 45.43 41.14
C VAL H 263 -2.07 44.75 39.95
N LYS H 264 -0.75 44.56 40.01
CA LYS H 264 -0.02 43.95 38.91
C LYS H 264 -0.41 42.50 38.71
N ASP H 265 -0.63 41.76 39.80
CA ASP H 265 -1.09 40.38 39.68
C ASP H 265 -2.50 40.30 39.11
N CYS H 266 -3.32 41.33 39.35
CA CYS H 266 -4.60 41.42 38.66
C CYS H 266 -4.40 41.78 37.19
N ILE H 267 -3.43 42.65 36.90
CA ILE H 267 -3.14 43.01 35.52
C ILE H 267 -2.51 41.82 34.79
N TYR H 268 -1.62 41.10 35.45
CA TYR H 268 -1.04 39.88 34.85
C TYR H 268 -2.10 38.82 34.61
N LYS H 269 -3.12 38.74 35.47
CA LYS H 269 -4.20 37.79 35.25
C LYS H 269 -5.08 38.22 34.08
N ILE H 270 -5.37 39.52 33.97
CA ILE H 270 -6.19 40.03 32.87
C ILE H 270 -5.45 39.90 31.55
N GLN H 271 -4.15 40.23 31.54
CA GLN H 271 -3.38 40.19 30.29
C GLN H 271 -3.19 38.77 29.79
N SER H 272 -2.99 37.81 30.70
CA SER H 272 -2.78 36.43 30.28
C SER H 272 -4.07 35.76 29.83
N ASN H 273 -5.20 36.07 30.47
CA ASN H 273 -6.46 35.41 30.17
C ASN H 273 -7.18 35.99 28.96
N TRP H 274 -6.89 37.23 28.60
CA TRP H 274 -7.69 37.95 27.60
C TRP H 274 -6.86 38.41 26.42
N SER H 275 -5.72 37.77 26.15
CA SER H 275 -4.89 38.14 25.00
C SER H 275 -4.35 36.89 24.34
N ASN H 276 -4.12 37.00 23.03
CA ASN H 276 -3.45 35.97 22.24
C ASN H 276 -2.42 36.68 21.38
N LEU H 277 -1.22 36.84 21.92
CA LEU H 277 -0.12 37.51 21.23
C LEU H 277 0.82 36.51 20.57
N SER H 278 0.29 35.40 20.09
CA SER H 278 1.10 34.38 19.44
C SER H 278 1.66 34.90 18.12
N LYS H 279 2.81 34.35 17.74
CA LYS H 279 3.43 34.70 16.47
C LYS H 279 2.69 34.09 15.28
N ARG H 280 1.83 33.10 15.52
CA ARG H 280 1.16 32.39 14.45
C ARG H 280 -0.26 32.87 14.18
N THR H 281 -0.86 33.63 15.10
CA THR H 281 -2.22 34.10 14.88
C THR H 281 -2.26 35.22 13.85
N ASP H 282 -3.35 35.28 13.11
CA ASP H 282 -3.55 36.33 12.13
C ASP H 282 -4.32 37.53 12.68
N ARG H 283 -5.05 37.35 13.77
CA ARG H 283 -5.80 38.42 14.43
C ARG H 283 -5.46 38.42 15.92
N PRO H 284 -4.30 38.96 16.29
CA PRO H 284 -3.96 39.05 17.71
C PRO H 284 -4.82 40.08 18.42
N TYR H 285 -5.07 39.83 19.71
CA TYR H 285 -5.87 40.73 20.52
C TYR H 285 -5.20 40.90 21.88
N SER H 286 -5.51 42.01 22.54
CA SER H 286 -4.94 42.36 23.82
C SER H 286 -5.92 43.23 24.58
N PRO H 287 -6.07 43.02 25.89
CA PRO H 287 -7.09 43.76 26.63
C PRO H 287 -6.70 45.22 26.86
N PHE H 288 -7.72 46.03 27.10
CA PHE H 288 -7.55 47.44 27.45
C PHE H 288 -7.71 47.57 28.96
N LEU H 289 -6.82 48.33 29.59
CA LEU H 289 -6.84 48.54 31.03
C LEU H 289 -7.10 50.01 31.32
N LEU H 290 -8.09 50.27 32.19
CA LEU H 290 -8.42 51.62 32.62
C LEU H 290 -8.49 51.63 34.15
N PHE H 291 -7.90 52.66 34.74
CA PHE H 291 -7.90 52.83 36.19
C PHE H 291 -8.41 54.22 36.54
N HIS H 292 -9.05 54.33 37.70
CA HIS H 292 -9.70 55.57 38.10
C HIS H 292 -9.77 55.65 39.61
N GLY H 293 -9.98 56.87 40.11
CA GLY H 293 -10.12 57.11 41.52
C GLY H 293 -8.83 57.33 42.27
N THR H 294 -7.67 57.16 41.63
CA THR H 294 -6.38 57.28 42.27
C THR H 294 -5.65 58.51 41.75
N SER H 295 -4.61 58.90 42.48
CA SER H 295 -3.76 59.99 42.04
C SER H 295 -2.90 59.56 40.86
N ASP H 296 -2.46 60.55 40.08
CA ASP H 296 -1.61 60.26 38.93
C ASP H 296 -0.22 59.80 39.36
N ALA H 297 0.25 60.25 40.52
CA ALA H 297 1.54 59.81 41.03
C ALA H 297 1.55 58.33 41.35
N ASN H 298 0.45 57.84 41.94
CA ASN H 298 0.34 56.40 42.21
C ASN H 298 0.08 55.61 40.94
N LEU H 299 -0.58 56.22 39.95
CA LEU H 299 -0.85 55.54 38.69
C LEU H 299 0.42 55.37 37.87
N TYR H 300 1.30 56.37 37.88
CA TYR H 300 2.55 56.28 37.13
C TYR H 300 3.51 55.28 37.75
N GLU H 301 3.46 55.11 39.07
CA GLU H 301 4.29 54.11 39.73
C GLU H 301 3.88 52.70 39.31
N LEU H 302 2.57 52.46 39.16
CA LEU H 302 2.10 51.18 38.63
C LEU H 302 2.52 50.99 37.18
N LYS H 303 2.44 52.05 36.38
CA LYS H 303 2.83 51.97 34.97
C LYS H 303 4.33 51.75 34.83
N ASN H 304 5.13 52.42 35.67
CA ASN H 304 6.59 52.27 35.58
C ASN H 304 7.04 50.90 36.04
N GLN H 305 6.34 50.31 37.02
CA GLN H 305 6.73 48.99 37.50
C GLN H 305 6.42 47.90 36.48
N LEU H 306 5.33 48.04 35.73
CA LEU H 306 4.97 47.04 34.74
C LEU H 306 5.94 47.02 33.57
N PHE H 307 6.50 48.17 33.21
CA PHE H 307 7.43 48.23 32.08
C PHE H 307 8.77 47.58 32.41
N ASN H 308 9.20 47.65 33.68
CA ASN H 308 10.45 47.02 34.07
C ASN H 308 10.36 45.50 34.11
N GLU H 309 9.16 44.95 34.28
CA GLU H 309 8.94 43.51 34.24
C GLU H 309 8.58 43.01 32.85
N ASP H 310 8.97 43.74 31.81
CA ASP H 310 8.81 43.35 30.40
C ASP H 310 7.34 43.12 30.02
N LEU H 311 6.45 43.91 30.61
CA LEU H 311 5.04 43.94 30.20
C LEU H 311 4.85 45.21 29.38
N ILE H 312 5.12 45.11 28.09
CA ILE H 312 5.12 46.27 27.20
C ILE H 312 3.67 46.67 26.92
N PHE H 313 3.36 47.95 27.13
CA PHE H 313 2.00 48.45 26.92
C PHE H 313 2.07 49.80 26.23
N THR H 314 0.93 50.22 25.68
CA THR H 314 0.78 51.52 25.06
C THR H 314 -0.39 52.25 25.70
N ASP H 315 -0.29 53.59 25.73
CA ASP H 315 -1.29 54.41 26.39
C ASP H 315 -1.82 55.52 25.50
N GLY H 316 -1.46 55.54 24.21
CA GLY H 316 -1.77 56.66 23.36
C GLY H 316 -0.85 57.85 23.51
N TYR H 317 0.22 57.70 24.29
CA TYR H 317 1.19 58.78 24.52
C TYR H 317 2.57 58.20 24.21
N PRO H 318 2.94 58.16 22.91
CA PRO H 318 4.19 57.48 22.54
C PRO H 318 5.45 58.26 22.88
N PHE H 319 5.34 59.53 23.28
CA PHE H 319 6.51 60.31 23.63
C PHE H 319 6.09 61.39 24.63
N LYS H 320 7.10 62.05 25.21
CA LYS H 320 6.84 63.08 26.21
C LYS H 320 6.23 64.32 25.58
N GLY H 321 5.19 64.85 26.23
CA GLY H 321 4.49 65.99 25.71
C GLY H 321 3.55 65.70 24.57
N SER H 322 3.31 64.43 24.26
CA SER H 322 2.42 64.08 23.16
C SER H 322 0.97 64.35 23.51
N VAL H 323 0.19 64.72 22.50
CA VAL H 323 -1.25 64.67 22.64
C VAL H 323 -1.71 63.22 22.62
N PHE H 324 -2.95 63.00 23.05
CA PHE H 324 -3.48 61.65 23.07
C PHE H 324 -3.75 61.17 21.65
N THR H 325 -3.08 60.10 21.25
CA THR H 325 -3.30 59.48 19.94
C THR H 325 -4.09 58.20 20.16
N PRO H 326 -5.40 58.20 19.88
CA PRO H 326 -6.19 56.98 20.10
C PRO H 326 -5.79 55.83 19.19
N LYS H 327 -5.24 56.11 18.02
CA LYS H 327 -4.91 55.08 17.06
C LYS H 327 -3.76 54.18 17.54
N MET H 328 -2.95 54.64 18.50
CA MET H 328 -1.87 53.81 19.01
C MET H 328 -2.40 52.60 19.77
N LEU H 329 -3.55 52.74 20.42
CA LEU H 329 -4.16 51.60 21.09
C LEU H 329 -4.77 50.61 20.10
N ILE H 330 -5.24 51.09 18.94
CA ILE H 330 -5.76 50.21 17.92
C ILE H 330 -4.65 49.37 17.30
N GLU H 331 -3.52 50.01 16.96
CA GLU H 331 -2.36 49.25 16.50
C GLU H 331 -1.80 48.35 17.58
N GLY H 332 -1.84 48.81 18.84
CA GLY H 332 -1.42 47.96 19.94
C GLY H 332 -2.35 46.80 20.20
N PHE H 333 -3.62 46.91 19.79
CA PHE H 333 -4.54 45.77 19.83
C PHE H 333 -4.09 44.67 18.89
N SER H 334 -3.60 45.04 17.72
CA SER H 334 -3.10 44.09 16.74
C SER H 334 -1.60 43.86 16.85
N ASN H 335 -0.94 44.44 17.84
CA ASN H 335 0.50 44.31 18.01
C ASN H 335 0.79 43.12 18.91
N LYS H 336 1.56 42.15 18.40
CA LYS H 336 1.92 40.98 19.20
C LYS H 336 2.98 41.29 20.25
N GLU H 337 3.75 42.37 20.08
CA GLU H 337 4.75 42.76 21.05
C GLU H 337 4.25 43.80 22.05
N ILE H 338 2.99 44.19 21.99
CA ILE H 338 2.36 45.01 23.01
C ILE H 338 1.38 44.13 23.78
N HIS H 339 1.59 44.02 25.09
CA HIS H 339 0.83 43.06 25.90
C HIS H 339 -0.59 43.53 26.18
N PHE H 340 -0.77 44.82 26.47
CA PHE H 340 -2.09 45.36 26.78
C PHE H 340 -2.05 46.87 26.54
N GLN H 341 -3.18 47.52 26.78
CA GLN H 341 -3.30 48.96 26.63
C GLN H 341 -3.74 49.60 27.94
N PHE H 342 -3.14 50.74 28.25
CA PHE H 342 -3.34 51.44 29.52
C PHE H 342 -4.04 52.76 29.24
N ILE H 343 -5.36 52.77 29.33
CA ILE H 343 -6.11 54.02 29.20
C ILE H 343 -5.89 54.85 30.44
N ASN H 344 -5.49 56.11 30.26
CA ASN H 344 -5.06 56.93 31.40
C ASN H 344 -6.25 57.38 32.25
N ASP H 345 -7.31 57.86 31.61
CA ASP H 345 -8.42 58.44 32.36
C ASP H 345 -9.70 58.23 31.55
N ILE H 346 -10.78 58.86 32.01
CA ILE H 346 -12.07 58.72 31.34
C ILE H 346 -12.15 59.55 30.06
N ASP H 347 -11.33 60.61 29.93
CA ASP H 347 -11.34 61.39 28.70
C ASP H 347 -10.68 60.62 27.56
N ASP H 348 -9.63 59.85 27.88
CA ASP H 348 -9.01 58.97 26.92
C ASP H 348 -9.83 57.72 26.65
N PHE H 349 -10.83 57.43 27.48
CA PHE H 349 -11.65 56.24 27.28
C PHE H 349 -12.67 56.45 26.17
N ASN H 350 -13.50 57.50 26.28
CA ASN H 350 -14.58 57.72 25.33
C ASN H 350 -14.09 58.07 23.93
N GLU H 351 -12.87 58.59 23.80
CA GLU H 351 -12.29 58.81 22.48
C GLU H 351 -11.77 57.52 21.87
N THR H 352 -11.61 56.45 22.65
CA THR H 352 -11.16 55.18 22.12
C THR H 352 -12.29 54.38 21.50
N LEU H 353 -13.51 54.47 22.04
CA LEU H 353 -14.64 53.76 21.45
C LEU H 353 -14.98 54.28 20.06
N ASN H 354 -14.74 55.57 19.81
CA ASN H 354 -15.03 56.15 18.51
C ASN H 354 -14.06 55.72 17.43
N SER H 355 -12.93 55.11 17.79
CA SER H 355 -11.91 54.68 16.84
C SER H 355 -11.90 53.18 16.60
N ILE H 356 -12.77 52.43 17.28
CA ILE H 356 -12.82 50.97 17.16
C ILE H 356 -14.16 50.59 16.55
N ASN H 357 -14.12 49.75 15.51
CA ASN H 357 -15.32 49.33 14.81
C ASN H 357 -15.72 47.89 15.09
N ILE H 358 -14.84 47.09 15.69
CA ILE H 358 -15.16 45.71 16.03
C ILE H 358 -15.96 45.69 17.33
N ARG H 359 -16.48 44.52 17.70
CA ARG H 359 -17.26 44.38 18.92
C ARG H 359 -16.41 44.69 20.15
N LYS H 360 -16.95 45.53 21.04
CA LYS H 360 -16.25 45.98 22.22
C LYS H 360 -17.00 45.53 23.47
N GLU H 361 -16.28 44.94 24.41
CA GLU H 361 -16.82 44.55 25.70
C GLU H 361 -16.13 45.35 26.80
N VAL H 362 -16.92 45.74 27.81
CA VAL H 362 -16.41 46.52 28.93
C VAL H 362 -16.60 45.69 30.20
N TYR H 363 -15.50 45.42 30.90
CA TYR H 363 -15.55 44.73 32.18
C TYR H 363 -15.19 45.73 33.27
N GLN H 364 -16.16 46.11 34.08
CA GLN H 364 -15.98 47.08 35.15
C GLN H 364 -15.92 46.37 36.48
N PHE H 365 -14.86 46.63 37.24
CA PHE H 365 -14.67 46.01 38.56
C PHE H 365 -14.30 47.12 39.54
N TYR H 366 -15.31 47.61 40.26
CA TYR H 366 -15.16 48.71 41.20
C TYR H 366 -15.41 48.20 42.62
N THR H 367 -15.22 49.09 43.59
CA THR H 367 -15.61 48.82 44.97
C THR H 367 -16.65 49.80 45.48
N GLU H 368 -16.44 51.10 45.28
CA GLU H 368 -17.36 52.11 45.77
C GLU H 368 -17.94 52.97 44.65
N ASN H 369 -17.11 53.50 43.76
CA ASN H 369 -17.54 54.40 42.70
C ASN H 369 -17.44 53.70 41.35
N CYS H 370 -18.53 53.75 40.59
CA CYS H 370 -18.59 53.15 39.26
C CYS H 370 -18.87 54.23 38.23
N LEU H 371 -18.06 54.28 37.18
CA LEU H 371 -18.17 55.30 36.15
C LEU H 371 -19.34 55.02 35.22
N ASP H 372 -19.88 56.09 34.65
CA ASP H 372 -21.01 55.98 33.73
C ASP H 372 -20.49 55.56 32.35
N ILE H 373 -20.92 54.39 31.90
CA ILE H 373 -20.46 53.80 30.64
C ILE H 373 -21.62 53.91 29.66
N PRO H 374 -21.37 54.13 28.37
CA PRO H 374 -22.48 54.12 27.39
C PRO H 374 -23.21 52.79 27.36
N SER H 375 -24.54 52.87 27.21
CA SER H 375 -25.40 51.73 27.46
C SER H 375 -25.32 50.68 26.35
N GLN H 376 -25.09 51.12 25.11
CA GLN H 376 -25.08 50.17 23.99
C GLN H 376 -23.90 49.22 24.05
N LEU H 377 -22.82 49.62 24.72
CA LEU H 377 -21.69 48.73 24.92
C LEU H 377 -22.09 47.59 25.86
N PRO H 378 -21.74 46.34 25.54
CA PRO H 378 -21.93 45.25 26.51
C PRO H 378 -21.02 45.45 27.71
N GLN H 379 -21.62 45.53 28.90
CA GLN H 379 -20.85 45.80 30.11
C GLN H 379 -21.13 44.75 31.18
N VAL H 380 -20.13 44.56 32.04
CA VAL H 380 -20.22 43.71 33.23
C VAL H 380 -19.65 44.54 34.38
N ASN H 381 -20.53 45.13 35.19
CA ASN H 381 -20.12 46.00 36.29
C ASN H 381 -20.28 45.22 37.60
N ILE H 382 -19.22 44.51 37.98
CA ILE H 382 -19.21 43.69 39.18
C ILE H 382 -18.58 44.49 40.33
N GLN H 383 -19.27 44.53 41.46
CA GLN H 383 -18.78 45.21 42.66
C GLN H 383 -18.16 44.20 43.61
N VAL H 384 -16.97 44.51 44.13
CA VAL H 384 -16.21 43.63 45.02
C VAL H 384 -15.83 44.39 46.28
N LYS H 385 -15.40 43.63 47.29
CA LYS H 385 -14.84 44.24 48.49
C LYS H 385 -13.45 44.82 48.22
N ASP H 386 -12.52 43.98 47.84
CA ASP H 386 -11.13 44.36 47.69
C ASP H 386 -10.66 44.09 46.26
N PHE H 387 -9.55 44.74 45.90
CA PHE H 387 -8.99 44.59 44.56
C PHE H 387 -8.43 43.19 44.32
N ALA H 388 -8.03 42.49 45.39
CA ALA H 388 -7.52 41.13 45.25
C ALA H 388 -8.61 40.14 44.84
N ASP H 389 -9.88 40.47 45.08
CA ASP H 389 -10.97 39.60 44.64
C ASP H 389 -11.20 39.67 43.14
N ILE H 390 -10.74 40.74 42.48
CA ILE H 390 -10.92 40.89 41.04
C ILE H 390 -10.12 39.83 40.28
N LYS H 391 -9.00 39.39 40.84
CA LYS H 391 -8.15 38.41 40.18
C LYS H 391 -8.86 37.07 39.99
N GLU H 392 -9.72 36.69 40.92
CA GLU H 392 -10.38 35.40 40.90
C GLU H 392 -11.67 35.38 40.08
N ILE H 393 -12.07 36.51 39.49
CA ILE H 393 -13.27 36.58 38.68
C ILE H 393 -12.95 36.71 37.19
N VAL H 394 -11.88 37.43 36.86
CA VAL H 394 -11.49 37.62 35.47
C VAL H 394 -10.78 36.37 34.95
N LYS I 151 59.13 -36.23 18.32
CA LYS I 151 60.25 -35.39 17.92
C LYS I 151 60.56 -35.63 16.45
N SER I 152 59.52 -35.54 15.63
CA SER I 152 59.65 -35.68 14.18
C SER I 152 59.99 -34.32 13.58
N PHE I 153 59.90 -34.21 12.25
CA PHE I 153 60.10 -32.91 11.62
C PHE I 153 58.99 -31.93 12.00
N ASP I 154 57.73 -32.37 11.88
CA ASP I 154 56.61 -31.54 12.31
C ASP I 154 56.43 -31.55 13.84
N ASP I 155 56.78 -32.66 14.50
CA ASP I 155 56.60 -32.72 15.95
C ASP I 155 57.61 -31.86 16.68
N GLN I 156 58.82 -31.68 16.13
CA GLN I 156 59.74 -30.69 16.69
C GLN I 156 59.15 -29.29 16.58
N LYS I 157 58.56 -28.96 15.43
CA LYS I 157 58.11 -27.60 15.18
C LYS I 157 56.96 -27.18 16.09
N LYS I 158 56.03 -28.09 16.37
CA LYS I 158 54.96 -27.73 17.31
C LYS I 158 55.51 -27.52 18.72
N GLU I 159 56.55 -28.26 19.11
CA GLU I 159 57.18 -28.05 20.40
C GLU I 159 58.16 -26.88 20.38
N THR I 160 58.80 -26.63 19.24
CA THR I 160 59.71 -25.49 19.13
C THR I 160 58.94 -24.17 19.17
N ILE I 161 57.77 -24.13 18.53
CA ILE I 161 56.94 -22.93 18.59
C ILE I 161 56.41 -22.71 20.00
N GLN I 162 55.98 -23.80 20.67
CA GLN I 162 55.42 -23.68 22.01
C GLN I 162 56.49 -23.26 23.01
N ILE I 163 57.71 -23.80 22.89
CA ILE I 163 58.77 -23.40 23.80
C ILE I 163 59.25 -21.99 23.49
N ILE I 164 59.10 -21.54 22.24
CA ILE I 164 59.31 -20.13 21.94
C ILE I 164 58.17 -19.29 22.50
N LYS I 165 56.93 -19.80 22.37
CA LYS I 165 55.77 -19.09 22.90
C LYS I 165 55.82 -18.97 24.42
N ASN I 166 56.27 -20.02 25.11
CA ASN I 166 56.38 -19.96 26.56
C ASN I 166 57.54 -19.09 27.02
N HIS I 167 58.57 -18.92 26.18
CA HIS I 167 59.73 -18.12 26.58
C HIS I 167 59.37 -16.63 26.53
N PHE I 168 58.65 -16.19 25.50
CA PHE I 168 58.36 -14.78 25.31
C PHE I 168 56.98 -14.38 25.79
N GLN I 169 56.10 -15.35 26.08
CA GLN I 169 54.69 -15.10 26.44
C GLN I 169 54.01 -14.26 25.36
N CYS I 170 54.27 -14.58 24.10
CA CYS I 170 53.86 -13.78 22.96
C CYS I 170 52.82 -14.53 22.13
N GLU I 171 52.40 -13.90 21.04
CA GLU I 171 51.36 -14.43 20.18
C GLU I 171 51.89 -15.60 19.35
N ASP I 172 50.96 -16.36 18.78
CA ASP I 172 51.32 -17.55 18.02
C ASP I 172 51.83 -17.22 16.62
N TYR I 173 51.38 -16.12 16.02
CA TYR I 173 51.69 -15.86 14.62
C TYR I 173 53.14 -15.40 14.44
N GLU I 174 53.66 -14.57 15.35
CA GLU I 174 55.03 -14.09 15.24
C GLU I 174 56.02 -14.93 16.02
N ALA I 175 55.55 -15.95 16.73
CA ALA I 175 56.43 -16.99 17.22
C ALA I 175 56.74 -18.03 16.16
N GLU I 176 55.95 -18.09 15.09
CA GLU I 176 56.16 -19.04 14.01
C GLU I 176 56.80 -18.41 12.78
N HIS I 177 56.41 -17.19 12.43
CA HIS I 177 56.88 -16.55 11.21
C HIS I 177 57.90 -15.46 11.44
N TYR I 178 58.10 -15.02 12.68
CA TYR I 178 59.00 -13.92 12.97
C TYR I 178 60.13 -14.30 13.92
N LEU I 179 59.85 -15.07 14.97
CA LEU I 179 60.88 -15.44 15.93
C LEU I 179 61.57 -16.76 15.56
N TYR I 180 60.79 -17.75 15.12
CA TYR I 180 61.36 -19.04 14.76
C TYR I 180 62.18 -18.94 13.48
N SER I 181 61.72 -18.14 12.51
CA SER I 181 62.46 -17.96 11.27
C SER I 181 63.77 -17.23 11.49
N ASN I 182 63.81 -16.30 12.45
CA ASN I 182 65.06 -15.61 12.76
C ASN I 182 66.00 -16.52 13.54
N ALA I 183 65.46 -17.36 14.43
CA ALA I 183 66.30 -18.24 15.22
C ALA I 183 66.89 -19.38 14.39
N PHE I 184 66.14 -19.87 13.40
CA PHE I 184 66.63 -20.97 12.57
C PHE I 184 67.73 -20.46 11.63
N ARG I 185 67.58 -19.24 11.12
CA ARG I 185 68.61 -18.68 10.25
C ARG I 185 69.87 -18.35 11.03
N LYS I 186 69.72 -17.87 12.27
CA LYS I 186 70.88 -17.62 13.13
C LYS I 186 71.57 -18.92 13.52
N THR I 187 70.81 -20.01 13.60
CA THR I 187 71.41 -21.33 13.82
C THR I 187 72.30 -21.72 12.65
N TYR I 188 71.88 -21.40 11.42
CA TYR I 188 72.75 -21.58 10.26
C TYR I 188 73.97 -20.67 10.32
N ASP I 189 73.79 -19.43 10.80
CA ASP I 189 74.89 -18.46 10.77
C ASP I 189 75.99 -18.79 11.77
N ILE I 190 75.72 -19.62 12.78
CA ILE I 190 76.76 -20.07 13.70
C ILE I 190 77.30 -21.45 13.31
N SER I 191 76.91 -21.97 12.15
CA SER I 191 77.47 -23.21 11.64
C SER I 191 78.74 -23.00 10.84
N CYS I 192 79.08 -21.76 10.48
CA CYS I 192 80.37 -21.50 9.86
C CYS I 192 81.49 -21.59 10.88
N ASN I 193 81.24 -21.15 12.11
CA ASN I 193 82.20 -21.23 13.20
C ASN I 193 81.44 -21.72 14.42
N LYS I 194 81.74 -22.94 14.86
CA LYS I 194 80.91 -23.66 15.84
C LYS I 194 81.62 -23.84 17.18
N LYS I 195 82.33 -22.82 17.65
CA LYS I 195 82.97 -22.94 18.95
C LYS I 195 81.99 -22.80 20.12
N ASP I 196 80.81 -22.23 19.88
CA ASP I 196 79.85 -21.91 20.92
C ASP I 196 78.62 -22.78 20.74
N ARG I 197 78.65 -23.99 21.32
CA ARG I 197 77.44 -24.80 21.46
C ARG I 197 76.70 -24.53 22.76
N ARG I 198 77.39 -23.96 23.75
CA ARG I 198 76.77 -23.50 24.99
C ARG I 198 76.89 -21.99 25.00
N ILE I 199 75.86 -21.32 24.47
CA ILE I 199 75.80 -19.86 24.40
C ILE I 199 74.75 -19.40 25.40
N LYS I 200 75.07 -18.37 26.17
CA LYS I 200 74.16 -17.85 27.18
C LYS I 200 72.90 -17.27 26.54
N LYS I 201 71.78 -17.43 27.22
CA LYS I 201 70.49 -17.02 26.67
C LYS I 201 70.30 -15.51 26.66
N SER I 202 71.18 -14.75 27.32
CA SER I 202 71.13 -13.30 27.24
C SER I 202 71.67 -12.77 25.92
N ASP I 203 72.42 -13.58 25.17
CA ASP I 203 73.05 -13.16 23.92
C ASP I 203 72.33 -13.70 22.70
N PHE I 204 72.15 -15.03 22.63
CA PHE I 204 71.59 -15.64 21.43
C PHE I 204 70.10 -15.34 21.28
N VAL I 205 69.34 -15.46 22.36
CA VAL I 205 67.89 -15.23 22.28
C VAL I 205 67.58 -13.76 22.08
N GLU I 206 68.42 -12.87 22.61
CA GLU I 206 68.25 -11.45 22.35
C GLU I 206 68.56 -11.11 20.89
N SER I 207 69.58 -11.76 20.33
CA SER I 207 70.00 -11.47 18.95
C SER I 207 68.95 -11.92 17.94
N ILE I 208 68.28 -13.05 18.19
CA ILE I 208 67.25 -13.51 17.27
C ILE I 208 65.96 -12.74 17.42
N ASN I 209 65.78 -12.01 18.52
CA ASN I 209 64.60 -11.17 18.72
C ASN I 209 64.87 -9.74 18.24
N LYS I 210 65.26 -9.64 16.97
CA LYS I 210 65.46 -8.35 16.34
C LYS I 210 64.11 -7.77 15.91
N SER I 211 64.15 -6.58 15.31
CA SER I 211 62.96 -5.97 14.74
C SER I 211 62.71 -6.42 13.31
N LYS I 212 63.48 -7.37 12.80
CA LYS I 212 63.49 -7.75 11.40
C LYS I 212 63.06 -9.20 11.24
N VAL I 213 62.48 -9.51 10.08
CA VAL I 213 62.13 -10.87 9.71
C VAL I 213 63.12 -11.29 8.63
N LEU I 214 64.14 -12.04 9.05
CA LEU I 214 65.23 -12.42 8.14
C LEU I 214 64.78 -13.51 7.17
N PHE I 215 65.47 -13.55 6.03
CA PHE I 215 65.19 -14.54 4.99
C PHE I 215 65.72 -15.91 5.41
N ASN I 216 64.90 -16.93 5.23
CA ASN I 216 65.29 -18.32 5.43
C ASN I 216 65.28 -19.04 4.09
N ILE I 217 66.44 -19.50 3.66
CA ILE I 217 66.54 -20.12 2.33
C ILE I 217 66.00 -21.55 2.36
N TRP I 218 66.06 -22.24 3.50
CA TRP I 218 65.48 -23.57 3.58
C TRP I 218 63.96 -23.52 3.71
N PHE I 219 63.44 -22.52 4.42
CA PHE I 219 61.98 -22.33 4.46
C PHE I 219 61.45 -21.90 3.09
N TYR I 220 62.26 -21.17 2.33
CA TYR I 220 61.86 -20.78 0.98
C TYR I 220 61.83 -21.99 0.05
N GLN I 221 62.83 -22.86 0.13
CA GLN I 221 62.92 -23.99 -0.80
C GLN I 221 61.95 -25.10 -0.44
N TYR I 222 61.75 -25.37 0.85
CA TYR I 222 60.88 -26.47 1.26
C TYR I 222 59.43 -26.15 0.95
N GLU I 223 58.96 -24.97 1.32
CA GLU I 223 57.57 -24.61 1.10
C GLU I 223 57.30 -24.24 -0.35
N GLY I 224 58.24 -23.60 -1.02
CA GLY I 224 58.06 -23.12 -2.37
C GLY I 224 58.00 -21.60 -2.43
N ARG I 225 58.03 -21.09 -3.67
CA ARG I 225 58.02 -19.64 -3.86
C ARG I 225 56.67 -19.04 -3.48
N LYS I 226 55.58 -19.63 -3.96
CA LYS I 226 54.25 -19.09 -3.68
C LYS I 226 53.86 -19.31 -2.22
N GLU I 227 54.28 -20.42 -1.62
CA GLU I 227 53.90 -20.73 -0.25
C GLU I 227 54.68 -19.90 0.77
N TYR I 228 55.96 -19.61 0.48
CA TYR I 228 56.76 -18.81 1.41
C TYR I 228 56.29 -17.36 1.44
N LEU I 229 55.91 -16.82 0.28
CA LEU I 229 55.39 -15.46 0.24
C LEU I 229 53.98 -15.35 0.80
N ARG I 230 53.22 -16.45 0.76
CA ARG I 230 51.86 -16.42 1.30
C ARG I 230 51.85 -16.46 2.83
N LYS I 231 52.82 -17.14 3.44
CA LYS I 231 52.88 -17.17 4.90
C LYS I 231 53.36 -15.83 5.45
N LEU I 232 54.13 -15.07 4.67
CA LEU I 232 54.43 -13.69 5.01
C LEU I 232 53.26 -12.76 4.69
N LYS I 233 52.38 -13.18 3.79
CA LYS I 233 51.25 -12.35 3.38
C LYS I 233 50.20 -12.23 4.47
N GLU I 234 50.08 -13.26 5.31
CA GLU I 234 49.08 -13.28 6.37
C GLU I 234 49.62 -12.85 7.73
N SER I 235 50.93 -12.93 7.94
CA SER I 235 51.48 -12.68 9.26
C SER I 235 51.56 -11.19 9.57
N PHE I 236 52.20 -10.41 8.69
CA PHE I 236 52.49 -9.01 8.96
C PHE I 236 51.75 -8.07 8.01
N ILE I 237 51.02 -8.60 7.04
CA ILE I 237 50.33 -7.77 6.04
C ILE I 237 48.83 -8.00 6.22
N ARG I 238 48.41 -8.19 7.48
CA ARG I 238 47.00 -8.41 7.80
C ARG I 238 46.15 -7.22 7.39
N ARG I 239 45.28 -7.43 6.40
CA ARG I 239 44.45 -6.38 5.85
C ARG I 239 43.00 -6.55 6.31
N SER I 240 42.17 -5.59 5.90
CA SER I 240 40.74 -5.64 6.17
C SER I 240 40.01 -4.98 5.01
N VAL I 241 38.69 -5.17 4.99
CA VAL I 241 37.84 -4.55 3.99
C VAL I 241 37.74 -3.05 4.21
N ASN I 242 38.05 -2.58 5.41
CA ASN I 242 37.82 -1.19 5.80
C ASN I 242 39.12 -0.54 6.24
N THR I 243 40.15 -0.64 5.39
CA THR I 243 41.46 -0.03 5.64
C THR I 243 41.34 1.45 5.97
N SER I 244 41.76 1.81 7.18
CA SER I 244 41.64 3.15 7.72
C SER I 244 42.72 4.07 7.15
N PRO I 245 42.47 5.38 7.08
CA PRO I 245 43.48 6.31 6.57
C PRO I 245 44.64 6.53 7.52
N TYR I 246 45.60 5.61 7.49
CA TYR I 246 46.81 5.71 8.29
C TYR I 246 47.98 6.15 7.40
N ALA I 247 49.00 6.70 8.06
CA ALA I 247 50.21 7.15 7.37
C ALA I 247 51.13 5.95 7.19
N ARG I 248 50.99 5.26 6.06
CA ARG I 248 51.74 4.05 5.79
C ARG I 248 53.02 4.39 5.03
N PHE I 249 54.15 3.96 5.57
CA PHE I 249 55.46 4.22 4.99
C PHE I 249 56.02 2.93 4.43
N PHE I 250 56.45 2.95 3.17
CA PHE I 250 56.96 1.76 2.49
C PHE I 250 58.42 2.01 2.12
N ILE I 251 59.32 1.49 2.95
CA ILE I 251 60.75 1.60 2.72
C ILE I 251 61.21 0.37 1.94
N LEU I 252 61.59 0.56 0.68
CA LEU I 252 61.98 -0.54 -0.19
C LEU I 252 63.45 -0.38 -0.55
N GLU I 253 64.22 -1.47 -0.39
CA GLU I 253 65.61 -1.46 -0.80
C GLU I 253 65.68 -1.52 -2.33
N PHE I 254 66.13 -0.43 -2.93
CA PHE I 254 66.33 -0.34 -4.37
C PHE I 254 67.83 -0.37 -4.62
N GLN I 255 68.30 -1.38 -5.33
CA GLN I 255 69.71 -1.53 -5.65
C GLN I 255 69.94 -1.26 -7.13
N ASP I 256 71.22 -1.18 -7.49
CA ASP I 256 71.58 -0.90 -8.88
C ASP I 256 71.33 -2.09 -9.79
N LYS I 257 71.23 -3.30 -9.24
CA LYS I 257 70.95 -4.48 -10.03
C LYS I 257 69.47 -4.69 -10.34
N THR I 258 68.60 -3.85 -9.78
CA THR I 258 67.16 -4.00 -9.96
C THR I 258 66.68 -3.19 -11.14
N ASP I 259 65.87 -3.81 -12.00
CA ASP I 259 65.31 -3.13 -13.15
C ASP I 259 64.23 -2.14 -12.71
N ILE I 260 64.02 -1.11 -13.54
CA ILE I 260 63.04 -0.08 -13.23
C ILE I 260 61.62 -0.63 -13.30
N LYS I 261 61.37 -1.52 -14.27
CA LYS I 261 60.04 -2.04 -14.52
C LYS I 261 59.53 -2.85 -13.32
N THR I 262 60.41 -3.66 -12.72
CA THR I 262 60.03 -4.44 -11.54
C THR I 262 59.74 -3.56 -10.34
N VAL I 263 60.45 -2.43 -10.21
CA VAL I 263 60.13 -1.47 -9.15
C VAL I 263 58.80 -0.79 -9.43
N LYS I 264 58.53 -0.47 -10.70
CA LYS I 264 57.27 0.16 -11.07
C LYS I 264 56.07 -0.78 -10.84
N ASP I 265 56.26 -2.07 -11.05
CA ASP I 265 55.19 -3.03 -10.76
C ASP I 265 54.92 -3.11 -9.27
N CYS I 266 55.96 -2.98 -8.44
CA CYS I 266 55.77 -2.99 -7.00
C CYS I 266 55.11 -1.69 -6.52
N ILE I 267 55.48 -0.56 -7.13
CA ILE I 267 54.88 0.72 -6.77
C ILE I 267 53.40 0.74 -7.14
N TYR I 268 53.06 0.22 -8.32
CA TYR I 268 51.67 0.20 -8.75
C TYR I 268 50.81 -0.71 -7.87
N LYS I 269 51.39 -1.78 -7.34
CA LYS I 269 50.63 -2.64 -6.43
C LYS I 269 50.50 -1.99 -5.05
N ILE I 270 51.54 -1.29 -4.60
CA ILE I 270 51.47 -0.60 -3.31
C ILE I 270 50.46 0.55 -3.37
N GLN I 271 50.49 1.33 -4.45
CA GLN I 271 49.60 2.47 -4.58
C GLN I 271 48.15 2.05 -4.74
N SER I 272 47.90 0.95 -5.45
CA SER I 272 46.52 0.51 -5.66
C SER I 272 45.92 -0.12 -4.42
N ASN I 273 46.73 -0.82 -3.63
CA ASN I 273 46.21 -1.57 -2.48
C ASN I 273 46.16 -0.75 -1.20
N TRP I 274 47.00 0.28 -1.07
CA TRP I 274 47.11 1.02 0.17
C TRP I 274 46.62 2.46 0.04
N SER I 275 45.77 2.74 -0.93
CA SER I 275 45.20 4.06 -1.09
C SER I 275 43.73 3.95 -1.47
N ASN I 276 42.96 4.97 -1.07
CA ASN I 276 41.56 5.12 -1.47
C ASN I 276 41.41 6.57 -1.91
N LEU I 277 41.63 6.82 -3.19
CA LEU I 277 41.57 8.16 -3.77
C LEU I 277 40.22 8.44 -4.40
N SER I 278 39.15 7.91 -3.83
CA SER I 278 37.81 8.15 -4.33
C SER I 278 37.43 9.62 -4.18
N LYS I 279 36.72 10.14 -5.18
CA LYS I 279 36.19 11.49 -5.09
C LYS I 279 35.09 11.62 -4.05
N ARG I 280 34.45 10.50 -3.70
CA ARG I 280 33.33 10.52 -2.76
C ARG I 280 33.74 10.41 -1.31
N THR I 281 34.96 9.95 -1.02
CA THR I 281 35.42 9.87 0.35
C THR I 281 35.75 11.26 0.88
N ASP I 282 35.66 11.41 2.20
CA ASP I 282 36.01 12.65 2.86
C ASP I 282 37.39 12.62 3.51
N ARG I 283 37.94 11.43 3.74
CA ARG I 283 39.24 11.27 4.37
C ARG I 283 40.07 10.30 3.54
N PRO I 284 40.63 10.75 2.41
CA PRO I 284 41.43 9.86 1.58
C PRO I 284 42.82 9.66 2.15
N TYR I 285 43.49 8.62 1.66
CA TYR I 285 44.83 8.29 2.11
C TYR I 285 45.67 7.83 0.92
N SER I 286 46.98 8.06 1.03
CA SER I 286 47.94 7.67 0.00
C SER I 286 49.16 7.08 0.68
N PRO I 287 49.81 6.10 0.04
CA PRO I 287 51.01 5.51 0.64
C PRO I 287 52.20 6.44 0.53
N PHE I 288 53.15 6.23 1.45
CA PHE I 288 54.45 6.91 1.41
C PHE I 288 55.50 5.93 0.92
N LEU I 289 56.27 6.35 -0.08
CA LEU I 289 57.26 5.50 -0.72
C LEU I 289 58.66 6.04 -0.43
N LEU I 290 59.51 5.21 0.15
CA LEU I 290 60.91 5.54 0.40
C LEU I 290 61.79 4.48 -0.25
N PHE I 291 62.80 4.92 -0.99
CA PHE I 291 63.77 4.03 -1.62
C PHE I 291 65.17 4.41 -1.18
N HIS I 292 65.97 3.39 -0.89
CA HIS I 292 67.31 3.60 -0.34
C HIS I 292 68.27 2.59 -0.94
N GLY I 293 69.56 2.90 -0.83
CA GLY I 293 70.59 2.04 -1.37
C GLY I 293 70.82 2.18 -2.86
N THR I 294 70.30 3.23 -3.49
CA THR I 294 70.43 3.43 -4.92
C THR I 294 71.09 4.77 -5.19
N SER I 295 71.67 4.89 -6.39
CA SER I 295 72.24 6.15 -6.82
C SER I 295 71.12 7.16 -7.12
N ASP I 296 71.48 8.44 -7.07
CA ASP I 296 70.51 9.49 -7.35
C ASP I 296 70.06 9.50 -8.80
N ALA I 297 70.97 9.15 -9.72
CA ALA I 297 70.60 9.11 -11.14
C ALA I 297 69.60 7.98 -11.41
N ASN I 298 69.80 6.82 -10.79
CA ASN I 298 68.84 5.73 -10.93
C ASN I 298 67.52 6.05 -10.22
N LEU I 299 67.58 6.80 -9.11
CA LEU I 299 66.37 7.13 -8.38
C LEU I 299 65.52 8.14 -9.14
N TYR I 300 66.16 9.11 -9.82
CA TYR I 300 65.41 10.08 -10.60
C TYR I 300 64.85 9.48 -11.88
N GLU I 301 65.51 8.45 -12.42
CA GLU I 301 65.01 7.77 -13.60
C GLU I 301 63.70 7.04 -13.31
N LEU I 302 63.62 6.41 -12.13
CA LEU I 302 62.37 5.77 -11.73
C LEU I 302 61.27 6.78 -11.48
N LYS I 303 61.62 7.93 -10.88
CA LYS I 303 60.65 8.98 -10.61
C LYS I 303 60.10 9.58 -11.90
N ASN I 304 60.96 9.76 -12.91
CA ASN I 304 60.52 10.35 -14.17
C ASN I 304 59.60 9.40 -14.94
N GLN I 305 59.90 8.10 -14.92
CA GLN I 305 59.04 7.13 -15.61
C GLN I 305 57.70 6.99 -14.91
N LEU I 306 57.66 7.17 -13.58
CA LEU I 306 56.39 7.13 -12.87
C LEU I 306 55.51 8.30 -13.24
N PHE I 307 56.10 9.48 -13.43
CA PHE I 307 55.33 10.68 -13.76
C PHE I 307 54.81 10.65 -15.20
N ASN I 308 55.47 9.89 -16.09
CA ASN I 308 55.02 9.82 -17.47
C ASN I 308 53.78 8.95 -17.63
N GLU I 309 53.60 7.94 -16.79
CA GLU I 309 52.48 7.02 -16.87
C GLU I 309 51.24 7.52 -16.14
N ASP I 310 51.20 8.81 -15.79
CA ASP I 310 50.14 9.46 -15.03
C ASP I 310 49.99 8.72 -13.68
N LEU I 311 51.03 8.89 -12.88
CA LEU I 311 51.04 8.50 -11.47
C LEU I 311 51.61 9.70 -10.71
N ILE I 312 50.73 10.63 -10.35
CA ILE I 312 51.16 11.90 -9.78
C ILE I 312 51.61 11.68 -8.34
N PHE I 313 52.83 12.13 -8.03
CA PHE I 313 53.38 12.00 -6.70
C PHE I 313 54.06 13.31 -6.32
N THR I 314 54.46 13.41 -5.05
CA THR I 314 55.20 14.56 -4.56
C THR I 314 56.29 14.09 -3.62
N ASP I 315 57.37 14.87 -3.54
CA ASP I 315 58.50 14.56 -2.67
C ASP I 315 58.83 15.69 -1.72
N GLY I 316 57.94 16.67 -1.56
CA GLY I 316 58.27 17.85 -0.79
C GLY I 316 59.16 18.83 -1.52
N TYR I 317 59.36 18.67 -2.82
CA TYR I 317 60.17 19.56 -3.65
C TYR I 317 59.30 20.01 -4.82
N PRO I 318 58.40 20.98 -4.59
CA PRO I 318 57.46 21.38 -5.67
C PRO I 318 58.11 22.17 -6.79
N PHE I 319 59.36 22.62 -6.64
CA PHE I 319 60.02 23.37 -7.70
C PHE I 319 61.51 23.12 -7.62
N LYS I 320 62.23 23.64 -8.62
CA LYS I 320 63.68 23.46 -8.65
C LYS I 320 64.35 24.37 -7.62
N GLY I 321 65.35 23.83 -6.94
CA GLY I 321 66.02 24.55 -5.88
C GLY I 321 65.25 24.64 -4.59
N SER I 322 64.14 23.91 -4.46
CA SER I 322 63.34 23.96 -3.25
C SER I 322 64.02 23.19 -2.12
N VAL I 323 63.82 23.68 -0.90
CA VAL I 323 64.17 22.93 0.30
C VAL I 323 63.09 21.88 0.51
N PHE I 324 63.35 20.91 1.38
CA PHE I 324 62.36 19.88 1.66
C PHE I 324 61.19 20.48 2.40
N THR I 325 59.98 20.34 1.84
CA THR I 325 58.77 20.88 2.44
C THR I 325 57.89 19.71 2.86
N PRO I 326 57.92 19.31 4.14
CA PRO I 326 57.12 18.15 4.57
C PRO I 326 55.62 18.37 4.50
N LYS I 327 55.16 19.62 4.48
CA LYS I 327 53.72 19.89 4.43
C LYS I 327 53.09 19.41 3.13
N MET I 328 53.84 19.45 2.03
CA MET I 328 53.33 18.94 0.76
C MET I 328 53.12 17.43 0.81
N LEU I 329 53.90 16.71 1.62
CA LEU I 329 53.67 15.29 1.79
C LEU I 329 52.39 15.03 2.60
N ILE I 330 52.15 15.84 3.63
CA ILE I 330 50.92 15.67 4.42
C ILE I 330 49.71 16.12 3.61
N GLU I 331 49.83 17.24 2.90
CA GLU I 331 48.70 17.71 2.09
C GLU I 331 48.52 16.88 0.82
N GLY I 332 49.56 16.16 0.39
CA GLY I 332 49.38 15.18 -0.67
C GLY I 332 48.86 13.86 -0.19
N PHE I 333 48.99 13.58 1.11
CA PHE I 333 48.36 12.40 1.71
C PHE I 333 46.85 12.51 1.65
N SER I 334 46.30 13.70 1.89
CA SER I 334 44.87 13.94 1.84
C SER I 334 44.41 14.46 0.47
N ASN I 335 45.32 14.53 -0.50
CA ASN I 335 44.97 14.97 -1.85
C ASN I 335 44.52 13.78 -2.68
N LYS I 336 43.34 13.89 -3.28
CA LYS I 336 42.81 12.82 -4.13
C LYS I 336 43.49 12.76 -5.49
N GLU I 337 44.14 13.84 -5.91
CA GLU I 337 44.85 13.87 -7.18
C GLU I 337 46.32 13.48 -7.05
N ILE I 338 46.80 13.26 -5.83
CA ILE I 338 48.17 12.79 -5.60
C ILE I 338 48.08 11.31 -5.25
N HIS I 339 48.68 10.47 -6.09
CA HIS I 339 48.50 9.03 -5.95
C HIS I 339 49.28 8.47 -4.77
N PHE I 340 50.50 8.94 -4.56
CA PHE I 340 51.31 8.50 -3.43
C PHE I 340 52.34 9.58 -3.13
N GLN I 341 53.07 9.38 -2.04
CA GLN I 341 54.14 10.27 -1.63
C GLN I 341 55.48 9.56 -1.78
N PHE I 342 56.43 10.21 -2.41
CA PHE I 342 57.74 9.64 -2.72
C PHE I 342 58.76 10.31 -1.80
N ILE I 343 59.05 9.66 -0.67
CA ILE I 343 60.05 10.20 0.25
C ILE I 343 61.43 9.99 -0.36
N ASN I 344 62.21 11.07 -0.47
CA ASN I 344 63.43 11.04 -1.26
C ASN I 344 64.53 10.22 -0.58
N ASP I 345 64.77 10.45 0.70
CA ASP I 345 65.85 9.77 1.41
C ASP I 345 65.51 9.70 2.89
N ILE I 346 66.48 9.26 3.69
CA ILE I 346 66.28 9.07 5.12
C ILE I 346 66.13 10.41 5.83
N ASP I 347 66.89 11.43 5.38
CA ASP I 347 66.80 12.74 5.99
C ASP I 347 65.43 13.38 5.77
N ASP I 348 64.88 13.23 4.57
CA ASP I 348 63.50 13.66 4.34
C ASP I 348 62.48 12.71 4.94
N PHE I 349 62.87 11.47 5.24
CA PHE I 349 61.98 10.55 5.94
C PHE I 349 61.77 11.00 7.38
N ASN I 350 62.84 11.31 8.09
CA ASN I 350 62.74 11.67 9.50
C ASN I 350 62.03 13.01 9.69
N GLU I 351 62.16 13.93 8.74
CA GLU I 351 61.48 15.21 8.86
C GLU I 351 59.97 15.07 8.65
N THR I 352 59.54 14.05 7.91
CA THR I 352 58.11 13.84 7.69
C THR I 352 57.43 13.26 8.92
N LEU I 353 58.15 12.46 9.71
CA LEU I 353 57.52 11.72 10.81
C LEU I 353 57.12 12.63 11.97
N ASN I 354 57.86 13.71 12.21
CA ASN I 354 57.49 14.65 13.27
C ASN I 354 56.41 15.64 12.85
N SER I 355 55.98 15.61 11.59
CA SER I 355 54.91 16.48 11.12
C SER I 355 53.61 15.71 10.89
N ILE I 356 53.48 14.53 11.49
CA ILE I 356 52.31 13.67 11.34
C ILE I 356 51.72 13.41 12.71
N ASN I 357 50.42 13.69 12.87
CA ASN I 357 49.72 13.44 14.12
C ASN I 357 48.86 12.19 14.09
N ILE I 358 48.56 11.66 12.90
CA ILE I 358 47.70 10.48 12.78
C ILE I 358 48.53 9.22 13.04
N ARG I 359 47.85 8.08 13.15
CA ARG I 359 48.50 6.82 13.47
C ARG I 359 49.30 6.32 12.27
N LYS I 360 50.55 5.93 12.51
CA LYS I 360 51.52 5.68 11.44
C LYS I 360 51.94 4.21 11.40
N GLU I 361 52.17 3.70 10.19
CA GLU I 361 52.65 2.35 9.97
C GLU I 361 53.87 2.39 9.05
N VAL I 362 54.80 1.46 9.28
CA VAL I 362 56.02 1.36 8.48
C VAL I 362 56.11 -0.08 7.97
N TYR I 363 56.22 -0.23 6.64
CA TYR I 363 56.38 -1.52 5.99
C TYR I 363 57.70 -1.50 5.23
N GLN I 364 58.77 -1.96 5.87
CA GLN I 364 60.08 -2.01 5.22
C GLN I 364 60.32 -3.39 4.64
N PHE I 365 60.61 -3.44 3.34
CA PHE I 365 60.98 -4.68 2.66
C PHE I 365 62.36 -4.48 2.05
N TYR I 366 63.36 -5.14 2.62
CA TYR I 366 64.74 -4.98 2.20
C TYR I 366 65.30 -6.32 1.74
N THR I 367 66.49 -6.26 1.14
CA THR I 367 67.23 -7.44 0.74
C THR I 367 68.53 -7.62 1.51
N GLU I 368 69.36 -6.58 1.57
CA GLU I 368 70.64 -6.65 2.26
C GLU I 368 70.73 -5.72 3.45
N ASN I 369 70.44 -4.44 3.27
CA ASN I 369 70.57 -3.44 4.32
C ASN I 369 69.20 -2.91 4.71
N CYS I 370 68.97 -2.77 6.01
CA CYS I 370 67.71 -2.27 6.54
C CYS I 370 67.97 -1.05 7.41
N LEU I 371 67.24 0.03 7.14
CA LEU I 371 67.38 1.27 7.91
C LEU I 371 66.72 1.13 9.28
N ASP I 372 67.24 1.90 10.23
CA ASP I 372 66.75 1.87 11.61
C ASP I 372 65.69 2.95 11.77
N ILE I 373 64.43 2.54 11.75
CA ILE I 373 63.30 3.44 11.99
C ILE I 373 63.23 3.63 13.50
N PRO I 374 62.75 4.77 14.02
CA PRO I 374 62.47 4.88 15.45
C PRO I 374 61.48 3.81 15.91
N SER I 375 61.70 3.31 17.12
CA SER I 375 61.08 2.06 17.57
C SER I 375 59.69 2.23 18.18
N GLN I 376 59.21 3.46 18.38
CA GLN I 376 57.92 3.63 19.05
C GLN I 376 56.75 3.32 18.13
N LEU I 377 56.92 3.44 16.81
CA LEU I 377 55.81 3.18 15.91
C LEU I 377 55.78 1.71 15.51
N PRO I 378 54.63 1.21 15.04
CA PRO I 378 54.61 -0.13 14.44
C PRO I 378 55.49 -0.19 13.20
N GLN I 379 56.27 -1.28 13.10
CA GLN I 379 57.14 -1.51 11.96
C GLN I 379 56.94 -2.92 11.44
N VAL I 380 57.15 -3.09 10.14
CA VAL I 380 57.16 -4.40 9.48
C VAL I 380 58.44 -4.43 8.68
N ASN I 381 59.45 -5.16 9.18
CA ASN I 381 60.73 -5.32 8.49
C ASN I 381 60.81 -6.76 7.99
N ILE I 382 60.75 -6.93 6.67
CA ILE I 382 60.73 -8.23 6.02
C ILE I 382 61.89 -8.30 5.05
N GLN I 383 62.71 -9.34 5.18
CA GLN I 383 63.84 -9.56 4.27
C GLN I 383 63.42 -10.58 3.22
N VAL I 384 63.71 -10.27 1.95
CA VAL I 384 63.34 -11.11 0.82
C VAL I 384 64.58 -11.40 -0.01
N LYS I 385 64.41 -12.30 -0.99
CA LYS I 385 65.50 -12.61 -1.90
C LYS I 385 65.74 -11.48 -2.90
N ASP I 386 64.71 -11.18 -3.70
CA ASP I 386 64.79 -10.16 -4.74
C ASP I 386 63.65 -9.17 -4.57
N PHE I 387 63.70 -8.11 -5.37
CA PHE I 387 62.67 -7.08 -5.30
C PHE I 387 61.32 -7.56 -5.83
N ALA I 388 61.32 -8.57 -6.71
CA ALA I 388 60.07 -9.08 -7.25
C ALA I 388 59.22 -9.80 -6.22
N ASP I 389 59.84 -10.28 -5.13
CA ASP I 389 59.08 -10.94 -4.07
C ASP I 389 58.26 -9.95 -3.25
N ILE I 390 58.64 -8.68 -3.24
CA ILE I 390 57.95 -7.66 -2.46
C ILE I 390 56.55 -7.42 -3.01
N LYS I 391 56.38 -7.50 -4.34
CA LYS I 391 55.11 -7.20 -4.97
C LYS I 391 54.02 -8.18 -4.55
N GLU I 392 54.36 -9.46 -4.40
CA GLU I 392 53.41 -10.47 -3.96
C GLU I 392 53.35 -10.60 -2.44
N ILE I 393 53.76 -9.57 -1.70
CA ILE I 393 53.60 -9.52 -0.25
C ILE I 393 52.73 -8.35 0.18
N VAL I 394 52.92 -7.18 -0.42
CA VAL I 394 52.14 -5.99 -0.11
C VAL I 394 50.68 -6.16 -0.54
N LYS J 151 -65.74 26.15 -11.97
CA LYS J 151 -66.40 27.19 -12.74
C LYS J 151 -66.67 28.43 -11.88
N SER J 152 -65.82 28.65 -10.88
CA SER J 152 -65.96 29.75 -9.95
C SER J 152 -64.75 30.68 -10.08
N PHE J 153 -64.73 31.73 -9.26
CA PHE J 153 -63.63 32.70 -9.29
C PHE J 153 -62.32 32.08 -8.82
N ASP J 154 -62.38 31.16 -7.86
CA ASP J 154 -61.20 30.51 -7.32
C ASP J 154 -60.94 29.13 -7.93
N ASP J 155 -61.75 28.71 -8.90
CA ASP J 155 -61.63 27.35 -9.42
C ASP J 155 -61.50 27.29 -10.93
N GLN J 156 -62.17 28.17 -11.67
CA GLN J 156 -62.21 28.07 -13.13
C GLN J 156 -60.86 28.43 -13.76
N LYS J 157 -60.11 29.34 -13.14
CA LYS J 157 -59.09 30.15 -13.81
C LYS J 157 -57.96 29.34 -14.46
N LYS J 158 -57.83 28.05 -14.14
CA LYS J 158 -56.81 27.23 -14.78
C LYS J 158 -57.15 26.89 -16.23
N GLU J 159 -58.40 27.06 -16.66
CA GLU J 159 -58.83 26.60 -17.97
C GLU J 159 -58.39 27.54 -19.09
N THR J 160 -58.01 28.76 -18.76
CA THR J 160 -57.60 29.75 -19.76
C THR J 160 -56.17 29.52 -20.22
N ILE J 161 -55.37 28.75 -19.47
CA ILE J 161 -53.94 28.62 -19.76
C ILE J 161 -53.72 27.86 -21.06
N GLN J 162 -54.43 26.74 -21.24
CA GLN J 162 -54.29 25.99 -22.49
C GLN J 162 -54.91 26.73 -23.66
N ILE J 163 -55.84 27.66 -23.41
CA ILE J 163 -56.37 28.50 -24.47
C ILE J 163 -55.28 29.45 -24.99
N ILE J 164 -54.54 30.08 -24.08
CA ILE J 164 -53.44 30.96 -24.49
C ILE J 164 -52.28 30.14 -25.04
N LYS J 165 -52.10 28.91 -24.53
CA LYS J 165 -50.93 28.11 -24.88
C LYS J 165 -50.94 27.71 -26.36
N ASN J 166 -52.08 27.25 -26.87
CA ASN J 166 -52.14 26.89 -28.29
C ASN J 166 -52.37 28.10 -29.19
N HIS J 167 -52.73 29.25 -28.63
CA HIS J 167 -52.94 30.45 -29.45
C HIS J 167 -51.60 30.97 -29.97
N PHE J 168 -50.61 31.06 -29.08
CA PHE J 168 -49.30 31.61 -29.43
C PHE J 168 -48.25 30.55 -29.66
N GLN J 169 -48.60 29.26 -29.51
CA GLN J 169 -47.66 28.13 -29.55
C GLN J 169 -46.51 28.34 -28.56
N CYS J 170 -46.86 28.83 -27.37
CA CYS J 170 -45.90 29.30 -26.40
C CYS J 170 -45.72 28.29 -25.26
N GLU J 171 -44.67 28.50 -24.47
CA GLU J 171 -44.32 27.58 -23.39
C GLU J 171 -45.25 27.78 -22.19
N ASP J 172 -45.10 26.89 -21.21
CA ASP J 172 -46.00 26.90 -20.06
C ASP J 172 -45.68 28.02 -19.08
N TYR J 173 -44.40 28.40 -18.93
CA TYR J 173 -44.04 29.37 -17.91
C TYR J 173 -44.38 30.80 -18.31
N GLU J 174 -44.37 31.14 -19.59
CA GLU J 174 -44.80 32.46 -20.01
C GLU J 174 -46.28 32.51 -20.41
N ALA J 175 -46.97 31.37 -20.39
CA ALA J 175 -48.41 31.40 -20.62
C ALA J 175 -49.17 31.84 -19.39
N GLU J 176 -48.91 31.21 -18.24
CA GLU J 176 -49.62 31.54 -17.02
C GLU J 176 -49.12 32.84 -16.39
N HIS J 177 -47.81 33.10 -16.48
CA HIS J 177 -47.22 34.19 -15.72
C HIS J 177 -47.11 35.48 -16.51
N TYR J 178 -46.85 35.39 -17.81
CA TYR J 178 -46.60 36.55 -18.66
C TYR J 178 -47.78 36.90 -19.55
N LEU J 179 -48.43 35.91 -20.15
CA LEU J 179 -49.48 36.16 -21.14
C LEU J 179 -50.86 36.27 -20.51
N TYR J 180 -51.23 35.30 -19.66
CA TYR J 180 -52.56 35.32 -19.05
C TYR J 180 -52.68 36.42 -18.01
N SER J 181 -51.61 36.67 -17.26
CA SER J 181 -51.63 37.74 -16.26
C SER J 181 -51.76 39.11 -16.91
N ASN J 182 -51.16 39.29 -18.09
CA ASN J 182 -51.36 40.52 -18.84
C ASN J 182 -52.76 40.57 -19.46
N ALA J 183 -53.28 39.41 -19.88
CA ALA J 183 -54.61 39.37 -20.49
C ALA J 183 -55.70 39.69 -19.49
N PHE J 184 -55.54 39.24 -18.25
CA PHE J 184 -56.53 39.54 -17.22
C PHE J 184 -56.48 41.00 -16.82
N ARG J 185 -55.30 41.63 -16.91
CA ARG J 185 -55.17 43.02 -16.47
C ARG J 185 -55.88 43.99 -17.41
N LYS J 186 -55.74 43.78 -18.73
CA LYS J 186 -56.46 44.62 -19.67
C LYS J 186 -57.94 44.30 -19.71
N THR J 187 -58.33 43.10 -19.25
CA THR J 187 -59.74 42.79 -19.07
C THR J 187 -60.36 43.67 -17.99
N TYR J 188 -59.62 43.89 -16.90
CA TYR J 188 -60.07 44.82 -15.85
C TYR J 188 -60.17 46.24 -16.39
N ASP J 189 -59.20 46.66 -17.20
CA ASP J 189 -59.11 48.04 -17.65
C ASP J 189 -60.28 48.44 -18.55
N ILE J 190 -60.94 47.49 -19.21
CA ILE J 190 -62.17 47.79 -19.93
C ILE J 190 -63.41 47.60 -19.06
N SER J 191 -63.27 47.03 -17.88
CA SER J 191 -64.38 46.85 -16.95
C SER J 191 -64.34 47.80 -15.75
N CYS J 192 -63.14 48.23 -15.34
CA CYS J 192 -63.04 49.20 -14.25
C CYS J 192 -63.62 50.55 -14.65
N ASN J 193 -63.35 50.98 -15.87
CA ASN J 193 -63.94 52.22 -16.37
C ASN J 193 -65.43 52.04 -16.61
N LYS J 194 -66.19 53.12 -16.42
CA LYS J 194 -67.64 53.09 -16.52
C LYS J 194 -68.15 53.74 -17.80
N LYS J 195 -67.27 54.01 -18.77
CA LYS J 195 -67.66 54.67 -20.00
C LYS J 195 -67.81 53.70 -21.17
N ASP J 196 -66.77 52.92 -21.45
CA ASP J 196 -66.76 51.99 -22.58
C ASP J 196 -66.54 50.58 -22.04
N ARG J 197 -67.63 49.84 -21.84
CA ARG J 197 -67.55 48.44 -21.45
C ARG J 197 -67.61 47.49 -22.64
N ARG J 198 -67.74 48.02 -23.86
CA ARG J 198 -67.73 47.18 -25.05
C ARG J 198 -66.31 46.67 -25.32
N ILE J 199 -66.24 45.50 -25.96
CA ILE J 199 -64.99 44.75 -26.08
C ILE J 199 -64.62 44.64 -27.55
N LYS J 200 -63.37 44.95 -27.86
CA LYS J 200 -62.79 44.72 -29.17
C LYS J 200 -61.83 43.53 -29.10
N LYS J 201 -61.50 42.99 -30.26
CA LYS J 201 -60.71 41.76 -30.32
C LYS J 201 -59.47 41.95 -31.18
N SER J 202 -59.58 42.76 -32.24
CA SER J 202 -58.48 42.92 -33.20
C SER J 202 -57.27 43.57 -32.55
N ASP J 203 -57.48 44.59 -31.72
CA ASP J 203 -56.37 45.23 -31.01
C ASP J 203 -56.08 44.60 -29.66
N PHE J 204 -56.97 43.74 -29.17
CA PHE J 204 -56.77 43.12 -27.86
C PHE J 204 -55.74 41.99 -27.90
N VAL J 205 -55.62 41.31 -29.04
CA VAL J 205 -54.75 40.14 -29.11
C VAL J 205 -53.27 40.54 -29.06
N GLU J 206 -52.90 41.61 -29.75
CA GLU J 206 -51.50 42.03 -29.81
C GLU J 206 -51.11 43.00 -28.71
N SER J 207 -52.07 43.53 -27.96
CA SER J 207 -51.75 44.49 -26.90
C SER J 207 -51.11 43.81 -25.69
N ILE J 208 -51.46 42.55 -25.44
CA ILE J 208 -50.94 41.85 -24.27
C ILE J 208 -49.53 41.32 -24.49
N ASN J 209 -49.10 41.18 -25.74
CA ASN J 209 -47.74 40.72 -26.05
C ASN J 209 -46.81 41.92 -26.23
N LYS J 210 -46.67 42.70 -25.16
CA LYS J 210 -45.89 43.92 -25.17
C LYS J 210 -44.51 43.74 -24.55
N SER J 211 -44.07 42.48 -24.37
CA SER J 211 -42.78 42.13 -23.77
C SER J 211 -42.64 42.68 -22.34
N LYS J 212 -43.75 42.80 -21.63
CA LYS J 212 -43.77 43.29 -20.26
C LYS J 212 -44.67 42.39 -19.43
N VAL J 213 -44.29 42.20 -18.17
CA VAL J 213 -45.11 41.47 -17.21
C VAL J 213 -45.75 42.54 -16.33
N LEU J 214 -46.96 42.95 -16.70
CA LEU J 214 -47.65 44.00 -15.98
C LEU J 214 -48.18 43.48 -14.64
N PHE J 215 -48.32 44.40 -13.70
CA PHE J 215 -48.83 44.05 -12.38
C PHE J 215 -50.30 43.68 -12.42
N ASN J 216 -50.67 42.64 -11.68
CA ASN J 216 -52.05 42.24 -11.47
C ASN J 216 -52.38 42.37 -9.99
N ILE J 217 -53.35 43.23 -9.67
CA ILE J 217 -53.65 43.51 -8.27
C ILE J 217 -54.47 42.39 -7.64
N TRP J 218 -55.32 41.70 -8.41
CA TRP J 218 -56.07 40.58 -7.83
C TRP J 218 -55.19 39.36 -7.65
N PHE J 219 -54.25 39.13 -8.57
CA PHE J 219 -53.30 38.03 -8.43
C PHE J 219 -52.37 38.25 -7.25
N TYR J 220 -52.09 39.50 -6.92
CA TYR J 220 -51.31 39.82 -5.73
C TYR J 220 -52.12 39.66 -4.45
N GLN J 221 -53.45 39.71 -4.54
CA GLN J 221 -54.30 39.83 -3.36
C GLN J 221 -54.65 38.49 -2.73
N TYR J 222 -55.23 37.57 -3.52
CA TYR J 222 -55.83 36.38 -2.91
C TYR J 222 -54.83 35.29 -2.56
N GLU J 223 -53.53 35.50 -2.80
CA GLU J 223 -52.51 34.60 -2.27
C GLU J 223 -51.44 35.28 -1.45
N GLY J 224 -51.37 36.61 -1.45
CA GLY J 224 -50.45 37.33 -0.59
C GLY J 224 -49.20 37.79 -1.32
N ARG J 225 -48.37 38.51 -0.56
CA ARG J 225 -47.14 39.07 -1.12
C ARG J 225 -46.09 37.98 -1.35
N LYS J 226 -45.92 37.09 -0.38
CA LYS J 226 -44.86 36.08 -0.45
C LYS J 226 -45.14 35.07 -1.57
N GLU J 227 -46.41 34.72 -1.78
CA GLU J 227 -46.73 33.78 -2.84
C GLU J 227 -46.58 34.41 -4.22
N TYR J 228 -46.94 35.69 -4.35
CA TYR J 228 -46.93 36.34 -5.65
C TYR J 228 -45.52 36.68 -6.12
N LEU J 229 -44.63 37.06 -5.21
CA LEU J 229 -43.27 37.42 -5.59
C LEU J 229 -42.41 36.21 -5.92
N ARG J 230 -42.72 35.03 -5.39
CA ARG J 230 -41.96 33.84 -5.73
C ARG J 230 -42.46 33.19 -7.01
N LYS J 231 -43.71 33.46 -7.40
CA LYS J 231 -44.19 33.05 -8.71
C LYS J 231 -43.43 33.76 -9.82
N LEU J 232 -42.98 35.00 -9.57
CA LEU J 232 -42.11 35.71 -10.50
C LEU J 232 -40.65 35.31 -10.33
N LYS J 233 -40.31 34.63 -9.23
CA LYS J 233 -38.92 34.26 -8.96
C LYS J 233 -38.48 33.10 -9.84
N GLU J 234 -39.35 32.12 -10.04
CA GLU J 234 -39.01 30.92 -10.81
C GLU J 234 -39.29 31.06 -12.30
N SER J 235 -39.89 32.15 -12.73
CA SER J 235 -40.35 32.29 -14.11
C SER J 235 -39.32 32.99 -14.99
N PHE J 236 -38.98 34.23 -14.65
CA PHE J 236 -38.09 35.03 -15.46
C PHE J 236 -36.75 35.28 -14.77
N ILE J 237 -36.57 34.79 -13.55
CA ILE J 237 -35.33 34.95 -12.79
C ILE J 237 -34.77 33.55 -12.58
N ARG J 238 -34.94 32.68 -13.58
CA ARG J 238 -34.43 31.31 -13.55
C ARG J 238 -32.91 31.30 -13.37
N ARG J 239 -32.46 30.83 -12.22
CA ARG J 239 -31.05 30.82 -11.86
C ARG J 239 -30.48 29.41 -11.95
N SER J 240 -29.17 29.34 -11.81
CA SER J 240 -28.44 28.07 -11.78
C SER J 240 -27.27 28.21 -10.82
N VAL J 241 -26.70 27.07 -10.45
CA VAL J 241 -25.53 27.05 -9.58
C VAL J 241 -24.30 27.59 -10.31
N ASN J 242 -24.30 27.57 -11.63
CA ASN J 242 -23.14 27.89 -12.45
C ASN J 242 -23.42 29.09 -13.33
N THR J 243 -23.90 30.18 -12.72
CA THR J 243 -24.21 31.42 -13.43
C THR J 243 -23.02 31.91 -14.24
N SER J 244 -23.24 32.07 -15.55
CA SER J 244 -22.21 32.43 -16.51
C SER J 244 -21.92 33.93 -16.47
N PRO J 245 -20.69 34.33 -16.83
CA PRO J 245 -20.38 35.78 -16.86
C PRO J 245 -21.00 36.49 -18.04
N TYR J 246 -22.28 36.85 -17.91
CA TYR J 246 -22.98 37.63 -18.91
C TYR J 246 -23.12 39.07 -18.45
N ALA J 247 -23.27 39.97 -19.43
CA ALA J 247 -23.46 41.39 -19.14
C ALA J 247 -24.92 41.61 -18.76
N ARG J 248 -25.20 41.55 -17.46
CA ARG J 248 -26.55 41.67 -16.95
C ARG J 248 -26.85 43.14 -16.63
N PHE J 249 -27.99 43.61 -17.12
CA PHE J 249 -28.41 44.99 -16.95
C PHE J 249 -29.67 45.03 -16.10
N PHE J 250 -29.67 45.87 -15.07
CA PHE J 250 -30.77 45.97 -14.12
C PHE J 250 -31.32 47.40 -14.16
N ILE J 251 -32.36 47.61 -14.95
CA ILE J 251 -33.01 48.90 -15.07
C ILE J 251 -34.10 48.98 -14.02
N LEU J 252 -33.90 49.82 -13.01
CA LEU J 252 -34.82 49.95 -11.88
C LEU J 252 -35.41 51.34 -11.86
N GLU J 253 -36.74 51.44 -11.74
CA GLU J 253 -37.41 52.72 -11.63
C GLU J 253 -37.24 53.25 -10.21
N PHE J 254 -36.47 54.33 -10.09
CA PHE J 254 -36.23 54.99 -8.80
C PHE J 254 -37.05 56.27 -8.84
N GLN J 255 -38.02 56.38 -7.95
CA GLN J 255 -38.86 57.57 -7.86
C GLN J 255 -38.46 58.41 -6.66
N ASP J 256 -38.97 59.64 -6.64
CA ASP J 256 -38.64 60.58 -5.56
C ASP J 256 -39.28 60.18 -4.23
N LYS J 257 -40.34 59.38 -4.26
CA LYS J 257 -40.97 58.90 -3.03
C LYS J 257 -40.28 57.69 -2.44
N THR J 258 -39.25 57.17 -3.10
CA THR J 258 -38.53 55.99 -2.61
C THR J 258 -37.36 56.41 -1.74
N ASP J 259 -37.23 55.76 -0.58
CA ASP J 259 -36.12 56.03 0.32
C ASP J 259 -34.83 55.44 -0.24
N ILE J 260 -33.70 56.02 0.20
CA ILE J 260 -32.39 55.57 -0.28
C ILE J 260 -32.07 54.17 0.24
N LYS J 261 -32.46 53.89 1.49
CA LYS J 261 -32.09 52.64 2.15
C LYS J 261 -32.74 51.45 1.45
N THR J 262 -34.01 51.60 1.04
CA THR J 262 -34.70 50.54 0.32
C THR J 262 -34.08 50.28 -1.05
N VAL J 263 -33.58 51.33 -1.70
CA VAL J 263 -32.85 51.15 -2.95
C VAL J 263 -31.50 50.51 -2.69
N LYS J 264 -30.84 50.89 -1.60
CA LYS J 264 -29.54 50.30 -1.26
C LYS J 264 -29.67 48.82 -0.91
N ASP J 265 -30.79 48.43 -0.30
CA ASP J 265 -31.01 47.02 0.00
C ASP J 265 -31.20 46.20 -1.27
N CYS J 266 -31.80 46.80 -2.31
CA CYS J 266 -31.97 46.10 -3.58
C CYS J 266 -30.64 46.00 -4.32
N ILE J 267 -29.83 47.05 -4.27
CA ILE J 267 -28.52 47.03 -4.92
C ILE J 267 -27.61 46.00 -4.26
N TYR J 268 -27.62 45.94 -2.92
CA TYR J 268 -26.80 44.98 -2.19
C TYR J 268 -27.22 43.54 -2.44
N LYS J 269 -28.46 43.30 -2.84
CA LYS J 269 -28.89 41.96 -3.22
C LYS J 269 -28.62 41.65 -4.68
N ILE J 270 -28.75 42.64 -5.56
CA ILE J 270 -28.40 42.44 -6.97
C ILE J 270 -26.90 42.20 -7.13
N GLN J 271 -26.09 42.98 -6.42
CA GLN J 271 -24.63 42.83 -6.53
C GLN J 271 -24.16 41.51 -5.93
N SER J 272 -24.79 41.07 -4.84
CA SER J 272 -24.33 39.84 -4.19
C SER J 272 -24.75 38.60 -4.96
N ASN J 273 -25.89 38.65 -5.66
CA ASN J 273 -26.42 37.47 -6.34
C ASN J 273 -26.00 37.36 -7.79
N TRP J 274 -25.65 38.48 -8.44
CA TRP J 274 -25.35 38.49 -9.87
C TRP J 274 -23.89 38.82 -10.16
N SER J 275 -23.00 38.63 -9.19
CA SER J 275 -21.58 38.86 -9.40
C SER J 275 -20.77 37.74 -8.75
N ASN J 276 -19.59 37.50 -9.31
CA ASN J 276 -18.61 36.58 -8.73
C ASN J 276 -17.26 37.27 -8.86
N LEU J 277 -16.89 38.00 -7.81
CA LEU J 277 -15.64 38.77 -7.77
C LEU J 277 -14.58 38.05 -6.97
N SER J 278 -14.54 36.73 -7.08
CA SER J 278 -13.57 35.92 -6.37
C SER J 278 -12.16 36.21 -6.84
N LYS J 279 -11.20 36.02 -5.94
CA LYS J 279 -9.80 36.21 -6.28
C LYS J 279 -9.27 35.07 -7.16
N ARG J 280 -9.98 33.96 -7.24
CA ARG J 280 -9.50 32.78 -7.95
C ARG J 280 -10.10 32.62 -9.34
N THR J 281 -11.17 33.33 -9.67
CA THR J 281 -11.80 33.15 -10.98
C THR J 281 -11.01 33.87 -12.06
N ASP J 282 -11.10 33.35 -13.28
CA ASP J 282 -10.47 33.97 -14.43
C ASP J 282 -11.44 34.79 -15.26
N ARG J 283 -12.74 34.61 -15.07
CA ARG J 283 -13.77 35.38 -15.78
C ARG J 283 -14.77 35.92 -14.77
N PRO J 284 -14.42 36.97 -14.04
CA PRO J 284 -15.37 37.57 -13.10
C PRO J 284 -16.41 38.40 -13.82
N TYR J 285 -17.53 38.61 -13.14
CA TYR J 285 -18.63 39.39 -13.70
C TYR J 285 -19.23 40.29 -12.62
N SER J 286 -19.82 41.39 -13.07
CA SER J 286 -20.48 42.36 -12.21
C SER J 286 -21.74 42.87 -12.90
N PRO J 287 -22.84 43.01 -12.16
CA PRO J 287 -24.09 43.47 -12.78
C PRO J 287 -24.04 44.96 -13.10
N PHE J 288 -24.75 45.34 -14.15
CA PHE J 288 -24.88 46.72 -14.56
C PHE J 288 -26.17 47.29 -13.99
N LEU J 289 -26.08 48.45 -13.35
CA LEU J 289 -27.21 49.05 -12.65
C LEU J 289 -27.61 50.35 -13.34
N LEU J 290 -28.88 50.45 -13.73
CA LEU J 290 -29.42 51.66 -14.35
C LEU J 290 -30.65 52.11 -13.59
N PHE J 291 -30.73 53.41 -13.30
CA PHE J 291 -31.87 53.98 -12.60
C PHE J 291 -32.44 55.13 -13.41
N HIS J 292 -33.76 55.29 -13.33
CA HIS J 292 -34.47 56.30 -14.11
C HIS J 292 -35.66 56.79 -13.32
N GLY J 293 -36.20 57.92 -13.75
CA GLY J 293 -37.36 58.51 -13.11
C GLY J 293 -37.07 59.32 -11.87
N THR J 294 -35.81 59.64 -11.60
CA THR J 294 -35.43 60.42 -10.43
C THR J 294 -34.63 61.64 -10.86
N SER J 295 -34.64 62.64 -9.99
CA SER J 295 -33.81 63.83 -10.22
C SER J 295 -32.34 63.49 -10.08
N ASP J 296 -31.50 64.32 -10.70
CA ASP J 296 -30.06 64.09 -10.65
C ASP J 296 -29.51 64.28 -9.24
N ALA J 297 -30.05 65.24 -8.48
CA ALA J 297 -29.62 65.47 -7.11
C ALA J 297 -29.95 64.28 -6.22
N ASN J 298 -31.14 63.71 -6.37
CA ASN J 298 -31.50 62.52 -5.60
C ASN J 298 -30.74 61.29 -6.09
N LEU J 299 -30.34 61.28 -7.37
CA LEU J 299 -29.59 60.15 -7.91
C LEU J 299 -28.16 60.14 -7.39
N TYR J 300 -27.55 61.32 -7.22
CA TYR J 300 -26.19 61.39 -6.71
C TYR J 300 -26.11 61.09 -5.23
N GLU J 301 -27.21 61.29 -4.48
CA GLU J 301 -27.21 60.94 -3.07
C GLU J 301 -27.12 59.43 -2.87
N LEU J 302 -27.82 58.66 -3.70
CA LEU J 302 -27.70 57.20 -3.65
C LEU J 302 -26.29 56.77 -4.10
N LYS J 303 -25.73 57.47 -5.08
CA LYS J 303 -24.38 57.17 -5.55
C LYS J 303 -23.35 57.37 -4.44
N ASN J 304 -23.48 58.47 -3.69
CA ASN J 304 -22.49 58.80 -2.67
C ASN J 304 -22.61 57.91 -1.44
N GLN J 305 -23.83 57.56 -1.05
CA GLN J 305 -24.01 56.66 0.10
C GLN J 305 -23.56 55.25 -0.22
N LEU J 306 -23.69 54.82 -1.49
CA LEU J 306 -23.19 53.51 -1.88
C LEU J 306 -21.67 53.45 -1.80
N PHE J 307 -21.00 54.54 -2.16
CA PHE J 307 -19.55 54.55 -2.18
C PHE J 307 -18.93 54.62 -0.79
N ASN J 308 -19.69 55.07 0.21
CA ASN J 308 -19.16 55.16 1.57
C ASN J 308 -19.10 53.81 2.25
N GLU J 309 -20.02 52.90 1.94
CA GLU J 309 -20.09 51.60 2.57
C GLU J 309 -19.24 50.55 1.87
N ASP J 310 -18.23 50.97 1.11
CA ASP J 310 -17.30 50.12 0.36
C ASP J 310 -18.11 49.26 -0.61
N LEU J 311 -18.67 49.95 -1.61
CA LEU J 311 -19.30 49.33 -2.76
C LEU J 311 -18.80 50.11 -3.97
N ILE J 312 -17.67 49.69 -4.51
CA ILE J 312 -16.97 50.45 -5.55
C ILE J 312 -17.65 50.21 -6.88
N PHE J 313 -17.98 51.30 -7.58
CA PHE J 313 -18.68 51.22 -8.86
C PHE J 313 -18.08 52.24 -9.83
N THR J 314 -18.38 52.05 -11.11
CA THR J 314 -18.00 52.99 -12.16
C THR J 314 -19.23 53.37 -12.97
N ASP J 315 -19.26 54.62 -13.43
CA ASP J 315 -20.29 55.10 -14.33
C ASP J 315 -19.73 55.48 -15.69
N GLY J 316 -18.47 55.16 -15.97
CA GLY J 316 -17.83 55.68 -17.15
C GLY J 316 -17.35 57.11 -17.02
N TYR J 317 -17.34 57.66 -15.81
CA TYR J 317 -16.91 59.03 -15.53
C TYR J 317 -15.83 58.96 -14.46
N PRO J 318 -14.58 58.62 -14.84
CA PRO J 318 -13.54 58.41 -13.82
C PRO J 318 -13.05 59.69 -13.15
N PHE J 319 -13.39 60.87 -13.68
CA PHE J 319 -12.95 62.12 -13.08
C PHE J 319 -14.00 63.19 -13.35
N LYS J 320 -13.79 64.36 -12.75
CA LYS J 320 -14.72 65.47 -12.92
C LYS J 320 -14.55 66.07 -14.31
N GLY J 321 -15.69 66.37 -14.95
CA GLY J 321 -15.67 66.88 -16.31
C GLY J 321 -15.41 65.84 -17.38
N SER J 322 -15.38 64.56 -17.03
CA SER J 322 -15.13 63.52 -18.00
C SER J 322 -16.33 63.31 -18.91
N VAL J 323 -16.05 62.94 -20.15
CA VAL J 323 -17.08 62.47 -21.07
C VAL J 323 -17.38 61.02 -20.71
N PHE J 324 -18.47 60.48 -21.24
CA PHE J 324 -18.84 59.11 -20.95
C PHE J 324 -17.84 58.15 -21.61
N THR J 325 -17.18 57.34 -20.80
CA THR J 325 -16.22 56.37 -21.30
C THR J 325 -16.80 54.97 -21.11
N PRO J 326 -17.35 54.35 -22.17
CA PRO J 326 -17.89 52.99 -22.03
C PRO J 326 -16.84 51.95 -21.69
N LYS J 327 -15.57 52.21 -22.01
CA LYS J 327 -14.51 51.23 -21.76
C LYS J 327 -14.32 50.94 -20.27
N MET J 328 -14.52 51.94 -19.41
CA MET J 328 -14.43 51.72 -17.98
C MET J 328 -15.56 50.83 -17.47
N LEU J 329 -16.72 50.85 -18.13
CA LEU J 329 -17.78 49.93 -17.76
C LEU J 329 -17.43 48.49 -18.15
N ILE J 330 -16.82 48.31 -19.33
CA ILE J 330 -16.44 46.97 -19.75
C ILE J 330 -15.25 46.47 -18.94
N GLU J 331 -14.27 47.36 -18.67
CA GLU J 331 -13.10 46.93 -17.92
C GLU J 331 -13.39 46.73 -16.44
N GLY J 332 -14.48 47.32 -15.94
CA GLY J 332 -14.93 46.99 -14.59
C GLY J 332 -15.72 45.71 -14.50
N PHE J 333 -16.21 45.22 -15.64
CA PHE J 333 -16.90 43.93 -15.68
C PHE J 333 -15.93 42.79 -15.39
N SER J 334 -14.70 42.89 -15.89
CA SER J 334 -13.65 41.92 -15.61
C SER J 334 -12.79 42.31 -14.42
N ASN J 335 -13.11 43.41 -13.74
CA ASN J 335 -12.34 43.85 -12.58
C ASN J 335 -12.95 43.28 -11.31
N LYS J 336 -12.13 42.60 -10.52
CA LYS J 336 -12.60 41.95 -9.30
C LYS J 336 -12.79 42.93 -8.15
N GLU J 337 -12.22 44.13 -8.24
CA GLU J 337 -12.36 45.14 -7.21
C GLU J 337 -13.46 46.15 -7.52
N ILE J 338 -14.18 45.97 -8.62
CA ILE J 338 -15.31 46.82 -8.97
C ILE J 338 -16.57 45.99 -8.78
N HIS J 339 -17.41 46.39 -7.84
CA HIS J 339 -18.53 45.54 -7.42
C HIS J 339 -19.64 45.52 -8.47
N PHE J 340 -19.96 46.67 -9.05
CA PHE J 340 -21.00 46.75 -10.08
C PHE J 340 -20.74 47.99 -10.91
N GLN J 341 -21.61 48.22 -11.89
CA GLN J 341 -21.54 49.40 -12.75
C GLN J 341 -22.84 50.18 -12.62
N PHE J 342 -22.72 51.48 -12.42
CA PHE J 342 -23.88 52.36 -12.20
C PHE J 342 -24.07 53.17 -13.47
N ILE J 343 -24.89 52.64 -14.38
CA ILE J 343 -25.18 53.36 -15.62
C ILE J 343 -26.02 54.58 -15.29
N ASN J 344 -25.55 55.76 -15.72
CA ASN J 344 -26.13 57.01 -15.24
C ASN J 344 -27.50 57.27 -15.84
N ASP J 345 -27.65 57.10 -17.15
CA ASP J 345 -28.88 57.48 -17.82
C ASP J 345 -29.08 56.62 -19.07
N ILE J 346 -30.12 56.96 -19.84
CA ILE J 346 -30.53 56.16 -20.99
C ILE J 346 -29.50 56.29 -22.11
N ASP J 347 -29.01 57.51 -22.35
CA ASP J 347 -28.04 57.73 -23.42
C ASP J 347 -26.72 57.01 -23.14
N ASP J 348 -26.28 57.00 -21.88
CA ASP J 348 -25.11 56.21 -21.52
C ASP J 348 -25.42 54.72 -21.53
N PHE J 349 -26.69 54.34 -21.34
CA PHE J 349 -27.06 52.94 -21.39
C PHE J 349 -26.94 52.39 -22.81
N ASN J 350 -27.52 53.09 -23.79
CA ASN J 350 -27.53 52.60 -25.16
C ASN J 350 -26.14 52.60 -25.78
N GLU J 351 -25.26 53.47 -25.30
CA GLU J 351 -23.87 53.46 -25.76
C GLU J 351 -23.13 52.24 -25.23
N THR J 352 -23.55 51.71 -24.08
CA THR J 352 -22.85 50.60 -23.46
C THR J 352 -23.05 49.29 -24.21
N LEU J 353 -24.23 49.07 -24.80
CA LEU J 353 -24.51 47.82 -25.50
C LEU J 353 -23.63 47.63 -26.73
N ASN J 354 -23.22 48.73 -27.37
CA ASN J 354 -22.37 48.62 -28.55
C ASN J 354 -20.94 48.22 -28.22
N SER J 355 -20.51 48.40 -26.97
CA SER J 355 -19.14 48.12 -26.57
C SER J 355 -18.92 46.69 -26.09
N ILE J 356 -19.98 45.90 -25.93
CA ILE J 356 -19.86 44.52 -25.45
C ILE J 356 -20.14 43.57 -26.59
N ASN J 357 -19.44 42.44 -26.60
CA ASN J 357 -19.66 41.39 -27.58
C ASN J 357 -20.17 40.09 -26.98
N ILE J 358 -20.12 39.95 -25.65
CA ILE J 358 -20.59 38.74 -24.98
C ILE J 358 -22.10 38.81 -24.84
N ARG J 359 -22.71 37.69 -24.42
CA ARG J 359 -24.16 37.63 -24.24
C ARG J 359 -24.63 38.60 -23.17
N LYS J 360 -25.69 39.34 -23.48
CA LYS J 360 -26.21 40.39 -22.62
C LYS J 360 -27.64 40.06 -22.19
N GLU J 361 -27.95 40.31 -20.92
CA GLU J 361 -29.28 40.14 -20.37
C GLU J 361 -29.75 41.45 -19.75
N VAL J 362 -31.06 41.69 -19.82
CA VAL J 362 -31.67 42.90 -19.26
C VAL J 362 -32.78 42.48 -18.32
N TYR J 363 -32.71 42.95 -17.08
CA TYR J 363 -33.72 42.68 -16.06
C TYR J 363 -34.31 44.02 -15.62
N GLN J 364 -35.36 44.47 -16.31
CA GLN J 364 -36.00 45.73 -15.99
C GLN J 364 -37.10 45.50 -14.97
N PHE J 365 -37.04 46.21 -13.84
CA PHE J 365 -38.09 46.21 -12.84
C PHE J 365 -38.56 47.63 -12.65
N TYR J 366 -39.87 47.86 -12.82
CA TYR J 366 -40.42 49.20 -12.83
C TYR J 366 -41.76 49.21 -12.11
N THR J 367 -42.29 50.41 -11.92
CA THR J 367 -43.60 50.60 -11.31
C THR J 367 -44.61 51.23 -12.26
N GLU J 368 -44.25 52.35 -12.90
CA GLU J 368 -45.17 53.06 -13.77
C GLU J 368 -44.70 53.13 -15.21
N ASN J 369 -43.47 53.59 -15.46
CA ASN J 369 -42.95 53.77 -16.80
C ASN J 369 -41.91 52.70 -17.12
N CYS J 370 -41.80 52.35 -18.40
CA CYS J 370 -40.87 51.34 -18.85
C CYS J 370 -40.03 51.87 -20.00
N LEU J 371 -38.74 51.55 -19.99
CA LEU J 371 -37.83 52.00 -21.03
C LEU J 371 -37.90 51.09 -22.25
N ASP J 372 -37.87 51.70 -23.43
CA ASP J 372 -37.90 50.96 -24.69
C ASP J 372 -36.50 50.46 -25.00
N ILE J 373 -36.17 49.30 -24.45
CA ILE J 373 -34.88 48.64 -24.65
C ILE J 373 -34.88 48.08 -26.07
N PRO J 374 -33.74 48.03 -26.76
CA PRO J 374 -33.67 47.32 -28.04
C PRO J 374 -34.09 45.86 -27.90
N SER J 375 -34.79 45.36 -28.93
CA SER J 375 -35.55 44.13 -28.82
C SER J 375 -34.76 42.87 -29.13
N GLN J 376 -33.54 42.98 -29.66
CA GLN J 376 -32.81 41.77 -30.06
C GLN J 376 -32.23 41.01 -28.87
N LEU J 377 -31.83 41.70 -27.81
CA LEU J 377 -31.29 41.02 -26.64
C LEU J 377 -32.41 40.53 -25.73
N PRO J 378 -32.16 39.51 -24.93
CA PRO J 378 -33.17 39.06 -23.96
C PRO J 378 -33.48 40.16 -22.94
N GLN J 379 -34.78 40.31 -22.65
CA GLN J 379 -35.25 41.30 -21.68
C GLN J 379 -36.19 40.63 -20.69
N VAL J 380 -36.22 41.17 -19.48
CA VAL J 380 -37.17 40.79 -18.45
C VAL J 380 -37.78 42.10 -17.91
N ASN J 381 -39.04 42.35 -18.27
CA ASN J 381 -39.75 43.55 -17.84
C ASN J 381 -40.82 43.12 -16.84
N ILE J 382 -40.65 43.49 -15.57
CA ILE J 382 -41.56 43.10 -14.50
C ILE J 382 -42.05 44.37 -13.81
N GLN J 383 -43.37 44.49 -13.67
CA GLN J 383 -43.99 45.64 -13.00
C GLN J 383 -44.44 45.23 -11.61
N VAL J 384 -44.11 46.05 -10.61
CA VAL J 384 -44.40 45.79 -9.21
C VAL J 384 -45.07 47.01 -8.61
N LYS J 385 -45.45 46.90 -7.33
CA LYS J 385 -46.03 48.04 -6.61
C LYS J 385 -44.95 49.02 -6.19
N ASP J 386 -44.04 48.57 -5.33
CA ASP J 386 -43.02 49.42 -4.74
C ASP J 386 -41.64 48.84 -5.04
N PHE J 387 -40.62 49.62 -4.66
CA PHE J 387 -39.25 49.21 -4.92
C PHE J 387 -38.82 48.06 -4.02
N ALA J 388 -39.48 47.87 -2.88
CA ALA J 388 -39.14 46.78 -1.97
C ALA J 388 -39.50 45.42 -2.53
N ASP J 389 -40.46 45.36 -3.47
CA ASP J 389 -40.82 44.10 -4.10
C ASP J 389 -39.73 43.60 -5.05
N ILE J 390 -38.90 44.51 -5.56
CA ILE J 390 -37.86 44.13 -6.52
C ILE J 390 -36.80 43.27 -5.85
N LYS J 391 -36.50 43.55 -4.57
CA LYS J 391 -35.43 42.86 -3.86
C LYS J 391 -35.74 41.37 -3.69
N GLU J 392 -36.99 41.02 -3.44
CA GLU J 392 -37.39 39.63 -3.31
C GLU J 392 -37.68 38.96 -4.66
N ILE J 393 -37.31 39.60 -5.77
CA ILE J 393 -37.46 39.00 -7.09
C ILE J 393 -36.09 38.77 -7.75
N VAL J 394 -35.16 39.70 -7.57
CA VAL J 394 -33.81 39.54 -8.10
C VAL J 394 -33.05 38.42 -7.38
N LYS K 151 -30.86 -5.99 -66.66
CA LYS K 151 -31.99 -6.42 -65.85
C LYS K 151 -31.87 -5.91 -64.42
N SER K 152 -31.37 -6.75 -63.54
CA SER K 152 -31.14 -6.34 -62.16
C SER K 152 -30.00 -5.33 -62.08
N PHE K 153 -30.19 -4.29 -61.28
CA PHE K 153 -29.24 -3.19 -61.24
C PHE K 153 -27.92 -3.60 -60.58
N ASP K 154 -27.99 -4.37 -59.49
CA ASP K 154 -26.79 -4.71 -58.73
C ASP K 154 -25.90 -5.68 -59.51
N ASP K 155 -26.50 -6.68 -60.16
CA ASP K 155 -25.71 -7.64 -60.91
C ASP K 155 -25.14 -7.04 -62.19
N GLN K 156 -25.89 -6.13 -62.83
CA GLN K 156 -25.38 -5.46 -64.02
C GLN K 156 -24.28 -4.46 -63.69
N LYS K 157 -24.38 -3.82 -62.53
CA LYS K 157 -23.35 -2.86 -62.14
C LYS K 157 -22.03 -3.55 -61.82
N LYS K 158 -22.08 -4.76 -61.25
CA LYS K 158 -20.86 -5.45 -60.87
C LYS K 158 -20.13 -6.00 -62.09
N GLU K 159 -20.86 -6.50 -63.09
CA GLU K 159 -20.20 -7.03 -64.27
C GLU K 159 -19.65 -5.92 -65.15
N THR K 160 -20.25 -4.72 -65.11
CA THR K 160 -19.65 -3.59 -65.80
C THR K 160 -18.42 -3.09 -65.06
N ILE K 161 -18.49 -3.02 -63.73
CA ILE K 161 -17.36 -2.56 -62.92
C ILE K 161 -16.16 -3.49 -63.07
N GLN K 162 -16.43 -4.80 -63.17
CA GLN K 162 -15.36 -5.78 -63.34
C GLN K 162 -14.63 -5.63 -64.67
N ILE K 163 -15.24 -4.98 -65.66
CA ILE K 163 -14.57 -4.78 -66.94
C ILE K 163 -13.43 -3.77 -66.80
N ILE K 164 -13.69 -2.63 -66.14
CA ILE K 164 -12.63 -1.65 -65.91
C ILE K 164 -11.76 -2.05 -64.72
N LYS K 165 -12.21 -3.02 -63.90
CA LYS K 165 -11.43 -3.47 -62.76
C LYS K 165 -10.13 -4.13 -63.20
N ASN K 166 -10.21 -5.08 -64.14
CA ASN K 166 -9.03 -5.78 -64.61
C ASN K 166 -8.29 -5.03 -65.72
N HIS K 167 -8.89 -3.99 -66.29
CA HIS K 167 -8.24 -3.27 -67.38
C HIS K 167 -7.15 -2.35 -66.84
N PHE K 168 -7.32 -1.82 -65.62
CA PHE K 168 -6.36 -0.89 -65.04
C PHE K 168 -5.75 -1.40 -63.74
N GLN K 169 -5.96 -2.69 -63.41
CA GLN K 169 -5.56 -3.37 -62.17
C GLN K 169 -5.71 -2.47 -60.94
N CYS K 170 -6.92 -1.94 -60.78
CA CYS K 170 -7.19 -0.94 -59.74
C CYS K 170 -7.65 -1.62 -58.45
N GLU K 171 -8.00 -0.80 -57.47
CA GLU K 171 -8.44 -1.27 -56.16
C GLU K 171 -9.97 -1.17 -56.07
N ASP K 172 -10.50 -1.40 -54.88
CA ASP K 172 -11.95 -1.54 -54.71
C ASP K 172 -12.65 -0.19 -54.85
N TYR K 173 -12.18 0.84 -54.14
CA TYR K 173 -12.86 2.14 -54.15
C TYR K 173 -12.60 2.92 -55.42
N GLU K 174 -11.51 2.61 -56.14
CA GLU K 174 -11.14 3.36 -57.32
C GLU K 174 -11.86 2.86 -58.57
N ALA K 175 -12.71 1.84 -58.44
CA ALA K 175 -13.44 1.32 -59.58
C ALA K 175 -14.71 2.12 -59.84
N GLU K 176 -15.63 2.13 -58.87
CA GLU K 176 -16.96 2.69 -59.11
C GLU K 176 -17.01 4.21 -59.01
N HIS K 177 -16.15 4.83 -58.20
CA HIS K 177 -16.18 6.29 -58.11
C HIS K 177 -15.21 6.97 -59.07
N TYR K 178 -14.09 6.33 -59.40
CA TYR K 178 -13.10 6.98 -60.25
C TYR K 178 -13.28 6.63 -61.72
N LEU K 179 -13.37 5.34 -62.03
CA LEU K 179 -13.47 4.91 -63.42
C LEU K 179 -14.90 4.72 -63.89
N TYR K 180 -15.69 3.93 -63.16
CA TYR K 180 -17.04 3.60 -63.61
C TYR K 180 -17.96 4.82 -63.56
N SER K 181 -17.77 5.70 -62.56
CA SER K 181 -18.55 6.92 -62.52
C SER K 181 -18.24 7.83 -63.70
N ASN K 182 -16.96 7.90 -64.08
CA ASN K 182 -16.59 8.66 -65.27
C ASN K 182 -17.00 7.94 -66.55
N ALA K 183 -17.00 6.60 -66.53
CA ALA K 183 -17.37 5.84 -67.72
C ALA K 183 -18.83 5.99 -68.08
N PHE K 184 -19.69 6.32 -67.11
CA PHE K 184 -21.11 6.46 -67.41
C PHE K 184 -21.38 7.75 -68.17
N ARG K 185 -20.73 8.85 -67.79
CA ARG K 185 -21.04 10.13 -68.40
C ARG K 185 -20.43 10.30 -69.79
N LYS K 186 -19.30 9.64 -70.07
CA LYS K 186 -18.68 9.78 -71.39
C LYS K 186 -19.42 8.96 -72.44
N THR K 187 -20.06 7.86 -72.04
CA THR K 187 -20.98 7.18 -72.95
C THR K 187 -22.18 8.05 -73.28
N TYR K 188 -22.71 8.77 -72.27
CA TYR K 188 -23.83 9.67 -72.51
C TYR K 188 -23.36 10.90 -73.28
N ASP K 189 -22.15 11.39 -73.00
CA ASP K 189 -21.61 12.52 -73.74
C ASP K 189 -21.37 12.19 -75.21
N ILE K 190 -21.23 10.91 -75.56
CA ILE K 190 -21.14 10.50 -76.96
C ILE K 190 -22.47 10.01 -77.50
N SER K 191 -23.45 9.70 -76.63
CA SER K 191 -24.77 9.27 -77.10
C SER K 191 -25.70 10.43 -77.39
N CYS K 192 -25.65 11.49 -76.58
CA CYS K 192 -26.45 12.67 -76.84
C CYS K 192 -25.82 13.61 -77.85
N ASN K 193 -24.61 13.30 -78.31
CA ASN K 193 -24.03 14.03 -79.43
C ASN K 193 -24.83 13.71 -80.70
N LYS K 194 -25.43 14.74 -81.28
CA LYS K 194 -26.28 14.55 -82.45
C LYS K 194 -25.51 14.39 -83.75
N LYS K 195 -24.18 14.54 -83.71
CA LYS K 195 -23.35 14.39 -84.89
C LYS K 195 -22.46 13.17 -84.86
N ASP K 196 -22.12 12.64 -83.68
CA ASP K 196 -21.23 11.50 -83.56
C ASP K 196 -21.81 10.49 -82.60
N ARG K 197 -21.85 9.22 -83.02
CA ARG K 197 -22.23 8.11 -82.16
C ARG K 197 -21.30 6.92 -82.26
N ARG K 198 -20.54 6.79 -83.34
CA ARG K 198 -19.60 5.67 -83.51
C ARG K 198 -18.28 6.04 -82.85
N ILE K 199 -17.90 5.26 -81.83
CA ILE K 199 -16.65 5.45 -81.12
C ILE K 199 -15.95 4.10 -80.99
N LYS K 200 -14.65 4.15 -80.76
CA LYS K 200 -13.84 2.95 -80.58
C LYS K 200 -13.43 2.81 -79.13
N LYS K 201 -12.91 1.63 -78.80
CA LYS K 201 -12.47 1.34 -77.44
C LYS K 201 -11.13 2.00 -77.12
N SER K 202 -10.33 2.33 -78.13
CA SER K 202 -8.98 2.84 -77.89
C SER K 202 -9.01 4.26 -77.30
N ASP K 203 -9.78 5.16 -77.91
CA ASP K 203 -9.81 6.53 -77.41
C ASP K 203 -10.65 6.67 -76.16
N PHE K 204 -11.70 5.83 -76.02
CA PHE K 204 -12.55 5.89 -74.84
C PHE K 204 -11.79 5.50 -73.58
N VAL K 205 -10.88 4.54 -73.70
CA VAL K 205 -10.11 4.09 -72.54
C VAL K 205 -9.13 5.17 -72.10
N GLU K 206 -8.44 5.80 -73.06
CA GLU K 206 -7.43 6.80 -72.72
C GLU K 206 -8.06 8.11 -72.24
N SER K 207 -9.26 8.43 -72.72
CA SER K 207 -9.94 9.66 -72.30
C SER K 207 -10.59 9.53 -70.92
N ILE K 208 -10.53 8.36 -70.30
CA ILE K 208 -11.20 8.11 -69.03
C ILE K 208 -10.22 8.11 -67.87
N ASN K 209 -9.04 7.51 -68.04
CA ASN K 209 -8.05 7.43 -66.97
C ASN K 209 -7.27 8.73 -66.83
N LYS K 210 -8.01 9.81 -66.58
CA LYS K 210 -7.46 11.10 -66.24
C LYS K 210 -7.70 11.37 -64.76
N SER K 211 -6.76 12.06 -64.12
CA SER K 211 -6.86 12.30 -62.69
C SER K 211 -7.93 13.34 -62.37
N LYS K 212 -9.20 12.97 -62.54
CA LYS K 212 -10.32 13.89 -62.35
C LYS K 212 -11.58 13.07 -62.18
N VAL K 213 -12.26 13.25 -61.04
CA VAL K 213 -13.54 12.60 -60.81
C VAL K 213 -14.60 13.60 -61.25
N LEU K 214 -15.01 13.48 -62.52
CA LEU K 214 -16.00 14.40 -63.09
C LEU K 214 -17.39 14.10 -62.53
N PHE K 215 -18.24 15.12 -62.58
CA PHE K 215 -19.55 15.04 -61.95
C PHE K 215 -20.49 14.12 -62.72
N ASN K 216 -21.34 13.40 -61.98
CA ASN K 216 -22.37 12.56 -62.54
C ASN K 216 -23.73 13.09 -62.08
N ILE K 217 -24.53 13.58 -63.03
CA ILE K 217 -25.78 14.23 -62.68
C ILE K 217 -26.83 13.20 -62.26
N TRP K 218 -26.84 12.02 -62.87
CA TRP K 218 -27.87 11.04 -62.57
C TRP K 218 -27.62 10.31 -61.26
N PHE K 219 -26.35 10.03 -60.92
CA PHE K 219 -26.06 9.48 -59.60
C PHE K 219 -26.33 10.49 -58.50
N TYR K 220 -26.24 11.78 -58.82
CA TYR K 220 -26.76 12.81 -57.93
C TYR K 220 -28.27 12.68 -57.77
N GLN K 221 -28.97 12.36 -58.87
CA GLN K 221 -30.42 12.21 -58.81
C GLN K 221 -30.83 10.88 -58.20
N TYR K 222 -30.05 9.82 -58.46
CA TYR K 222 -30.38 8.49 -57.93
C TYR K 222 -30.22 8.48 -56.41
N GLU K 223 -29.08 8.94 -55.92
CA GLU K 223 -28.76 8.79 -54.50
C GLU K 223 -29.16 10.01 -53.66
N GLY K 224 -29.19 11.19 -54.25
CA GLY K 224 -29.40 12.41 -53.50
C GLY K 224 -28.08 12.99 -53.00
N ARG K 225 -28.16 14.25 -52.58
CA ARG K 225 -26.94 14.95 -52.14
C ARG K 225 -26.45 14.48 -50.77
N LYS K 226 -27.31 13.82 -49.99
CA LYS K 226 -26.87 13.26 -48.72
C LYS K 226 -26.07 11.98 -48.92
N GLU K 227 -26.34 11.25 -50.00
CA GLU K 227 -25.72 9.96 -50.28
C GLU K 227 -24.59 10.05 -51.30
N TYR K 228 -24.73 10.91 -52.32
CA TYR K 228 -23.68 11.03 -53.34
C TYR K 228 -22.43 11.67 -52.76
N LEU K 229 -22.58 12.72 -51.95
CA LEU K 229 -21.42 13.35 -51.34
C LEU K 229 -20.82 12.48 -50.24
N ARG K 230 -21.62 11.62 -49.62
CA ARG K 230 -21.09 10.67 -48.66
C ARG K 230 -20.19 9.64 -49.34
N LYS K 231 -20.59 9.18 -50.53
CA LYS K 231 -19.77 8.22 -51.27
C LYS K 231 -18.45 8.84 -51.72
N LEU K 232 -18.45 10.14 -52.03
CA LEU K 232 -17.21 10.82 -52.38
C LEU K 232 -16.32 11.02 -51.16
N LYS K 233 -16.90 11.08 -49.96
CA LYS K 233 -16.13 11.34 -48.75
C LYS K 233 -15.30 10.11 -48.36
N GLU K 234 -15.90 8.93 -48.39
CA GLU K 234 -15.19 7.72 -47.98
C GLU K 234 -14.31 7.13 -49.07
N SER K 235 -14.30 7.71 -50.27
CA SER K 235 -13.47 7.20 -51.36
C SER K 235 -12.17 7.98 -51.52
N PHE K 236 -12.25 9.31 -51.57
CA PHE K 236 -11.07 10.13 -51.82
C PHE K 236 -10.73 11.08 -50.68
N ILE K 237 -11.55 11.16 -49.64
CA ILE K 237 -11.32 12.05 -48.51
C ILE K 237 -11.12 11.16 -47.28
N ARG K 238 -10.49 10.00 -47.48
CA ARG K 238 -10.31 9.03 -46.41
C ARG K 238 -9.47 9.63 -45.29
N ARG K 239 -9.89 9.39 -44.05
CA ARG K 239 -9.22 9.95 -42.88
C ARG K 239 -8.91 8.86 -41.89
N SER K 240 -7.85 9.08 -41.12
CA SER K 240 -7.48 8.23 -40.00
C SER K 240 -7.77 8.99 -38.71
N VAL K 241 -7.42 8.35 -37.59
CA VAL K 241 -7.52 9.03 -36.30
C VAL K 241 -6.53 10.17 -36.22
N ASN K 242 -5.30 9.94 -36.65
CA ASN K 242 -4.20 10.89 -36.50
C ASN K 242 -3.89 11.48 -37.87
N THR K 243 -4.22 12.75 -38.05
CA THR K 243 -3.92 13.45 -39.30
C THR K 243 -2.46 13.89 -39.27
N SER K 244 -1.68 13.41 -40.25
CA SER K 244 -0.26 13.70 -40.28
C SER K 244 -0.01 15.14 -40.71
N PRO K 245 1.09 15.75 -40.25
CA PRO K 245 1.41 17.11 -40.69
C PRO K 245 1.89 17.17 -42.13
N TYR K 246 0.97 17.03 -43.07
CA TYR K 246 1.29 17.12 -44.49
C TYR K 246 0.88 18.48 -45.04
N ALA K 247 1.60 18.92 -46.07
CA ALA K 247 1.29 20.18 -46.74
C ALA K 247 0.13 19.91 -47.70
N ARG K 248 -1.08 20.11 -47.21
CA ARG K 248 -2.28 19.84 -48.00
C ARG K 248 -2.75 21.11 -48.69
N PHE K 249 -2.98 21.00 -50.00
CA PHE K 249 -3.37 22.13 -50.83
C PHE K 249 -4.81 21.95 -51.25
N PHE K 250 -5.65 22.94 -50.96
CA PHE K 250 -7.08 22.89 -51.27
C PHE K 250 -7.36 23.91 -52.36
N ILE K 251 -7.57 23.43 -53.57
CA ILE K 251 -7.87 24.27 -54.73
C ILE K 251 -9.37 24.24 -54.97
N LEU K 252 -10.02 25.40 -54.80
CA LEU K 252 -11.45 25.51 -54.96
C LEU K 252 -11.75 26.53 -56.06
N GLU K 253 -12.68 26.18 -56.95
CA GLU K 253 -13.02 27.05 -58.08
C GLU K 253 -13.99 28.12 -57.60
N PHE K 254 -13.46 29.31 -57.34
CA PHE K 254 -14.29 30.45 -56.98
C PHE K 254 -14.90 31.04 -58.24
N GLN K 255 -16.22 31.25 -58.22
CA GLN K 255 -16.92 31.90 -59.31
C GLN K 255 -17.82 32.99 -58.74
N ASP K 256 -18.15 33.96 -59.60
CA ASP K 256 -18.94 35.10 -59.18
C ASP K 256 -20.39 34.76 -58.89
N LYS K 257 -20.88 33.61 -59.38
CA LYS K 257 -22.26 33.23 -59.12
C LYS K 257 -22.46 32.78 -57.67
N THR K 258 -21.42 32.24 -57.04
CA THR K 258 -21.49 31.81 -55.66
C THR K 258 -21.08 32.96 -54.75
N ASP K 259 -21.92 33.25 -53.76
CA ASP K 259 -21.64 34.34 -52.83
C ASP K 259 -20.49 33.96 -51.90
N ILE K 260 -19.87 35.00 -51.33
CA ILE K 260 -18.69 34.82 -50.48
C ILE K 260 -19.06 34.08 -49.19
N LYS K 261 -20.29 34.26 -48.71
CA LYS K 261 -20.71 33.64 -47.44
C LYS K 261 -20.68 32.12 -47.51
N THR K 262 -21.11 31.54 -48.64
CA THR K 262 -21.04 30.09 -48.79
C THR K 262 -19.63 29.59 -49.02
N VAL K 263 -18.69 30.47 -49.37
CA VAL K 263 -17.29 30.09 -49.46
C VAL K 263 -16.62 30.16 -48.09
N LYS K 264 -17.08 31.07 -47.23
CA LYS K 264 -16.44 31.24 -45.92
C LYS K 264 -16.66 30.04 -45.01
N ASP K 265 -17.88 29.48 -45.02
CA ASP K 265 -18.13 28.30 -44.19
C ASP K 265 -17.40 27.08 -44.74
N CYS K 266 -17.16 27.02 -46.04
CA CYS K 266 -16.31 25.97 -46.60
C CYS K 266 -14.87 26.14 -46.14
N ILE K 267 -14.39 27.37 -46.07
CA ILE K 267 -13.04 27.64 -45.58
C ILE K 267 -12.93 27.31 -44.09
N TYR K 268 -13.97 27.64 -43.31
CA TYR K 268 -13.98 27.33 -41.89
C TYR K 268 -13.94 25.83 -41.63
N LYS K 269 -14.68 25.06 -42.44
CA LYS K 269 -14.70 23.61 -42.25
C LYS K 269 -13.38 22.99 -42.68
N ILE K 270 -12.78 23.51 -43.76
CA ILE K 270 -11.47 23.04 -44.20
C ILE K 270 -10.41 23.38 -43.16
N GLN K 271 -10.44 24.59 -42.61
CA GLN K 271 -9.45 25.01 -41.63
C GLN K 271 -9.59 24.23 -40.32
N SER K 272 -10.83 23.94 -39.91
CA SER K 272 -11.03 23.24 -38.64
C SER K 272 -10.64 21.77 -38.76
N ASN K 273 -11.01 21.12 -39.86
CA ASN K 273 -10.77 19.69 -39.99
C ASN K 273 -9.31 19.36 -40.29
N TRP K 274 -8.67 20.17 -41.14
CA TRP K 274 -7.36 19.81 -41.69
C TRP K 274 -6.22 20.57 -41.02
N SER K 275 -6.41 21.06 -39.80
CA SER K 275 -5.35 21.73 -39.08
C SER K 275 -5.37 21.31 -37.61
N ASN K 276 -4.20 21.37 -36.98
CA ASN K 276 -4.04 21.13 -35.55
C ASN K 276 -3.16 22.25 -35.03
N LEU K 277 -3.79 23.36 -34.63
CA LEU K 277 -3.10 24.53 -34.13
C LEU K 277 -3.10 24.60 -32.61
N SER K 278 -3.16 23.45 -31.94
CA SER K 278 -2.99 23.42 -30.49
C SER K 278 -1.60 23.89 -30.11
N LYS K 279 -1.52 24.71 -29.07
CA LYS K 279 -0.25 25.34 -28.74
C LYS K 279 0.71 24.33 -28.11
N ARG K 280 0.20 23.19 -27.63
CA ARG K 280 1.02 22.14 -27.04
C ARG K 280 1.71 21.26 -28.08
N THR K 281 1.30 21.29 -29.35
CA THR K 281 1.87 20.38 -30.32
C THR K 281 3.28 20.84 -30.72
N ASP K 282 4.07 19.89 -31.21
CA ASP K 282 5.40 20.17 -31.72
C ASP K 282 5.48 20.16 -33.23
N ARG K 283 4.45 19.65 -33.91
CA ARG K 283 4.39 19.62 -35.38
C ARG K 283 3.05 20.17 -35.82
N PRO K 284 2.86 21.49 -35.77
CA PRO K 284 1.60 22.07 -36.24
C PRO K 284 1.51 22.05 -37.75
N TYR K 285 0.28 22.06 -38.25
CA TYR K 285 0.04 22.06 -39.68
C TYR K 285 -1.22 22.85 -39.98
N SER K 286 -1.23 23.52 -41.13
CA SER K 286 -2.34 24.34 -41.57
C SER K 286 -2.61 24.07 -43.04
N PRO K 287 -3.86 24.13 -43.47
CA PRO K 287 -4.17 23.89 -44.88
C PRO K 287 -3.74 25.05 -45.77
N PHE K 288 -3.42 24.72 -47.02
CA PHE K 288 -3.16 25.71 -48.04
C PHE K 288 -4.42 25.88 -48.87
N LEU K 289 -4.84 27.13 -49.05
CA LEU K 289 -6.09 27.45 -49.74
C LEU K 289 -5.77 28.14 -51.06
N LEU K 290 -6.30 27.58 -52.15
CA LEU K 290 -6.13 28.13 -53.49
C LEU K 290 -7.49 28.39 -54.11
N PHE K 291 -7.63 29.55 -54.73
CA PHE K 291 -8.86 29.93 -55.42
C PHE K 291 -8.53 30.45 -56.81
N HIS K 292 -9.34 30.05 -57.79
CA HIS K 292 -9.07 30.36 -59.19
C HIS K 292 -10.38 30.62 -59.91
N GLY K 293 -10.27 31.22 -61.09
CA GLY K 293 -11.43 31.46 -61.92
C GLY K 293 -12.33 32.57 -61.46
N THR K 294 -11.83 33.52 -60.68
CA THR K 294 -12.64 34.62 -60.19
C THR K 294 -11.83 35.91 -60.27
N SER K 295 -12.55 37.03 -60.17
CA SER K 295 -11.90 38.34 -60.18
C SER K 295 -11.16 38.57 -58.87
N ASP K 296 -10.20 39.51 -58.92
CA ASP K 296 -9.44 39.86 -57.72
C ASP K 296 -10.30 40.60 -56.71
N ALA K 297 -11.33 41.32 -57.17
CA ALA K 297 -12.20 42.05 -56.25
C ALA K 297 -13.00 41.09 -55.37
N ASN K 298 -13.47 39.98 -55.94
CA ASN K 298 -14.15 38.97 -55.14
C ASN K 298 -13.18 38.22 -54.24
N LEU K 299 -11.94 38.06 -54.68
CA LEU K 299 -10.94 37.40 -53.85
C LEU K 299 -10.50 38.28 -52.69
N TYR K 300 -10.24 39.56 -52.96
CA TYR K 300 -9.73 40.45 -51.92
C TYR K 300 -10.79 40.76 -50.87
N GLU K 301 -12.05 40.87 -51.28
CA GLU K 301 -13.12 41.12 -50.32
C GLU K 301 -13.37 39.90 -49.45
N LEU K 302 -13.23 38.70 -50.02
CA LEU K 302 -13.30 37.47 -49.23
C LEU K 302 -12.14 37.39 -48.24
N LYS K 303 -10.93 37.75 -48.69
CA LYS K 303 -9.78 37.76 -47.79
C LYS K 303 -9.94 38.82 -46.70
N ASN K 304 -10.53 39.96 -47.05
CA ASN K 304 -10.76 41.00 -46.06
C ASN K 304 -11.83 40.58 -45.06
N GLN K 305 -12.84 39.85 -45.53
CA GLN K 305 -13.87 39.34 -44.63
C GLN K 305 -13.31 38.28 -43.68
N LEU K 306 -12.41 37.43 -44.19
CA LEU K 306 -11.83 36.38 -43.35
C LEU K 306 -10.96 36.97 -42.25
N PHE K 307 -10.18 38.00 -42.58
CA PHE K 307 -9.28 38.60 -41.59
C PHE K 307 -10.04 39.37 -40.52
N ASN K 308 -11.24 39.86 -40.83
CA ASN K 308 -11.99 40.66 -39.89
C ASN K 308 -12.63 39.82 -38.78
N GLU K 309 -12.75 38.51 -38.96
CA GLU K 309 -13.33 37.62 -37.96
C GLU K 309 -12.28 36.69 -37.36
N ASP K 310 -11.06 37.20 -37.20
CA ASP K 310 -9.95 36.53 -36.50
C ASP K 310 -9.57 35.20 -37.15
N LEU K 311 -9.70 35.09 -38.47
CA LEU K 311 -9.19 33.95 -39.21
C LEU K 311 -7.89 34.39 -39.88
N ILE K 312 -6.81 34.34 -39.11
CA ILE K 312 -5.53 34.91 -39.53
C ILE K 312 -4.87 33.97 -40.54
N PHE K 313 -4.50 34.52 -41.69
CA PHE K 313 -3.86 33.75 -42.75
C PHE K 313 -2.64 34.50 -43.28
N THR K 314 -1.92 33.86 -44.19
CA THR K 314 -0.80 34.47 -44.89
C THR K 314 -0.90 34.11 -46.37
N ASP K 315 -0.41 35.01 -47.22
CA ASP K 315 -0.43 34.80 -48.67
C ASP K 315 0.95 34.90 -49.29
N GLY K 316 2.00 35.05 -48.49
CA GLY K 316 3.32 35.32 -49.04
C GLY K 316 3.57 36.76 -49.37
N TYR K 317 2.65 37.67 -49.04
CA TYR K 317 2.80 39.11 -49.26
C TYR K 317 2.64 39.79 -47.92
N PRO K 318 3.72 39.86 -47.12
CA PRO K 318 3.60 40.40 -45.76
C PRO K 318 3.36 41.89 -45.69
N PHE K 319 3.56 42.63 -46.78
CA PHE K 319 3.31 44.07 -46.76
C PHE K 319 2.88 44.51 -48.15
N LYS K 320 2.49 45.79 -48.25
CA LYS K 320 2.03 46.33 -49.51
C LYS K 320 3.21 46.54 -50.46
N GLY K 321 3.07 46.06 -51.69
CA GLY K 321 4.15 46.13 -52.65
C GLY K 321 5.17 45.03 -52.54
N SER K 322 4.95 44.06 -51.65
CA SER K 322 5.89 42.96 -51.47
C SER K 322 5.85 42.01 -52.66
N VAL K 323 7.02 41.49 -53.03
CA VAL K 323 7.05 40.34 -53.93
C VAL K 323 6.56 39.11 -53.19
N PHE K 324 6.22 38.07 -53.95
CA PHE K 324 5.72 36.84 -53.37
C PHE K 324 6.87 36.11 -52.67
N THR K 325 6.79 36.02 -51.34
CA THR K 325 7.78 35.29 -50.57
C THR K 325 7.18 33.96 -50.16
N PRO K 326 7.59 32.83 -50.79
CA PRO K 326 7.03 31.54 -50.39
C PRO K 326 7.44 31.10 -49.00
N LYS K 327 8.53 31.65 -48.46
CA LYS K 327 9.00 31.26 -47.13
C LYS K 327 7.99 31.62 -46.04
N MET K 328 7.19 32.67 -46.27
CA MET K 328 6.13 33.02 -45.33
C MET K 328 5.08 31.92 -45.23
N LEU K 329 4.80 31.24 -46.36
CA LEU K 329 3.78 30.18 -46.35
C LEU K 329 4.29 28.94 -45.63
N ILE K 330 5.56 28.58 -45.84
CA ILE K 330 6.15 27.47 -45.10
C ILE K 330 6.28 27.82 -43.62
N GLU K 331 6.68 29.05 -43.31
CA GLU K 331 6.78 29.46 -41.91
C GLU K 331 5.41 29.52 -41.25
N GLY K 332 4.35 29.80 -42.02
CA GLY K 332 3.00 29.75 -41.50
C GLY K 332 2.40 28.36 -41.43
N PHE K 333 3.06 27.37 -42.02
CA PHE K 333 2.61 25.99 -41.93
C PHE K 333 2.85 25.41 -40.54
N SER K 334 3.99 25.74 -39.94
CA SER K 334 4.32 25.33 -38.58
C SER K 334 3.98 26.39 -37.55
N ASN K 335 3.31 27.47 -37.96
CA ASN K 335 3.00 28.58 -37.06
C ASN K 335 1.61 28.37 -36.48
N LYS K 336 1.49 28.46 -35.15
CA LYS K 336 0.22 28.17 -34.51
C LYS K 336 -0.78 29.33 -34.58
N GLU K 337 -0.31 30.59 -34.70
CA GLU K 337 -1.25 31.69 -34.79
C GLU K 337 -1.69 32.00 -36.22
N ILE K 338 -1.19 31.26 -37.21
CA ILE K 338 -1.63 31.39 -38.59
C ILE K 338 -2.52 30.20 -38.89
N HIS K 339 -3.80 30.47 -39.18
CA HIS K 339 -4.78 29.40 -39.28
C HIS K 339 -4.66 28.62 -40.59
N PHE K 340 -4.39 29.30 -41.70
CA PHE K 340 -4.25 28.65 -42.99
C PHE K 340 -3.42 29.55 -43.89
N GLN K 341 -3.13 29.05 -45.09
CA GLN K 341 -2.40 29.82 -46.10
C GLN K 341 -3.30 30.07 -47.29
N PHE K 342 -3.43 31.34 -47.67
CA PHE K 342 -4.26 31.76 -48.80
C PHE K 342 -3.33 31.95 -49.99
N ILE K 343 -3.13 30.88 -50.76
CA ILE K 343 -2.30 30.98 -51.96
C ILE K 343 -3.07 31.79 -53.00
N ASN K 344 -2.45 32.87 -53.48
CA ASN K 344 -3.17 33.88 -54.25
C ASN K 344 -3.45 33.40 -55.67
N ASP K 345 -2.41 33.09 -56.44
CA ASP K 345 -2.56 32.72 -57.84
C ASP K 345 -1.89 31.37 -58.10
N ILE K 346 -2.09 30.87 -59.32
CA ILE K 346 -1.49 29.61 -59.75
C ILE K 346 0.03 29.73 -59.84
N ASP K 347 0.51 30.92 -60.25
CA ASP K 347 1.96 31.14 -60.33
C ASP K 347 2.60 31.06 -58.95
N ASP K 348 1.92 31.57 -57.93
CA ASP K 348 2.39 31.42 -56.56
C ASP K 348 2.21 30.01 -56.02
N PHE K 349 1.29 29.23 -56.60
CA PHE K 349 1.10 27.85 -56.18
C PHE K 349 2.29 26.98 -56.55
N ASN K 350 2.84 27.18 -57.76
CA ASN K 350 3.97 26.36 -58.19
C ASN K 350 5.26 26.76 -57.48
N GLU K 351 5.36 28.02 -57.03
CA GLU K 351 6.53 28.44 -56.28
C GLU K 351 6.55 27.82 -54.88
N THR K 352 5.38 27.66 -54.28
CA THR K 352 5.30 27.04 -52.95
C THR K 352 5.61 25.55 -53.02
N LEU K 353 5.31 24.91 -54.15
CA LEU K 353 5.55 23.47 -54.30
C LEU K 353 7.05 23.16 -54.31
N ASN K 354 7.84 24.01 -54.96
CA ASN K 354 9.28 23.76 -55.08
C ASN K 354 10.03 23.98 -53.79
N SER K 355 9.48 24.77 -52.86
CA SER K 355 10.15 25.09 -51.61
C SER K 355 9.66 24.25 -50.43
N ILE K 356 8.90 23.20 -50.70
CA ILE K 356 8.31 22.35 -49.66
C ILE K 356 8.95 20.97 -49.77
N ASN K 357 9.48 20.48 -48.64
CA ASN K 357 10.07 19.14 -48.59
C ASN K 357 9.20 18.12 -47.88
N ILE K 358 8.23 18.56 -47.09
CA ILE K 358 7.31 17.64 -46.43
C ILE K 358 6.36 17.07 -47.48
N ARG K 359 5.86 15.85 -47.22
CA ARG K 359 4.94 15.18 -48.14
C ARG K 359 3.69 16.02 -48.36
N LYS K 360 3.29 16.15 -49.62
CA LYS K 360 2.23 17.05 -50.03
C LYS K 360 0.99 16.27 -50.44
N GLU K 361 -0.16 16.92 -50.29
CA GLU K 361 -1.44 16.38 -50.77
C GLU K 361 -2.21 17.50 -51.45
N VAL K 362 -2.99 17.14 -52.46
CA VAL K 362 -3.76 18.11 -53.25
C VAL K 362 -5.21 17.65 -53.28
N TYR K 363 -6.11 18.55 -52.88
CA TYR K 363 -7.56 18.30 -52.92
C TYR K 363 -8.19 19.40 -53.76
N GLN K 364 -8.51 19.10 -55.01
CA GLN K 364 -9.11 20.08 -55.91
C GLN K 364 -10.61 19.82 -56.02
N PHE K 365 -11.40 20.87 -55.81
CA PHE K 365 -12.85 20.81 -55.91
C PHE K 365 -13.30 21.93 -56.83
N TYR K 366 -13.73 21.57 -58.04
CA TYR K 366 -14.08 22.54 -59.07
C TYR K 366 -15.48 22.25 -59.58
N THR K 367 -15.99 23.17 -60.40
CA THR K 367 -17.28 23.00 -61.04
C THR K 367 -17.16 22.93 -62.56
N GLU K 368 -16.46 23.89 -63.18
CA GLU K 368 -16.28 23.89 -64.62
C GLU K 368 -14.82 23.72 -65.04
N ASN K 369 -13.91 24.55 -64.53
CA ASN K 369 -12.52 24.55 -64.93
C ASN K 369 -11.66 24.00 -63.79
N CYS K 370 -10.77 23.07 -64.13
CA CYS K 370 -9.85 22.45 -63.19
C CYS K 370 -8.43 22.67 -63.67
N LEU K 371 -7.57 23.21 -62.80
CA LEU K 371 -6.20 23.48 -63.17
C LEU K 371 -5.37 22.20 -63.19
N ASP K 372 -4.21 22.30 -63.84
CA ASP K 372 -3.33 21.15 -64.03
C ASP K 372 -2.27 21.15 -62.93
N ILE K 373 -2.25 20.06 -62.14
CA ILE K 373 -1.25 19.85 -61.11
C ILE K 373 -0.25 18.86 -61.66
N PRO K 374 1.05 18.96 -61.33
CA PRO K 374 2.00 17.93 -61.73
C PRO K 374 1.63 16.55 -61.17
N SER K 375 1.84 15.53 -61.99
CA SER K 375 1.26 14.22 -61.74
C SER K 375 1.95 13.45 -60.62
N GLN K 376 3.17 13.85 -60.23
CA GLN K 376 3.86 13.12 -59.17
C GLN K 376 3.28 13.40 -57.79
N LEU K 377 2.50 14.48 -57.65
CA LEU K 377 1.85 14.77 -56.39
C LEU K 377 0.64 13.85 -56.19
N PRO K 378 0.29 13.54 -54.93
CA PRO K 378 -0.97 12.86 -54.65
C PRO K 378 -2.13 13.85 -54.75
N GLN K 379 -2.94 13.72 -55.79
CA GLN K 379 -4.01 14.65 -56.08
C GLN K 379 -5.37 14.00 -55.91
N VAL K 380 -6.35 14.81 -55.49
CA VAL K 380 -7.76 14.43 -55.52
C VAL K 380 -8.49 15.53 -56.27
N ASN K 381 -9.07 15.18 -57.42
CA ASN K 381 -9.79 16.13 -58.26
C ASN K 381 -11.25 15.67 -58.34
N ILE K 382 -12.14 16.44 -57.72
CA ILE K 382 -13.55 16.09 -57.64
C ILE K 382 -14.35 17.25 -58.21
N GLN K 383 -15.21 16.94 -59.19
CA GLN K 383 -16.10 17.95 -59.77
C GLN K 383 -17.44 17.90 -59.03
N VAL K 384 -17.90 19.07 -58.58
CA VAL K 384 -19.13 19.18 -57.81
C VAL K 384 -20.14 19.98 -58.61
N LYS K 385 -21.42 19.79 -58.27
CA LYS K 385 -22.48 20.55 -58.92
C LYS K 385 -22.48 22.00 -58.45
N ASP K 386 -22.35 22.21 -57.14
CA ASP K 386 -22.36 23.54 -56.56
C ASP K 386 -21.20 23.67 -55.58
N PHE K 387 -20.88 24.91 -55.23
CA PHE K 387 -19.80 25.17 -54.27
C PHE K 387 -20.18 24.71 -52.88
N ALA K 388 -21.48 24.69 -52.56
CA ALA K 388 -21.93 24.25 -51.24
C ALA K 388 -21.72 22.77 -51.01
N ASP K 389 -21.53 21.99 -52.08
CA ASP K 389 -21.25 20.57 -51.94
C ASP K 389 -19.80 20.29 -51.53
N ILE K 390 -18.91 21.28 -51.64
CA ILE K 390 -17.51 21.10 -51.25
C ILE K 390 -17.41 20.94 -49.74
N LYS K 391 -18.22 21.69 -48.99
CA LYS K 391 -18.19 21.63 -47.54
C LYS K 391 -18.60 20.25 -47.01
N GLU K 392 -19.63 19.66 -47.61
CA GLU K 392 -20.11 18.35 -47.16
C GLU K 392 -19.19 17.21 -47.55
N ILE K 393 -18.22 17.45 -48.42
CA ILE K 393 -17.27 16.41 -48.82
C ILE K 393 -16.01 16.46 -47.96
N VAL K 394 -15.45 17.64 -47.77
CA VAL K 394 -14.25 17.81 -46.96
C VAL K 394 -14.57 17.60 -45.48
N LYS L 151 37.49 -40.31 -51.52
CA LYS L 151 36.80 -39.80 -50.33
C LYS L 151 35.66 -38.86 -50.73
N SER L 152 34.60 -38.85 -49.92
CA SER L 152 33.46 -37.98 -50.16
C SER L 152 33.85 -36.53 -49.94
N PHE L 153 33.29 -35.62 -50.76
CA PHE L 153 33.50 -34.21 -50.54
C PHE L 153 32.68 -33.66 -49.38
N ASP L 154 31.73 -34.44 -48.86
CA ASP L 154 31.16 -34.18 -47.54
C ASP L 154 32.14 -34.53 -46.43
N ASP L 155 33.24 -35.20 -46.75
CA ASP L 155 34.34 -35.42 -45.83
C ASP L 155 35.65 -34.80 -46.29
N GLN L 156 35.84 -34.62 -47.60
CA GLN L 156 37.09 -34.06 -48.11
C GLN L 156 37.24 -32.59 -47.76
N LYS L 157 36.16 -31.81 -47.87
CA LYS L 157 36.23 -30.40 -47.53
C LYS L 157 36.43 -30.18 -46.03
N LYS L 158 35.97 -31.12 -45.20
CA LYS L 158 36.23 -31.04 -43.77
C LYS L 158 37.65 -31.46 -43.42
N GLU L 159 38.19 -32.48 -44.08
CA GLU L 159 39.55 -32.90 -43.77
C GLU L 159 40.60 -32.02 -44.42
N THR L 160 40.22 -31.27 -45.46
CA THR L 160 41.13 -30.27 -46.01
C THR L 160 41.36 -29.14 -45.01
N ILE L 161 40.36 -28.87 -44.17
CA ILE L 161 40.55 -27.96 -43.05
C ILE L 161 41.56 -28.53 -42.06
N GLN L 162 41.50 -29.85 -41.83
CA GLN L 162 42.28 -30.48 -40.76
C GLN L 162 43.78 -30.45 -41.05
N ILE L 163 44.18 -30.44 -42.32
CA ILE L 163 45.60 -30.29 -42.64
C ILE L 163 46.06 -28.85 -42.38
N ILE L 164 45.13 -27.89 -42.35
CA ILE L 164 45.46 -26.51 -42.07
C ILE L 164 45.05 -26.10 -40.66
N LYS L 165 44.04 -26.74 -40.07
CA LYS L 165 43.57 -26.35 -38.74
C LYS L 165 44.52 -26.83 -37.65
N ASN L 166 44.82 -28.13 -37.64
CA ASN L 166 45.68 -28.69 -36.59
C ASN L 166 47.15 -28.32 -36.79
N HIS L 167 47.57 -28.04 -38.02
CA HIS L 167 48.96 -27.66 -38.26
C HIS L 167 49.22 -26.24 -37.77
N PHE L 168 48.23 -25.36 -37.88
CA PHE L 168 48.37 -23.97 -37.46
C PHE L 168 47.94 -23.72 -36.03
N GLN L 169 47.22 -24.67 -35.42
CA GLN L 169 46.62 -24.53 -34.08
C GLN L 169 45.72 -23.30 -34.01
N CYS L 170 44.92 -23.08 -35.05
CA CYS L 170 44.02 -21.95 -35.16
C CYS L 170 42.58 -22.42 -34.90
N GLU L 171 41.65 -21.45 -34.90
CA GLU L 171 40.25 -21.75 -34.63
C GLU L 171 39.50 -21.97 -35.94
N ASP L 172 38.17 -22.10 -35.86
CA ASP L 172 37.38 -22.61 -36.97
C ASP L 172 37.23 -21.60 -38.09
N TYR L 173 36.95 -20.33 -37.77
CA TYR L 173 36.58 -19.39 -38.82
C TYR L 173 37.77 -18.98 -39.68
N GLU L 174 38.97 -18.90 -39.10
CA GLU L 174 40.14 -18.55 -39.88
C GLU L 174 40.86 -19.75 -40.46
N ALA L 175 40.32 -20.95 -40.29
CA ALA L 175 40.80 -22.13 -40.98
C ALA L 175 39.97 -22.47 -42.21
N GLU L 176 38.65 -22.28 -42.12
CA GLU L 176 37.76 -22.58 -43.24
C GLU L 176 37.74 -21.44 -44.25
N HIS L 177 37.63 -20.20 -43.78
CA HIS L 177 37.38 -19.07 -44.66
C HIS L 177 38.61 -18.23 -44.96
N TYR L 178 39.66 -18.34 -44.15
CA TYR L 178 40.84 -17.50 -44.31
C TYR L 178 42.02 -18.23 -44.95
N LEU L 179 42.24 -19.50 -44.59
CA LEU L 179 43.38 -20.25 -45.13
C LEU L 179 42.98 -21.26 -46.19
N TYR L 180 41.95 -22.07 -45.94
CA TYR L 180 41.51 -23.05 -46.92
C TYR L 180 40.89 -22.38 -48.15
N SER L 181 40.15 -21.30 -47.92
CA SER L 181 39.56 -20.56 -49.04
C SER L 181 40.63 -19.94 -49.93
N ASN L 182 41.67 -19.37 -49.32
CA ASN L 182 42.79 -18.86 -50.10
C ASN L 182 43.68 -19.96 -50.64
N ALA L 183 43.65 -21.15 -50.03
CA ALA L 183 44.40 -22.28 -50.58
C ALA L 183 43.79 -22.76 -51.89
N PHE L 184 42.46 -22.76 -51.98
CA PHE L 184 41.78 -23.23 -53.19
C PHE L 184 42.09 -22.31 -54.36
N ARG L 185 42.18 -21.00 -54.12
CA ARG L 185 42.54 -20.07 -55.18
C ARG L 185 44.01 -20.24 -55.58
N LYS L 186 44.89 -20.49 -54.60
CA LYS L 186 46.32 -20.56 -54.89
C LYS L 186 46.71 -21.84 -55.64
N THR L 187 45.89 -22.88 -55.59
CA THR L 187 46.14 -24.03 -56.45
C THR L 187 45.73 -23.78 -57.90
N TYR L 188 44.66 -23.00 -58.11
CA TYR L 188 44.10 -22.86 -59.45
C TYR L 188 45.02 -22.04 -60.36
N ASP L 189 45.53 -20.90 -59.86
CA ASP L 189 46.38 -20.07 -60.69
C ASP L 189 47.76 -20.68 -60.89
N ILE L 190 48.18 -21.57 -60.01
CA ILE L 190 49.45 -22.28 -60.22
C ILE L 190 49.25 -23.59 -60.99
N SER L 191 48.01 -24.10 -61.07
CA SER L 191 47.74 -25.19 -61.98
C SER L 191 47.56 -24.68 -63.40
N CYS L 192 46.68 -23.69 -63.58
CA CYS L 192 46.39 -23.14 -64.91
C CYS L 192 47.59 -22.49 -65.54
N ASN L 193 48.59 -22.09 -64.76
CA ASN L 193 49.89 -21.72 -65.30
C ASN L 193 50.54 -22.96 -65.89
N LYS L 194 50.86 -22.90 -67.18
CA LYS L 194 51.43 -24.03 -67.91
C LYS L 194 52.95 -24.10 -67.80
N LYS L 195 53.54 -23.53 -66.75
CA LYS L 195 54.97 -23.43 -66.62
C LYS L 195 55.53 -24.20 -65.43
N ASP L 196 55.01 -23.97 -64.22
CA ASP L 196 55.56 -24.55 -63.01
C ASP L 196 54.43 -25.11 -62.15
N ARG L 197 54.69 -26.27 -61.53
CA ARG L 197 53.75 -26.88 -60.62
C ARG L 197 54.47 -27.27 -59.33
N ARG L 198 55.77 -27.57 -59.46
CA ARG L 198 56.56 -28.08 -58.33
C ARG L 198 56.65 -27.06 -57.21
N ILE L 199 56.23 -27.48 -56.01
CA ILE L 199 56.21 -26.62 -54.84
C ILE L 199 56.69 -27.42 -53.64
N LYS L 200 57.52 -26.79 -52.83
CA LYS L 200 57.75 -27.26 -51.47
C LYS L 200 56.53 -26.89 -50.64
N LYS L 201 56.23 -27.69 -49.62
CA LYS L 201 55.11 -27.37 -48.75
C LYS L 201 55.31 -26.05 -48.02
N SER L 202 56.54 -25.77 -47.57
CA SER L 202 56.83 -24.56 -46.82
C SER L 202 56.62 -23.31 -47.67
N ASP L 203 56.82 -23.43 -48.99
CA ASP L 203 56.44 -22.35 -49.88
C ASP L 203 54.92 -22.19 -49.96
N PHE L 204 54.17 -23.29 -49.84
CA PHE L 204 52.72 -23.19 -49.91
C PHE L 204 52.12 -22.67 -48.60
N VAL L 205 52.83 -22.83 -47.48
CA VAL L 205 52.38 -22.22 -46.22
C VAL L 205 52.45 -20.70 -46.31
N GLU L 206 53.59 -20.17 -46.74
CA GLU L 206 53.78 -18.73 -46.75
C GLU L 206 53.00 -18.04 -47.86
N SER L 207 52.59 -18.77 -48.90
CA SER L 207 51.83 -18.14 -49.98
C SER L 207 50.40 -17.86 -49.54
N ILE L 208 49.79 -18.77 -48.76
CA ILE L 208 48.40 -18.59 -48.35
C ILE L 208 48.27 -17.95 -46.97
N ASN L 209 49.34 -17.88 -46.19
CA ASN L 209 49.29 -17.20 -44.89
C ASN L 209 49.68 -15.74 -45.00
N LYS L 210 49.03 -15.02 -45.91
CA LYS L 210 49.07 -13.56 -45.91
C LYS L 210 47.83 -13.06 -45.20
N SER L 211 47.90 -11.82 -44.71
CA SER L 211 46.79 -11.26 -43.96
C SER L 211 45.70 -10.72 -44.89
N LYS L 212 45.25 -11.56 -45.83
CA LYS L 212 44.27 -11.20 -46.83
C LYS L 212 43.25 -12.33 -46.96
N VAL L 213 42.04 -11.97 -47.38
CA VAL L 213 40.99 -12.94 -47.68
C VAL L 213 40.70 -12.79 -49.17
N LEU L 214 41.35 -13.62 -49.99
CA LEU L 214 41.33 -13.44 -51.42
C LEU L 214 40.02 -13.92 -52.04
N PHE L 215 39.81 -13.51 -53.28
CA PHE L 215 38.58 -13.81 -54.00
C PHE L 215 38.56 -15.28 -54.44
N ASN L 216 37.41 -15.93 -54.25
CA ASN L 216 37.12 -17.24 -54.80
C ASN L 216 35.96 -17.10 -55.77
N ILE L 217 36.26 -17.24 -57.07
CA ILE L 217 35.19 -17.13 -58.06
C ILE L 217 34.35 -18.42 -58.10
N TRP L 218 34.91 -19.55 -57.68
CA TRP L 218 34.14 -20.80 -57.63
C TRP L 218 33.21 -20.84 -56.43
N PHE L 219 33.61 -20.24 -55.30
CA PHE L 219 32.71 -20.11 -54.16
C PHE L 219 31.62 -19.07 -54.43
N TYR L 220 31.81 -18.19 -55.39
CA TYR L 220 30.75 -17.28 -55.81
C TYR L 220 29.66 -18.02 -56.57
N GLN L 221 30.04 -18.93 -57.47
CA GLN L 221 29.07 -19.58 -58.34
C GLN L 221 28.38 -20.76 -57.67
N TYR L 222 29.10 -21.51 -56.83
CA TYR L 222 28.54 -22.74 -56.28
C TYR L 222 27.49 -22.43 -55.20
N GLU L 223 27.75 -21.44 -54.34
CA GLU L 223 26.78 -21.10 -53.31
C GLU L 223 25.85 -19.95 -53.71
N GLY L 224 26.27 -19.08 -54.61
CA GLY L 224 25.49 -17.91 -54.98
C GLY L 224 25.98 -16.66 -54.28
N ARG L 225 25.43 -15.52 -54.72
CA ARG L 225 25.86 -14.23 -54.18
C ARG L 225 25.38 -14.03 -52.75
N LYS L 226 24.14 -14.43 -52.46
CA LYS L 226 23.59 -14.26 -51.11
C LYS L 226 24.32 -15.14 -50.11
N GLU L 227 24.68 -16.35 -50.49
CA GLU L 227 25.35 -17.27 -49.59
C GLU L 227 26.85 -16.99 -49.47
N TYR L 228 27.42 -16.18 -50.37
CA TYR L 228 28.83 -15.86 -50.29
C TYR L 228 29.10 -14.62 -49.46
N LEU L 229 28.28 -13.56 -49.63
CA LEU L 229 28.48 -12.35 -48.85
C LEU L 229 28.06 -12.55 -47.40
N ARG L 230 27.05 -13.38 -47.15
CA ARG L 230 26.70 -13.76 -45.79
C ARG L 230 27.80 -14.61 -45.16
N LYS L 231 28.48 -15.43 -45.97
CA LYS L 231 29.60 -16.22 -45.48
C LYS L 231 30.75 -15.32 -45.04
N LEU L 232 31.01 -14.25 -45.80
CA LEU L 232 32.09 -13.33 -45.44
C LEU L 232 31.71 -12.46 -44.25
N LYS L 233 30.43 -12.07 -44.17
CA LYS L 233 29.98 -11.19 -43.10
C LYS L 233 30.03 -11.90 -41.75
N GLU L 234 29.58 -13.15 -41.68
CA GLU L 234 29.51 -13.87 -40.41
C GLU L 234 30.88 -14.30 -39.91
N SER L 235 31.88 -14.44 -40.78
CA SER L 235 33.15 -15.01 -40.37
C SER L 235 34.03 -13.99 -39.65
N PHE L 236 34.37 -12.89 -40.33
CA PHE L 236 35.35 -11.94 -39.81
C PHE L 236 34.72 -10.67 -39.26
N ILE L 237 33.44 -10.44 -39.50
CA ILE L 237 32.77 -9.20 -39.09
C ILE L 237 31.70 -9.56 -38.07
N ARG L 238 32.02 -10.52 -37.20
CA ARG L 238 31.16 -10.90 -36.09
C ARG L 238 30.80 -9.68 -35.25
N ARG L 239 29.53 -9.33 -35.24
CA ARG L 239 29.05 -8.16 -34.51
C ARG L 239 28.56 -8.56 -33.13
N SER L 240 28.71 -7.65 -32.18
CA SER L 240 28.19 -7.82 -30.84
C SER L 240 26.94 -6.96 -30.66
N VAL L 241 26.23 -7.20 -29.57
CA VAL L 241 25.07 -6.39 -29.23
C VAL L 241 25.51 -4.96 -28.92
N ASN L 242 26.55 -4.81 -28.11
CA ASN L 242 27.10 -3.52 -27.73
C ASN L 242 28.37 -3.29 -28.55
N THR L 243 28.31 -2.33 -29.47
CA THR L 243 29.48 -1.99 -30.28
C THR L 243 30.36 -1.03 -29.50
N SER L 244 31.57 -1.47 -29.15
CA SER L 244 32.46 -0.68 -28.34
C SER L 244 33.01 0.51 -29.13
N PRO L 245 33.26 1.65 -28.48
CA PRO L 245 33.79 2.82 -29.20
C PRO L 245 35.24 2.64 -29.63
N TYR L 246 35.47 1.87 -30.68
CA TYR L 246 36.80 1.65 -31.23
C TYR L 246 37.01 2.51 -32.46
N ALA L 247 38.27 2.85 -32.72
CA ALA L 247 38.63 3.63 -33.90
C ALA L 247 38.69 2.69 -35.10
N ARG L 248 37.56 2.54 -35.78
CA ARG L 248 37.44 1.61 -36.89
C ARG L 248 37.81 2.29 -38.19
N PHE L 249 38.74 1.70 -38.93
CA PHE L 249 39.23 2.23 -40.19
C PHE L 249 38.74 1.36 -41.33
N PHE L 250 38.10 1.99 -42.31
CA PHE L 250 37.50 1.28 -43.44
C PHE L 250 38.22 1.71 -44.72
N ILE L 251 39.15 0.88 -45.16
CA ILE L 251 39.93 1.15 -46.37
C ILE L 251 39.24 0.44 -47.53
N LEU L 252 38.68 1.22 -48.44
CA LEU L 252 37.97 0.68 -49.61
C LEU L 252 38.70 1.11 -50.87
N GLU L 253 38.96 0.14 -51.75
CA GLU L 253 39.67 0.43 -52.98
C GLU L 253 38.72 1.08 -53.99
N PHE L 254 39.13 2.24 -54.49
CA PHE L 254 38.31 3.03 -55.41
C PHE L 254 38.96 3.04 -56.77
N GLN L 255 38.24 2.57 -57.79
CA GLN L 255 38.69 2.62 -59.17
C GLN L 255 37.60 3.22 -60.04
N ASP L 256 37.99 3.66 -61.23
CA ASP L 256 37.12 4.45 -62.09
C ASP L 256 35.95 3.68 -62.69
N LYS L 257 35.98 2.34 -62.65
CA LYS L 257 34.83 1.59 -63.14
C LYS L 257 33.66 1.62 -62.17
N THR L 258 33.88 2.04 -60.93
CA THR L 258 32.82 2.12 -59.94
C THR L 258 32.06 3.42 -60.10
N ASP L 259 30.73 3.32 -60.13
CA ASP L 259 29.89 4.51 -60.18
C ASP L 259 29.96 5.26 -58.85
N ILE L 260 29.86 6.59 -58.94
CA ILE L 260 29.93 7.43 -57.74
C ILE L 260 28.71 7.26 -56.85
N LYS L 261 27.60 6.74 -57.38
CA LYS L 261 26.40 6.56 -56.56
C LYS L 261 26.54 5.37 -55.61
N THR L 262 27.10 4.26 -56.09
CA THR L 262 27.20 3.06 -55.29
C THR L 262 28.21 3.19 -54.14
N VAL L 263 29.16 4.12 -54.26
CA VAL L 263 30.11 4.35 -53.17
C VAL L 263 29.42 5.01 -51.99
N LYS L 264 28.52 5.96 -52.27
CA LYS L 264 27.80 6.66 -51.20
C LYS L 264 26.88 5.72 -50.44
N ASP L 265 26.21 4.80 -51.14
CA ASP L 265 25.38 3.82 -50.44
C ASP L 265 26.23 2.86 -49.60
N CYS L 266 27.46 2.59 -50.03
CA CYS L 266 28.39 1.86 -49.18
C CYS L 266 28.84 2.70 -47.99
N ILE L 267 29.08 4.00 -48.23
CA ILE L 267 29.46 4.90 -47.15
C ILE L 267 28.30 5.12 -46.18
N TYR L 268 27.09 5.28 -46.72
CA TYR L 268 25.90 5.39 -45.86
C TYR L 268 25.66 4.11 -45.07
N LYS L 269 25.99 2.95 -45.65
CA LYS L 269 25.86 1.71 -44.91
C LYS L 269 26.91 1.62 -43.80
N ILE L 270 28.15 2.01 -44.10
CA ILE L 270 29.23 1.95 -43.11
C ILE L 270 28.99 2.95 -41.99
N GLN L 271 28.58 4.17 -42.34
CA GLN L 271 28.38 5.21 -41.34
C GLN L 271 27.23 4.88 -40.40
N SER L 272 26.14 4.32 -40.93
CA SER L 272 25.01 3.97 -40.09
C SER L 272 25.28 2.72 -39.25
N ASN L 273 26.17 1.84 -39.71
CA ASN L 273 26.38 0.57 -39.03
C ASN L 273 27.41 0.67 -37.92
N TRP L 274 28.37 1.58 -38.05
CA TRP L 274 29.56 1.59 -37.20
C TRP L 274 29.70 2.89 -36.40
N SER L 275 28.60 3.63 -36.20
CA SER L 275 28.65 4.87 -35.46
C SER L 275 27.45 4.96 -34.52
N ASN L 276 27.68 5.61 -33.38
CA ASN L 276 26.62 5.93 -32.42
C ASN L 276 26.80 7.41 -32.09
N LEU L 277 26.16 8.27 -32.88
CA LEU L 277 26.22 9.72 -32.69
C LEU L 277 25.02 10.23 -31.91
N SER L 278 24.52 9.44 -30.98
CA SER L 278 23.37 9.83 -30.17
C SER L 278 23.72 11.01 -29.27
N LYS L 279 22.71 11.83 -28.98
CA LYS L 279 22.89 12.95 -28.08
C LYS L 279 23.08 12.51 -26.62
N ARG L 280 22.72 11.27 -26.30
CA ARG L 280 22.72 10.79 -24.93
C ARG L 280 23.93 9.92 -24.58
N THR L 281 24.73 9.51 -25.58
CA THR L 281 25.91 8.70 -25.28
C THR L 281 27.03 9.57 -24.72
N ASP L 282 27.86 8.96 -23.88
CA ASP L 282 29.02 9.65 -23.32
C ASP L 282 30.30 9.36 -24.08
N ARG L 283 30.32 8.30 -24.89
CA ARG L 283 31.49 7.95 -25.70
C ARG L 283 31.04 7.74 -27.14
N PRO L 284 30.85 8.81 -27.90
CA PRO L 284 30.47 8.66 -29.31
C PRO L 284 31.61 8.10 -30.13
N TYR L 285 31.24 7.37 -31.18
CA TYR L 285 32.22 6.82 -32.12
C TYR L 285 31.69 6.98 -33.54
N SER L 286 32.62 7.00 -34.48
CA SER L 286 32.30 7.18 -35.89
C SER L 286 33.40 6.54 -36.72
N PRO L 287 33.05 5.87 -37.82
CA PRO L 287 34.07 5.14 -38.59
C PRO L 287 34.99 6.07 -39.36
N PHE L 288 36.17 5.56 -39.66
CA PHE L 288 37.14 6.23 -40.51
C PHE L 288 37.07 5.64 -41.91
N LEU L 289 36.96 6.50 -42.91
CA LEU L 289 36.85 6.08 -44.31
C LEU L 289 38.11 6.47 -45.05
N LEU L 290 38.72 5.50 -45.74
CA LEU L 290 39.91 5.74 -46.55
C LEU L 290 39.70 5.12 -47.93
N PHE L 291 40.06 5.88 -48.96
CA PHE L 291 39.93 5.43 -50.33
C PHE L 291 41.27 5.58 -51.04
N HIS L 292 41.53 4.67 -51.99
CA HIS L 292 42.81 4.63 -52.67
C HIS L 292 42.62 4.07 -54.07
N GLY L 293 43.61 4.34 -54.93
CA GLY L 293 43.63 3.84 -56.28
C GLY L 293 42.92 4.70 -57.30
N THR L 294 42.24 5.76 -56.86
CA THR L 294 41.50 6.65 -57.76
C THR L 294 42.17 8.00 -57.84
N SER L 295 41.77 8.78 -58.85
CA SER L 295 42.27 10.13 -59.00
C SER L 295 41.68 11.03 -57.93
N ASP L 296 42.41 12.11 -57.61
CA ASP L 296 41.95 13.05 -56.61
C ASP L 296 40.74 13.84 -57.10
N ALA L 297 40.65 14.09 -58.41
CA ALA L 297 39.49 14.80 -58.97
C ALA L 297 38.22 13.98 -58.82
N ASN L 298 38.30 12.66 -59.02
CA ASN L 298 37.14 11.81 -58.81
C ASN L 298 36.84 11.62 -57.34
N LEU L 299 37.87 11.67 -56.48
CA LEU L 299 37.64 11.54 -55.05
C LEU L 299 36.97 12.77 -54.46
N TYR L 300 37.29 13.96 -54.97
CA TYR L 300 36.66 15.17 -54.46
C TYR L 300 35.20 15.27 -54.84
N GLU L 301 34.82 14.69 -55.98
CA GLU L 301 33.40 14.66 -56.37
C GLU L 301 32.60 13.81 -55.40
N LEU L 302 33.15 12.68 -54.96
CA LEU L 302 32.49 11.88 -53.94
C LEU L 302 32.41 12.63 -52.62
N LYS L 303 33.47 13.34 -52.26
CA LYS L 303 33.48 14.12 -51.02
C LYS L 303 32.49 15.28 -51.09
N ASN L 304 32.41 15.95 -52.24
CA ASN L 304 31.50 17.08 -52.38
C ASN L 304 30.04 16.66 -52.40
N GLN L 305 29.75 15.47 -52.94
CA GLN L 305 28.37 15.00 -52.97
C GLN L 305 27.87 14.63 -51.59
N LEU L 306 28.73 14.03 -50.76
CA LEU L 306 28.32 13.60 -49.42
C LEU L 306 28.03 14.79 -48.51
N PHE L 307 28.70 15.93 -48.73
CA PHE L 307 28.46 17.09 -47.89
C PHE L 307 27.12 17.74 -48.20
N ASN L 308 26.65 17.64 -49.45
CA ASN L 308 25.37 18.24 -49.82
C ASN L 308 24.18 17.46 -49.29
N GLU L 309 24.35 16.16 -49.00
CA GLU L 309 23.29 15.35 -48.40
C GLU L 309 23.39 15.32 -46.88
N ASP L 310 23.99 16.35 -46.28
CA ASP L 310 24.06 16.55 -44.82
C ASP L 310 24.79 15.40 -44.12
N LEU L 311 25.77 14.80 -44.78
CA LEU L 311 26.66 13.83 -44.14
C LEU L 311 27.97 14.56 -43.82
N ILE L 312 27.96 15.25 -42.68
CA ILE L 312 29.10 16.08 -42.29
C ILE L 312 30.25 15.19 -41.85
N PHE L 313 31.42 15.42 -42.42
CA PHE L 313 32.61 14.65 -42.11
C PHE L 313 33.81 15.57 -41.96
N THR L 314 34.79 15.12 -41.19
CA THR L 314 36.07 15.80 -41.08
C THR L 314 37.13 14.96 -41.79
N ASP L 315 38.19 15.63 -42.24
CA ASP L 315 39.20 14.97 -43.06
C ASP L 315 40.62 15.33 -42.69
N GLY L 316 40.84 16.10 -41.63
CA GLY L 316 42.16 16.57 -41.29
C GLY L 316 42.60 17.85 -41.98
N TYR L 317 41.76 18.39 -42.86
CA TYR L 317 42.03 19.64 -43.57
C TYR L 317 40.86 20.57 -43.33
N PRO L 318 40.86 21.28 -42.20
CA PRO L 318 39.68 22.10 -41.84
C PRO L 318 39.52 23.36 -42.67
N PHE L 319 40.52 23.75 -43.45
CA PHE L 319 40.40 24.95 -44.27
C PHE L 319 41.31 24.80 -45.49
N LYS L 320 41.13 25.70 -46.45
CA LYS L 320 41.90 25.64 -47.70
C LYS L 320 43.35 26.03 -47.44
N GLY L 321 44.28 25.23 -47.97
CA GLY L 321 45.68 25.48 -47.75
C GLY L 321 46.21 24.99 -46.43
N SER L 322 45.41 24.26 -45.66
CA SER L 322 45.84 23.75 -44.37
C SER L 322 46.83 22.60 -44.55
N VAL L 323 47.69 22.43 -43.55
CA VAL L 323 48.48 21.22 -43.43
C VAL L 323 47.57 20.16 -42.85
N PHE L 324 47.99 18.89 -42.93
CA PHE L 324 47.17 17.82 -42.36
C PHE L 324 47.23 17.88 -40.85
N THR L 325 46.07 18.13 -40.22
CA THR L 325 45.95 18.11 -38.78
C THR L 325 45.29 16.79 -38.39
N PRO L 326 46.05 15.81 -37.90
CA PRO L 326 45.45 14.52 -37.54
C PRO L 326 44.46 14.62 -36.39
N LYS L 327 44.64 15.59 -35.49
CA LYS L 327 43.82 15.68 -34.28
C LYS L 327 42.36 15.99 -34.57
N MET L 328 42.04 16.54 -35.75
CA MET L 328 40.65 16.82 -36.10
C MET L 328 39.85 15.53 -36.24
N LEU L 329 40.49 14.42 -36.58
CA LEU L 329 39.80 13.15 -36.70
C LEU L 329 39.47 12.55 -35.33
N ILE L 330 40.31 12.77 -34.33
CA ILE L 330 40.00 12.28 -32.98
C ILE L 330 38.87 13.10 -32.37
N GLU L 331 38.89 14.43 -32.54
CA GLU L 331 37.75 15.23 -32.11
C GLU L 331 36.50 14.89 -32.92
N GLY L 332 36.67 14.61 -34.22
CA GLY L 332 35.55 14.14 -35.01
C GLY L 332 35.09 12.74 -34.64
N PHE L 333 35.98 11.94 -34.04
CA PHE L 333 35.57 10.63 -33.52
C PHE L 333 34.62 10.79 -32.35
N SER L 334 34.85 11.78 -31.49
CA SER L 334 34.02 12.03 -30.33
C SER L 334 32.95 13.09 -30.58
N ASN L 335 32.84 13.61 -31.79
CA ASN L 335 31.84 14.62 -32.12
C ASN L 335 30.56 13.94 -32.61
N LYS L 336 29.44 14.30 -32.00
CA LYS L 336 28.16 13.77 -32.43
C LYS L 336 27.66 14.41 -33.71
N GLU L 337 28.19 15.58 -34.07
CA GLU L 337 27.79 16.29 -35.28
C GLU L 337 28.62 15.92 -36.50
N ILE L 338 29.65 15.10 -36.34
CA ILE L 338 30.48 14.63 -37.45
C ILE L 338 30.16 13.16 -37.65
N HIS L 339 29.74 12.81 -38.88
CA HIS L 339 29.21 11.48 -39.13
C HIS L 339 30.32 10.44 -39.30
N PHE L 340 31.40 10.80 -39.98
CA PHE L 340 32.51 9.88 -40.20
C PHE L 340 33.75 10.71 -40.51
N GLN L 341 34.86 10.03 -40.77
CA GLN L 341 36.12 10.67 -41.10
C GLN L 341 36.61 10.18 -42.46
N PHE L 342 37.11 11.11 -43.26
CA PHE L 342 37.56 10.84 -44.62
C PHE L 342 39.07 11.02 -44.68
N ILE L 343 39.81 9.92 -44.52
CA ILE L 343 41.25 9.97 -44.69
C ILE L 343 41.56 10.11 -46.18
N ASN L 344 42.38 11.11 -46.50
CA ASN L 344 42.58 11.48 -47.91
C ASN L 344 43.41 10.44 -48.66
N ASP L 345 44.52 10.00 -48.07
CA ASP L 345 45.44 9.10 -48.76
C ASP L 345 46.16 8.23 -47.73
N ILE L 346 47.18 7.52 -48.19
CA ILE L 346 47.90 6.62 -47.30
C ILE L 346 48.86 7.39 -46.39
N ASP L 347 49.34 8.56 -46.80
CA ASP L 347 50.20 9.36 -45.94
C ASP L 347 49.43 9.96 -44.77
N ASP L 348 48.17 10.33 -44.99
CA ASP L 348 47.30 10.77 -43.92
C ASP L 348 46.81 9.60 -43.07
N PHE L 349 46.97 8.37 -43.55
CA PHE L 349 46.53 7.20 -42.78
C PHE L 349 47.48 6.90 -41.63
N ASN L 350 48.76 6.66 -41.94
CA ASN L 350 49.71 6.20 -40.94
C ASN L 350 50.00 7.25 -39.86
N GLU L 351 49.80 8.53 -40.17
CA GLU L 351 49.93 9.55 -39.14
C GLU L 351 48.75 9.57 -38.18
N THR L 352 47.62 8.96 -38.58
CA THR L 352 46.46 8.92 -37.69
C THR L 352 46.60 7.86 -36.61
N LEU L 353 47.21 6.71 -36.93
CA LEU L 353 47.38 5.65 -35.92
C LEU L 353 48.33 6.08 -34.81
N ASN L 354 49.29 6.96 -35.10
CA ASN L 354 50.23 7.41 -34.09
C ASN L 354 49.61 8.37 -33.08
N SER L 355 48.40 8.87 -33.34
CA SER L 355 47.74 9.82 -32.46
C SER L 355 46.49 9.27 -31.80
N ILE L 356 46.20 7.98 -31.97
CA ILE L 356 45.05 7.34 -31.35
C ILE L 356 45.56 6.26 -30.40
N ASN L 357 45.08 6.28 -29.16
CA ASN L 357 45.53 5.35 -28.13
C ASN L 357 44.52 4.27 -27.79
N ILE L 358 43.27 4.40 -28.22
CA ILE L 358 42.25 3.39 -27.95
C ILE L 358 42.40 2.26 -28.95
N ARG L 359 41.67 1.16 -28.72
CA ARG L 359 41.72 0.02 -29.63
C ARG L 359 41.21 0.40 -31.02
N LYS L 360 41.95 -0.02 -32.05
CA LYS L 360 41.65 0.34 -33.42
C LYS L 360 41.61 -0.92 -34.28
N GLU L 361 40.63 -0.98 -35.17
CA GLU L 361 40.48 -2.09 -36.11
C GLU L 361 40.48 -1.54 -37.54
N VAL L 362 41.11 -2.28 -38.44
CA VAL L 362 41.22 -1.90 -39.85
C VAL L 362 40.45 -2.91 -40.67
N TYR L 363 39.44 -2.45 -41.39
CA TYR L 363 38.67 -3.27 -42.32
C TYR L 363 39.04 -2.84 -43.73
N GLN L 364 39.61 -3.77 -44.50
CA GLN L 364 40.04 -3.49 -45.87
C GLN L 364 39.16 -4.26 -46.84
N PHE L 365 38.60 -3.55 -47.82
CA PHE L 365 37.76 -4.14 -48.85
C PHE L 365 38.25 -3.67 -50.20
N TYR L 366 38.96 -4.55 -50.90
CA TYR L 366 39.59 -4.24 -52.18
C TYR L 366 39.15 -5.25 -53.24
N THR L 367 39.55 -4.99 -54.47
CA THR L 367 39.33 -5.91 -55.57
C THR L 367 40.61 -6.43 -56.18
N GLU L 368 41.54 -5.53 -56.54
CA GLU L 368 42.80 -5.92 -57.16
C GLU L 368 44.01 -5.52 -56.34
N ASN L 369 44.07 -4.26 -55.89
CA ASN L 369 45.22 -3.73 -55.18
C ASN L 369 44.87 -3.53 -53.71
N CYS L 370 45.73 -4.03 -52.82
CA CYS L 370 45.53 -3.93 -51.38
C CYS L 370 46.76 -3.31 -50.74
N LEU L 371 46.56 -2.25 -49.97
CA LEU L 371 47.66 -1.61 -49.26
C LEU L 371 48.02 -2.39 -48.00
N ASP L 372 49.28 -2.30 -47.61
CA ASP L 372 49.77 -2.97 -46.41
C ASP L 372 49.55 -2.08 -45.18
N ILE L 373 49.27 -2.73 -44.05
CA ILE L 373 49.00 -2.06 -42.79
C ILE L 373 49.86 -2.76 -41.74
N PRO L 374 50.39 -2.05 -40.74
CA PRO L 374 51.13 -2.73 -39.66
C PRO L 374 50.29 -3.79 -38.96
N SER L 375 50.93 -4.91 -38.65
CA SER L 375 50.23 -6.13 -38.27
C SER L 375 49.79 -6.17 -36.81
N GLN L 376 50.19 -5.18 -35.98
CA GLN L 376 49.77 -5.20 -34.59
C GLN L 376 48.30 -4.83 -34.42
N LEU L 377 47.66 -4.25 -35.45
CA LEU L 377 46.24 -3.95 -35.40
C LEU L 377 45.44 -5.11 -36.01
N PRO L 378 44.21 -5.31 -35.55
CA PRO L 378 43.34 -6.30 -36.20
C PRO L 378 43.03 -5.90 -37.63
N GLN L 379 43.13 -6.88 -38.54
CA GLN L 379 42.93 -6.65 -39.97
C GLN L 379 41.86 -7.58 -40.51
N VAL L 380 40.99 -7.02 -41.35
CA VAL L 380 40.02 -7.80 -42.12
C VAL L 380 40.20 -7.34 -43.57
N ASN L 381 41.07 -8.04 -44.32
CA ASN L 381 41.34 -7.68 -45.70
C ASN L 381 40.57 -8.60 -46.63
N ILE L 382 39.27 -8.31 -46.75
CA ILE L 382 38.39 -9.10 -47.61
C ILE L 382 38.49 -8.58 -49.03
N GLN L 383 38.76 -9.48 -49.98
CA GLN L 383 38.80 -9.15 -51.40
C GLN L 383 37.43 -9.48 -52.00
N VAL L 384 36.86 -8.52 -52.73
CA VAL L 384 35.50 -8.63 -53.25
C VAL L 384 35.54 -8.58 -54.77
N LYS L 385 34.41 -8.92 -55.38
CA LYS L 385 34.28 -8.87 -56.83
C LYS L 385 34.15 -7.43 -57.31
N ASP L 386 33.09 -6.74 -56.87
CA ASP L 386 32.86 -5.35 -57.19
C ASP L 386 32.57 -4.59 -55.90
N PHE L 387 32.42 -3.27 -56.03
CA PHE L 387 32.19 -2.43 -54.86
C PHE L 387 30.81 -2.62 -54.26
N ALA L 388 29.85 -3.14 -55.05
CA ALA L 388 28.50 -3.36 -54.55
C ALA L 388 28.43 -4.48 -53.51
N ASP L 389 29.42 -5.38 -53.51
CA ASP L 389 29.43 -6.44 -52.50
C ASP L 389 29.77 -5.89 -51.11
N ILE L 390 30.55 -4.82 -51.04
CA ILE L 390 31.03 -4.27 -49.78
C ILE L 390 29.87 -3.77 -48.92
N LYS L 391 28.78 -3.34 -49.55
CA LYS L 391 27.60 -2.90 -48.81
C LYS L 391 26.98 -4.05 -48.02
N GLU L 392 27.00 -5.26 -48.58
CA GLU L 392 26.31 -6.41 -47.98
C GLU L 392 27.19 -7.21 -47.03
N ILE L 393 28.45 -6.83 -46.84
CA ILE L 393 29.35 -7.53 -45.94
C ILE L 393 29.59 -6.76 -44.65
N VAL L 394 29.71 -5.44 -44.73
CA VAL L 394 29.93 -4.63 -43.54
C VAL L 394 28.64 -4.53 -42.72
N GLY M 224 33.14 82.95 -3.45
CA GLY M 224 31.71 83.09 -3.67
C GLY M 224 30.92 82.74 -2.43
N ARG M 225 29.59 82.68 -2.56
CA ARG M 225 28.75 82.42 -1.39
C ARG M 225 28.78 80.93 -1.04
N LYS M 226 28.79 80.06 -2.05
CA LYS M 226 28.65 78.64 -1.77
C LYS M 226 29.99 78.05 -1.31
N GLU M 227 31.06 78.85 -1.38
CA GLU M 227 32.35 78.46 -0.83
C GLU M 227 32.29 78.11 0.65
N TYR M 228 31.60 78.92 1.46
CA TYR M 228 31.45 78.58 2.88
C TYR M 228 30.63 77.30 3.08
N LEU M 229 29.71 77.00 2.17
CA LEU M 229 28.99 75.74 2.24
C LEU M 229 29.89 74.56 1.90
N ARG M 230 30.85 74.76 0.99
CA ARG M 230 31.77 73.68 0.67
C ARG M 230 32.83 73.51 1.76
N LYS M 231 33.20 74.62 2.41
CA LYS M 231 34.07 74.59 3.59
C LYS M 231 33.39 73.97 4.81
N LEU M 232 32.07 73.77 4.79
CA LEU M 232 31.36 73.16 5.90
C LEU M 232 30.85 71.77 5.59
N LYS M 233 30.82 71.37 4.32
CA LYS M 233 30.15 70.13 3.96
C LYS M 233 31.06 68.91 4.12
N GLU M 234 32.07 68.76 3.26
CA GLU M 234 32.87 67.54 3.26
C GLU M 234 34.08 67.58 4.17
N SER M 235 34.28 68.65 4.94
CA SER M 235 35.43 68.73 5.83
C SER M 235 35.13 68.24 7.24
N PHE M 236 33.87 68.27 7.66
CA PHE M 236 33.44 67.73 8.95
C PHE M 236 32.35 66.67 8.82
N ILE M 237 31.39 66.86 7.92
CA ILE M 237 30.25 65.96 7.80
C ILE M 237 30.35 65.24 6.46
N ARG M 238 31.57 64.90 6.07
CA ARG M 238 31.78 63.98 4.95
C ARG M 238 31.08 62.65 5.19
N ARG M 239 30.53 62.09 4.12
CA ARG M 239 29.70 60.90 4.20
C ARG M 239 30.19 59.87 3.19
N SER M 240 30.40 58.64 3.65
CA SER M 240 30.69 57.51 2.77
C SER M 240 29.42 56.75 2.44
N VAL M 241 29.46 56.00 1.35
CA VAL M 241 28.28 55.26 0.92
C VAL M 241 28.03 54.01 1.76
N ASN M 242 29.01 53.56 2.53
CA ASN M 242 28.90 52.37 3.35
C ASN M 242 29.32 52.66 4.79
N THR M 243 28.75 53.74 5.35
CA THR M 243 29.07 54.14 6.71
C THR M 243 28.57 53.09 7.71
N SER M 244 29.42 52.76 8.67
CA SER M 244 29.21 51.72 9.66
C SER M 244 28.21 52.17 10.73
N PRO M 245 27.49 51.21 11.36
CA PRO M 245 26.44 51.58 12.31
C PRO M 245 26.94 52.16 13.62
N TYR M 246 27.23 53.45 13.60
CA TYR M 246 27.69 54.18 14.77
C TYR M 246 26.53 54.87 15.45
N ALA M 247 26.67 55.11 16.75
CA ALA M 247 25.68 55.84 17.53
C ALA M 247 25.88 57.32 17.26
N ARG M 248 25.27 57.80 16.18
CA ARG M 248 25.47 59.16 15.72
C ARG M 248 24.54 60.10 16.48
N PHE M 249 25.12 61.12 17.11
CA PHE M 249 24.36 62.12 17.85
C PHE M 249 24.38 63.42 17.07
N PHE M 250 23.20 64.00 16.85
CA PHE M 250 23.06 65.27 16.15
C PHE M 250 22.44 66.27 17.13
N ILE M 251 23.21 67.26 17.53
CA ILE M 251 22.77 68.30 18.45
C ILE M 251 22.52 69.57 17.64
N LEU M 252 21.30 70.07 17.69
CA LEU M 252 20.86 71.19 16.86
C LEU M 252 20.33 72.32 17.74
N GLU M 253 20.62 73.55 17.34
CA GLU M 253 20.20 74.75 18.07
C GLU M 253 18.81 75.17 17.58
N PHE M 254 17.78 74.84 18.35
CA PHE M 254 16.41 75.24 18.04
C PHE M 254 16.07 76.47 18.88
N GLN M 255 16.55 77.63 18.43
CA GLN M 255 16.23 78.87 19.12
C GLN M 255 14.82 79.35 18.73
N ASP M 256 14.40 80.46 19.33
CA ASP M 256 13.03 80.91 19.19
C ASP M 256 12.74 81.48 17.81
N LYS M 257 13.75 82.06 17.15
CA LYS M 257 13.52 82.66 15.84
C LYS M 257 13.36 81.64 14.72
N THR M 258 13.70 80.38 14.98
CA THR M 258 13.59 79.35 13.96
C THR M 258 12.15 78.87 13.84
N ASP M 259 11.67 78.76 12.61
CA ASP M 259 10.33 78.26 12.37
C ASP M 259 10.31 76.76 12.64
N ILE M 260 9.13 76.24 12.99
CA ILE M 260 8.96 74.82 13.24
C ILE M 260 9.19 74.02 11.96
N LYS M 261 8.73 74.56 10.83
CA LYS M 261 8.75 73.83 9.56
C LYS M 261 10.17 73.61 9.05
N THR M 262 11.03 74.62 9.14
CA THR M 262 12.36 74.51 8.56
C THR M 262 13.27 73.57 9.35
N VAL M 263 12.94 73.29 10.61
CA VAL M 263 13.67 72.27 11.36
C VAL M 263 13.37 70.89 10.79
N LYS M 264 12.12 70.65 10.39
CA LYS M 264 11.71 69.35 9.87
C LYS M 264 12.45 69.00 8.58
N ASP M 265 12.79 70.00 7.77
CA ASP M 265 13.61 69.75 6.59
C ASP M 265 15.00 69.26 6.96
N CYS M 266 15.54 69.76 8.07
CA CYS M 266 16.83 69.27 8.54
C CYS M 266 16.71 67.88 9.16
N ILE M 267 15.63 67.62 9.90
CA ILE M 267 15.43 66.32 10.53
C ILE M 267 15.26 65.24 9.47
N TYR M 268 14.48 65.54 8.41
CA TYR M 268 14.28 64.58 7.34
C TYR M 268 15.56 64.37 6.53
N LYS M 269 16.37 65.41 6.39
CA LYS M 269 17.64 65.26 5.69
C LYS M 269 18.65 64.46 6.52
N ILE M 270 18.64 64.67 7.84
CA ILE M 270 19.49 63.90 8.74
C ILE M 270 19.08 62.43 8.74
N GLN M 271 17.76 62.17 8.79
CA GLN M 271 17.26 60.80 8.82
C GLN M 271 17.53 60.07 7.51
N SER M 272 17.38 60.75 6.38
CA SER M 272 17.54 60.08 5.09
C SER M 272 18.99 59.73 4.82
N ASN M 273 19.94 60.54 5.27
CA ASN M 273 21.35 60.31 5.00
C ASN M 273 22.00 59.38 6.00
N TRP M 274 21.85 59.66 7.30
CA TRP M 274 22.59 58.95 8.34
C TRP M 274 21.79 57.84 8.99
N SER M 275 20.87 57.22 8.25
CA SER M 275 20.18 56.02 8.71
C SER M 275 20.02 55.06 7.55
N ASN M 276 20.25 53.77 7.81
CA ASN M 276 20.12 52.73 6.81
C ASN M 276 19.21 51.65 7.40
N LEU M 277 17.91 51.83 7.22
CA LEU M 277 16.91 50.92 7.75
C LEU M 277 16.36 49.97 6.70
N SER M 278 17.11 49.74 5.64
CA SER M 278 16.68 48.82 4.59
C SER M 278 16.67 47.38 5.10
N LYS M 279 15.80 46.57 4.52
CA LYS M 279 15.68 45.17 4.92
C LYS M 279 16.83 44.31 4.43
N ARG M 280 17.66 44.83 3.51
CA ARG M 280 18.78 44.05 3.00
C ARG M 280 19.86 43.87 4.05
N THR M 281 20.21 44.93 4.76
CA THR M 281 21.32 44.88 5.70
C THR M 281 20.91 44.18 7.00
N ASP M 282 21.93 43.72 7.74
CA ASP M 282 21.74 43.16 9.07
C ASP M 282 22.30 44.03 10.18
N ARG M 283 22.75 45.25 9.88
CA ARG M 283 23.24 46.20 10.88
C ARG M 283 22.56 47.54 10.65
N PRO M 284 21.31 47.69 11.09
CA PRO M 284 20.63 48.96 10.95
C PRO M 284 21.10 49.96 12.00
N TYR M 285 21.05 51.24 11.63
CA TYR M 285 21.42 52.32 12.54
C TYR M 285 20.53 53.52 12.30
N SER M 286 20.35 54.31 13.35
CA SER M 286 19.49 55.49 13.34
C SER M 286 20.19 56.62 14.07
N PRO M 287 20.01 57.86 13.61
CA PRO M 287 20.65 59.00 14.28
C PRO M 287 19.93 59.39 15.56
N PHE M 288 20.68 60.02 16.44
CA PHE M 288 20.17 60.56 17.69
C PHE M 288 20.09 62.07 17.58
N LEU M 289 18.95 62.64 17.94
CA LEU M 289 18.69 64.06 17.77
C LEU M 289 18.47 64.73 19.12
N LEU M 290 19.15 65.85 19.33
CA LEU M 290 19.02 66.65 20.55
C LEU M 290 18.69 68.08 20.18
N PHE M 291 17.75 68.67 20.90
CA PHE M 291 17.32 70.03 20.66
C PHE M 291 17.35 70.82 21.96
N HIS M 292 17.56 72.13 21.84
CA HIS M 292 17.76 73.00 22.98
C HIS M 292 17.53 74.44 22.53
N GLY M 293 17.67 75.37 23.47
CA GLY M 293 17.53 76.77 23.16
C GLY M 293 16.11 77.28 23.11
N THR M 294 15.14 76.48 23.51
CA THR M 294 13.74 76.90 23.51
C THR M 294 13.00 76.17 24.62
N SER M 295 11.76 76.59 24.86
CA SER M 295 10.91 75.96 25.84
C SER M 295 10.33 74.67 25.27
N ASP M 296 9.54 73.97 26.10
CA ASP M 296 8.91 72.72 25.69
C ASP M 296 7.63 72.95 24.89
N ALA M 297 7.19 74.19 24.74
CA ALA M 297 5.95 74.46 24.00
C ALA M 297 6.10 74.13 22.53
N ASN M 298 7.17 74.62 21.90
CA ASN M 298 7.45 74.29 20.50
C ASN M 298 8.29 73.04 20.35
N LEU M 299 8.95 72.57 21.42
CA LEU M 299 9.69 71.32 21.35
C LEU M 299 8.74 70.14 21.23
N TYR M 300 7.64 70.15 22.00
CA TYR M 300 6.63 69.12 21.85
C TYR M 300 5.78 69.31 20.60
N GLU M 301 5.57 70.57 20.20
CA GLU M 301 4.80 70.85 18.99
C GLU M 301 5.55 70.34 17.76
N LEU M 302 6.88 70.51 17.74
CA LEU M 302 7.69 69.89 16.71
C LEU M 302 7.68 68.37 16.85
N LYS M 303 7.66 67.88 18.09
CA LYS M 303 7.66 66.44 18.33
C LYS M 303 6.34 65.81 17.91
N ASN M 304 5.24 66.54 18.07
CA ASN M 304 3.93 65.99 17.71
C ASN M 304 3.72 65.95 16.21
N GLN M 305 4.37 66.86 15.46
CA GLN M 305 4.21 66.83 14.01
C GLN M 305 4.95 65.65 13.41
N LEU M 306 6.16 65.35 13.90
CA LEU M 306 7.00 64.31 13.29
C LEU M 306 6.37 62.94 13.41
N PHE M 307 5.61 62.70 14.49
CA PHE M 307 4.90 61.42 14.60
C PHE M 307 3.69 61.36 13.69
N ASN M 308 3.14 62.51 13.29
CA ASN M 308 1.98 62.52 12.40
C ASN M 308 2.37 62.14 10.97
N GLU M 309 3.58 62.50 10.55
CA GLU M 309 4.05 62.25 9.19
C GLU M 309 4.79 60.93 9.05
N ASP M 310 4.45 59.95 9.91
CA ASP M 310 4.96 58.57 9.84
C ASP M 310 6.48 58.51 9.99
N LEU M 311 7.07 59.50 10.66
CA LEU M 311 8.49 59.48 11.01
C LEU M 311 8.57 59.01 12.47
N ILE M 312 8.45 57.70 12.65
CA ILE M 312 8.32 57.13 13.99
C ILE M 312 9.67 57.20 14.69
N PHE M 313 9.66 57.75 15.90
CA PHE M 313 10.87 57.90 16.71
C PHE M 313 10.57 57.43 18.13
N THR M 314 11.61 57.45 18.97
CA THR M 314 11.49 57.16 20.38
C THR M 314 12.37 58.12 21.16
N ASP M 315 11.98 58.38 22.42
CA ASP M 315 12.71 59.33 23.25
C ASP M 315 12.99 58.78 24.64
N GLY M 316 12.81 57.48 24.86
CA GLY M 316 12.96 56.94 26.18
C GLY M 316 11.78 57.16 27.09
N TYR M 317 10.66 57.67 26.57
CA TYR M 317 9.43 57.86 27.33
C TYR M 317 8.32 57.12 26.60
N PRO M 318 8.22 55.80 26.78
CA PRO M 318 7.23 55.02 26.01
C PRO M 318 5.81 55.24 26.45
N PHE M 319 5.56 55.77 27.65
CA PHE M 319 4.22 56.00 28.13
C PHE M 319 4.19 57.31 28.92
N LYS M 320 2.98 57.75 29.24
CA LYS M 320 2.80 58.99 29.99
C LYS M 320 3.27 58.83 31.42
N GLY M 321 3.95 59.85 31.93
CA GLY M 321 4.49 59.81 33.27
C GLY M 321 5.58 58.79 33.47
N SER M 322 6.39 58.54 32.44
CA SER M 322 7.44 57.54 32.51
C SER M 322 8.76 58.19 32.94
N VAL M 323 9.60 57.38 33.60
CA VAL M 323 10.98 57.77 33.84
C VAL M 323 11.74 57.56 32.54
N PHE M 324 12.95 58.11 32.45
CA PHE M 324 13.73 57.96 31.23
C PHE M 324 14.21 56.52 31.11
N THR M 325 13.85 55.88 29.99
CA THR M 325 14.24 54.50 29.71
C THR M 325 15.20 54.52 28.53
N PRO M 326 16.51 54.55 28.77
CA PRO M 326 17.47 54.55 27.65
C PRO M 326 17.47 53.25 26.86
N LYS M 327 16.92 52.17 27.43
CA LYS M 327 16.82 50.90 26.71
C LYS M 327 15.94 51.04 25.46
N MET M 328 14.90 51.88 25.53
CA MET M 328 14.08 52.14 24.36
C MET M 328 14.87 52.84 23.26
N LEU M 329 15.88 53.62 23.63
CA LEU M 329 16.74 54.24 22.64
C LEU M 329 17.70 53.23 22.00
N ILE M 330 18.12 52.20 22.75
CA ILE M 330 19.04 51.21 22.20
C ILE M 330 18.33 50.34 21.17
N GLU M 331 17.12 49.87 21.50
CA GLU M 331 16.38 49.02 20.59
C GLU M 331 15.92 49.79 19.36
N GLY M 332 15.55 51.06 19.53
CA GLY M 332 15.20 51.89 18.40
C GLY M 332 16.37 52.21 17.48
N PHE M 333 17.59 52.16 18.01
CA PHE M 333 18.77 52.31 17.16
C PHE M 333 18.89 51.17 16.16
N SER M 334 18.61 49.95 16.59
CA SER M 334 18.67 48.78 15.72
C SER M 334 17.34 48.43 15.08
N ASN M 335 16.30 49.22 15.32
CA ASN M 335 14.96 48.93 14.82
C ASN M 335 14.76 49.59 13.46
N LYS M 336 14.34 48.81 12.47
CA LYS M 336 14.15 49.36 11.13
C LYS M 336 12.89 50.22 11.03
N GLU M 337 11.89 49.93 11.85
CA GLU M 337 10.65 50.71 11.85
C GLU M 337 10.72 51.96 12.72
N ILE M 338 11.79 52.16 13.47
CA ILE M 338 12.03 53.41 14.18
C ILE M 338 13.11 54.17 13.42
N HIS M 339 12.78 55.37 12.95
CA HIS M 339 13.64 56.06 12.00
C HIS M 339 14.77 56.80 12.70
N PHE M 340 14.50 57.50 13.79
CA PHE M 340 15.54 58.19 14.54
C PHE M 340 15.18 58.16 16.02
N GLN M 341 16.02 58.79 16.83
CA GLN M 341 15.83 58.83 18.27
C GLN M 341 15.85 60.27 18.74
N PHE M 342 14.89 60.63 19.58
CA PHE M 342 14.79 61.98 20.13
C PHE M 342 15.41 62.01 21.52
N ILE M 343 16.08 63.12 21.83
CA ILE M 343 16.60 63.36 23.17
C ILE M 343 16.05 64.70 23.64
N ASN M 344 15.40 64.70 24.80
CA ASN M 344 14.69 65.90 25.25
C ASN M 344 15.66 66.98 25.74
N ASP M 345 16.67 66.60 26.53
CA ASP M 345 17.54 67.58 27.14
C ASP M 345 18.90 66.94 27.43
N ILE M 346 19.75 67.71 28.10
CA ILE M 346 21.10 67.26 28.44
C ILE M 346 21.06 66.12 29.46
N ASP M 347 20.10 66.16 30.39
CA ASP M 347 19.98 65.12 31.41
C ASP M 347 19.65 63.76 30.78
N ASP M 348 18.79 63.75 29.76
CA ASP M 348 18.56 62.53 29.01
C ASP M 348 19.73 62.19 28.10
N PHE M 349 20.48 63.21 27.66
CA PHE M 349 21.63 62.97 26.79
C PHE M 349 22.76 62.28 27.54
N ASN M 350 23.06 62.72 28.77
CA ASN M 350 24.12 62.09 29.54
C ASN M 350 23.73 60.71 30.03
N GLU M 351 22.44 60.49 30.29
CA GLU M 351 21.99 59.18 30.76
C GLU M 351 22.06 58.14 29.65
N THR M 352 21.66 58.52 28.43
CA THR M 352 21.81 57.64 27.28
C THR M 352 23.23 57.60 26.76
N LEU M 353 24.11 58.49 27.22
CA LEU M 353 25.52 58.43 26.85
C LEU M 353 26.20 57.20 27.43
N ASN M 354 25.83 56.80 28.64
CA ASN M 354 26.43 55.64 29.30
C ASN M 354 25.71 54.35 28.96
N SER M 355 24.69 54.40 28.11
CA SER M 355 23.90 53.22 27.77
C SER M 355 24.33 52.55 26.48
N ILE M 356 24.69 53.34 25.47
CA ILE M 356 25.14 52.80 24.19
C ILE M 356 26.60 52.41 24.33
N ASN M 357 26.89 51.11 24.27
CA ASN M 357 28.27 50.67 24.47
C ASN M 357 29.15 50.94 23.26
N ILE M 358 28.58 50.89 22.05
CA ILE M 358 29.36 51.04 20.82
C ILE M 358 29.84 52.47 20.65
N ARG M 359 30.71 52.68 19.66
CA ARG M 359 31.29 53.99 19.40
C ARG M 359 30.22 55.03 19.07
N LYS M 360 30.30 56.18 19.73
CA LYS M 360 29.33 57.26 19.58
C LYS M 360 30.03 58.49 19.04
N GLU M 361 29.47 59.07 17.98
CA GLU M 361 29.95 60.32 17.42
C GLU M 361 28.88 61.40 17.58
N VAL M 362 29.31 62.57 18.05
CA VAL M 362 28.42 63.69 18.32
C VAL M 362 28.73 64.81 17.33
N TYR M 363 27.71 65.29 16.65
CA TYR M 363 27.84 66.40 15.70
C TYR M 363 26.99 67.56 16.20
N GLN M 364 27.62 68.73 16.34
CA GLN M 364 26.94 69.93 16.81
C GLN M 364 26.75 70.90 15.66
N PHE M 365 25.54 71.41 15.51
CA PHE M 365 25.22 72.49 14.60
C PHE M 365 24.50 73.57 15.40
N TYR M 366 25.10 74.76 15.48
CA TYR M 366 24.57 75.79 16.35
C TYR M 366 24.86 77.17 15.77
N THR M 367 24.14 78.15 16.28
CA THR M 367 24.29 79.54 15.86
C THR M 367 24.91 80.42 16.94
N GLU M 368 24.43 80.34 18.18
CA GLU M 368 24.92 81.24 19.21
C GLU M 368 25.36 80.55 20.50
N ASN M 369 24.74 79.43 20.89
CA ASN M 369 25.15 78.69 22.08
C ASN M 369 25.77 77.36 21.68
N CYS M 370 26.91 77.06 22.30
CA CYS M 370 27.54 75.75 22.18
C CYS M 370 27.47 75.04 23.53
N LEU M 371 26.92 73.85 23.53
CA LEU M 371 26.78 73.09 24.77
C LEU M 371 28.05 72.28 25.05
N ASP M 372 28.17 71.82 26.29
CA ASP M 372 29.33 71.08 26.74
C ASP M 372 29.09 69.58 26.57
N ILE M 373 29.92 68.94 25.75
CA ILE M 373 29.89 67.49 25.58
C ILE M 373 31.13 66.94 26.27
N PRO M 374 31.04 65.80 26.96
CA PRO M 374 32.24 65.21 27.55
C PRO M 374 33.31 64.89 26.51
N SER M 375 34.56 65.14 26.87
CA SER M 375 35.66 65.19 25.91
C SER M 375 36.18 63.82 25.49
N GLN M 376 35.58 62.74 25.96
CA GLN M 376 35.97 61.40 25.54
C GLN M 376 35.23 60.93 24.30
N LEU M 377 34.46 61.80 23.66
CA LEU M 377 33.72 61.45 22.45
C LEU M 377 34.23 62.24 21.25
N PRO M 378 34.19 61.66 20.06
CA PRO M 378 34.51 62.44 18.85
C PRO M 378 33.45 63.47 18.55
N GLN M 379 33.79 64.75 18.71
CA GLN M 379 32.85 65.84 18.53
C GLN M 379 33.29 66.75 17.38
N VAL M 380 32.33 67.24 16.62
CA VAL M 380 32.55 68.34 15.69
C VAL M 380 31.67 69.50 16.11
N ASN M 381 32.16 70.71 15.88
CA ASN M 381 31.44 71.93 16.19
C ASN M 381 31.35 72.77 14.93
N ILE M 382 30.12 73.09 14.51
CA ILE M 382 29.90 73.85 13.28
C ILE M 382 29.04 75.06 13.62
N GLN M 383 29.53 76.25 13.26
CA GLN M 383 28.80 77.49 13.45
C GLN M 383 28.10 77.82 12.13
N VAL M 384 26.78 77.98 12.19
CA VAL M 384 25.98 78.30 11.02
C VAL M 384 25.37 79.68 11.21
N LYS M 385 25.08 80.35 10.08
CA LYS M 385 24.45 81.66 10.14
C LYS M 385 23.03 81.56 10.69
N ASP M 386 22.28 80.55 10.23
CA ASP M 386 20.99 80.20 10.82
C ASP M 386 20.74 78.72 10.55
N PHE M 387 19.54 78.26 10.93
CA PHE M 387 19.22 76.84 10.82
C PHE M 387 19.02 76.38 9.39
N ALA M 388 18.90 77.31 8.44
CA ALA M 388 18.63 76.94 7.06
C ALA M 388 19.81 76.26 6.38
N ASP M 389 21.04 76.65 6.74
CA ASP M 389 22.22 76.09 6.07
C ASP M 389 22.64 74.73 6.62
N ILE M 390 22.02 74.26 7.71
CA ILE M 390 22.43 72.98 8.29
C ILE M 390 22.07 71.82 7.36
N LYS M 391 20.94 71.94 6.66
CA LYS M 391 20.41 70.81 5.90
C LYS M 391 21.31 70.46 4.71
N GLU M 392 21.80 71.46 3.99
CA GLU M 392 22.74 71.19 2.89
C GLU M 392 24.13 70.80 3.39
N ILE M 393 24.46 71.09 4.65
CA ILE M 393 25.68 70.53 5.22
C ILE M 393 25.55 69.02 5.37
N VAL M 394 24.41 68.56 5.87
CA VAL M 394 24.14 67.13 5.99
C VAL M 394 23.25 66.67 4.83
N GLY N 224 24.75 83.05 -19.94
CA GLY N 224 24.12 82.72 -21.20
C GLY N 224 22.64 82.43 -21.09
N ARG N 225 22.00 82.23 -22.25
CA ARG N 225 20.58 81.91 -22.27
C ARG N 225 20.30 80.54 -21.66
N LYS N 226 21.14 79.54 -21.98
CA LYS N 226 20.94 78.19 -21.48
C LYS N 226 21.21 78.12 -19.98
N GLU N 227 21.94 79.11 -19.44
CA GLU N 227 22.31 79.16 -18.03
C GLU N 227 21.10 79.43 -17.13
N TYR N 228 20.06 80.08 -17.65
CA TYR N 228 18.85 80.32 -16.85
C TYR N 228 18.15 79.03 -16.48
N LEU N 229 18.10 78.07 -17.40
CA LEU N 229 17.54 76.76 -17.07
C LEU N 229 18.47 75.95 -16.21
N ARG N 230 19.76 76.30 -16.14
CA ARG N 230 20.70 75.43 -15.46
C ARG N 230 20.71 75.72 -13.97
N LYS N 231 20.42 76.96 -13.58
CA LYS N 231 20.37 77.30 -12.16
C LYS N 231 19.12 76.75 -11.48
N LEU N 232 17.96 76.90 -12.11
CA LEU N 232 16.71 76.53 -11.47
C LEU N 232 16.54 75.03 -11.30
N LYS N 233 17.32 74.23 -12.01
CA LYS N 233 17.16 72.77 -11.97
C LYS N 233 17.53 72.19 -10.62
N GLU N 234 18.60 72.67 -9.99
CA GLU N 234 19.03 72.10 -8.71
C GLU N 234 18.97 73.10 -7.56
N SER N 235 18.47 74.31 -7.80
CA SER N 235 18.40 75.29 -6.73
C SER N 235 17.39 74.87 -5.67
N PHE N 236 16.21 74.43 -6.10
CA PHE N 236 15.18 73.89 -5.20
C PHE N 236 14.58 72.60 -5.71
N ILE N 237 14.87 72.20 -6.96
CA ILE N 237 14.20 71.09 -7.63
C ILE N 237 15.09 69.86 -7.71
N ARG N 238 16.34 69.96 -7.21
CA ARG N 238 17.33 68.89 -7.26
C ARG N 238 16.82 67.52 -6.78
N ARG N 239 17.29 66.47 -7.44
CA ARG N 239 16.71 65.15 -7.29
C ARG N 239 17.82 64.14 -7.03
N SER N 240 17.63 63.30 -6.01
CA SER N 240 18.56 62.24 -5.69
C SER N 240 18.33 61.05 -6.62
N VAL N 241 19.18 60.03 -6.48
CA VAL N 241 19.10 58.88 -7.39
C VAL N 241 17.86 58.02 -7.08
N ASN N 242 17.43 57.98 -5.82
CA ASN N 242 16.14 57.41 -5.44
C ASN N 242 15.49 58.35 -4.42
N THR N 243 14.54 59.16 -4.88
CA THR N 243 13.85 60.04 -3.97
C THR N 243 12.87 59.25 -3.10
N SER N 244 12.78 59.65 -1.83
CA SER N 244 11.94 59.00 -0.86
C SER N 244 10.45 59.29 -1.12
N PRO N 245 9.55 58.35 -0.76
CA PRO N 245 8.13 58.54 -1.10
C PRO N 245 7.38 59.54 -0.23
N TYR N 246 7.49 60.82 -0.57
CA TYR N 246 6.74 61.88 0.10
C TYR N 246 5.66 62.42 -0.82
N ALA N 247 4.72 63.16 -0.24
CA ALA N 247 3.58 63.71 -0.96
C ALA N 247 4.06 64.94 -1.73
N ARG N 248 4.38 64.75 -3.01
CA ARG N 248 4.88 65.82 -3.85
C ARG N 248 3.73 66.51 -4.55
N PHE N 249 3.56 67.80 -4.29
CA PHE N 249 2.51 68.61 -4.89
C PHE N 249 3.14 69.53 -5.91
N PHE N 250 2.68 69.44 -7.15
CA PHE N 250 3.15 70.29 -8.24
C PHE N 250 2.04 71.24 -8.65
N ILE N 251 2.25 72.53 -8.40
CA ILE N 251 1.30 73.57 -8.78
C ILE N 251 1.84 74.24 -10.03
N LEU N 252 1.10 74.12 -11.13
CA LEU N 252 1.47 74.71 -12.41
C LEU N 252 0.41 75.72 -12.81
N GLU N 253 0.84 76.89 -13.24
CA GLU N 253 -0.09 77.96 -13.61
C GLU N 253 -0.47 77.71 -15.06
N PHE N 254 -1.77 77.58 -15.33
CA PHE N 254 -2.31 77.35 -16.66
C PHE N 254 -3.05 78.61 -17.09
N GLN N 255 -2.35 79.49 -17.79
CA GLN N 255 -3.01 80.66 -18.36
C GLN N 255 -3.65 80.31 -19.70
N ASP N 256 -4.45 81.23 -20.21
CA ASP N 256 -5.17 81.01 -21.46
C ASP N 256 -4.25 81.07 -22.68
N LYS N 257 -3.08 81.71 -22.57
CA LYS N 257 -2.19 81.77 -23.72
C LYS N 257 -1.50 80.43 -23.95
N THR N 258 -1.28 79.65 -22.89
CA THR N 258 -0.64 78.36 -23.02
C THR N 258 -1.63 77.35 -23.59
N ASP N 259 -1.24 76.70 -24.68
CA ASP N 259 -2.12 75.76 -25.35
C ASP N 259 -2.14 74.41 -24.63
N ILE N 260 -2.91 73.48 -25.19
CA ILE N 260 -3.15 72.19 -24.53
C ILE N 260 -1.90 71.32 -24.58
N LYS N 261 -1.16 71.37 -25.69
CA LYS N 261 -0.16 70.34 -25.99
C LYS N 261 1.03 70.37 -25.03
N THR N 262 1.59 71.55 -24.78
CA THR N 262 2.79 71.63 -23.96
C THR N 262 2.54 71.39 -22.48
N VAL N 263 1.28 71.43 -22.03
CA VAL N 263 0.98 71.06 -20.66
C VAL N 263 1.22 69.57 -20.44
N LYS N 264 0.77 68.75 -21.39
CA LYS N 264 0.95 67.30 -21.28
C LYS N 264 2.42 66.90 -21.35
N ASP N 265 3.24 67.65 -22.09
CA ASP N 265 4.67 67.41 -22.08
C ASP N 265 5.29 67.70 -20.72
N CYS N 266 4.74 68.68 -20.00
CA CYS N 266 5.19 68.95 -18.64
C CYS N 266 4.70 67.87 -17.67
N ILE N 267 3.45 67.42 -17.83
CA ILE N 267 2.86 66.47 -16.91
C ILE N 267 3.55 65.11 -17.03
N TYR N 268 3.85 64.69 -18.27
CA TYR N 268 4.57 63.44 -18.47
C TYR N 268 6.00 63.52 -17.92
N LYS N 269 6.63 64.69 -18.00
CA LYS N 269 7.95 64.85 -17.40
C LYS N 269 7.86 64.87 -15.88
N ILE N 270 6.79 65.45 -15.33
CA ILE N 270 6.54 65.37 -13.89
C ILE N 270 6.30 63.93 -13.46
N GLN N 271 5.50 63.20 -14.25
CA GLN N 271 5.15 61.83 -13.90
C GLN N 271 6.35 60.89 -14.01
N SER N 272 7.20 61.08 -15.02
CA SER N 272 8.31 60.16 -15.22
C SER N 272 9.38 60.30 -14.14
N ASN N 273 9.60 61.50 -13.63
CA ASN N 273 10.65 61.73 -12.65
C ASN N 273 10.18 61.50 -11.22
N TRP N 274 9.17 62.25 -10.78
CA TRP N 274 8.75 62.24 -9.37
C TRP N 274 7.66 61.22 -9.09
N SER N 275 7.59 60.15 -9.87
CA SER N 275 6.79 58.99 -9.52
C SER N 275 7.62 57.74 -9.77
N ASN N 276 7.63 56.84 -8.81
CA ASN N 276 8.30 55.55 -8.95
C ASN N 276 7.24 54.49 -8.62
N LEU N 277 6.78 53.79 -9.65
CA LEU N 277 5.72 52.80 -9.52
C LEU N 277 6.16 51.43 -10.00
N SER N 278 7.46 51.16 -9.98
CA SER N 278 7.97 49.87 -10.39
C SER N 278 7.57 48.79 -9.39
N LYS N 279 7.45 47.56 -9.88
CA LYS N 279 7.00 46.45 -9.05
C LYS N 279 8.07 45.98 -8.07
N ARG N 280 9.31 46.44 -8.20
CA ARG N 280 10.37 46.01 -7.29
C ARG N 280 10.19 46.59 -5.90
N THR N 281 9.84 47.87 -5.79
CA THR N 281 9.79 48.54 -4.51
C THR N 281 8.51 48.19 -3.76
N ASP N 282 8.49 48.55 -2.48
CA ASP N 282 7.30 48.43 -1.65
C ASP N 282 6.76 49.77 -1.18
N ARG N 283 7.35 50.88 -1.63
CA ARG N 283 6.94 52.23 -1.23
C ARG N 283 6.72 53.09 -2.47
N PRO N 284 5.60 52.89 -3.17
CA PRO N 284 5.33 53.71 -4.35
C PRO N 284 4.88 55.11 -3.98
N TYR N 285 5.15 56.05 -4.89
CA TYR N 285 4.71 57.43 -4.69
C TYR N 285 4.37 58.04 -6.04
N SER N 286 3.47 59.01 -6.01
CA SER N 286 3.00 59.70 -7.21
C SER N 286 2.86 61.19 -6.89
N PRO N 287 3.10 62.05 -7.88
CA PRO N 287 2.95 63.49 -7.63
C PRO N 287 1.49 63.93 -7.67
N PHE N 288 1.25 65.07 -7.04
CA PHE N 288 -0.06 65.72 -7.05
C PHE N 288 0.01 66.94 -7.95
N LEU N 289 -0.96 67.06 -8.85
CA LEU N 289 -0.96 68.10 -9.87
C LEU N 289 -2.08 69.09 -9.60
N LEU N 290 -1.74 70.38 -9.59
CA LEU N 290 -2.70 71.46 -9.39
C LEU N 290 -2.55 72.48 -10.51
N PHE N 291 -3.67 72.97 -11.01
CA PHE N 291 -3.71 73.98 -12.04
C PHE N 291 -4.65 75.11 -11.61
N HIS N 292 -4.27 76.35 -11.96
CA HIS N 292 -5.09 77.50 -11.61
C HIS N 292 -4.99 78.52 -12.74
N GLY N 293 -5.84 79.55 -12.66
CA GLY N 293 -5.83 80.60 -13.65
C GLY N 293 -6.41 80.19 -14.99
N THR N 294 -7.18 79.11 -15.05
CA THR N 294 -7.74 78.61 -16.28
C THR N 294 -9.24 78.43 -16.12
N SER N 295 -9.93 78.38 -17.26
CA SER N 295 -11.34 78.03 -17.26
C SER N 295 -11.49 76.51 -17.15
N ASP N 296 -12.69 76.09 -16.76
CA ASP N 296 -12.95 74.67 -16.61
C ASP N 296 -13.09 73.97 -17.96
N ALA N 297 -13.29 74.72 -19.05
CA ALA N 297 -13.44 74.11 -20.36
C ALA N 297 -12.15 73.45 -20.82
N ASN N 298 -11.03 74.17 -20.76
CA ASN N 298 -9.75 73.59 -21.15
C ASN N 298 -9.10 72.78 -20.04
N LEU N 299 -9.57 72.94 -18.80
CA LEU N 299 -9.07 72.09 -17.72
C LEU N 299 -9.62 70.68 -17.85
N TYR N 300 -10.89 70.55 -18.20
CA TYR N 300 -11.47 69.24 -18.46
C TYR N 300 -10.99 68.69 -19.80
N GLU N 301 -10.67 69.57 -20.75
CA GLU N 301 -10.15 69.15 -22.05
C GLU N 301 -8.78 68.51 -21.88
N LEU N 302 -7.91 69.14 -21.09
CA LEU N 302 -6.62 68.53 -20.74
C LEU N 302 -6.80 67.25 -19.95
N LYS N 303 -7.79 67.22 -19.06
CA LYS N 303 -8.05 66.04 -18.24
C LYS N 303 -8.47 64.85 -19.07
N ASN N 304 -9.18 65.09 -20.19
CA ASN N 304 -9.71 63.98 -20.98
C ASN N 304 -8.61 63.29 -21.78
N GLN N 305 -7.69 64.05 -22.38
CA GLN N 305 -6.64 63.45 -23.19
C GLN N 305 -5.63 62.70 -22.35
N LEU N 306 -5.38 63.17 -21.12
CA LEU N 306 -4.45 62.47 -20.23
C LEU N 306 -4.96 61.07 -19.90
N PHE N 307 -6.26 60.94 -19.69
CA PHE N 307 -6.85 59.64 -19.42
C PHE N 307 -6.94 58.79 -20.68
N ASN N 308 -7.10 59.42 -21.84
CA ASN N 308 -7.14 58.67 -23.09
C ASN N 308 -5.77 58.11 -23.46
N GLU N 309 -4.70 58.79 -23.05
CA GLU N 309 -3.34 58.32 -23.32
C GLU N 309 -2.81 57.40 -22.23
N ASP N 310 -3.70 56.74 -21.49
CA ASP N 310 -3.36 55.72 -20.48
C ASP N 310 -2.47 56.27 -19.38
N LEU N 311 -2.58 57.57 -19.10
CA LEU N 311 -1.95 58.18 -17.92
C LEU N 311 -3.04 58.29 -16.86
N ILE N 312 -3.28 57.18 -16.17
CA ILE N 312 -4.42 57.07 -15.26
C ILE N 312 -4.15 57.89 -14.00
N PHE N 313 -5.10 58.75 -13.64
CA PHE N 313 -4.98 59.62 -12.48
C PHE N 313 -6.27 59.56 -11.68
N THR N 314 -6.25 60.22 -10.53
CA THR N 314 -7.42 60.39 -9.69
C THR N 314 -7.52 61.85 -9.25
N ASP N 315 -8.75 62.34 -9.14
CA ASP N 315 -9.00 63.73 -8.74
C ASP N 315 -9.95 63.84 -7.56
N GLY N 316 -10.23 62.75 -6.86
CA GLY N 316 -11.17 62.79 -5.77
C GLY N 316 -12.62 62.71 -6.19
N TYR N 317 -12.90 62.49 -7.47
CA TYR N 317 -14.26 62.39 -7.99
C TYR N 317 -14.36 61.08 -8.76
N PRO N 318 -14.54 59.95 -8.06
CA PRO N 318 -14.54 58.64 -8.74
C PRO N 318 -15.77 58.40 -9.61
N PHE N 319 -16.83 59.19 -9.46
CA PHE N 319 -18.03 59.01 -10.27
C PHE N 319 -18.67 60.36 -10.50
N LYS N 320 -19.64 60.40 -11.42
CA LYS N 320 -20.33 61.64 -11.74
C LYS N 320 -21.21 62.08 -10.58
N GLY N 321 -21.21 63.38 -10.30
CA GLY N 321 -21.99 63.92 -9.20
C GLY N 321 -21.46 63.57 -7.82
N SER N 322 -20.18 63.25 -7.72
CA SER N 322 -19.57 62.89 -6.45
C SER N 322 -19.14 64.12 -5.67
N VAL N 323 -19.14 64.01 -4.35
CA VAL N 323 -18.51 65.01 -3.50
C VAL N 323 -17.00 64.74 -3.54
N PHE N 324 -16.21 65.68 -3.04
CA PHE N 324 -14.76 65.53 -3.07
C PHE N 324 -14.35 64.44 -2.08
N THR N 325 -13.77 63.36 -2.61
CA THR N 325 -13.33 62.22 -1.79
C THR N 325 -11.81 62.16 -1.79
N PRO N 326 -11.15 62.70 -0.77
CA PRO N 326 -9.67 62.65 -0.74
C PRO N 326 -9.12 61.26 -0.44
N LYS N 327 -9.97 60.31 -0.02
CA LYS N 327 -9.51 58.96 0.23
C LYS N 327 -9.06 58.27 -1.05
N MET N 328 -9.63 58.65 -2.19
CA MET N 328 -9.11 58.20 -3.47
C MET N 328 -7.71 58.74 -3.73
N LEU N 329 -7.44 59.97 -3.28
CA LEU N 329 -6.10 60.52 -3.41
C LEU N 329 -5.13 59.85 -2.44
N ILE N 330 -5.65 59.31 -1.33
CA ILE N 330 -4.82 58.57 -0.40
C ILE N 330 -4.32 57.27 -1.04
N GLU N 331 -5.24 56.49 -1.60
CA GLU N 331 -4.87 55.20 -2.17
C GLU N 331 -4.18 55.32 -3.52
N GLY N 332 -4.56 56.34 -4.31
CA GLY N 332 -3.90 56.55 -5.59
C GLY N 332 -2.44 56.97 -5.47
N PHE N 333 -2.08 57.58 -4.34
CA PHE N 333 -0.68 57.89 -4.08
C PHE N 333 0.14 56.62 -3.93
N SER N 334 -0.39 55.63 -3.22
CA SER N 334 0.29 54.36 -3.02
C SER N 334 -0.01 53.34 -4.10
N ASN N 335 -0.95 53.62 -4.99
CA ASN N 335 -1.26 52.69 -6.07
C ASN N 335 -0.23 52.80 -7.19
N LYS N 336 0.18 51.65 -7.71
CA LYS N 336 1.14 51.61 -8.81
C LYS N 336 0.50 51.79 -10.17
N GLU N 337 -0.79 51.49 -10.31
CA GLU N 337 -1.49 51.67 -11.56
C GLU N 337 -2.06 53.06 -11.75
N ILE N 338 -2.01 53.91 -10.71
CA ILE N 338 -2.41 55.30 -10.81
C ILE N 338 -1.13 56.13 -10.86
N HIS N 339 -0.95 56.87 -11.96
CA HIS N 339 0.35 57.47 -12.24
C HIS N 339 0.56 58.78 -11.49
N PHE N 340 -0.44 59.65 -11.47
CA PHE N 340 -0.35 60.90 -10.72
C PHE N 340 -1.72 61.23 -10.16
N GLN N 341 -1.81 62.39 -9.53
CA GLN N 341 -3.06 62.84 -8.91
C GLN N 341 -3.37 64.26 -9.37
N PHE N 342 -4.61 64.47 -9.79
CA PHE N 342 -5.09 65.77 -10.23
C PHE N 342 -5.82 66.46 -9.09
N ILE N 343 -5.64 67.77 -8.99
CA ILE N 343 -6.38 68.60 -8.04
C ILE N 343 -7.09 69.69 -8.82
N ASN N 344 -8.40 69.81 -8.62
CA ASN N 344 -9.20 70.66 -9.48
C ASN N 344 -9.08 72.14 -9.13
N ASP N 345 -9.16 72.47 -7.84
CA ASP N 345 -9.26 73.88 -7.44
C ASP N 345 -8.58 74.08 -6.10
N ILE N 346 -8.80 75.26 -5.51
CA ILE N 346 -8.19 75.61 -4.24
C ILE N 346 -8.77 74.79 -3.11
N ASP N 347 -10.10 74.67 -3.07
CA ASP N 347 -10.77 73.97 -1.96
C ASP N 347 -10.46 72.48 -1.97
N ASP N 348 -10.23 71.90 -3.16
CA ASP N 348 -9.77 70.52 -3.22
C ASP N 348 -8.34 70.39 -2.72
N PHE N 349 -7.52 71.43 -2.94
CA PHE N 349 -6.12 71.36 -2.54
C PHE N 349 -5.95 71.44 -1.03
N ASN N 350 -6.69 72.34 -0.37
CA ASN N 350 -6.57 72.49 1.08
C ASN N 350 -7.14 71.28 1.81
N GLU N 351 -8.23 70.70 1.28
CA GLU N 351 -8.81 69.52 1.90
C GLU N 351 -7.92 68.30 1.71
N THR N 352 -7.21 68.22 0.57
CA THR N 352 -6.27 67.13 0.35
C THR N 352 -5.08 67.23 1.30
N LEU N 353 -4.66 68.47 1.62
CA LEU N 353 -3.53 68.67 2.53
C LEU N 353 -3.81 68.12 3.92
N ASN N 354 -5.03 68.31 4.41
CA ASN N 354 -5.40 67.74 5.71
C ASN N 354 -5.53 66.22 5.64
N SER N 355 -5.89 65.68 4.47
CA SER N 355 -6.05 64.24 4.34
C SER N 355 -4.70 63.52 4.28
N ILE N 356 -3.71 64.14 3.64
CA ILE N 356 -2.35 63.58 3.68
C ILE N 356 -1.79 63.78 5.08
N ASN N 357 -1.36 62.69 5.71
CA ASN N 357 -0.66 62.80 6.98
C ASN N 357 0.86 62.77 6.82
N ILE N 358 1.39 62.10 5.81
CA ILE N 358 2.83 62.04 5.56
C ILE N 358 3.34 63.40 5.07
N ARG N 359 4.67 63.53 5.00
CA ARG N 359 5.31 64.79 4.64
C ARG N 359 4.91 65.27 3.25
N LYS N 360 4.55 66.54 3.17
CA LYS N 360 4.09 67.17 1.94
C LYS N 360 5.06 68.28 1.56
N GLU N 361 5.59 68.22 0.35
CA GLU N 361 6.32 69.33 -0.24
C GLU N 361 5.56 69.82 -1.47
N VAL N 362 5.41 71.13 -1.59
CA VAL N 362 4.64 71.75 -2.66
C VAL N 362 5.60 72.57 -3.51
N TYR N 363 5.61 72.28 -4.81
CA TYR N 363 6.42 73.02 -5.77
C TYR N 363 5.52 73.82 -6.70
N GLN N 364 5.79 75.12 -6.81
CA GLN N 364 5.01 76.02 -7.65
C GLN N 364 5.81 76.44 -8.86
N PHE N 365 5.20 76.35 -10.03
CA PHE N 365 5.80 76.82 -11.28
C PHE N 365 4.81 77.79 -11.92
N TYR N 366 5.04 79.08 -11.74
CA TYR N 366 4.11 80.12 -12.17
C TYR N 366 4.81 81.11 -13.10
N THR N 367 4.01 81.92 -13.79
CA THR N 367 4.52 82.95 -14.67
C THR N 367 4.22 84.35 -14.15
N GLU N 368 2.94 84.69 -13.95
CA GLU N 368 2.59 86.00 -13.40
C GLU N 368 1.80 85.91 -12.10
N ASN N 369 0.89 84.95 -11.97
CA ASN N 369 0.05 84.83 -10.77
C ASN N 369 0.59 83.73 -9.87
N CYS N 370 0.70 84.04 -8.59
CA CYS N 370 1.19 83.12 -7.58
C CYS N 370 0.04 82.68 -6.68
N LEU N 371 -0.04 81.36 -6.46
CA LEU N 371 -1.04 80.82 -5.56
C LEU N 371 -0.65 81.08 -4.11
N ASP N 372 -1.65 81.13 -3.24
CA ASP N 372 -1.44 81.29 -1.81
C ASP N 372 -1.34 79.92 -1.17
N ILE N 373 -0.24 79.67 -0.46
CA ILE N 373 0.05 78.34 0.05
C ILE N 373 0.18 78.44 1.57
N PRO N 374 -0.42 77.52 2.34
CA PRO N 374 -0.26 77.54 3.79
C PRO N 374 1.19 77.41 4.22
N SER N 375 1.57 78.19 5.23
CA SER N 375 2.96 78.48 5.53
C SER N 375 3.69 77.38 6.31
N GLN N 376 2.99 76.36 6.81
CA GLN N 376 3.68 75.30 7.54
C GLN N 376 4.16 74.18 6.64
N LEU N 377 4.10 74.37 5.32
CA LEU N 377 4.56 73.40 4.34
C LEU N 377 5.85 73.87 3.68
N PRO N 378 6.76 72.96 3.35
CA PRO N 378 7.94 73.33 2.55
C PRO N 378 7.53 73.69 1.13
N GLN N 379 7.74 74.96 0.77
CA GLN N 379 7.33 75.48 -0.53
C GLN N 379 8.53 75.97 -1.31
N VAL N 380 8.45 75.83 -2.63
CA VAL N 380 9.36 76.52 -3.54
C VAL N 380 8.53 77.35 -4.50
N ASN N 381 9.05 78.50 -4.89
CA ASN N 381 8.39 79.39 -5.83
C ASN N 381 9.35 79.68 -6.97
N ILE N 382 8.96 79.28 -8.18
CA ILE N 382 9.78 79.45 -9.38
C ILE N 382 8.98 80.25 -10.40
N GLN N 383 9.54 81.38 -10.83
CA GLN N 383 8.89 82.25 -11.81
C GLN N 383 9.57 82.02 -13.16
N VAL N 384 8.94 81.19 -14.00
CA VAL N 384 9.47 80.92 -15.32
C VAL N 384 9.06 82.02 -16.29
N LYS N 385 9.70 82.05 -17.45
CA LYS N 385 9.33 82.99 -18.49
C LYS N 385 7.94 82.68 -19.03
N ASP N 386 7.71 81.43 -19.41
CA ASP N 386 6.37 80.92 -19.69
C ASP N 386 6.36 79.43 -19.39
N PHE N 387 5.29 78.75 -19.80
CA PHE N 387 5.09 77.35 -19.43
C PHE N 387 6.11 76.43 -20.09
N ALA N 388 6.76 76.87 -21.17
CA ALA N 388 7.71 76.02 -21.88
C ALA N 388 8.97 75.76 -21.07
N ASP N 389 9.37 76.69 -20.20
CA ASP N 389 10.59 76.50 -19.42
C ASP N 389 10.40 75.59 -18.22
N ILE N 390 9.18 75.21 -17.88
CA ILE N 390 8.95 74.40 -16.68
C ILE N 390 9.51 72.99 -16.89
N LYS N 391 9.36 72.44 -18.09
CA LYS N 391 9.58 71.00 -18.32
C LYS N 391 11.04 70.59 -18.13
N GLU N 392 11.98 71.40 -18.60
CA GLU N 392 13.39 71.06 -18.46
C GLU N 392 13.88 71.16 -17.01
N ILE N 393 13.24 72.00 -16.19
CA ILE N 393 13.55 72.00 -14.76
C ILE N 393 13.12 70.69 -14.12
N VAL N 394 11.89 70.29 -14.36
CA VAL N 394 11.39 69.05 -13.79
C VAL N 394 11.82 67.86 -14.65
N GLY O 224 56.77 66.81 -15.79
CA GLY O 224 56.80 66.27 -14.44
C GLY O 224 57.63 65.01 -14.29
N ARG O 225 57.89 64.61 -13.04
CA ARG O 225 58.59 63.35 -12.80
C ARG O 225 57.70 62.14 -13.08
N LYS O 226 56.39 62.31 -12.96
CA LYS O 226 55.43 61.23 -13.15
C LYS O 226 55.24 60.93 -14.64
N GLU O 227 55.56 61.87 -15.54
CA GLU O 227 55.22 61.73 -16.95
C GLU O 227 55.99 60.58 -17.62
N TYR O 228 57.18 60.25 -17.12
CA TYR O 228 57.90 59.08 -17.63
C TYR O 228 57.20 57.78 -17.24
N LEU O 229 56.46 57.78 -16.14
CA LEU O 229 55.66 56.61 -15.82
C LEU O 229 54.35 56.56 -16.61
N ARG O 230 53.83 57.73 -17.02
CA ARG O 230 52.58 57.74 -17.77
C ARG O 230 52.78 57.32 -19.23
N LYS O 231 53.94 57.63 -19.82
CA LYS O 231 54.21 57.18 -21.19
C LYS O 231 54.47 55.68 -21.26
N LEU O 232 54.68 55.04 -20.11
CA LEU O 232 54.89 53.60 -20.07
C LEU O 232 53.70 52.85 -19.49
N LYS O 233 52.70 53.56 -18.96
CA LYS O 233 51.45 52.97 -18.50
C LYS O 233 50.51 52.58 -19.64
N GLU O 234 50.06 53.58 -20.41
CA GLU O 234 48.93 53.41 -21.31
C GLU O 234 49.33 53.23 -22.76
N SER O 235 50.63 53.27 -23.08
CA SER O 235 51.07 53.07 -24.45
C SER O 235 51.61 51.67 -24.71
N PHE O 236 52.07 50.96 -23.67
CA PHE O 236 52.65 49.64 -23.84
C PHE O 236 51.89 48.56 -23.08
N ILE O 237 51.59 48.80 -21.80
CA ILE O 237 51.01 47.78 -20.94
C ILE O 237 49.61 48.22 -20.53
N ARG O 238 48.90 48.85 -21.47
CA ARG O 238 47.50 49.17 -21.26
C ARG O 238 46.69 47.89 -21.01
N ARG O 239 45.74 47.98 -20.09
CA ARG O 239 45.02 46.82 -19.58
C ARG O 239 43.52 47.05 -19.70
N SER O 240 42.80 46.07 -20.24
CA SER O 240 41.36 46.08 -20.27
C SER O 240 40.81 45.28 -19.09
N VAL O 241 39.55 45.55 -18.73
CA VAL O 241 38.93 44.87 -17.61
C VAL O 241 38.50 43.45 -17.96
N ASN O 242 38.42 43.12 -19.25
CA ASN O 242 37.98 41.80 -19.71
C ASN O 242 39.03 41.22 -20.66
N THR O 243 40.29 41.24 -20.23
CA THR O 243 41.37 40.72 -21.05
C THR O 243 41.25 39.22 -21.23
N SER O 244 41.47 38.77 -22.46
CA SER O 244 41.22 37.39 -22.84
C SER O 244 42.36 36.47 -22.39
N PRO O 245 42.07 35.17 -22.15
CA PRO O 245 43.09 34.26 -21.59
C PRO O 245 44.22 33.91 -22.55
N TYR O 246 45.21 34.79 -22.63
CA TYR O 246 46.37 34.57 -23.49
C TYR O 246 47.58 34.19 -22.65
N ALA O 247 48.51 33.47 -23.28
CA ALA O 247 49.73 33.00 -22.61
C ALA O 247 50.67 34.19 -22.46
N ARG O 248 50.54 34.89 -21.34
CA ARG O 248 51.28 36.13 -21.11
C ARG O 248 52.63 35.81 -20.47
N PHE O 249 53.70 36.27 -21.10
CA PHE O 249 55.06 36.03 -20.63
C PHE O 249 55.66 37.34 -20.14
N PHE O 250 56.12 37.36 -18.89
CA PHE O 250 56.75 38.53 -18.30
C PHE O 250 58.22 38.21 -18.05
N ILE O 251 59.10 39.01 -18.64
CA ILE O 251 60.54 38.86 -18.48
C ILE O 251 61.05 40.04 -17.67
N LEU O 252 61.54 39.74 -16.47
CA LEU O 252 62.17 40.73 -15.61
C LEU O 252 63.65 40.39 -15.46
N GLU O 253 64.48 41.42 -15.40
CA GLU O 253 65.93 41.23 -15.33
C GLU O 253 66.33 41.38 -13.87
N PHE O 254 67.04 40.37 -13.36
CA PHE O 254 67.49 40.31 -11.96
C PHE O 254 69.00 40.53 -11.98
N GLN O 255 69.47 41.60 -11.34
CA GLN O 255 70.85 42.04 -11.54
C GLN O 255 71.67 41.97 -10.26
N ASP O 256 71.25 41.16 -9.30
CA ASP O 256 71.92 40.84 -8.02
C ASP O 256 72.09 42.03 -7.07
N LYS O 257 71.65 43.25 -7.43
CA LYS O 257 71.72 44.36 -6.49
C LYS O 257 70.35 44.80 -5.96
N THR O 258 69.27 44.40 -6.60
CA THR O 258 67.95 44.58 -6.01
C THR O 258 67.67 43.44 -5.04
N ASP O 259 67.19 43.79 -3.84
CA ASP O 259 66.82 42.78 -2.87
C ASP O 259 65.58 42.02 -3.32
N ILE O 260 65.29 40.93 -2.61
CA ILE O 260 64.21 40.03 -3.01
C ILE O 260 62.85 40.71 -2.84
N LYS O 261 62.76 41.64 -1.87
CA LYS O 261 61.47 42.20 -1.46
C LYS O 261 60.80 42.99 -2.58
N THR O 262 61.56 43.78 -3.34
CA THR O 262 60.96 44.52 -4.45
C THR O 262 60.59 43.61 -5.60
N VAL O 263 61.31 42.49 -5.77
CA VAL O 263 60.94 41.50 -6.76
C VAL O 263 59.61 40.85 -6.40
N LYS O 264 59.44 40.53 -5.11
CA LYS O 264 58.17 39.98 -4.64
C LYS O 264 57.04 41.00 -4.75
N ASP O 265 57.35 42.29 -4.58
CA ASP O 265 56.34 43.32 -4.77
C ASP O 265 55.92 43.40 -6.25
N CYS O 266 56.88 43.17 -7.16
CA CYS O 266 56.57 43.22 -8.58
C CYS O 266 55.77 42.00 -9.02
N ILE O 267 56.10 40.82 -8.48
CA ILE O 267 55.43 39.58 -8.88
C ILE O 267 53.97 39.60 -8.42
N TYR O 268 53.72 40.06 -7.19
CA TYR O 268 52.34 40.15 -6.70
C TYR O 268 51.53 41.17 -7.50
N LYS O 269 52.16 42.25 -7.97
CA LYS O 269 51.45 43.18 -8.84
C LYS O 269 51.20 42.56 -10.21
N ILE O 270 52.14 41.76 -10.70
CA ILE O 270 51.94 41.05 -11.96
C ILE O 270 50.84 39.99 -11.81
N GLN O 271 50.87 39.25 -10.70
CA GLN O 271 49.90 38.19 -10.47
C GLN O 271 48.49 38.75 -10.27
N SER O 272 48.36 39.86 -9.54
CA SER O 272 47.03 40.38 -9.23
C SER O 272 46.36 40.96 -10.47
N ASN O 273 47.13 41.58 -11.36
CA ASN O 273 46.56 42.24 -12.53
C ASN O 273 46.34 41.28 -13.71
N TRP O 274 47.32 40.44 -14.03
CA TRP O 274 47.26 39.64 -15.24
C TRP O 274 46.97 38.16 -14.97
N SER O 275 46.19 37.88 -13.93
CA SER O 275 45.60 36.56 -13.76
C SER O 275 44.16 36.72 -13.32
N ASN O 276 43.31 35.82 -13.80
CA ASN O 276 41.88 35.83 -13.48
C ASN O 276 41.54 34.40 -13.06
N LEU O 277 41.65 34.14 -11.76
CA LEU O 277 41.45 32.82 -11.18
C LEU O 277 40.18 32.74 -10.35
N SER O 278 39.24 33.66 -10.56
CA SER O 278 37.98 33.63 -9.84
C SER O 278 37.13 32.46 -10.29
N LYS O 279 36.19 32.06 -9.44
CA LYS O 279 35.31 30.94 -9.75
C LYS O 279 34.23 31.30 -10.77
N ARG O 280 34.04 32.59 -11.06
CA ARG O 280 33.00 32.99 -12.00
C ARG O 280 33.37 32.62 -13.43
N THR O 281 34.63 32.79 -13.81
CA THR O 281 35.02 32.59 -15.20
C THR O 281 35.17 31.11 -15.52
N ASP O 282 35.05 30.79 -16.81
CA ASP O 282 35.35 29.47 -17.33
C ASP O 282 36.62 29.42 -18.16
N ARG O 283 37.34 30.52 -18.26
CA ARG O 283 38.58 30.61 -19.03
C ARG O 283 39.66 31.23 -18.16
N PRO O 284 40.25 30.47 -17.24
CA PRO O 284 41.29 31.02 -16.38
C PRO O 284 42.60 31.20 -17.14
N TYR O 285 43.42 32.13 -16.65
CA TYR O 285 44.75 32.34 -17.21
C TYR O 285 45.68 32.86 -16.13
N SER O 286 46.95 32.53 -16.27
CA SER O 286 47.99 32.92 -15.32
C SER O 286 49.21 33.42 -16.08
N PRO O 287 49.91 34.41 -15.55
CA PRO O 287 51.09 34.93 -16.23
C PRO O 287 52.28 33.99 -16.10
N PHE O 288 53.20 34.12 -17.06
CA PHE O 288 54.46 33.39 -17.03
C PHE O 288 55.57 34.33 -16.59
N LEU O 289 56.42 33.86 -15.68
CA LEU O 289 57.43 34.68 -15.04
C LEU O 289 58.82 34.18 -15.43
N LEU O 290 59.65 35.08 -15.93
CA LEU O 290 61.02 34.75 -16.33
C LEU O 290 61.98 35.75 -15.72
N PHE O 291 63.11 35.25 -15.23
CA PHE O 291 64.17 36.06 -14.66
C PHE O 291 65.50 35.64 -15.27
N HIS O 292 66.40 36.60 -15.41
CA HIS O 292 67.68 36.33 -16.07
C HIS O 292 68.74 37.29 -15.54
N GLY O 293 70.00 36.95 -15.83
CA GLY O 293 71.12 37.78 -15.43
C GLY O 293 71.56 37.62 -14.00
N THR O 294 71.05 36.63 -13.28
CA THR O 294 71.37 36.44 -11.88
C THR O 294 71.82 35.00 -11.64
N SER O 295 72.50 34.81 -10.52
CA SER O 295 72.89 33.47 -10.09
C SER O 295 71.68 32.74 -9.50
N ASP O 296 71.82 31.42 -9.36
CA ASP O 296 70.76 30.60 -8.81
C ASP O 296 70.68 30.69 -7.29
N ALA O 297 71.64 31.36 -6.64
CA ALA O 297 71.59 31.49 -5.19
C ALA O 297 70.41 32.34 -4.74
N ASN O 298 70.24 33.51 -5.34
CA ASN O 298 69.11 34.38 -5.02
C ASN O 298 67.88 34.07 -5.86
N LEU O 299 68.03 33.32 -6.95
CA LEU O 299 66.86 32.94 -7.74
C LEU O 299 66.04 31.88 -7.00
N TYR O 300 66.71 30.88 -6.43
CA TYR O 300 66.00 29.87 -5.64
C TYR O 300 65.54 30.45 -4.30
N GLU O 301 66.28 31.41 -3.76
CA GLU O 301 65.95 31.97 -2.46
C GLU O 301 64.70 32.83 -2.58
N LEU O 302 64.58 33.58 -3.68
CA LEU O 302 63.33 34.24 -4.03
C LEU O 302 62.22 33.22 -4.30
N LYS O 303 62.56 32.12 -4.98
CA LYS O 303 61.57 31.09 -5.31
C LYS O 303 61.02 30.44 -4.05
N ASN O 304 61.84 30.35 -3.00
CA ASN O 304 61.39 29.69 -1.77
C ASN O 304 60.41 30.55 -0.98
N GLN O 305 60.59 31.89 -0.99
CA GLN O 305 59.67 32.75 -0.26
C GLN O 305 58.30 32.79 -0.90
N LEU O 306 58.25 32.79 -2.23
CA LEU O 306 56.96 32.90 -2.94
C LEU O 306 56.08 31.70 -2.67
N PHE O 307 56.67 30.51 -2.52
CA PHE O 307 55.89 29.34 -2.13
C PHE O 307 55.52 29.38 -0.67
N ASN O 308 56.32 30.05 0.17
CA ASN O 308 55.99 30.16 1.58
C ASN O 308 54.81 31.11 1.83
N GLU O 309 54.66 32.13 0.98
CA GLU O 309 53.55 33.07 1.11
C GLU O 309 52.31 32.65 0.34
N ASP O 310 52.16 31.34 0.09
CA ASP O 310 50.97 30.74 -0.52
C ASP O 310 50.71 31.29 -1.93
N LEU O 311 51.76 31.73 -2.61
CA LEU O 311 51.68 32.11 -4.02
C LEU O 311 52.18 30.93 -4.83
N ILE O 312 51.29 29.94 -5.00
CA ILE O 312 51.67 28.66 -5.58
C ILE O 312 51.92 28.82 -7.08
N PHE O 313 53.07 28.32 -7.53
CA PHE O 313 53.47 28.42 -8.93
C PHE O 313 54.00 27.07 -9.39
N THR O 314 54.31 26.98 -10.68
CA THR O 314 54.94 25.81 -11.27
C THR O 314 56.08 26.27 -12.16
N ASP O 315 57.08 25.40 -12.32
CA ASP O 315 58.24 25.73 -13.13
C ASP O 315 58.67 24.58 -14.04
N GLY O 316 57.81 23.59 -14.26
CA GLY O 316 58.18 22.45 -15.05
C GLY O 316 59.02 21.41 -14.33
N TYR O 317 59.22 21.56 -13.03
CA TYR O 317 60.01 20.63 -12.22
C TYR O 317 59.15 20.20 -11.04
N PRO O 318 58.22 19.28 -11.24
CA PRO O 318 57.31 18.89 -10.15
C PRO O 318 57.96 18.09 -9.04
N PHE O 319 59.17 17.56 -9.25
CA PHE O 319 59.86 16.79 -8.22
C PHE O 319 61.35 17.00 -8.38
N LYS O 320 62.09 16.56 -7.37
CA LYS O 320 63.54 16.73 -7.38
C LYS O 320 64.18 15.82 -8.42
N GLY O 321 65.17 16.36 -9.14
CA GLY O 321 65.83 15.62 -10.18
C GLY O 321 64.99 15.38 -11.42
N SER O 322 64.00 16.22 -11.67
CA SER O 322 63.11 16.05 -12.81
C SER O 322 63.69 16.74 -14.04
N VAL O 323 63.36 16.21 -15.21
CA VAL O 323 63.62 16.89 -16.46
C VAL O 323 62.56 17.97 -16.61
N PHE O 324 62.75 18.89 -17.56
CA PHE O 324 61.80 19.97 -17.73
C PHE O 324 60.52 19.43 -18.35
N THR O 325 59.41 19.58 -17.63
CA THR O 325 58.11 19.13 -18.09
C THR O 325 57.24 20.34 -18.38
N PRO O 326 57.14 20.79 -19.63
CA PRO O 326 56.30 21.95 -19.94
C PRO O 326 54.81 21.70 -19.74
N LYS O 327 54.39 20.43 -19.67
CA LYS O 327 52.98 20.11 -19.51
C LYS O 327 52.43 20.61 -18.17
N MET O 328 53.30 20.75 -17.16
CA MET O 328 52.88 21.36 -15.89
C MET O 328 52.51 22.82 -16.07
N LEU O 329 53.24 23.54 -16.93
CA LEU O 329 52.94 24.96 -17.14
C LEU O 329 51.67 25.17 -17.96
N ILE O 330 51.33 24.24 -18.84
CA ILE O 330 50.05 24.33 -19.56
C ILE O 330 48.89 24.11 -18.61
N GLU O 331 48.98 23.06 -17.77
CA GLU O 331 47.93 22.82 -16.78
C GLU O 331 47.91 23.91 -15.72
N GLY O 332 49.07 24.42 -15.33
CA GLY O 332 49.12 25.52 -14.39
C GLY O 332 48.60 26.82 -14.96
N PHE O 333 48.63 26.98 -16.29
CA PHE O 333 48.04 28.14 -16.93
C PHE O 333 46.53 28.16 -16.75
N SER O 334 45.88 26.99 -16.85
CA SER O 334 44.44 26.88 -16.73
C SER O 334 43.98 26.44 -15.34
N ASN O 335 44.91 26.33 -14.38
CA ASN O 335 44.55 25.94 -13.03
C ASN O 335 44.26 27.19 -12.19
N LYS O 336 43.13 27.15 -11.47
CA LYS O 336 42.77 28.29 -10.63
C LYS O 336 43.62 28.35 -9.37
N GLU O 337 44.12 27.21 -8.91
CA GLU O 337 44.91 27.15 -7.69
C GLU O 337 46.40 27.41 -7.91
N ILE O 338 46.84 27.53 -9.16
CA ILE O 338 48.21 27.89 -9.49
C ILE O 338 48.19 29.33 -10.00
N HIS O 339 48.89 30.20 -9.30
CA HIS O 339 48.73 31.64 -9.52
C HIS O 339 49.53 32.12 -10.72
N PHE O 340 50.76 31.63 -10.89
CA PHE O 340 51.57 32.01 -12.04
C PHE O 340 52.51 30.85 -12.37
N GLN O 341 53.34 31.07 -13.38
CA GLN O 341 54.30 30.06 -13.84
C GLN O 341 55.70 30.66 -13.83
N PHE O 342 56.64 29.94 -13.22
CA PHE O 342 58.03 30.36 -13.19
C PHE O 342 58.80 29.71 -14.34
N ILE O 343 59.73 30.48 -14.92
CA ILE O 343 60.63 29.97 -15.93
C ILE O 343 62.05 30.22 -15.44
N ASN O 344 62.86 29.16 -15.37
CA ASN O 344 64.17 29.26 -14.75
C ASN O 344 65.18 29.98 -15.64
N ASP O 345 65.20 29.69 -16.94
CA ASP O 345 66.24 30.20 -17.82
C ASP O 345 65.72 30.26 -19.25
N ILE O 346 66.59 30.70 -20.16
CA ILE O 346 66.20 30.86 -21.56
C ILE O 346 66.05 29.52 -22.28
N ASP O 347 66.69 28.46 -21.77
CA ASP O 347 66.49 27.14 -22.37
C ASP O 347 65.13 26.56 -21.99
N ASP O 348 64.69 26.81 -20.76
CA ASP O 348 63.34 26.44 -20.36
C ASP O 348 62.31 27.27 -21.10
N PHE O 349 62.61 28.55 -21.34
CA PHE O 349 61.66 29.46 -22.00
C PHE O 349 61.41 29.05 -23.44
N ASN O 350 62.46 28.67 -24.17
CA ASN O 350 62.29 28.30 -25.57
C ASN O 350 61.55 26.97 -25.69
N GLU O 351 61.80 26.04 -24.78
CA GLU O 351 61.04 24.80 -24.75
C GLU O 351 59.60 25.04 -24.32
N THR O 352 59.39 26.01 -23.42
CA THR O 352 58.03 26.43 -23.08
C THR O 352 57.32 27.05 -24.28
N LEU O 353 58.06 27.81 -25.08
CA LEU O 353 57.49 28.58 -26.19
C LEU O 353 56.83 27.69 -27.24
N ASN O 354 57.34 26.47 -27.41
CA ASN O 354 56.80 25.54 -28.39
C ASN O 354 55.71 24.63 -27.80
N SER O 355 55.30 24.88 -26.56
CA SER O 355 54.34 24.01 -25.88
C SER O 355 52.93 24.58 -25.82
N ILE O 356 52.77 25.84 -25.45
CA ILE O 356 51.45 26.48 -25.53
C ILE O 356 51.17 26.82 -26.98
N ASN O 357 50.04 26.34 -27.48
CA ASN O 357 49.66 26.61 -28.87
C ASN O 357 48.95 27.95 -29.02
N ILE O 358 48.25 28.41 -27.99
CA ILE O 358 47.48 29.66 -28.04
C ILE O 358 48.41 30.86 -28.12
N ARG O 359 47.86 32.04 -28.40
CA ARG O 359 48.65 33.24 -28.63
C ARG O 359 49.46 33.63 -27.40
N LYS O 360 50.74 33.91 -27.61
CA LYS O 360 51.67 34.27 -26.56
C LYS O 360 52.22 35.66 -26.82
N GLU O 361 52.19 36.52 -25.80
CA GLU O 361 52.87 37.82 -25.85
C GLU O 361 53.91 37.88 -24.75
N VAL O 362 55.03 38.53 -25.06
CA VAL O 362 56.16 38.64 -24.16
C VAL O 362 56.32 40.11 -23.76
N TYR O 363 56.35 40.37 -22.46
CA TYR O 363 56.60 41.71 -21.93
C TYR O 363 57.94 41.68 -21.21
N GLN O 364 58.91 42.42 -21.74
CA GLN O 364 60.24 42.51 -21.16
C GLN O 364 60.39 43.83 -20.41
N PHE O 365 60.69 43.75 -19.12
CA PHE O 365 61.04 44.90 -18.31
C PHE O 365 62.47 44.70 -17.83
N TYR O 366 63.36 45.64 -18.16
CA TYR O 366 64.78 45.46 -17.94
C TYR O 366 65.43 46.82 -17.70
N THR O 367 66.65 46.80 -17.18
CA THR O 367 67.41 48.03 -16.99
C THR O 367 68.59 48.14 -17.96
N GLU O 368 69.45 47.11 -18.04
CA GLU O 368 70.61 47.20 -18.92
C GLU O 368 70.74 46.06 -19.92
N ASN O 369 70.32 44.84 -19.59
CA ASN O 369 70.40 43.71 -20.52
C ASN O 369 69.03 43.37 -21.08
N CYS O 370 68.98 43.19 -22.40
CA CYS O 370 67.78 42.75 -23.11
C CYS O 370 67.99 41.34 -23.64
N LEU O 371 67.05 40.45 -23.31
CA LEU O 371 67.09 39.10 -23.84
C LEU O 371 66.61 39.08 -25.29
N ASP O 372 66.99 38.01 -25.99
CA ASP O 372 66.61 37.82 -27.39
C ASP O 372 65.36 36.94 -27.43
N ILE O 373 64.30 37.46 -28.04
CA ILE O 373 63.04 36.74 -28.18
C ILE O 373 62.85 36.46 -29.66
N PRO O 374 62.32 35.30 -30.05
CA PRO O 374 62.02 35.07 -31.48
C PRO O 374 61.04 36.09 -32.02
N SER O 375 61.29 36.51 -33.26
CA SER O 375 60.57 37.62 -33.87
C SER O 375 59.16 37.28 -34.30
N GLN O 376 58.72 36.04 -34.13
CA GLN O 376 57.36 35.63 -34.48
C GLN O 376 56.35 35.92 -33.36
N LEU O 377 56.80 36.48 -32.24
CA LEU O 377 55.90 36.73 -31.12
C LEU O 377 55.69 38.22 -30.90
N PRO O 378 54.49 38.63 -30.51
CA PRO O 378 54.26 40.04 -30.15
C PRO O 378 54.98 40.41 -28.86
N GLN O 379 56.02 41.23 -28.97
CA GLN O 379 56.87 41.56 -27.83
C GLN O 379 56.92 43.06 -27.64
N VAL O 380 56.96 43.49 -26.37
CA VAL O 380 57.28 44.87 -26.03
C VAL O 380 58.52 44.85 -25.15
N ASN O 381 59.34 45.89 -25.30
CA ASN O 381 60.57 46.06 -24.53
C ASN O 381 60.49 47.38 -23.78
N ILE O 382 60.64 47.33 -22.46
CA ILE O 382 60.55 48.50 -21.61
C ILE O 382 61.85 48.62 -20.83
N GLN O 383 62.51 49.77 -20.94
CA GLN O 383 63.72 50.07 -20.18
C GLN O 383 63.34 50.99 -19.03
N VAL O 384 63.69 50.58 -17.80
CA VAL O 384 63.35 51.32 -16.60
C VAL O 384 64.63 51.77 -15.91
N LYS O 385 64.48 52.76 -15.03
CA LYS O 385 65.64 53.30 -14.30
C LYS O 385 66.20 52.27 -13.34
N ASP O 386 65.34 51.61 -12.57
CA ASP O 386 65.73 50.44 -11.80
C ASP O 386 64.52 49.52 -11.70
N PHE O 387 64.63 48.47 -10.89
CA PHE O 387 63.57 47.47 -10.79
C PHE O 387 62.32 48.03 -10.12
N ALA O 388 62.44 49.14 -9.38
CA ALA O 388 61.32 49.69 -8.63
C ALA O 388 60.25 50.31 -9.52
N ASP O 389 60.59 50.77 -10.72
CA ASP O 389 59.57 51.36 -11.59
C ASP O 389 58.69 50.33 -12.27
N ILE O 390 59.04 49.04 -12.21
CA ILE O 390 58.29 48.02 -12.95
C ILE O 390 56.90 47.82 -12.37
N LYS O 391 56.77 47.88 -11.04
CA LYS O 391 55.53 47.46 -10.39
C LYS O 391 54.37 48.40 -10.68
N GLU O 392 54.62 49.70 -10.76
CA GLU O 392 53.55 50.63 -11.10
C GLU O 392 53.32 50.73 -12.61
N ILE O 393 54.23 50.22 -13.45
CA ILE O 393 53.89 50.02 -14.85
C ILE O 393 52.87 48.90 -15.00
N VAL O 394 53.07 47.79 -14.28
CA VAL O 394 52.08 46.72 -14.21
C VAL O 394 51.19 46.93 -12.99
N GLY P 224 32.79 74.91 -35.57
CA GLY P 224 33.18 73.82 -36.45
C GLY P 224 32.05 73.17 -37.23
N ARG P 225 32.37 72.10 -37.97
CA ARG P 225 31.39 71.44 -38.83
C ARG P 225 30.51 70.49 -38.03
N LYS P 226 31.03 69.95 -36.94
CA LYS P 226 30.27 69.11 -36.03
C LYS P 226 29.34 69.96 -35.17
N GLU P 227 29.65 71.25 -35.06
CA GLU P 227 28.89 72.14 -34.20
C GLU P 227 27.42 72.25 -34.61
N TYR P 228 27.11 72.12 -35.90
CA TYR P 228 25.72 72.03 -36.32
C TYR P 228 25.09 70.69 -35.93
N LEU P 229 25.88 69.61 -35.91
CA LEU P 229 25.32 68.30 -35.60
C LEU P 229 24.93 68.18 -34.12
N ARG P 230 25.72 68.77 -33.22
CA ARG P 230 25.39 68.68 -31.80
C ARG P 230 24.13 69.46 -31.48
N LYS P 231 23.96 70.63 -32.12
CA LYS P 231 22.78 71.47 -31.93
C LYS P 231 21.50 70.77 -32.36
N LEU P 232 21.60 69.76 -33.23
CA LEU P 232 20.46 68.99 -33.68
C LEU P 232 20.34 67.66 -32.93
N LYS P 233 21.40 67.23 -32.24
CA LYS P 233 21.38 65.95 -31.55
C LYS P 233 20.75 66.06 -30.17
N GLU P 234 21.36 66.86 -29.28
CA GLU P 234 20.96 66.88 -27.88
C GLU P 234 19.87 67.90 -27.56
N SER P 235 19.50 68.75 -28.52
CA SER P 235 18.48 69.76 -28.25
C SER P 235 17.09 69.37 -28.75
N PHE P 236 17.00 68.42 -29.68
CA PHE P 236 15.72 67.98 -30.21
C PHE P 236 15.46 66.50 -29.98
N ILE P 237 16.45 65.64 -30.26
CA ILE P 237 16.28 64.20 -30.20
C ILE P 237 17.17 63.66 -29.08
N ARG P 238 17.27 64.42 -27.99
CA ARG P 238 17.90 63.93 -26.78
C ARG P 238 17.21 62.65 -26.30
N ARG P 239 18.01 61.69 -25.84
CA ARG P 239 17.51 60.36 -25.54
C ARG P 239 17.90 59.96 -24.12
N SER P 240 16.93 59.44 -23.38
CA SER P 240 17.19 58.86 -22.08
C SER P 240 17.38 57.35 -22.22
N VAL P 241 18.11 56.77 -21.25
CA VAL P 241 18.40 55.34 -21.29
C VAL P 241 17.19 54.49 -20.91
N ASN P 242 16.17 55.09 -20.30
CA ASN P 242 14.97 54.39 -19.85
C ASN P 242 13.72 55.08 -20.37
N THR P 243 13.70 55.36 -21.66
CA THR P 243 12.57 56.07 -22.26
C THR P 243 11.31 55.22 -22.24
N SER P 244 10.20 55.86 -21.90
CA SER P 244 8.92 55.18 -21.74
C SER P 244 8.33 54.81 -23.10
N PRO P 245 7.49 53.76 -23.15
CA PRO P 245 6.95 53.31 -24.45
C PRO P 245 5.93 54.24 -25.07
N TYR P 246 6.42 55.27 -25.75
CA TYR P 246 5.57 56.20 -26.49
C TYR P 246 5.42 55.75 -27.94
N ALA P 247 4.33 56.19 -28.57
CA ALA P 247 4.10 55.93 -29.98
C ALA P 247 4.95 56.92 -30.78
N ARG P 248 6.20 56.56 -31.00
CA ARG P 248 7.15 57.46 -31.62
C ARG P 248 7.02 57.40 -33.14
N PHE P 249 6.80 58.55 -33.76
CA PHE P 249 6.65 58.66 -35.21
C PHE P 249 7.88 59.35 -35.78
N PHE P 250 8.47 58.73 -36.81
CA PHE P 250 9.63 59.27 -37.50
C PHE P 250 9.25 59.53 -38.95
N ILE P 251 9.22 60.80 -39.33
CA ILE P 251 8.87 61.21 -40.69
C ILE P 251 10.17 61.60 -41.40
N LEU P 252 10.50 60.87 -42.45
CA LEU P 252 11.73 61.07 -43.21
C LEU P 252 11.38 61.41 -44.66
N GLU P 253 12.15 62.31 -45.25
CA GLU P 253 11.91 62.76 -46.62
C GLU P 253 12.76 61.92 -47.57
N PHE P 254 12.12 60.95 -48.22
CA PHE P 254 12.71 60.23 -49.34
C PHE P 254 12.31 60.97 -50.61
N GLN P 255 13.28 61.45 -51.38
CA GLN P 255 12.97 62.36 -52.48
C GLN P 255 13.75 61.98 -53.74
N ASP P 256 13.91 60.68 -53.99
CA ASP P 256 14.40 60.08 -55.22
C ASP P 256 15.86 60.40 -55.55
N LYS P 257 16.55 61.20 -54.73
CA LYS P 257 17.95 61.49 -54.95
C LYS P 257 18.87 60.74 -54.00
N THR P 258 18.43 60.50 -52.78
CA THR P 258 19.16 59.67 -51.84
C THR P 258 19.00 58.20 -52.23
N ASP P 259 20.09 57.44 -52.08
CA ASP P 259 20.04 56.03 -52.43
C ASP P 259 19.33 55.23 -51.34
N ILE P 260 18.91 54.02 -51.70
CA ILE P 260 18.18 53.15 -50.79
C ILE P 260 19.07 52.72 -49.62
N LYS P 261 20.37 52.53 -49.87
CA LYS P 261 21.29 52.06 -48.83
C LYS P 261 21.41 53.06 -47.68
N THR P 262 21.51 54.36 -48.00
CA THR P 262 21.64 55.37 -46.96
C THR P 262 20.36 55.50 -46.14
N VAL P 263 19.21 55.19 -46.74
CA VAL P 263 17.96 55.17 -45.99
C VAL P 263 17.94 54.00 -45.00
N LYS P 264 18.46 52.85 -45.42
CA LYS P 264 18.46 51.66 -44.56
C LYS P 264 19.33 51.84 -43.33
N ASP P 265 20.48 52.50 -43.49
CA ASP P 265 21.33 52.80 -42.34
C ASP P 265 20.63 53.75 -41.37
N CYS P 266 19.89 54.72 -41.89
CA CYS P 266 19.09 55.60 -41.04
C CYS P 266 17.96 54.83 -40.37
N ILE P 267 17.34 53.90 -41.09
CA ILE P 267 16.23 53.11 -40.53
C ILE P 267 16.73 52.20 -39.42
N TYR P 268 17.87 51.54 -39.64
CA TYR P 268 18.43 50.67 -38.61
C TYR P 268 18.87 51.46 -37.39
N LYS P 269 19.38 52.67 -37.58
CA LYS P 269 19.76 53.52 -36.46
C LYS P 269 18.53 54.01 -35.70
N ILE P 270 17.47 54.34 -36.43
CA ILE P 270 16.20 54.70 -35.80
C ILE P 270 15.63 53.52 -35.04
N GLN P 271 15.76 52.32 -35.60
CA GLN P 271 15.31 51.11 -34.93
C GLN P 271 16.11 50.85 -33.65
N SER P 272 17.44 50.91 -33.73
CA SER P 272 18.29 50.47 -32.63
C SER P 272 18.13 51.37 -31.40
N ASN P 273 18.02 52.68 -31.60
CA ASN P 273 17.94 53.59 -30.46
C ASN P 273 16.55 53.65 -29.86
N TRP P 274 15.51 53.67 -30.70
CA TRP P 274 14.16 54.01 -30.23
C TRP P 274 13.22 52.82 -30.19
N SER P 275 13.73 51.60 -30.09
CA SER P 275 12.92 50.44 -29.80
C SER P 275 13.62 49.59 -28.74
N ASN P 276 12.87 49.18 -27.73
CA ASN P 276 13.38 48.29 -26.69
C ASN P 276 12.53 47.02 -26.78
N LEU P 277 13.10 45.98 -27.38
CA LEU P 277 12.40 44.72 -27.61
C LEU P 277 13.06 43.59 -26.83
N SER P 278 13.71 43.92 -25.72
CA SER P 278 14.36 42.91 -24.89
C SER P 278 13.32 42.06 -24.18
N LYS P 279 13.68 40.81 -23.91
CA LYS P 279 12.77 39.90 -23.23
C LYS P 279 12.59 40.24 -21.75
N ARG P 280 13.49 41.04 -21.18
CA ARG P 280 13.38 41.40 -19.78
C ARG P 280 12.18 42.31 -19.52
N THR P 281 11.94 43.26 -20.42
CA THR P 281 10.92 44.28 -20.19
C THR P 281 9.52 43.70 -20.31
N ASP P 282 8.55 44.49 -19.81
CA ASP P 282 7.14 44.18 -19.95
C ASP P 282 6.40 45.24 -20.77
N ARG P 283 7.09 46.29 -21.22
CA ARG P 283 6.50 47.37 -22.00
C ARG P 283 7.33 47.60 -23.25
N PRO P 284 7.20 46.74 -24.25
CA PRO P 284 7.95 46.94 -25.50
C PRO P 284 7.37 48.08 -26.31
N TYR P 285 8.22 48.65 -27.17
CA TYR P 285 7.80 49.71 -28.08
C TYR P 285 8.64 49.67 -29.33
N SER P 286 8.07 50.15 -30.43
CA SER P 286 8.72 50.21 -31.73
C SER P 286 8.41 51.55 -32.38
N PRO P 287 9.34 52.11 -33.15
CA PRO P 287 9.09 53.40 -33.78
C PRO P 287 8.29 53.27 -35.08
N PHE P 288 7.45 54.28 -35.31
CA PHE P 288 6.66 54.37 -36.54
C PHE P 288 7.43 55.19 -37.56
N LEU P 289 7.58 54.66 -38.77
CA LEU P 289 8.34 55.32 -39.82
C LEU P 289 7.44 55.61 -41.01
N LEU P 290 7.50 56.84 -41.50
CA LEU P 290 6.73 57.28 -42.65
C LEU P 290 7.63 58.02 -43.63
N PHE P 291 7.46 57.72 -44.91
CA PHE P 291 8.23 58.34 -45.98
C PHE P 291 7.31 59.07 -46.93
N HIS P 292 7.78 60.20 -47.45
CA HIS P 292 6.98 61.04 -48.33
C HIS P 292 7.88 61.70 -49.36
N GLY P 293 7.30 62.02 -50.51
CA GLY P 293 8.02 62.70 -51.57
C GLY P 293 8.65 61.81 -52.62
N THR P 294 8.61 60.49 -52.44
CA THR P 294 9.18 59.56 -53.40
C THR P 294 8.07 58.73 -54.04
N SER P 295 8.42 58.07 -55.15
CA SER P 295 7.48 57.20 -55.83
C SER P 295 7.30 55.90 -55.07
N ASP P 296 6.26 55.15 -55.44
CA ASP P 296 6.02 53.86 -54.81
C ASP P 296 6.98 52.79 -55.30
N ALA P 297 7.64 53.00 -56.44
CA ALA P 297 8.55 51.99 -56.98
C ALA P 297 9.77 51.79 -56.11
N ASN P 298 10.44 52.89 -55.74
CA ASN P 298 11.59 52.78 -54.85
C ASN P 298 11.18 52.69 -53.38
N LEU P 299 9.93 53.04 -53.07
CA LEU P 299 9.45 52.84 -51.70
C LEU P 299 9.27 51.35 -51.42
N TYR P 300 8.68 50.61 -52.36
CA TYR P 300 8.56 49.17 -52.21
C TYR P 300 9.91 48.48 -52.32
N GLU P 301 10.81 49.03 -53.15
CA GLU P 301 12.15 48.47 -53.29
C GLU P 301 12.92 48.61 -51.98
N LEU P 302 12.80 49.76 -51.32
CA LEU P 302 13.30 49.92 -49.96
C LEU P 302 12.57 49.00 -49.00
N LYS P 303 11.27 48.85 -49.18
CA LYS P 303 10.46 48.01 -48.29
C LYS P 303 10.83 46.54 -48.41
N ASN P 304 11.19 46.10 -49.62
CA ASN P 304 11.51 44.69 -49.82
C ASN P 304 12.89 44.33 -49.26
N GLN P 305 13.85 45.25 -49.34
CA GLN P 305 15.17 44.97 -48.80
C GLN P 305 15.17 44.90 -47.28
N LEU P 306 14.32 45.69 -46.62
CA LEU P 306 14.23 45.66 -45.16
C LEU P 306 13.72 44.31 -44.66
N PHE P 307 12.74 43.74 -45.36
CA PHE P 307 12.22 42.44 -44.96
C PHE P 307 13.18 41.31 -45.29
N ASN P 308 14.01 41.50 -46.32
CA ASN P 308 14.99 40.47 -46.68
C ASN P 308 16.10 40.37 -45.65
N GLU P 309 16.43 41.47 -44.97
CA GLU P 309 17.49 41.49 -43.96
C GLU P 309 16.96 41.19 -42.56
N ASP P 310 15.85 40.46 -42.45
CA ASP P 310 15.27 40.02 -41.17
C ASP P 310 14.92 41.18 -40.25
N LEU P 311 14.60 42.34 -40.83
CA LEU P 311 14.03 43.45 -40.09
C LEU P 311 12.52 43.43 -40.32
N ILE P 312 11.84 42.57 -39.56
CA ILE P 312 10.41 42.35 -39.75
C ILE P 312 9.64 43.57 -39.27
N PHE P 313 8.74 44.08 -40.12
CA PHE P 313 7.93 45.24 -39.81
C PHE P 313 6.49 44.95 -40.22
N THR P 314 5.60 45.89 -39.91
CA THR P 314 4.21 45.82 -40.33
C THR P 314 3.82 47.16 -40.95
N ASP P 315 2.88 47.11 -41.89
CA ASP P 315 2.46 48.33 -42.58
C ASP P 315 0.96 48.45 -42.70
N GLY P 316 0.18 47.64 -41.97
CA GLY P 316 -1.27 47.71 -42.05
C GLY P 316 -1.88 46.96 -43.21
N TYR P 317 -1.07 46.27 -44.02
CA TYR P 317 -1.56 45.43 -45.12
C TYR P 317 -0.99 44.04 -44.92
N PRO P 318 -1.64 43.20 -44.10
CA PRO P 318 -1.10 41.86 -43.83
C PRO P 318 -1.19 40.91 -45.01
N PHE P 319 -1.98 41.22 -46.02
CA PHE P 319 -2.10 40.37 -47.19
C PHE P 319 -2.29 41.25 -48.43
N LYS P 320 -2.22 40.61 -49.59
CA LYS P 320 -2.35 41.33 -50.85
C LYS P 320 -3.79 41.79 -51.07
N GLY P 321 -3.95 43.02 -51.57
CA GLY P 321 -5.27 43.56 -51.81
C GLY P 321 -6.03 43.91 -50.55
N SER P 322 -5.33 44.20 -49.46
CA SER P 322 -5.95 44.47 -48.18
C SER P 322 -6.27 45.95 -48.02
N VAL P 323 -7.37 46.22 -47.32
CA VAL P 323 -7.59 47.56 -46.79
C VAL P 323 -6.62 47.79 -45.63
N PHE P 324 -6.16 49.03 -45.49
CA PHE P 324 -5.24 49.41 -44.42
C PHE P 324 -5.80 49.04 -43.06
N THR P 325 -5.10 48.14 -42.37
CA THR P 325 -5.56 47.57 -41.11
C THR P 325 -4.77 48.22 -39.97
N PRO P 326 -5.36 49.17 -39.25
CA PRO P 326 -4.59 49.89 -38.22
C PRO P 326 -4.20 49.03 -37.04
N LYS P 327 -5.01 48.03 -36.72
CA LYS P 327 -4.73 47.19 -35.57
C LYS P 327 -3.52 46.29 -35.78
N MET P 328 -3.15 46.01 -37.04
CA MET P 328 -1.86 45.38 -37.32
C MET P 328 -0.68 46.23 -36.87
N LEU P 329 -0.83 47.55 -36.90
CA LEU P 329 0.18 48.43 -36.32
C LEU P 329 0.06 48.55 -34.80
N ILE P 330 -0.97 47.96 -34.19
CA ILE P 330 -1.19 48.11 -32.75
C ILE P 330 -0.53 47.00 -31.95
N GLU P 331 -0.78 45.72 -32.24
CA GLU P 331 -0.06 44.69 -31.49
C GLU P 331 1.40 44.66 -31.90
N GLY P 332 1.72 45.11 -33.12
CA GLY P 332 3.09 45.21 -33.54
C GLY P 332 3.88 46.25 -32.77
N PHE P 333 3.18 47.22 -32.16
CA PHE P 333 3.84 48.16 -31.27
C PHE P 333 4.30 47.47 -29.99
N SER P 334 3.52 46.51 -29.51
CA SER P 334 3.84 45.73 -28.32
C SER P 334 4.47 44.38 -28.67
N ASN P 335 4.71 44.11 -29.94
CA ASN P 335 5.32 42.85 -30.35
C ASN P 335 6.84 42.99 -30.36
N LYS P 336 7.52 42.06 -29.67
CA LYS P 336 8.97 42.09 -29.66
C LYS P 336 9.56 41.59 -30.98
N GLU P 337 8.83 40.74 -31.69
CA GLU P 337 9.30 40.17 -32.94
C GLU P 337 9.05 41.07 -34.14
N ILE P 338 8.27 42.13 -33.98
CA ILE P 338 8.07 43.13 -35.03
C ILE P 338 8.94 44.32 -34.68
N HIS P 339 9.86 44.67 -35.58
CA HIS P 339 10.92 45.61 -35.23
C HIS P 339 10.47 47.06 -35.32
N PHE P 340 9.74 47.43 -36.37
CA PHE P 340 9.23 48.79 -36.50
C PHE P 340 7.93 48.75 -37.29
N GLN P 341 7.40 49.92 -37.60
CA GLN P 341 6.16 50.04 -38.35
C GLN P 341 6.38 50.97 -39.53
N PHE P 342 5.93 50.54 -40.71
CA PHE P 342 6.06 51.30 -41.93
C PHE P 342 4.73 51.96 -42.27
N ILE P 343 4.77 53.23 -42.62
CA ILE P 343 3.58 53.97 -43.04
C ILE P 343 3.78 54.38 -44.49
N ASN P 344 2.85 53.98 -45.36
CA ASN P 344 3.03 54.16 -46.79
C ASN P 344 2.81 55.60 -47.22
N ASP P 345 1.76 56.26 -46.70
CA ASP P 345 1.39 57.58 -47.17
C ASP P 345 0.80 58.39 -46.02
N ILE P 346 0.38 59.61 -46.34
CA ILE P 346 -0.19 60.51 -45.34
C ILE P 346 -1.55 60.00 -44.88
N ASP P 347 -2.33 59.42 -45.81
CA ASP P 347 -3.66 58.93 -45.46
C ASP P 347 -3.59 57.78 -44.48
N ASP P 348 -2.57 56.93 -44.61
CA ASP P 348 -2.34 55.91 -43.59
C ASP P 348 -1.80 56.50 -42.30
N PHE P 349 -1.04 57.60 -42.40
CA PHE P 349 -0.52 58.25 -41.21
C PHE P 349 -1.62 58.90 -40.39
N ASN P 350 -2.55 59.59 -41.06
CA ASN P 350 -3.55 60.37 -40.35
C ASN P 350 -4.60 59.49 -39.69
N GLU P 351 -4.96 58.36 -40.33
CA GLU P 351 -6.03 57.54 -39.79
C GLU P 351 -5.51 56.58 -38.73
N THR P 352 -4.21 56.25 -38.78
CA THR P 352 -3.58 55.55 -37.66
C THR P 352 -3.47 56.46 -36.43
N LEU P 353 -3.39 57.77 -36.65
CA LEU P 353 -3.28 58.74 -35.55
C LEU P 353 -4.50 58.68 -34.63
N ASN P 354 -5.64 58.27 -35.16
CA ASN P 354 -6.85 58.05 -34.37
C ASN P 354 -6.92 56.65 -33.78
N SER P 355 -5.93 55.81 -34.02
CA SER P 355 -5.95 54.42 -33.56
C SER P 355 -5.10 54.19 -32.32
N ILE P 356 -3.96 54.85 -32.19
CA ILE P 356 -3.13 54.72 -31.01
C ILE P 356 -3.67 55.65 -29.93
N ASN P 357 -4.13 55.08 -28.81
CA ASN P 357 -4.69 55.89 -27.74
C ASN P 357 -3.62 56.57 -26.90
N ILE P 358 -2.46 55.92 -26.71
CA ILE P 358 -1.40 56.45 -25.86
C ILE P 358 -0.74 57.65 -26.51
N ARG P 359 0.10 58.35 -25.75
CA ARG P 359 0.77 59.56 -26.22
C ARG P 359 1.67 59.28 -27.41
N LYS P 360 1.56 60.11 -28.44
CA LYS P 360 2.29 59.94 -29.68
C LYS P 360 3.22 61.14 -29.89
N GLU P 361 4.47 60.86 -30.23
CA GLU P 361 5.45 61.89 -30.56
C GLU P 361 5.87 61.74 -32.00
N VAL P 362 5.91 62.85 -32.73
CA VAL P 362 6.25 62.86 -34.15
C VAL P 362 7.56 63.61 -34.33
N TYR P 363 8.53 62.96 -34.98
CA TYR P 363 9.82 63.57 -35.27
C TYR P 363 10.00 63.63 -36.78
N GLN P 364 10.20 64.84 -37.30
CA GLN P 364 10.35 65.05 -38.74
C GLN P 364 11.81 65.37 -39.06
N PHE P 365 12.35 64.66 -40.03
CA PHE P 365 13.66 64.96 -40.63
C PHE P 365 13.45 65.13 -42.12
N TYR P 366 13.67 66.34 -42.63
CA TYR P 366 13.35 66.66 -44.01
C TYR P 366 14.42 67.56 -44.60
N THR P 367 14.56 67.50 -45.92
CA THR P 367 15.56 68.27 -46.66
C THR P 367 14.97 69.41 -47.48
N GLU P 368 13.84 69.20 -48.15
CA GLU P 368 13.16 70.27 -48.87
C GLU P 368 11.74 70.49 -48.40
N ASN P 369 10.93 69.45 -48.31
CA ASN P 369 9.51 69.57 -47.99
C ASN P 369 9.23 69.03 -46.61
N CYS P 370 8.56 69.82 -45.78
CA CYS P 370 8.14 69.41 -44.45
C CYS P 370 6.66 69.02 -44.48
N LEU P 371 6.36 67.81 -44.00
CA LEU P 371 4.99 67.32 -44.01
C LEU P 371 4.16 68.02 -42.93
N ASP P 372 2.88 68.20 -43.22
CA ASP P 372 1.99 68.89 -42.32
C ASP P 372 1.58 67.88 -41.24
N ILE P 373 1.65 68.31 -39.97
CA ILE P 373 1.22 67.47 -38.87
C ILE P 373 0.11 68.20 -38.11
N PRO P 374 -0.99 67.52 -37.76
CA PRO P 374 -2.03 68.17 -36.95
C PRO P 374 -1.50 68.60 -35.59
N SER P 375 -2.06 69.70 -35.09
CA SER P 375 -1.42 70.51 -34.05
C SER P 375 -1.59 69.99 -32.63
N GLN P 376 -2.34 68.90 -32.40
CA GLN P 376 -2.47 68.41 -31.03
C GLN P 376 -1.37 67.43 -30.66
N LEU P 377 -0.36 67.23 -31.52
CA LEU P 377 0.72 66.31 -31.23
C LEU P 377 2.02 67.05 -30.92
N PRO P 378 2.86 66.50 -30.06
CA PRO P 378 4.22 67.08 -29.88
C PRO P 378 5.08 66.76 -31.08
N GLN P 379 5.48 67.80 -31.81
CA GLN P 379 6.25 67.63 -33.03
C GLN P 379 7.55 68.42 -32.94
N VAL P 380 8.60 67.86 -33.53
CA VAL P 380 9.83 68.59 -33.79
C VAL P 380 10.05 68.60 -35.30
N ASN P 381 10.60 69.68 -35.80
CA ASN P 381 10.93 69.84 -37.22
C ASN P 381 12.41 70.17 -37.33
N ILE P 382 13.17 69.28 -37.95
CA ILE P 382 14.60 69.43 -38.09
C ILE P 382 14.94 69.50 -39.58
N GLN P 383 15.62 70.56 -39.97
CA GLN P 383 16.04 70.75 -41.35
C GLN P 383 17.48 70.25 -41.49
N VAL P 384 17.67 69.21 -42.30
CA VAL P 384 18.98 68.59 -42.48
C VAL P 384 19.53 68.97 -43.84
N LYS P 385 20.85 68.94 -43.96
CA LYS P 385 21.51 69.25 -45.23
C LYS P 385 21.24 68.17 -46.27
N ASP P 386 21.31 66.91 -45.86
CA ASP P 386 20.91 65.79 -46.70
C ASP P 386 20.51 64.63 -45.79
N PHE P 387 20.17 63.50 -46.41
CA PHE P 387 19.67 62.35 -45.66
C PHE P 387 20.74 61.68 -44.80
N ALA P 388 22.02 61.90 -45.11
CA ALA P 388 23.08 61.25 -44.35
C ALA P 388 23.23 61.82 -42.94
N ASP P 389 22.86 63.09 -42.73
CA ASP P 389 23.03 63.71 -41.42
C ASP P 389 21.94 63.29 -40.43
N ILE P 390 20.91 62.58 -40.88
CA ILE P 390 19.83 62.18 -39.98
C ILE P 390 20.33 61.15 -38.98
N LYS P 391 21.15 60.20 -39.44
CA LYS P 391 21.46 59.02 -38.63
C LYS P 391 22.39 59.33 -37.45
N GLU P 392 23.21 60.38 -37.53
CA GLU P 392 23.98 60.78 -36.36
C GLU P 392 23.15 61.62 -35.41
N ILE P 393 22.10 62.28 -35.90
CA ILE P 393 21.17 62.96 -35.01
C ILE P 393 20.42 61.94 -34.17
N VAL P 394 19.94 60.87 -34.80
CA VAL P 394 19.35 59.75 -34.08
C VAL P 394 20.36 58.60 -34.02
N GLY Q 224 49.31 74.39 -0.72
CA GLY Q 224 48.71 74.74 0.55
C GLY Q 224 48.98 73.72 1.63
N ARG Q 225 48.20 73.78 2.72
CA ARG Q 225 48.37 72.80 3.79
C ARG Q 225 47.85 71.45 3.34
N LYS Q 226 46.71 71.42 2.64
CA LYS Q 226 46.08 70.16 2.25
C LYS Q 226 46.88 69.42 1.17
N GLU Q 227 47.84 70.09 0.53
CA GLU Q 227 48.76 69.40 -0.36
C GLU Q 227 49.66 68.43 0.40
N TYR Q 228 49.93 68.72 1.68
CA TYR Q 228 50.73 67.82 2.49
C TYR Q 228 49.96 66.54 2.83
N LEU Q 229 48.65 66.62 2.93
CA LEU Q 229 47.86 65.40 3.11
C LEU Q 229 47.83 64.58 1.83
N ARG Q 230 47.82 65.25 0.68
CA ARG Q 230 47.74 64.55 -0.60
C ARG Q 230 49.06 63.85 -0.94
N LYS Q 231 50.19 64.42 -0.53
CA LYS Q 231 51.50 63.83 -0.83
C LYS Q 231 51.73 62.51 -0.10
N LEU Q 232 51.04 62.28 1.01
CA LEU Q 232 51.21 61.03 1.76
C LEU Q 232 49.99 60.13 1.74
N LYS Q 233 48.86 60.58 1.19
CA LYS Q 233 47.69 59.71 1.07
C LYS Q 233 47.81 58.79 -0.15
N GLU Q 234 47.90 59.36 -1.34
CA GLU Q 234 47.87 58.57 -2.58
C GLU Q 234 49.24 58.06 -3.00
N SER Q 235 50.32 58.48 -2.34
CA SER Q 235 51.65 58.04 -2.72
C SER Q 235 52.18 56.87 -1.90
N PHE Q 236 51.67 56.69 -0.68
CA PHE Q 236 52.14 55.62 0.20
C PHE Q 236 51.04 54.64 0.60
N ILE Q 237 49.85 55.15 0.94
CA ILE Q 237 48.75 54.33 1.44
C ILE Q 237 47.61 54.41 0.43
N ARG Q 238 47.97 54.45 -0.86
CA ARG Q 238 46.98 54.28 -1.91
C ARG Q 238 46.27 52.93 -1.76
N ARG Q 239 44.96 52.94 -2.01
CA ARG Q 239 44.11 51.79 -1.70
C ARG Q 239 43.27 51.43 -2.91
N SER Q 240 43.26 50.14 -3.25
CA SER Q 240 42.38 49.62 -4.28
C SER Q 240 41.10 49.09 -3.64
N VAL Q 241 40.03 49.05 -4.45
CA VAL Q 241 38.73 48.56 -3.96
C VAL Q 241 38.69 47.05 -3.80
N ASN Q 242 39.65 46.33 -4.36
CA ASN Q 242 39.70 44.87 -4.31
C ASN Q 242 41.07 44.40 -3.85
N THR Q 243 41.54 44.98 -2.75
CA THR Q 243 42.85 44.63 -2.21
C THR Q 243 42.88 43.20 -1.71
N SER Q 244 43.99 42.51 -1.98
CA SER Q 244 44.12 41.11 -1.67
C SER Q 244 44.34 40.90 -0.17
N PRO Q 245 43.93 39.75 0.39
CA PRO Q 245 44.09 39.53 1.83
C PRO Q 245 45.53 39.31 2.28
N TYR Q 246 46.27 40.40 2.45
CA TYR Q 246 47.61 40.34 3.01
C TYR Q 246 47.57 40.61 4.51
N ALA Q 247 48.60 40.14 5.22
CA ALA Q 247 48.73 40.37 6.65
C ALA Q 247 49.22 41.80 6.84
N ARG Q 248 48.29 42.74 6.88
CA ARG Q 248 48.64 44.16 6.96
C ARG Q 248 48.97 44.53 8.40
N PHE Q 249 50.11 45.17 8.59
CA PHE Q 249 50.57 45.64 9.90
C PHE Q 249 50.53 47.15 9.94
N PHE Q 250 49.89 47.70 10.97
CA PHE Q 250 49.81 49.13 11.19
C PHE Q 250 50.50 49.45 12.51
N ILE Q 251 51.61 50.17 12.43
CA ILE Q 251 52.40 50.53 13.60
C ILE Q 251 52.20 52.02 13.86
N LEU Q 252 51.74 52.35 15.06
CA LEU Q 252 51.42 53.72 15.45
C LEU Q 252 52.22 54.10 16.69
N GLU Q 253 52.62 55.36 16.77
CA GLU Q 253 53.31 55.89 17.93
C GLU Q 253 52.27 56.47 18.89
N PHE Q 254 52.00 55.75 19.97
CA PHE Q 254 51.14 56.24 21.05
C PHE Q 254 52.03 56.96 22.06
N GLN Q 255 51.98 58.29 22.04
CA GLN Q 255 52.71 59.08 23.02
C GLN Q 255 51.80 59.48 24.18
N ASP Q 256 52.37 60.19 25.15
CA ASP Q 256 51.59 60.72 26.26
C ASP Q 256 50.74 61.92 25.86
N LYS Q 257 51.14 62.65 24.81
CA LYS Q 257 50.34 63.79 24.37
C LYS Q 257 49.04 63.36 23.71
N THR Q 258 49.03 62.20 23.07
CA THR Q 258 47.83 61.71 22.40
C THR Q 258 46.82 61.22 23.40
N ASP Q 259 45.57 61.65 23.24
CA ASP Q 259 44.48 61.08 24.01
C ASP Q 259 44.02 59.78 23.36
N ILE Q 260 43.35 58.96 24.17
CA ILE Q 260 42.87 57.65 23.71
C ILE Q 260 41.75 57.81 22.69
N LYS Q 261 40.97 58.90 22.80
CA LYS Q 261 39.85 59.14 21.89
C LYS Q 261 40.33 59.29 20.44
N THR Q 262 41.43 60.03 20.24
CA THR Q 262 41.97 60.22 18.89
C THR Q 262 42.46 58.91 18.30
N VAL Q 263 43.05 58.05 19.14
CA VAL Q 263 43.57 56.76 18.67
C VAL Q 263 42.43 55.87 18.20
N LYS Q 264 41.32 55.85 18.93
CA LYS Q 264 40.17 55.03 18.54
C LYS Q 264 39.57 55.48 17.22
N ASP Q 265 39.60 56.78 16.93
CA ASP Q 265 39.20 57.26 15.60
C ASP Q 265 40.13 56.72 14.52
N CYS Q 266 41.43 56.63 14.81
CA CYS Q 266 42.37 56.08 13.86
C CYS Q 266 42.20 54.58 13.72
N ILE Q 267 41.96 53.88 14.83
CA ILE Q 267 41.81 52.43 14.79
C ILE Q 267 40.55 52.02 14.03
N TYR Q 268 39.44 52.72 14.28
CA TYR Q 268 38.21 52.45 13.54
C TYR Q 268 38.35 52.76 12.05
N LYS Q 269 39.13 53.78 11.71
CA LYS Q 269 39.40 54.08 10.31
C LYS Q 269 40.31 53.01 9.69
N ILE Q 270 41.24 52.47 10.47
CA ILE Q 270 42.09 51.39 10.00
C ILE Q 270 41.28 50.13 9.75
N GLN Q 271 40.34 49.84 10.64
CA GLN Q 271 39.44 48.70 10.46
C GLN Q 271 38.56 48.90 9.23
N SER Q 272 37.94 50.08 9.09
CA SER Q 272 36.91 50.28 8.08
C SER Q 272 37.47 50.20 6.65
N ASN Q 273 38.75 50.49 6.48
CA ASN Q 273 39.37 50.47 5.17
C ASN Q 273 40.04 49.12 4.88
N TRP Q 274 40.94 48.68 5.74
CA TRP Q 274 41.80 47.53 5.47
C TRP Q 274 41.35 46.26 6.19
N SER Q 275 40.04 46.10 6.41
CA SER Q 275 39.48 44.80 6.76
C SER Q 275 38.20 44.62 5.98
N ASN Q 276 38.06 43.47 5.33
CA ASN Q 276 36.87 43.13 4.57
C ASN Q 276 36.33 41.83 5.17
N LEU Q 277 35.29 41.95 6.00
CA LEU Q 277 34.71 40.83 6.72
C LEU Q 277 33.25 40.63 6.34
N SER Q 278 32.92 40.88 5.07
CA SER Q 278 31.56 40.67 4.60
C SER Q 278 31.26 39.18 4.50
N LYS Q 279 29.97 38.85 4.52
CA LYS Q 279 29.55 37.46 4.46
C LYS Q 279 29.70 36.88 3.05
N ARG Q 280 29.81 37.73 2.03
CA ARG Q 280 29.87 37.23 0.65
C ARG Q 280 31.24 36.66 0.30
N THR Q 281 32.32 37.26 0.81
CA THR Q 281 33.65 36.87 0.40
C THR Q 281 34.07 35.55 1.04
N ASP Q 282 35.05 34.90 0.41
CA ASP Q 282 35.65 33.69 0.93
C ASP Q 282 37.07 33.90 1.43
N ARG Q 283 37.60 35.13 1.33
CA ARG Q 283 38.96 35.44 1.76
C ARG Q 283 38.93 36.67 2.66
N PRO Q 284 38.53 36.51 3.92
CA PRO Q 284 38.54 37.65 4.85
C PRO Q 284 39.94 38.01 5.28
N TYR Q 285 40.11 39.26 5.70
CA TYR Q 285 41.39 39.72 6.24
C TYR Q 285 41.13 40.82 7.25
N SER Q 286 42.06 40.96 8.19
CA SER Q 286 42.00 41.96 9.24
C SER Q 286 43.39 42.53 9.46
N PRO Q 287 43.49 43.81 9.81
CA PRO Q 287 44.81 44.41 10.04
C PRO Q 287 45.38 44.04 11.39
N PHE Q 288 46.70 44.19 11.51
CA PHE Q 288 47.42 43.98 12.75
C PHE Q 288 47.80 45.34 13.32
N LEU Q 289 47.51 45.54 14.60
CA LEU Q 289 47.67 46.84 15.25
C LEU Q 289 48.81 46.77 16.27
N LEU Q 290 49.76 47.69 16.16
CA LEU Q 290 50.89 47.76 17.07
C LEU Q 290 51.05 49.19 17.58
N PHE Q 291 51.31 49.31 18.88
CA PHE Q 291 51.51 50.60 19.53
C PHE Q 291 52.77 50.56 20.38
N HIS Q 292 53.53 51.65 20.37
CA HIS Q 292 54.76 51.75 21.14
C HIS Q 292 54.86 53.14 21.74
N GLY Q 293 55.85 53.31 22.61
CA GLY Q 293 56.09 54.60 23.23
C GLY Q 293 55.12 54.98 24.33
N THR Q 294 54.28 54.06 24.78
CA THR Q 294 53.29 54.34 25.81
C THR Q 294 53.43 53.32 26.94
N SER Q 295 52.88 53.68 28.09
CA SER Q 295 52.86 52.78 29.23
C SER Q 295 51.77 51.74 29.05
N ASP Q 296 51.84 50.68 29.86
CA ASP Q 296 50.83 49.64 29.80
C ASP Q 296 49.52 50.07 30.44
N ALA Q 297 49.53 51.11 31.28
CA ALA Q 297 48.32 51.54 31.95
C ALA Q 297 47.31 52.12 30.97
N ASN Q 298 47.73 53.05 30.12
CA ASN Q 298 46.84 53.60 29.11
C ASN Q 298 46.77 52.74 27.85
N LEU Q 299 47.67 51.77 27.69
CA LEU Q 299 47.53 50.83 26.58
C LEU Q 299 46.38 49.86 26.84
N TYR Q 300 46.27 49.35 28.08
CA TYR Q 300 45.14 48.49 28.42
C TYR Q 300 43.85 49.29 28.51
N GLU Q 301 43.94 50.56 28.93
CA GLU Q 301 42.74 51.39 29.05
C GLU Q 301 42.17 51.67 27.66
N LEU Q 302 43.04 51.93 26.68
CA LEU Q 302 42.61 51.97 25.29
C LEU Q 302 42.10 50.61 24.84
N LYS Q 303 42.78 49.55 25.26
CA LYS Q 303 42.39 48.19 24.88
C LYS Q 303 41.02 47.84 25.43
N ASN Q 304 40.71 48.30 26.63
CA ASN Q 304 39.41 48.01 27.24
C ASN Q 304 38.27 48.79 26.57
N GLN Q 305 38.54 50.02 26.14
CA GLN Q 305 37.50 50.80 25.48
C GLN Q 305 37.14 50.22 24.12
N LEU Q 306 38.12 49.70 23.39
CA LEU Q 306 37.85 49.11 22.08
C LEU Q 306 36.96 47.88 22.20
N PHE Q 307 37.18 47.06 23.24
CA PHE Q 307 36.35 45.88 23.44
C PHE Q 307 34.96 46.25 23.94
N ASN Q 308 34.83 47.38 24.64
CA ASN Q 308 33.53 47.81 25.13
C ASN Q 308 32.62 48.27 24.00
N GLU Q 309 33.21 48.85 22.95
CA GLU Q 309 32.44 49.36 21.81
C GLU Q 309 32.23 48.32 20.72
N ASP Q 310 32.23 47.03 21.07
CA ASP Q 310 31.96 45.90 20.18
C ASP Q 310 32.93 45.82 19.02
N LEU Q 311 34.13 46.40 19.17
CA LEU Q 311 35.21 46.20 18.20
C LEU Q 311 36.04 45.03 18.69
N ILE Q 312 35.56 43.83 18.37
CA ILE Q 312 36.14 42.61 18.92
C ILE Q 312 37.49 42.35 18.26
N PHE Q 313 38.52 42.20 19.10
CA PHE Q 313 39.88 41.93 18.64
C PHE Q 313 40.45 40.78 19.44
N THR Q 314 41.65 40.35 19.04
CA THR Q 314 42.41 39.37 19.79
C THR Q 314 43.88 39.78 19.78
N ASP Q 315 44.62 39.33 20.80
CA ASP Q 315 45.98 39.81 20.97
C ASP Q 315 46.96 38.70 21.34
N GLY Q 316 46.59 37.43 21.14
CA GLY Q 316 47.46 36.33 21.47
C GLY Q 316 47.46 35.93 22.93
N TYR Q 317 46.60 36.53 23.75
CA TYR Q 317 46.43 36.17 25.15
C TYR Q 317 44.95 35.87 25.38
N PRO Q 318 44.51 34.66 25.05
CA PRO Q 318 43.07 34.34 25.15
C PRO Q 318 42.56 34.25 26.57
N PHE Q 319 43.43 34.12 27.56
CA PHE Q 319 43.01 34.02 28.95
C PHE Q 319 44.04 34.71 29.83
N LYS Q 320 43.67 34.91 31.10
CA LYS Q 320 44.56 35.58 32.04
C LYS Q 320 45.74 34.70 32.39
N GLY Q 321 46.92 35.31 32.47
CA GLY Q 321 48.13 34.56 32.77
C GLY Q 321 48.62 33.70 31.63
N SER Q 322 48.26 34.02 30.40
CA SER Q 322 48.65 33.23 29.25
C SER Q 322 49.98 33.70 28.68
N VAL Q 323 50.69 32.76 28.05
CA VAL Q 323 51.85 33.06 27.25
C VAL Q 323 51.30 33.60 25.92
N PHE Q 324 52.08 34.38 25.19
CA PHE Q 324 51.66 34.86 23.88
C PHE Q 324 51.40 33.70 22.93
N THR Q 325 50.21 33.68 22.35
CA THR Q 325 49.79 32.58 21.48
C THR Q 325 49.65 33.14 20.07
N PRO Q 326 50.66 32.96 19.21
CA PRO Q 326 50.58 33.53 17.85
C PRO Q 326 49.51 32.89 16.99
N LYS Q 327 49.05 31.69 17.33
CA LYS Q 327 47.99 31.07 16.54
C LYS Q 327 46.66 31.79 16.73
N MET Q 328 46.44 32.46 17.86
CA MET Q 328 45.20 33.22 18.06
C MET Q 328 45.12 34.40 17.10
N LEU Q 329 46.27 34.99 16.77
CA LEU Q 329 46.32 36.02 15.75
C LEU Q 329 46.14 35.46 14.34
N ILE Q 330 46.13 34.14 14.18
CA ILE Q 330 46.06 33.55 12.84
C ILE Q 330 44.61 33.33 12.41
N GLU Q 331 43.78 32.68 13.24
CA GLU Q 331 42.39 32.54 12.82
C GLU Q 331 41.67 33.87 12.85
N GLY Q 332 42.08 34.76 13.76
CA GLY Q 332 41.47 36.09 13.82
C GLY Q 332 41.75 36.93 12.61
N PHE Q 333 42.82 36.63 11.87
CA PHE Q 333 43.01 37.19 10.54
C PHE Q 333 41.90 36.75 9.60
N SER Q 334 41.52 35.47 9.67
CA SER Q 334 40.51 34.91 8.80
C SER Q 334 39.13 34.86 9.45
N ASN Q 335 38.97 35.43 10.64
CA ASN Q 335 37.69 35.39 11.34
C ASN Q 335 36.91 36.68 11.04
N LYS Q 336 35.66 36.51 10.60
CA LYS Q 336 34.84 37.67 10.27
C LYS Q 336 34.35 38.41 11.49
N GLU Q 337 34.21 37.73 12.63
CA GLU Q 337 33.75 38.37 13.85
C GLU Q 337 34.88 38.95 14.69
N ILE Q 338 36.14 38.74 14.29
CA ILE Q 338 37.28 39.41 14.89
C ILE Q 338 37.71 40.51 13.94
N HIS Q 339 37.68 41.76 14.43
CA HIS Q 339 37.81 42.90 13.55
C HIS Q 339 39.26 43.25 13.25
N PHE Q 340 40.14 43.16 14.25
CA PHE Q 340 41.55 43.43 14.04
C PHE Q 340 42.35 42.65 15.08
N GLN Q 341 43.68 42.76 14.99
CA GLN Q 341 44.58 42.07 15.90
C GLN Q 341 45.45 43.10 16.62
N PHE Q 342 45.50 42.99 17.94
CA PHE Q 342 46.34 43.85 18.76
C PHE Q 342 47.68 43.18 19.03
N ILE Q 343 48.74 43.97 19.03
CA ILE Q 343 50.08 43.51 19.38
C ILE Q 343 50.58 44.37 20.52
N ASN Q 344 50.99 43.72 21.63
CA ASN Q 344 51.28 44.46 22.85
C ASN Q 344 52.60 45.20 22.76
N ASP Q 345 53.65 44.56 22.24
CA ASP Q 345 54.99 45.15 22.32
C ASP Q 345 55.82 44.64 21.15
N ILE Q 346 57.14 44.85 21.26
CA ILE Q 346 58.05 44.47 20.18
C ILE Q 346 58.15 42.96 20.06
N ASP Q 347 58.28 42.27 21.21
CA ASP Q 347 58.55 40.84 21.19
C ASP Q 347 57.37 40.05 20.65
N ASP Q 348 56.15 40.56 20.81
CA ASP Q 348 54.99 39.91 20.22
C ASP Q 348 54.94 40.14 18.71
N PHE Q 349 55.49 41.27 18.24
CA PHE Q 349 55.48 41.57 16.82
C PHE Q 349 56.44 40.65 16.05
N ASN Q 350 57.66 40.49 16.57
CA ASN Q 350 58.64 39.64 15.88
C ASN Q 350 58.24 38.17 15.94
N GLU Q 351 57.65 37.74 17.05
CA GLU Q 351 57.22 36.35 17.18
C GLU Q 351 56.06 36.04 16.25
N THR Q 352 55.14 36.99 16.08
CA THR Q 352 54.06 36.82 15.11
C THR Q 352 54.58 36.83 13.68
N LEU Q 353 55.66 37.57 13.43
CA LEU Q 353 56.18 37.71 12.06
C LEU Q 353 56.68 36.38 11.52
N ASN Q 354 57.14 35.47 12.38
CA ASN Q 354 57.53 34.13 11.97
C ASN Q 354 56.36 33.16 11.94
N SER Q 355 55.16 33.60 12.29
CA SER Q 355 53.99 32.72 12.34
C SER Q 355 53.08 32.88 11.13
N ILE Q 356 52.98 34.06 10.55
CA ILE Q 356 52.15 34.28 9.37
C ILE Q 356 52.96 33.89 8.14
N ASN Q 357 52.50 32.87 7.41
CA ASN Q 357 53.21 32.41 6.22
C ASN Q 357 53.00 33.34 5.04
N ILE Q 358 51.78 33.88 4.87
CA ILE Q 358 51.42 34.66 3.69
C ILE Q 358 52.14 36.01 3.71
N ARG Q 359 52.06 36.73 2.59
CA ARG Q 359 52.73 38.02 2.45
C ARG Q 359 52.21 39.04 3.46
N LYS Q 360 53.14 39.73 4.12
CA LYS Q 360 52.83 40.71 5.14
C LYS Q 360 53.37 42.07 4.72
N GLU Q 361 52.53 43.10 4.89
CA GLU Q 361 52.94 44.48 4.66
C GLU Q 361 52.82 45.26 5.96
N VAL Q 362 53.85 46.05 6.25
CA VAL Q 362 53.92 46.83 7.49
C VAL Q 362 53.84 48.30 7.15
N TYR Q 363 52.93 49.02 7.80
CA TYR Q 363 52.76 50.46 7.61
C TYR Q 363 53.05 51.16 8.92
N GLN Q 364 54.01 52.09 8.89
CA GLN Q 364 54.43 52.82 10.08
C GLN Q 364 53.97 54.26 10.01
N PHE Q 365 53.37 54.73 11.10
CA PHE Q 365 53.02 56.14 11.28
C PHE Q 365 53.57 56.56 12.64
N TYR Q 366 54.44 57.58 12.64
CA TYR Q 366 55.14 57.97 13.86
C TYR Q 366 55.45 59.46 13.80
N THR Q 367 55.73 60.02 14.99
CA THR Q 367 56.00 61.45 15.13
C THR Q 367 57.42 61.76 15.58
N GLU Q 368 57.98 61.02 16.55
CA GLU Q 368 59.38 61.18 16.89
C GLU Q 368 60.19 59.89 16.72
N ASN Q 369 59.74 58.79 17.33
CA ASN Q 369 60.52 57.56 17.35
C ASN Q 369 60.02 56.60 16.29
N CYS Q 370 60.93 56.06 15.50
CA CYS Q 370 60.63 55.10 14.46
C CYS Q 370 61.02 53.71 14.93
N LEU Q 371 60.12 52.76 14.76
CA LEU Q 371 60.34 51.40 15.25
C LEU Q 371 61.29 50.65 14.32
N ASP Q 372 62.13 49.81 14.91
CA ASP Q 372 63.04 49.00 14.12
C ASP Q 372 62.28 47.86 13.45
N ILE Q 373 62.40 47.76 12.14
CA ILE Q 373 61.61 46.81 11.35
C ILE Q 373 62.57 45.88 10.61
N PRO Q 374 62.30 44.58 10.59
CA PRO Q 374 63.14 43.66 9.81
C PRO Q 374 63.12 43.99 8.33
N SER Q 375 64.28 43.81 7.69
CA SER Q 375 64.49 44.37 6.36
C SER Q 375 63.75 43.62 5.26
N GLN Q 376 63.57 42.30 5.40
CA GLN Q 376 62.90 41.54 4.36
C GLN Q 376 61.40 41.81 4.32
N LEU Q 377 60.84 42.41 5.35
CA LEU Q 377 59.43 42.78 5.36
C LEU Q 377 59.22 44.01 4.48
N PRO Q 378 58.23 44.00 3.59
CA PRO Q 378 57.89 45.23 2.85
C PRO Q 378 57.28 46.25 3.80
N GLN Q 379 57.94 47.40 3.92
CA GLN Q 379 57.54 48.40 4.89
C GLN Q 379 57.53 49.78 4.25
N VAL Q 380 56.70 50.67 4.81
CA VAL Q 380 56.76 52.10 4.52
C VAL Q 380 56.93 52.82 5.85
N ASN Q 381 57.55 53.99 5.78
CA ASN Q 381 57.78 54.83 6.96
C ASN Q 381 57.24 56.22 6.67
N ILE Q 382 56.30 56.67 7.50
CA ILE Q 382 55.57 57.91 7.29
C ILE Q 382 55.73 58.80 8.53
N GLN Q 383 56.16 60.04 8.30
CA GLN Q 383 56.36 61.01 9.36
C GLN Q 383 55.17 61.96 9.36
N VAL Q 384 54.50 62.06 10.50
CA VAL Q 384 53.31 62.91 10.63
C VAL Q 384 53.58 64.01 11.63
N LYS Q 385 52.79 65.08 11.52
CA LYS Q 385 52.89 66.17 12.48
C LYS Q 385 52.37 65.75 13.85
N ASP Q 386 51.20 65.09 13.87
CA ASP Q 386 50.61 64.56 15.10
C ASP Q 386 49.76 63.34 14.73
N PHE Q 387 49.20 62.69 15.76
CA PHE Q 387 48.44 61.47 15.56
C PHE Q 387 47.11 61.71 14.84
N ALA Q 388 46.53 62.89 14.97
CA ALA Q 388 45.23 63.15 14.33
C ALA Q 388 45.34 63.26 12.81
N ASP Q 389 46.54 63.49 12.28
CA ASP Q 389 46.74 63.49 10.84
C ASP Q 389 46.86 62.08 10.25
N ILE Q 390 47.01 61.06 11.09
CA ILE Q 390 47.19 59.70 10.60
C ILE Q 390 45.90 59.19 9.95
N LYS Q 391 44.75 59.53 10.52
CA LYS Q 391 43.49 58.88 10.15
C LYS Q 391 43.02 59.27 8.75
N GLU Q 392 43.35 60.48 8.28
CA GLU Q 392 43.00 60.83 6.91
C GLU Q 392 43.92 60.15 5.90
N ILE Q 393 45.16 59.87 6.29
CA ILE Q 393 46.09 59.20 5.40
C ILE Q 393 45.65 57.75 5.19
N VAL Q 394 45.31 57.06 6.26
CA VAL Q 394 44.89 55.67 6.18
C VAL Q 394 43.41 55.58 5.81
N GLY R 224 48.89 67.00 -33.02
CA GLY R 224 49.83 65.97 -32.61
C GLY R 224 49.75 64.68 -33.40
N ARG R 225 50.59 63.70 -33.03
CA ARG R 225 50.69 62.47 -33.82
C ARG R 225 49.53 61.52 -33.52
N LYS R 226 48.99 61.59 -32.31
CA LYS R 226 47.92 60.69 -31.94
C LYS R 226 46.58 61.21 -32.46
N GLU R 227 46.57 62.47 -32.93
CA GLU R 227 45.35 63.10 -33.44
C GLU R 227 44.76 62.35 -34.63
N TYR R 228 45.60 61.86 -35.55
CA TYR R 228 45.09 61.13 -36.71
C TYR R 228 44.46 59.82 -36.30
N LEU R 229 44.90 59.24 -35.18
CA LEU R 229 44.20 58.07 -34.64
C LEU R 229 42.81 58.44 -34.12
N ARG R 230 42.64 59.67 -33.61
CA ARG R 230 41.30 60.11 -33.19
C ARG R 230 40.44 60.52 -34.39
N LYS R 231 41.04 60.99 -35.48
CA LYS R 231 40.25 61.14 -36.70
C LYS R 231 39.88 59.81 -37.35
N LEU R 232 40.45 58.70 -36.86
CA LEU R 232 40.21 57.40 -37.47
C LEU R 232 39.45 56.41 -36.58
N LYS R 233 39.38 56.64 -35.27
CA LYS R 233 38.78 55.65 -34.38
C LYS R 233 37.27 55.82 -34.23
N GLU R 234 36.81 56.98 -33.77
CA GLU R 234 35.39 57.16 -33.46
C GLU R 234 34.61 57.87 -34.55
N SER R 235 35.21 58.15 -35.71
CA SER R 235 34.47 58.76 -36.80
C SER R 235 33.96 57.75 -37.82
N PHE R 236 34.63 56.60 -37.99
CA PHE R 236 34.14 55.54 -38.86
C PHE R 236 33.93 54.21 -38.14
N ILE R 237 34.84 53.84 -37.22
CA ILE R 237 34.78 52.53 -36.59
C ILE R 237 34.42 52.74 -35.12
N ARG R 238 33.55 53.72 -34.88
CA ARG R 238 32.91 53.89 -33.58
C ARG R 238 32.17 52.62 -33.19
N ARG R 239 32.27 52.25 -31.91
CA ARG R 239 31.75 50.99 -31.41
C ARG R 239 30.84 51.24 -30.21
N SER R 240 29.66 50.65 -30.23
CA SER R 240 28.75 50.66 -29.08
C SER R 240 28.93 49.42 -28.25
N VAL R 241 28.46 49.47 -27.01
CA VAL R 241 28.59 48.34 -26.10
C VAL R 241 27.57 47.24 -26.38
N ASN R 242 26.52 47.54 -27.13
CA ASN R 242 25.46 46.59 -27.43
C ASN R 242 25.19 46.56 -28.93
N THR R 243 26.26 46.42 -29.72
CA THR R 243 26.13 46.38 -31.17
C THR R 243 25.37 45.14 -31.63
N SER R 244 24.46 45.34 -32.58
CA SER R 244 23.57 44.29 -33.03
C SER R 244 24.29 43.31 -33.97
N PRO R 245 23.82 42.04 -34.04
CA PRO R 245 24.54 41.03 -34.85
C PRO R 245 24.43 41.25 -36.34
N TYR R 246 25.32 42.07 -36.88
CA TYR R 246 25.40 42.34 -38.30
C TYR R 246 26.53 41.52 -38.93
N ALA R 247 26.39 41.27 -40.24
CA ALA R 247 27.42 40.58 -41.01
C ALA R 247 28.54 41.56 -41.28
N ARG R 248 29.48 41.65 -40.34
CA ARG R 248 30.56 42.62 -40.43
C ARG R 248 31.68 42.06 -41.28
N PHE R 249 32.03 42.77 -42.35
CA PHE R 249 33.10 42.39 -43.26
C PHE R 249 34.30 43.29 -43.03
N PHE R 250 35.46 42.69 -42.78
CA PHE R 250 36.70 43.43 -42.55
C PHE R 250 37.68 43.05 -43.65
N ILE R 251 37.89 43.97 -44.59
CA ILE R 251 38.80 43.77 -45.71
C ILE R 251 40.10 44.46 -45.37
N LEU R 252 41.18 43.69 -45.27
CA LEU R 252 42.49 44.19 -44.89
C LEU R 252 43.49 43.95 -46.01
N GLU R 253 44.32 44.96 -46.28
CA GLU R 253 45.37 44.84 -47.29
C GLU R 253 46.60 44.21 -46.65
N PHE R 254 46.82 42.94 -46.94
CA PHE R 254 48.00 42.22 -46.47
C PHE R 254 49.01 42.19 -47.62
N GLN R 255 50.08 42.95 -47.49
CA GLN R 255 51.14 42.94 -48.47
C GLN R 255 52.32 42.10 -47.99
N ASP R 256 53.26 41.87 -48.90
CA ASP R 256 54.45 41.09 -48.57
C ASP R 256 55.39 41.85 -47.64
N LYS R 257 55.32 43.17 -47.63
CA LYS R 257 56.10 43.95 -46.67
C LYS R 257 55.62 43.70 -45.24
N THR R 258 54.31 43.52 -45.06
CA THR R 258 53.75 43.29 -43.75
C THR R 258 54.17 41.93 -43.20
N ASP R 259 54.61 41.90 -41.95
CA ASP R 259 55.01 40.67 -41.31
C ASP R 259 53.76 39.84 -40.99
N ILE R 260 53.95 38.52 -40.91
CA ILE R 260 52.85 37.61 -40.58
C ILE R 260 52.35 37.87 -39.16
N LYS R 261 53.28 38.15 -38.24
CA LYS R 261 52.94 38.28 -36.82
C LYS R 261 52.04 39.50 -36.55
N THR R 262 52.34 40.64 -37.16
CA THR R 262 51.61 41.87 -36.84
C THR R 262 50.19 41.87 -37.40
N VAL R 263 49.90 41.02 -38.39
CA VAL R 263 48.53 40.89 -38.87
C VAL R 263 47.67 40.21 -37.83
N LYS R 264 48.21 39.18 -37.16
CA LYS R 264 47.46 38.44 -36.15
C LYS R 264 47.05 39.32 -34.98
N ASP R 265 47.86 40.34 -34.66
CA ASP R 265 47.47 41.30 -33.63
C ASP R 265 46.24 42.09 -34.06
N CYS R 266 46.09 42.34 -35.36
CA CYS R 266 44.87 42.97 -35.85
C CYS R 266 43.71 41.99 -35.88
N ILE R 267 43.97 40.73 -36.22
CA ILE R 267 42.90 39.73 -36.28
C ILE R 267 42.34 39.47 -34.89
N TYR R 268 43.20 39.35 -33.89
CA TYR R 268 42.73 39.15 -32.52
C TYR R 268 42.01 40.38 -31.99
N LYS R 269 42.44 41.59 -32.39
CA LYS R 269 41.75 42.81 -31.99
C LYS R 269 40.38 42.92 -32.65
N ILE R 270 40.29 42.52 -33.92
CA ILE R 270 39.01 42.52 -34.62
C ILE R 270 38.07 41.48 -34.01
N GLN R 271 38.59 40.29 -33.72
CA GLN R 271 37.77 39.23 -33.14
C GLN R 271 37.29 39.58 -31.74
N SER R 272 38.15 40.19 -30.92
CA SER R 272 37.78 40.48 -29.54
C SER R 272 36.73 41.59 -29.46
N ASN R 273 36.76 42.55 -30.38
CA ASN R 273 35.84 43.68 -30.33
C ASN R 273 34.52 43.40 -31.06
N TRP R 274 34.58 42.96 -32.31
CA TRP R 274 33.40 42.82 -33.14
C TRP R 274 32.86 41.39 -33.19
N SER R 275 32.96 40.67 -32.08
CA SER R 275 32.30 39.38 -31.95
C SER R 275 31.84 39.21 -30.51
N ASN R 276 30.63 38.69 -30.34
CA ASN R 276 30.05 38.45 -29.02
C ASN R 276 29.59 37.00 -29.00
N LEU R 277 30.51 36.10 -28.64
CA LEU R 277 30.24 34.67 -28.62
C LEU R 277 30.00 34.15 -27.20
N SER R 278 29.59 35.03 -26.28
CA SER R 278 29.31 34.62 -24.92
C SER R 278 28.04 33.78 -24.87
N LYS R 279 27.99 32.88 -23.87
CA LYS R 279 26.85 32.00 -23.72
C LYS R 279 25.61 32.69 -23.17
N ARG R 280 25.74 33.94 -22.71
CA ARG R 280 24.58 34.65 -22.16
C ARG R 280 23.61 35.06 -23.27
N THR R 281 24.10 35.46 -24.44
CA THR R 281 23.25 36.00 -25.47
C THR R 281 22.65 34.89 -26.33
N ASP R 282 21.58 35.25 -27.04
CA ASP R 282 20.95 34.36 -28.01
C ASP R 282 21.16 34.82 -29.45
N ARG R 283 21.96 35.87 -29.67
CA ARG R 283 22.23 36.41 -31.00
C ARG R 283 23.73 36.58 -31.16
N PRO R 284 24.46 35.49 -31.40
CA PRO R 284 25.91 35.61 -31.59
C PRO R 284 26.25 36.11 -32.98
N TYR R 285 27.41 36.76 -33.09
CA TYR R 285 27.88 37.24 -34.38
C TYR R 285 29.40 37.19 -34.41
N SER R 286 29.93 37.04 -35.61
CA SER R 286 31.36 36.93 -35.84
C SER R 286 31.73 37.79 -37.05
N PRO R 287 32.92 38.38 -37.06
CA PRO R 287 33.33 39.19 -38.21
C PRO R 287 33.79 38.33 -39.37
N PHE R 288 33.67 38.91 -40.56
CA PHE R 288 34.16 38.31 -41.80
C PHE R 288 35.45 39.01 -42.21
N LEU R 289 36.48 38.21 -42.50
CA LEU R 289 37.82 38.72 -42.75
C LEU R 289 38.22 38.45 -44.18
N LEU R 290 38.72 39.47 -44.87
CA LEU R 290 39.21 39.37 -46.23
C LEU R 290 40.63 39.89 -46.32
N PHE R 291 41.49 39.19 -47.05
CA PHE R 291 42.86 39.59 -47.25
C PHE R 291 43.19 39.56 -48.74
N HIS R 292 43.87 40.60 -49.21
CA HIS R 292 44.18 40.76 -50.63
C HIS R 292 45.60 41.29 -50.77
N GLY R 293 46.12 41.22 -51.99
CA GLY R 293 47.45 41.73 -52.27
C GLY R 293 48.57 40.90 -51.72
N THR R 294 48.35 39.60 -51.50
CA THR R 294 49.37 38.72 -50.96
C THR R 294 49.42 37.44 -51.78
N SER R 295 50.53 36.73 -51.65
CA SER R 295 50.65 35.41 -52.25
C SER R 295 49.82 34.40 -51.47
N ASP R 296 49.43 33.32 -52.17
CA ASP R 296 48.64 32.29 -51.52
C ASP R 296 49.47 31.50 -50.50
N ALA R 297 50.78 31.44 -50.69
CA ALA R 297 51.63 30.66 -49.80
C ALA R 297 51.68 31.25 -48.39
N ASN R 298 51.94 32.56 -48.29
CA ASN R 298 51.95 33.20 -46.99
C ASN R 298 50.56 33.46 -46.43
N LEU R 299 49.53 33.50 -47.29
CA LEU R 299 48.16 33.60 -46.80
C LEU R 299 47.74 32.32 -46.09
N TYR R 300 48.14 31.16 -46.63
CA TYR R 300 47.88 29.91 -45.93
C TYR R 300 48.78 29.75 -44.70
N GLU R 301 49.99 30.34 -44.76
CA GLU R 301 50.90 30.27 -43.61
C GLU R 301 50.33 31.04 -42.43
N LEU R 302 49.74 32.21 -42.70
CA LEU R 302 48.97 32.92 -41.68
C LEU R 302 47.75 32.11 -41.27
N LYS R 303 47.08 31.50 -42.24
CA LYS R 303 45.86 30.74 -41.96
C LYS R 303 46.15 29.52 -41.11
N ASN R 304 47.33 28.92 -41.30
CA ASN R 304 47.71 27.77 -40.48
C ASN R 304 48.06 28.18 -39.06
N GLN R 305 48.56 29.40 -38.86
CA GLN R 305 48.89 29.84 -37.51
C GLN R 305 47.65 30.09 -36.67
N LEU R 306 46.64 30.76 -37.24
CA LEU R 306 45.46 31.15 -36.46
C LEU R 306 44.68 29.93 -35.99
N PHE R 307 44.68 28.85 -36.78
CA PHE R 307 44.05 27.61 -36.34
C PHE R 307 44.87 26.90 -35.27
N ASN R 308 46.18 27.11 -35.23
CA ASN R 308 47.01 26.48 -34.20
C ASN R 308 46.75 27.10 -32.83
N GLU R 309 46.47 28.40 -32.77
CA GLU R 309 46.25 29.11 -31.52
C GLU R 309 44.79 29.13 -31.09
N ASP R 310 44.02 28.12 -31.49
CA ASP R 310 42.64 27.89 -31.05
C ASP R 310 41.71 29.03 -31.42
N LEU R 311 42.03 29.78 -32.48
CA LEU R 311 41.13 30.79 -33.04
C LEU R 311 40.44 30.14 -34.23
N ILE R 312 39.42 29.34 -33.93
CA ILE R 312 38.78 28.51 -34.93
C ILE R 312 37.97 29.36 -35.90
N PHE R 313 38.18 29.17 -37.19
CA PHE R 313 37.51 29.94 -38.22
C PHE R 313 37.04 29.00 -39.34
N THR R 314 36.24 29.54 -40.24
CA THR R 314 35.79 28.83 -41.43
C THR R 314 36.01 29.71 -42.65
N ASP R 315 36.25 29.06 -43.80
CA ASP R 315 36.44 29.79 -45.05
C ASP R 315 35.54 29.29 -46.17
N GLY R 316 34.53 28.49 -45.85
CA GLY R 316 33.71 27.89 -46.88
C GLY R 316 34.33 26.67 -47.55
N TYR R 317 35.45 26.18 -47.02
CA TYR R 317 36.13 25.00 -47.55
C TYR R 317 36.29 24.02 -46.40
N PRO R 318 35.25 23.25 -46.06
CA PRO R 318 35.32 22.38 -44.89
C PRO R 318 36.23 21.16 -45.09
N PHE R 319 36.59 20.82 -46.32
CA PHE R 319 37.47 19.68 -46.56
C PHE R 319 38.36 19.98 -47.76
N LYS R 320 39.32 19.09 -47.98
CA LYS R 320 40.27 19.25 -49.08
C LYS R 320 39.58 19.03 -50.42
N GLY R 321 39.91 19.89 -51.39
CA GLY R 321 39.30 19.78 -52.70
C GLY R 321 37.83 20.16 -52.75
N SER R 322 37.37 20.97 -51.80
CA SER R 322 35.97 21.36 -51.73
C SER R 322 35.70 22.57 -52.60
N VAL R 323 34.46 22.68 -53.07
CA VAL R 323 33.97 23.89 -53.70
C VAL R 323 33.64 24.87 -52.59
N PHE R 324 33.43 26.14 -52.95
CA PHE R 324 33.08 27.14 -51.95
C PHE R 324 31.68 26.88 -51.41
N THR R 325 31.58 26.70 -50.09
CA THR R 325 30.32 26.44 -49.41
C THR R 325 30.02 27.63 -48.51
N PRO R 326 29.27 28.63 -48.98
CA PRO R 326 28.94 29.77 -48.12
C PRO R 326 28.04 29.42 -46.95
N LYS R 327 27.37 28.26 -46.99
CA LYS R 327 26.56 27.81 -45.87
C LYS R 327 27.40 27.61 -44.61
N MET R 328 28.65 27.14 -44.77
CA MET R 328 29.55 27.04 -43.64
C MET R 328 29.89 28.39 -43.05
N LEU R 329 29.91 29.44 -43.88
CA LEU R 329 30.11 30.79 -43.37
C LEU R 329 28.87 31.33 -42.69
N ILE R 330 27.68 30.86 -43.08
CA ILE R 330 26.44 31.29 -42.43
C ILE R 330 26.36 30.72 -41.01
N GLU R 331 26.61 29.42 -40.88
CA GLU R 331 26.51 28.77 -39.58
C GLU R 331 27.64 29.21 -38.65
N GLY R 332 28.84 29.46 -39.20
CA GLY R 332 29.91 29.96 -38.36
C GLY R 332 29.69 31.37 -37.86
N PHE R 333 28.87 32.16 -38.56
CA PHE R 333 28.49 33.48 -38.07
C PHE R 333 27.68 33.38 -36.78
N SER R 334 26.79 32.40 -36.69
CA SER R 334 25.95 32.22 -35.52
C SER R 334 26.51 31.18 -34.54
N ASN R 335 27.70 30.65 -34.79
CA ASN R 335 28.29 29.66 -33.91
C ASN R 335 29.22 30.34 -32.91
N LYS R 336 29.04 30.03 -31.62
CA LYS R 336 29.89 30.60 -30.59
C LYS R 336 31.28 29.99 -30.59
N GLU R 337 31.41 28.75 -31.07
CA GLU R 337 32.70 28.08 -31.11
C GLU R 337 33.54 28.45 -32.33
N ILE R 338 32.95 29.14 -33.31
CA ILE R 338 33.70 29.67 -34.45
C ILE R 338 33.86 31.17 -34.22
N HIS R 339 35.11 31.63 -34.18
CA HIS R 339 35.38 32.98 -33.71
C HIS R 339 35.23 34.02 -34.83
N PHE R 340 35.72 33.73 -36.03
CA PHE R 340 35.54 34.63 -37.16
C PHE R 340 35.44 33.80 -38.43
N GLN R 341 35.30 34.49 -39.56
CA GLN R 341 35.16 33.85 -40.86
C GLN R 341 36.23 34.39 -41.81
N PHE R 342 36.88 33.48 -42.52
CA PHE R 342 37.91 33.84 -43.48
C PHE R 342 37.31 33.86 -44.89
N ILE R 343 37.78 34.81 -45.70
CA ILE R 343 37.43 34.87 -47.11
C ILE R 343 38.72 34.87 -47.91
N ASN R 344 38.86 33.94 -48.85
CA ASN R 344 40.13 33.73 -49.52
C ASN R 344 40.44 34.82 -50.54
N ASP R 345 39.49 35.13 -51.42
CA ASP R 345 39.76 36.05 -52.52
C ASP R 345 38.48 36.79 -52.86
N ILE R 346 38.46 37.40 -54.05
CA ILE R 346 37.33 38.23 -54.47
C ILE R 346 36.11 37.37 -54.75
N ASP R 347 36.31 36.21 -55.41
CA ASP R 347 35.18 35.40 -55.87
C ASP R 347 34.41 34.78 -54.71
N ASP R 348 35.11 34.39 -53.64
CA ASP R 348 34.39 33.90 -52.47
C ASP R 348 33.71 35.03 -51.71
N PHE R 349 34.23 36.26 -51.82
CA PHE R 349 33.57 37.40 -51.20
C PHE R 349 32.25 37.72 -51.89
N ASN R 350 32.25 37.73 -53.22
CA ASN R 350 31.01 38.03 -53.95
C ASN R 350 30.01 36.91 -53.85
N GLU R 351 30.47 35.65 -53.75
CA GLU R 351 29.54 34.53 -53.64
C GLU R 351 28.85 34.51 -52.28
N THR R 352 29.60 34.78 -51.22
CA THR R 352 28.98 34.86 -49.90
C THR R 352 28.19 36.16 -49.71
N LEU R 353 28.41 37.15 -50.59
CA LEU R 353 27.67 38.40 -50.51
C LEU R 353 26.18 38.18 -50.76
N ASN R 354 25.84 37.21 -51.61
CA ASN R 354 24.46 36.86 -51.88
C ASN R 354 23.93 35.79 -50.94
N SER R 355 24.71 35.38 -49.95
CA SER R 355 24.33 34.30 -49.04
C SER R 355 23.82 34.80 -47.70
N ILE R 356 24.47 35.78 -47.09
CA ILE R 356 23.97 36.35 -45.84
C ILE R 356 22.81 37.28 -46.18
N ASN R 357 21.62 36.96 -45.67
CA ASN R 357 20.45 37.77 -45.97
C ASN R 357 20.38 39.04 -45.13
N ILE R 358 20.86 39.00 -43.89
CA ILE R 358 20.76 40.15 -42.99
C ILE R 358 21.74 41.24 -43.41
N ARG R 359 21.62 42.41 -42.79
CA ARG R 359 22.41 43.58 -43.15
C ARG R 359 23.91 43.32 -43.00
N LYS R 360 24.67 43.68 -44.03
CA LYS R 360 26.10 43.46 -44.09
C LYS R 360 26.81 44.81 -44.19
N GLU R 361 27.77 45.04 -43.30
CA GLU R 361 28.63 46.21 -43.38
C GLU R 361 30.05 45.78 -43.71
N VAL R 362 30.69 46.51 -44.62
CA VAL R 362 32.06 46.25 -45.05
C VAL R 362 32.93 47.40 -44.58
N TYR R 363 34.00 47.08 -43.86
CA TYR R 363 35.00 48.06 -43.45
C TYR R 363 36.32 47.72 -44.10
N GLN R 364 36.89 48.69 -44.79
CA GLN R 364 38.14 48.51 -45.51
C GLN R 364 39.27 49.25 -44.80
N PHE R 365 40.40 48.56 -44.63
CA PHE R 365 41.63 49.16 -44.11
C PHE R 365 42.74 48.80 -45.08
N TYR R 366 43.26 49.80 -45.78
CA TYR R 366 44.25 49.55 -46.82
C TYR R 366 45.21 50.72 -46.95
N THR R 367 46.34 50.46 -47.59
CA THR R 367 47.42 51.42 -47.77
C THR R 367 47.59 51.87 -49.20
N GLU R 368 47.53 50.97 -50.18
CA GLU R 368 47.78 51.40 -51.55
C GLU R 368 46.73 50.96 -52.56
N ASN R 369 46.10 49.79 -52.42
CA ASN R 369 45.07 49.33 -53.36
C ASN R 369 43.71 49.34 -52.70
N CYS R 370 42.72 49.88 -53.42
CA CYS R 370 41.34 49.93 -52.98
C CYS R 370 40.53 48.93 -53.79
N LEU R 371 39.74 48.12 -53.10
CA LEU R 371 38.83 47.17 -53.73
C LEU R 371 37.62 47.88 -54.33
N ASP R 372 36.91 47.16 -55.19
CA ASP R 372 35.64 47.63 -55.73
C ASP R 372 34.54 46.82 -55.06
N ILE R 373 33.93 47.39 -54.02
CA ILE R 373 32.83 46.74 -53.33
C ILE R 373 31.54 47.23 -53.97
N PRO R 374 30.56 46.35 -54.21
CA PRO R 374 29.28 46.79 -54.77
C PRO R 374 28.59 47.84 -53.90
N SER R 375 27.96 48.81 -54.56
CA SER R 375 27.54 50.06 -53.95
C SER R 375 26.28 49.96 -53.11
N GLN R 376 25.62 48.80 -53.06
CA GLN R 376 24.42 48.68 -52.23
C GLN R 376 24.74 48.31 -50.78
N LEU R 377 26.01 48.22 -50.42
CA LEU R 377 26.40 47.89 -49.06
C LEU R 377 27.02 49.09 -48.36
N PRO R 378 26.81 49.25 -47.05
CA PRO R 378 27.49 50.32 -46.32
C PRO R 378 28.99 50.06 -46.20
N GLN R 379 29.79 50.89 -46.87
CA GLN R 379 31.23 50.71 -46.92
C GLN R 379 31.93 51.91 -46.31
N VAL R 380 33.02 51.66 -45.59
CA VAL R 380 33.94 52.70 -45.16
C VAL R 380 35.32 52.38 -45.75
N ASN R 381 36.06 53.45 -46.08
CA ASN R 381 37.40 53.33 -46.65
C ASN R 381 38.34 54.15 -45.78
N ILE R 382 39.41 53.53 -45.31
CA ILE R 382 40.36 54.14 -44.39
C ILE R 382 41.77 53.97 -44.92
N GLN R 383 42.51 55.07 -45.00
CA GLN R 383 43.92 55.06 -45.38
C GLN R 383 44.79 55.04 -44.13
N VAL R 384 45.74 54.10 -44.10
CA VAL R 384 46.74 54.03 -43.05
C VAL R 384 48.12 54.01 -43.69
N LYS R 385 49.13 54.43 -42.93
CA LYS R 385 50.50 54.38 -43.43
C LYS R 385 50.97 52.94 -43.58
N ASP R 386 50.64 52.09 -42.62
CA ASP R 386 50.94 50.66 -42.69
C ASP R 386 49.95 49.90 -41.84
N PHE R 387 50.12 48.57 -41.77
CA PHE R 387 49.19 47.69 -41.08
C PHE R 387 49.25 47.84 -39.56
N ALA R 388 50.26 48.54 -39.03
CA ALA R 388 50.41 48.62 -37.58
C ALA R 388 49.37 49.52 -36.93
N ASP R 389 48.81 50.49 -37.65
CA ASP R 389 47.86 51.41 -37.06
C ASP R 389 46.41 50.92 -37.12
N ILE R 390 46.15 49.79 -37.78
CA ILE R 390 44.78 49.33 -37.95
C ILE R 390 44.20 48.83 -36.63
N LYS R 391 45.01 48.17 -35.81
CA LYS R 391 44.49 47.54 -34.60
C LYS R 391 44.09 48.57 -33.55
N GLU R 392 44.77 49.72 -33.51
CA GLU R 392 44.31 50.80 -32.63
C GLU R 392 43.12 51.54 -33.21
N ILE R 393 42.87 51.42 -34.51
CA ILE R 393 41.60 51.91 -35.05
C ILE R 393 40.45 51.06 -34.55
N VAL R 394 40.61 49.73 -34.59
CA VAL R 394 39.62 48.82 -34.04
C VAL R 394 40.05 48.34 -32.66
#